data_8UV4
#
_entry.id   8UV4
#
_cell.length_a   1.00
_cell.length_b   1.00
_cell.length_c   1.00
_cell.angle_alpha   90.00
_cell.angle_beta   90.00
_cell.angle_gamma   90.00
#
_symmetry.space_group_name_H-M   'P 1'
#
loop_
_entity.id
_entity.type
_entity.pdbx_description
1 polymer 'CTP synthase'
2 non-polymer "ADENOSINE-5'-DIPHOSPHATE"
3 non-polymer '[[(2~{R},3~{S},4~{R},5~{R})-3,4-bis(oxidanyl)-5-(2-oxidanyl-4-phosphonooxy-pyrimidin-1-yl)oxolan-2-yl]methoxy-oxidanyl-phosphoryl] phosphono hydrogen phosphate'
4 non-polymer 'MAGNESIUM ION'
#
_entity_poly.entity_id   1
_entity_poly.type   'polypeptide(L)'
_entity_poly.pdbx_seq_one_letter_code
;MRKHPQTATKHLFVSGGVASSLGKGLTASSLGQLLTARGLHVTMQKLDPYLNVDPGTMNPFQHGEVFVTEDGAETDLDVG
HYERFLDRNLPGSANVTTGQVYSTVIAKERRGEYLGDTVQVIPHITDEIKRRILAMAQPDADGNRPDVVITEIGGTVGDI
ESQPFLEAARQVRHYLGREDVFFLHVSLVPYLAPSGELKTKPTQHSVAALRSIGITPDALILRCDRDVPEALKNKIALMC
DVDIDGVISTPDAPSIYDIPKVLHREELDAFVVRRLNLPFRDVDWTEWDDLLRRVHEPHETVRIALVGKYVELSDAYLSV
AEALRAGGFKHRAKVEICWVASDGCETTSGAAAALGDVHGVLIPGGFGIRGIEGKIGAIAYARARGLPVLGLCLGLQCIV
IEAARSVGLTNANSAEFDPDTPDPVIATMPDQEEIVAGEADLGGTMRLGSYPAVLEPDSVVAQAYQTTQVSERHRHRYEV
NNAYRDKIAESGLRFSGTSPDGHLVEFVEYPPDRHPFVVGTQAHPELKSRPTRPHPLFVAFVGAAIDYKAGELLPVEIPE
IPEHTPNGSSHRDGVGQPLPEPASRGHHHHHH
;
_entity_poly.pdbx_strand_id   R,V,X,b,A,E,G,K,B,F,H,L
#
# COMPACT_ATOMS: atom_id res chain seq x y z
N MET A 1 -33.19 -0.71 6.41
CA MET A 1 -33.93 -1.99 6.27
C MET A 1 -34.72 -2.29 7.54
N ARG A 2 -35.58 -3.31 7.47
CA ARG A 2 -36.51 -3.56 8.56
C ARG A 2 -35.80 -3.84 9.88
N LYS A 3 -34.58 -4.37 9.83
CA LYS A 3 -33.83 -4.73 11.03
C LYS A 3 -32.81 -3.64 11.34
N HIS A 4 -32.84 -3.15 12.58
CA HIS A 4 -31.98 -2.07 13.03
C HIS A 4 -31.21 -2.48 14.28
N PRO A 5 -30.10 -1.81 14.58
CA PRO A 5 -29.39 -2.09 15.83
C PRO A 5 -30.23 -1.77 17.06
N GLN A 6 -29.76 -2.28 18.20
CA GLN A 6 -30.41 -1.99 19.47
C GLN A 6 -30.15 -0.55 19.90
N THR A 7 -31.16 0.06 20.53
CA THR A 7 -31.01 1.37 21.16
C THR A 7 -31.83 1.37 22.44
N ALA A 8 -31.53 2.32 23.31
CA ALA A 8 -32.22 2.39 24.59
C ALA A 8 -33.68 2.76 24.39
N THR A 9 -34.51 2.37 25.36
CA THR A 9 -35.95 2.64 25.27
C THR A 9 -36.20 4.12 25.54
N LYS A 10 -36.89 4.78 24.61
CA LYS A 10 -37.14 6.20 24.69
C LYS A 10 -38.43 6.47 25.44
N HIS A 11 -38.43 7.48 26.29
CA HIS A 11 -39.58 7.87 27.08
C HIS A 11 -40.12 9.19 26.56
N LEU A 12 -41.43 9.22 26.29
CA LEU A 12 -42.11 10.42 25.81
C LEU A 12 -43.24 10.73 26.77
N PHE A 13 -43.14 11.86 27.47
CA PHE A 13 -44.12 12.25 28.47
C PHE A 13 -45.09 13.27 27.88
N VAL A 14 -46.38 13.03 28.06
CA VAL A 14 -47.42 13.95 27.60
C VAL A 14 -48.08 14.55 28.83
N SER A 15 -48.11 15.89 28.88
CA SER A 15 -48.65 16.63 30.00
C SER A 15 -49.61 17.68 29.48
N GLY A 16 -50.47 18.18 30.37
CA GLY A 16 -51.53 19.08 29.97
C GLY A 16 -51.49 20.38 30.75
N GLY A 17 -52.02 21.43 30.12
CA GLY A 17 -52.06 22.74 30.73
C GLY A 17 -53.40 23.41 30.53
N VAL A 18 -53.63 24.46 31.30
CA VAL A 18 -54.84 25.27 31.24
C VAL A 18 -56.04 24.49 31.76
N ALA A 19 -56.35 23.34 31.17
CA ALA A 19 -57.55 22.60 31.54
C ALA A 19 -57.37 21.14 31.18
N SER A 20 -58.28 20.32 31.69
CA SER A 20 -58.41 18.93 31.26
C SER A 20 -59.35 18.87 30.06
N SER A 21 -59.56 17.67 29.54
CA SER A 21 -60.39 17.44 28.36
C SER A 21 -59.86 18.18 27.14
N LEU A 22 -58.55 18.42 27.07
CA LEU A 22 -57.95 19.04 25.90
C LEU A 22 -57.66 18.04 24.79
N GLY A 23 -58.01 16.78 24.96
CA GLY A 23 -57.60 15.78 24.00
C GLY A 23 -56.16 15.38 24.16
N LYS A 24 -55.64 15.49 25.38
CA LYS A 24 -54.27 15.05 25.65
C LYS A 24 -54.13 13.55 25.41
N GLY A 25 -55.07 12.75 25.88
CA GLY A 25 -55.00 11.32 25.67
C GLY A 25 -55.17 10.93 24.22
N LEU A 26 -56.07 11.59 23.52
CA LEU A 26 -56.24 11.32 22.10
C LEU A 26 -55.00 11.71 21.30
N THR A 27 -54.37 12.82 21.65
CA THR A 27 -53.12 13.20 20.99
C THR A 27 -52.03 12.17 21.24
N ALA A 28 -51.92 11.70 22.49
CA ALA A 28 -50.94 10.66 22.78
C ALA A 28 -51.23 9.39 21.98
N SER A 29 -52.50 9.00 21.90
CA SER A 29 -52.85 7.80 21.13
C SER A 29 -52.55 7.98 19.65
N SER A 30 -52.82 9.16 19.10
CA SER A 30 -52.54 9.40 17.69
C SER A 30 -51.05 9.38 17.42
N LEU A 31 -50.26 9.96 18.32
CA LEU A 31 -48.81 9.88 18.16
C LEU A 31 -48.32 8.45 18.26
N GLY A 32 -48.92 7.66 19.15
CA GLY A 32 -48.60 6.25 19.20
C GLY A 32 -48.94 5.55 17.90
N GLN A 33 -50.07 5.92 17.30
CA GLN A 33 -50.44 5.37 16.00
C GLN A 33 -49.39 5.67 14.95
N LEU A 34 -48.99 6.93 14.86
CA LEU A 34 -48.02 7.31 13.84
C LEU A 34 -46.69 6.61 14.07
N LEU A 35 -46.21 6.58 15.31
CA LEU A 35 -44.95 5.92 15.57
C LEU A 35 -45.02 4.41 15.33
N THR A 36 -46.19 3.80 15.53
CA THR A 36 -46.35 2.40 15.18
C THR A 36 -46.25 2.21 13.67
N ALA A 37 -46.93 3.06 12.91
CA ALA A 37 -46.89 2.93 11.47
C ALA A 37 -45.48 3.14 10.93
N ARG A 38 -44.68 3.99 11.58
CA ARG A 38 -43.28 4.13 11.21
C ARG A 38 -42.44 2.95 11.67
N GLY A 39 -43.05 1.93 12.27
CA GLY A 39 -42.37 0.68 12.53
C GLY A 39 -41.82 0.50 13.92
N LEU A 40 -42.09 1.41 14.84
CA LEU A 40 -41.58 1.31 16.20
C LEU A 40 -42.54 0.56 17.09
N HIS A 41 -42.01 -0.17 18.07
CA HIS A 41 -42.83 -0.87 19.05
C HIS A 41 -43.19 0.09 20.16
N VAL A 42 -44.31 0.79 19.98
CA VAL A 42 -44.80 1.73 20.97
C VAL A 42 -45.57 0.98 22.05
N THR A 43 -45.33 1.35 23.30
CA THR A 43 -46.18 0.95 24.42
C THR A 43 -46.60 2.22 25.15
N MET A 44 -47.70 2.13 25.90
CA MET A 44 -48.32 3.30 26.47
C MET A 44 -48.69 3.07 27.93
N GLN A 45 -48.83 4.16 28.66
CA GLN A 45 -49.08 4.14 30.10
C GLN A 45 -49.76 5.45 30.49
N LYS A 46 -50.59 5.40 31.54
CA LYS A 46 -51.18 6.60 32.10
C LYS A 46 -50.91 6.68 33.59
N LEU A 47 -50.70 7.91 34.06
CA LEU A 47 -50.55 8.19 35.48
C LEU A 47 -51.73 9.06 35.92
N ASP A 48 -52.50 8.57 36.89
CA ASP A 48 -53.69 9.28 37.35
C ASP A 48 -53.43 9.94 38.69
N PRO A 49 -53.50 11.27 38.80
CA PRO A 49 -53.20 11.92 40.08
C PRO A 49 -54.21 11.66 41.19
N TYR A 50 -55.40 11.15 40.91
CA TYR A 50 -56.38 11.01 41.97
C TYR A 50 -56.01 9.86 42.91
N LEU A 51 -56.55 9.93 44.12
CA LEU A 51 -56.21 8.97 45.18
C LEU A 51 -57.04 7.70 45.14
N ASN A 52 -58.11 7.65 44.34
CA ASN A 52 -58.87 6.41 44.21
C ASN A 52 -57.95 5.30 43.74
N VAL A 53 -57.97 4.16 44.43
CA VAL A 53 -57.09 3.08 44.05
C VAL A 53 -57.47 2.54 42.68
N ASP A 54 -58.72 2.74 42.27
CA ASP A 54 -59.15 2.48 40.89
C ASP A 54 -60.48 3.18 40.68
N PRO A 55 -60.78 3.58 39.44
CA PRO A 55 -61.98 4.40 39.21
C PRO A 55 -63.29 3.66 39.39
N GLY A 56 -63.28 2.39 39.79
CA GLY A 56 -64.53 1.67 39.94
C GLY A 56 -65.47 2.33 40.93
N THR A 57 -64.91 3.02 41.92
CA THR A 57 -65.75 3.70 42.92
C THR A 57 -66.35 4.99 42.40
N MET A 58 -65.88 5.50 41.25
CA MET A 58 -66.32 6.81 40.80
C MET A 58 -67.69 6.76 40.14
N ASN A 59 -68.19 7.94 39.81
CA ASN A 59 -69.46 8.14 39.13
C ASN A 59 -69.22 8.66 37.73
N PRO A 60 -69.85 8.09 36.70
CA PRO A 60 -69.54 8.50 35.32
C PRO A 60 -69.67 9.99 35.05
N PHE A 61 -70.27 10.77 35.96
CA PHE A 61 -70.27 12.22 35.75
C PHE A 61 -68.91 12.84 36.02
N GLN A 62 -68.01 12.12 36.69
CA GLN A 62 -66.69 12.69 37.01
C GLN A 62 -65.80 12.74 35.78
N HIS A 63 -65.52 11.58 35.19
CA HIS A 63 -64.54 11.50 34.12
C HIS A 63 -64.99 10.57 32.99
N GLY A 64 -66.28 10.31 32.86
CA GLY A 64 -66.76 9.39 31.85
C GLY A 64 -66.72 7.94 32.30
N GLU A 65 -66.92 7.06 31.33
CA GLU A 65 -67.11 5.64 31.58
C GLU A 65 -65.84 4.98 32.09
N VAL A 66 -66.02 3.86 32.78
CA VAL A 66 -64.91 3.04 33.21
C VAL A 66 -64.55 2.03 32.11
N PHE A 67 -63.34 1.48 32.21
CA PHE A 67 -62.81 0.53 31.24
C PHE A 67 -62.27 -0.67 32.00
N VAL A 68 -62.13 -1.79 31.30
CA VAL A 68 -61.73 -3.05 31.92
C VAL A 68 -60.69 -3.74 31.05
N THR A 69 -59.69 -4.34 31.69
CA THR A 69 -58.60 -5.01 31.00
C THR A 69 -58.81 -6.53 31.01
N GLU A 70 -57.93 -7.22 30.27
CA GLU A 70 -58.03 -8.67 30.19
C GLU A 70 -57.53 -9.36 31.46
N ASP A 71 -56.47 -8.84 32.08
CA ASP A 71 -56.12 -9.33 33.41
C ASP A 71 -57.10 -8.87 34.47
N GLY A 72 -58.12 -8.09 34.09
CA GLY A 72 -59.23 -7.77 34.96
C GLY A 72 -59.07 -6.52 35.79
N ALA A 73 -58.06 -5.70 35.54
CA ALA A 73 -57.96 -4.42 36.23
C ALA A 73 -59.00 -3.44 35.70
N GLU A 74 -59.37 -2.50 36.54
CA GLU A 74 -60.37 -1.49 36.21
C GLU A 74 -59.67 -0.14 36.12
N THR A 75 -59.76 0.52 34.96
CA THR A 75 -58.84 1.58 34.61
C THR A 75 -59.58 2.77 34.02
N ASP A 76 -58.83 3.85 33.83
CA ASP A 76 -59.36 5.09 33.30
C ASP A 76 -59.81 4.93 31.86
N LEU A 77 -60.54 5.94 31.38
CA LEU A 77 -61.06 5.94 30.02
C LEU A 77 -59.95 5.96 28.97
N ASP A 78 -58.81 6.57 29.29
CA ASP A 78 -57.78 6.79 28.27
C ASP A 78 -57.16 5.48 27.80
N VAL A 79 -57.12 4.45 28.66
CA VAL A 79 -56.63 3.15 28.21
C VAL A 79 -57.49 2.65 27.06
N GLY A 80 -58.74 3.07 27.00
CA GLY A 80 -59.58 2.73 25.85
C GLY A 80 -59.11 3.37 24.56
N HIS A 81 -58.70 4.63 24.61
CA HIS A 81 -58.11 5.24 23.43
C HIS A 81 -56.84 4.50 23.03
N TYR A 82 -56.03 4.12 24.01
CA TYR A 82 -54.80 3.41 23.69
C TYR A 82 -55.11 2.10 22.96
N GLU A 83 -56.07 1.33 23.47
CA GLU A 83 -56.50 0.12 22.79
C GLU A 83 -57.02 0.42 21.39
N ARG A 84 -57.96 1.36 21.28
CA ARG A 84 -58.62 1.58 20.00
C ARG A 84 -57.66 2.06 18.92
N PHE A 85 -56.58 2.75 19.30
CA PHE A 85 -55.66 3.26 18.28
C PHE A 85 -54.44 2.36 18.06
N LEU A 86 -53.95 1.66 19.08
CA LEU A 86 -52.87 0.70 18.89
C LEU A 86 -53.37 -0.69 18.53
N ASP A 87 -54.67 -0.94 18.67
CA ASP A 87 -55.24 -2.27 18.51
C ASP A 87 -54.43 -3.30 19.30
N ARG A 88 -54.42 -3.11 20.61
CA ARG A 88 -53.68 -3.98 21.51
C ARG A 88 -54.49 -4.18 22.79
N ASN A 89 -54.14 -5.23 23.53
CA ASN A 89 -54.65 -5.43 24.88
C ASN A 89 -53.55 -5.07 25.87
N LEU A 90 -53.88 -4.21 26.82
CA LEU A 90 -52.87 -3.63 27.69
C LEU A 90 -52.98 -4.20 29.10
N PRO A 91 -51.87 -4.34 29.81
CA PRO A 91 -51.94 -4.86 31.18
C PRO A 91 -52.58 -3.86 32.13
N GLY A 92 -53.01 -4.37 33.28
CA GLY A 92 -53.47 -3.48 34.34
C GLY A 92 -52.37 -2.57 34.83
N SER A 93 -51.12 -2.94 34.61
CA SER A 93 -50.00 -2.08 34.97
C SER A 93 -49.98 -0.78 34.19
N ALA A 94 -50.77 -0.68 33.12
CA ALA A 94 -50.79 0.51 32.29
C ALA A 94 -51.48 1.70 32.94
N ASN A 95 -52.01 1.57 34.15
CA ASN A 95 -52.67 2.68 34.84
C ASN A 95 -52.17 2.73 36.28
N VAL A 96 -51.27 3.67 36.56
CA VAL A 96 -50.83 3.95 37.91
C VAL A 96 -51.69 5.05 38.51
N THR A 97 -51.82 5.04 39.84
CA THR A 97 -52.57 6.06 40.55
C THR A 97 -51.82 6.42 41.83
N THR A 98 -52.08 7.64 42.31
CA THR A 98 -51.55 8.06 43.60
C THR A 98 -52.03 7.15 44.72
N GLY A 99 -53.27 6.68 44.62
CA GLY A 99 -53.76 5.75 45.63
C GLY A 99 -52.90 4.52 45.73
N GLN A 100 -52.58 3.92 44.59
CA GLN A 100 -51.76 2.71 44.59
C GLN A 100 -50.36 3.01 45.11
N VAL A 101 -49.76 4.12 44.70
CA VAL A 101 -48.39 4.43 45.10
C VAL A 101 -48.32 4.64 46.60
N TYR A 102 -49.23 5.42 47.16
CA TYR A 102 -49.20 5.69 48.59
C TYR A 102 -49.49 4.43 49.38
N SER A 103 -50.48 3.63 48.96
CA SER A 103 -50.74 2.38 49.67
C SER A 103 -49.51 1.50 49.65
N THR A 104 -48.84 1.38 48.50
CA THR A 104 -47.67 0.53 48.41
C THR A 104 -46.56 1.01 49.34
N VAL A 105 -46.29 2.31 49.34
CA VAL A 105 -45.18 2.81 50.14
C VAL A 105 -45.50 2.70 51.63
N ILE A 106 -46.74 2.98 52.02
CA ILE A 106 -47.12 2.85 53.42
C ILE A 106 -47.00 1.40 53.87
N ALA A 107 -47.47 0.47 53.04
CA ALA A 107 -47.34 -0.94 53.38
C ALA A 107 -45.87 -1.33 53.54
N LYS A 108 -45.03 -0.93 52.58
CA LYS A 108 -43.61 -1.23 52.70
C LYS A 108 -43.01 -0.62 53.97
N GLU A 109 -43.51 0.54 54.39
CA GLU A 109 -43.02 1.14 55.63
C GLU A 109 -43.41 0.30 56.84
N ARG A 110 -44.68 -0.13 56.89
CA ARG A 110 -45.13 -0.94 58.02
C ARG A 110 -44.29 -2.21 58.16
N ARG A 111 -43.76 -2.73 57.05
CA ARG A 111 -42.93 -3.91 57.08
C ARG A 111 -41.46 -3.60 57.34
N GLY A 112 -41.11 -2.33 57.55
CA GLY A 112 -39.76 -1.95 57.89
C GLY A 112 -38.78 -2.01 56.74
N GLU A 113 -39.25 -2.04 55.49
CA GLU A 113 -38.35 -2.26 54.36
C GLU A 113 -37.44 -1.07 54.07
N TYR A 114 -37.66 0.07 54.71
CA TYR A 114 -36.76 1.22 54.54
C TYR A 114 -35.74 1.32 55.66
N LEU A 115 -35.63 0.29 56.50
CA LEU A 115 -34.51 0.16 57.43
C LEU A 115 -34.38 1.39 58.34
N GLY A 116 -35.51 1.89 58.80
CA GLY A 116 -35.52 2.94 59.80
C GLY A 116 -35.39 4.35 59.27
N ASP A 117 -35.34 4.54 57.96
CA ASP A 117 -35.28 5.89 57.42
C ASP A 117 -36.62 6.60 57.61
N THR A 118 -36.57 7.92 57.54
CA THR A 118 -37.79 8.71 57.45
C THR A 118 -38.37 8.59 56.05
N VAL A 119 -39.60 8.13 55.96
CA VAL A 119 -40.27 8.01 54.67
C VAL A 119 -40.77 9.38 54.25
N GLN A 120 -40.42 9.79 53.03
CA GLN A 120 -40.67 11.14 52.55
C GLN A 120 -41.30 11.08 51.17
N VAL A 121 -41.91 12.19 50.77
CA VAL A 121 -42.46 12.28 49.41
C VAL A 121 -41.32 12.26 48.40
N ILE A 122 -40.20 12.86 48.74
CA ILE A 122 -38.94 12.68 48.02
C ILE A 122 -37.93 12.17 49.03
N PRO A 123 -37.22 11.06 48.77
CA PRO A 123 -37.18 10.26 47.54
C PRO A 123 -38.18 9.11 47.40
N HIS A 124 -38.87 8.67 48.45
CA HIS A 124 -39.47 7.35 48.42
C HIS A 124 -40.66 7.27 47.46
N ILE A 125 -41.58 8.23 47.52
CA ILE A 125 -42.74 8.17 46.64
C ILE A 125 -42.33 8.37 45.19
N THR A 126 -41.45 9.34 44.92
CA THR A 126 -40.98 9.55 43.57
C THR A 126 -40.17 8.37 43.07
N ASP A 127 -39.49 7.66 43.97
CA ASP A 127 -38.77 6.46 43.58
C ASP A 127 -39.74 5.34 43.19
N GLU A 128 -40.83 5.19 43.95
CA GLU A 128 -41.82 4.19 43.57
C GLU A 128 -42.42 4.53 42.20
N ILE A 129 -42.70 5.80 41.95
CA ILE A 129 -43.28 6.19 40.66
C ILE A 129 -42.27 5.98 39.54
N LYS A 130 -41.01 6.35 39.77
CA LYS A 130 -39.99 6.14 38.75
C LYS A 130 -39.79 4.66 38.47
N ARG A 131 -39.85 3.83 39.51
CA ARG A 131 -39.80 2.39 39.33
C ARG A 131 -40.96 1.90 38.47
N ARG A 132 -42.16 2.38 38.75
CA ARG A 132 -43.33 1.96 37.97
C ARG A 132 -43.26 2.46 36.54
N ILE A 133 -42.60 3.58 36.29
CA ILE A 133 -42.44 4.07 34.92
C ILE A 133 -41.41 3.22 34.17
N LEU A 134 -40.24 2.99 34.78
CA LEU A 134 -39.18 2.24 34.12
C LEU A 134 -39.51 0.76 33.99
N ALA A 135 -40.45 0.23 34.79
CA ALA A 135 -40.87 -1.14 34.61
C ALA A 135 -41.50 -1.38 33.24
N MET A 136 -42.08 -0.34 32.64
CA MET A 136 -42.62 -0.48 31.30
C MET A 136 -41.54 -0.80 30.28
N ALA A 137 -40.30 -0.40 30.55
CA ALA A 137 -39.22 -0.61 29.60
C ALA A 137 -38.73 -2.05 29.57
N GLN A 138 -39.06 -2.86 30.58
CA GLN A 138 -38.52 -4.20 30.66
C GLN A 138 -39.05 -5.04 29.49
N PRO A 139 -38.28 -6.03 29.04
CA PRO A 139 -38.77 -6.90 27.96
C PRO A 139 -40.06 -7.61 28.35
N ASP A 140 -40.98 -7.70 27.40
CA ASP A 140 -42.27 -8.33 27.64
C ASP A 140 -42.11 -9.84 27.84
N ALA A 141 -43.23 -10.54 28.02
CA ALA A 141 -43.16 -11.98 28.26
C ALA A 141 -42.52 -12.75 27.11
N ASP A 142 -42.49 -12.16 25.91
CA ASP A 142 -41.88 -12.80 24.75
C ASP A 142 -40.54 -12.17 24.38
N GLY A 143 -40.02 -11.27 25.21
CA GLY A 143 -38.75 -10.64 24.96
C GLY A 143 -38.80 -9.43 24.06
N ASN A 144 -39.99 -9.00 23.65
CA ASN A 144 -40.13 -7.83 22.79
C ASN A 144 -40.00 -6.58 23.66
N ARG A 145 -38.99 -5.80 23.39
CA ARG A 145 -38.67 -4.64 24.19
C ARG A 145 -39.20 -3.39 23.52
N PRO A 146 -40.02 -2.58 24.20
CA PRO A 146 -40.63 -1.42 23.52
C PRO A 146 -39.57 -0.43 23.06
N ASP A 147 -39.80 0.17 21.90
CA ASP A 147 -38.89 1.17 21.39
C ASP A 147 -39.17 2.54 21.98
N VAL A 148 -40.43 2.86 22.20
CA VAL A 148 -40.85 4.12 22.81
C VAL A 148 -41.94 3.82 23.82
N VAL A 149 -41.85 4.44 24.99
CA VAL A 149 -42.88 4.39 26.01
C VAL A 149 -43.52 5.78 26.09
N ILE A 150 -44.80 5.87 25.75
CA ILE A 150 -45.52 7.14 25.82
C ILE A 150 -46.32 7.14 27.11
N THR A 151 -45.98 8.06 28.02
CA THR A 151 -46.60 8.16 29.33
C THR A 151 -47.44 9.43 29.38
N GLU A 152 -48.72 9.29 29.71
CA GLU A 152 -49.61 10.44 29.83
C GLU A 152 -49.77 10.79 31.31
N ILE A 153 -49.43 12.03 31.66
CA ILE A 153 -49.57 12.51 33.02
C ILE A 153 -50.94 13.18 33.13
N GLY A 154 -51.87 12.54 33.81
CA GLY A 154 -53.21 13.07 33.92
C GLY A 154 -53.26 14.32 34.77
N GLY A 155 -54.39 15.02 34.66
CA GLY A 155 -54.57 16.25 35.40
C GLY A 155 -54.08 17.46 34.63
N THR A 156 -53.64 18.48 35.38
CA THR A 156 -53.14 19.72 34.82
C THR A 156 -51.86 20.11 35.53
N VAL A 157 -50.95 20.74 34.81
CA VAL A 157 -49.72 21.24 35.43
C VAL A 157 -50.11 22.31 36.44
N GLY A 158 -49.68 22.13 37.68
CA GLY A 158 -50.05 23.04 38.75
C GLY A 158 -51.10 22.51 39.70
N ASP A 159 -51.73 21.39 39.39
CA ASP A 159 -52.53 20.70 40.39
C ASP A 159 -51.63 20.16 41.49
N ILE A 160 -52.07 20.30 42.73
CA ILE A 160 -51.27 19.82 43.86
C ILE A 160 -50.99 18.33 43.73
N GLU A 161 -51.92 17.58 43.18
CA GLU A 161 -51.80 16.13 43.12
C GLU A 161 -50.80 15.65 42.08
N SER A 162 -50.48 16.48 41.09
CA SER A 162 -49.54 16.07 40.05
C SER A 162 -48.09 16.23 40.48
N GLN A 163 -47.84 16.88 41.61
CA GLN A 163 -46.46 17.24 41.95
C GLN A 163 -45.53 16.04 42.05
N PRO A 164 -45.91 14.90 42.61
CA PRO A 164 -44.98 13.76 42.66
C PRO A 164 -44.72 13.15 41.30
N PHE A 165 -45.73 13.10 40.43
CA PHE A 165 -45.53 12.51 39.11
C PHE A 165 -44.60 13.35 38.26
N LEU A 166 -44.75 14.67 38.29
CA LEU A 166 -43.88 15.52 37.51
C LEU A 166 -42.46 15.52 38.06
N GLU A 167 -42.30 15.40 39.37
CA GLU A 167 -40.96 15.27 39.93
C GLU A 167 -40.32 13.94 39.51
N ALA A 168 -41.11 12.87 39.46
CA ALA A 168 -40.59 11.61 38.96
C ALA A 168 -40.17 11.73 37.50
N ALA A 169 -40.98 12.40 36.69
CA ALA A 169 -40.61 12.60 35.29
C ALA A 169 -39.33 13.41 35.16
N ARG A 170 -39.18 14.43 36.00
CA ARG A 170 -37.95 15.21 36.00
C ARG A 170 -36.75 14.35 36.37
N GLN A 171 -36.92 13.48 37.37
CA GLN A 171 -35.82 12.60 37.74
C GLN A 171 -35.50 11.60 36.64
N VAL A 172 -36.50 11.14 35.90
CA VAL A 172 -36.24 10.25 34.76
C VAL A 172 -35.44 10.99 33.70
N ARG A 173 -35.80 12.24 33.41
CA ARG A 173 -35.00 13.02 32.47
C ARG A 173 -33.58 13.21 32.97
N HIS A 174 -33.40 13.34 34.29
CA HIS A 174 -32.04 13.48 34.82
C HIS A 174 -31.25 12.18 34.67
N TYR A 175 -31.88 11.06 35.03
CA TYR A 175 -31.20 9.78 34.98
C TYR A 175 -30.84 9.38 33.55
N LEU A 176 -31.80 9.44 32.63
CA LEU A 176 -31.59 8.98 31.27
C LEU A 176 -31.02 10.04 30.34
N GLY A 177 -31.07 11.32 30.71
CA GLY A 177 -30.56 12.39 29.87
C GLY A 177 -31.54 12.76 28.77
N ARG A 178 -31.23 13.89 28.11
CA ARG A 178 -32.18 14.46 27.16
C ARG A 178 -32.30 13.62 25.89
N GLU A 179 -31.30 12.81 25.57
CA GLU A 179 -31.37 12.02 24.34
C GLU A 179 -32.40 10.91 24.43
N ASP A 180 -32.94 10.62 25.61
CA ASP A 180 -33.92 9.57 25.79
C ASP A 180 -35.31 10.07 26.18
N VAL A 181 -35.42 11.27 26.76
CA VAL A 181 -36.66 11.73 27.35
C VAL A 181 -37.14 12.98 26.62
N PHE A 182 -38.38 12.95 26.17
CA PHE A 182 -39.00 14.00 25.38
C PHE A 182 -40.29 14.42 26.08
N PHE A 183 -40.51 15.73 26.21
CA PHE A 183 -41.69 16.26 26.87
C PHE A 183 -42.59 16.94 25.85
N LEU A 184 -43.82 16.46 25.75
CA LEU A 184 -44.85 17.04 24.88
C LEU A 184 -45.90 17.69 25.76
N HIS A 185 -46.23 18.95 25.48
CA HIS A 185 -47.11 19.74 26.32
C HIS A 185 -48.32 20.19 25.51
N VAL A 186 -49.51 19.90 26.01
CA VAL A 186 -50.77 20.22 25.32
C VAL A 186 -51.43 21.37 26.06
N SER A 187 -51.80 22.41 25.32
CA SER A 187 -52.28 23.64 25.93
C SER A 187 -53.41 24.21 25.08
N LEU A 188 -54.18 25.12 25.69
CA LEU A 188 -55.40 25.66 25.09
C LEU A 188 -55.17 27.09 24.62
N VAL A 189 -55.67 27.39 23.43
CA VAL A 189 -55.66 28.75 22.89
C VAL A 189 -57.10 29.24 22.78
N PRO A 190 -57.61 30.00 23.73
CA PRO A 190 -59.01 30.42 23.66
C PRO A 190 -59.23 31.56 22.69
N TYR A 191 -60.44 31.59 22.14
CA TYR A 191 -60.88 32.63 21.22
C TYR A 191 -61.90 33.52 21.92
N LEU A 192 -61.62 34.82 21.99
CA LEU A 192 -62.50 35.79 22.61
C LEU A 192 -63.31 36.47 21.52
N ALA A 193 -64.59 36.12 21.43
CA ALA A 193 -65.42 36.64 20.34
C ALA A 193 -65.54 38.15 20.34
N PRO A 194 -65.74 38.83 21.47
CA PRO A 194 -65.94 40.29 21.42
C PRO A 194 -64.81 41.05 20.76
N SER A 195 -63.56 40.65 20.96
CA SER A 195 -62.43 41.33 20.34
C SER A 195 -61.81 40.53 19.20
N GLY A 196 -62.32 39.33 18.92
CA GLY A 196 -61.90 38.60 17.73
C GLY A 196 -60.43 38.29 17.68
N GLU A 197 -59.86 37.79 18.78
CA GLU A 197 -58.44 37.50 18.85
C GLU A 197 -58.21 36.22 19.62
N LEU A 198 -57.23 35.44 19.17
CA LEU A 198 -56.73 34.32 19.94
C LEU A 198 -55.73 34.83 20.97
N LYS A 199 -55.78 34.26 22.18
CA LYS A 199 -54.94 34.70 23.28
C LYS A 199 -53.92 33.62 23.61
N THR A 200 -52.65 34.00 23.61
CA THR A 200 -51.58 33.08 23.94
C THR A 200 -51.17 33.13 25.40
N LYS A 201 -51.67 34.10 26.17
CA LYS A 201 -51.22 34.25 27.55
C LYS A 201 -51.46 33.00 28.39
N PRO A 202 -52.60 32.31 28.31
CA PRO A 202 -52.75 31.07 29.07
C PRO A 202 -51.65 30.06 28.78
N THR A 203 -51.24 29.94 27.52
CA THR A 203 -50.16 29.03 27.16
C THR A 203 -48.84 29.48 27.78
N GLN A 204 -48.56 30.78 27.74
CA GLN A 204 -47.34 31.29 28.34
C GLN A 204 -47.31 30.98 29.83
N HIS A 205 -48.42 31.22 30.52
CA HIS A 205 -48.46 30.94 31.94
C HIS A 205 -48.31 29.45 32.23
N SER A 206 -48.91 28.59 31.40
CA SER A 206 -48.77 27.16 31.62
C SER A 206 -47.33 26.70 31.41
N VAL A 207 -46.67 27.21 30.37
CA VAL A 207 -45.28 26.82 30.13
C VAL A 207 -44.39 27.35 31.26
N ALA A 208 -44.70 28.54 31.78
CA ALA A 208 -43.93 29.05 32.91
C ALA A 208 -44.15 28.19 34.14
N ALA A 209 -45.38 27.74 34.37
CA ALA A 209 -45.65 26.84 35.49
C ALA A 209 -44.87 25.56 35.34
N LEU A 210 -44.81 25.03 34.11
CA LEU A 210 -44.05 23.81 33.87
C LEU A 210 -42.56 24.03 34.11
N ARG A 211 -42.03 25.17 33.66
CA ARG A 211 -40.63 25.48 33.90
C ARG A 211 -40.33 25.63 35.38
N SER A 212 -41.31 26.07 36.16
CA SER A 212 -41.08 26.29 37.59
C SER A 212 -40.85 24.99 38.36
N ILE A 213 -41.08 23.83 37.75
CA ILE A 213 -40.80 22.55 38.37
C ILE A 213 -39.67 21.82 37.68
N GLY A 214 -38.97 22.47 36.75
CA GLY A 214 -37.79 21.89 36.15
C GLY A 214 -38.02 21.14 34.86
N ILE A 215 -39.14 21.37 34.18
CA ILE A 215 -39.44 20.71 32.90
C ILE A 215 -39.46 21.77 31.82
N THR A 216 -38.73 21.52 30.73
CA THR A 216 -38.77 22.38 29.56
C THR A 216 -39.47 21.63 28.43
N PRO A 217 -40.63 22.07 27.95
CA PRO A 217 -41.30 21.33 26.89
C PRO A 217 -40.47 21.34 25.62
N ASP A 218 -40.47 20.21 24.91
CA ASP A 218 -39.82 20.14 23.61
C ASP A 218 -40.75 20.55 22.49
N ALA A 219 -42.05 20.35 22.66
CA ALA A 219 -43.03 20.75 21.66
C ALA A 219 -44.30 21.17 22.36
N LEU A 220 -45.11 21.98 21.66
CA LEU A 220 -46.40 22.45 22.16
C LEU A 220 -47.49 22.01 21.20
N ILE A 221 -48.54 21.42 21.73
CA ILE A 221 -49.76 21.15 20.97
C ILE A 221 -50.75 22.24 21.32
N LEU A 222 -51.05 23.12 20.36
CA LEU A 222 -51.95 24.24 20.61
C LEU A 222 -53.36 23.83 20.22
N ARG A 223 -54.13 23.42 21.20
CA ARG A 223 -55.53 23.07 20.97
C ARG A 223 -56.35 24.34 20.78
N CYS A 224 -57.17 24.35 19.73
CA CYS A 224 -57.92 25.54 19.36
C CYS A 224 -59.15 25.09 18.60
N ASP A 225 -60.12 26.00 18.48
CA ASP A 225 -61.28 25.71 17.65
C ASP A 225 -61.06 26.09 16.19
N ARG A 226 -60.01 26.85 15.89
CA ARG A 226 -59.70 27.25 14.53
C ARG A 226 -58.19 27.26 14.35
N ASP A 227 -57.75 27.16 13.11
CA ASP A 227 -56.33 27.06 12.83
C ASP A 227 -55.60 28.31 13.32
N VAL A 228 -54.53 28.10 14.07
CA VAL A 228 -53.81 29.22 14.69
C VAL A 228 -53.04 29.97 13.61
N PRO A 229 -53.08 31.30 13.57
CA PRO A 229 -52.24 32.04 12.62
C PRO A 229 -50.77 31.74 12.84
N GLU A 230 -49.97 31.98 11.80
CA GLU A 230 -48.53 31.75 11.91
C GLU A 230 -47.85 32.76 12.83
N ALA A 231 -48.34 34.00 12.85
CA ALA A 231 -47.76 35.01 13.72
C ALA A 231 -47.90 34.60 15.19
N LEU A 232 -49.03 34.01 15.56
CA LEU A 232 -49.19 33.58 16.94
C LEU A 232 -48.26 32.42 17.28
N LYS A 233 -48.08 31.47 16.36
CA LYS A 233 -47.14 30.40 16.61
C LYS A 233 -45.72 30.95 16.80
N ASN A 234 -45.35 31.93 15.98
CA ASN A 234 -44.03 32.55 16.16
C ASN A 234 -43.93 33.24 17.52
N LYS A 235 -44.97 33.96 17.93
CA LYS A 235 -44.94 34.61 19.23
C LYS A 235 -44.79 33.59 20.34
N ILE A 236 -45.55 32.49 20.27
CA ILE A 236 -45.48 31.46 21.30
C ILE A 236 -44.09 30.85 21.34
N ALA A 237 -43.54 30.53 20.17
CA ALA A 237 -42.21 29.94 20.12
C ALA A 237 -41.18 30.88 20.75
N LEU A 238 -41.28 32.17 20.45
CA LEU A 238 -40.32 33.12 21.00
C LEU A 238 -40.46 33.22 22.52
N MET A 239 -41.69 33.39 23.00
CA MET A 239 -41.89 33.61 24.44
C MET A 239 -41.59 32.35 25.25
N CYS A 240 -41.79 31.17 24.69
CA CYS A 240 -41.71 29.92 25.43
C CYS A 240 -40.39 29.18 25.24
N ASP A 241 -39.44 29.74 24.49
CA ASP A 241 -38.17 29.08 24.22
C ASP A 241 -38.38 27.68 23.68
N VAL A 242 -39.25 27.56 22.69
CA VAL A 242 -39.53 26.30 22.02
C VAL A 242 -39.21 26.47 20.54
N ASP A 243 -38.59 25.45 19.95
CA ASP A 243 -38.27 25.49 18.53
C ASP A 243 -39.54 25.69 17.72
N ILE A 244 -39.47 26.60 16.75
CA ILE A 244 -40.65 26.93 15.95
C ILE A 244 -41.16 25.71 15.20
N ASP A 245 -40.33 24.69 15.02
CA ASP A 245 -40.80 23.40 14.52
C ASP A 245 -41.73 22.72 15.51
N GLY A 246 -41.64 23.06 16.78
CA GLY A 246 -42.33 22.35 17.83
C GLY A 246 -43.66 22.92 18.25
N VAL A 247 -44.12 24.00 17.62
CA VAL A 247 -45.44 24.54 17.90
C VAL A 247 -46.40 23.96 16.88
N ILE A 248 -47.33 23.12 17.35
CA ILE A 248 -48.17 22.29 16.49
C ILE A 248 -49.61 22.76 16.68
N SER A 249 -50.21 23.27 15.60
CA SER A 249 -51.60 23.73 15.64
C SER A 249 -52.53 22.53 15.45
N THR A 250 -53.46 22.33 16.38
CA THR A 250 -54.28 21.12 16.44
C THR A 250 -55.75 21.52 16.59
N PRO A 251 -56.36 22.03 15.53
CA PRO A 251 -57.75 22.47 15.62
C PRO A 251 -58.71 21.30 15.77
N ASP A 252 -59.90 21.60 16.30
CA ASP A 252 -60.91 20.58 16.54
C ASP A 252 -61.34 19.89 15.27
N ALA A 253 -60.96 18.63 15.12
CA ALA A 253 -61.28 17.86 13.92
C ALA A 253 -62.71 17.34 13.98
N PRO A 254 -63.36 17.15 12.83
CA PRO A 254 -64.74 16.67 12.84
C PRO A 254 -64.90 15.29 13.47
N SER A 255 -63.89 14.43 13.37
CA SER A 255 -63.89 13.16 14.06
C SER A 255 -62.50 12.89 14.62
N ILE A 256 -62.46 12.06 15.66
CA ILE A 256 -61.19 11.77 16.32
C ILE A 256 -60.22 11.02 15.42
N TYR A 257 -60.73 10.35 14.38
CA TYR A 257 -59.86 9.59 13.49
C TYR A 257 -59.10 10.46 12.51
N ASP A 258 -59.45 11.74 12.38
CA ASP A 258 -58.67 12.66 11.56
C ASP A 258 -57.43 13.16 12.27
N ILE A 259 -57.31 12.93 13.57
CA ILE A 259 -56.18 13.50 14.32
C ILE A 259 -54.85 12.97 13.83
N PRO A 260 -54.68 11.67 13.55
CA PRO A 260 -53.40 11.25 12.98
C PRO A 260 -53.02 12.01 11.72
N LYS A 261 -53.99 12.30 10.87
CA LYS A 261 -53.69 13.09 9.67
C LYS A 261 -53.27 14.51 10.03
N VAL A 262 -53.92 15.12 11.02
CA VAL A 262 -53.55 16.47 11.42
C VAL A 262 -52.12 16.49 11.95
N LEU A 263 -51.78 15.53 12.81
CA LEU A 263 -50.44 15.50 13.39
C LEU A 263 -49.39 15.18 12.33
N HIS A 264 -49.71 14.29 11.39
CA HIS A 264 -48.75 14.00 10.32
C HIS A 264 -48.55 15.20 9.41
N ARG A 265 -49.65 15.89 9.07
CA ARG A 265 -49.55 17.07 8.23
C ARG A 265 -48.68 18.15 8.85
N GLU A 266 -48.73 18.29 10.18
CA GLU A 266 -47.89 19.24 10.89
C GLU A 266 -46.49 18.71 11.15
N GLU A 267 -46.23 17.44 10.81
CA GLU A 267 -44.90 16.85 10.99
C GLU A 267 -44.52 16.78 12.46
N LEU A 268 -45.47 16.45 13.33
CA LEU A 268 -45.13 16.19 14.72
C LEU A 268 -44.34 14.90 14.85
N ASP A 269 -44.77 13.86 14.15
CA ASP A 269 -44.08 12.57 14.25
C ASP A 269 -42.66 12.68 13.72
N ALA A 270 -42.46 13.42 12.63
CA ALA A 270 -41.12 13.65 12.13
C ALA A 270 -40.26 14.38 13.16
N PHE A 271 -40.84 15.40 13.81
CA PHE A 271 -40.09 16.15 14.80
C PHE A 271 -39.69 15.27 15.98
N VAL A 272 -40.63 14.45 16.45
CA VAL A 272 -40.33 13.54 17.57
C VAL A 272 -39.25 12.54 17.18
N VAL A 273 -39.37 11.97 15.96
CA VAL A 273 -38.41 10.96 15.52
C VAL A 273 -37.02 11.58 15.40
N ARG A 274 -36.91 12.75 14.79
CA ARG A 274 -35.62 13.41 14.70
C ARG A 274 -35.05 13.68 16.08
N ARG A 275 -35.85 14.25 16.98
CA ARG A 275 -35.33 14.69 18.26
C ARG A 275 -34.89 13.50 19.12
N LEU A 276 -35.63 12.40 19.08
CA LEU A 276 -35.27 11.20 19.83
C LEU A 276 -34.27 10.32 19.09
N ASN A 277 -33.94 10.65 17.84
CA ASN A 277 -32.96 9.89 17.07
C ASN A 277 -33.40 8.44 16.85
N LEU A 278 -34.68 8.25 16.57
CA LEU A 278 -35.22 6.92 16.36
C LEU A 278 -35.07 6.51 14.89
N PRO A 279 -34.87 5.22 14.61
CA PRO A 279 -34.89 4.76 13.22
C PRO A 279 -36.31 4.60 12.72
N PHE A 280 -36.54 4.98 11.47
CA PHE A 280 -37.90 5.14 10.98
C PHE A 280 -38.02 4.69 9.53
N ARG A 281 -39.27 4.59 9.08
CA ARG A 281 -39.63 4.50 7.67
C ARG A 281 -40.93 5.26 7.48
N ASP A 282 -41.25 5.56 6.23
CA ASP A 282 -42.44 6.36 5.96
C ASP A 282 -43.69 5.62 6.40
N VAL A 283 -44.72 6.39 6.74
CA VAL A 283 -45.99 5.84 7.19
C VAL A 283 -46.73 5.24 6.00
N ASP A 284 -47.17 4.00 6.15
CA ASP A 284 -48.02 3.35 5.14
C ASP A 284 -49.48 3.67 5.47
N TRP A 285 -50.04 4.64 4.75
CA TRP A 285 -51.37 5.15 5.04
C TRP A 285 -52.50 4.29 4.49
N THR A 286 -52.24 3.09 3.98
CA THR A 286 -53.27 2.34 3.28
C THR A 286 -54.46 2.06 4.18
N GLU A 287 -54.21 1.45 5.35
CA GLU A 287 -55.30 1.05 6.22
C GLU A 287 -56.11 2.26 6.69
N TRP A 288 -55.43 3.26 7.23
CA TRP A 288 -56.13 4.39 7.81
C TRP A 288 -56.81 5.23 6.75
N ASP A 289 -56.27 5.25 5.52
CA ASP A 289 -56.98 5.90 4.44
C ASP A 289 -58.29 5.20 4.14
N ASP A 290 -58.29 3.87 4.17
CA ASP A 290 -59.57 3.17 4.00
C ASP A 290 -60.54 3.50 5.13
N LEU A 291 -60.04 3.53 6.36
CA LEU A 291 -60.92 3.88 7.48
C LEU A 291 -61.51 5.27 7.30
N LEU A 292 -60.70 6.23 6.89
CA LEU A 292 -61.20 7.59 6.73
C LEU A 292 -62.13 7.72 5.54
N ARG A 293 -61.99 6.88 4.52
CA ARG A 293 -63.01 6.82 3.48
C ARG A 293 -64.33 6.36 4.07
N ARG A 294 -64.30 5.29 4.87
CA ARG A 294 -65.54 4.83 5.50
C ARG A 294 -66.14 5.90 6.41
N VAL A 295 -65.30 6.73 7.02
CA VAL A 295 -65.77 7.79 7.90
C VAL A 295 -66.44 8.90 7.09
N HIS A 296 -65.70 9.48 6.14
CA HIS A 296 -66.12 10.75 5.54
C HIS A 296 -67.00 10.58 4.31
N GLU A 297 -67.04 9.41 3.68
CA GLU A 297 -67.79 9.21 2.44
C GLU A 297 -68.68 7.99 2.56
N PRO A 298 -69.64 8.02 3.49
CA PRO A 298 -70.58 6.90 3.61
C PRO A 298 -71.62 6.92 2.51
N HIS A 299 -72.18 5.74 2.24
CA HIS A 299 -73.20 5.62 1.21
C HIS A 299 -74.59 6.01 1.72
N GLU A 300 -74.84 5.89 3.02
CA GLU A 300 -76.17 6.13 3.56
C GLU A 300 -76.02 6.67 4.98
N THR A 301 -77.15 6.82 5.67
CA THR A 301 -77.18 7.39 7.01
C THR A 301 -78.29 6.73 7.81
N VAL A 302 -78.11 6.66 9.11
CA VAL A 302 -79.10 6.07 10.01
C VAL A 302 -79.03 6.78 11.35
N ARG A 303 -80.17 6.90 12.00
CA ARG A 303 -80.29 7.58 13.28
C ARG A 303 -80.56 6.56 14.38
N ILE A 304 -79.79 6.65 15.47
CA ILE A 304 -79.91 5.76 16.61
C ILE A 304 -80.11 6.59 17.87
N ALA A 305 -81.08 6.21 18.67
CA ALA A 305 -81.29 6.86 19.96
C ALA A 305 -80.39 6.22 21.01
N LEU A 306 -79.70 7.06 21.78
CA LEU A 306 -78.93 6.63 22.94
C LEU A 306 -79.70 7.10 24.17
N VAL A 307 -80.17 6.16 24.97
CA VAL A 307 -81.06 6.44 26.10
C VAL A 307 -80.28 6.23 27.39
N GLY A 308 -80.20 7.27 28.22
CA GLY A 308 -79.49 7.16 29.48
C GLY A 308 -79.72 8.37 30.34
N LYS A 309 -79.16 8.32 31.54
CA LYS A 309 -79.21 9.44 32.47
C LYS A 309 -78.08 10.42 32.25
N TYR A 310 -76.87 9.93 32.00
CA TYR A 310 -75.71 10.79 31.80
C TYR A 310 -75.74 11.50 30.46
N VAL A 311 -76.78 11.28 29.65
CA VAL A 311 -76.82 11.84 28.30
C VAL A 311 -76.89 13.35 28.28
N GLU A 312 -77.00 14.00 29.42
CA GLU A 312 -77.09 15.46 29.46
C GLU A 312 -75.74 16.09 29.14
N LEU A 313 -75.33 16.01 27.87
CA LEU A 313 -74.11 16.67 27.39
C LEU A 313 -72.89 16.21 28.17
N SER A 314 -72.62 14.91 28.10
CA SER A 314 -71.43 14.34 28.71
C SER A 314 -70.96 13.15 27.89
N ASP A 315 -69.65 12.92 27.90
CA ASP A 315 -69.05 11.77 27.23
C ASP A 315 -69.03 10.54 28.12
N ALA A 316 -70.16 10.22 28.74
CA ALA A 316 -70.23 9.03 29.58
C ALA A 316 -70.37 7.75 28.77
N TYR A 317 -70.60 7.87 27.47
CA TYR A 317 -70.87 6.73 26.60
C TYR A 317 -69.91 6.68 25.43
N LEU A 318 -68.67 7.13 25.63
CA LEU A 318 -67.76 7.31 24.51
C LEU A 318 -67.52 5.99 23.77
N SER A 319 -67.25 4.92 24.53
CA SER A 319 -66.98 3.63 23.90
C SER A 319 -68.19 3.14 23.12
N VAL A 320 -69.39 3.33 23.66
CA VAL A 320 -70.59 2.88 22.96
C VAL A 320 -70.76 3.65 21.66
N ALA A 321 -70.59 4.97 21.70
CA ALA A 321 -70.74 5.76 20.48
C ALA A 321 -69.70 5.38 19.45
N GLU A 322 -68.46 5.11 19.88
CA GLU A 322 -67.43 4.72 18.93
C GLU A 322 -67.68 3.32 18.37
N ALA A 323 -68.18 2.40 19.18
CA ALA A 323 -68.53 1.08 18.67
C ALA A 323 -69.67 1.17 17.67
N LEU A 324 -70.65 2.04 17.95
CA LEU A 324 -71.71 2.29 16.98
C LEU A 324 -71.15 2.81 15.67
N ARG A 325 -70.24 3.79 15.74
CA ARG A 325 -69.67 4.34 14.53
C ARG A 325 -68.83 3.30 13.78
N ALA A 326 -68.14 2.43 14.51
CA ALA A 326 -67.40 1.35 13.85
C ALA A 326 -68.35 0.39 13.15
N GLY A 327 -69.47 0.07 13.78
CA GLY A 327 -70.49 -0.72 13.11
C GLY A 327 -70.97 -0.06 11.83
N GLY A 328 -71.21 1.26 11.90
CA GLY A 328 -71.55 1.97 10.68
C GLY A 328 -70.47 1.88 9.63
N PHE A 329 -69.21 1.93 10.06
CA PHE A 329 -68.09 1.86 9.13
C PHE A 329 -68.04 0.52 8.42
N LYS A 330 -68.35 -0.58 9.12
CA LYS A 330 -68.33 -1.87 8.45
C LYS A 330 -69.33 -1.92 7.30
N HIS A 331 -70.46 -1.23 7.44
CA HIS A 331 -71.47 -1.16 6.39
C HIS A 331 -71.36 0.11 5.55
N ARG A 332 -70.38 0.96 5.81
CA ARG A 332 -70.26 2.25 5.13
C ARG A 332 -71.54 3.07 5.27
N ALA A 333 -72.13 3.06 6.46
CA ALA A 333 -73.26 3.91 6.79
C ALA A 333 -72.85 4.89 7.88
N LYS A 334 -73.31 6.13 7.74
CA LYS A 334 -73.20 7.10 8.82
C LYS A 334 -74.27 6.81 9.86
N VAL A 335 -73.85 6.66 11.12
CA VAL A 335 -74.78 6.52 12.23
C VAL A 335 -74.85 7.86 12.94
N GLU A 336 -76.03 8.47 12.94
CA GLU A 336 -76.28 9.71 13.66
C GLU A 336 -76.95 9.36 14.99
N ILE A 337 -76.43 9.89 16.08
CA ILE A 337 -76.88 9.54 17.41
C ILE A 337 -77.77 10.64 17.95
N CYS A 338 -78.98 10.28 18.34
CA CYS A 338 -79.91 11.20 19.00
C CYS A 338 -79.85 10.93 20.49
N TRP A 339 -79.37 11.89 21.25
CA TRP A 339 -79.19 11.72 22.69
C TRP A 339 -80.52 11.96 23.38
N VAL A 340 -81.10 10.89 23.92
CA VAL A 340 -82.46 10.90 24.46
C VAL A 340 -82.38 10.66 25.96
N ALA A 341 -83.02 11.52 26.73
CA ALA A 341 -83.10 11.33 28.17
C ALA A 341 -84.03 10.17 28.49
N SER A 342 -83.63 9.34 29.46
CA SER A 342 -84.45 8.20 29.86
C SER A 342 -85.78 8.67 30.43
N ASP A 343 -85.77 9.76 31.21
CA ASP A 343 -86.94 10.16 31.97
C ASP A 343 -88.04 10.75 31.11
N GLY A 344 -87.72 11.20 29.90
CA GLY A 344 -88.76 11.60 28.96
C GLY A 344 -89.49 10.43 28.32
N CYS A 345 -88.98 9.22 28.50
CA CYS A 345 -89.58 8.01 27.91
C CYS A 345 -90.41 7.22 28.93
N GLU A 346 -90.60 7.74 30.13
CA GLU A 346 -91.40 7.03 31.12
C GLU A 346 -92.86 6.93 30.70
N THR A 347 -93.41 8.00 30.16
CA THR A 347 -94.75 7.98 29.59
C THR A 347 -94.70 7.53 28.14
N THR A 348 -95.73 6.79 27.72
CA THR A 348 -95.75 6.28 26.36
C THR A 348 -95.79 7.41 25.35
N SER A 349 -96.54 8.48 25.64
CA SER A 349 -96.54 9.64 24.75
C SER A 349 -95.18 10.31 24.71
N GLY A 350 -94.53 10.46 25.86
CA GLY A 350 -93.20 11.03 25.87
C GLY A 350 -92.19 10.16 25.13
N ALA A 351 -92.28 8.85 25.31
CA ALA A 351 -91.41 7.94 24.57
C ALA A 351 -91.64 8.07 23.06
N ALA A 352 -92.90 8.15 22.65
CA ALA A 352 -93.21 8.32 21.23
C ALA A 352 -92.64 9.63 20.71
N ALA A 353 -92.79 10.72 21.48
CA ALA A 353 -92.27 12.00 21.04
C ALA A 353 -90.76 11.98 20.92
N ALA A 354 -90.07 11.31 21.84
CA ALA A 354 -88.62 11.26 21.80
C ALA A 354 -88.12 10.37 20.66
N LEU A 355 -88.67 9.17 20.54
CA LEU A 355 -88.09 8.12 19.71
C LEU A 355 -88.67 8.05 18.31
N GLY A 356 -89.84 8.64 18.07
CA GLY A 356 -90.57 8.37 16.84
C GLY A 356 -89.79 8.62 15.57
N ASP A 357 -88.79 9.49 15.62
CA ASP A 357 -88.03 9.86 14.43
C ASP A 357 -86.78 9.00 14.21
N VAL A 358 -86.39 8.18 15.18
CA VAL A 358 -85.15 7.42 15.08
C VAL A 358 -85.37 6.10 14.37
N HIS A 359 -84.27 5.43 14.01
CA HIS A 359 -84.31 4.13 13.37
C HIS A 359 -83.81 3.00 14.26
N GLY A 360 -83.45 3.31 15.51
CA GLY A 360 -83.05 2.28 16.44
C GLY A 360 -82.78 2.91 17.80
N VAL A 361 -82.75 2.05 18.81
CA VAL A 361 -82.59 2.47 20.19
C VAL A 361 -81.51 1.63 20.84
N LEU A 362 -80.66 2.27 21.64
CA LEU A 362 -79.59 1.59 22.35
C LEU A 362 -79.73 1.86 23.84
N ILE A 363 -79.71 0.79 24.64
CA ILE A 363 -79.81 0.89 26.09
C ILE A 363 -78.46 0.48 26.68
N PRO A 364 -77.56 1.41 26.97
CA PRO A 364 -76.26 1.04 27.53
C PRO A 364 -76.33 0.74 29.02
N GLY A 365 -75.25 0.13 29.51
CA GLY A 365 -75.14 -0.18 30.93
C GLY A 365 -74.71 1.02 31.75
N GLY A 366 -74.69 0.82 33.06
CA GLY A 366 -74.29 1.87 33.98
C GLY A 366 -74.33 1.39 35.41
N PHE A 367 -73.86 2.26 36.31
CA PHE A 367 -73.84 2.00 37.73
C PHE A 367 -74.28 3.25 38.47
N GLY A 368 -74.85 3.05 39.67
CA GLY A 368 -75.48 4.15 40.35
C GLY A 368 -76.68 4.71 39.60
N ILE A 369 -77.22 3.94 38.67
CA ILE A 369 -78.28 4.42 37.80
C ILE A 369 -79.63 4.32 38.53
N ARG A 370 -80.58 5.13 38.08
CA ARG A 370 -81.93 5.11 38.63
C ARG A 370 -82.92 5.47 37.53
N GLY A 371 -84.19 5.16 37.79
CA GLY A 371 -85.25 5.54 36.87
C GLY A 371 -85.40 4.61 35.69
N ILE A 372 -85.05 3.34 35.83
CA ILE A 372 -85.12 2.41 34.72
C ILE A 372 -86.55 2.20 34.24
N GLU A 373 -87.55 2.71 34.97
CA GLU A 373 -88.91 2.71 34.46
C GLU A 373 -88.96 3.38 33.10
N GLY A 374 -88.24 4.49 32.93
CA GLY A 374 -88.18 5.13 31.62
C GLY A 374 -87.48 4.27 30.58
N LYS A 375 -86.41 3.59 30.96
CA LYS A 375 -85.71 2.71 30.03
C LYS A 375 -86.65 1.60 29.54
N ILE A 376 -87.30 0.91 30.48
CA ILE A 376 -88.22 -0.16 30.10
C ILE A 376 -89.38 0.40 29.30
N GLY A 377 -89.82 1.63 29.60
CA GLY A 377 -90.85 2.25 28.79
C GLY A 377 -90.41 2.45 27.37
N ALA A 378 -89.16 2.87 27.17
CA ALA A 378 -88.61 2.98 25.82
C ALA A 378 -88.56 1.62 25.15
N ILE A 379 -88.21 0.56 25.89
CA ILE A 379 -88.22 -0.78 25.29
C ILE A 379 -89.62 -1.15 24.84
N ALA A 380 -90.61 -0.92 25.70
CA ALA A 380 -91.99 -1.27 25.35
C ALA A 380 -92.43 -0.51 24.10
N TYR A 381 -92.18 0.80 24.07
CA TYR A 381 -92.56 1.57 22.89
C TYR A 381 -91.84 1.07 21.66
N ALA A 382 -90.53 0.84 21.75
CA ALA A 382 -89.76 0.44 20.58
C ALA A 382 -90.24 -0.89 20.05
N ARG A 383 -90.51 -1.85 20.94
CA ARG A 383 -91.02 -3.14 20.49
C ARG A 383 -92.35 -2.98 19.76
N ALA A 384 -93.25 -2.15 20.30
CA ALA A 384 -94.52 -1.94 19.61
C ALA A 384 -94.29 -1.26 18.25
N ARG A 385 -93.38 -0.29 18.20
CA ARG A 385 -93.12 0.46 16.98
C ARG A 385 -92.29 -0.32 15.96
N GLY A 386 -91.56 -1.33 16.40
CA GLY A 386 -90.74 -2.12 15.51
C GLY A 386 -89.31 -1.65 15.36
N LEU A 387 -88.87 -0.71 16.19
CA LEU A 387 -87.50 -0.24 16.10
C LEU A 387 -86.53 -1.29 16.66
N PRO A 388 -85.35 -1.43 16.07
CA PRO A 388 -84.36 -2.35 16.65
C PRO A 388 -83.79 -1.81 17.94
N VAL A 389 -83.42 -2.73 18.84
CA VAL A 389 -82.90 -2.39 20.15
C VAL A 389 -81.67 -3.23 20.43
N LEU A 390 -80.63 -2.60 20.96
CA LEU A 390 -79.47 -3.29 21.52
C LEU A 390 -79.33 -2.87 22.97
N GLY A 391 -79.27 -3.85 23.86
CA GLY A 391 -79.17 -3.57 25.28
C GLY A 391 -77.89 -4.11 25.89
N LEU A 392 -77.11 -3.25 26.51
CA LEU A 392 -75.81 -3.61 27.06
C LEU A 392 -75.90 -3.61 28.58
N CYS A 393 -75.62 -4.77 29.18
CA CYS A 393 -75.69 -4.92 30.63
C CYS A 393 -77.09 -4.55 31.15
N LEU A 394 -77.22 -3.33 31.68
CA LEU A 394 -78.52 -2.87 32.13
C LEU A 394 -79.54 -2.91 31.01
N GLY A 395 -79.11 -2.77 29.76
CA GLY A 395 -80.05 -2.90 28.66
C GLY A 395 -80.66 -4.29 28.61
N LEU A 396 -79.84 -5.32 28.79
CA LEU A 396 -80.37 -6.68 28.88
C LEU A 396 -81.27 -6.83 30.10
N GLN A 397 -80.88 -6.24 31.23
CA GLN A 397 -81.71 -6.37 32.43
C GLN A 397 -83.08 -5.74 32.20
N CYS A 398 -83.12 -4.57 31.58
CA CYS A 398 -84.40 -3.93 31.26
C CYS A 398 -85.19 -4.75 30.25
N ILE A 399 -84.50 -5.38 29.28
CA ILE A 399 -85.20 -6.24 28.33
C ILE A 399 -85.88 -7.39 29.06
N VAL A 400 -85.16 -8.02 29.99
CA VAL A 400 -85.71 -9.13 30.75
C VAL A 400 -86.87 -8.67 31.63
N ILE A 401 -86.77 -7.48 32.20
CA ILE A 401 -87.87 -6.97 33.02
C ILE A 401 -89.08 -6.65 32.15
N GLU A 402 -88.85 -6.13 30.95
CA GLU A 402 -89.94 -5.90 30.02
C GLU A 402 -90.65 -7.21 29.68
N ALA A 403 -89.86 -8.26 29.41
CA ALA A 403 -90.46 -9.56 29.14
C ALA A 403 -91.22 -10.08 30.36
N ALA A 404 -90.68 -9.86 31.56
CA ALA A 404 -91.39 -10.24 32.77
C ALA A 404 -92.76 -9.55 32.83
N ARG A 405 -92.77 -8.25 32.55
CA ARG A 405 -94.02 -7.49 32.51
C ARG A 405 -94.85 -7.81 31.27
N SER A 406 -94.37 -8.68 30.38
CA SER A 406 -95.12 -9.10 29.21
C SER A 406 -95.89 -10.40 29.42
N VAL A 407 -95.62 -11.15 30.49
CA VAL A 407 -96.16 -12.49 30.64
C VAL A 407 -97.00 -12.67 31.90
N GLY A 408 -97.07 -11.66 32.77
CA GLY A 408 -97.80 -11.81 34.01
C GLY A 408 -97.15 -11.14 35.20
N LEU A 409 -95.88 -10.77 35.04
CA LEU A 409 -95.06 -10.33 36.15
C LEU A 409 -95.01 -8.81 36.23
N THR A 410 -96.18 -8.18 36.38
CA THR A 410 -96.28 -6.74 36.23
C THR A 410 -95.46 -5.99 37.28
N ASN A 411 -95.35 -6.54 38.48
CA ASN A 411 -94.57 -5.91 39.54
C ASN A 411 -93.11 -6.40 39.58
N ALA A 412 -92.70 -7.17 38.58
CA ALA A 412 -91.35 -7.70 38.55
C ALA A 412 -90.33 -6.57 38.38
N ASN A 413 -89.14 -6.78 38.95
CA ASN A 413 -88.08 -5.80 38.89
C ASN A 413 -86.77 -6.48 39.27
N SER A 414 -85.69 -5.71 39.25
CA SER A 414 -84.45 -6.14 39.87
C SER A 414 -84.48 -5.86 41.36
N ALA A 415 -83.86 -6.75 42.14
CA ALA A 415 -83.69 -6.48 43.56
C ALA A 415 -82.88 -5.21 43.80
N GLU A 416 -82.13 -4.75 42.79
CA GLU A 416 -81.43 -3.48 42.91
C GLU A 416 -82.40 -2.31 42.89
N PHE A 417 -83.45 -2.41 42.08
CA PHE A 417 -84.32 -1.27 41.80
C PHE A 417 -85.66 -1.33 42.51
N ASP A 418 -86.08 -2.50 43.01
CA ASP A 418 -87.18 -2.60 43.96
C ASP A 418 -86.86 -3.74 44.91
N PRO A 419 -86.18 -3.45 46.02
CA PRO A 419 -85.85 -4.53 46.97
C PRO A 419 -87.08 -5.24 47.53
N ASP A 420 -88.26 -4.64 47.43
CA ASP A 420 -89.50 -5.23 47.92
C ASP A 420 -90.34 -5.85 46.80
N THR A 421 -89.79 -5.99 45.60
CA THR A 421 -90.56 -6.54 44.50
C THR A 421 -90.99 -7.97 44.83
N PRO A 422 -92.24 -8.35 44.54
CA PRO A 422 -92.64 -9.75 44.73
C PRO A 422 -92.07 -10.70 43.69
N ASP A 423 -91.52 -10.19 42.59
CA ASP A 423 -90.96 -11.00 41.52
C ASP A 423 -89.58 -10.47 41.15
N PRO A 424 -88.56 -10.79 41.95
CA PRO A 424 -87.18 -10.39 41.61
C PRO A 424 -86.61 -11.24 40.48
N VAL A 425 -87.06 -10.96 39.26
CA VAL A 425 -86.58 -11.71 38.11
C VAL A 425 -85.11 -11.46 37.85
N ILE A 426 -84.58 -10.31 38.30
CA ILE A 426 -83.14 -10.06 38.35
C ILE A 426 -82.73 -10.01 39.81
N ALA A 427 -81.73 -10.80 40.16
CA ALA A 427 -81.36 -10.97 41.56
C ALA A 427 -79.88 -11.33 41.65
N THR A 428 -79.31 -11.13 42.84
CA THR A 428 -77.95 -11.57 43.11
C THR A 428 -77.91 -13.10 43.16
N MET A 429 -77.06 -13.68 42.33
CA MET A 429 -77.00 -15.14 42.21
C MET A 429 -76.47 -15.76 43.49
N GLY A 443 -73.36 -9.22 48.52
CA GLY A 443 -73.57 -8.57 47.24
C GLY A 443 -73.25 -9.49 46.06
N GLY A 444 -72.89 -10.73 46.36
CA GLY A 444 -72.56 -11.68 45.31
C GLY A 444 -71.20 -11.41 44.69
N THR A 445 -70.76 -12.31 43.81
CA THR A 445 -69.47 -12.16 43.16
C THR A 445 -69.60 -11.16 42.01
N MET A 446 -68.80 -10.10 42.08
CA MET A 446 -68.68 -9.16 40.96
C MET A 446 -67.88 -9.83 39.84
N ARG A 447 -68.54 -10.15 38.74
CA ARG A 447 -67.85 -10.66 37.56
C ARG A 447 -67.16 -9.51 36.85
N LEU A 448 -65.85 -9.60 36.69
CA LEU A 448 -65.07 -8.57 36.02
C LEU A 448 -64.16 -9.20 34.97
N GLY A 449 -64.09 -8.56 33.81
CA GLY A 449 -63.17 -8.97 32.78
C GLY A 449 -63.74 -10.00 31.83
N SER A 450 -62.83 -10.66 31.12
CA SER A 450 -63.20 -11.58 30.06
C SER A 450 -63.67 -12.91 30.65
N TYR A 451 -64.80 -13.41 30.14
CA TYR A 451 -65.30 -14.73 30.45
C TYR A 451 -65.75 -15.41 29.16
N PRO A 452 -65.60 -16.73 29.07
CA PRO A 452 -66.12 -17.44 27.89
C PRO A 452 -67.61 -17.69 28.00
N ALA A 453 -68.26 -17.79 26.85
CA ALA A 453 -69.69 -18.07 26.79
C ALA A 453 -69.97 -18.95 25.57
N VAL A 454 -71.08 -19.69 25.65
CA VAL A 454 -71.54 -20.56 24.58
C VAL A 454 -72.87 -20.03 24.06
N LEU A 455 -73.07 -20.11 22.75
CA LEU A 455 -74.22 -19.52 22.08
C LEU A 455 -75.09 -20.60 21.46
N GLU A 456 -76.39 -20.32 21.41
CA GLU A 456 -77.32 -21.19 20.71
C GLU A 456 -76.95 -21.26 19.23
N PRO A 457 -76.85 -22.45 18.63
CA PRO A 457 -76.53 -22.52 17.20
C PRO A 457 -77.63 -21.85 16.36
N ASP A 458 -77.21 -21.05 15.39
CA ASP A 458 -78.09 -20.30 14.50
C ASP A 458 -78.96 -19.31 15.28
N SER A 459 -78.57 -18.95 16.49
CA SER A 459 -79.15 -17.78 17.13
C SER A 459 -78.75 -16.52 16.38
N VAL A 460 -79.52 -15.46 16.58
CA VAL A 460 -79.15 -14.18 15.98
C VAL A 460 -77.78 -13.75 16.46
N VAL A 461 -77.46 -14.02 17.73
CA VAL A 461 -76.10 -13.76 18.22
C VAL A 461 -75.11 -14.64 17.47
N ALA A 462 -75.42 -15.92 17.29
CA ALA A 462 -74.53 -16.80 16.56
C ALA A 462 -74.46 -16.42 15.08
N GLN A 463 -75.57 -15.95 14.52
CA GLN A 463 -75.54 -15.48 13.13
C GLN A 463 -74.64 -14.27 12.99
N ALA A 464 -74.60 -13.40 14.00
CA ALA A 464 -73.71 -12.25 13.97
C ALA A 464 -72.26 -12.69 14.13
N TYR A 465 -71.94 -13.36 15.23
CA TYR A 465 -70.57 -13.78 15.49
C TYR A 465 -70.09 -14.86 14.52
N GLN A 466 -71.01 -15.60 13.91
CA GLN A 466 -70.65 -16.72 13.05
C GLN A 466 -69.77 -17.73 13.79
N THR A 467 -70.11 -17.97 15.06
CA THR A 467 -69.43 -18.98 15.85
C THR A 467 -70.31 -19.34 17.04
N THR A 468 -70.03 -20.49 17.63
CA THR A 468 -70.74 -20.94 18.82
C THR A 468 -70.04 -20.58 20.12
N GLN A 469 -68.80 -20.06 20.07
CA GLN A 469 -68.05 -19.73 21.26
C GLN A 469 -67.44 -18.35 21.14
N VAL A 470 -67.56 -17.57 22.22
CA VAL A 470 -67.08 -16.19 22.26
C VAL A 470 -66.59 -15.90 23.67
N SER A 471 -65.86 -14.79 23.82
CA SER A 471 -65.49 -14.26 25.11
C SER A 471 -65.72 -12.75 25.11
N GLU A 472 -66.27 -12.25 26.22
CA GLU A 472 -66.63 -10.84 26.33
C GLU A 472 -66.26 -10.32 27.71
N ARG A 473 -66.05 -9.01 27.80
CA ARG A 473 -65.68 -8.37 29.05
C ARG A 473 -66.94 -8.06 29.84
N HIS A 474 -66.94 -8.42 31.12
CA HIS A 474 -68.09 -8.29 31.99
C HIS A 474 -67.79 -7.34 33.13
N ARG A 475 -68.80 -6.59 33.55
CA ARG A 475 -68.72 -5.81 34.77
C ARG A 475 -70.11 -5.66 35.38
N HIS A 476 -70.47 -6.59 36.26
CA HIS A 476 -71.79 -6.58 36.88
C HIS A 476 -71.82 -7.65 37.96
N ARG A 477 -72.80 -7.52 38.86
CA ARG A 477 -72.98 -8.48 39.95
C ARG A 477 -74.40 -9.04 40.06
N TYR A 478 -75.40 -8.41 39.44
CA TYR A 478 -76.74 -8.97 39.39
C TYR A 478 -76.88 -9.84 38.14
N GLU A 479 -77.75 -10.85 38.24
CA GLU A 479 -77.94 -11.81 37.17
C GLU A 479 -79.42 -12.09 36.99
N VAL A 480 -79.73 -12.72 35.85
CA VAL A 480 -81.08 -13.21 35.62
C VAL A 480 -81.38 -14.32 36.61
N ASN A 481 -82.51 -14.21 37.30
CA ASN A 481 -82.91 -15.20 38.28
C ASN A 481 -83.37 -16.46 37.56
N ASN A 482 -82.63 -17.56 37.78
CA ASN A 482 -82.92 -18.80 37.06
C ASN A 482 -84.31 -19.34 37.36
N ALA A 483 -84.94 -18.88 38.45
CA ALA A 483 -86.28 -19.35 38.79
C ALA A 483 -87.34 -18.92 37.77
N TYR A 484 -87.06 -17.92 36.95
CA TYR A 484 -88.05 -17.33 36.06
C TYR A 484 -87.81 -17.61 34.58
N ARG A 485 -86.85 -18.46 34.23
CA ARG A 485 -86.58 -18.72 32.82
C ARG A 485 -87.81 -19.27 32.11
N ASP A 486 -88.41 -20.31 32.67
CA ASP A 486 -89.55 -20.95 32.02
C ASP A 486 -90.76 -20.03 31.98
N LYS A 487 -90.91 -19.16 32.99
CA LYS A 487 -92.02 -18.21 32.97
C LYS A 487 -91.83 -17.17 31.88
N ILE A 488 -90.65 -16.58 31.80
CA ILE A 488 -90.44 -15.47 30.86
C ILE A 488 -90.23 -15.97 29.44
N ALA A 489 -89.85 -17.23 29.25
CA ALA A 489 -89.76 -17.78 27.90
C ALA A 489 -91.10 -17.70 27.18
N GLU A 490 -92.20 -17.70 27.92
CA GLU A 490 -93.51 -17.56 27.29
C GLU A 490 -93.68 -16.20 26.62
N SER A 491 -92.83 -15.23 26.94
CA SER A 491 -92.80 -13.99 26.17
C SER A 491 -92.32 -14.22 24.74
N GLY A 492 -91.63 -15.33 24.49
CA GLY A 492 -90.93 -15.55 23.25
C GLY A 492 -89.44 -15.30 23.34
N LEU A 493 -88.97 -14.77 24.47
CA LEU A 493 -87.55 -14.50 24.65
C LEU A 493 -86.75 -15.79 24.73
N ARG A 494 -85.62 -15.82 24.03
CA ARG A 494 -84.71 -16.96 24.06
C ARG A 494 -83.47 -16.58 24.86
N PHE A 495 -83.05 -17.47 25.76
CA PHE A 495 -81.75 -17.36 26.42
C PHE A 495 -80.70 -17.94 25.46
N SER A 496 -80.45 -17.18 24.39
CA SER A 496 -79.67 -17.67 23.25
C SER A 496 -78.17 -17.71 23.51
N GLY A 497 -77.69 -17.29 24.67
CA GLY A 497 -76.29 -17.45 25.00
C GLY A 497 -76.11 -17.56 26.49
N THR A 498 -75.15 -18.39 26.91
CA THR A 498 -74.96 -18.69 28.32
C THR A 498 -73.49 -18.91 28.62
N SER A 499 -73.19 -19.03 29.91
CA SER A 499 -71.91 -19.50 30.41
C SER A 499 -71.71 -20.93 29.94
N PRO A 500 -70.47 -21.43 29.88
CA PRO A 500 -70.26 -22.80 29.37
C PRO A 500 -71.05 -23.86 30.11
N ASP A 501 -71.23 -23.71 31.42
CA ASP A 501 -72.06 -24.62 32.18
C ASP A 501 -73.54 -24.31 32.02
N GLY A 502 -73.90 -23.23 31.33
CA GLY A 502 -75.28 -22.83 31.16
C GLY A 502 -75.90 -22.19 32.38
N HIS A 503 -75.14 -22.02 33.47
CA HIS A 503 -75.73 -21.53 34.70
C HIS A 503 -76.14 -20.07 34.59
N LEU A 504 -75.39 -19.27 33.84
CA LEU A 504 -75.61 -17.83 33.75
C LEU A 504 -76.08 -17.46 32.35
N VAL A 505 -77.12 -16.64 32.27
CA VAL A 505 -77.58 -16.09 31.01
C VAL A 505 -76.65 -14.96 30.59
N GLU A 506 -76.15 -15.01 29.36
CA GLU A 506 -75.25 -13.99 28.83
C GLU A 506 -75.83 -13.20 27.68
N PHE A 507 -76.80 -13.75 26.96
CA PHE A 507 -77.44 -13.05 25.85
C PHE A 507 -78.92 -13.41 25.82
N VAL A 508 -79.74 -12.47 25.36
CA VAL A 508 -81.16 -12.71 25.11
C VAL A 508 -81.55 -12.06 23.80
N GLU A 509 -82.53 -12.65 23.12
CA GLU A 509 -82.99 -12.11 21.85
C GLU A 509 -84.42 -12.59 21.59
N TYR A 510 -85.11 -11.86 20.73
CA TYR A 510 -86.37 -12.36 20.18
C TYR A 510 -86.13 -13.03 18.84
N PRO A 511 -86.91 -14.04 18.48
CA PRO A 511 -86.77 -14.61 17.14
C PRO A 511 -87.05 -13.57 16.08
N PRO A 512 -86.40 -13.66 14.92
CA PRO A 512 -86.57 -12.61 13.91
C PRO A 512 -88.02 -12.37 13.50
N ASP A 513 -88.87 -13.40 13.53
CA ASP A 513 -90.27 -13.22 13.16
C ASP A 513 -91.08 -12.53 14.25
N ARG A 514 -90.61 -12.53 15.50
CA ARG A 514 -91.28 -11.74 16.53
C ARG A 514 -90.91 -10.27 16.38
N HIS A 515 -89.61 -9.98 16.31
CA HIS A 515 -89.10 -8.66 15.96
C HIS A 515 -87.82 -8.88 15.16
N PRO A 516 -87.59 -8.09 14.11
CA PRO A 516 -86.44 -8.37 13.24
C PRO A 516 -85.10 -8.38 13.97
N PHE A 517 -84.91 -7.52 14.96
CA PHE A 517 -83.70 -7.59 15.79
C PHE A 517 -83.96 -6.86 17.10
N VAL A 518 -83.98 -7.60 18.20
CA VAL A 518 -83.97 -7.04 19.54
C VAL A 518 -83.10 -7.96 20.38
N VAL A 519 -81.91 -7.49 20.76
CA VAL A 519 -80.91 -8.32 21.42
C VAL A 519 -80.35 -7.56 22.61
N GLY A 520 -80.04 -8.30 23.67
CA GLY A 520 -79.32 -7.74 24.80
C GLY A 520 -78.21 -8.66 25.23
N THR A 521 -77.15 -8.07 25.78
CA THR A 521 -76.06 -8.84 26.35
C THR A 521 -75.60 -8.18 27.64
N GLN A 522 -75.23 -9.02 28.62
CA GLN A 522 -74.72 -8.51 29.87
C GLN A 522 -73.34 -7.89 29.74
N ALA A 523 -72.60 -8.25 28.70
CA ALA A 523 -71.21 -7.82 28.58
C ALA A 523 -71.12 -6.46 27.89
N HIS A 524 -69.90 -5.94 27.85
CA HIS A 524 -69.60 -4.66 27.21
C HIS A 524 -68.78 -4.90 25.95
N PRO A 525 -69.41 -5.33 24.86
CA PRO A 525 -68.64 -5.61 23.63
C PRO A 525 -67.94 -4.38 23.08
N GLU A 526 -68.36 -3.18 23.46
CA GLU A 526 -67.69 -1.97 22.97
C GLU A 526 -66.26 -1.87 23.47
N LEU A 527 -65.86 -2.67 24.45
CA LEU A 527 -64.49 -2.67 24.94
C LEU A 527 -63.59 -3.63 24.18
N LYS A 528 -64.12 -4.40 23.24
CA LYS A 528 -63.31 -5.21 22.34
C LYS A 528 -63.34 -4.68 20.91
N SER A 529 -64.22 -3.74 20.60
CA SER A 529 -64.26 -3.14 19.28
C SER A 529 -63.03 -2.26 19.04
N ARG A 530 -62.63 -2.17 17.77
CA ARG A 530 -61.67 -1.20 17.30
C ARG A 530 -62.18 -0.64 15.99
N PRO A 531 -61.83 0.60 15.65
CA PRO A 531 -62.36 1.19 14.41
C PRO A 531 -61.98 0.40 13.17
N THR A 532 -60.84 -0.29 13.19
CA THR A 532 -60.38 -1.12 12.08
C THR A 532 -60.70 -2.59 12.29
N ARG A 533 -61.55 -2.92 13.25
CA ARG A 533 -61.92 -4.29 13.56
C ARG A 533 -63.28 -4.28 14.24
N PRO A 534 -64.34 -3.83 13.56
CA PRO A 534 -65.61 -3.59 14.24
C PRO A 534 -66.16 -4.85 14.89
N HIS A 535 -66.89 -4.66 15.98
CA HIS A 535 -67.43 -5.77 16.75
C HIS A 535 -68.69 -6.33 16.06
N PRO A 536 -68.84 -7.66 16.03
CA PRO A 536 -69.99 -8.24 15.30
C PRO A 536 -71.35 -7.71 15.72
N LEU A 537 -71.61 -7.56 17.02
CA LEU A 537 -72.95 -7.20 17.47
C LEU A 537 -73.36 -5.83 16.99
N PHE A 538 -72.44 -4.86 16.97
CA PHE A 538 -72.81 -3.53 16.50
C PHE A 538 -72.94 -3.50 14.99
N VAL A 539 -72.16 -4.29 14.27
CA VAL A 539 -72.39 -4.46 12.84
C VAL A 539 -73.82 -4.97 12.63
N ALA A 540 -74.22 -5.97 13.41
CA ALA A 540 -75.57 -6.53 13.29
C ALA A 540 -76.64 -5.49 13.63
N PHE A 541 -76.45 -4.76 14.73
CA PHE A 541 -77.43 -3.78 15.16
C PHE A 541 -77.60 -2.66 14.13
N VAL A 542 -76.48 -2.16 13.60
CA VAL A 542 -76.57 -1.12 12.59
C VAL A 542 -77.16 -1.66 11.30
N GLY A 543 -76.86 -2.92 10.96
CA GLY A 543 -77.50 -3.52 9.80
C GLY A 543 -79.01 -3.64 9.96
N ALA A 544 -79.45 -3.99 11.17
CA ALA A 544 -80.89 -4.05 11.44
C ALA A 544 -81.52 -2.67 11.36
N ALA A 545 -80.83 -1.65 11.87
CA ALA A 545 -81.34 -0.29 11.77
C ALA A 545 -81.44 0.14 10.30
N ILE A 546 -80.44 -0.22 9.51
CA ILE A 546 -80.46 0.07 8.08
C ILE A 546 -81.64 -0.63 7.42
N ASP A 547 -81.87 -1.90 7.77
CA ASP A 547 -82.99 -2.64 7.20
C ASP A 547 -84.32 -2.00 7.58
N TYR A 548 -84.44 -1.53 8.82
CA TYR A 548 -85.65 -0.82 9.23
C TYR A 548 -85.84 0.43 8.41
N LYS A 549 -84.79 1.25 8.29
CA LYS A 549 -84.91 2.50 7.52
C LYS A 549 -85.30 2.21 6.08
N ALA A 550 -84.68 1.19 5.47
CA ALA A 550 -84.98 0.87 4.08
C ALA A 550 -86.39 0.33 3.92
N GLY A 551 -86.86 -0.49 4.87
CA GLY A 551 -88.18 -1.07 4.76
C GLY A 551 -89.30 -0.14 5.21
N GLU A 552 -88.99 0.78 6.12
CA GLU A 552 -90.00 1.68 6.65
C GLU A 552 -90.50 2.63 5.57
N MET B 1 1.13 22.40 25.31
CA MET B 1 2.10 23.53 25.24
C MET B 1 1.38 24.85 25.46
N ARG B 2 2.15 25.93 25.59
CA ARG B 2 1.58 27.21 26.00
C ARG B 2 0.54 27.71 25.00
N LYS B 3 0.65 27.32 23.74
CA LYS B 3 -0.25 27.78 22.69
C LYS B 3 -1.29 26.72 22.39
N HIS B 4 -2.56 27.12 22.44
CA HIS B 4 -3.69 26.22 22.25
C HIS B 4 -4.61 26.74 21.16
N PRO B 5 -5.43 25.87 20.56
CA PRO B 5 -6.42 26.33 19.58
C PRO B 5 -7.45 27.28 20.20
N GLN B 6 -8.17 27.97 19.32
CA GLN B 6 -9.24 28.85 19.77
C GLN B 6 -10.44 28.05 20.25
N THR B 7 -11.10 28.57 21.28
CA THR B 7 -12.37 28.03 21.76
C THR B 7 -13.26 29.18 22.19
N ALA B 8 -14.56 28.90 22.28
CA ALA B 8 -15.50 29.94 22.63
C ALA B 8 -15.28 30.42 24.06
N THR B 9 -15.69 31.65 24.34
CA THR B 9 -15.52 32.22 25.66
C THR B 9 -16.51 31.59 26.63
N LYS B 10 -15.99 31.05 27.73
CA LYS B 10 -16.81 30.35 28.71
C LYS B 10 -17.33 31.32 29.75
N HIS B 11 -18.58 31.14 30.14
CA HIS B 11 -19.24 31.98 31.13
C HIS B 11 -19.45 31.17 32.40
N LEU B 12 -19.01 31.72 33.54
CA LEU B 12 -19.16 31.09 34.84
C LEU B 12 -19.92 32.05 35.74
N PHE B 13 -21.13 31.68 36.15
CA PHE B 13 -21.99 32.53 36.95
C PHE B 13 -21.90 32.11 38.42
N VAL B 14 -21.68 33.08 39.30
CA VAL B 14 -21.63 32.83 40.74
C VAL B 14 -22.85 33.50 41.37
N SER B 15 -23.62 32.71 42.11
CA SER B 15 -24.84 33.16 42.74
C SER B 15 -24.83 32.76 44.20
N GLY B 16 -25.67 33.41 44.99
CA GLY B 16 -25.66 33.22 46.43
C GLY B 16 -27.02 32.81 46.96
N GLY B 17 -27.00 32.10 48.09
CA GLY B 17 -28.22 31.64 48.72
C GLY B 17 -28.18 31.86 50.22
N VAL B 18 -29.36 31.76 50.84
CA VAL B 18 -29.53 31.90 52.28
C VAL B 18 -29.32 33.34 52.72
N ALA B 19 -28.13 33.90 52.45
CA ALA B 19 -27.80 35.23 52.94
C ALA B 19 -26.74 35.85 52.07
N SER B 20 -26.53 37.14 52.25
CA SER B 20 -25.39 37.83 51.69
C SER B 20 -24.20 37.73 52.64
N SER B 21 -23.08 38.32 52.26
CA SER B 21 -21.85 38.27 53.04
C SER B 21 -21.36 36.85 53.26
N LEU B 22 -21.68 35.93 52.34
CA LEU B 22 -21.18 34.57 52.41
C LEU B 22 -19.78 34.42 51.85
N GLY B 23 -19.15 35.50 51.41
CA GLY B 23 -17.88 35.37 50.72
C GLY B 23 -18.06 34.90 49.30
N LYS B 24 -19.20 35.21 48.69
CA LYS B 24 -19.42 34.87 47.29
C LYS B 24 -18.42 35.60 46.39
N GLY B 25 -18.19 36.88 46.63
CA GLY B 25 -17.24 37.62 45.82
C GLY B 25 -15.81 37.16 46.03
N LEU B 26 -15.45 36.86 47.27
CA LEU B 26 -14.11 36.34 47.53
C LEU B 26 -13.90 34.98 46.90
N THR B 27 -14.91 34.12 46.93
CA THR B 27 -14.81 32.83 46.25
C THR B 27 -14.65 33.01 44.75
N ALA B 28 -15.41 33.92 44.16
CA ALA B 28 -15.25 34.18 42.73
C ALA B 28 -13.85 34.69 42.43
N SER B 29 -13.33 35.60 43.25
CA SER B 29 -11.98 36.12 43.04
C SER B 29 -10.94 35.03 43.19
N SER B 30 -11.09 34.14 44.16
CA SER B 30 -10.13 33.06 44.34
C SER B 30 -10.17 32.09 43.18
N LEU B 31 -11.36 31.79 42.67
CA LEU B 31 -11.45 30.94 41.49
C LEU B 31 -10.83 31.62 40.28
N GLY B 32 -11.01 32.94 40.16
CA GLY B 32 -10.32 33.66 39.12
C GLY B 32 -8.82 33.57 39.25
N GLN B 33 -8.33 33.63 40.49
CA GLN B 33 -6.90 33.47 40.74
C GLN B 33 -6.41 32.13 40.27
N LEU B 34 -7.10 31.07 40.66
CA LEU B 34 -6.66 29.73 40.28
C LEU B 34 -6.69 29.56 38.77
N LEU B 35 -7.77 30.00 38.12
CA LEU B 35 -7.85 29.85 36.68
C LEU B 35 -6.80 30.69 35.96
N THR B 36 -6.42 31.83 36.53
CA THR B 36 -5.32 32.61 35.96
C THR B 36 -4.01 31.84 36.07
N ALA B 37 -3.74 31.27 37.24
CA ALA B 37 -2.50 30.53 37.42
C ALA B 37 -2.44 29.32 36.50
N ARG B 38 -3.58 28.71 36.18
CA ARG B 38 -3.61 27.64 35.20
C ARG B 38 -3.48 28.16 33.78
N GLY B 39 -3.28 29.46 33.59
CA GLY B 39 -2.93 30.01 32.31
C GLY B 39 -4.05 30.59 31.49
N LEU B 40 -5.26 30.67 32.03
CA LEU B 40 -6.40 31.19 31.29
C LEU B 40 -6.52 32.69 31.49
N HIS B 41 -7.02 33.38 30.46
CA HIS B 41 -7.27 34.82 30.55
C HIS B 41 -8.64 35.03 31.15
N VAL B 42 -8.69 35.12 32.47
CA VAL B 42 -9.92 35.35 33.20
C VAL B 42 -10.24 36.84 33.20
N THR B 43 -11.51 37.16 32.96
CA THR B 43 -12.05 38.49 33.21
C THR B 43 -13.27 38.34 34.10
N MET B 44 -13.63 39.42 34.80
CA MET B 44 -14.64 39.34 35.83
C MET B 44 -15.62 40.50 35.72
N GLN B 45 -16.80 40.30 36.30
CA GLN B 45 -17.91 41.24 36.20
C GLN B 45 -18.82 41.03 37.39
N LYS B 46 -19.50 42.09 37.83
CA LYS B 46 -20.51 41.98 38.87
C LYS B 46 -21.82 42.59 38.40
N LEU B 47 -22.92 41.97 38.81
CA LEU B 47 -24.26 42.49 38.57
C LEU B 47 -24.89 42.84 39.91
N ASP B 48 -25.27 44.12 40.08
CA ASP B 48 -25.82 44.59 41.35
C ASP B 48 -27.32 44.77 41.23
N PRO B 49 -28.14 44.04 42.00
CA PRO B 49 -29.60 44.17 41.87
C PRO B 49 -30.17 45.50 42.32
N TYR B 50 -29.44 46.33 43.06
CA TYR B 50 -30.05 47.54 43.57
C TYR B 50 -30.23 48.57 42.46
N LEU B 51 -31.16 49.49 42.69
CA LEU B 51 -31.55 50.48 41.68
C LEU B 51 -30.66 51.71 41.66
N ASN B 52 -29.79 51.90 42.66
CA ASN B 52 -28.87 53.02 42.62
C ASN B 52 -28.02 52.94 41.35
N VAL B 53 -27.95 54.05 40.61
CA VAL B 53 -27.20 54.04 39.37
C VAL B 53 -25.72 53.82 39.66
N ASP B 54 -25.26 54.16 40.86
CA ASP B 54 -23.94 53.81 41.34
C ASP B 54 -23.91 53.99 42.85
N PRO B 55 -23.07 53.23 43.55
CA PRO B 55 -23.13 53.25 45.02
C PRO B 55 -22.62 54.54 45.65
N GLY B 56 -22.25 55.55 44.86
CA GLY B 56 -21.74 56.78 45.45
C GLY B 56 -22.75 57.43 46.38
N THR B 57 -24.04 57.24 46.13
CA THR B 57 -25.07 57.83 46.97
C THR B 57 -25.26 57.07 48.28
N MET B 58 -24.69 55.86 48.39
CA MET B 58 -24.99 55.04 49.55
C MET B 58 -24.17 55.47 50.77
N ASN B 59 -24.47 54.82 51.90
CA ASN B 59 -23.80 55.04 53.17
C ASN B 59 -22.99 53.80 53.52
N PRO B 60 -21.73 53.94 53.94
CA PRO B 60 -20.89 52.75 54.18
C PRO B 60 -21.48 51.75 55.16
N PHE B 61 -22.53 52.08 55.89
CA PHE B 61 -23.18 51.07 56.73
C PHE B 61 -23.98 50.07 55.91
N GLN B 62 -24.29 50.39 54.65
CA GLN B 62 -25.10 49.49 53.83
C GLN B 62 -24.30 48.28 53.37
N HIS B 63 -23.22 48.53 52.62
CA HIS B 63 -22.47 47.44 51.99
C HIS B 63 -20.96 47.66 52.07
N GLY B 64 -20.49 48.47 53.01
CA GLY B 64 -19.07 48.75 53.09
C GLY B 64 -18.63 49.88 52.18
N GLU B 65 -17.31 50.00 52.05
CA GLU B 65 -16.71 51.14 51.37
C GLU B 65 -16.98 51.12 49.87
N VAL B 66 -16.88 52.30 49.27
CA VAL B 66 -16.97 52.45 47.82
C VAL B 66 -15.59 52.26 47.20
N PHE B 67 -15.58 51.98 45.90
CA PHE B 67 -14.36 51.75 45.14
C PHE B 67 -14.40 52.61 43.89
N VAL B 68 -13.23 52.85 43.30
CA VAL B 68 -13.11 53.75 42.15
C VAL B 68 -12.20 53.13 41.10
N THR B 69 -12.57 53.30 39.83
CA THR B 69 -11.83 52.73 38.72
C THR B 69 -10.97 53.79 38.05
N GLU B 70 -10.13 53.34 37.11
CA GLU B 70 -9.24 54.25 36.40
C GLU B 70 -9.96 55.08 35.37
N ASP B 71 -10.96 54.51 34.67
CA ASP B 71 -11.82 55.35 33.86
C ASP B 71 -12.77 56.20 34.70
N GLY B 72 -12.71 56.06 36.02
CA GLY B 72 -13.39 56.96 36.92
C GLY B 72 -14.80 56.56 37.33
N ALA B 73 -15.23 55.34 37.01
CA ALA B 73 -16.52 54.88 37.49
C ALA B 73 -16.45 54.55 38.98
N GLU B 74 -17.59 54.64 39.63
CA GLU B 74 -17.70 54.38 41.06
C GLU B 74 -18.51 53.10 41.26
N THR B 75 -17.92 52.12 41.92
CA THR B 75 -18.39 50.74 41.83
C THR B 75 -18.44 50.09 43.20
N ASP B 76 -19.02 48.89 43.22
CA ASP B 76 -19.19 48.12 44.44
C ASP B 76 -17.84 47.68 45.00
N LEU B 77 -17.88 47.19 46.24
CA LEU B 77 -16.68 46.73 46.93
C LEU B 77 -16.04 45.52 46.25
N ASP B 78 -16.85 44.69 45.60
CA ASP B 78 -16.33 43.43 45.07
C ASP B 78 -15.32 43.64 43.94
N VAL B 79 -15.46 44.72 43.18
CA VAL B 79 -14.46 45.01 42.16
C VAL B 79 -13.10 45.17 42.80
N GLY B 80 -13.06 45.57 44.07
CA GLY B 80 -11.79 45.62 44.78
C GLY B 80 -11.18 44.25 45.01
N HIS B 81 -12.00 43.26 45.36
CA HIS B 81 -11.49 41.90 45.44
C HIS B 81 -10.97 41.44 44.08
N TYR B 82 -11.70 41.76 43.03
CA TYR B 82 -11.26 41.35 41.70
C TYR B 82 -9.89 41.94 41.38
N GLU B 83 -9.71 43.23 41.64
CA GLU B 83 -8.40 43.85 41.45
C GLU B 83 -7.34 43.18 42.31
N ARG B 84 -7.60 43.06 43.61
CA ARG B 84 -6.57 42.58 44.53
C ARG B 84 -6.13 41.16 44.22
N PHE B 85 -7.02 40.33 43.64
CA PHE B 85 -6.64 38.95 43.38
C PHE B 85 -6.18 38.71 41.94
N LEU B 86 -6.71 39.43 40.96
CA LEU B 86 -6.21 39.32 39.59
C LEU B 86 -5.07 40.27 39.30
N ASP B 87 -4.81 41.22 40.19
CA ASP B 87 -3.83 42.28 39.94
C ASP B 87 -4.05 42.91 38.57
N ARG B 88 -5.22 43.52 38.40
CA ARG B 88 -5.60 44.14 37.15
C ARG B 88 -6.37 45.42 37.45
N ASN B 89 -6.47 46.28 36.44
CA ASN B 89 -7.35 47.42 36.47
C ASN B 89 -8.55 47.14 35.59
N LEU B 90 -9.75 47.32 36.14
CA LEU B 90 -10.96 46.88 35.48
C LEU B 90 -11.76 48.07 34.98
N PRO B 91 -12.46 47.93 33.86
CA PRO B 91 -13.27 49.04 33.36
C PRO B 91 -14.48 49.29 34.24
N GLY B 92 -15.06 50.49 34.09
CA GLY B 92 -16.32 50.76 34.74
C GLY B 92 -17.44 49.86 34.25
N SER B 93 -17.26 49.27 33.08
CA SER B 93 -18.25 48.32 32.56
C SER B 93 -18.33 47.06 33.43
N ALA B 94 -17.39 46.85 34.33
CA ALA B 94 -17.36 45.66 35.16
C ALA B 94 -18.43 45.66 36.25
N ASN B 95 -19.24 46.70 36.37
CA ASN B 95 -20.29 46.76 37.38
C ASN B 95 -21.59 47.24 36.72
N VAL B 96 -22.49 46.30 36.45
CA VAL B 96 -23.83 46.63 35.98
C VAL B 96 -24.77 46.76 37.17
N THR B 97 -25.82 47.56 37.01
CA THR B 97 -26.83 47.73 38.03
C THR B 97 -28.20 47.79 37.38
N THR B 98 -29.22 47.44 38.16
CA THR B 98 -30.60 47.59 37.71
C THR B 98 -30.91 49.05 37.37
N GLY B 99 -30.35 49.97 38.14
CA GLY B 99 -30.56 51.38 37.84
C GLY B 99 -30.12 51.72 36.44
N GLN B 100 -28.91 51.30 36.07
CA GLN B 100 -28.39 51.59 34.74
C GLN B 100 -29.23 50.91 33.66
N VAL B 101 -29.62 49.66 33.87
CA VAL B 101 -30.36 48.93 32.85
C VAL B 101 -31.72 49.59 32.61
N TYR B 102 -32.44 49.91 33.67
CA TYR B 102 -33.76 50.51 33.51
C TYR B 102 -33.64 51.90 32.90
N SER B 103 -32.68 52.71 33.35
CA SER B 103 -32.52 54.02 32.73
C SER B 103 -32.23 53.88 31.25
N THR B 104 -31.35 52.96 30.88
CA THR B 104 -31.01 52.78 29.47
C THR B 104 -32.24 52.37 28.65
N VAL B 105 -33.01 51.41 29.15
CA VAL B 105 -34.14 50.93 28.36
C VAL B 105 -35.23 51.99 28.27
N ILE B 106 -35.47 52.72 29.35
CA ILE B 106 -36.47 53.78 29.32
C ILE B 106 -36.06 54.87 28.33
N ALA B 107 -34.78 55.25 28.37
CA ALA B 107 -34.30 56.25 27.42
C ALA B 107 -34.48 55.76 25.99
N LYS B 108 -34.07 54.52 25.71
CA LYS B 108 -34.26 53.98 24.37
C LYS B 108 -35.72 53.97 23.97
N GLU B 109 -36.63 53.76 24.93
CA GLU B 109 -38.06 53.78 24.61
C GLU B 109 -38.50 55.20 24.23
N ARG B 110 -38.08 56.20 25.02
CA ARG B 110 -38.46 57.57 24.71
C ARG B 110 -38.01 57.97 23.32
N ARG B 111 -36.93 57.39 22.83
CA ARG B 111 -36.44 57.68 21.48
C ARG B 111 -37.09 56.82 20.42
N GLY B 112 -38.02 55.95 20.79
CA GLY B 112 -38.75 55.15 19.83
C GLY B 112 -37.97 54.00 19.22
N GLU B 113 -36.85 53.60 19.83
CA GLU B 113 -35.97 52.63 19.21
C GLU B 113 -36.56 51.22 19.17
N TYR B 114 -37.68 50.96 19.85
CA TYR B 114 -38.35 49.67 19.79
C TYR B 114 -39.50 49.66 18.80
N LEU B 115 -39.62 50.69 17.97
CA LEU B 115 -40.50 50.67 16.81
C LEU B 115 -41.94 50.33 17.20
N GLY B 116 -42.40 50.90 18.30
CA GLY B 116 -43.79 50.79 18.69
C GLY B 116 -44.17 49.55 19.47
N ASP B 117 -43.21 48.68 19.79
CA ASP B 117 -43.54 47.51 20.59
C ASP B 117 -43.84 47.92 22.02
N THR B 118 -44.53 47.02 22.73
CA THR B 118 -44.68 47.17 24.17
C THR B 118 -43.37 46.80 24.85
N VAL B 119 -42.81 47.72 25.62
CA VAL B 119 -41.58 47.45 26.35
C VAL B 119 -41.92 46.64 27.59
N GLN B 120 -41.21 45.52 27.77
CA GLN B 120 -41.53 44.55 28.81
C GLN B 120 -40.27 44.18 29.55
N VAL B 121 -40.44 43.61 30.75
CA VAL B 121 -39.30 43.11 31.50
C VAL B 121 -38.67 41.93 30.78
N ILE B 122 -39.48 41.12 30.12
CA ILE B 122 -39.02 40.14 29.14
C ILE B 122 -39.74 40.45 27.84
N PRO B 123 -39.04 40.61 26.71
CA PRO B 123 -37.60 40.41 26.48
C PRO B 123 -36.67 41.59 26.69
N HIS B 124 -37.16 42.83 26.80
CA HIS B 124 -36.29 43.98 26.56
C HIS B 124 -35.25 44.16 27.67
N ILE B 125 -35.67 44.10 28.94
CA ILE B 125 -34.71 44.30 30.02
C ILE B 125 -33.72 43.15 30.08
N THR B 126 -34.20 41.91 29.96
CA THR B 126 -33.31 40.77 29.96
C THR B 126 -32.39 40.80 28.75
N ASP B 127 -32.84 41.35 27.63
CA ASP B 127 -31.99 41.49 26.46
C ASP B 127 -30.88 42.50 26.71
N GLU B 128 -31.22 43.62 27.36
CA GLU B 128 -30.17 44.58 27.69
C GLU B 128 -29.15 43.95 28.63
N ILE B 129 -29.60 43.18 29.61
CA ILE B 129 -28.66 42.55 30.54
C ILE B 129 -27.81 41.50 29.83
N LYS B 130 -28.43 40.70 28.96
CA LYS B 130 -27.68 39.70 28.22
C LYS B 130 -26.66 40.36 27.29
N ARG B 131 -27.03 41.49 26.69
CA ARG B 131 -26.09 42.26 25.89
C ARG B 131 -24.91 42.73 26.73
N ARG B 132 -25.19 43.26 27.92
CA ARG B 132 -24.12 43.74 28.78
C ARG B 132 -23.24 42.60 29.29
N ILE B 133 -23.78 41.39 29.42
CA ILE B 133 -22.98 40.24 29.82
C ILE B 133 -22.08 39.79 28.67
N LEU B 134 -22.66 39.62 27.48
CA LEU B 134 -21.90 39.14 26.33
C LEU B 134 -20.91 40.17 25.80
N ALA B 135 -21.09 41.45 26.13
CA ALA B 135 -20.11 42.46 25.75
C ALA B 135 -18.75 42.19 26.40
N MET B 136 -18.74 41.55 27.56
CA MET B 136 -17.47 41.19 28.18
C MET B 136 -16.66 40.23 27.33
N ALA B 137 -17.33 39.44 26.49
CA ALA B 137 -16.64 38.44 25.69
C ALA B 137 -15.90 39.06 24.50
N GLN B 138 -16.22 40.29 24.13
CA GLN B 138 -15.62 40.89 22.94
C GLN B 138 -14.11 41.06 23.13
N PRO B 139 -13.33 41.00 22.06
CA PRO B 139 -11.89 41.22 22.19
C PRO B 139 -11.59 42.60 22.76
N ASP B 140 -10.60 42.65 23.65
CA ASP B 140 -10.22 43.90 24.30
C ASP B 140 -9.58 44.85 23.28
N ALA B 141 -9.13 46.02 23.76
CA ALA B 141 -8.55 47.02 22.86
C ALA B 141 -7.31 46.50 22.15
N ASP B 142 -6.65 45.48 22.69
CA ASP B 142 -5.45 44.91 22.09
C ASP B 142 -5.72 43.55 21.45
N GLY B 143 -6.98 43.13 21.38
CA GLY B 143 -7.34 41.88 20.73
C GLY B 143 -7.28 40.66 21.62
N ASN B 144 -6.96 40.81 22.91
CA ASN B 144 -6.91 39.67 23.80
C ASN B 144 -8.32 39.31 24.23
N ARG B 145 -8.74 38.13 23.88
CA ARG B 145 -10.10 37.68 24.09
C ARG B 145 -10.16 36.81 25.35
N PRO B 146 -11.00 37.14 26.32
CA PRO B 146 -10.98 36.39 27.58
C PRO B 146 -11.36 34.93 27.35
N ASP B 147 -10.70 34.04 28.10
CA ASP B 147 -11.02 32.63 28.00
C ASP B 147 -12.22 32.26 28.86
N VAL B 148 -12.34 32.88 30.04
CA VAL B 148 -13.46 32.66 30.94
C VAL B 148 -13.92 34.01 31.47
N VAL B 149 -15.23 34.22 31.50
CA VAL B 149 -15.84 35.39 32.12
C VAL B 149 -16.56 34.93 33.38
N ILE B 150 -16.11 35.38 34.54
CA ILE B 150 -16.74 35.03 35.81
C ILE B 150 -17.65 36.19 36.21
N THR B 151 -18.95 35.93 36.25
CA THR B 151 -19.96 36.94 36.55
C THR B 151 -20.56 36.64 37.92
N GLU B 152 -20.52 37.62 38.82
CA GLU B 152 -21.09 37.46 40.15
C GLU B 152 -22.46 38.14 40.18
N ILE B 153 -23.49 37.37 40.51
CA ILE B 153 -24.84 37.91 40.63
C ILE B 153 -25.05 38.30 42.09
N GLY B 154 -25.08 39.60 42.35
CA GLY B 154 -25.23 40.07 43.71
C GLY B 154 -26.61 39.79 44.28
N GLY B 155 -26.70 39.91 45.60
CA GLY B 155 -27.95 39.66 46.27
C GLY B 155 -28.09 38.20 46.69
N THR B 156 -29.34 37.74 46.75
CA THR B 156 -29.66 36.38 47.14
C THR B 156 -30.70 35.82 46.17
N VAL B 157 -30.63 34.52 45.92
CA VAL B 157 -31.62 33.87 45.08
C VAL B 157 -32.96 33.97 45.78
N GLY B 158 -33.95 34.53 45.09
CA GLY B 158 -35.26 34.76 45.67
C GLY B 158 -35.55 36.18 46.05
N ASP B 159 -34.56 37.08 46.01
CA ASP B 159 -34.84 38.49 46.09
C ASP B 159 -35.59 38.93 44.84
N ILE B 160 -36.60 39.78 45.02
CA ILE B 160 -37.39 40.25 43.90
C ILE B 160 -36.51 40.94 42.87
N GLU B 161 -35.48 41.63 43.33
CA GLU B 161 -34.65 42.44 42.44
C GLU B 161 -33.72 41.61 41.57
N SER B 162 -33.43 40.37 41.96
CA SER B 162 -32.53 39.53 41.18
C SER B 162 -33.23 38.86 40.01
N GLN B 163 -34.55 38.93 39.93
CA GLN B 163 -35.27 38.13 38.94
C GLN B 163 -34.85 38.42 37.51
N PRO B 164 -34.61 39.66 37.08
CA PRO B 164 -34.18 39.87 35.70
C PRO B 164 -32.79 39.36 35.42
N PHE B 165 -31.87 39.48 36.38
CA PHE B 165 -30.51 39.01 36.15
C PHE B 165 -30.45 37.50 36.02
N LEU B 166 -31.19 36.77 36.87
CA LEU B 166 -31.18 35.33 36.78
C LEU B 166 -31.88 34.84 35.52
N GLU B 167 -32.91 35.55 35.07
CA GLU B 167 -33.53 35.20 33.80
C GLU B 167 -32.57 35.44 32.63
N ALA B 168 -31.79 36.52 32.70
CA ALA B 168 -30.78 36.74 31.68
C ALA B 168 -29.74 35.63 31.69
N ALA B 169 -29.30 35.21 32.87
CA ALA B 169 -28.34 34.11 32.96
C ALA B 169 -28.92 32.83 32.40
N ARG B 170 -30.19 32.57 32.66
CA ARG B 170 -30.84 31.40 32.09
C ARG B 170 -30.89 31.48 30.57
N GLN B 171 -31.18 32.66 30.04
CA GLN B 171 -31.19 32.80 28.58
C GLN B 171 -29.80 32.64 27.99
N VAL B 172 -28.77 33.07 28.70
CA VAL B 172 -27.40 32.85 28.23
C VAL B 172 -27.09 31.37 28.19
N ARG B 173 -27.48 30.63 29.23
CA ARG B 173 -27.30 29.18 29.19
C ARG B 173 -28.07 28.55 28.04
N HIS B 174 -29.24 29.10 27.70
CA HIS B 174 -29.99 28.54 26.58
C HIS B 174 -29.29 28.83 25.25
N TYR B 175 -28.85 30.08 25.07
CA TYR B 175 -28.22 30.49 23.82
C TYR B 175 -26.90 29.73 23.60
N LEU B 176 -26.02 29.74 24.59
CA LEU B 176 -24.70 29.14 24.43
C LEU B 176 -24.63 27.66 24.74
N GLY B 177 -25.64 27.09 25.40
CA GLY B 177 -25.64 25.69 25.75
C GLY B 177 -24.77 25.39 26.96
N ARG B 178 -24.93 24.17 27.47
CA ARG B 178 -24.28 23.79 28.73
C ARG B 178 -22.77 23.69 28.62
N GLU B 179 -22.24 23.46 27.42
CA GLU B 179 -20.79 23.33 27.29
C GLU B 179 -20.06 24.64 27.49
N ASP B 180 -20.77 25.77 27.54
CA ASP B 180 -20.14 27.07 27.73
C ASP B 180 -20.50 27.75 29.04
N VAL B 181 -21.61 27.38 29.69
CA VAL B 181 -22.14 28.10 30.84
C VAL B 181 -22.13 27.18 32.04
N PHE B 182 -21.53 27.64 33.13
CA PHE B 182 -21.37 26.90 34.37
C PHE B 182 -21.94 27.73 35.51
N PHE B 183 -22.73 27.11 36.38
CA PHE B 183 -23.35 27.80 37.50
C PHE B 183 -22.74 27.32 38.81
N LEU B 184 -22.17 28.25 39.56
CA LEU B 184 -21.60 27.98 40.89
C LEU B 184 -22.49 28.64 41.92
N HIS B 185 -22.90 27.88 42.94
CA HIS B 185 -23.86 28.34 43.92
C HIS B 185 -23.22 28.29 45.31
N VAL B 186 -23.26 29.41 46.02
CA VAL B 186 -22.66 29.54 47.35
C VAL B 186 -23.78 29.58 48.38
N SER B 187 -23.69 28.73 49.40
CA SER B 187 -24.77 28.56 50.34
C SER B 187 -24.21 28.37 51.74
N LEU B 188 -25.06 28.57 52.74
CA LEU B 188 -24.65 28.58 54.14
C LEU B 188 -25.11 27.30 54.84
N VAL B 189 -24.22 26.73 55.65
CA VAL B 189 -24.55 25.58 56.49
C VAL B 189 -24.47 26.02 57.95
N PRO B 190 -25.57 26.35 58.60
CA PRO B 190 -25.50 26.83 59.98
C PRO B 190 -25.29 25.71 60.98
N TYR B 191 -24.64 26.06 62.09
CA TYR B 191 -24.41 25.15 63.19
C TYR B 191 -25.28 25.55 64.37
N LEU B 192 -26.12 24.62 64.84
CA LEU B 192 -27.00 24.85 65.98
C LEU B 192 -26.34 24.27 67.22
N ALA B 193 -25.84 25.15 68.08
CA ALA B 193 -25.10 24.69 69.26
C ALA B 193 -25.92 23.81 70.18
N PRO B 194 -27.18 24.12 70.50
CA PRO B 194 -27.92 23.30 71.47
C PRO B 194 -28.01 21.83 71.11
N SER B 195 -28.17 21.50 69.83
CA SER B 195 -28.25 20.11 69.41
C SER B 195 -26.99 19.63 68.68
N GLY B 196 -26.00 20.51 68.50
CA GLY B 196 -24.71 20.08 68.00
C GLY B 196 -24.76 19.43 66.63
N GLU B 197 -25.48 20.03 65.68
CA GLU B 197 -25.63 19.45 64.36
C GLU B 197 -25.58 20.55 63.31
N LEU B 198 -24.96 20.24 62.18
CA LEU B 198 -25.05 21.08 61.00
C LEU B 198 -26.36 20.78 60.27
N LYS B 199 -27.01 21.83 59.76
CA LYS B 199 -28.30 21.69 59.10
C LYS B 199 -28.15 21.98 57.62
N THR B 200 -28.59 21.04 56.80
CA THR B 200 -28.54 21.20 55.35
C THR B 200 -29.83 21.74 54.76
N LYS B 201 -30.90 21.84 55.55
CA LYS B 201 -32.19 22.25 55.00
C LYS B 201 -32.13 23.63 54.34
N PRO B 202 -31.47 24.64 54.90
CA PRO B 202 -31.38 25.92 54.19
C PRO B 202 -30.78 25.78 52.81
N THR B 203 -29.76 24.94 52.65
CA THR B 203 -29.16 24.70 51.35
C THR B 203 -30.14 24.03 50.40
N GLN B 204 -30.89 23.04 50.90
CA GLN B 204 -31.88 22.38 50.06
C GLN B 204 -32.92 23.36 49.57
N HIS B 205 -33.41 24.22 50.48
CA HIS B 205 -34.40 25.20 50.08
C HIS B 205 -33.84 26.20 49.08
N SER B 206 -32.58 26.61 49.25
CA SER B 206 -31.99 27.55 48.31
C SER B 206 -31.82 26.92 46.93
N VAL B 207 -31.37 25.66 46.87
CA VAL B 207 -31.22 25.00 45.59
C VAL B 207 -32.58 24.80 44.93
N ALA B 208 -33.61 24.52 45.73
CA ALA B 208 -34.95 24.40 45.16
C ALA B 208 -35.44 25.73 44.63
N ALA B 209 -35.16 26.82 45.34
CA ALA B 209 -35.51 28.14 44.85
C ALA B 209 -34.82 28.43 43.54
N LEU B 210 -33.54 28.05 43.43
CA LEU B 210 -32.80 28.26 42.19
C LEU B 210 -33.39 27.42 41.06
N ARG B 211 -33.74 26.17 41.34
CA ARG B 211 -34.36 25.33 40.32
C ARG B 211 -35.71 25.88 39.88
N SER B 212 -36.42 26.59 40.77
CA SER B 212 -37.73 27.10 40.41
C SER B 212 -37.68 28.21 39.36
N ILE B 213 -36.49 28.72 39.04
CA ILE B 213 -36.34 29.71 37.98
C ILE B 213 -35.58 29.16 36.79
N GLY B 214 -35.31 27.85 36.77
CA GLY B 214 -34.71 27.23 35.61
C GLY B 214 -33.21 27.11 35.64
N ILE B 215 -32.58 27.22 36.80
CA ILE B 215 -31.12 27.09 36.93
C ILE B 215 -30.83 25.85 37.75
N THR B 216 -29.94 24.99 37.23
CA THR B 216 -29.46 23.84 37.97
C THR B 216 -28.00 24.08 38.35
N PRO B 217 -27.65 24.19 39.63
CA PRO B 217 -26.25 24.43 39.97
C PRO B 217 -25.37 23.27 39.56
N ASP B 218 -24.18 23.59 39.08
CA ASP B 218 -23.20 22.55 38.76
C ASP B 218 -22.35 22.19 39.96
N ALA B 219 -22.13 23.14 40.87
CA ALA B 219 -21.37 22.88 42.08
C ALA B 219 -21.94 23.71 43.21
N LEU B 220 -21.68 23.27 44.45
CA LEU B 220 -22.11 23.97 45.65
C LEU B 220 -20.90 24.31 46.49
N ILE B 221 -20.81 25.57 46.91
CA ILE B 221 -19.82 26.00 47.90
C ILE B 221 -20.54 26.05 49.24
N LEU B 222 -20.19 25.15 50.15
CA LEU B 222 -20.85 25.08 51.45
C LEU B 222 -20.06 25.91 52.44
N ARG B 223 -20.48 27.14 52.65
CA ARG B 223 -19.85 28.01 53.64
C ARG B 223 -20.26 27.56 55.04
N CYS B 224 -19.27 27.43 55.92
CA CYS B 224 -19.49 26.90 57.25
C CYS B 224 -18.40 27.45 58.16
N ASP B 225 -18.63 27.35 59.46
CA ASP B 225 -17.59 27.73 60.41
C ASP B 225 -16.65 26.56 60.74
N ARG B 226 -17.02 25.34 60.35
CA ARG B 226 -16.20 24.17 60.60
C ARG B 226 -16.33 23.23 59.41
N ASP B 227 -15.34 22.36 59.24
CA ASP B 227 -15.32 21.48 58.08
C ASP B 227 -16.55 20.57 58.08
N VAL B 228 -17.23 20.51 56.95
CA VAL B 228 -18.48 19.75 56.86
C VAL B 228 -18.16 18.26 56.86
N PRO B 229 -18.86 17.44 57.63
CA PRO B 229 -18.65 16.00 57.54
C PRO B 229 -18.93 15.48 56.14
N GLU B 230 -18.37 14.31 55.82
CA GLU B 230 -18.59 13.71 54.51
C GLU B 230 -20.01 13.22 54.34
N ALA B 231 -20.63 12.72 55.42
CA ALA B 231 -22.00 12.25 55.33
C ALA B 231 -22.95 13.39 54.92
N LEU B 232 -22.71 14.59 55.44
CA LEU B 232 -23.57 15.71 55.07
C LEU B 232 -23.36 16.10 53.61
N LYS B 233 -22.12 16.08 53.12
CA LYS B 233 -21.90 16.37 51.72
C LYS B 233 -22.61 15.34 50.83
N ASN B 234 -22.57 14.07 51.23
CA ASN B 234 -23.29 13.05 50.47
C ASN B 234 -24.79 13.31 50.49
N LYS B 235 -25.33 13.67 51.66
CA LYS B 235 -26.76 13.97 51.74
C LYS B 235 -27.13 15.14 50.84
N ILE B 236 -26.32 16.20 50.85
CA ILE B 236 -26.59 17.37 50.03
C ILE B 236 -26.53 16.99 48.56
N ALA B 237 -25.51 16.25 48.17
CA ALA B 237 -25.38 15.85 46.77
C ALA B 237 -26.60 15.04 46.33
N LEU B 238 -27.05 14.12 47.18
CA LEU B 238 -28.20 13.30 46.82
C LEU B 238 -29.46 14.14 46.69
N MET B 239 -29.72 15.00 47.68
CA MET B 239 -30.98 15.76 47.67
C MET B 239 -31.00 16.82 46.58
N CYS B 240 -29.84 17.36 46.21
CA CYS B 240 -29.76 18.50 45.31
C CYS B 240 -29.43 18.13 43.87
N ASP B 241 -29.31 16.84 43.56
CA ASP B 241 -28.95 16.39 42.21
C ASP B 241 -27.69 17.09 41.72
N VAL B 242 -26.67 17.10 42.56
CA VAL B 242 -25.37 17.68 42.23
C VAL B 242 -24.33 16.57 42.34
N ASP B 243 -23.40 16.55 41.40
CA ASP B 243 -22.32 15.57 41.43
C ASP B 243 -21.55 15.70 42.74
N ILE B 244 -21.27 14.56 43.38
CA ILE B 244 -20.60 14.57 44.66
C ILE B 244 -19.21 15.20 44.56
N ASP B 245 -18.66 15.28 43.35
CA ASP B 245 -17.45 16.06 43.14
C ASP B 245 -17.70 17.55 43.31
N GLY B 246 -18.95 17.99 43.18
CA GLY B 246 -19.27 19.39 43.15
C GLY B 246 -19.70 20.00 44.46
N VAL B 247 -19.70 19.24 45.55
CA VAL B 247 -19.99 19.79 46.87
C VAL B 247 -18.66 20.12 47.52
N ILE B 248 -18.41 21.42 47.72
CA ILE B 248 -17.11 21.94 48.12
C ILE B 248 -17.26 22.55 49.51
N SER B 249 -16.57 21.97 50.49
CA SER B 249 -16.60 22.48 51.86
C SER B 249 -15.62 23.63 51.99
N THR B 250 -16.09 24.79 52.45
CA THR B 250 -15.32 26.03 52.45
C THR B 250 -15.39 26.69 53.83
N PRO B 251 -14.71 26.12 54.81
CA PRO B 251 -14.79 26.67 56.17
C PRO B 251 -14.09 28.02 56.27
N ASP B 252 -14.46 28.78 57.30
CA ASP B 252 -13.92 30.10 57.51
C ASP B 252 -12.41 30.07 57.72
N ALA B 253 -11.66 30.57 56.76
CA ALA B 253 -10.20 30.57 56.83
C ALA B 253 -9.71 31.72 57.69
N PRO B 254 -8.55 31.56 58.33
CA PRO B 254 -8.04 32.65 59.19
C PRO B 254 -7.76 33.93 58.44
N SER B 255 -7.38 33.85 57.17
CA SER B 255 -7.23 35.03 56.33
C SER B 255 -7.79 34.73 54.95
N ILE B 256 -8.18 35.80 54.25
CA ILE B 256 -8.78 35.64 52.93
C ILE B 256 -7.80 35.07 51.91
N TYR B 257 -6.50 35.20 52.16
CA TYR B 257 -5.51 34.70 51.21
C TYR B 257 -5.34 33.20 51.27
N ASP B 258 -5.88 32.52 52.28
CA ASP B 258 -5.87 31.07 52.32
C ASP B 258 -6.94 30.45 51.45
N ILE B 259 -7.89 31.25 50.96
CA ILE B 259 -9.02 30.68 50.21
C ILE B 259 -8.56 29.99 48.94
N PRO B 260 -7.65 30.55 48.14
CA PRO B 260 -7.18 29.79 46.98
C PRO B 260 -6.65 28.42 47.34
N LYS B 261 -5.95 28.30 48.47
CA LYS B 261 -5.47 26.99 48.88
C LYS B 261 -6.62 26.06 49.25
N VAL B 262 -7.65 26.59 49.92
CA VAL B 262 -8.80 25.77 50.28
C VAL B 262 -9.48 25.25 49.03
N LEU B 263 -9.72 26.13 48.05
CA LEU B 263 -10.41 25.72 46.84
C LEU B 263 -9.56 24.76 46.02
N HIS B 264 -8.24 24.97 45.96
CA HIS B 264 -7.39 24.04 45.24
C HIS B 264 -7.36 22.67 45.92
N ARG B 265 -7.26 22.67 47.25
CA ARG B 265 -7.25 21.41 48.00
C ARG B 265 -8.51 20.60 47.75
N GLU B 266 -9.66 21.27 47.62
CA GLU B 266 -10.92 20.60 47.31
C GLU B 266 -11.08 20.30 45.84
N GLU B 267 -10.15 20.75 44.99
CA GLU B 267 -10.21 20.49 43.56
C GLU B 267 -11.43 21.12 42.91
N LEU B 268 -11.78 22.33 43.34
CA LEU B 268 -12.83 23.08 42.64
C LEU B 268 -12.36 23.52 41.27
N ASP B 269 -11.14 24.03 41.18
CA ASP B 269 -10.62 24.49 39.90
C ASP B 269 -10.50 23.34 38.91
N ALA B 270 -10.07 22.17 39.37
CA ALA B 270 -10.04 21.01 38.50
C ALA B 270 -11.43 20.64 38.01
N PHE B 271 -12.42 20.68 38.90
CA PHE B 271 -13.78 20.34 38.52
C PHE B 271 -14.31 21.32 37.47
N VAL B 272 -14.08 22.61 37.69
CA VAL B 272 -14.53 23.62 36.73
C VAL B 272 -13.85 23.43 35.38
N VAL B 273 -12.53 23.19 35.40
CA VAL B 273 -11.79 23.04 34.16
C VAL B 273 -12.28 21.82 33.39
N ARG B 274 -12.45 20.69 34.07
CA ARG B 274 -12.98 19.51 33.40
C ARG B 274 -14.35 19.78 32.81
N ARG B 275 -15.25 20.37 33.60
CA ARG B 275 -16.63 20.52 33.17
C ARG B 275 -16.75 21.48 31.99
N LEU B 276 -15.97 22.56 31.99
CA LEU B 276 -15.99 23.51 30.89
C LEU B 276 -15.07 23.10 29.74
N ASN B 277 -14.30 22.03 29.90
CA ASN B 277 -13.42 21.53 28.83
C ASN B 277 -12.36 22.56 28.44
N LEU B 278 -11.80 23.24 29.43
CA LEU B 278 -10.79 24.25 29.18
C LEU B 278 -9.40 23.62 29.12
N PRO B 279 -8.49 24.15 28.30
CA PRO B 279 -7.10 23.69 28.34
C PRO B 279 -6.35 24.31 29.51
N PHE B 280 -5.51 23.51 30.15
CA PHE B 280 -4.95 23.90 31.44
C PHE B 280 -3.50 23.44 31.57
N ARG B 281 -2.86 23.95 32.61
CA ARG B 281 -1.60 23.43 33.13
C ARG B 281 -1.63 23.58 34.64
N ASP B 282 -0.73 22.87 35.32
CA ASP B 282 -0.74 22.89 36.78
C ASP B 282 -0.46 24.29 37.30
N VAL B 283 -0.98 24.57 38.49
CA VAL B 283 -0.81 25.87 39.13
C VAL B 283 0.62 26.00 39.64
N ASP B 284 1.27 27.10 39.28
CA ASP B 284 2.60 27.43 39.80
C ASP B 284 2.41 28.20 41.10
N TRP B 285 2.57 27.52 42.23
CA TRP B 285 2.29 28.11 43.54
C TRP B 285 3.41 28.98 44.09
N THR B 286 4.44 29.29 43.31
CA THR B 286 5.62 29.94 43.88
C THR B 286 5.26 31.28 44.52
N GLU B 287 4.61 32.16 43.75
CA GLU B 287 4.31 33.50 44.24
C GLU B 287 3.41 33.45 45.47
N TRP B 288 2.29 32.75 45.36
CA TRP B 288 1.31 32.76 46.44
C TRP B 288 1.83 32.01 47.66
N ASP B 289 2.71 31.03 47.47
CA ASP B 289 3.37 30.42 48.63
C ASP B 289 4.23 31.42 49.37
N ASP B 290 4.95 32.27 48.63
CA ASP B 290 5.71 33.32 49.31
C ASP B 290 4.79 34.28 50.06
N LEU B 291 3.68 34.66 49.43
CA LEU B 291 2.73 35.54 50.11
C LEU B 291 2.22 34.91 51.40
N LEU B 292 1.86 33.63 51.34
CA LEU B 292 1.32 32.98 52.53
C LEU B 292 2.38 32.76 53.59
N ARG B 293 3.65 32.64 53.20
CA ARG B 293 4.72 32.67 54.21
C ARG B 293 4.73 34.02 54.91
N ARG B 294 4.67 35.11 54.15
CA ARG B 294 4.64 36.43 54.78
C ARG B 294 3.42 36.60 55.67
N VAL B 295 2.31 35.94 55.32
CA VAL B 295 1.09 36.03 56.12
C VAL B 295 1.24 35.26 57.43
N HIS B 296 1.55 33.97 57.34
CA HIS B 296 1.42 33.09 58.49
C HIS B 296 2.67 32.99 59.36
N GLU B 297 3.83 33.40 58.86
CA GLU B 297 5.09 33.26 59.60
C GLU B 297 5.83 34.59 59.64
N PRO B 298 5.24 35.61 60.25
CA PRO B 298 5.93 36.89 60.37
C PRO B 298 7.00 36.85 61.45
N HIS B 299 7.98 37.75 61.31
CA HIS B 299 9.06 37.83 62.28
C HIS B 299 8.68 38.64 63.51
N GLU B 300 7.74 39.57 63.39
CA GLU B 300 7.40 40.46 64.50
C GLU B 300 5.92 40.82 64.39
N THR B 301 5.49 41.73 65.26
CA THR B 301 4.09 42.12 65.35
C THR B 301 4.02 43.60 65.73
N VAL B 302 2.95 44.26 65.27
CA VAL B 302 2.73 45.66 65.59
C VAL B 302 1.23 45.92 65.65
N ARG B 303 0.84 46.84 66.52
CA ARG B 303 -0.55 47.19 66.73
C ARG B 303 -0.83 48.57 66.18
N ILE B 304 -1.90 48.68 65.39
CA ILE B 304 -2.31 49.94 64.77
C ILE B 304 -3.76 50.22 65.15
N ALA B 305 -4.03 51.45 65.57
CA ALA B 305 -5.39 51.87 65.83
C ALA B 305 -6.05 52.35 64.56
N LEU B 306 -7.27 51.86 64.30
CA LEU B 306 -8.11 52.34 63.21
C LEU B 306 -9.23 53.14 63.86
N VAL B 307 -9.27 54.44 63.58
CA VAL B 307 -10.20 55.36 64.22
C VAL B 307 -11.26 55.78 63.21
N GLY B 308 -12.52 55.54 63.55
CA GLY B 308 -13.61 55.92 62.67
C GLY B 308 -14.94 55.75 63.35
N LYS B 309 -16.00 56.13 62.63
CA LYS B 309 -17.37 55.98 63.10
C LYS B 309 -17.94 54.60 62.78
N TYR B 310 -17.67 54.11 61.57
CA TYR B 310 -18.20 52.82 61.15
C TYR B 310 -17.49 51.65 61.82
N VAL B 311 -16.53 51.91 62.70
CA VAL B 311 -15.73 50.86 63.31
C VAL B 311 -16.54 49.93 64.19
N GLU B 312 -17.82 50.23 64.42
CA GLU B 312 -18.63 49.38 65.29
C GLU B 312 -18.97 48.07 64.60
N LEU B 313 -17.98 47.19 64.48
CA LEU B 313 -18.17 45.84 63.95
C LEU B 313 -18.77 45.88 62.54
N SER B 314 -18.04 46.50 61.63
CA SER B 314 -18.44 46.53 60.22
C SER B 314 -17.19 46.57 59.35
N ASP B 315 -17.31 45.98 58.16
CA ASP B 315 -16.22 46.00 57.17
C ASP B 315 -16.27 47.24 56.31
N ALA B 316 -16.39 48.42 56.93
CA ALA B 316 -16.40 49.66 56.16
C ALA B 316 -15.01 50.08 55.73
N TYR B 317 -13.97 49.43 56.24
CA TYR B 317 -12.59 49.81 56.00
C TYR B 317 -11.78 48.66 55.42
N LEU B 318 -12.42 47.81 54.62
CA LEU B 318 -11.77 46.57 54.20
C LEU B 318 -10.48 46.85 53.43
N SER B 319 -10.55 47.79 52.47
CA SER B 319 -9.37 48.08 51.67
C SER B 319 -8.25 48.64 52.53
N VAL B 320 -8.57 49.49 53.51
CA VAL B 320 -7.55 50.05 54.38
C VAL B 320 -6.88 48.95 55.19
N ALA B 321 -7.68 48.05 55.77
CA ALA B 321 -7.11 46.98 56.57
C ALA B 321 -6.24 46.06 55.72
N GLU B 322 -6.67 45.78 54.48
CA GLU B 322 -5.86 44.93 53.62
C GLU B 322 -4.59 45.63 53.17
N ALA B 323 -4.64 46.94 52.90
CA ALA B 323 -3.43 47.66 52.56
C ALA B 323 -2.47 47.69 53.74
N LEU B 324 -3.00 47.85 54.95
CA LEU B 324 -2.16 47.75 56.14
C LEU B 324 -1.49 46.39 56.22
N ARG B 325 -2.25 45.32 56.01
CA ARG B 325 -1.67 43.99 56.09
C ARG B 325 -0.64 43.76 54.98
N ALA B 326 -0.87 44.33 53.80
CA ALA B 326 0.13 44.23 52.73
C ALA B 326 1.41 44.97 53.11
N GLY B 327 1.26 46.14 53.73
CA GLY B 327 2.43 46.83 54.25
C GLY B 327 3.19 45.98 55.26
N GLY B 328 2.45 45.32 56.15
CA GLY B 328 3.10 44.39 57.07
C GLY B 328 3.81 43.28 56.34
N PHE B 329 3.21 42.79 55.26
CA PHE B 329 3.80 41.69 54.50
C PHE B 329 5.11 42.11 53.86
N LYS B 330 5.21 43.35 53.37
CA LYS B 330 6.47 43.78 52.78
C LYS B 330 7.61 43.73 53.79
N HIS B 331 7.32 44.01 55.06
CA HIS B 331 8.32 43.95 56.13
C HIS B 331 8.27 42.64 56.90
N ARG B 332 7.41 41.70 56.52
CA ARG B 332 7.21 40.46 57.27
C ARG B 332 6.88 40.74 58.73
N ALA B 333 6.03 41.72 58.96
CA ALA B 333 5.48 42.00 60.29
C ALA B 333 3.98 41.77 60.29
N LYS B 334 3.49 41.16 61.36
CA LYS B 334 2.06 41.10 61.60
C LYS B 334 1.56 42.44 62.10
N VAL B 335 0.55 42.99 61.43
CA VAL B 335 -0.11 44.21 61.89
C VAL B 335 -1.41 43.81 62.54
N GLU B 336 -1.54 44.07 63.83
CA GLU B 336 -2.77 43.85 64.58
C GLU B 336 -3.52 45.17 64.65
N ILE B 337 -4.80 45.14 64.32
CA ILE B 337 -5.61 46.34 64.23
C ILE B 337 -6.49 46.44 65.45
N CYS B 338 -6.40 47.56 66.16
CA CYS B 338 -7.27 47.86 67.29
C CYS B 338 -8.34 48.83 66.81
N TRP B 339 -9.59 48.37 66.80
CA TRP B 339 -10.69 49.17 66.27
C TRP B 339 -11.15 50.14 67.34
N VAL B 340 -10.88 51.42 67.13
CA VAL B 340 -11.08 52.47 68.12
C VAL B 340 -12.18 53.40 67.63
N ALA B 341 -13.17 53.64 68.48
CA ALA B 341 -14.22 54.60 68.16
C ALA B 341 -13.67 56.02 68.21
N SER B 342 -14.07 56.83 67.23
CA SER B 342 -13.62 58.22 67.20
C SER B 342 -14.11 58.98 68.42
N ASP B 343 -15.34 58.72 68.85
CA ASP B 343 -15.97 59.55 69.88
C ASP B 343 -15.40 59.31 71.27
N GLY B 344 -14.72 58.19 71.49
CA GLY B 344 -13.99 58.01 72.74
C GLY B 344 -12.70 58.80 72.82
N CYS B 345 -12.26 59.37 71.70
CA CYS B 345 -11.01 60.13 71.64
C CYS B 345 -11.24 61.64 71.69
N GLU B 346 -12.48 62.09 71.87
CA GLU B 346 -12.74 63.52 71.94
C GLU B 346 -12.07 64.16 73.15
N THR B 347 -12.13 63.49 74.30
CA THR B 347 -11.43 63.94 75.49
C THR B 347 -10.01 63.39 75.48
N THR B 348 -9.08 64.20 76.00
CA THR B 348 -7.67 63.78 76.00
C THR B 348 -7.47 62.53 76.85
N SER B 349 -8.17 62.45 77.99
CA SER B 349 -8.09 61.25 78.81
C SER B 349 -8.67 60.04 78.09
N GLY B 350 -9.80 60.22 77.40
CA GLY B 350 -10.37 59.13 76.63
C GLY B 350 -9.46 58.70 75.49
N ALA B 351 -8.86 59.67 74.81
CA ALA B 351 -7.91 59.34 73.74
C ALA B 351 -6.72 58.57 74.29
N ALA B 352 -6.22 58.99 75.45
CA ALA B 352 -5.09 58.28 76.06
C ALA B 352 -5.50 56.86 76.43
N ALA B 353 -6.70 56.69 76.99
CA ALA B 353 -7.16 55.36 77.37
C ALA B 353 -7.31 54.46 76.15
N ALA B 354 -7.82 55.01 75.04
CA ALA B 354 -8.01 54.20 73.84
C ALA B 354 -6.69 53.86 73.17
N LEU B 355 -5.82 54.85 72.98
CA LEU B 355 -4.67 54.72 72.10
C LEU B 355 -3.38 54.32 72.80
N GLY B 356 -3.31 54.45 74.13
CA GLY B 356 -2.03 54.37 74.80
C GLY B 356 -1.28 53.07 74.57
N ASP B 357 -1.97 52.00 74.21
CA ASP B 357 -1.33 50.70 74.03
C ASP B 357 -0.89 50.42 72.60
N VAL B 358 -1.32 51.23 71.63
CA VAL B 358 -1.05 50.95 70.22
C VAL B 358 0.32 51.51 69.82
N HIS B 359 0.77 51.14 68.62
CA HIS B 359 2.03 51.62 68.06
C HIS B 359 1.83 52.54 66.87
N GLY B 360 0.60 52.83 66.50
CA GLY B 360 0.33 53.77 65.42
C GLY B 360 -1.16 53.96 65.28
N VAL B 361 -1.52 55.04 64.60
CA VAL B 361 -2.90 55.45 64.43
C VAL B 361 -3.16 55.73 62.96
N LEU B 362 -4.32 55.29 62.47
CA LEU B 362 -4.71 55.53 61.08
C LEU B 362 -6.05 56.25 61.05
N ILE B 363 -6.11 57.34 60.29
CA ILE B 363 -7.33 58.12 60.14
C ILE B 363 -7.81 57.97 58.71
N PRO B 364 -8.73 57.05 58.43
CA PRO B 364 -9.20 56.85 57.06
C PRO B 364 -10.24 57.91 56.66
N GLY B 365 -10.50 57.96 55.35
CA GLY B 365 -11.50 58.86 54.83
C GLY B 365 -12.91 58.33 54.98
N GLY B 366 -13.87 59.18 54.59
CA GLY B 366 -15.26 58.79 54.66
C GLY B 366 -16.15 59.91 54.15
N PHE B 367 -17.44 59.59 54.07
CA PHE B 367 -18.46 60.53 53.62
C PHE B 367 -19.67 60.40 54.53
N GLY B 368 -20.43 61.49 54.64
CA GLY B 368 -21.49 61.54 55.63
C GLY B 368 -20.98 61.44 57.04
N ILE B 369 -19.69 61.71 57.24
CA ILE B 369 -19.06 61.53 58.55
C ILE B 369 -19.35 62.74 59.44
N ARG B 370 -19.28 62.52 60.75
CA ARG B 370 -19.47 63.59 61.72
C ARG B 370 -18.61 63.31 62.94
N GLY B 371 -18.41 64.34 63.76
CA GLY B 371 -17.68 64.19 64.99
C GLY B 371 -16.18 64.21 64.85
N ILE B 372 -15.65 64.88 63.83
CA ILE B 372 -14.21 64.89 63.60
C ILE B 372 -13.46 65.56 64.74
N GLU B 373 -14.16 66.19 65.68
CA GLU B 373 -13.49 66.67 66.88
C GLU B 373 -12.74 65.53 67.57
N GLY B 374 -13.36 64.34 67.62
CA GLY B 374 -12.67 63.20 68.18
C GLY B 374 -11.47 62.77 67.35
N LYS B 375 -11.60 62.80 66.03
CA LYS B 375 -10.47 62.45 65.17
C LYS B 375 -9.30 63.39 65.41
N ILE B 376 -9.54 64.70 65.37
CA ILE B 376 -8.48 65.67 65.61
C ILE B 376 -7.93 65.52 67.02
N GLY B 377 -8.78 65.18 67.98
CA GLY B 377 -8.30 64.92 69.32
C GLY B 377 -7.32 63.76 69.36
N ALA B 378 -7.63 62.70 68.61
CA ALA B 378 -6.69 61.59 68.50
C ALA B 378 -5.39 62.03 67.84
N ILE B 379 -5.47 62.91 66.83
CA ILE B 379 -4.24 63.42 66.21
C ILE B 379 -3.41 64.17 67.24
N ALA B 380 -4.06 65.06 68.00
CA ALA B 380 -3.34 65.85 69.00
C ALA B 380 -2.66 64.94 70.02
N TYR B 381 -3.41 63.96 70.54
CA TYR B 381 -2.82 63.04 71.50
C TYR B 381 -1.67 62.27 70.88
N ALA B 382 -1.86 61.74 69.67
CA ALA B 382 -0.82 60.92 69.06
C ALA B 382 0.45 61.73 68.83
N ARG B 383 0.31 62.96 68.34
CA ARG B 383 1.47 63.80 68.14
C ARG B 383 2.21 64.04 69.45
N ALA B 384 1.48 64.33 70.53
CA ALA B 384 2.16 64.51 71.82
C ALA B 384 2.83 63.22 72.26
N ARG B 385 2.18 62.08 72.07
CA ARG B 385 2.71 60.80 72.52
C ARG B 385 3.81 60.26 71.61
N GLY B 386 3.89 60.73 70.37
CA GLY B 386 4.90 60.27 69.44
C GLY B 386 4.51 59.11 68.57
N LEU B 387 3.23 58.72 68.57
CA LEU B 387 2.80 57.62 67.73
C LEU B 387 2.76 58.05 66.26
N PRO B 388 3.11 57.15 65.33
CA PRO B 388 2.97 57.50 63.91
C PRO B 388 1.52 57.55 63.48
N VAL B 389 1.23 58.41 62.51
CA VAL B 389 -0.12 58.63 62.02
C VAL B 389 -0.10 58.64 60.49
N LEU B 390 -1.07 57.95 59.91
CA LEU B 390 -1.34 58.05 58.48
C LEU B 390 -2.78 58.50 58.30
N GLY B 391 -2.97 59.56 57.54
CA GLY B 391 -4.29 60.12 57.33
C GLY B 391 -4.72 60.08 55.88
N LEU B 392 -5.85 59.45 55.60
CA LEU B 392 -6.32 59.25 54.23
C LEU B 392 -7.53 60.14 54.00
N CYS B 393 -7.44 61.04 53.03
CA CYS B 393 -8.52 61.97 52.72
C CYS B 393 -8.89 62.80 53.94
N LEU B 394 -9.98 62.41 54.62
CA LEU B 394 -10.36 63.09 55.84
C LEU B 394 -9.25 63.07 56.87
N GLY B 395 -8.39 62.05 56.85
CA GLY B 395 -7.25 62.05 57.74
C GLY B 395 -6.33 63.23 57.49
N LEU B 396 -6.05 63.52 56.22
CA LEU B 396 -5.28 64.71 55.88
C LEU B 396 -6.02 65.97 56.29
N GLN B 397 -7.34 66.01 56.08
CA GLN B 397 -8.09 67.20 56.45
C GLN B 397 -8.01 67.45 57.95
N CYS B 398 -8.15 66.39 58.76
CA CYS B 398 -8.01 66.54 60.20
C CYS B 398 -6.59 66.93 60.59
N ILE B 399 -5.59 66.41 59.88
CA ILE B 399 -4.21 66.81 60.17
C ILE B 399 -4.04 68.31 59.94
N VAL B 400 -4.58 68.81 58.82
CA VAL B 400 -4.47 70.23 58.51
C VAL B 400 -5.23 71.06 59.53
N ILE B 401 -6.38 70.58 60.00
CA ILE B 401 -7.14 71.32 61.01
C ILE B 401 -6.39 71.32 62.34
N GLU B 402 -5.74 70.20 62.67
CA GLU B 402 -4.91 70.15 63.87
C GLU B 402 -3.79 71.18 63.78
N ALA B 403 -3.13 71.26 62.63
CA ALA B 403 -2.08 72.25 62.44
C ALA B 403 -2.64 73.66 62.54
N ALA B 404 -3.84 73.89 61.99
CA ALA B 404 -4.49 75.19 62.12
C ALA B 404 -4.67 75.54 63.58
N ARG B 405 -5.17 74.59 64.37
CA ARG B 405 -5.33 74.79 65.81
C ARG B 405 -4.00 74.76 66.56
N SER B 406 -2.88 74.55 65.86
CA SER B 406 -1.56 74.59 66.48
C SER B 406 -0.88 75.95 66.35
N VAL B 407 -1.37 76.84 65.51
CA VAL B 407 -0.65 78.07 65.17
C VAL B 407 -1.42 79.33 65.50
N GLY B 408 -2.68 79.23 65.94
CA GLY B 408 -3.47 80.42 66.22
C GLY B 408 -4.92 80.28 65.81
N LEU B 409 -5.22 79.26 65.03
CA LEU B 409 -6.52 79.14 64.37
C LEU B 409 -7.44 78.21 65.16
N THR B 410 -7.70 78.56 66.43
CA THR B 410 -8.36 77.63 67.34
C THR B 410 -9.77 77.29 66.88
N ASN B 411 -10.47 78.22 66.24
CA ASN B 411 -11.82 77.98 65.74
C ASN B 411 -11.83 77.50 64.30
N ALA B 412 -10.67 77.20 63.73
CA ALA B 412 -10.60 76.76 62.34
C ALA B 412 -11.27 75.40 62.17
N ASN B 413 -11.83 75.19 60.98
CA ASN B 413 -12.51 73.94 60.67
C ASN B 413 -12.68 73.85 59.16
N SER B 414 -13.29 72.76 58.71
CA SER B 414 -13.77 72.67 57.35
C SER B 414 -15.13 73.35 57.23
N ALA B 415 -15.39 73.97 56.08
CA ALA B 415 -16.72 74.49 55.82
C ALA B 415 -17.76 73.38 55.81
N GLU B 416 -17.34 72.13 55.64
CA GLU B 416 -18.26 71.00 55.75
C GLU B 416 -18.72 70.81 57.19
N PHE B 417 -17.81 71.01 58.15
CA PHE B 417 -18.07 70.63 59.54
C PHE B 417 -18.38 71.81 60.45
N ASP B 418 -18.05 73.04 60.04
CA ASP B 418 -18.57 74.24 60.70
C ASP B 418 -18.77 75.29 59.63
N PRO B 419 -19.95 75.35 59.02
CA PRO B 419 -20.18 76.36 57.97
C PRO B 419 -20.02 77.78 58.46
N ASP B 420 -20.06 78.01 59.77
CA ASP B 420 -19.91 79.34 60.35
C ASP B 420 -18.51 79.58 60.91
N THR B 421 -17.56 78.70 60.63
CA THR B 421 -16.22 78.87 61.17
C THR B 421 -15.62 80.19 60.67
N PRO B 422 -14.94 80.95 61.53
CA PRO B 422 -14.25 82.16 61.05
C PRO B 422 -12.98 81.86 60.27
N ASP B 423 -12.47 80.63 60.33
CA ASP B 423 -11.24 80.24 59.63
C ASP B 423 -11.49 78.94 58.88
N PRO B 424 -12.14 79.01 57.71
CA PRO B 424 -12.33 77.80 56.88
C PRO B 424 -11.05 77.39 56.17
N VAL B 425 -10.13 76.80 56.93
CA VAL B 425 -8.86 76.37 56.36
C VAL B 425 -9.06 75.25 55.35
N ILE B 426 -10.15 74.49 55.46
CA ILE B 426 -10.59 73.56 54.43
C ILE B 426 -11.88 74.11 53.83
N ALA B 427 -11.91 74.24 52.51
CA ALA B 427 -13.01 74.90 51.84
C ALA B 427 -13.15 74.35 50.43
N THR B 428 -14.33 74.58 49.84
CA THR B 428 -14.55 74.24 48.44
C THR B 428 -13.75 75.19 47.56
N MET B 429 -12.90 74.63 46.71
CA MET B 429 -12.01 75.44 45.89
C MET B 429 -12.79 76.23 44.86
N GLY B 443 -21.09 73.19 44.94
CA GLY B 443 -20.35 72.21 45.71
C GLY B 443 -18.96 71.94 45.19
N GLY B 444 -18.57 72.69 44.16
CA GLY B 444 -17.25 72.52 43.56
C GLY B 444 -17.14 71.26 42.75
N THR B 445 -16.01 71.10 42.05
CA THR B 445 -15.79 69.92 41.22
C THR B 445 -15.40 68.73 42.10
N MET B 446 -16.18 67.66 42.02
CA MET B 446 -15.81 66.40 42.66
C MET B 446 -14.69 65.77 41.86
N ARG B 447 -13.49 65.72 42.44
CA ARG B 447 -12.38 65.01 41.83
C ARG B 447 -12.57 63.51 42.05
N LEU B 448 -12.62 62.75 40.96
CA LEU B 448 -12.79 61.31 41.03
C LEU B 448 -11.75 60.62 40.16
N GLY B 449 -11.17 59.56 40.67
CA GLY B 449 -10.27 58.72 39.90
C GLY B 449 -8.82 59.16 39.99
N SER B 450 -8.05 58.67 39.03
CA SER B 450 -6.61 58.88 39.03
C SER B 450 -6.27 60.29 38.57
N TYR B 451 -5.37 60.95 39.31
CA TYR B 451 -4.78 62.21 38.92
C TYR B 451 -3.28 62.18 39.17
N PRO B 452 -2.50 62.86 38.34
CA PRO B 452 -1.06 62.95 38.60
C PRO B 452 -0.73 64.00 39.66
N ALA B 453 0.37 63.78 40.35
CA ALA B 453 0.85 64.71 41.37
C ALA B 453 2.36 64.76 41.35
N VAL B 454 2.90 65.88 41.83
CA VAL B 454 4.35 66.09 41.94
C VAL B 454 4.71 66.21 43.41
N LEU B 455 5.86 65.65 43.77
CA LEU B 455 6.27 65.55 45.17
C LEU B 455 7.54 66.38 45.41
N GLU B 456 7.65 66.89 46.63
CA GLU B 456 8.86 67.57 47.04
C GLU B 456 10.04 66.59 47.00
N PRO B 457 11.16 66.95 46.40
CA PRO B 457 12.31 66.03 46.39
C PRO B 457 12.82 65.77 47.80
N ASP B 458 13.09 64.50 48.09
CA ASP B 458 13.54 64.04 49.40
C ASP B 458 12.52 64.33 50.50
N SER B 459 11.26 64.55 50.14
CA SER B 459 10.20 64.50 51.12
C SER B 459 10.04 63.07 51.64
N VAL B 460 9.42 62.94 52.81
CA VAL B 460 9.13 61.61 53.33
C VAL B 460 8.26 60.84 52.35
N VAL B 461 7.32 61.53 51.70
CA VAL B 461 6.54 60.90 50.64
C VAL B 461 7.45 60.47 49.50
N ALA B 462 8.37 61.36 49.09
CA ALA B 462 9.30 61.00 48.02
C ALA B 462 10.27 59.92 48.46
N GLN B 463 10.67 59.93 49.73
CA GLN B 463 11.53 58.87 50.25
C GLN B 463 10.81 57.53 50.20
N ALA B 464 9.50 57.52 50.44
CA ALA B 464 8.73 56.28 50.36
C ALA B 464 8.59 55.83 48.91
N TYR B 465 8.00 56.68 48.07
CA TYR B 465 7.78 56.33 46.67
C TYR B 465 9.09 56.20 45.89
N GLN B 466 10.16 56.84 46.34
CA GLN B 466 11.42 56.87 45.60
C GLN B 466 11.21 57.41 44.18
N THR B 467 10.38 58.44 44.07
CA THR B 467 10.17 59.13 42.81
C THR B 467 9.57 60.50 43.11
N THR B 468 9.68 61.39 42.12
CA THR B 468 9.08 62.72 42.22
C THR B 468 7.70 62.81 41.60
N GLN B 469 7.24 61.77 40.88
CA GLN B 469 5.95 61.80 40.22
C GLN B 469 5.17 60.53 40.51
N VAL B 470 3.89 60.71 40.82
CA VAL B 470 3.00 59.60 41.19
C VAL B 470 1.60 59.93 40.67
N SER B 471 0.74 58.92 40.65
CA SER B 471 -0.68 59.10 40.39
C SER B 471 -1.47 58.28 41.41
N GLU B 472 -2.56 58.87 41.91
CA GLU B 472 -3.36 58.27 42.95
C GLU B 472 -4.83 58.48 42.65
N ARG B 473 -5.67 57.60 43.19
CA ARG B 473 -7.12 57.69 43.01
C ARG B 473 -7.70 58.63 44.04
N HIS B 474 -8.53 59.56 43.58
CA HIS B 474 -9.11 60.59 44.42
C HIS B 474 -10.62 60.46 44.46
N ARG B 475 -11.19 60.79 45.62
CA ARG B 475 -12.64 60.92 45.76
C ARG B 475 -12.96 61.95 46.83
N HIS B 476 -13.10 63.22 46.45
CA HIS B 476 -13.37 64.28 47.40
C HIS B 476 -13.66 65.56 46.63
N ARG B 477 -14.27 66.52 47.31
CA ARG B 477 -14.59 67.81 46.73
C ARG B 477 -14.12 69.01 47.55
N TYR B 478 -13.79 68.83 48.83
CA TYR B 478 -13.19 69.88 49.62
C TYR B 478 -11.67 69.83 49.50
N GLU B 479 -11.04 70.99 49.63
CA GLU B 479 -9.60 71.12 49.47
C GLU B 479 -9.02 72.02 50.56
N VAL B 480 -7.70 71.95 50.69
CA VAL B 480 -6.98 72.89 51.56
C VAL B 480 -7.13 74.28 51.00
N ASN B 481 -7.55 75.22 51.85
CA ASN B 481 -7.72 76.61 51.42
C ASN B 481 -6.36 77.25 51.24
N ASN B 482 -6.05 77.64 50.01
CA ASN B 482 -4.73 78.18 49.69
C ASN B 482 -4.43 79.46 50.47
N ALA B 483 -5.45 80.12 51.02
CA ALA B 483 -5.22 81.34 51.78
C ALA B 483 -4.44 81.10 53.08
N TYR B 484 -4.38 79.86 53.56
CA TYR B 484 -3.81 79.56 54.87
C TYR B 484 -2.50 78.79 54.81
N ARG B 485 -1.92 78.60 53.62
CA ARG B 485 -0.68 77.83 53.54
C ARG B 485 0.42 78.48 54.38
N ASP B 486 0.66 79.76 54.18
CA ASP B 486 1.75 80.43 54.89
C ASP B 486 1.48 80.52 56.39
N LYS B 487 0.21 80.61 56.78
CA LYS B 487 -0.10 80.62 58.21
C LYS B 487 0.18 79.27 58.85
N ILE B 488 -0.30 78.19 58.23
CA ILE B 488 -0.20 76.87 58.85
C ILE B 488 1.20 76.28 58.69
N ALA B 489 1.99 76.76 57.72
CA ALA B 489 3.37 76.31 57.61
C ALA B 489 4.15 76.61 58.88
N GLU B 490 3.75 77.63 59.63
CA GLU B 490 4.41 77.92 60.89
C GLU B 490 4.23 76.79 61.91
N SER B 491 3.28 75.89 61.69
CA SER B 491 3.21 74.68 62.50
C SER B 491 4.41 73.78 62.27
N GLY B 492 5.11 73.95 61.15
CA GLY B 492 6.11 73.00 60.70
C GLY B 492 5.63 72.08 59.61
N LEU B 493 4.34 72.11 59.29
CA LEU B 493 3.78 71.25 58.26
C LEU B 493 4.29 71.66 56.89
N ARG B 494 4.67 70.66 56.09
CA ARG B 494 5.12 70.88 54.72
C ARG B 494 4.04 70.40 53.75
N PHE B 495 3.73 71.21 52.75
CA PHE B 495 2.90 70.78 51.63
C PHE B 495 3.80 70.03 50.65
N SER B 496 4.21 68.83 51.07
CA SER B 496 5.26 68.09 50.40
C SER B 496 4.81 67.41 49.10
N GLY B 497 3.54 67.52 48.72
CA GLY B 497 3.11 67.02 47.43
C GLY B 497 1.93 67.81 46.93
N THR B 498 1.89 68.02 45.62
CA THR B 498 0.88 68.88 45.01
C THR B 498 0.49 68.37 43.63
N SER B 499 -0.55 68.99 43.07
CA SER B 499 -0.91 68.83 41.68
C SER B 499 0.23 69.36 40.81
N PRO B 500 0.32 68.95 39.55
CA PRO B 500 1.47 69.40 38.73
C PRO B 500 1.59 70.90 38.64
N ASP B 501 0.48 71.63 38.60
CA ASP B 501 0.52 73.08 38.63
C ASP B 501 0.74 73.63 40.04
N GLY B 502 0.77 72.77 41.05
CA GLY B 502 0.94 73.20 42.42
C GLY B 502 -0.30 73.80 43.05
N HIS B 503 -1.41 73.88 42.31
CA HIS B 503 -2.58 74.58 42.81
C HIS B 503 -3.23 73.84 43.97
N LEU B 504 -3.19 72.51 43.94
CA LEU B 504 -3.88 71.69 44.93
C LEU B 504 -2.86 70.94 45.79
N VAL B 505 -3.08 70.98 47.11
CA VAL B 505 -2.27 70.18 48.03
C VAL B 505 -2.74 68.73 47.97
N GLU B 506 -1.80 67.82 47.79
CA GLU B 506 -2.09 66.39 47.72
C GLU B 506 -1.50 65.58 48.85
N PHE B 507 -0.43 66.07 49.48
CA PHE B 507 0.19 65.38 50.60
C PHE B 507 0.69 66.41 51.61
N VAL B 508 0.69 66.02 52.89
CA VAL B 508 1.28 66.83 53.95
C VAL B 508 2.03 65.91 54.89
N GLU B 509 3.09 66.46 55.49
CA GLU B 509 3.91 65.68 56.42
C GLU B 509 4.64 66.63 57.35
N TYR B 510 5.07 66.09 58.50
CA TYR B 510 6.00 66.80 59.35
C TYR B 510 7.43 66.34 59.05
N PRO B 511 8.42 67.21 59.20
CA PRO B 511 9.80 66.76 59.03
C PRO B 511 10.13 65.68 60.05
N PRO B 512 11.01 64.74 59.70
CA PRO B 512 11.28 63.62 60.61
C PRO B 512 11.74 64.05 61.99
N ASP B 513 12.44 65.19 62.11
CA ASP B 513 12.89 65.65 63.42
C ASP B 513 11.77 66.27 64.24
N ARG B 514 10.68 66.70 63.62
CA ARG B 514 9.52 67.14 64.39
C ARG B 514 8.75 65.94 64.92
N HIS B 515 8.41 64.99 64.05
CA HIS B 515 7.88 63.70 64.42
C HIS B 515 8.42 62.69 63.42
N PRO B 516 8.80 61.49 63.87
CA PRO B 516 9.45 60.54 62.95
C PRO B 516 8.63 60.21 61.72
N PHE B 517 7.30 60.10 61.84
CA PHE B 517 6.46 59.93 60.66
C PHE B 517 5.04 60.34 61.03
N VAL B 518 4.56 61.41 60.41
CA VAL B 518 3.15 61.79 60.45
C VAL B 518 2.82 62.34 59.07
N VAL B 519 2.04 61.60 58.29
CA VAL B 519 1.77 61.92 56.90
C VAL B 519 0.29 61.79 56.62
N GLY B 520 -0.22 62.66 55.76
CA GLY B 520 -1.57 62.54 55.26
C GLY B 520 -1.61 62.74 53.76
N THR B 521 -2.57 62.08 53.13
CA THR B 521 -2.80 62.26 51.70
C THR B 521 -4.30 62.32 51.44
N GLN B 522 -4.68 63.17 50.49
CA GLN B 522 -6.09 63.26 50.11
C GLN B 522 -6.57 62.04 49.35
N ALA B 523 -5.67 61.28 48.75
CA ALA B 523 -6.04 60.17 47.88
C ALA B 523 -6.27 58.90 48.70
N HIS B 524 -6.74 57.87 48.00
CA HIS B 524 -6.99 56.56 48.59
C HIS B 524 -5.98 55.56 48.04
N PRO B 525 -4.74 55.57 48.54
CA PRO B 525 -3.73 54.64 48.01
C PRO B 525 -4.09 53.19 48.21
N GLU B 526 -4.99 52.87 49.14
CA GLU B 526 -5.39 51.49 49.36
C GLU B 526 -6.09 50.89 48.16
N LEU B 527 -6.52 51.71 47.19
CA LEU B 527 -7.16 51.22 45.98
C LEU B 527 -6.18 50.90 44.87
N LYS B 528 -4.89 51.15 45.07
CA LYS B 528 -3.86 50.71 44.15
C LYS B 528 -2.98 49.61 44.73
N SER B 529 -3.10 49.34 46.03
CA SER B 529 -2.35 48.27 46.65
C SER B 529 -2.86 46.91 46.18
N ARG B 530 -1.96 45.93 46.16
CA ARG B 530 -2.28 44.52 46.00
C ARG B 530 -1.44 43.75 46.99
N PRO B 531 -1.92 42.59 47.44
CA PRO B 531 -1.14 41.84 48.44
C PRO B 531 0.24 41.44 47.94
N THR B 532 0.40 41.26 46.63
CA THR B 532 1.67 40.89 46.03
C THR B 532 2.38 42.10 45.43
N ARG B 533 1.94 43.30 45.77
CA ARG B 533 2.52 44.54 45.25
C ARG B 533 2.20 45.67 46.23
N PRO B 534 2.68 45.60 47.46
CA PRO B 534 2.23 46.54 48.49
C PRO B 534 2.50 47.99 48.11
N HIS B 535 1.64 48.86 48.60
CA HIS B 535 1.73 50.28 48.29
C HIS B 535 2.82 50.95 49.13
N PRO B 536 3.61 51.85 48.53
CA PRO B 536 4.73 52.45 49.29
C PRO B 536 4.36 53.11 50.60
N LEU B 537 3.25 53.87 50.63
CA LEU B 537 2.93 54.64 51.83
C LEU B 537 2.64 53.74 53.02
N PHE B 538 1.94 52.62 52.81
CA PHE B 538 1.66 51.73 53.93
C PHE B 538 2.89 50.95 54.35
N VAL B 539 3.77 50.61 53.41
CA VAL B 539 5.07 50.08 53.80
C VAL B 539 5.79 51.06 54.71
N ALA B 540 5.78 52.35 54.34
CA ALA B 540 6.43 53.37 55.16
C ALA B 540 5.77 53.50 56.53
N PHE B 541 4.44 53.54 56.55
CA PHE B 541 3.72 53.72 57.81
C PHE B 541 3.96 52.54 58.76
N VAL B 542 3.91 51.32 58.24
CA VAL B 542 4.17 50.16 59.07
C VAL B 542 5.62 50.12 59.50
N GLY B 543 6.54 50.56 58.64
CA GLY B 543 7.94 50.65 59.06
C GLY B 543 8.14 51.64 60.19
N ALA B 544 7.44 52.79 60.12
CA ALA B 544 7.51 53.76 61.19
C ALA B 544 6.92 53.20 62.48
N ALA B 545 5.81 52.47 62.39
CA ALA B 545 5.23 51.84 63.57
C ALA B 545 6.20 50.82 64.17
N ILE B 546 6.87 50.05 63.31
CA ILE B 546 7.88 49.11 63.78
C ILE B 546 9.01 49.84 64.48
N ASP B 547 9.46 50.95 63.90
CA ASP B 547 10.53 51.73 64.51
C ASP B 547 10.11 52.27 65.87
N TYR B 548 8.86 52.72 65.98
CA TYR B 548 8.35 53.17 67.26
C TYR B 548 8.36 52.05 68.28
N LYS B 549 7.82 50.88 67.90
CA LYS B 549 7.78 49.75 68.82
C LYS B 549 9.18 49.36 69.27
N ALA B 550 10.13 49.33 68.33
CA ALA B 550 11.49 48.93 68.67
C ALA B 550 12.17 49.97 69.56
N GLY B 551 11.94 51.25 69.29
CA GLY B 551 12.59 52.28 70.07
C GLY B 551 11.90 52.58 71.39
N GLU B 552 10.60 52.33 71.47
CA GLU B 552 9.84 52.61 72.69
C GLU B 552 10.27 51.70 73.83
N MET C 1 -81.00 60.13 54.08
CA MET C 1 -81.22 61.32 53.22
C MET C 1 -80.03 61.53 52.27
N ARG C 2 -80.16 62.54 51.40
CA ARG C 2 -79.11 62.79 50.42
C ARG C 2 -77.79 63.17 51.09
N LYS C 3 -77.84 63.71 52.30
CA LYS C 3 -76.66 64.12 53.04
C LYS C 3 -76.30 63.06 54.07
N HIS C 4 -75.06 62.60 54.05
CA HIS C 4 -74.59 61.52 54.90
C HIS C 4 -73.36 61.95 55.69
N PRO C 5 -73.09 61.27 56.81
CA PRO C 5 -71.85 61.56 57.55
C PRO C 5 -70.62 61.24 56.72
N GLN C 6 -69.49 61.79 57.17
CA GLN C 6 -68.21 61.50 56.54
C GLN C 6 -67.77 60.08 56.82
N THR C 7 -67.15 59.45 55.82
CA THR C 7 -66.53 58.14 55.97
C THR C 7 -65.26 58.10 55.14
N ALA C 8 -64.37 57.17 55.48
CA ALA C 8 -63.09 57.07 54.80
C ALA C 8 -63.31 56.66 53.35
N THR C 9 -62.36 57.06 52.50
CA THR C 9 -62.45 56.78 51.07
C THR C 9 -62.17 55.30 50.84
N LYS C 10 -63.10 54.62 50.17
CA LYS C 10 -62.99 53.20 49.92
C LYS C 10 -62.21 52.94 48.64
N HIS C 11 -61.36 51.92 48.67
CA HIS C 11 -60.57 51.52 47.51
C HIS C 11 -61.11 50.21 46.98
N LEU C 12 -61.38 50.18 45.68
CA LEU C 12 -61.89 48.99 45.01
C LEU C 12 -60.92 48.66 43.88
N PHE C 13 -60.23 47.53 44.00
CA PHE C 13 -59.23 47.10 43.03
C PHE C 13 -59.84 46.07 42.09
N VAL C 14 -59.63 46.26 40.79
CA VAL C 14 -60.09 45.32 39.77
C VAL C 14 -58.86 44.72 39.11
N SER C 15 -58.78 43.40 39.11
CA SER C 15 -57.64 42.68 38.56
C SER C 15 -58.14 41.61 37.60
N GLY C 16 -57.25 41.17 36.71
CA GLY C 16 -57.62 40.24 35.67
C GLY C 16 -56.79 38.99 35.71
N GLY C 17 -57.41 37.88 35.27
CA GLY C 17 -56.76 36.60 35.26
C GLY C 17 -56.95 35.90 33.92
N VAL C 18 -56.16 34.85 33.73
CA VAL C 18 -56.22 34.02 32.52
C VAL C 18 -55.68 34.77 31.32
N ALA C 19 -56.29 35.92 31.00
CA ALA C 19 -55.91 36.64 29.78
C ALA C 19 -56.27 38.10 29.93
N SER C 20 -55.79 38.90 28.98
CA SER C 20 -56.23 40.28 28.84
C SER C 20 -57.40 40.34 27.87
N SER C 21 -57.96 41.54 27.70
CA SER C 21 -59.14 41.76 26.87
C SER C 21 -60.36 40.99 27.37
N LEU C 22 -60.44 40.75 28.67
CA LEU C 22 -61.60 40.11 29.26
C LEU C 22 -62.73 41.08 29.55
N GLY C 23 -62.58 42.35 29.21
CA GLY C 23 -63.58 43.34 29.59
C GLY C 23 -63.42 43.80 31.02
N LYS C 24 -62.21 43.66 31.57
CA LYS C 24 -61.96 44.14 32.93
C LYS C 24 -62.22 45.63 33.06
N GLY C 25 -61.73 46.42 32.11
CA GLY C 25 -61.97 47.86 32.17
C GLY C 25 -63.43 48.21 32.00
N LEU C 26 -64.12 47.52 31.09
CA LEU C 26 -65.54 47.78 30.90
C LEU C 26 -66.34 47.40 32.13
N THR C 27 -66.00 46.29 32.80
CA THR C 27 -66.67 45.93 34.04
C THR C 27 -66.43 46.97 35.11
N ALA C 28 -65.20 47.46 35.23
CA ALA C 28 -64.92 48.51 36.20
C ALA C 28 -65.74 49.77 35.89
N SER C 29 -65.81 50.15 34.61
CA SER C 29 -66.58 51.32 34.23
C SER C 29 -68.06 51.13 34.55
N SER C 30 -68.59 49.93 34.30
CA SER C 30 -70.01 49.68 34.58
C SER C 30 -70.29 49.73 36.06
N LEU C 31 -69.39 49.18 36.89
CA LEU C 31 -69.56 49.28 38.32
C LEU C 31 -69.47 50.72 38.78
N GLY C 32 -68.56 51.49 38.19
CA GLY C 32 -68.51 52.91 38.50
C GLY C 32 -69.80 53.61 38.14
N GLN C 33 -70.40 53.22 37.02
CA GLN C 33 -71.66 53.82 36.61
C GLN C 33 -72.76 53.50 37.61
N LEU C 34 -72.87 52.24 38.02
CA LEU C 34 -73.88 51.88 39.00
C LEU C 34 -73.67 52.66 40.30
N LEU C 35 -72.43 52.70 40.79
CA LEU C 35 -72.18 53.39 42.05
C LEU C 35 -72.43 54.88 41.93
N THR C 36 -72.17 55.48 40.77
CA THR C 36 -72.53 56.88 40.57
C THR C 36 -74.04 57.07 40.63
N ALA C 37 -74.78 56.20 39.95
CA ALA C 37 -76.23 56.31 39.99
C ALA C 37 -76.77 56.14 41.41
N ARG C 38 -76.12 55.31 42.23
CA ARG C 38 -76.49 55.19 43.62
C ARG C 38 -76.03 56.39 44.44
N GLY C 39 -75.44 57.40 43.81
CA GLY C 39 -75.22 58.69 44.43
C GLY C 39 -73.84 58.93 44.99
N LEU C 40 -72.89 58.02 44.78
CA LEU C 40 -71.55 58.17 45.34
C LEU C 40 -70.63 58.87 44.36
N HIS C 41 -69.71 59.68 44.89
CA HIS C 41 -68.72 60.36 44.07
C HIS C 41 -67.60 59.37 43.76
N VAL C 42 -67.75 58.68 42.63
CA VAL C 42 -66.76 57.72 42.19
C VAL C 42 -65.66 58.43 41.42
N THR C 43 -64.41 58.04 41.67
CA THR C 43 -63.28 58.42 40.84
C THR C 43 -62.54 57.15 40.44
N MET C 44 -61.84 57.23 39.31
CA MET C 44 -61.26 56.04 38.69
C MET C 44 -59.81 56.30 38.30
N GLN C 45 -59.04 55.21 38.25
CA GLN C 45 -57.62 55.25 37.95
C GLN C 45 -57.22 53.93 37.32
N LYS C 46 -56.20 53.96 36.47
CA LYS C 46 -55.64 52.74 35.91
C LYS C 46 -54.13 52.70 36.14
N LEU C 47 -53.64 51.49 36.41
CA LEU C 47 -52.20 51.23 36.52
C LEU C 47 -51.78 50.33 35.37
N ASP C 48 -50.81 50.78 34.57
CA ASP C 48 -50.34 50.04 33.41
C ASP C 48 -48.99 49.40 33.71
N PRO C 49 -48.85 48.08 33.65
CA PRO C 49 -47.55 47.47 33.97
C PRO C 49 -46.45 47.74 32.96
N TYR C 50 -46.74 48.18 31.74
CA TYR C 50 -45.69 48.29 30.74
C TYR C 50 -44.76 49.46 31.05
N LEU C 51 -43.55 49.39 30.50
CA LEU C 51 -42.48 50.34 30.80
C LEU C 51 -42.53 51.60 29.96
N ASN C 52 -43.34 51.65 28.91
CA ASN C 52 -43.49 52.89 28.15
C ASN C 52 -43.98 53.99 29.07
N VAL C 53 -43.31 55.15 29.04
CA VAL C 53 -43.71 56.24 29.92
C VAL C 53 -45.08 56.77 29.53
N ASP C 54 -45.46 56.59 28.27
CA ASP C 54 -46.84 56.81 27.83
C ASP C 54 -47.04 56.10 26.51
N PRO C 55 -48.27 55.71 26.18
CA PRO C 55 -48.49 54.86 25.00
C PRO C 55 -48.30 55.57 23.67
N GLY C 56 -47.93 56.84 23.65
CA GLY C 56 -47.76 57.53 22.39
C GLY C 56 -46.76 56.85 21.48
N THR C 57 -45.74 56.22 22.06
CA THR C 57 -44.74 55.53 21.25
C THR C 57 -45.26 54.21 20.70
N MET C 58 -46.37 53.71 21.22
CA MET C 58 -46.84 52.38 20.83
C MET C 58 -47.50 52.39 19.46
N ASN C 59 -47.82 51.18 18.99
CA ASN C 59 -48.49 50.94 17.74
C ASN C 59 -49.91 50.46 18.00
N PRO C 60 -50.93 51.00 17.33
CA PRO C 60 -52.32 50.65 17.68
C PRO C 60 -52.63 49.17 17.62
N PHE C 61 -51.77 48.33 17.07
CA PHE C 61 -52.00 46.89 17.14
C PHE C 61 -51.76 46.32 18.53
N GLN C 62 -51.14 47.08 19.42
CA GLN C 62 -50.84 46.57 20.77
C GLN C 62 -52.08 46.57 21.65
N HIS C 63 -52.68 47.74 21.85
CA HIS C 63 -53.78 47.87 22.79
C HIS C 63 -54.89 48.78 22.26
N GLY C 64 -54.97 49.00 20.96
CA GLY C 64 -55.95 49.91 20.40
C GLY C 64 -55.48 51.34 20.39
N GLU C 65 -56.45 52.23 20.16
CA GLU C 65 -56.14 53.64 19.94
C GLU C 65 -55.65 54.31 21.21
N VAL C 66 -54.99 55.45 21.02
CA VAL C 66 -54.57 56.28 22.14
C VAL C 66 -55.66 57.26 22.51
N PHE C 67 -55.57 57.82 23.72
CA PHE C 67 -56.56 58.74 24.27
C PHE C 67 -55.84 59.98 24.76
N VAL C 68 -56.59 61.07 24.93
CA VAL C 68 -56.00 62.35 25.32
C VAL C 68 -56.89 63.02 26.35
N THR C 69 -56.26 63.64 27.35
CA THR C 69 -56.96 64.29 28.45
C THR C 69 -57.05 65.80 28.23
N GLU C 70 -57.82 66.47 29.09
CA GLU C 70 -57.99 67.91 28.99
C GLU C 70 -56.75 68.66 29.46
N ASP C 71 -56.07 68.18 30.50
CA ASP C 71 -54.75 68.73 30.82
C ASP C 71 -53.70 68.28 29.83
N GLY C 72 -54.06 67.50 28.82
CA GLY C 72 -53.19 67.20 27.72
C GLY C 72 -52.32 65.97 27.86
N ALA C 73 -52.53 65.16 28.89
CA ALA C 73 -51.80 63.92 29.00
C ALA C 73 -52.27 62.92 27.95
N GLU C 74 -51.39 62.01 27.58
CA GLU C 74 -51.68 60.96 26.62
C GLU C 74 -51.75 59.63 27.35
N THR C 75 -52.90 58.96 27.25
CA THR C 75 -53.24 57.88 28.18
C THR C 75 -53.79 56.68 27.44
N ASP C 76 -53.96 55.60 28.17
CA ASP C 76 -54.44 54.35 27.61
C ASP C 76 -55.90 54.47 27.19
N LEU C 77 -56.37 53.45 26.47
CA LEU C 77 -57.74 53.42 25.99
C LEU C 77 -58.75 53.43 27.12
N ASP C 78 -58.45 52.73 28.22
CA ASP C 78 -59.46 52.53 29.27
C ASP C 78 -59.92 53.84 29.89
N VAL C 79 -59.07 54.87 29.86
CA VAL C 79 -59.51 56.18 30.33
C VAL C 79 -60.70 56.64 29.51
N GLY C 80 -60.77 56.19 28.24
CA GLY C 80 -61.92 56.49 27.42
C GLY C 80 -63.19 55.84 27.90
N HIS C 81 -63.12 54.58 28.33
CA HIS C 81 -64.29 53.95 28.93
C HIS C 81 -64.71 54.72 30.18
N TYR C 82 -63.72 55.10 31.01
CA TYR C 82 -64.06 55.80 32.24
C TYR C 82 -64.78 57.10 31.94
N GLU C 83 -64.29 57.87 30.98
CA GLU C 83 -64.98 59.09 30.57
C GLU C 83 -66.38 58.78 30.04
N ARG C 84 -66.48 57.84 29.09
CA ARG C 84 -67.75 57.60 28.43
C ARG C 84 -68.82 57.12 29.39
N PHE C 85 -68.46 56.40 30.45
CA PHE C 85 -69.47 55.88 31.37
C PHE C 85 -69.70 56.77 32.58
N LEU C 86 -68.68 57.50 33.05
CA LEU C 86 -68.88 58.46 34.12
C LEU C 86 -69.27 59.83 33.61
N ASP C 87 -69.10 60.10 32.33
CA ASP C 87 -69.28 61.43 31.75
C ASP C 87 -68.49 62.46 32.56
N ARG C 88 -67.17 62.28 32.56
CA ARG C 88 -66.28 63.14 33.31
C ARG C 88 -65.01 63.35 32.50
N ASN C 89 -64.25 64.36 32.89
CA ASN C 89 -62.89 64.57 32.39
C ASN C 89 -61.90 64.19 33.49
N LEU C 90 -60.94 63.34 33.15
CA LEU C 90 -60.07 62.75 34.16
C LEU C 90 -58.66 63.33 34.08
N PRO C 91 -57.97 63.46 35.20
CA PRO C 91 -56.61 64.02 35.16
C PRO C 91 -55.62 63.04 34.54
N GLY C 92 -54.47 63.58 34.15
CA GLY C 92 -53.38 62.75 33.70
C GLY C 92 -52.86 61.84 34.80
N SER C 93 -53.09 62.20 36.05
CA SER C 93 -52.73 61.34 37.16
C SER C 93 -53.50 60.03 37.14
N ALA C 94 -54.57 59.94 36.35
CA ALA C 94 -55.39 58.74 36.30
C ALA C 94 -54.73 57.58 35.57
N ASN C 95 -53.52 57.74 35.02
CA ASN C 95 -52.83 56.65 34.35
C ASN C 95 -51.38 56.59 34.84
N VAL C 96 -51.11 55.71 35.80
CA VAL C 96 -49.75 55.42 36.23
C VAL C 96 -49.19 54.29 35.39
N THR C 97 -47.87 54.29 35.23
CA THR C 97 -47.19 53.22 34.50
C THR C 97 -45.88 52.91 35.20
N THR C 98 -45.41 51.67 35.02
CA THR C 98 -44.12 51.28 35.55
C THR C 98 -43.01 52.21 35.05
N GLY C 99 -43.12 52.65 33.81
CA GLY C 99 -42.13 53.57 33.28
C GLY C 99 -42.02 54.83 34.12
N GLN C 100 -43.17 55.43 34.45
CA GLN C 100 -43.17 56.64 35.24
C GLN C 100 -42.62 56.38 36.64
N VAL C 101 -43.01 55.27 37.25
CA VAL C 101 -42.59 55.00 38.62
C VAL C 101 -41.09 54.79 38.69
N TYR C 102 -40.54 53.99 37.79
CA TYR C 102 -39.10 53.74 37.82
C TYR C 102 -38.32 55.01 37.50
N SER C 103 -38.76 55.77 36.49
CA SER C 103 -38.06 57.02 36.20
C SER C 103 -38.09 57.95 37.39
N THR C 104 -39.24 58.06 38.06
CA THR C 104 -39.37 58.92 39.22
C THR C 104 -38.42 58.50 40.33
N VAL C 105 -38.37 57.20 40.63
CA VAL C 105 -37.55 56.75 41.74
C VAL C 105 -36.07 56.88 41.41
N ILE C 106 -35.69 56.61 40.16
CA ILE C 106 -34.29 56.78 39.77
C ILE C 106 -33.88 58.24 39.87
N ALA C 107 -34.75 59.14 39.40
CA ALA C 107 -34.45 60.56 39.52
C ALA C 107 -34.29 60.97 40.98
N LYS C 108 -35.22 60.56 41.83
CA LYS C 108 -35.11 60.86 43.26
C LYS C 108 -33.81 60.30 43.83
N GLU C 109 -33.38 59.13 43.35
CA GLU C 109 -32.14 58.55 43.83
C GLU C 109 -30.95 59.40 43.44
N ARG C 110 -30.90 59.83 42.17
CA ARG C 110 -29.78 60.66 41.73
C ARG C 110 -29.66 61.94 42.54
N ARG C 111 -30.77 62.45 43.05
CA ARG C 111 -30.75 63.65 43.88
C ARG C 111 -30.49 63.36 45.34
N GLY C 112 -30.31 62.09 45.72
CA GLY C 112 -29.95 61.75 47.08
C GLY C 112 -31.07 61.86 48.09
N GLU C 113 -32.32 61.91 47.64
CA GLU C 113 -33.42 62.17 48.56
C GLU C 113 -33.70 61.02 49.52
N TYR C 114 -33.11 59.85 49.31
CA TYR C 114 -33.28 58.72 50.23
C TYR C 114 -32.18 58.66 51.28
N LEU C 115 -31.35 59.69 51.37
CA LEU C 115 -30.41 59.83 52.48
C LEU C 115 -29.50 58.61 52.62
N GLY C 116 -29.08 58.08 51.48
CA GLY C 116 -28.07 57.03 51.47
C GLY C 116 -28.58 55.61 51.58
N ASP C 117 -29.90 55.40 51.64
CA ASP C 117 -30.39 54.04 51.70
C ASP C 117 -30.19 53.33 50.37
N THR C 118 -30.21 52.01 50.41
CA THR C 118 -30.25 51.21 49.20
C THR C 118 -31.66 51.27 48.62
N VAL C 119 -31.78 51.72 47.37
CA VAL C 119 -33.08 51.79 46.72
C VAL C 119 -33.46 50.40 46.24
N GLN C 120 -34.67 49.97 46.59
CA GLN C 120 -35.12 48.61 46.38
C GLN C 120 -36.50 48.62 45.76
N VAL C 121 -36.88 47.48 45.16
CA VAL C 121 -38.23 47.35 44.65
C VAL C 121 -39.23 47.34 45.79
N ILE C 122 -38.84 46.79 46.94
CA ILE C 122 -39.55 46.98 48.20
C ILE C 122 -38.52 47.52 49.20
N PRO C 123 -38.79 48.64 49.88
CA PRO C 123 -40.04 49.40 49.89
C PRO C 123 -40.21 50.45 48.80
N HIS C 124 -39.14 50.99 48.20
CA HIS C 124 -39.23 52.30 47.57
C HIS C 124 -40.20 52.33 46.38
N ILE C 125 -40.13 51.34 45.49
CA ILE C 125 -41.02 51.35 44.34
C ILE C 125 -42.47 51.16 44.76
N THR C 126 -42.73 50.22 45.66
CA THR C 126 -44.10 50.01 46.13
C THR C 126 -44.59 51.21 46.92
N ASP C 127 -43.71 51.90 47.63
CA ASP C 127 -44.09 53.12 48.33
C ASP C 127 -44.51 54.20 47.33
N GLU C 128 -43.76 54.35 46.24
CA GLU C 128 -44.14 55.33 45.24
C GLU C 128 -45.50 54.99 44.64
N ILE C 129 -45.73 53.70 44.35
CA ILE C 129 -47.01 53.29 43.78
C ILE C 129 -48.15 53.52 44.76
N LYS C 130 -47.94 53.16 46.02
CA LYS C 130 -48.96 53.35 47.04
C LYS C 130 -49.26 54.83 47.25
N ARG C 131 -48.23 55.67 47.19
CA ARG C 131 -48.44 57.11 47.25
C ARG C 131 -49.30 57.59 46.09
N ARG C 132 -48.97 57.15 44.87
CA ARG C 132 -49.76 57.56 43.71
C ARG C 132 -51.18 57.04 43.78
N ILE C 133 -51.40 55.89 44.42
CA ILE C 133 -52.75 55.37 44.57
C ILE C 133 -53.54 56.20 45.58
N LEU C 134 -52.95 56.45 46.75
CA LEU C 134 -53.64 57.19 47.79
C LEU C 134 -53.81 58.66 47.45
N ALA C 135 -53.01 59.19 46.53
CA ALA C 135 -53.19 60.58 46.11
C ALA C 135 -54.56 60.81 45.50
N MET C 136 -55.14 59.78 44.86
CA MET C 136 -56.48 59.94 44.30
C MET C 136 -57.50 60.28 45.37
N ALA C 137 -57.26 59.87 46.62
CA ALA C 137 -58.22 60.11 47.68
C ALA C 137 -58.22 61.55 48.18
N GLN C 138 -57.19 62.32 47.86
CA GLN C 138 -57.09 63.68 48.37
C GLN C 138 -58.24 64.52 47.81
N PRO C 139 -58.70 65.53 48.56
CA PRO C 139 -59.78 66.38 48.05
C PRO C 139 -59.39 67.08 46.75
N ASP C 140 -60.35 67.15 45.83
CA ASP C 140 -60.13 67.79 44.54
C ASP C 140 -59.95 69.30 44.71
N ALA C 141 -59.80 70.01 43.60
CA ALA C 141 -59.58 71.45 43.66
C ALA C 141 -60.75 72.20 44.29
N ASP C 142 -61.94 71.60 44.31
CA ASP C 142 -63.11 72.24 44.89
C ASP C 142 -63.53 71.62 46.21
N GLY C 143 -62.74 70.70 46.76
CA GLY C 143 -63.02 70.10 48.05
C GLY C 143 -63.95 68.92 48.03
N ASN C 144 -64.34 68.42 46.86
CA ASN C 144 -65.20 67.25 46.78
C ASN C 144 -64.33 66.01 46.94
N ARG C 145 -64.61 65.24 47.97
CA ARG C 145 -63.77 64.09 48.29
C ARG C 145 -64.40 62.81 47.76
N PRO C 146 -63.70 62.04 46.92
CA PRO C 146 -64.32 60.85 46.35
C PRO C 146 -64.70 59.83 47.41
N ASP C 147 -65.85 59.18 47.20
CA ASP C 147 -66.32 58.18 48.16
C ASP C 147 -65.70 56.81 47.88
N VAL C 148 -65.47 56.48 46.61
CA VAL C 148 -64.82 55.24 46.22
C VAL C 148 -63.82 55.55 45.11
N VAL C 149 -62.62 54.99 45.24
CA VAL C 149 -61.61 55.03 44.19
C VAL C 149 -61.54 53.64 43.57
N ILE C 150 -61.87 53.53 42.29
CA ILE C 150 -61.83 52.26 41.57
C ILE C 150 -60.54 52.24 40.75
N THR C 151 -59.63 51.34 41.09
CA THR C 151 -58.33 51.24 40.46
C THR C 151 -58.29 49.95 39.64
N GLU C 152 -57.96 50.07 38.36
CA GLU C 152 -57.83 48.92 37.47
C GLU C 152 -56.35 48.56 37.34
N ILE C 153 -56.01 47.33 37.70
CA ILE C 153 -54.63 46.85 37.59
C ILE C 153 -54.49 46.17 36.24
N GLY C 154 -53.76 46.80 35.32
CA GLY C 154 -53.59 46.25 34.00
C GLY C 154 -52.73 45.01 34.00
N GLY C 155 -52.81 44.28 32.89
CA GLY C 155 -52.06 43.05 32.75
C GLY C 155 -52.84 41.83 33.24
N THR C 156 -52.10 40.82 33.66
CA THR C 156 -52.66 39.56 34.13
C THR C 156 -51.93 39.13 35.39
N VAL C 157 -52.67 38.60 36.36
CA VAL C 157 -52.06 38.15 37.60
C VAL C 157 -51.07 37.05 37.28
N GLY C 158 -49.82 37.24 37.71
CA GLY C 158 -48.75 36.33 37.39
C GLY C 158 -47.78 36.84 36.34
N ASP C 159 -48.10 37.94 35.66
CA ASP C 159 -47.12 38.61 34.83
C ASP C 159 -46.00 39.17 35.72
N ILE C 160 -44.77 39.12 35.23
CA ILE C 160 -43.65 39.64 35.98
C ILE C 160 -43.83 41.13 36.24
N GLU C 161 -44.39 41.86 35.28
CA GLU C 161 -44.49 43.30 35.38
C GLU C 161 -45.55 43.74 36.37
N SER C 162 -46.51 42.89 36.70
CA SER C 162 -47.57 43.26 37.64
C SER C 162 -47.16 43.11 39.08
N GLN C 163 -46.02 42.47 39.36
CA GLN C 163 -45.67 42.17 40.75
C GLN C 163 -45.60 43.40 41.64
N PRO C 164 -45.01 44.53 41.21
CA PRO C 164 -44.99 45.70 42.11
C PRO C 164 -46.35 46.29 42.36
N PHE C 165 -47.24 46.30 41.36
CA PHE C 165 -48.55 46.91 41.55
C PHE C 165 -49.43 46.08 42.47
N LEU C 166 -49.42 44.76 42.31
CA LEU C 166 -50.19 43.92 43.21
C LEU C 166 -49.63 43.96 44.63
N GLU C 167 -48.31 44.09 44.77
CA GLU C 167 -47.74 44.26 46.10
C GLU C 167 -48.15 45.59 46.72
N ALA C 168 -48.22 46.65 45.90
CA ALA C 168 -48.72 47.93 46.42
C ALA C 168 -50.17 47.81 46.87
N ALA C 169 -50.99 47.13 46.09
CA ALA C 169 -52.38 46.93 46.48
C ALA C 169 -52.47 46.13 47.79
N ARG C 170 -51.63 45.11 47.93
CA ARG C 170 -51.59 44.35 49.17
C ARG C 170 -51.22 45.24 50.36
N GLN C 171 -50.23 46.11 50.18
CA GLN C 171 -49.84 47.00 51.27
C GLN C 171 -50.95 48.00 51.59
N VAL C 172 -51.68 48.44 50.58
CA VAL C 172 -52.84 49.30 50.84
C VAL C 172 -53.87 48.54 51.68
N ARG C 173 -54.16 47.30 51.32
CA ARG C 173 -55.08 46.50 52.14
C ARG C 173 -54.57 46.34 53.56
N HIS C 174 -53.26 46.25 53.74
CA HIS C 174 -52.71 46.14 55.08
C HIS C 174 -52.89 47.44 55.86
N TYR C 175 -52.61 48.57 55.21
CA TYR C 175 -52.69 49.87 55.88
C TYR C 175 -54.14 50.21 56.23
N LEU C 176 -55.06 50.07 55.29
CA LEU C 176 -56.44 50.52 55.48
C LEU C 176 -57.36 49.44 56.04
N GLY C 177 -56.97 48.18 56.02
CA GLY C 177 -57.78 47.11 56.55
C GLY C 177 -58.88 46.65 55.59
N ARG C 178 -59.52 45.55 55.96
CA ARG C 178 -60.48 44.92 55.06
C ARG C 178 -61.76 45.73 54.91
N GLU C 179 -62.06 46.59 55.88
CA GLU C 179 -63.30 47.37 55.80
C GLU C 179 -63.25 48.46 54.75
N ASP C 180 -62.07 48.75 54.19
CA ASP C 180 -61.92 49.81 53.22
C ASP C 180 -61.46 49.36 51.85
N VAL C 181 -60.95 48.13 51.72
CA VAL C 181 -60.35 47.67 50.46
C VAL C 181 -61.09 46.42 49.99
N PHE C 182 -61.55 46.46 48.75
CA PHE C 182 -62.32 45.39 48.12
C PHE C 182 -61.62 44.98 46.84
N PHE C 183 -61.46 43.68 46.63
CA PHE C 183 -60.78 43.14 45.46
C PHE C 183 -61.79 42.45 44.55
N LEU C 184 -61.86 42.90 43.31
CA LEU C 184 -62.70 42.27 42.29
C LEU C 184 -61.79 41.61 41.26
N HIS C 185 -62.01 40.33 41.00
CA HIS C 185 -61.16 39.56 40.11
C HIS C 185 -61.98 39.08 38.92
N VAL C 186 -61.51 39.39 37.72
CA VAL C 186 -62.18 39.02 36.48
C VAL C 186 -61.46 37.85 35.86
N SER C 187 -62.19 36.80 35.50
CA SER C 187 -61.60 35.56 35.04
C SER C 187 -62.43 34.95 33.92
N LEU C 188 -61.79 34.12 33.12
CA LEU C 188 -62.39 33.56 31.92
C LEU C 188 -62.83 32.13 32.16
N VAL C 189 -64.03 31.79 31.70
CA VAL C 189 -64.54 30.42 31.74
C VAL C 189 -64.67 29.94 30.30
N PRO C 190 -63.68 29.26 29.74
CA PRO C 190 -63.76 28.84 28.35
C PRO C 190 -64.72 27.68 28.14
N TYR C 191 -65.28 27.62 26.94
CA TYR C 191 -66.15 26.53 26.52
C TYR C 191 -65.42 25.67 25.50
N LEU C 192 -65.34 24.38 25.76
CA LEU C 192 -64.66 23.43 24.88
C LEU C 192 -65.73 22.71 24.06
N ALA C 193 -65.82 23.03 22.78
CA ALA C 193 -66.86 22.46 21.93
C ALA C 193 -66.79 20.95 21.83
N PRO C 194 -65.63 20.32 21.67
CA PRO C 194 -65.60 18.87 21.46
C PRO C 194 -66.26 18.06 22.55
N SER C 195 -66.11 18.47 23.81
CA SER C 195 -66.73 17.75 24.93
C SER C 195 -67.91 18.49 25.53
N GLY C 196 -68.24 19.68 25.02
CA GLY C 196 -69.48 20.35 25.43
C GLY C 196 -69.55 20.66 26.90
N GLU C 197 -68.49 21.23 27.47
CA GLU C 197 -68.44 21.52 28.89
C GLU C 197 -67.73 22.84 29.13
N LEU C 198 -68.23 23.61 30.09
CA LEU C 198 -67.49 24.76 30.58
C LEU C 198 -66.45 24.29 31.60
N LYS C 199 -65.27 24.89 31.55
CA LYS C 199 -64.16 24.49 32.41
C LYS C 199 -63.87 25.59 33.42
N THR C 200 -63.83 25.22 34.70
CA THR C 200 -63.52 26.17 35.76
C THR C 200 -62.06 26.15 36.17
N LYS C 201 -61.26 25.21 35.68
CA LYS C 201 -59.88 25.07 36.14
C LYS C 201 -59.05 26.32 35.90
N PRO C 202 -59.14 27.01 34.76
CA PRO C 202 -58.38 28.26 34.61
C PRO C 202 -58.66 29.26 35.71
N THR C 203 -59.92 29.39 36.13
CA THR C 203 -60.25 30.30 37.21
C THR C 203 -59.61 29.85 38.52
N GLN C 204 -59.64 28.55 38.80
CA GLN C 204 -59.04 28.05 40.04
C GLN C 204 -57.56 28.35 40.06
N HIS C 205 -56.87 28.11 38.94
CA HIS C 205 -55.44 28.40 38.91
C HIS C 205 -55.17 29.89 39.02
N SER C 206 -56.01 30.73 38.42
CA SER C 206 -55.81 32.18 38.53
C SER C 206 -56.00 32.64 39.97
N VAL C 207 -57.03 32.15 40.65
CA VAL C 207 -57.25 32.54 42.04
C VAL C 207 -56.13 32.02 42.92
N ALA C 208 -55.60 30.83 42.61
CA ALA C 208 -54.45 30.33 43.36
C ALA C 208 -53.23 31.22 43.15
N ALA C 209 -53.00 31.66 41.92
CA ALA C 209 -51.90 32.59 41.66
C ALA C 209 -52.09 33.88 42.44
N LEU C 210 -53.33 34.37 42.50
CA LEU C 210 -53.62 35.59 43.24
C LEU C 210 -53.39 35.39 44.74
N ARG C 211 -53.80 34.24 45.27
CA ARG C 211 -53.56 33.94 46.68
C ARG C 211 -52.08 33.80 46.98
N SER C 212 -51.29 33.39 45.98
CA SER C 212 -49.87 33.20 46.21
C SER C 212 -49.11 34.50 46.41
N ILE C 213 -49.74 35.65 46.18
CA ILE C 213 -49.13 36.94 46.49
C ILE C 213 -49.83 37.64 47.63
N GLY C 214 -50.76 36.97 48.31
CA GLY C 214 -51.36 37.51 49.52
C GLY C 214 -52.63 38.29 49.32
N ILE C 215 -53.32 38.11 48.21
CA ILE C 215 -54.58 38.79 47.92
C ILE C 215 -55.69 37.75 47.88
N THR C 216 -56.77 37.99 48.63
CA THR C 216 -57.96 37.15 48.57
C THR C 216 -59.06 37.90 47.85
N PRO C 217 -59.56 37.43 46.71
CA PRO C 217 -60.63 38.16 46.03
C PRO C 217 -61.91 38.15 46.84
N ASP C 218 -62.64 39.26 46.78
CA ASP C 218 -63.96 39.32 47.41
C ASP C 218 -65.06 38.85 46.48
N ALA C 219 -64.89 39.03 45.17
CA ALA C 219 -65.89 38.59 44.20
C ALA C 219 -65.20 38.20 42.91
N LEU C 220 -65.86 37.34 42.14
CA LEU C 220 -65.36 36.87 40.86
C LEU C 220 -66.34 37.25 39.76
N ILE C 221 -65.84 37.89 38.72
CA ILE C 221 -66.59 38.16 37.50
C ILE C 221 -66.22 37.08 36.50
N LEU C 222 -67.12 36.12 36.27
CA LEU C 222 -66.86 35.01 35.36
C LEU C 222 -67.23 35.43 33.95
N ARG C 223 -66.24 35.83 33.16
CA ARG C 223 -66.47 36.15 31.77
C ARG C 223 -66.63 34.87 30.96
N CYS C 224 -67.65 34.83 30.11
CA CYS C 224 -67.99 33.63 29.37
C CYS C 224 -68.74 34.03 28.12
N ASP C 225 -68.84 33.08 27.18
CA ASP C 225 -69.67 33.30 25.99
C ASP C 225 -71.13 32.93 26.21
N ARG C 226 -71.44 32.23 27.30
CA ARG C 226 -72.81 31.84 27.62
C ARG C 226 -72.99 31.89 29.12
N ASP C 227 -74.25 32.01 29.55
CA ASP C 227 -74.53 32.15 30.97
C ASP C 227 -74.04 30.91 31.71
N VAL C 228 -73.29 31.14 32.78
CA VAL C 228 -72.66 30.02 33.51
C VAL C 228 -73.74 29.28 34.31
N PRO C 229 -73.75 27.94 34.29
CA PRO C 229 -74.72 27.21 35.11
C PRO C 229 -74.51 27.50 36.58
N GLU C 230 -75.59 27.32 37.36
CA GLU C 230 -75.51 27.57 38.79
C GLU C 230 -74.61 26.56 39.49
N ALA C 231 -74.59 25.31 39.01
CA ALA C 231 -73.72 24.32 39.62
C ALA C 231 -72.26 24.71 39.49
N LEU C 232 -71.87 25.30 38.36
CA LEU C 232 -70.48 25.72 38.20
C LEU C 232 -70.14 26.88 39.13
N LYS C 233 -71.07 27.83 39.30
CA LYS C 233 -70.82 28.91 40.25
C LYS C 233 -70.67 28.36 41.65
N ASN C 234 -71.49 27.38 42.02
CA ASN C 234 -71.34 26.75 43.33
C ASN C 234 -69.99 26.07 43.47
N LYS C 235 -69.55 25.34 42.44
CA LYS C 235 -68.25 24.70 42.48
C LYS C 235 -67.14 25.72 42.65
N ILE C 236 -67.20 26.82 41.90
CA ILE C 236 -66.16 27.85 41.98
C ILE C 236 -66.15 28.46 43.38
N ALA C 237 -67.32 28.78 43.92
CA ALA C 237 -67.38 29.36 45.25
C ALA C 237 -66.77 28.42 46.27
N LEU C 238 -67.08 27.12 46.17
CA LEU C 238 -66.53 26.15 47.10
C LEU C 238 -65.01 26.03 46.96
N MET C 239 -64.52 25.92 45.73
CA MET C 239 -63.10 25.67 45.50
C MET C 239 -62.25 26.88 45.83
N CYS C 240 -62.77 28.09 45.62
CA CYS C 240 -61.98 29.31 45.73
C CYS C 240 -62.13 30.02 47.07
N ASP C 241 -62.94 29.51 47.99
CA ASP C 241 -63.20 30.18 49.26
C ASP C 241 -63.72 31.60 49.02
N VAL C 242 -64.70 31.71 48.14
CA VAL C 242 -65.34 32.97 47.81
C VAL C 242 -66.82 32.86 48.18
N ASP C 243 -67.37 33.94 48.73
CA ASP C 243 -68.78 33.93 49.08
C ASP C 243 -69.63 33.67 47.85
N ILE C 244 -70.57 32.73 47.97
CA ILE C 244 -71.41 32.35 46.84
C ILE C 244 -72.18 33.55 46.31
N ASP C 245 -72.37 34.58 47.13
CA ASP C 245 -72.93 35.83 46.64
C ASP C 245 -72.00 36.52 45.65
N GLY C 246 -70.70 36.22 45.70
CA GLY C 246 -69.71 36.95 44.97
C GLY C 246 -69.31 36.41 43.61
N VAL C 247 -69.87 35.28 43.18
CA VAL C 247 -69.58 34.74 41.87
C VAL C 247 -70.63 35.28 40.90
N ILE C 248 -70.19 36.10 39.96
CA ILE C 248 -71.07 36.90 39.12
C ILE C 248 -70.90 36.44 37.67
N SER C 249 -71.95 35.89 37.09
CA SER C 249 -71.94 35.45 35.69
C SER C 249 -72.09 36.66 34.79
N THR C 250 -71.18 36.82 33.84
CA THR C 250 -71.08 38.03 33.02
C THR C 250 -70.91 37.65 31.55
N PRO C 251 -71.96 37.11 30.93
CA PRO C 251 -71.83 36.66 29.53
C PRO C 251 -71.66 37.84 28.58
N ASP C 252 -71.13 37.53 27.41
CA ASP C 252 -70.89 38.55 26.40
C ASP C 252 -72.19 39.22 25.99
N ALA C 253 -72.37 40.47 26.38
CA ALA C 253 -73.58 41.20 26.07
C ALA C 253 -73.57 41.68 24.61
N PRO C 254 -74.73 41.83 24.00
CA PRO C 254 -74.76 42.27 22.60
C PRO C 254 -74.15 43.63 22.39
N SER C 255 -74.23 44.52 23.37
CA SER C 255 -73.55 45.80 23.32
C SER C 255 -73.00 46.14 24.70
N ILE C 256 -71.94 46.94 24.72
CA ILE C 256 -71.30 47.29 25.98
C ILE C 256 -72.25 48.01 26.92
N TYR C 257 -73.29 48.65 26.40
CA TYR C 257 -74.21 49.41 27.24
C TYR C 257 -75.19 48.53 27.99
N ASP C 258 -75.29 47.24 27.65
CA ASP C 258 -76.08 46.32 28.44
C ASP C 258 -75.37 45.87 29.70
N ILE C 259 -74.04 46.07 29.79
CA ILE C 259 -73.28 45.52 30.90
C ILE C 259 -73.77 46.06 32.24
N PRO C 260 -74.06 47.35 32.40
CA PRO C 260 -74.62 47.79 33.69
C PRO C 260 -75.87 47.02 34.07
N LYS C 261 -76.75 46.73 33.12
CA LYS C 261 -77.94 45.95 33.42
C LYS C 261 -77.57 44.55 33.87
N VAL C 262 -76.58 43.92 33.21
CA VAL C 262 -76.17 42.57 33.60
C VAL C 262 -75.63 42.58 35.02
N LEU C 263 -74.77 43.55 35.34
CA LEU C 263 -74.17 43.58 36.67
C LEU C 263 -75.20 43.91 37.74
N HIS C 264 -76.16 44.79 37.45
CA HIS C 264 -77.20 45.07 38.42
C HIS C 264 -78.11 43.87 38.61
N ARG C 265 -78.47 43.20 37.50
CA ARG C 265 -79.30 42.01 37.58
C ARG C 265 -78.66 40.95 38.46
N GLU C 266 -77.34 40.81 38.39
CA GLU C 266 -76.61 39.88 39.23
C GLU C 266 -76.37 40.43 40.63
N GLU C 267 -76.73 41.68 40.88
CA GLU C 267 -76.61 42.30 42.21
C GLU C 267 -75.16 42.42 42.65
N LEU C 268 -74.26 42.73 41.70
CA LEU C 268 -72.88 43.02 42.08
C LEU C 268 -72.79 44.31 42.87
N ASP C 269 -73.51 45.34 42.42
CA ASP C 269 -73.44 46.63 43.11
C ASP C 269 -73.96 46.51 44.54
N ALA C 270 -75.04 45.75 44.73
CA ALA C 270 -75.53 45.53 46.09
C ALA C 270 -74.49 44.81 46.94
N PHE C 271 -73.82 43.81 46.36
CA PHE C 271 -72.79 43.09 47.11
C PHE C 271 -71.65 44.01 47.51
N VAL C 272 -71.19 44.85 46.57
CA VAL C 272 -70.11 45.78 46.88
C VAL C 272 -70.55 46.77 47.96
N VAL C 273 -71.76 47.30 47.83
CA VAL C 273 -72.25 48.29 48.80
C VAL C 273 -72.34 47.68 50.18
N ARG C 274 -72.91 46.48 50.27
CA ARG C 274 -73.02 45.82 51.57
C ARG C 274 -71.64 45.54 52.16
N ARG C 275 -70.72 45.07 51.33
CA ARG C 275 -69.41 44.65 51.84
C ARG C 275 -68.58 45.85 52.28
N LEU C 276 -68.66 46.96 51.56
CA LEU C 276 -67.94 48.17 51.92
C LEU C 276 -68.71 49.06 52.91
N ASN C 277 -69.94 48.70 53.24
CA ASN C 277 -70.75 49.47 54.18
C ASN C 277 -70.95 50.91 53.71
N LEU C 278 -71.14 51.09 52.41
CA LEU C 278 -71.36 52.43 51.89
C LEU C 278 -72.83 52.83 52.04
N PRO C 279 -73.09 54.13 52.26
CA PRO C 279 -74.48 54.60 52.22
C PRO C 279 -74.94 54.76 50.78
N PHE C 280 -76.20 54.40 50.53
CA PHE C 280 -76.67 54.22 49.17
C PHE C 280 -78.14 54.62 49.04
N ARG C 281 -78.57 54.74 47.78
CA ARG C 281 -79.97 54.82 47.41
C ARG C 281 -80.15 54.01 46.14
N ASP C 282 -81.41 53.71 45.82
CA ASP C 282 -81.69 52.87 44.65
C ASP C 282 -81.28 53.57 43.36
N VAL C 283 -80.94 52.76 42.37
CA VAL C 283 -80.50 53.27 41.07
C VAL C 283 -81.68 53.86 40.32
N ASP C 284 -81.53 55.09 39.84
CA ASP C 284 -82.54 55.72 38.98
C ASP C 284 -82.22 55.34 37.54
N TRP C 285 -82.94 54.36 37.01
CA TRP C 285 -82.66 53.80 35.68
C TRP C 285 -83.22 54.65 34.54
N THR C 286 -83.79 55.82 34.82
CA THR C 286 -84.53 56.54 33.78
C THR C 286 -83.64 56.84 32.57
N GLU C 287 -82.48 57.47 32.82
CA GLU C 287 -81.63 57.88 31.71
C GLU C 287 -81.12 56.68 30.92
N TRP C 288 -80.57 55.69 31.61
CA TRP C 288 -79.97 54.56 30.90
C TRP C 288 -81.03 53.70 30.25
N ASP C 289 -82.26 53.68 30.79
CA ASP C 289 -83.34 53.00 30.10
C ASP C 289 -83.67 53.70 28.79
N ASP C 290 -83.64 55.04 28.78
CA ASP C 290 -83.82 55.73 27.51
C ASP C 290 -82.70 55.40 26.54
N LEU C 291 -81.47 55.34 27.04
CA LEU C 291 -80.33 54.98 26.18
C LEU C 291 -80.51 53.58 25.59
N LEU C 292 -80.94 52.63 26.43
CA LEU C 292 -81.11 51.27 25.94
C LEU C 292 -82.31 51.13 25.01
N ARG C 293 -83.32 51.98 25.15
CA ARG C 293 -84.36 52.06 24.13
C ARG C 293 -83.77 52.51 22.80
N ARG C 294 -82.95 53.55 22.83
CA ARG C 294 -82.30 54.00 21.61
C ARG C 294 -81.41 52.91 21.02
N VAL C 295 -80.84 52.07 21.88
CA VAL C 295 -80.01 50.95 21.41
C VAL C 295 -80.87 49.89 20.73
N HIS C 296 -81.82 49.33 21.47
CA HIS C 296 -82.48 48.09 21.04
C HIS C 296 -83.69 48.28 20.15
N GLU C 297 -84.29 49.48 20.11
CA GLU C 297 -85.51 49.70 19.35
C GLU C 297 -85.36 50.92 18.44
N PRO C 298 -84.44 50.87 17.48
CA PRO C 298 -84.31 51.97 16.53
C PRO C 298 -85.41 51.91 15.48
N HIS C 299 -85.68 53.08 14.88
CA HIS C 299 -86.70 53.16 13.84
C HIS C 299 -86.16 52.74 12.47
N GLU C 300 -84.86 52.86 12.24
CA GLU C 300 -84.29 52.57 10.93
C GLU C 300 -82.86 52.08 11.12
N THR C 301 -82.16 51.87 10.00
CA THR C 301 -80.81 51.32 10.01
C THR C 301 -80.03 51.93 8.86
N VAL C 302 -78.71 52.05 9.05
CA VAL C 302 -77.83 52.59 8.02
C VAL C 302 -76.46 51.93 8.15
N ARG C 303 -75.81 51.73 7.02
CA ARG C 303 -74.51 51.07 6.95
C ARG C 303 -73.43 52.10 6.66
N ILE C 304 -72.35 52.06 7.44
CA ILE C 304 -71.23 52.98 7.30
C ILE C 304 -69.95 52.17 7.13
N ALA C 305 -69.16 52.53 6.13
CA ALA C 305 -67.85 51.91 5.93
C ALA C 305 -66.81 52.59 6.81
N LEU C 306 -66.00 51.78 7.50
CA LEU C 306 -64.83 52.25 8.23
C LEU C 306 -63.60 51.79 7.46
N VAL C 307 -62.83 52.73 6.95
CA VAL C 307 -61.71 52.45 6.06
C VAL C 307 -60.42 52.71 6.81
N GLY C 308 -59.60 51.67 6.95
CA GLY C 308 -58.32 51.82 7.64
C GLY C 308 -57.46 50.59 7.44
N LYS C 309 -56.25 50.67 7.98
CA LYS C 309 -55.32 49.55 7.94
C LYS C 309 -55.54 48.57 9.09
N TYR C 310 -55.79 49.09 10.29
CA TYR C 310 -55.98 48.23 11.45
C TYR C 310 -57.33 47.52 11.43
N VAL C 311 -58.16 47.74 10.41
CA VAL C 311 -59.49 47.15 10.37
C VAL C 311 -59.48 45.64 10.30
N GLU C 312 -58.31 45.02 10.17
CA GLU C 312 -58.23 43.56 10.08
C GLU C 312 -58.52 42.93 11.43
N LEU C 313 -59.78 42.95 11.84
CA LEU C 313 -60.24 42.29 13.07
C LEU C 313 -59.46 42.80 14.29
N SER C 314 -59.58 44.11 14.53
CA SER C 314 -58.98 44.71 15.71
C SER C 314 -59.85 45.89 16.15
N ASP C 315 -59.83 46.15 17.46
CA ASP C 315 -60.54 47.30 18.02
C ASP C 315 -59.66 48.54 18.05
N ALA C 316 -59.03 48.86 16.92
CA ALA C 316 -58.16 50.03 16.84
C ALA C 316 -58.94 51.32 16.70
N TYR C 317 -60.26 51.24 16.48
CA TYR C 317 -61.09 52.40 16.19
C TYR C 317 -62.26 52.49 17.15
N LEU C 318 -62.07 52.01 18.38
CA LEU C 318 -63.20 51.81 19.29
C LEU C 318 -63.95 53.12 19.54
N SER C 319 -63.21 54.20 19.81
CA SER C 319 -63.87 55.47 20.09
C SER C 319 -64.68 55.95 18.90
N VAL C 320 -64.15 55.79 17.69
CA VAL C 320 -64.88 56.19 16.50
C VAL C 320 -66.16 55.37 16.36
N ALA C 321 -66.06 54.05 16.55
CA ALA C 321 -67.24 53.21 16.43
C ALA C 321 -68.29 53.58 17.47
N GLU C 322 -67.87 53.90 18.69
CA GLU C 322 -68.82 54.28 19.73
C GLU C 322 -69.44 55.63 19.43
N ALA C 323 -68.66 56.59 18.92
CA ALA C 323 -69.24 57.88 18.54
C ALA C 323 -70.23 57.70 17.40
N LEU C 324 -69.94 56.79 16.47
CA LEU C 324 -70.88 56.46 15.41
C LEU C 324 -72.18 55.93 16.00
N ARG C 325 -72.07 54.98 16.94
CA ARG C 325 -73.29 54.42 17.53
C ARG C 325 -74.07 55.48 18.31
N ALA C 326 -73.36 56.39 18.98
CA ALA C 326 -74.04 57.48 19.66
C ALA C 326 -74.78 58.38 18.66
N GLY C 327 -74.13 58.68 17.54
CA GLY C 327 -74.81 59.42 16.48
C GLY C 327 -76.07 58.72 16.02
N GLY C 328 -75.99 57.40 15.81
CA GLY C 328 -77.18 56.64 15.47
C GLY C 328 -78.25 56.77 16.54
N PHE C 329 -77.85 56.73 17.81
CA PHE C 329 -78.80 56.82 18.90
C PHE C 329 -79.50 58.18 18.91
N LYS C 330 -78.79 59.25 18.54
CA LYS C 330 -79.44 60.55 18.50
C LYS C 330 -80.58 60.57 17.49
N HIS C 331 -80.42 59.87 16.37
CA HIS C 331 -81.46 59.77 15.35
C HIS C 331 -82.33 58.53 15.53
N ARG C 332 -82.06 57.71 16.54
CA ARG C 332 -82.75 56.43 16.71
C ARG C 332 -82.62 55.57 15.46
N ALA C 333 -81.42 55.52 14.90
CA ALA C 333 -81.08 54.61 13.82
C ALA C 333 -80.00 53.64 14.28
N LYS C 334 -80.14 52.38 13.90
CA LYS C 334 -79.04 51.44 14.04
C LYS C 334 -77.99 51.73 12.99
N VAL C 335 -76.74 51.88 13.42
CA VAL C 335 -75.62 52.04 12.49
C VAL C 335 -74.87 50.72 12.44
N GLU C 336 -74.78 50.15 11.25
CA GLU C 336 -74.02 48.94 11.02
C GLU C 336 -72.71 49.31 10.34
N ILE C 337 -71.60 48.80 10.86
CA ILE C 337 -70.27 49.19 10.40
C ILE C 337 -69.73 48.09 9.50
N CYS C 338 -69.34 48.47 8.29
CA CYS C 338 -68.68 47.57 7.35
C CYS C 338 -67.19 47.87 7.40
N TRP C 339 -66.40 46.90 7.87
CA TRP C 339 -64.96 47.10 8.05
C TRP C 339 -64.27 46.87 6.71
N VAL C 340 -63.74 47.94 6.13
CA VAL C 340 -63.19 47.95 4.79
C VAL C 340 -61.69 48.20 4.86
N ALA C 341 -60.92 47.32 4.22
CA ALA C 341 -59.48 47.51 4.14
C ALA C 341 -59.16 48.66 3.20
N SER C 342 -58.20 49.50 3.60
CA SER C 342 -57.80 50.63 2.77
C SER C 342 -57.22 50.16 1.44
N ASP C 343 -56.44 49.08 1.45
CA ASP C 343 -55.67 48.68 0.28
C ASP C 343 -56.53 48.09 -0.82
N GLY C 344 -57.74 47.64 -0.52
CA GLY C 344 -58.66 47.23 -1.57
C GLY C 344 -59.30 48.39 -2.31
N CYS C 345 -59.13 49.61 -1.81
CA CYS C 345 -59.73 50.80 -2.42
C CYS C 345 -58.72 51.59 -3.24
N GLU C 346 -57.49 51.10 -3.39
CA GLU C 346 -56.51 51.84 -4.19
C GLU C 346 -56.90 51.89 -5.66
N THR C 347 -57.41 50.78 -6.19
CA THR C 347 -57.96 50.76 -7.53
C THR C 347 -59.42 51.17 -7.51
N THR C 348 -59.85 51.88 -8.57
CA THR C 348 -61.22 52.36 -8.61
C THR C 348 -62.21 51.20 -8.63
N SER C 349 -61.87 50.12 -9.35
CA SER C 349 -62.74 48.95 -9.34
C SER C 349 -62.79 48.31 -7.96
N GLY C 350 -61.64 48.20 -7.28
CA GLY C 350 -61.64 47.67 -5.93
C GLY C 350 -62.41 48.53 -4.96
N ALA C 351 -62.25 49.85 -5.06
CA ALA C 351 -63.02 50.76 -4.22
C ALA C 351 -64.52 50.60 -4.47
N ALA C 352 -64.91 50.48 -5.74
CA ALA C 352 -66.32 50.29 -6.05
C ALA C 352 -66.84 48.98 -5.49
N ALA C 353 -66.04 47.91 -5.61
CA ALA C 353 -66.46 46.62 -5.07
C ALA C 353 -66.61 46.67 -3.56
N ALA C 354 -65.70 47.37 -2.87
CA ALA C 354 -65.77 47.44 -1.41
C ALA C 354 -66.94 48.30 -0.94
N LEU C 355 -67.07 49.51 -1.51
CA LEU C 355 -67.93 50.54 -0.93
C LEU C 355 -69.32 50.60 -1.53
N GLY C 356 -69.55 49.99 -2.70
CA GLY C 356 -70.76 50.27 -3.45
C GLY C 356 -72.04 49.99 -2.68
N ASP C 357 -72.00 49.12 -1.68
CA ASP C 357 -73.21 48.74 -0.95
C ASP C 357 -73.45 49.59 0.29
N VAL C 358 -72.47 50.39 0.73
CA VAL C 358 -72.60 51.15 1.98
C VAL C 358 -73.33 52.46 1.75
N HIS C 359 -73.68 53.13 2.84
CA HIS C 359 -74.34 54.43 2.80
C HIS C 359 -73.47 55.56 3.30
N GLY C 360 -72.24 55.28 3.73
CA GLY C 360 -71.33 56.32 4.15
C GLY C 360 -69.98 55.72 4.46
N VAL C 361 -68.97 56.60 4.44
CA VAL C 361 -67.58 56.20 4.62
C VAL C 361 -66.94 57.09 5.68
N LEU C 362 -66.11 56.48 6.54
CA LEU C 362 -65.39 57.20 7.57
C LEU C 362 -63.91 56.91 7.43
N ILE C 363 -63.10 57.96 7.42
CA ILE C 363 -61.65 57.84 7.31
C ILE C 363 -61.03 58.28 8.64
N PRO C 364 -60.70 57.36 9.54
CA PRO C 364 -60.14 57.75 10.83
C PRO C 364 -58.65 58.03 10.75
N GLY C 365 -58.15 58.68 11.80
CA GLY C 365 -56.74 59.00 11.88
C GLY C 365 -55.89 57.82 12.33
N GLY C 366 -54.58 58.04 12.32
CA GLY C 366 -53.64 57.02 12.74
C GLY C 366 -52.23 57.54 12.67
N PHE C 367 -51.31 56.70 13.14
CA PHE C 367 -49.89 57.02 13.12
C PHE C 367 -49.11 55.78 12.70
N GLY C 368 -47.93 56.00 12.12
CA GLY C 368 -47.22 54.91 11.49
C GLY C 368 -47.98 54.33 10.31
N ILE C 369 -48.97 55.07 9.80
CA ILE C 369 -49.86 54.56 8.77
C ILE C 369 -49.16 54.65 7.41
N ARG C 370 -49.61 53.81 6.48
CA ARG C 370 -49.09 53.82 5.12
C ARG C 370 -50.20 53.44 4.16
N GLY C 371 -49.98 53.74 2.88
CA GLY C 371 -50.90 53.35 1.84
C GLY C 371 -52.10 54.25 1.70
N ILE C 372 -51.98 55.53 2.06
CA ILE C 372 -53.10 56.45 1.97
C ILE C 372 -53.58 56.64 0.54
N GLU C 373 -52.83 56.13 -0.44
CA GLU C 373 -53.34 56.10 -1.80
C GLU C 373 -54.70 55.41 -1.86
N GLY C 374 -54.85 54.32 -1.10
CA GLY C 374 -56.14 53.65 -1.03
C GLY C 374 -57.21 54.52 -0.38
N LYS C 375 -56.86 55.22 0.69
CA LYS C 375 -57.81 56.11 1.34
C LYS C 375 -58.29 57.19 0.38
N ILE C 376 -57.36 57.87 -0.28
CA ILE C 376 -57.73 58.91 -1.24
C ILE C 376 -58.51 58.32 -2.40
N GLY C 377 -58.18 57.09 -2.80
CA GLY C 377 -58.97 56.43 -3.84
C GLY C 377 -60.41 56.22 -3.41
N ALA C 378 -60.61 55.84 -2.15
CA ALA C 378 -61.96 55.73 -1.62
C ALA C 378 -62.65 57.08 -1.61
N ILE C 379 -61.92 58.16 -1.29
CA ILE C 379 -62.52 59.49 -1.33
C ILE C 379 -62.97 59.82 -2.75
N ALA C 380 -62.10 59.59 -3.73
CA ALA C 380 -62.44 59.89 -5.12
C ALA C 380 -63.68 59.13 -5.55
N TYR C 381 -63.70 57.82 -5.28
CA TYR C 381 -64.86 57.02 -5.63
C TYR C 381 -66.12 57.52 -4.93
N ALA C 382 -66.02 57.79 -3.62
CA ALA C 382 -67.20 58.19 -2.86
C ALA C 382 -67.76 59.51 -3.37
N ARG C 383 -66.88 60.47 -3.66
CA ARG C 383 -67.34 61.75 -4.19
C ARG C 383 -68.06 61.56 -5.52
N ALA C 384 -67.51 60.71 -6.40
CA ALA C 384 -68.21 60.46 -7.66
C ALA C 384 -69.55 59.78 -7.42
N ARG C 385 -69.60 58.83 -6.47
CA ARG C 385 -70.82 58.07 -6.22
C ARG C 385 -71.84 58.85 -5.40
N GLY C 386 -71.42 59.89 -4.68
CA GLY C 386 -72.32 60.68 -3.87
C GLY C 386 -72.48 60.24 -2.44
N LEU C 387 -71.66 59.31 -1.96
CA LEU C 387 -71.75 58.86 -0.59
C LEU C 387 -71.20 59.95 0.35
N PRO C 388 -71.80 60.15 1.53
CA PRO C 388 -71.22 61.08 2.48
C PRO C 388 -69.94 60.53 3.08
N VAL C 389 -69.03 61.43 3.42
CA VAL C 389 -67.72 61.08 3.93
C VAL C 389 -67.38 61.96 5.13
N LEU C 390 -66.86 61.34 6.18
CA LEU C 390 -66.29 62.06 7.32
C LEU C 390 -64.84 61.64 7.47
N GLY C 391 -63.94 62.63 7.47
CA GLY C 391 -62.52 62.37 7.56
C GLY C 391 -61.91 62.97 8.81
N LEU C 392 -61.33 62.14 9.66
CA LEU C 392 -60.83 62.56 10.96
C LEU C 392 -59.30 62.60 10.92
N CYS C 393 -58.74 63.76 11.22
CA CYS C 393 -57.29 63.93 11.20
C CYS C 393 -56.72 63.54 9.85
N LEU C 394 -56.15 62.34 9.76
CA LEU C 394 -55.67 61.85 8.47
C LEU C 394 -56.79 61.82 7.44
N GLY C 395 -58.04 61.65 7.88
CA GLY C 395 -59.14 61.75 6.94
C GLY C 395 -59.23 63.12 6.31
N LEU C 396 -59.06 64.17 7.12
CA LEU C 396 -58.99 65.53 6.58
C LEU C 396 -57.80 65.68 5.65
N GLN C 397 -56.65 65.11 6.02
CA GLN C 397 -55.47 65.24 5.18
C GLN C 397 -55.70 64.57 3.82
N CYS C 398 -56.32 63.40 3.82
CA CYS C 398 -56.65 62.74 2.57
C CYS C 398 -57.66 63.54 1.75
N ILE C 399 -58.63 64.17 2.43
CA ILE C 399 -59.59 65.02 1.71
C ILE C 399 -58.86 66.16 1.01
N VAL C 400 -57.93 66.80 1.73
CA VAL C 400 -57.18 67.91 1.15
C VAL C 400 -56.30 67.44 0.00
N ILE C 401 -55.72 66.24 0.13
CA ILE C 401 -54.91 65.71 -0.97
C ILE C 401 -55.78 65.38 -2.18
N GLU C 402 -56.99 64.88 -1.94
CA GLU C 402 -57.93 64.64 -3.03
C GLU C 402 -58.26 65.94 -3.74
N ALA C 403 -58.52 67.00 -2.98
CA ALA C 403 -58.79 68.29 -3.58
C ALA C 403 -57.58 68.80 -4.35
N ALA C 404 -56.38 68.59 -3.81
CA ALA C 404 -55.16 68.95 -4.54
C ALA C 404 -55.10 68.25 -5.89
N ARG C 405 -55.38 66.94 -5.89
CA ARG C 405 -55.42 66.17 -7.12
C ARG C 405 -56.66 66.45 -7.95
N SER C 406 -57.55 67.33 -7.50
CA SER C 406 -58.72 67.72 -8.27
C SER C 406 -58.53 69.01 -9.05
N VAL C 407 -57.47 69.77 -8.79
CA VAL C 407 -57.33 71.12 -9.36
C VAL C 407 -56.06 71.29 -10.18
N GLY C 408 -55.17 70.30 -10.22
CA GLY C 408 -53.92 70.45 -10.95
C GLY C 408 -52.74 69.80 -10.27
N LEU C 409 -52.89 69.46 -9.00
CA LEU C 409 -51.77 69.04 -8.18
C LEU C 409 -51.68 67.52 -8.11
N THR C 410 -51.49 66.89 -9.28
CA THR C 410 -51.62 65.44 -9.38
C THR C 410 -50.56 64.72 -8.55
N ASN C 411 -49.36 65.28 -8.44
CA ASN C 411 -48.30 64.68 -7.65
C ASN C 411 -48.27 65.19 -6.21
N ALA C 412 -49.29 65.94 -5.80
CA ALA C 412 -49.31 66.48 -4.44
C ALA C 412 -49.46 65.36 -3.42
N ASN C 413 -48.90 65.60 -2.23
CA ASN C 413 -48.96 64.63 -1.14
C ASN C 413 -48.59 65.35 0.15
N SER C 414 -48.58 64.58 1.24
CA SER C 414 -47.97 65.05 2.47
C SER C 414 -46.47 64.81 2.43
N ALA C 415 -45.71 65.73 3.04
CA ALA C 415 -44.29 65.50 3.23
C ALA C 415 -44.03 64.25 4.06
N GLU C 416 -45.03 63.80 4.82
CA GLU C 416 -44.90 62.54 5.55
C GLU C 416 -44.89 61.34 4.59
N PHE C 417 -45.69 61.41 3.53
CA PHE C 417 -45.93 60.25 2.67
C PHE C 417 -45.17 60.31 1.35
N ASP C 418 -44.70 61.48 0.93
CA ASP C 418 -43.72 61.59 -0.15
C ASP C 418 -42.81 62.77 0.17
N PRO C 419 -41.72 62.52 0.89
CA PRO C 419 -40.81 63.62 1.24
C PRO C 419 -40.23 64.34 0.03
N ASP C 420 -40.29 63.72 -1.15
CA ASP C 420 -39.77 64.32 -2.39
C ASP C 420 -40.88 64.89 -3.26
N THR C 421 -42.11 64.99 -2.76
CA THR C 421 -43.20 65.49 -3.57
C THR C 421 -42.90 66.92 -4.02
N PRO C 422 -43.18 67.29 -5.27
CA PRO C 422 -43.03 68.68 -5.69
C PRO C 422 -44.11 69.61 -5.17
N ASP C 423 -45.21 69.07 -4.63
CA ASP C 423 -46.32 69.86 -4.10
C ASP C 423 -46.68 69.34 -2.72
N PRO C 424 -45.92 69.71 -1.70
CA PRO C 424 -46.27 69.32 -0.31
C PRO C 424 -47.41 70.15 0.26
N VAL C 425 -48.63 69.83 -0.19
CA VAL C 425 -49.80 70.55 0.28
C VAL C 425 -50.04 70.33 1.77
N ILE C 426 -49.56 69.20 2.32
CA ILE C 426 -49.51 68.98 3.76
C ILE C 426 -48.04 68.97 4.16
N ALA C 427 -47.69 69.79 5.15
CA ALA C 427 -46.31 69.99 5.51
C ALA C 427 -46.20 70.38 6.97
N THR C 428 -45.00 70.25 7.52
CA THR C 428 -44.72 70.72 8.87
C THR C 428 -44.72 72.24 8.88
N MET C 429 -45.56 72.84 9.71
CA MET C 429 -45.71 74.28 9.74
C MET C 429 -44.44 74.96 10.24
N GLY C 443 -39.42 68.42 13.47
CA GLY C 443 -40.70 67.76 13.26
C GLY C 443 -41.89 68.65 13.56
N GLY C 444 -41.62 69.91 13.92
CA GLY C 444 -42.67 70.84 14.24
C GLY C 444 -43.29 70.58 15.60
N THR C 445 -44.18 71.47 16.04
CA THR C 445 -44.84 71.32 17.32
C THR C 445 -45.97 70.30 17.21
N MET C 446 -45.89 69.25 18.02
CA MET C 446 -47.00 68.32 18.15
C MET C 446 -48.11 68.98 18.96
N ARG C 447 -49.23 69.28 18.30
CA ARG C 447 -50.40 69.82 19.00
C ARG C 447 -51.10 68.68 19.73
N LEU C 448 -51.23 68.81 21.05
CA LEU C 448 -51.88 67.82 21.88
C LEU C 448 -52.89 68.49 22.80
N GLY C 449 -54.05 67.88 22.95
CA GLY C 449 -55.06 68.36 23.87
C GLY C 449 -56.00 69.37 23.26
N SER C 450 -56.67 70.10 24.14
CA SER C 450 -57.72 71.03 23.74
C SER C 450 -57.13 72.30 23.16
N TYR C 451 -57.67 72.73 22.02
CA TYR C 451 -57.38 74.03 21.43
C TYR C 451 -58.69 74.69 21.01
N PRO C 452 -58.78 76.01 21.08
CA PRO C 452 -59.97 76.70 20.58
C PRO C 452 -59.92 76.88 19.07
N ALA C 453 -61.11 76.94 18.47
CA ALA C 453 -61.23 77.16 17.04
C ALA C 453 -62.45 78.04 16.76
N VAL C 454 -62.40 78.73 15.63
CA VAL C 454 -63.49 79.59 15.18
C VAL C 454 -64.03 79.01 13.87
N LEU C 455 -65.35 79.09 13.70
CA LEU C 455 -66.04 78.46 12.58
C LEU C 455 -66.67 79.52 11.68
N GLU C 456 -66.72 79.21 10.39
CA GLU C 456 -67.41 80.07 9.45
C GLU C 456 -68.90 80.13 9.81
N PRO C 457 -69.50 81.31 9.89
CA PRO C 457 -70.93 81.39 10.20
C PRO C 457 -71.76 80.72 9.12
N ASP C 458 -72.73 79.92 9.56
CA ASP C 458 -73.61 79.15 8.67
C ASP C 458 -72.84 78.15 7.79
N SER C 459 -71.62 77.82 8.17
CA SER C 459 -70.96 76.66 7.59
C SER C 459 -71.71 75.39 7.99
N VAL C 460 -71.53 74.33 7.20
CA VAL C 460 -72.12 73.05 7.56
C VAL C 460 -71.62 72.63 8.94
N VAL C 461 -70.35 72.88 9.24
CA VAL C 461 -69.84 72.63 10.59
C VAL C 461 -70.57 73.51 11.60
N ALA C 462 -70.74 74.79 11.27
CA ALA C 462 -71.45 75.68 12.19
C ALA C 462 -72.93 75.32 12.28
N GLN C 463 -73.52 74.87 11.17
CA GLN C 463 -74.90 74.41 11.21
C GLN C 463 -75.05 73.19 12.11
N ALA C 464 -74.04 72.32 12.12
CA ALA C 464 -74.07 71.16 13.01
C ALA C 464 -73.90 71.59 14.47
N TYR C 465 -72.79 72.26 14.77
CA TYR C 465 -72.51 72.68 16.14
C TYR C 465 -73.47 73.76 16.62
N GLN C 466 -74.07 74.52 15.71
CA GLN C 466 -74.93 75.64 16.08
C GLN C 466 -74.18 76.64 16.96
N THR C 467 -72.92 76.88 16.64
CA THR C 467 -72.12 77.88 17.33
C THR C 467 -70.93 78.25 16.46
N THR C 468 -70.36 79.42 16.75
CA THR C 468 -69.16 79.88 16.06
C THR C 468 -67.87 79.53 16.82
N GLN C 469 -67.96 79.04 18.05
CA GLN C 469 -66.78 78.73 18.84
C GLN C 469 -66.89 77.34 19.45
N VAL C 470 -65.81 76.57 19.36
CA VAL C 470 -65.75 75.20 19.83
C VAL C 470 -64.35 74.94 20.37
N SER C 471 -64.20 73.83 21.09
CA SER C 471 -62.89 73.33 21.50
C SER C 471 -62.86 71.82 21.29
N GLU C 472 -61.73 71.33 20.78
CA GLU C 472 -61.59 69.93 20.43
C GLU C 472 -60.20 69.43 20.81
N ARG C 473 -60.11 68.12 21.02
CA ARG C 473 -58.87 67.46 21.38
C ARG C 473 -58.07 67.14 20.11
N HIS C 474 -56.80 67.52 20.10
CA HIS C 474 -55.95 67.38 18.93
C HIS C 474 -54.80 66.43 19.22
N ARG C 475 -54.39 65.70 18.18
CA ARG C 475 -53.17 64.90 18.25
C ARG C 475 -52.57 64.76 16.85
N HIS C 476 -51.69 65.68 16.47
CA HIS C 476 -51.08 65.65 15.15
C HIS C 476 -49.98 66.71 15.10
N ARG C 477 -49.10 66.59 14.11
CA ARG C 477 -48.02 67.54 13.92
C ARG C 477 -47.90 68.08 12.50
N TYR C 478 -48.51 67.44 11.50
CA TYR C 478 -48.56 67.99 10.16
C TYR C 478 -49.80 68.86 10.00
N GLU C 479 -49.70 69.86 9.11
CA GLU C 479 -50.77 70.82 8.92
C GLU C 479 -50.96 71.09 7.43
N VAL C 480 -52.09 71.70 7.11
CA VAL C 480 -52.33 72.19 5.75
C VAL C 480 -51.33 73.32 5.46
N ASN C 481 -50.64 73.20 4.34
CA ASN C 481 -49.66 74.22 3.95
C ASN C 481 -50.40 75.46 3.48
N ASN C 482 -50.22 76.57 4.20
CA ASN C 482 -50.95 77.79 3.91
C ASN C 482 -50.66 78.33 2.51
N ALA C 483 -49.57 77.88 1.89
CA ALA C 483 -49.22 78.34 0.54
C ALA C 483 -50.23 77.88 -0.50
N TYR C 484 -51.04 76.87 -0.21
CA TYR C 484 -51.93 76.25 -1.20
C TYR C 484 -53.41 76.52 -0.97
N ARG C 485 -53.76 77.38 -0.01
CA ARG C 485 -55.18 77.63 0.25
C ARG C 485 -55.89 78.15 -1.00
N ASP C 486 -55.34 79.20 -1.61
CA ASP C 486 -56.00 79.81 -2.75
C ASP C 486 -56.02 78.88 -3.96
N LYS C 487 -55.00 78.02 -4.10
CA LYS C 487 -55.00 77.06 -5.19
C LYS C 487 -56.08 76.01 -5.01
N ILE C 488 -56.16 75.42 -3.81
CA ILE C 488 -57.09 74.31 -3.60
C ILE C 488 -58.52 74.80 -3.41
N ALA C 489 -58.71 76.08 -3.05
CA ALA C 489 -60.07 76.61 -2.97
C ALA C 489 -60.79 76.50 -4.30
N GLU C 490 -60.06 76.49 -5.41
CA GLU C 490 -60.67 76.30 -6.71
C GLU C 490 -61.32 74.92 -6.85
N SER C 491 -60.99 73.98 -5.96
CA SER C 491 -61.73 72.73 -5.91
C SER C 491 -63.17 72.94 -5.43
N GLY C 492 -63.45 74.08 -4.79
CA GLY C 492 -64.70 74.30 -4.11
C GLY C 492 -64.62 74.11 -2.61
N LEU C 493 -63.50 73.63 -2.10
CA LEU C 493 -63.34 73.40 -0.67
C LEU C 493 -63.30 74.72 0.08
N ARG C 494 -64.00 74.78 1.21
CA ARG C 494 -64.01 75.93 2.08
C ARG C 494 -63.24 75.62 3.36
N PHE C 495 -62.36 76.53 3.77
CA PHE C 495 -61.71 76.45 5.08
C PHE C 495 -62.67 77.03 6.11
N SER C 496 -63.77 76.30 6.33
CA SER C 496 -64.90 76.81 7.10
C SER C 496 -64.63 76.87 8.59
N GLY C 497 -63.46 76.46 9.07
CA GLY C 497 -63.10 76.63 10.46
C GLY C 497 -61.61 76.70 10.62
N THR C 498 -61.17 77.55 11.55
CA THR C 498 -59.75 77.83 11.72
C THR C 498 -59.43 78.05 13.19
N SER C 499 -58.13 78.19 13.47
CA SER C 499 -57.65 78.68 14.75
C SER C 499 -58.13 80.11 14.93
N PRO C 500 -58.20 80.63 16.16
CA PRO C 500 -58.73 81.99 16.34
C PRO C 500 -57.97 83.04 15.55
N ASP C 501 -56.64 82.89 15.38
CA ASP C 501 -55.87 83.78 14.54
C ASP C 501 -56.01 83.45 13.07
N GLY C 502 -56.70 82.36 12.72
CA GLY C 502 -56.85 81.95 11.34
C GLY C 502 -55.62 81.29 10.75
N HIS C 503 -54.55 81.14 11.52
CA HIS C 503 -53.30 80.63 10.97
C HIS C 503 -53.40 79.17 10.56
N LEU C 504 -54.17 78.38 11.32
CA LEU C 504 -54.26 76.94 11.11
C LEU C 504 -55.65 76.56 10.63
N VAL C 505 -55.71 75.72 9.60
CA VAL C 505 -56.97 75.15 9.15
C VAL C 505 -57.37 74.02 10.10
N GLU C 506 -58.60 74.09 10.61
CA GLU C 506 -59.12 73.09 11.53
C GLU C 506 -60.26 72.26 10.97
N PHE C 507 -61.03 72.80 10.02
CA PHE C 507 -62.13 72.08 9.41
C PHE C 507 -62.20 72.42 7.93
N VAL C 508 -62.66 71.46 7.14
CA VAL C 508 -62.90 71.66 5.72
C VAL C 508 -64.22 71.00 5.34
N GLU C 509 -64.89 71.58 4.34
CA GLU C 509 -66.15 71.05 3.87
C GLU C 509 -66.38 71.50 2.43
N TYR C 510 -67.25 70.76 1.73
CA TYR C 510 -67.79 71.21 0.46
C TYR C 510 -69.14 71.88 0.68
N PRO C 511 -69.52 72.86 -0.14
CA PRO C 511 -70.85 73.43 -0.01
C PRO C 511 -71.91 72.35 -0.24
N PRO C 512 -73.07 72.47 0.41
CA PRO C 512 -74.06 71.40 0.30
C PRO C 512 -74.47 71.09 -1.13
N ASP C 513 -74.46 72.08 -2.04
CA ASP C 513 -74.83 71.83 -3.42
C ASP C 513 -73.72 71.14 -4.21
N ARG C 514 -72.48 71.17 -3.73
CA ARG C 514 -71.43 70.38 -4.36
C ARG C 514 -71.51 68.92 -3.93
N HIS C 515 -71.59 68.67 -2.62
CA HIS C 515 -71.89 67.36 -2.08
C HIS C 515 -72.71 67.55 -0.81
N PRO C 516 -73.72 66.72 -0.57
CA PRO C 516 -74.60 66.97 0.58
C PRO C 516 -73.89 66.99 1.92
N PHE C 517 -72.88 66.14 2.13
CA PHE C 517 -72.09 66.22 3.34
C PHE C 517 -70.76 65.52 3.11
N VAL C 518 -69.68 66.30 3.09
CA VAL C 518 -68.31 65.79 3.10
C VAL C 518 -67.51 66.73 3.98
N VAL C 519 -67.12 66.27 5.16
CA VAL C 519 -66.48 67.12 6.16
C VAL C 519 -65.27 66.40 6.73
N GLY C 520 -64.24 67.17 7.07
CA GLY C 520 -63.10 66.65 7.78
C GLY C 520 -62.67 67.59 8.88
N THR C 521 -62.10 67.01 9.93
CA THR C 521 -61.54 67.79 11.02
C THR C 521 -60.22 67.16 11.46
N GLN C 522 -59.28 68.02 11.86
CA GLN C 522 -58.00 67.54 12.37
C GLN C 522 -58.12 66.93 13.75
N ALA C 523 -59.17 67.25 14.49
CA ALA C 523 -59.32 66.80 15.87
C ALA C 523 -59.98 65.43 15.93
N HIS C 524 -60.05 64.90 17.16
CA HIS C 524 -60.69 63.62 17.43
C HIS C 524 -61.97 63.85 18.22
N PRO C 525 -63.04 64.29 17.57
CA PRO C 525 -64.29 64.55 18.31
C PRO C 525 -64.85 63.30 18.98
N GLU C 526 -64.45 62.11 18.55
CA GLU C 526 -64.94 60.89 19.18
C GLU C 526 -64.49 60.78 20.64
N LEU C 527 -63.50 61.58 21.05
CA LEU C 527 -63.04 61.57 22.44
C LEU C 527 -63.81 62.53 23.33
N LYS C 528 -64.69 63.35 22.75
CA LYS C 528 -65.60 64.17 23.53
C LYS C 528 -67.03 63.62 23.52
N SER C 529 -67.32 62.66 22.65
CA SER C 529 -68.62 62.04 22.62
C SER C 529 -68.86 61.19 23.87
N ARG C 530 -70.12 61.12 24.28
CA ARG C 530 -70.58 60.16 25.27
C ARG C 530 -71.90 59.59 24.79
N PRO C 531 -72.23 58.36 25.17
CA PRO C 531 -73.48 57.76 24.68
C PRO C 531 -74.71 58.55 25.09
N THR C 532 -74.65 59.26 26.20
CA THR C 532 -75.75 60.10 26.66
C THR C 532 -75.54 61.57 26.31
N ARG C 533 -74.57 61.88 25.46
CA ARG C 533 -74.30 63.24 25.04
C ARG C 533 -73.62 63.20 23.67
N PRO C 534 -74.32 62.76 22.64
CA PRO C 534 -73.64 62.51 21.35
C PRO C 534 -73.00 63.78 20.80
N HIS C 535 -71.94 63.58 20.04
CA HIS C 535 -71.19 64.68 19.47
C HIS C 535 -71.90 65.24 18.23
N PRO C 536 -71.94 66.57 18.06
CA PRO C 536 -72.69 67.14 16.93
C PRO C 536 -72.31 66.58 15.56
N LEU C 537 -71.02 66.38 15.29
CA LEU C 537 -70.60 65.99 13.96
C LEU C 537 -71.10 64.60 13.60
N PHE C 538 -71.13 63.66 14.56
CA PHE C 538 -71.64 62.34 14.24
C PHE C 538 -73.15 62.34 14.07
N VAL C 539 -73.85 63.16 14.85
CA VAL C 539 -75.29 63.34 14.60
C VAL C 539 -75.50 63.84 13.17
N ALA C 540 -74.71 64.84 12.77
CA ALA C 540 -74.85 65.39 11.41
C ALA C 540 -74.53 64.34 10.36
N PHE C 541 -73.42 63.61 10.54
CA PHE C 541 -73.00 62.63 9.54
C PHE C 541 -74.03 61.52 9.40
N VAL C 542 -74.54 61.02 10.52
CA VAL C 542 -75.55 59.97 10.46
C VAL C 542 -76.84 60.50 9.86
N GLY C 543 -77.20 61.76 10.14
CA GLY C 543 -78.36 62.33 9.48
C GLY C 543 -78.20 62.42 7.98
N ALA C 544 -77.00 62.81 7.53
CA ALA C 544 -76.73 62.86 6.10
C ALA C 544 -76.79 61.48 5.47
N ALA C 545 -76.24 60.47 6.16
CA ALA C 545 -76.30 59.10 5.65
C ALA C 545 -77.74 58.62 5.57
N ILE C 546 -78.55 58.94 6.58
CA ILE C 546 -79.97 58.58 6.56
C ILE C 546 -80.66 59.25 5.39
N ASP C 547 -80.38 60.53 5.16
CA ASP C 547 -80.99 61.24 4.04
C ASP C 547 -80.57 60.63 2.72
N TYR C 548 -79.31 60.21 2.59
CA TYR C 548 -78.88 59.51 1.38
C TYR C 548 -79.66 58.22 1.20
N LYS C 549 -79.73 57.40 2.24
CA LYS C 549 -80.43 56.12 2.12
C LYS C 549 -81.88 56.34 1.73
N ALA C 550 -82.53 57.33 2.33
CA ALA C 550 -83.94 57.60 2.02
C ALA C 550 -84.11 58.12 0.61
N GLY C 551 -83.19 58.99 0.15
CA GLY C 551 -83.31 59.55 -1.17
C GLY C 551 -82.81 58.66 -2.28
N GLU C 552 -81.86 57.78 -1.98
CA GLU C 552 -81.28 56.91 -2.99
C GLU C 552 -82.32 55.90 -3.51
N MET D 1 -62.77 37.26 88.17
CA MET D 1 -62.69 36.15 89.18
C MET D 1 -62.23 34.85 88.53
N ARG D 2 -62.07 33.82 89.35
CA ARG D 2 -61.61 32.52 88.83
C ARG D 2 -62.59 31.93 87.85
N LYS D 3 -63.87 32.29 87.94
CA LYS D 3 -64.91 31.77 87.05
C LYS D 3 -65.22 32.81 85.99
N HIS D 4 -65.18 32.39 84.73
CA HIS D 4 -65.34 33.28 83.58
C HIS D 4 -66.44 32.76 82.67
N PRO D 5 -67.03 33.64 81.85
CA PRO D 5 -68.01 33.17 80.86
C PRO D 5 -67.39 32.23 79.84
N GLN D 6 -68.25 31.51 79.13
CA GLN D 6 -67.81 30.64 78.07
C GLN D 6 -67.31 31.43 76.87
N THR D 7 -66.26 30.93 76.22
CA THR D 7 -65.77 31.50 74.98
C THR D 7 -65.31 30.35 74.08
N ALA D 8 -65.23 30.63 72.79
CA ALA D 8 -64.85 29.60 71.83
C ALA D 8 -63.39 29.18 72.05
N THR D 9 -63.10 27.93 71.68
CA THR D 9 -61.77 27.38 71.87
C THR D 9 -60.81 28.01 70.89
N LYS D 10 -59.72 28.59 71.40
CA LYS D 10 -58.75 29.27 70.57
C LYS D 10 -57.71 28.30 70.05
N HIS D 11 -57.32 28.48 68.79
CA HIS D 11 -56.30 27.66 68.16
C HIS D 11 -55.04 28.48 67.98
N LEU D 12 -53.92 27.94 68.44
CA LEU D 12 -52.62 28.59 68.33
C LEU D 12 -51.70 27.64 67.59
N PHE D 13 -51.29 28.02 66.38
CA PHE D 13 -50.44 27.20 65.52
C PHE D 13 -49.00 27.67 65.63
N VAL D 14 -48.09 26.72 65.83
CA VAL D 14 -46.66 27.00 65.89
C VAL D 14 -46.01 26.32 64.69
N SER D 15 -45.28 27.10 63.89
CA SER D 15 -44.65 26.62 62.68
C SER D 15 -43.18 27.03 62.69
N GLY D 16 -42.39 26.34 61.90
CA GLY D 16 -40.96 26.54 61.90
C GLY D 16 -40.43 26.89 60.51
N GLY D 17 -39.36 27.67 60.50
CA GLY D 17 -38.74 28.10 59.27
C GLY D 17 -37.24 27.91 59.31
N VAL D 18 -36.64 28.02 58.12
CA VAL D 18 -35.19 27.91 57.95
C VAL D 18 -34.73 26.48 58.17
N ALA D 19 -35.00 25.92 59.35
CA ALA D 19 -34.47 24.60 59.68
C ALA D 19 -35.35 23.97 60.74
N SER D 20 -35.10 22.68 60.99
CA SER D 20 -35.68 21.99 62.13
C SER D 20 -34.71 22.06 63.30
N SER D 21 -35.14 21.53 64.45
CA SER D 21 -34.37 21.59 65.69
C SER D 21 -34.14 23.03 66.16
N LEU D 22 -35.04 23.94 65.84
CA LEU D 22 -34.96 25.31 66.31
C LEU D 22 -35.53 25.49 67.71
N GLY D 23 -35.99 24.42 68.35
CA GLY D 23 -36.67 24.57 69.63
C GLY D 23 -38.11 24.98 69.47
N LYS D 24 -38.70 24.70 68.31
CA LYS D 24 -40.11 25.01 68.09
C LYS D 24 -41.00 24.30 69.10
N GLY D 25 -40.76 23.01 69.32
CA GLY D 25 -41.56 22.28 70.30
C GLY D 25 -41.35 22.78 71.71
N LEU D 26 -40.11 23.09 72.07
CA LEU D 26 -39.84 23.62 73.40
C LEU D 26 -40.49 24.97 73.60
N THR D 27 -40.47 25.84 72.58
CA THR D 27 -41.15 27.13 72.69
C THR D 27 -42.65 26.93 72.86
N ALA D 28 -43.24 26.00 72.11
CA ALA D 28 -44.66 25.73 72.26
C ALA D 28 -44.96 25.23 73.68
N SER D 29 -44.12 24.32 74.19
CA SER D 29 -44.33 23.82 75.54
C SER D 29 -44.21 24.94 76.57
N SER D 30 -43.25 25.84 76.39
CA SER D 30 -43.08 26.94 77.35
C SER D 30 -44.27 27.89 77.32
N LEU D 31 -44.79 28.17 76.13
CA LEU D 31 -45.98 29.00 76.03
C LEU D 31 -47.17 28.30 76.66
N GLY D 32 -47.28 26.99 76.47
CA GLY D 32 -48.33 26.24 77.13
C GLY D 32 -48.20 26.33 78.64
N GLN D 33 -46.96 26.28 79.14
CA GLN D 33 -46.73 26.39 80.57
C GLN D 33 -47.17 27.75 81.10
N LEU D 34 -46.78 28.82 80.41
CA LEU D 34 -47.20 30.15 80.84
C LEU D 34 -48.72 30.27 80.83
N LEU D 35 -49.37 29.82 79.76
CA LEU D 35 -50.82 29.94 79.68
C LEU D 35 -51.51 29.08 80.74
N THR D 36 -50.94 27.92 81.08
CA THR D 36 -51.49 27.13 82.17
C THR D 36 -51.38 27.90 83.50
N ALA D 37 -50.21 28.48 83.75
CA ALA D 37 -50.04 29.24 84.99
C ALA D 37 -51.00 30.42 85.05
N ARG D 38 -51.32 31.02 83.91
CA ARG D 38 -52.32 32.07 83.87
C ARG D 38 -53.74 31.52 83.99
N GLY D 39 -53.89 30.22 84.20
CA GLY D 39 -55.15 29.63 84.61
C GLY D 39 -55.98 29.01 83.51
N LEU D 40 -55.49 28.93 82.28
CA LEU D 40 -56.27 28.41 81.17
C LEU D 40 -56.01 26.93 80.99
N HIS D 41 -57.06 26.20 80.59
CA HIS D 41 -56.96 24.77 80.32
C HIS D 41 -56.35 24.60 78.93
N VAL D 42 -55.03 24.50 78.88
CA VAL D 42 -54.31 24.31 77.64
C VAL D 42 -54.28 22.82 77.29
N THR D 43 -54.49 22.52 76.01
CA THR D 43 -54.23 21.19 75.47
C THR D 43 -53.33 21.35 74.25
N MET D 44 -52.58 20.29 73.94
CA MET D 44 -51.53 20.37 72.94
C MET D 44 -51.62 19.19 71.98
N GLN D 45 -51.11 19.42 70.77
CA GLN D 45 -51.15 18.44 69.69
C GLN D 45 -49.97 18.69 68.77
N LYS D 46 -49.47 17.64 68.13
CA LYS D 46 -48.45 17.78 67.11
C LYS D 46 -48.88 17.09 65.82
N LEU D 47 -48.52 17.72 64.70
CA LEU D 47 -48.72 17.15 63.37
C LEU D 47 -47.36 16.84 62.76
N ASP D 48 -47.14 15.58 62.38
CA ASP D 48 -45.87 15.14 61.81
C ASP D 48 -46.00 14.96 60.31
N PRO D 49 -45.25 15.67 59.48
CA PRO D 49 -45.39 15.50 58.03
C PRO D 49 -44.92 14.16 57.48
N TYR D 50 -44.13 13.39 58.20
CA TYR D 50 -43.57 12.18 57.60
C TYR D 50 -44.64 11.10 57.43
N LEU D 51 -44.36 10.17 56.52
CA LEU D 51 -45.33 9.15 56.11
C LEU D 51 -45.34 7.93 57.01
N ASN D 52 -44.37 7.77 57.90
CA ASN D 52 -44.42 6.66 58.85
C ASN D 52 -45.68 6.75 59.69
N VAL D 53 -46.42 5.65 59.78
CA VAL D 53 -47.67 5.67 60.53
C VAL D 53 -47.40 5.89 62.01
N ASP D 54 -46.21 5.51 62.48
CA ASP D 54 -45.73 5.91 63.80
C ASP D 54 -44.22 5.73 63.82
N PRO D 55 -43.51 6.48 64.68
CA PRO D 55 -42.05 6.48 64.61
C PRO D 55 -41.39 5.21 65.11
N GLY D 56 -42.15 4.19 65.51
CA GLY D 56 -41.53 2.98 66.00
C GLY D 56 -40.60 2.35 65.00
N THR D 57 -40.91 2.48 63.71
CA THR D 57 -40.06 1.93 62.67
C THR D 57 -38.78 2.72 62.47
N MET D 58 -38.71 3.94 63.01
CA MET D 58 -37.59 4.82 62.73
C MET D 58 -36.36 4.43 63.53
N ASN D 59 -35.25 5.09 63.22
CA ASN D 59 -33.96 4.94 63.89
C ASN D 59 -33.66 6.17 64.72
N PRO D 60 -33.23 6.03 65.98
CA PRO D 60 -33.07 7.20 66.84
C PRO D 60 -32.15 8.28 66.29
N PHE D 61 -31.38 8.01 65.24
CA PHE D 61 -30.60 9.08 64.62
C PHE D 61 -31.47 10.07 63.86
N GLN D 62 -32.73 9.74 63.59
CA GLN D 62 -33.59 10.63 62.80
C GLN D 62 -34.07 11.81 63.63
N HIS D 63 -34.79 11.52 64.73
CA HIS D 63 -35.41 12.57 65.51
C HIS D 63 -35.30 12.34 67.02
N GLY D 64 -34.35 11.52 67.45
CA GLY D 64 -34.22 11.19 68.86
C GLY D 64 -35.10 10.02 69.27
N GLU D 65 -35.23 9.88 70.58
CA GLU D 65 -35.88 8.71 71.16
C GLU D 65 -37.38 8.71 70.88
N VAL D 66 -37.98 7.54 71.00
CA VAL D 66 -39.43 7.40 70.89
C VAL D 66 -40.07 7.59 72.26
N PHE D 67 -41.39 7.87 72.24
CA PHE D 67 -42.16 8.14 73.44
C PHE D 67 -43.39 7.24 73.44
N VAL D 68 -44.00 7.07 74.61
CA VAL D 68 -45.13 6.16 74.77
C VAL D 68 -46.18 6.80 75.65
N THR D 69 -47.44 6.62 75.29
CA THR D 69 -48.57 7.21 76.00
C THR D 69 -49.21 6.19 76.95
N GLU D 70 -50.16 6.69 77.76
CA GLU D 70 -50.84 5.82 78.71
C GLU D 70 -51.87 4.92 78.03
N ASP D 71 -52.56 5.42 77.01
CA ASP D 71 -53.36 4.53 76.18
C ASP D 71 -52.50 3.66 75.27
N GLY D 72 -51.19 3.81 75.33
CA GLY D 72 -50.28 2.89 74.68
C GLY D 72 -49.86 3.25 73.27
N ALA D 73 -50.22 4.45 72.79
CA ALA D 73 -49.74 4.86 71.49
C ALA D 73 -48.25 5.17 71.54
N GLU D 74 -47.61 5.05 70.39
CA GLU D 74 -46.19 5.34 70.24
C GLU D 74 -46.02 6.61 69.43
N THR D 75 -45.36 7.61 70.01
CA THR D 75 -45.46 8.97 69.50
C THR D 75 -44.08 9.62 69.44
N ASP D 76 -44.06 10.81 68.84
CA ASP D 76 -42.82 11.54 68.66
C ASP D 76 -42.28 12.05 69.99
N LEU D 77 -41.05 12.55 69.95
CA LEU D 77 -40.39 13.06 71.13
C LEU D 77 -41.14 14.24 71.74
N ASP D 78 -41.69 15.12 70.90
CA ASP D 78 -42.25 16.38 71.40
C ASP D 78 -43.40 16.15 72.37
N VAL D 79 -44.11 15.03 72.26
CA VAL D 79 -45.13 14.71 73.24
C VAL D 79 -44.51 14.64 74.62
N GLY D 80 -43.22 14.26 74.68
CA GLY D 80 -42.51 14.26 75.94
C GLY D 80 -42.30 15.64 76.52
N HIS D 81 -41.96 16.62 75.69
CA HIS D 81 -41.90 17.99 76.17
C HIS D 81 -43.26 18.43 76.68
N TYR D 82 -44.32 18.10 75.93
CA TYR D 82 -45.65 18.52 76.35
C TYR D 82 -46.00 17.95 77.71
N GLU D 83 -45.74 16.67 77.92
CA GLU D 83 -45.96 16.07 79.23
C GLU D 83 -45.10 16.75 80.30
N ARG D 84 -43.79 16.87 80.05
CA ARG D 84 -42.90 17.36 81.08
C ARG D 84 -43.21 18.79 81.50
N PHE D 85 -43.75 19.62 80.60
CA PHE D 85 -44.02 21.00 80.95
C PHE D 85 -45.45 21.25 81.39
N LEU D 86 -46.42 20.48 80.88
CA LEU D 86 -47.79 20.58 81.35
C LEU D 86 -48.07 19.67 82.53
N ASP D 87 -47.20 18.70 82.79
CA ASP D 87 -47.44 17.66 83.78
C ASP D 87 -48.80 17.02 83.55
N ARG D 88 -48.95 16.40 82.39
CA ARG D 88 -50.20 15.77 81.97
C ARG D 88 -49.89 14.50 81.21
N ASN D 89 -50.91 13.65 81.08
CA ASN D 89 -50.85 12.50 80.19
C ASN D 89 -51.72 12.79 78.97
N LEU D 90 -51.15 12.59 77.79
CA LEU D 90 -51.80 13.04 76.57
C LEU D 90 -52.30 11.85 75.76
N PRO D 91 -53.41 11.99 75.04
CA PRO D 91 -53.93 10.87 74.25
C PRO D 91 -53.06 10.59 73.03
N GLY D 92 -53.24 9.38 72.48
CA GLY D 92 -52.59 9.06 71.22
C GLY D 92 -53.08 9.94 70.08
N SER D 93 -54.27 10.53 70.23
CA SER D 93 -54.76 11.47 69.23
C SER D 93 -53.87 12.71 69.13
N ALA D 94 -52.99 12.93 70.10
CA ALA D 94 -52.15 14.11 70.12
C ALA D 94 -51.01 14.05 69.11
N ASN D 95 -50.89 13.00 68.31
CA ASN D 95 -49.85 12.92 67.28
C ASN D 95 -50.47 12.41 65.97
N VAL D 96 -50.84 13.34 65.10
CA VAL D 96 -51.28 12.99 63.74
C VAL D 96 -50.06 12.93 62.84
N THR D 97 -50.15 12.12 61.79
CA THR D 97 -49.10 12.01 60.80
C THR D 97 -49.72 11.86 59.42
N THR D 98 -48.97 12.27 58.40
CA THR D 98 -49.42 12.08 57.03
C THR D 98 -49.72 10.62 56.74
N GLY D 99 -48.94 9.72 57.31
CA GLY D 99 -49.21 8.30 57.12
C GLY D 99 -50.60 7.93 57.55
N GLN D 100 -51.00 8.37 58.75
CA GLN D 100 -52.32 8.05 59.26
C GLN D 100 -53.40 8.67 58.40
N VAL D 101 -53.21 9.92 57.99
CA VAL D 101 -54.25 10.61 57.23
C VAL D 101 -54.47 9.95 55.88
N TYR D 102 -53.38 9.64 55.17
CA TYR D 102 -53.53 9.01 53.86
C TYR D 102 -54.11 7.62 53.99
N SER D 103 -53.64 6.83 54.96
CA SER D 103 -54.21 5.50 55.14
C SER D 103 -55.71 5.59 55.45
N THR D 104 -56.09 6.54 56.31
CA THR D 104 -57.49 6.70 56.65
C THR D 104 -58.33 7.04 55.43
N VAL D 105 -57.87 8.00 54.62
CA VAL D 105 -58.66 8.44 53.49
C VAL D 105 -58.73 7.34 52.42
N ILE D 106 -57.64 6.62 52.21
CA ILE D 106 -57.67 5.52 51.24
C ILE D 106 -58.62 4.43 51.71
N ALA D 107 -58.59 4.09 52.99
CA ALA D 107 -59.53 3.11 53.52
C ALA D 107 -60.97 3.56 53.32
N LYS D 108 -61.27 4.82 53.69
CA LYS D 108 -62.61 5.33 53.46
C LYS D 108 -63.00 5.29 51.99
N GLU D 109 -62.04 5.52 51.09
CA GLU D 109 -62.33 5.44 49.67
C GLU D 109 -62.70 4.03 49.26
N ARG D 110 -61.92 3.04 49.70
CA ARG D 110 -62.21 1.66 49.35
C ARG D 110 -63.60 1.24 49.79
N ARG D 111 -64.10 1.82 50.87
CA ARG D 111 -65.44 1.52 51.35
C ARG D 111 -66.53 2.36 50.69
N GLY D 112 -66.15 3.25 49.78
CA GLY D 112 -67.13 4.01 49.03
C GLY D 112 -67.80 5.13 49.79
N GLU D 113 -67.25 5.56 50.92
CA GLU D 113 -67.94 6.51 51.78
C GLU D 113 -68.03 7.90 51.18
N TYR D 114 -67.31 8.19 50.10
CA TYR D 114 -67.40 9.49 49.44
C TYR D 114 -68.42 9.50 48.31
N LEU D 115 -69.22 8.44 48.18
CA LEU D 115 -70.37 8.44 47.28
C LEU D 115 -69.97 8.76 45.84
N GLY D 116 -68.82 8.25 45.42
CA GLY D 116 -68.41 8.33 44.04
C GLY D 116 -67.62 9.56 43.64
N ASP D 117 -67.32 10.46 44.58
CA ASP D 117 -66.53 11.62 44.23
C ASP D 117 -65.08 11.21 43.93
N THR D 118 -64.39 12.08 43.22
CA THR D 118 -62.95 11.94 43.05
C THR D 118 -62.26 12.36 44.34
N VAL D 119 -61.48 11.46 44.93
CA VAL D 119 -60.75 11.78 46.15
C VAL D 119 -59.52 12.59 45.79
N GLN D 120 -59.35 13.72 46.47
CA GLN D 120 -58.34 14.71 46.12
C GLN D 120 -57.60 15.13 47.37
N VAL D 121 -56.41 15.72 47.17
CA VAL D 121 -55.67 16.27 48.30
C VAL D 121 -56.42 17.46 48.88
N ILE D 122 -57.11 18.21 48.04
CA ILE D 122 -58.11 19.18 48.46
C ILE D 122 -59.41 18.83 47.73
N PRO D 123 -60.54 18.66 48.42
CA PRO D 123 -60.75 18.88 49.86
C PRO D 123 -60.41 17.72 50.79
N HIS D 124 -60.41 16.47 50.33
CA HIS D 124 -60.63 15.35 51.26
C HIS D 124 -59.50 15.21 52.29
N ILE D 125 -58.24 15.30 51.86
CA ILE D 125 -57.14 15.15 52.82
C ILE D 125 -57.12 16.31 53.81
N THR D 126 -57.29 17.55 53.32
CA THR D 126 -57.30 18.68 54.23
C THR D 126 -58.52 18.65 55.14
N ASP D 127 -59.65 18.12 54.66
CA ASP D 127 -60.81 17.95 55.51
C ASP D 127 -60.53 16.96 56.63
N GLU D 128 -59.88 15.85 56.32
CA GLU D 128 -59.53 14.90 57.37
C GLU D 128 -58.60 15.54 58.40
N ILE D 129 -57.62 16.31 57.93
CA ILE D 129 -56.70 16.96 58.86
C ILE D 129 -57.41 17.99 59.72
N LYS D 130 -58.28 18.79 59.10
CA LYS D 130 -59.03 19.81 59.83
C LYS D 130 -59.97 19.16 60.85
N ARG D 131 -60.56 18.04 60.48
CA ARG D 131 -61.38 17.29 61.44
C ARG D 131 -60.54 16.82 62.63
N ARG D 132 -59.37 16.25 62.36
CA ARG D 132 -58.53 15.79 63.45
C ARG D 132 -58.03 16.95 64.31
N ILE D 133 -57.87 18.13 63.73
CA ILE D 133 -57.46 19.30 64.51
C ILE D 133 -58.60 19.77 65.40
N LEU D 134 -59.79 19.92 64.84
CA LEU D 134 -60.92 20.42 65.59
C LEU D 134 -61.43 19.41 66.62
N ALA D 135 -61.12 18.12 66.44
CA ALA D 135 -61.52 17.12 67.43
C ALA D 135 -60.91 17.42 68.79
N MET D 136 -59.72 18.02 68.83
CA MET D 136 -59.11 18.37 70.10
C MET D 136 -59.98 19.32 70.91
N ALA D 137 -60.81 20.12 70.24
CA ALA D 137 -61.64 21.09 70.94
C ALA D 137 -62.84 20.46 71.63
N GLN D 138 -63.18 19.23 71.28
CA GLN D 138 -64.37 18.61 71.87
C GLN D 138 -64.19 18.42 73.36
N PRO D 139 -65.27 18.45 74.14
CA PRO D 139 -65.13 18.24 75.59
C PRO D 139 -64.52 16.89 75.92
N ASP D 140 -63.67 16.87 76.94
CA ASP D 140 -63.00 15.65 77.36
C ASP D 140 -64.00 14.69 78.00
N ALA D 141 -63.51 13.56 78.51
CA ALA D 141 -64.38 12.57 79.12
C ALA D 141 -65.12 13.10 80.34
N ASP D 142 -64.60 14.16 80.97
CA ASP D 142 -65.23 14.74 82.15
C ASP D 142 -65.91 16.07 81.86
N GLY D 143 -65.99 16.46 80.59
CA GLY D 143 -66.66 17.70 80.23
C GLY D 143 -65.81 18.95 80.32
N ASN D 144 -64.52 18.81 80.60
CA ASN D 144 -63.63 19.96 80.67
C ASN D 144 -63.23 20.36 79.26
N ARG D 145 -63.59 21.56 78.87
CA ARG D 145 -63.36 22.01 77.50
C ARG D 145 -62.09 22.85 77.42
N PRO D 146 -61.12 22.48 76.59
CA PRO D 146 -59.87 23.26 76.56
C PRO D 146 -60.10 24.69 76.10
N ASP D 147 -59.36 25.62 76.72
CA ASP D 147 -59.50 27.02 76.37
C ASP D 147 -58.62 27.39 75.17
N VAL D 148 -57.45 26.77 75.05
CA VAL D 148 -56.56 26.98 73.92
C VAL D 148 -56.02 25.63 73.48
N VAL D 149 -56.02 25.37 72.18
CA VAL D 149 -55.36 24.21 71.59
C VAL D 149 -54.10 24.71 70.89
N ILE D 150 -52.94 24.25 71.35
CA ILE D 150 -51.66 24.62 70.76
C ILE D 150 -51.22 23.47 69.86
N THR D 151 -51.17 23.72 68.56
CA THR D 151 -50.82 22.71 67.57
C THR D 151 -49.45 23.04 66.99
N GLU D 152 -48.54 22.08 67.04
CA GLU D 152 -47.20 22.24 66.48
C GLU D 152 -47.17 21.57 65.12
N ILE D 153 -46.83 22.34 64.08
CA ILE D 153 -46.72 21.81 62.74
C ILE D 153 -45.27 21.41 62.51
N GLY D 154 -45.01 20.11 62.44
CA GLY D 154 -43.66 19.63 62.26
C GLY D 154 -43.12 19.93 60.87
N GLY D 155 -41.80 19.82 60.76
CA GLY D 155 -41.14 20.10 59.50
C GLY D 155 -40.72 21.54 59.37
N THR D 156 -40.63 22.00 58.13
CA THR D 156 -40.21 23.36 57.79
C THR D 156 -41.13 23.91 56.72
N VAL D 157 -41.49 25.19 56.84
CA VAL D 157 -42.35 25.81 55.86
C VAL D 157 -41.66 25.76 54.51
N GLY D 158 -42.34 25.20 53.51
CA GLY D 158 -41.77 24.99 52.20
C GLY D 158 -41.37 23.56 51.90
N ASP D 159 -41.38 22.68 52.90
CA ASP D 159 -41.26 21.26 52.64
C ASP D 159 -42.48 20.79 51.87
N ILE D 160 -42.27 19.86 50.94
CA ILE D 160 -43.38 19.32 50.16
C ILE D 160 -44.39 18.63 51.08
N GLU D 161 -43.91 17.96 52.12
CA GLU D 161 -44.78 17.18 52.98
C GLU D 161 -45.64 18.04 53.88
N SER D 162 -45.26 19.28 54.12
CA SER D 162 -46.03 20.16 55.00
C SER D 162 -47.20 20.82 54.30
N GLN D 163 -47.27 20.73 52.98
CA GLN D 163 -48.29 21.49 52.25
C GLN D 163 -49.71 21.17 52.69
N PRO D 164 -50.10 19.91 52.92
CA PRO D 164 -51.47 19.66 53.36
C PRO D 164 -51.77 20.19 54.76
N PHE D 165 -50.80 20.13 55.67
CA PHE D 165 -51.07 20.58 57.04
C PHE D 165 -51.19 22.09 57.11
N LEU D 166 -50.33 22.82 56.41
CA LEU D 166 -50.45 24.27 56.40
C LEU D 166 -51.73 24.71 55.69
N GLU D 167 -52.15 23.97 54.66
CA GLU D 167 -53.43 24.28 54.03
C GLU D 167 -54.59 24.02 54.98
N ALA D 168 -54.51 22.95 55.78
CA ALA D 168 -55.55 22.70 56.77
C ALA D 168 -55.59 23.83 57.81
N ALA D 169 -54.43 24.29 58.25
CA ALA D 169 -54.39 25.41 59.19
C ALA D 169 -54.98 26.66 58.56
N ARG D 170 -54.69 26.91 57.30
CA ARG D 170 -55.28 28.05 56.61
C ARG D 170 -56.80 27.95 56.56
N GLN D 171 -57.32 26.75 56.27
CA GLN D 171 -58.76 26.58 56.22
C GLN D 171 -59.38 26.75 57.61
N VAL D 172 -58.68 26.33 58.65
CA VAL D 172 -59.16 26.58 60.01
C VAL D 172 -59.24 28.08 60.27
N ARG D 173 -58.20 28.83 59.89
CA ARG D 173 -58.25 30.28 60.04
C ARG D 173 -59.41 30.87 59.26
N HIS D 174 -59.74 30.31 58.10
CA HIS D 174 -60.88 30.81 57.34
C HIS D 174 -62.19 30.52 58.06
N TYR D 175 -62.34 29.30 58.57
CA TYR D 175 -63.59 28.90 59.22
C TYR D 175 -63.82 29.68 60.51
N LEU D 176 -62.80 29.76 61.37
CA LEU D 176 -62.95 30.36 62.68
C LEU D 176 -62.64 31.85 62.74
N GLY D 177 -61.99 32.40 61.72
CA GLY D 177 -61.69 33.82 61.71
C GLY D 177 -60.46 34.18 62.52
N ARG D 178 -60.03 35.42 62.36
CA ARG D 178 -58.77 35.87 62.97
C ARG D 178 -58.88 36.00 64.49
N GLU D 179 -60.09 36.16 65.02
CA GLU D 179 -60.23 36.33 66.45
C GLU D 179 -60.00 35.03 67.22
N ASP D 180 -59.91 33.89 66.54
CA ASP D 180 -59.74 32.61 67.19
C ASP D 180 -58.46 31.88 66.84
N VAL D 181 -57.76 32.29 65.78
CA VAL D 181 -56.60 31.56 65.29
C VAL D 181 -55.39 32.49 65.29
N PHE D 182 -54.32 32.04 65.93
CA PHE D 182 -53.08 32.79 66.09
C PHE D 182 -51.93 31.94 65.54
N PHE D 183 -51.08 32.56 64.73
CA PHE D 183 -49.94 31.88 64.13
C PHE D 183 -48.64 32.36 64.75
N LEU D 184 -47.86 31.44 65.29
CA LEU D 184 -46.54 31.73 65.83
C LEU D 184 -45.51 31.07 64.92
N HIS D 185 -44.54 31.85 64.45
CA HIS D 185 -43.53 31.37 63.51
C HIS D 185 -42.16 31.47 64.15
N VAL D 186 -41.44 30.36 64.18
CA VAL D 186 -40.11 30.27 64.77
C VAL D 186 -39.08 30.26 63.65
N SER D 187 -38.08 31.13 63.74
CA SER D 187 -37.13 31.32 62.66
C SER D 187 -35.73 31.55 63.23
N LEU D 188 -34.73 31.27 62.41
CA LEU D 188 -33.33 31.29 62.83
C LEU D 188 -32.66 32.56 62.34
N VAL D 189 -31.88 33.19 63.23
CA VAL D 189 -31.06 34.35 62.88
C VAL D 189 -29.60 33.92 63.00
N PRO D 190 -28.95 33.49 61.93
CA PRO D 190 -27.57 33.03 62.05
C PRO D 190 -26.58 34.18 62.23
N TYR D 191 -25.47 33.87 62.89
CA TYR D 191 -24.37 34.80 63.07
C TYR D 191 -23.20 34.36 62.21
N LEU D 192 -22.71 35.27 61.38
CA LEU D 192 -21.58 35.00 60.49
C LEU D 192 -20.32 35.60 61.12
N ALA D 193 -19.45 34.74 61.62
CA ALA D 193 -18.26 35.21 62.32
C ALA D 193 -17.35 36.05 61.44
N PRO D 194 -17.08 35.70 60.19
CA PRO D 194 -16.10 36.49 59.41
C PRO D 194 -16.43 37.95 59.29
N SER D 195 -17.71 38.31 59.14
CA SER D 195 -18.09 39.71 59.02
C SER D 195 -18.79 40.24 60.27
N GLY D 196 -18.97 39.41 61.30
CA GLY D 196 -19.46 39.89 62.58
C GLY D 196 -20.82 40.55 62.53
N GLU D 197 -21.78 39.92 61.87
CA GLU D 197 -23.10 40.50 61.71
C GLU D 197 -24.15 39.41 61.81
N LEU D 198 -25.28 39.73 62.44
CA LEU D 198 -26.44 38.88 62.39
C LEU D 198 -27.20 39.15 61.09
N LYS D 199 -27.71 38.09 60.47
CA LYS D 199 -28.38 38.20 59.18
C LYS D 199 -29.86 37.90 59.35
N THR D 200 -30.70 38.82 58.87
CA THR D 200 -32.14 38.64 58.93
C THR D 200 -32.73 38.06 57.65
N LYS D 201 -31.95 37.94 56.58
CA LYS D 201 -32.50 37.51 55.30
C LYS D 201 -33.14 36.14 55.35
N PRO D 202 -32.59 35.13 56.03
CA PRO D 202 -33.30 33.85 56.12
C PRO D 202 -34.70 33.98 56.69
N THR D 203 -34.88 34.84 57.70
CA THR D 203 -36.20 35.05 58.26
C THR D 203 -37.14 35.70 57.23
N GLN D 204 -36.63 36.68 56.49
CA GLN D 204 -37.47 37.33 55.48
C GLN D 204 -37.91 36.33 54.44
N HIS D 205 -37.00 35.49 53.96
CA HIS D 205 -37.39 34.49 52.97
C HIS D 205 -38.36 33.47 53.55
N SER D 206 -38.19 33.09 54.82
CA SER D 206 -39.12 32.14 55.42
C SER D 206 -40.51 32.74 55.55
N VAL D 207 -40.60 34.00 55.98
CA VAL D 207 -41.91 34.64 56.10
C VAL D 207 -42.53 34.82 54.73
N ALA D 208 -41.72 35.10 53.71
CA ALA D 208 -42.26 35.19 52.36
C ALA D 208 -42.80 33.84 51.90
N ALA D 209 -42.09 32.76 52.19
CA ALA D 209 -42.60 31.43 51.86
C ALA D 209 -43.90 31.16 52.57
N LEU D 210 -44.00 31.58 53.84
CA LEU D 210 -45.23 31.38 54.59
C LEU D 210 -46.38 32.21 54.01
N ARG D 211 -46.11 33.44 53.60
CA ARG D 211 -47.12 34.27 52.97
C ARG D 211 -47.54 33.70 51.62
N SER D 212 -46.65 32.97 50.95
CA SER D 212 -46.98 32.42 49.65
C SER D 212 -48.01 31.30 49.71
N ILE D 213 -48.35 30.80 50.90
CA ILE D 213 -49.43 29.83 51.05
C ILE D 213 -50.62 30.41 51.79
N GLY D 214 -50.63 31.72 52.04
CA GLY D 214 -51.80 32.38 52.58
C GLY D 214 -51.85 32.49 54.08
N ILE D 215 -50.71 32.38 54.77
CA ILE D 215 -50.63 32.50 56.22
C ILE D 215 -49.82 33.73 56.55
N THR D 216 -50.37 34.59 57.41
CA THR D 216 -49.64 35.75 57.93
C THR D 216 -49.28 35.50 59.38
N PRO D 217 -48.00 35.44 59.75
CA PRO D 217 -47.66 35.21 61.15
C PRO D 217 -48.09 36.37 62.03
N ASP D 218 -48.52 36.05 63.24
CA ASP D 218 -48.84 37.09 64.21
C ASP D 218 -47.61 37.48 65.04
N ALA D 219 -46.68 36.56 65.25
CA ALA D 219 -45.48 36.85 66.02
C ALA D 219 -44.33 36.01 65.50
N LEU D 220 -43.11 36.49 65.72
CA LEU D 220 -41.90 35.80 65.30
C LEU D 220 -41.05 35.50 66.53
N ILE D 221 -40.64 34.24 66.67
CA ILE D 221 -39.66 33.83 67.67
C ILE D 221 -38.32 33.75 66.97
N LEU D 222 -37.44 34.71 67.21
CA LEU D 222 -36.13 34.76 66.58
C LEU D 222 -35.15 33.93 67.39
N ARG D 223 -34.91 32.71 66.95
CA ARG D 223 -33.92 31.86 67.59
C ARG D 223 -32.52 32.31 67.18
N CYS D 224 -31.62 32.43 68.15
CA CYS D 224 -30.29 32.96 67.91
C CYS D 224 -29.37 32.44 68.99
N ASP D 225 -28.06 32.57 68.73
CA ASP D 225 -27.07 32.25 69.75
C ASP D 225 -26.78 33.40 70.69
N ARG D 226 -27.22 34.61 70.35
CA ARG D 226 -27.01 35.78 71.19
C ARG D 226 -28.23 36.67 71.07
N ASP D 227 -28.42 37.54 72.07
CA ASP D 227 -29.60 38.39 72.09
C ASP D 227 -29.61 39.31 70.88
N VAL D 228 -30.73 39.33 70.17
CA VAL D 228 -30.82 40.09 68.91
C VAL D 228 -30.85 41.58 69.21
N PRO D 229 -30.09 42.41 68.50
CA PRO D 229 -30.19 43.86 68.72
C PRO D 229 -31.57 44.38 68.42
N GLU D 230 -31.91 45.50 69.04
CA GLU D 230 -33.23 46.10 68.83
C GLU D 230 -33.39 46.61 67.41
N ALA D 231 -32.32 47.11 66.80
CA ALA D 231 -32.41 47.59 65.43
C ALA D 231 -32.79 46.46 64.48
N LEU D 232 -32.27 45.25 64.71
CA LEU D 232 -32.63 44.14 63.85
C LEU D 232 -34.08 43.73 64.03
N LYS D 233 -34.58 43.75 65.27
CA LYS D 233 -35.99 43.46 65.48
C LYS D 233 -36.87 44.49 64.78
N ASN D 234 -36.47 45.77 64.82
CA ASN D 234 -37.21 46.78 64.10
C ASN D 234 -37.19 46.53 62.60
N LYS D 235 -36.02 46.18 62.06
CA LYS D 235 -35.93 45.88 60.63
C LYS D 235 -36.84 44.72 60.26
N ILE D 236 -36.82 43.66 61.06
CA ILE D 236 -37.66 42.48 60.77
C ILE D 236 -39.13 42.86 60.82
N ALA D 237 -39.53 43.61 61.85
CA ALA D 237 -40.92 44.02 61.94
C ALA D 237 -41.34 44.83 60.73
N LEU D 238 -40.47 45.74 60.28
CA LEU D 238 -40.80 46.56 59.13
C LEU D 238 -40.89 45.72 57.86
N MET D 239 -39.91 44.83 57.64
CA MET D 239 -39.85 44.08 56.39
C MET D 239 -40.94 43.02 56.30
N CYS D 240 -41.35 42.45 57.43
CA CYS D 240 -42.26 41.30 57.44
C CYS D 240 -43.72 41.67 57.70
N ASP D 241 -44.02 42.95 57.88
CA ASP D 241 -45.38 43.39 58.22
C ASP D 241 -45.89 42.66 59.46
N VAL D 242 -45.06 42.65 60.49
CA VAL D 242 -45.38 42.04 61.78
C VAL D 242 -45.34 43.13 62.84
N ASP D 243 -46.29 43.07 63.76
CA ASP D 243 -46.32 44.05 64.85
C ASP D 243 -45.02 44.01 65.63
N ILE D 244 -44.43 45.18 65.84
CA ILE D 244 -43.15 45.26 66.55
C ILE D 244 -43.25 44.65 67.93
N ASP D 245 -44.45 44.57 68.51
CA ASP D 245 -44.65 43.83 69.74
C ASP D 245 -44.39 42.34 69.56
N GLY D 246 -44.49 41.84 68.33
CA GLY D 246 -44.50 40.42 68.07
C GLY D 246 -43.17 39.80 67.72
N VAL D 247 -42.09 40.57 67.64
CA VAL D 247 -40.77 40.02 67.35
C VAL D 247 -40.10 39.73 68.69
N ILE D 248 -39.87 38.46 68.97
CA ILE D 248 -39.47 37.99 70.30
C ILE D 248 -38.07 37.39 70.18
N SER D 249 -37.11 38.00 70.86
CA SER D 249 -35.73 37.50 70.88
C SER D 249 -35.64 36.33 71.85
N THR D 250 -35.13 35.20 71.38
CA THR D 250 -35.15 33.94 72.12
C THR D 250 -33.78 33.28 72.06
N PRO D 251 -32.79 33.85 72.74
CA PRO D 251 -31.42 33.29 72.67
C PRO D 251 -31.34 31.94 73.36
N ASP D 252 -30.31 31.19 72.99
CA ASP D 252 -30.10 29.86 73.55
C ASP D 252 -29.90 29.94 75.06
N ALA D 253 -30.89 29.48 75.82
CA ALA D 253 -30.82 29.53 77.26
C ALA D 253 -29.91 28.42 77.80
N PRO D 254 -29.26 28.64 78.95
CA PRO D 254 -28.37 27.60 79.49
C PRO D 254 -29.07 26.30 79.78
N SER D 255 -30.35 26.34 80.15
CA SER D 255 -31.15 25.13 80.30
C SER D 255 -32.54 25.38 79.77
N ILE D 256 -33.21 24.30 79.36
CA ILE D 256 -34.54 24.42 78.78
C ILE D 256 -35.54 25.02 79.76
N TYR D 257 -35.27 24.91 81.06
CA TYR D 257 -36.21 25.39 82.05
C TYR D 257 -36.16 26.91 82.22
N ASP D 258 -35.15 27.58 81.66
CA ASP D 258 -35.14 29.03 81.64
C ASP D 258 -36.04 29.61 80.57
N ILE D 259 -36.46 28.80 79.58
CA ILE D 259 -37.20 29.33 78.44
C ILE D 259 -38.50 30.00 78.88
N PRO D 260 -39.29 29.44 79.79
CA PRO D 260 -40.48 30.19 80.24
C PRO D 260 -40.15 31.58 80.76
N LYS D 261 -39.04 31.72 81.49
CA LYS D 261 -38.64 33.03 81.97
C LYS D 261 -38.29 33.95 80.81
N VAL D 262 -37.60 33.43 79.79
CA VAL D 262 -37.24 34.26 78.64
C VAL D 262 -38.49 34.73 77.92
N LEU D 263 -39.44 33.83 77.70
CA LEU D 263 -40.65 34.20 76.97
C LEU D 263 -41.51 35.16 77.78
N HIS D 264 -41.59 34.99 79.10
CA HIS D 264 -42.34 35.93 79.92
C HIS D 264 -41.65 37.29 79.96
N ARG D 265 -40.33 37.29 80.09
CA ARG D 265 -39.57 38.54 80.09
C ARG D 265 -39.81 39.32 78.81
N GLU D 266 -39.92 38.64 77.68
CA GLU D 266 -40.22 39.27 76.41
C GLU D 266 -41.71 39.57 76.24
N GLU D 267 -42.54 39.12 77.18
CA GLU D 267 -43.98 39.41 77.16
C GLU D 267 -44.66 38.77 75.96
N LEU D 268 -44.24 37.56 75.59
CA LEU D 268 -44.95 36.81 74.55
C LEU D 268 -46.32 36.40 75.04
N ASP D 269 -46.41 35.90 76.27
CA ASP D 269 -47.69 35.44 76.78
C ASP D 269 -48.70 36.59 76.86
N ALA D 270 -48.24 37.77 77.28
CA ALA D 270 -49.13 38.93 77.29
C ALA D 270 -49.61 39.26 75.88
N PHE D 271 -48.70 39.19 74.90
CA PHE D 271 -49.08 39.49 73.53
C PHE D 271 -50.14 38.50 73.03
N VAL D 272 -49.92 37.20 73.30
CA VAL D 272 -50.88 36.19 72.88
C VAL D 272 -52.22 36.41 73.56
N VAL D 273 -52.20 36.68 74.86
CA VAL D 273 -53.45 36.86 75.62
C VAL D 273 -54.21 38.06 75.08
N ARG D 274 -53.52 39.18 74.87
CA ARG D 274 -54.19 40.36 74.33
C ARG D 274 -54.76 40.09 72.96
N ARG D 275 -53.99 39.41 72.10
CA ARG D 275 -54.42 39.24 70.72
C ARG D 275 -55.58 38.27 70.60
N LEU D 276 -55.60 37.22 71.43
CA LEU D 276 -56.69 36.27 71.43
C LEU D 276 -57.85 36.68 72.35
N ASN D 277 -57.69 37.78 73.10
CA ASN D 277 -58.74 38.26 73.99
C ASN D 277 -59.13 37.21 75.03
N LEU D 278 -58.14 36.49 75.55
CA LEU D 278 -58.40 35.49 76.56
C LEU D 278 -58.50 36.14 77.95
N PRO D 279 -59.35 35.60 78.83
CA PRO D 279 -59.33 36.05 80.22
C PRO D 279 -58.15 35.42 80.96
N PHE D 280 -57.53 36.20 81.85
CA PHE D 280 -56.24 35.83 82.39
C PHE D 280 -56.10 36.32 83.83
N ARG D 281 -55.07 35.80 84.48
CA ARG D 281 -54.55 36.33 85.73
C ARG D 281 -53.03 36.23 85.69
N ASP D 282 -52.38 36.94 86.61
CA ASP D 282 -50.92 36.98 86.60
C ASP D 282 -50.34 35.61 86.92
N VAL D 283 -49.13 35.36 86.39
CA VAL D 283 -48.46 34.08 86.57
C VAL D 283 -47.96 33.98 88.00
N ASP D 284 -48.28 32.86 88.65
CA ASP D 284 -47.75 32.56 89.98
C ASP D 284 -46.43 31.82 89.80
N TRP D 285 -45.31 32.54 89.95
CA TRP D 285 -43.99 32.00 89.68
C TRP D 285 -43.43 31.16 90.81
N THR D 286 -44.20 30.90 91.88
CA THR D 286 -43.64 30.29 93.07
C THR D 286 -42.98 28.94 92.75
N GLU D 287 -43.72 28.04 92.11
CA GLU D 287 -43.22 26.69 91.85
C GLU D 287 -42.00 26.73 90.94
N TRP D 288 -42.11 27.42 89.81
CA TRP D 288 -41.02 27.41 88.85
C TRP D 288 -39.82 28.17 89.37
N ASP D 289 -40.03 29.17 90.24
CA ASP D 289 -38.89 29.81 90.89
C ASP D 289 -38.16 28.83 91.79
N ASP D 290 -38.89 27.98 92.50
CA ASP D 290 -38.22 26.95 93.28
C ASP D 290 -37.44 26.00 92.38
N LEU D 291 -38.04 25.62 91.25
CA LEU D 291 -37.35 24.75 90.29
C LEU D 291 -36.07 25.40 89.79
N LEU D 292 -36.13 26.68 89.46
CA LEU D 292 -34.94 27.36 88.93
C LEU D 292 -33.91 27.61 90.01
N ARG D 293 -34.32 27.70 91.28
CA ARG D 293 -33.34 27.69 92.36
C ARG D 293 -32.62 26.34 92.40
N ARG D 294 -33.37 25.25 92.30
CA ARG D 294 -32.73 23.94 92.26
C ARG D 294 -31.82 23.81 91.05
N VAL D 295 -32.15 24.48 89.95
CA VAL D 295 -31.29 24.46 88.77
C VAL D 295 -30.00 25.22 89.03
N HIS D 296 -30.11 26.52 89.33
CA HIS D 296 -28.97 27.42 89.27
C HIS D 296 -28.13 27.48 90.54
N GLU D 297 -28.66 27.04 91.68
CA GLU D 297 -27.95 27.15 92.96
C GLU D 297 -27.92 25.81 93.68
N PRO D 298 -27.28 24.81 93.09
CA PRO D 298 -27.13 23.53 93.77
C PRO D 298 -26.05 23.60 94.84
N HIS D 299 -26.17 22.69 95.81
CA HIS D 299 -25.19 22.62 96.89
C HIS D 299 -23.94 21.85 96.49
N GLU D 300 -24.05 20.91 95.55
CA GLU D 300 -22.93 20.05 95.19
C GLU D 300 -23.06 19.68 93.71
N THR D 301 -22.16 18.80 93.25
CA THR D 301 -22.11 18.40 91.85
C THR D 301 -21.65 16.95 91.78
N VAL D 302 -22.10 16.25 90.73
CA VAL D 302 -21.74 14.86 90.53
C VAL D 302 -21.71 14.59 89.02
N ARG D 303 -20.79 13.72 88.60
CA ARG D 303 -20.61 13.38 87.19
C ARG D 303 -21.13 11.97 86.95
N ILE D 304 -21.94 11.82 85.89
CA ILE D 304 -22.54 10.55 85.51
C ILE D 304 -22.18 10.26 84.06
N ALA D 305 -21.72 9.04 83.81
CA ALA D 305 -21.45 8.59 82.45
C ALA D 305 -22.73 8.07 81.80
N LEU D 306 -22.98 8.50 80.57
CA LEU D 306 -24.05 7.97 79.73
C LEU D 306 -23.38 7.14 78.64
N VAL D 307 -23.63 5.84 78.63
CA VAL D 307 -22.96 4.91 77.74
C VAL D 307 -23.95 4.44 76.68
N GLY D 308 -23.63 4.71 75.41
CA GLY D 308 -24.50 4.31 74.33
C GLY D 308 -23.82 4.47 73.00
N LYS D 309 -24.53 4.05 71.94
CA LYS D 309 -24.03 4.22 70.58
C LYS D 309 -24.38 5.58 70.00
N TYR D 310 -25.61 6.06 70.25
CA TYR D 310 -26.03 7.34 69.70
C TYR D 310 -25.38 8.52 70.40
N VAL D 311 -24.52 8.27 71.40
CA VAL D 311 -23.92 9.36 72.18
C VAL D 311 -23.02 10.26 71.35
N GLU D 312 -22.79 9.92 70.08
CA GLU D 312 -21.92 10.74 69.23
C GLU D 312 -22.61 12.04 68.86
N LEU D 313 -22.72 12.96 69.82
CA LEU D 313 -23.26 14.29 69.59
C LEU D 313 -24.67 14.22 69.00
N SER D 314 -25.58 13.61 69.77
CA SER D 314 -26.99 13.54 69.38
C SER D 314 -27.84 13.53 70.64
N ASP D 315 -29.05 14.07 70.52
CA ASP D 315 -30.02 14.06 71.62
C ASP D 315 -30.88 12.81 71.58
N ALA D 316 -30.26 11.65 71.46
CA ALA D 316 -31.00 10.39 71.41
C ALA D 316 -31.47 9.94 72.78
N TYR D 317 -31.01 10.60 73.85
CA TYR D 317 -31.27 10.16 75.22
C TYR D 317 -31.89 11.30 76.03
N LEU D 318 -32.66 12.16 75.38
CA LEU D 318 -33.08 13.41 76.00
C LEU D 318 -33.88 13.15 77.28
N SER D 319 -34.83 12.21 77.22
CA SER D 319 -35.64 11.94 78.40
C SER D 319 -34.79 11.44 79.55
N VAL D 320 -33.81 10.58 79.27
CA VAL D 320 -32.94 10.08 80.32
C VAL D 320 -32.14 11.23 80.94
N ALA D 321 -31.59 12.10 80.09
CA ALA D 321 -30.81 13.22 80.62
C ALA D 321 -31.67 14.14 81.47
N GLU D 322 -32.92 14.38 81.06
CA GLU D 322 -33.80 15.24 81.84
C GLU D 322 -34.20 14.57 83.15
N ALA D 323 -34.46 13.26 83.14
CA ALA D 323 -34.75 12.58 84.38
C ALA D 323 -33.55 12.61 85.32
N LEU D 324 -32.34 12.49 84.76
CA LEU D 324 -31.13 12.65 85.56
C LEU D 324 -31.07 14.03 86.21
N ARG D 325 -31.34 15.08 85.42
CA ARG D 325 -31.28 16.43 85.98
C ARG D 325 -32.37 16.62 87.04
N ALA D 326 -33.55 16.04 86.83
CA ALA D 326 -34.59 16.11 87.86
C ALA D 326 -34.15 15.41 89.13
N GLY D 327 -33.50 14.24 89.00
CA GLY D 327 -32.95 13.58 90.16
C GLY D 327 -31.95 14.46 90.90
N GLY D 328 -31.07 15.11 90.14
CA GLY D 328 -30.16 16.06 90.77
C GLY D 328 -30.90 17.17 91.49
N PHE D 329 -31.99 17.66 90.89
CA PHE D 329 -32.75 18.74 91.51
C PHE D 329 -33.39 18.29 92.82
N LYS D 330 -33.80 17.02 92.90
CA LYS D 330 -34.38 16.55 94.16
C LYS D 330 -33.37 16.60 95.28
N HIS D 331 -32.10 16.34 95.00
CA HIS D 331 -31.03 16.43 95.98
C HIS D 331 -30.33 17.78 95.97
N ARG D 332 -30.75 18.70 95.11
CA ARG D 332 -30.05 19.97 94.93
C ARG D 332 -28.57 19.75 94.60
N ALA D 333 -28.31 18.80 93.71
CA ALA D 333 -26.99 18.58 93.15
C ALA D 333 -27.02 18.84 91.65
N LYS D 334 -25.98 19.49 91.15
CA LYS D 334 -25.79 19.56 89.70
C LYS D 334 -25.28 18.21 89.21
N VAL D 335 -25.93 17.66 88.19
CA VAL D 335 -25.46 16.43 87.56
C VAL D 335 -24.83 16.82 86.24
N GLU D 336 -23.55 16.47 86.08
CA GLU D 336 -22.83 16.68 84.83
C GLU D 336 -22.73 15.34 84.12
N ILE D 337 -23.07 15.33 82.83
CA ILE D 337 -23.14 14.10 82.05
C ILE D 337 -21.90 13.99 81.18
N CYS D 338 -21.19 12.87 81.32
CA CYS D 338 -20.05 12.53 80.48
C CYS D 338 -20.53 11.54 79.42
N TRP D 339 -20.52 11.97 78.16
CA TRP D 339 -21.02 11.15 77.06
C TRP D 339 -19.94 10.18 76.63
N VAL D 340 -20.18 8.89 76.91
CA VAL D 340 -19.17 7.84 76.74
C VAL D 340 -19.64 6.90 75.64
N ALA D 341 -18.77 6.67 74.65
CA ALA D 341 -19.07 5.70 73.62
C ALA D 341 -19.01 4.28 74.18
N SER D 342 -19.97 3.46 73.77
CA SER D 342 -20.00 2.07 74.23
C SER D 342 -18.77 1.31 73.76
N ASP D 343 -18.32 1.56 72.53
CA ASP D 343 -17.29 0.73 71.92
C ASP D 343 -15.90 0.97 72.51
N GLY D 344 -15.68 2.10 73.18
CA GLY D 344 -14.44 2.28 73.91
C GLY D 344 -14.35 1.51 75.21
N CYS D 345 -15.47 0.93 75.66
CA CYS D 345 -15.52 0.18 76.90
C CYS D 345 -15.49 -1.33 76.69
N GLU D 346 -15.31 -1.79 75.45
CA GLU D 346 -15.25 -3.23 75.21
C GLU D 346 -14.02 -3.84 75.85
N THR D 347 -12.87 -3.16 75.75
CA THR D 347 -11.67 -3.59 76.45
C THR D 347 -11.66 -3.03 77.86
N THR D 348 -11.11 -3.80 78.80
CA THR D 348 -11.10 -3.36 80.19
C THR D 348 -10.27 -2.10 80.35
N SER D 349 -9.14 -2.01 79.63
CA SER D 349 -8.34 -0.79 79.69
C SER D 349 -9.10 0.40 79.10
N GLY D 350 -9.80 0.19 77.98
CA GLY D 350 -10.59 1.26 77.41
C GLY D 350 -11.72 1.70 78.32
N ALA D 351 -12.40 0.73 78.95
CA ALA D 351 -13.45 1.05 79.90
C ALA D 351 -12.89 1.84 81.08
N ALA D 352 -11.73 1.43 81.59
CA ALA D 352 -11.11 2.17 82.69
C ALA D 352 -10.76 3.58 82.26
N ALA D 353 -10.20 3.74 81.06
CA ALA D 353 -9.84 5.07 80.59
C ALA D 353 -11.07 5.96 80.45
N ALA D 354 -12.18 5.40 79.95
CA ALA D 354 -13.39 6.20 79.75
C ALA D 354 -14.04 6.56 81.09
N LEU D 355 -14.23 5.58 81.97
CA LEU D 355 -15.11 5.73 83.12
C LEU D 355 -14.41 6.14 84.40
N GLY D 356 -13.09 5.98 84.48
CA GLY D 356 -12.41 6.08 85.76
C GLY D 356 -12.65 7.38 86.51
N ASP D 357 -12.98 8.45 85.79
CA ASP D 357 -13.16 9.76 86.42
C ASP D 357 -14.59 10.05 86.84
N VAL D 358 -15.56 9.25 86.40
CA VAL D 358 -16.97 9.53 86.68
C VAL D 358 -17.38 9.00 88.04
N HIS D 359 -18.57 9.38 88.48
CA HIS D 359 -19.14 8.91 89.74
C HIS D 359 -20.34 7.99 89.55
N GLY D 360 -20.74 7.72 88.31
CA GLY D 360 -21.83 6.79 88.06
C GLY D 360 -22.00 6.59 86.57
N VAL D 361 -22.65 5.47 86.24
CA VAL D 361 -22.82 5.04 84.86
C VAL D 361 -24.28 4.71 84.61
N LEU D 362 -24.79 5.11 83.45
CA LEU D 362 -26.17 4.84 83.05
C LEU D 362 -26.17 4.12 81.71
N ILE D 363 -26.88 3.00 81.63
CA ILE D 363 -26.98 2.22 80.41
C ILE D 363 -28.42 2.33 79.89
N PRO D 364 -28.69 3.22 78.95
CA PRO D 364 -30.06 3.37 78.45
C PRO D 364 -30.42 2.31 77.40
N GLY D 365 -31.73 2.21 77.15
CA GLY D 365 -32.22 1.28 76.16
C GLY D 365 -32.08 1.80 74.74
N GLY D 366 -32.43 0.92 73.80
CA GLY D 366 -32.38 1.27 72.39
C GLY D 366 -32.86 0.11 71.55
N PHE D 367 -32.94 0.37 70.25
CA PHE D 367 -33.37 -0.62 69.27
C PHE D 367 -32.48 -0.51 68.04
N GLY D 368 -32.35 -1.63 67.32
CA GLY D 368 -31.34 -1.69 66.28
C GLY D 368 -29.94 -1.55 66.80
N ILE D 369 -29.75 -1.75 68.11
CA ILE D 369 -28.47 -1.51 68.75
C ILE D 369 -27.54 -2.69 68.50
N ARG D 370 -26.24 -2.43 68.59
CA ARG D 370 -25.24 -3.47 68.44
C ARG D 370 -24.04 -3.14 69.32
N GLY D 371 -23.21 -4.16 69.55
CA GLY D 371 -21.99 -3.96 70.30
C GLY D 371 -22.16 -3.94 71.80
N ILE D 372 -23.18 -4.62 72.33
CA ILE D 372 -23.42 -4.60 73.76
C ILE D 372 -22.28 -5.25 74.54
N GLU D 373 -21.33 -5.88 73.84
CA GLU D 373 -20.12 -6.33 74.51
C GLU D 373 -19.45 -5.17 75.23
N GLY D 374 -19.44 -3.99 74.61
CA GLY D 374 -18.89 -2.83 75.28
C GLY D 374 -19.70 -2.41 76.49
N LYS D 375 -21.03 -2.46 76.39
CA LYS D 375 -21.88 -2.12 77.52
C LYS D 375 -21.61 -3.05 78.70
N ILE D 376 -21.62 -4.36 78.44
CA ILE D 376 -21.36 -5.33 79.50
C ILE D 376 -19.94 -5.16 80.04
N GLY D 377 -18.99 -4.80 79.18
CA GLY D 377 -17.65 -4.54 79.66
C GLY D 377 -17.61 -3.37 80.63
N ALA D 378 -18.38 -2.32 80.32
CA ALA D 378 -18.52 -1.21 81.25
C ALA D 378 -19.15 -1.67 82.56
N ILE D 379 -20.14 -2.57 82.50
CA ILE D 379 -20.73 -3.08 83.74
C ILE D 379 -19.68 -3.82 84.56
N ALA D 380 -18.93 -4.70 83.91
CA ALA D 380 -17.90 -5.47 84.62
C ALA D 380 -16.90 -4.53 85.29
N TYR D 381 -16.40 -3.55 84.54
CA TYR D 381 -15.45 -2.61 85.12
C TYR D 381 -16.08 -1.84 86.27
N ALA D 382 -17.30 -1.34 86.09
CA ALA D 382 -17.93 -0.52 87.12
C ALA D 382 -18.16 -1.32 88.39
N ARG D 383 -18.61 -2.56 88.27
CA ARG D 383 -18.80 -3.39 89.45
C ARG D 383 -17.48 -3.60 90.19
N ALA D 384 -16.40 -3.86 89.45
CA ALA D 384 -15.12 -4.00 90.12
C ALA D 384 -14.69 -2.70 90.79
N ARG D 385 -14.92 -1.57 90.13
CA ARG D 385 -14.49 -0.28 90.65
C ARG D 385 -15.41 0.25 91.75
N GLY D 386 -16.64 -0.22 91.83
CA GLY D 386 -17.57 0.22 92.84
C GLY D 386 -18.47 1.37 92.45
N LEU D 387 -18.48 1.76 91.17
CA LEU D 387 -19.35 2.84 90.74
C LEU D 387 -20.80 2.37 90.70
N PRO D 388 -21.75 3.23 91.07
CA PRO D 388 -23.16 2.85 90.94
C PRO D 388 -23.57 2.83 89.47
N VAL D 389 -24.50 1.93 89.15
CA VAL D 389 -24.96 1.70 87.79
C VAL D 389 -26.48 1.63 87.77
N LEU D 390 -27.08 2.30 86.80
CA LEU D 390 -28.50 2.17 86.51
C LEU D 390 -28.66 1.69 85.06
N GLY D 391 -29.36 0.58 84.88
CA GLY D 391 -29.55 0.00 83.57
C GLY D 391 -31.01 -0.02 83.16
N LEU D 392 -31.34 0.64 82.06
CA LEU D 392 -32.72 0.82 81.63
C LEU D 392 -32.98 -0.08 80.42
N CYS D 393 -33.97 -0.95 80.54
CA CYS D 393 -34.32 -1.88 79.46
C CYS D 393 -33.10 -2.69 79.05
N LEU D 394 -32.46 -2.31 77.95
CA LEU D 394 -31.24 -2.97 77.54
C LEU D 394 -30.18 -2.90 78.64
N GLY D 395 -30.22 -1.86 79.47
CA GLY D 395 -29.31 -1.82 80.61
C GLY D 395 -29.54 -2.98 81.55
N LEU D 396 -30.81 -3.29 81.84
CA LEU D 396 -31.14 -4.47 82.63
C LEU D 396 -30.68 -5.75 81.93
N GLN D 397 -30.88 -5.82 80.61
CA GLN D 397 -30.47 -7.01 79.88
C GLN D 397 -28.97 -7.22 79.97
N CYS D 398 -28.19 -6.14 79.84
CA CYS D 398 -26.75 -6.23 79.99
C CYS D 398 -26.36 -6.61 81.41
N ILE D 399 -27.09 -6.10 82.41
CA ILE D 399 -26.81 -6.49 83.79
C ILE D 399 -27.01 -8.00 83.96
N VAL D 400 -28.11 -8.52 83.43
CA VAL D 400 -28.40 -9.94 83.54
C VAL D 400 -27.36 -10.77 82.79
N ILE D 401 -26.89 -10.27 81.64
CA ILE D 401 -25.86 -11.00 80.90
C ILE D 401 -24.53 -10.97 81.67
N GLU D 402 -24.23 -9.85 82.33
CA GLU D 402 -23.05 -9.78 83.18
C GLU D 402 -23.13 -10.81 84.30
N ALA D 403 -24.29 -10.90 84.94
CA ALA D 403 -24.47 -11.90 85.99
C ALA D 403 -24.35 -13.31 85.44
N ALA D 404 -24.88 -13.54 84.23
CA ALA D 404 -24.72 -14.84 83.59
C ALA D 404 -23.24 -15.18 83.42
N ARG D 405 -22.46 -14.20 82.94
CA ARG D 405 -21.03 -14.38 82.78
C ARG D 405 -20.28 -14.33 84.11
N SER D 406 -20.98 -14.13 85.22
CA SER D 406 -20.36 -14.15 86.54
C SER D 406 -20.48 -15.50 87.26
N VAL D 407 -21.29 -16.41 86.75
CA VAL D 407 -21.61 -17.64 87.49
C VAL D 407 -21.27 -18.90 86.72
N GLY D 408 -20.85 -18.81 85.45
CA GLY D 408 -20.55 -19.99 84.68
C GLY D 408 -20.96 -19.87 83.22
N LEU D 409 -21.78 -18.87 82.90
CA LEU D 409 -22.41 -18.78 81.60
C LEU D 409 -21.64 -17.85 80.68
N THR D 410 -20.38 -18.21 80.41
CA THR D 410 -19.47 -17.28 79.74
C THR D 410 -19.92 -16.97 78.31
N ASN D 411 -20.55 -17.92 77.63
CA ASN D 411 -21.05 -17.70 76.28
C ASN D 411 -22.50 -17.24 76.26
N ALA D 412 -23.07 -16.91 77.41
CA ALA D 412 -24.46 -16.50 77.46
C ALA D 412 -24.65 -15.15 76.76
N ASN D 413 -25.85 -14.96 76.22
CA ASN D 413 -26.18 -13.72 75.51
C ASN D 413 -27.69 -13.67 75.35
N SER D 414 -28.15 -12.60 74.71
CA SER D 414 -29.53 -12.55 74.23
C SER D 414 -29.63 -13.26 72.89
N ALA D 415 -30.77 -13.91 72.66
CA ALA D 415 -31.05 -14.46 71.34
C ALA D 415 -31.07 -13.36 70.28
N GLU D 416 -31.26 -12.11 70.69
CA GLU D 416 -31.18 -10.99 69.76
C GLU D 416 -29.75 -10.78 69.28
N PHE D 417 -28.77 -10.96 70.17
CA PHE D 417 -27.39 -10.59 69.88
C PHE D 417 -26.48 -11.77 69.57
N ASP D 418 -26.88 -12.99 69.92
CA ASP D 418 -26.23 -14.19 69.40
C ASP D 418 -27.31 -15.26 69.24
N PRO D 419 -27.96 -15.31 68.07
CA PRO D 419 -29.02 -16.31 67.87
C PRO D 419 -28.53 -17.75 68.04
N ASP D 420 -27.22 -17.99 67.98
CA ASP D 420 -26.66 -19.32 68.13
C ASP D 420 -26.05 -19.54 69.51
N THR D 421 -26.30 -18.64 70.46
CA THR D 421 -25.72 -18.80 71.78
C THR D 421 -26.22 -20.10 72.43
N PRO D 422 -25.34 -20.86 73.09
CA PRO D 422 -25.81 -22.04 73.82
C PRO D 422 -26.55 -21.73 75.11
N ASP D 423 -26.48 -20.49 75.60
CA ASP D 423 -27.15 -20.08 76.83
C ASP D 423 -27.93 -18.79 76.57
N PRO D 424 -29.10 -18.88 75.95
CA PRO D 424 -29.94 -17.69 75.74
C PRO D 424 -30.67 -17.26 77.02
N VAL D 425 -29.90 -16.62 77.92
CA VAL D 425 -30.48 -16.16 79.17
C VAL D 425 -31.51 -15.08 78.95
N ILE D 426 -31.42 -14.34 77.83
CA ILE D 426 -32.47 -13.44 77.38
C ILE D 426 -33.06 -14.02 76.12
N ALA D 427 -34.38 -14.18 76.09
CA ALA D 427 -35.04 -14.89 75.00
C ALA D 427 -36.46 -14.38 74.85
N THR D 428 -37.05 -14.66 73.68
CA THR D 428 -38.45 -14.37 73.45
C THR D 428 -39.31 -15.32 74.28
N MET D 429 -40.16 -14.76 75.13
CA MET D 429 -40.96 -15.56 76.05
C MET D 429 -41.97 -16.42 75.29
N GLY D 443 -41.87 -13.35 66.99
CA GLY D 443 -41.10 -12.35 67.70
C GLY D 443 -41.63 -12.07 69.10
N GLY D 444 -42.67 -12.81 69.50
CA GLY D 444 -43.25 -12.63 70.80
C GLY D 444 -44.09 -11.38 70.89
N THR D 445 -44.78 -11.20 72.01
CA THR D 445 -45.63 -10.03 72.22
C THR D 445 -44.77 -8.83 72.60
N MET D 446 -44.86 -7.77 71.80
CA MET D 446 -44.25 -6.50 72.16
C MET D 446 -45.07 -5.85 73.27
N ARG D 447 -44.50 -5.78 74.47
CA ARG D 447 -45.15 -5.08 75.57
C ARG D 447 -44.99 -3.58 75.37
N LEU D 448 -46.11 -2.87 75.29
CA LEU D 448 -46.12 -1.43 75.12
C LEU D 448 -47.06 -0.78 76.12
N GLY D 449 -46.63 0.33 76.70
CA GLY D 449 -47.47 1.09 77.59
C GLY D 449 -47.36 0.65 79.05
N SER D 450 -48.37 1.05 79.81
CA SER D 450 -48.37 0.83 81.25
C SER D 450 -48.71 -0.62 81.58
N TYR D 451 -47.93 -1.21 82.49
CA TYR D 451 -48.22 -2.50 83.08
C TYR D 451 -48.01 -2.42 84.59
N PRO D 452 -48.79 -3.14 85.37
CA PRO D 452 -48.54 -3.18 86.82
C PRO D 452 -47.43 -4.15 87.17
N ALA D 453 -46.76 -3.87 88.28
CA ALA D 453 -45.70 -4.73 88.79
C ALA D 453 -45.74 -4.75 90.31
N VAL D 454 -45.22 -5.83 90.89
CA VAL D 454 -45.13 -6.01 92.33
C VAL D 454 -43.65 -6.06 92.71
N LEU D 455 -43.32 -5.47 93.85
CA LEU D 455 -41.94 -5.31 94.29
C LEU D 455 -41.68 -6.11 95.56
N GLU D 456 -40.45 -6.60 95.68
CA GLU D 456 -40.04 -7.27 96.90
C GLU D 456 -40.10 -6.29 98.07
N PRO D 457 -40.71 -6.65 99.19
CA PRO D 457 -40.75 -5.73 100.33
C PRO D 457 -39.35 -5.44 100.86
N ASP D 458 -39.08 -4.15 101.11
CA ASP D 458 -37.78 -3.68 101.58
C ASP D 458 -36.66 -3.97 100.58
N SER D 459 -36.99 -4.23 99.32
CA SER D 459 -36.00 -4.20 98.27
C SER D 459 -35.48 -2.77 98.11
N VAL D 460 -34.29 -2.65 97.53
CA VAL D 460 -33.77 -1.32 97.23
C VAL D 460 -34.74 -0.57 96.33
N VAL D 461 -35.35 -1.28 95.38
CA VAL D 461 -36.39 -0.66 94.56
C VAL D 461 -37.58 -0.25 95.43
N ALA D 462 -38.00 -1.14 96.34
CA ALA D 462 -39.11 -0.80 97.23
C ALA D 462 -38.71 0.30 98.21
N GLN D 463 -37.45 0.31 98.66
CA GLN D 463 -36.98 1.38 99.53
C GLN D 463 -37.02 2.72 98.80
N ALA D 464 -36.72 2.71 97.50
CA ALA D 464 -36.79 3.94 96.71
C ALA D 464 -38.24 4.38 96.52
N TYR D 465 -39.06 3.51 95.92
CA TYR D 465 -40.46 3.85 95.67
C TYR D 465 -41.28 3.97 96.93
N GLN D 466 -40.86 3.33 98.02
CA GLN D 466 -41.62 3.30 99.27
C GLN D 466 -43.03 2.75 99.03
N THR D 467 -43.12 1.72 98.21
CA THR D 467 -44.38 1.03 97.97
C THR D 467 -44.10 -0.34 97.38
N THR D 468 -45.08 -1.23 97.50
CA THR D 468 -45.00 -2.56 96.90
C THR D 468 -45.65 -2.65 95.53
N GLN D 469 -46.35 -1.60 95.09
CA GLN D 469 -47.04 -1.63 93.79
C GLN D 469 -46.73 -0.36 93.01
N VAL D 470 -46.44 -0.54 91.72
CA VAL D 470 -46.08 0.55 90.83
C VAL D 470 -46.62 0.23 89.44
N SER D 471 -46.61 1.24 88.57
CA SER D 471 -46.89 1.04 87.16
C SER D 471 -45.88 1.84 86.34
N GLU D 472 -45.41 1.25 85.25
CA GLU D 472 -44.36 1.84 84.44
C GLU D 472 -44.65 1.61 82.97
N ARG D 473 -44.10 2.49 82.13
CA ARG D 473 -44.25 2.39 80.68
C ARG D 473 -43.19 1.46 80.12
N HIS D 474 -43.62 0.51 79.29
CA HIS D 474 -42.74 -0.52 78.76
C HIS D 474 -42.66 -0.41 77.24
N ARG D 475 -41.49 -0.75 76.71
CA ARG D 475 -41.31 -0.89 75.27
C ARG D 475 -40.21 -1.91 74.98
N HIS D 476 -40.56 -3.18 74.85
CA HIS D 476 -39.59 -4.23 74.59
C HIS D 476 -40.33 -5.52 74.30
N ARG D 477 -39.62 -6.48 73.71
CA ARG D 477 -40.18 -7.78 73.39
C ARG D 477 -39.36 -8.96 73.88
N TYR D 478 -38.08 -8.77 74.22
CA TYR D 478 -37.29 -9.82 74.82
C TYR D 478 -37.42 -9.76 76.34
N GLU D 479 -37.28 -10.93 76.98
CA GLU D 479 -37.45 -11.04 78.41
C GLU D 479 -36.37 -11.93 79.01
N VAL D 480 -36.25 -11.86 80.33
CA VAL D 480 -35.38 -12.79 81.05
C VAL D 480 -35.95 -14.19 80.92
N ASN D 481 -35.09 -15.12 80.52
CA ASN D 481 -35.51 -16.51 80.35
C ASN D 481 -35.70 -17.13 81.74
N ASN D 482 -36.93 -17.53 82.04
CA ASN D 482 -37.23 -18.06 83.38
C ASN D 482 -36.45 -19.32 83.70
N ALA D 483 -35.89 -19.98 82.69
CA ALA D 483 -35.12 -21.20 82.94
C ALA D 483 -33.83 -20.94 83.71
N TYR D 484 -33.37 -19.69 83.76
CA TYR D 484 -32.05 -19.36 84.32
C TYR D 484 -32.13 -18.57 85.62
N ARG D 485 -33.32 -18.39 86.20
CA ARG D 485 -33.41 -17.62 87.44
C ARG D 485 -32.56 -18.23 88.54
N ASP D 486 -32.75 -19.52 88.80
CA ASP D 486 -32.04 -20.17 89.90
C ASP D 486 -30.54 -20.24 89.63
N LYS D 487 -30.14 -20.34 88.37
CA LYS D 487 -28.71 -20.35 88.05
C LYS D 487 -28.09 -18.99 88.32
N ILE D 488 -28.71 -17.92 87.81
CA ILE D 488 -28.10 -16.60 87.92
C ILE D 488 -28.28 -16.00 89.31
N ALA D 489 -29.24 -16.49 90.10
CA ALA D 489 -29.36 -16.02 91.48
C ALA D 489 -28.09 -16.29 92.27
N GLU D 490 -27.31 -17.30 91.87
CA GLU D 490 -26.04 -17.55 92.53
C GLU D 490 -25.04 -16.42 92.33
N SER D 491 -25.30 -15.52 91.36
CA SER D 491 -24.52 -14.30 91.28
C SER D 491 -24.76 -13.38 92.47
N GLY D 492 -25.86 -13.57 93.18
CA GLY D 492 -26.31 -12.64 94.19
C GLY D 492 -27.45 -11.74 93.72
N LEU D 493 -27.79 -11.78 92.44
CA LEU D 493 -28.85 -10.94 91.92
C LEU D 493 -30.20 -11.38 92.45
N ARG D 494 -31.02 -10.40 92.84
CA ARG D 494 -32.38 -10.64 93.30
C ARG D 494 -33.37 -10.17 92.26
N PHE D 495 -34.36 -11.00 91.97
CA PHE D 495 -35.50 -10.59 91.14
C PHE D 495 -36.50 -9.85 92.03
N SER D 496 -36.07 -8.67 92.48
CA SER D 496 -36.77 -7.93 93.53
C SER D 496 -38.07 -7.30 93.05
N GLY D 497 -38.44 -7.44 91.78
CA GLY D 497 -39.73 -6.98 91.32
C GLY D 497 -40.17 -7.76 90.10
N THR D 498 -41.47 -8.02 90.02
CA THR D 498 -42.02 -8.90 89.00
C THR D 498 -43.40 -8.41 88.58
N SER D 499 -43.94 -9.05 87.54
CA SER D 499 -45.33 -8.92 87.17
C SER D 499 -46.18 -9.46 88.31
N PRO D 500 -47.46 -9.06 88.40
CA PRO D 500 -48.27 -9.52 89.54
C PRO D 500 -48.34 -11.03 89.66
N ASP D 501 -48.36 -11.75 88.54
CA ASP D 501 -48.31 -13.21 88.57
C ASP D 501 -46.90 -13.74 88.79
N GLY D 502 -45.89 -12.86 88.82
CA GLY D 502 -44.52 -13.28 88.98
C GLY D 502 -43.89 -13.87 87.74
N HIS D 503 -44.62 -13.95 86.63
CA HIS D 503 -44.12 -14.64 85.45
C HIS D 503 -42.96 -13.88 84.81
N LEU D 504 -43.01 -12.55 84.85
CA LEU D 504 -42.02 -11.72 84.17
C LEU D 504 -41.17 -10.97 85.19
N VAL D 505 -39.85 -10.99 84.98
CA VAL D 505 -38.94 -10.17 85.78
C VAL D 505 -39.01 -8.73 85.30
N GLU D 506 -39.24 -7.81 86.23
CA GLU D 506 -39.34 -6.39 85.92
C GLU D 506 -38.22 -5.55 86.50
N PHE D 507 -37.61 -5.98 87.60
CA PHE D 507 -36.52 -5.25 88.22
C PHE D 507 -35.49 -6.23 88.76
N VAL D 508 -34.23 -5.82 88.76
CA VAL D 508 -33.15 -6.59 89.34
C VAL D 508 -32.24 -5.65 90.13
N GLU D 509 -31.63 -6.19 91.19
CA GLU D 509 -30.72 -5.42 92.01
C GLU D 509 -29.77 -6.36 92.73
N TYR D 510 -28.63 -5.80 93.17
CA TYR D 510 -27.76 -6.48 94.10
C TYR D 510 -28.06 -6.02 95.52
N PRO D 511 -27.88 -6.87 96.53
CA PRO D 511 -28.05 -6.42 97.89
C PRO D 511 -27.08 -5.29 98.21
N PRO D 512 -27.46 -4.36 99.08
CA PRO D 512 -26.59 -3.21 99.33
C PRO D 512 -25.18 -3.57 99.77
N ASP D 513 -25.02 -4.68 100.48
CA ASP D 513 -23.68 -5.09 100.92
C ASP D 513 -22.86 -5.71 99.80
N ARG D 514 -23.49 -6.16 98.71
CA ARG D 514 -22.73 -6.59 97.55
C ARG D 514 -22.25 -5.40 96.73
N HIS D 515 -23.16 -4.49 96.40
CA HIS D 515 -22.81 -3.20 95.81
C HIS D 515 -23.81 -2.17 96.34
N PRO D 516 -23.36 -0.96 96.66
CA PRO D 516 -24.26 0.02 97.28
C PRO D 516 -25.49 0.34 96.45
N PHE D 517 -25.37 0.42 95.12
CA PHE D 517 -26.56 0.61 94.28
C PHE D 517 -26.21 0.17 92.86
N VAL D 518 -26.82 -0.94 92.42
CA VAL D 518 -26.78 -1.37 91.03
C VAL D 518 -28.17 -1.92 90.72
N VAL D 519 -28.94 -1.19 89.93
CA VAL D 519 -30.34 -1.52 89.67
C VAL D 519 -30.62 -1.45 88.18
N GLY D 520 -31.51 -2.31 87.71
CA GLY D 520 -31.99 -2.22 86.35
C GLY D 520 -33.49 -2.45 86.30
N THR D 521 -34.12 -1.82 85.31
CA THR D 521 -35.55 -2.02 85.07
C THR D 521 -35.79 -2.12 83.57
N GLN D 522 -36.75 -2.96 83.20
CA GLN D 522 -37.14 -3.09 81.80
C GLN D 522 -37.90 -1.88 81.29
N ALA D 523 -38.49 -1.08 82.17
CA ALA D 523 -39.34 0.02 81.77
C ALA D 523 -38.51 1.29 81.54
N HIS D 524 -39.20 2.33 81.06
CA HIS D 524 -38.58 3.63 80.83
C HIS D 524 -39.13 4.63 81.84
N PRO D 525 -38.67 4.60 83.08
CA PRO D 525 -39.18 5.54 84.08
C PRO D 525 -38.93 6.99 83.73
N GLU D 526 -37.99 7.28 82.83
CA GLU D 526 -37.74 8.66 82.43
C GLU D 526 -38.94 9.27 81.72
N LEU D 527 -39.90 8.46 81.27
CA LEU D 527 -41.10 8.98 80.62
C LEU D 527 -42.21 9.29 81.60
N LYS D 528 -42.05 8.95 82.88
CA LYS D 528 -42.97 9.40 83.92
C LYS D 528 -42.39 10.51 84.78
N SER D 529 -41.10 10.79 84.65
CA SER D 529 -40.49 11.89 85.38
C SER D 529 -40.99 13.23 84.86
N ARG D 530 -41.06 14.20 85.76
CA ARG D 530 -41.25 15.59 85.41
C ARG D 530 -40.30 16.43 86.27
N PRO D 531 -39.87 17.58 85.77
CA PRO D 531 -38.92 18.38 86.57
C PRO D 531 -39.46 18.80 87.91
N THR D 532 -40.77 18.93 88.04
CA THR D 532 -41.42 19.27 89.30
C THR D 532 -41.98 18.05 90.01
N ARG D 533 -41.63 16.85 89.56
CA ARG D 533 -42.10 15.62 90.17
C ARG D 533 -41.09 14.51 89.86
N PRO D 534 -39.88 14.61 90.39
CA PRO D 534 -38.82 13.68 89.96
C PRO D 534 -39.19 12.23 90.24
N HIS D 535 -38.65 11.35 89.43
CA HIS D 535 -38.95 9.92 89.53
C HIS D 535 -38.12 9.29 90.66
N PRO D 536 -38.71 8.38 91.45
CA PRO D 536 -37.98 7.83 92.59
C PRO D 536 -36.63 7.20 92.25
N LEU D 537 -36.53 6.47 91.15
CA LEU D 537 -35.30 5.74 90.86
C LEU D 537 -34.14 6.69 90.57
N PHE D 538 -34.40 7.81 89.89
CA PHE D 538 -33.31 8.74 89.63
C PHE D 538 -32.91 9.49 90.90
N VAL D 539 -33.86 9.81 91.77
CA VAL D 539 -33.51 10.35 93.08
C VAL D 539 -32.60 9.38 93.80
N ALA D 540 -32.95 8.09 93.80
CA ALA D 540 -32.14 7.09 94.47
C ALA D 540 -30.76 6.98 93.85
N PHE D 541 -30.69 6.92 92.52
CA PHE D 541 -29.42 6.75 91.84
C PHE D 541 -28.50 7.94 92.08
N VAL D 542 -29.05 9.15 92.00
CA VAL D 542 -28.23 10.33 92.26
C VAL D 542 -27.81 10.38 93.72
N GLY D 543 -28.66 9.95 94.65
CA GLY D 543 -28.25 9.88 96.03
C GLY D 543 -27.10 8.91 96.25
N ALA D 544 -27.17 7.75 95.58
CA ALA D 544 -26.08 6.78 95.67
C ALA D 544 -24.80 7.35 95.07
N ALA D 545 -24.90 8.03 93.94
CA ALA D 545 -23.71 8.64 93.34
C ALA D 545 -23.11 9.71 94.25
N ILE D 546 -23.97 10.51 94.89
CA ILE D 546 -23.49 11.50 95.84
C ILE D 546 -22.79 10.84 97.01
N ASP D 547 -23.38 9.75 97.52
CA ASP D 547 -22.76 9.03 98.63
C ASP D 547 -21.41 8.46 98.22
N TYR D 548 -21.30 7.95 96.99
CA TYR D 548 -20.01 7.48 96.50
C TYR D 548 -18.99 8.62 96.45
N LYS D 549 -19.37 9.74 95.85
CA LYS D 549 -18.44 10.86 95.74
C LYS D 549 -17.99 11.32 97.12
N ALA D 550 -18.91 11.39 98.07
CA ALA D 550 -18.57 11.84 99.41
C ALA D 550 -17.68 10.82 100.12
N GLY D 551 -17.95 9.53 99.94
CA GLY D 551 -17.16 8.51 100.61
C GLY D 551 -15.86 8.18 99.93
N GLU D 552 -15.78 8.37 98.62
CA GLU D 552 -14.58 8.03 97.87
C GLU D 552 -13.42 8.95 98.25
N MET E 1 64.53 -68.91 -64.72
CA MET E 1 64.57 -70.20 -63.97
C MET E 1 64.18 -69.98 -62.50
N ARG E 2 64.14 -71.08 -61.74
CA ARG E 2 63.74 -71.00 -60.34
C ARG E 2 64.71 -70.15 -59.54
N LYS E 3 65.97 -70.05 -59.98
CA LYS E 3 66.99 -69.28 -59.28
C LYS E 3 67.17 -67.93 -59.98
N HIS E 4 67.09 -66.86 -59.20
CA HIS E 4 67.13 -65.50 -59.71
C HIS E 4 68.22 -64.69 -59.01
N PRO E 5 68.69 -63.61 -59.64
CA PRO E 5 69.65 -62.74 -58.97
C PRO E 5 69.04 -62.08 -57.73
N GLN E 6 69.92 -61.55 -56.89
CA GLN E 6 69.48 -60.82 -55.70
C GLN E 6 68.88 -59.48 -56.10
N THR E 7 67.84 -59.09 -55.37
CA THR E 7 67.24 -57.77 -55.51
C THR E 7 66.81 -57.28 -54.14
N ALA E 8 66.64 -55.96 -54.02
CA ALA E 8 66.28 -55.37 -52.74
C ALA E 8 64.88 -55.81 -52.33
N THR E 9 64.66 -55.84 -51.01
CA THR E 9 63.38 -56.28 -50.47
C THR E 9 62.32 -55.21 -50.73
N LYS E 10 61.22 -55.62 -51.36
CA LYS E 10 60.16 -54.70 -51.73
C LYS E 10 59.17 -54.56 -50.59
N HIS E 11 58.70 -53.33 -50.38
CA HIS E 11 57.71 -53.04 -49.35
C HIS E 11 56.39 -52.73 -50.02
N LEU E 12 55.33 -53.40 -49.57
CA LEU E 12 53.98 -53.20 -50.09
C LEU E 12 53.10 -52.83 -48.92
N PHE E 13 52.60 -51.59 -48.91
CA PHE E 13 51.78 -51.07 -47.83
C PHE E 13 50.31 -51.15 -48.23
N VAL E 14 49.48 -51.68 -47.34
CA VAL E 14 48.04 -51.75 -47.54
C VAL E 14 47.37 -50.85 -46.51
N SER E 15 46.55 -49.92 -46.99
CA SER E 15 45.89 -48.95 -46.14
C SER E 15 44.40 -48.95 -46.46
N GLY E 16 43.62 -48.44 -45.52
CA GLY E 16 42.18 -48.49 -45.63
C GLY E 16 41.56 -47.10 -45.54
N GLY E 17 40.43 -46.94 -46.22
CA GLY E 17 39.72 -45.68 -46.24
C GLY E 17 38.24 -45.89 -45.98
N VAL E 18 37.57 -44.76 -45.71
CA VAL E 18 36.13 -44.73 -45.48
C VAL E 18 35.78 -45.39 -44.15
N ALA E 19 36.15 -46.66 -43.98
CA ALA E 19 35.74 -47.39 -42.79
C ALA E 19 36.71 -48.53 -42.54
N SER E 20 36.58 -49.15 -41.37
CA SER E 20 37.26 -50.40 -41.07
C SER E 20 36.36 -51.57 -41.44
N SER E 21 36.88 -52.79 -41.29
CA SER E 21 36.18 -54.01 -41.67
C SER E 21 35.86 -54.06 -43.17
N LEU E 22 36.68 -53.43 -43.99
CA LEU E 22 36.53 -53.49 -45.44
C LEU E 22 37.15 -54.73 -46.05
N GLY E 23 37.72 -55.62 -45.24
CA GLY E 23 38.46 -56.74 -45.79
C GLY E 23 39.86 -56.37 -46.21
N LYS E 24 40.40 -55.31 -45.63
CA LYS E 24 41.77 -54.90 -45.94
C LYS E 24 42.76 -56.01 -45.61
N GLY E 25 42.63 -56.61 -44.43
CA GLY E 25 43.52 -57.69 -44.05
C GLY E 25 43.36 -58.91 -44.93
N LEU E 26 42.12 -59.26 -45.27
CA LEU E 26 41.89 -60.39 -46.15
C LEU E 26 42.45 -60.15 -47.54
N THR E 27 42.32 -58.93 -48.07
CA THR E 27 42.90 -58.61 -49.36
C THR E 27 44.43 -58.72 -49.31
N ALA E 28 45.03 -58.22 -48.23
CA ALA E 28 46.47 -58.35 -48.09
C ALA E 28 46.89 -59.82 -48.04
N SER E 29 46.14 -60.64 -47.29
CA SER E 29 46.46 -62.06 -47.21
C SER E 29 46.31 -62.73 -48.57
N SER E 30 45.28 -62.36 -49.33
CA SER E 30 45.09 -62.98 -50.65
C SER E 30 46.20 -62.59 -51.61
N LEU E 31 46.63 -61.32 -51.56
CA LEU E 31 47.75 -60.91 -52.39
C LEU E 31 49.02 -61.63 -51.97
N GLY E 32 49.22 -61.81 -50.67
CA GLY E 32 50.36 -62.59 -50.21
C GLY E 32 50.29 -64.02 -50.72
N GLN E 33 49.09 -64.59 -50.76
CA GLN E 33 48.93 -65.95 -51.27
C GLN E 33 49.30 -66.03 -52.73
N LEU E 34 48.80 -65.08 -53.54
CA LEU E 34 49.14 -65.09 -54.95
C LEU E 34 50.65 -64.94 -55.14
N LEU E 35 51.27 -63.99 -54.44
CA LEU E 35 52.70 -63.78 -54.61
C LEU E 35 53.51 -64.98 -54.14
N THR E 36 53.04 -65.68 -53.10
CA THR E 36 53.70 -66.92 -52.70
C THR E 36 53.61 -67.96 -53.80
N ALA E 37 52.42 -68.13 -54.38
CA ALA E 37 52.26 -69.10 -55.45
C ALA E 37 53.13 -68.75 -56.65
N ARG E 38 53.34 -67.46 -56.92
CA ARG E 38 54.26 -67.05 -57.95
C ARG E 38 55.72 -67.23 -57.54
N GLY E 39 55.98 -67.78 -56.36
CA GLY E 39 57.29 -68.25 -55.99
C GLY E 39 58.12 -67.32 -55.13
N LEU E 40 57.56 -66.20 -54.66
CA LEU E 40 58.30 -65.23 -53.88
C LEU E 40 58.16 -65.52 -52.39
N HIS E 41 59.24 -65.27 -51.65
CA HIS E 41 59.22 -65.43 -50.19
C HIS E 41 58.56 -64.20 -49.60
N VAL E 42 57.25 -64.28 -49.41
CA VAL E 42 56.47 -63.21 -48.82
C VAL E 42 56.53 -63.30 -47.31
N THR E 43 56.70 -62.15 -46.65
CA THR E 43 56.50 -62.03 -45.21
C THR E 43 55.54 -60.89 -44.96
N MET E 44 54.85 -60.96 -43.82
CA MET E 44 53.74 -60.05 -43.53
C MET E 44 53.86 -59.47 -42.14
N GLN E 45 53.27 -58.28 -41.97
CA GLN E 45 53.32 -57.53 -40.73
C GLN E 45 52.07 -56.67 -40.63
N LYS E 46 51.63 -56.39 -39.41
CA LYS E 46 50.55 -55.46 -39.19
C LYS E 46 50.95 -54.39 -38.19
N LEU E 47 50.49 -53.17 -38.43
CA LEU E 47 50.67 -52.05 -37.51
C LEU E 47 49.30 -51.66 -36.96
N ASP E 48 49.16 -51.67 -35.64
CA ASP E 48 47.88 -51.35 -34.99
C ASP E 48 47.95 -49.96 -34.39
N PRO E 49 47.10 -49.01 -34.78
CA PRO E 49 47.18 -47.66 -34.20
C PRO E 49 46.78 -47.56 -32.74
N TYR E 50 46.08 -48.53 -32.16
CA TYR E 50 45.58 -48.35 -30.81
C TYR E 50 46.72 -48.41 -29.78
N LEU E 51 46.46 -47.83 -28.61
CA LEU E 51 47.48 -47.67 -27.57
C LEU E 51 47.62 -48.88 -26.67
N ASN E 52 46.71 -49.85 -26.73
CA ASN E 52 46.89 -51.07 -25.95
C ASN E 52 48.19 -51.74 -26.35
N VAL E 53 49.01 -52.10 -25.35
CA VAL E 53 50.29 -52.72 -25.66
C VAL E 53 50.09 -54.09 -26.28
N ASP E 54 48.96 -54.72 -26.01
CA ASP E 54 48.53 -55.91 -26.74
C ASP E 54 47.03 -56.09 -26.51
N PRO E 55 46.33 -56.75 -27.43
CA PRO E 55 44.87 -56.80 -27.35
C PRO E 55 44.33 -57.69 -26.24
N GLY E 56 45.18 -58.31 -25.43
CA GLY E 56 44.68 -59.18 -24.38
C GLY E 56 43.74 -58.47 -23.42
N THR E 57 43.97 -57.16 -23.20
CA THR E 57 43.10 -56.41 -22.32
C THR E 57 41.76 -56.08 -22.96
N MET E 58 41.63 -56.23 -24.27
CA MET E 58 40.43 -55.80 -24.97
C MET E 58 39.28 -56.78 -24.76
N ASN E 59 38.11 -56.36 -25.25
CA ASN E 59 36.88 -57.14 -25.22
C ASN E 59 36.54 -57.59 -26.63
N PRO E 60 36.19 -58.87 -26.83
CA PRO E 60 35.98 -59.36 -28.20
C PRO E 60 34.96 -58.59 -29.02
N PHE E 61 34.15 -57.71 -28.41
CA PHE E 61 33.27 -56.87 -29.21
C PHE E 61 34.02 -55.79 -29.98
N GLN E 62 35.28 -55.54 -29.66
CA GLN E 62 36.03 -54.47 -30.32
C GLN E 62 36.47 -54.89 -31.71
N HIS E 63 37.25 -55.97 -31.79
CA HIS E 63 37.85 -56.37 -33.06
C HIS E 63 37.83 -57.88 -33.27
N GLY E 64 36.97 -58.60 -32.57
CA GLY E 64 36.95 -60.04 -32.66
C GLY E 64 37.92 -60.72 -31.71
N GLU E 65 38.13 -62.00 -31.96
CA GLU E 65 38.90 -62.85 -31.06
C GLU E 65 40.38 -62.46 -31.07
N VAL E 66 41.07 -62.88 -30.01
CA VAL E 66 42.51 -62.70 -29.92
C VAL E 66 43.22 -63.91 -30.54
N PHE E 67 44.49 -63.73 -30.87
CA PHE E 67 45.31 -64.73 -31.52
C PHE E 67 46.60 -64.91 -30.72
N VAL E 68 47.28 -66.03 -30.93
CA VAL E 68 48.48 -66.36 -30.17
C VAL E 68 49.53 -66.93 -31.10
N THR E 69 50.78 -66.56 -30.88
CA THR E 69 51.90 -66.99 -31.71
C THR E 69 52.66 -68.14 -31.05
N GLU E 70 53.60 -68.71 -31.82
CA GLU E 70 54.41 -69.81 -31.30
C GLU E 70 55.45 -69.35 -30.30
N ASP E 71 56.05 -68.18 -30.51
CA ASP E 71 56.87 -67.59 -29.46
C ASP E 71 56.04 -67.03 -28.33
N GLY E 72 54.70 -67.14 -28.41
CA GLY E 72 53.84 -66.85 -27.29
C GLY E 72 53.33 -65.43 -27.21
N ALA E 73 53.57 -64.60 -28.22
CA ALA E 73 53.00 -63.27 -28.23
C ALA E 73 51.49 -63.34 -28.45
N GLU E 74 50.80 -62.32 -27.96
CA GLU E 74 49.36 -62.20 -28.11
C GLU E 74 49.07 -61.07 -29.08
N THR E 75 48.36 -61.38 -30.17
CA THR E 75 48.33 -60.49 -31.33
C THR E 75 46.91 -60.34 -31.86
N ASP E 76 46.76 -59.43 -32.81
CA ASP E 76 45.47 -59.13 -33.40
C ASP E 76 44.97 -60.30 -34.24
N LEU E 77 43.70 -60.21 -34.64
CA LEU E 77 43.08 -61.24 -35.44
C LEU E 77 43.76 -61.42 -36.78
N ASP E 78 44.21 -60.33 -37.41
CA ASP E 78 44.70 -60.40 -38.78
C ASP E 78 45.91 -61.31 -38.91
N VAL E 79 46.69 -61.47 -37.85
CA VAL E 79 47.79 -62.43 -37.89
C VAL E 79 47.24 -63.81 -38.18
N GLY E 80 45.99 -64.07 -37.77
CA GLY E 80 45.36 -65.33 -38.10
C GLY E 80 45.08 -65.50 -39.58
N HIS E 81 44.63 -64.44 -40.25
CA HIS E 81 44.49 -64.51 -41.70
C HIS E 81 45.84 -64.78 -42.34
N TYR E 82 46.88 -64.08 -41.87
CA TYR E 82 48.20 -64.26 -42.46
C TYR E 82 48.66 -65.70 -42.34
N GLU E 83 48.51 -66.29 -41.16
CA GLU E 83 48.83 -67.70 -40.98
C GLU E 83 47.99 -68.59 -41.89
N ARG E 84 46.66 -68.41 -41.87
CA ARG E 84 45.79 -69.31 -42.59
C ARG E 84 46.02 -69.28 -44.10
N PHE E 85 46.45 -68.15 -44.65
CA PHE E 85 46.64 -68.06 -46.09
C PHE E 85 48.07 -68.30 -46.53
N LEU E 86 49.06 -67.97 -45.69
CA LEU E 86 50.44 -68.29 -46.00
C LEU E 86 50.86 -69.66 -45.50
N ASP E 87 50.07 -70.25 -44.60
CA ASP E 87 50.44 -71.48 -43.90
C ASP E 87 51.84 -71.35 -43.29
N ARG E 88 51.95 -70.40 -42.37
CA ARG E 88 53.22 -70.10 -41.72
C ARG E 88 52.97 -69.77 -40.27
N ASN E 89 54.03 -69.81 -39.48
CA ASN E 89 54.02 -69.29 -38.11
C ASN E 89 54.79 -67.99 -38.08
N LEU E 90 54.17 -66.95 -37.51
CA LEU E 90 54.72 -65.61 -37.61
C LEU E 90 55.26 -65.14 -36.26
N PRO E 91 56.32 -64.33 -36.26
CA PRO E 91 56.88 -63.87 -34.99
C PRO E 91 55.97 -62.86 -34.31
N GLY E 92 56.22 -62.66 -33.01
CA GLY E 92 55.54 -61.59 -32.30
C GLY E 92 55.90 -60.21 -32.83
N SER E 93 57.04 -60.10 -33.51
CA SER E 93 57.40 -58.85 -34.15
C SER E 93 56.43 -58.46 -35.25
N ALA E 94 55.58 -59.39 -35.69
CA ALA E 94 54.64 -59.12 -36.77
C ALA E 94 53.47 -58.26 -36.35
N ASN E 95 53.40 -57.79 -35.11
CA ASN E 95 52.32 -56.91 -34.68
C ASN E 95 52.90 -55.77 -33.84
N VAL E 96 53.15 -54.63 -34.49
CA VAL E 96 53.52 -53.41 -33.80
C VAL E 96 52.27 -52.66 -33.40
N THR E 97 52.37 -51.88 -32.32
CA THR E 97 51.27 -51.05 -31.87
C THR E 97 51.83 -49.73 -31.36
N THR E 98 50.99 -48.69 -31.41
CA THR E 98 51.38 -47.40 -30.86
C THR E 98 51.77 -47.53 -29.40
N GLY E 99 51.09 -48.39 -28.66
CA GLY E 99 51.45 -48.60 -27.26
C GLY E 99 52.89 -49.02 -27.10
N GLN E 100 53.31 -50.01 -27.90
CA GLN E 100 54.68 -50.49 -27.81
C GLN E 100 55.67 -49.42 -28.21
N VAL E 101 55.37 -48.67 -29.27
CA VAL E 101 56.31 -47.67 -29.76
C VAL E 101 56.50 -46.56 -28.74
N TYR E 102 55.41 -46.05 -28.19
CA TYR E 102 55.53 -44.97 -27.21
C TYR E 102 56.21 -45.45 -25.95
N SER E 103 55.85 -46.64 -25.46
CA SER E 103 56.54 -47.16 -24.27
C SER E 103 58.03 -47.32 -24.53
N THR E 104 58.39 -47.83 -25.71
CA THR E 104 59.79 -48.01 -26.04
C THR E 104 60.54 -46.69 -26.06
N VAL E 105 59.96 -45.68 -26.70
CA VAL E 105 60.66 -44.41 -26.83
C VAL E 105 60.76 -43.71 -25.48
N ILE E 106 59.71 -43.80 -24.67
CA ILE E 106 59.76 -43.18 -23.34
C ILE E 106 60.82 -43.86 -22.48
N ALA E 107 60.88 -45.20 -22.54
CA ALA E 107 61.92 -45.91 -21.80
C ALA E 107 63.30 -45.49 -22.26
N LYS E 108 63.54 -45.46 -23.57
CA LYS E 108 64.82 -45.00 -24.08
C LYS E 108 65.13 -43.58 -23.62
N GLU E 109 64.11 -42.72 -23.53
CA GLU E 109 64.33 -41.36 -23.06
C GLU E 109 64.78 -41.35 -21.61
N ARG E 110 64.09 -42.11 -20.75
CA ARG E 110 64.46 -42.16 -19.34
C ARG E 110 65.90 -42.60 -19.15
N ARG E 111 66.43 -43.43 -20.05
CA ARG E 111 67.80 -43.88 -19.96
C ARG E 111 68.78 -42.92 -20.64
N GLY E 112 68.31 -41.82 -21.20
CA GLY E 112 69.18 -40.82 -21.76
C GLY E 112 69.82 -41.18 -23.08
N GLU E 113 69.29 -42.18 -23.79
CA GLU E 113 69.96 -42.68 -24.99
C GLU E 113 69.91 -41.69 -26.16
N TYR E 114 69.13 -40.62 -26.07
CA TYR E 114 69.09 -39.61 -27.12
C TYR E 114 70.04 -38.46 -26.86
N LEU E 115 70.90 -38.58 -25.85
CA LEU E 115 72.00 -37.64 -25.65
C LEU E 115 71.49 -36.21 -25.52
N GLY E 116 70.36 -36.04 -24.84
CA GLY E 116 69.88 -34.72 -24.50
C GLY E 116 68.98 -34.05 -25.50
N ASP E 117 68.67 -34.69 -26.62
CA ASP E 117 67.77 -34.08 -27.58
C ASP E 117 66.35 -34.02 -27.02
N THR E 118 65.55 -33.14 -27.60
CA THR E 118 64.13 -33.13 -27.34
C THR E 118 63.48 -34.29 -28.09
N VAL E 119 62.81 -35.17 -27.36
CA VAL E 119 62.12 -36.29 -27.98
C VAL E 119 60.81 -35.80 -28.60
N GLN E 120 60.60 -36.13 -29.86
CA GLN E 120 59.50 -35.59 -30.65
C GLN E 120 58.80 -36.72 -31.37
N VAL E 121 57.56 -36.44 -31.81
CA VAL E 121 56.85 -37.41 -32.63
C VAL E 121 57.54 -37.57 -33.97
N ILE E 122 58.13 -36.50 -34.49
CA ILE E 122 59.08 -36.55 -35.59
C ILE E 122 60.35 -35.86 -35.11
N PRO E 123 61.53 -36.49 -35.21
CA PRO E 123 61.80 -37.79 -35.85
C PRO E 123 61.60 -39.03 -34.99
N HIS E 124 61.66 -38.96 -33.67
CA HIS E 124 62.00 -40.15 -32.88
C HIS E 124 60.94 -41.25 -33.00
N ILE E 125 59.66 -40.91 -32.89
CA ILE E 125 58.63 -41.94 -32.96
C ILE E 125 58.58 -42.56 -34.36
N THR E 126 58.63 -41.73 -35.40
CA THR E 126 58.61 -42.26 -36.76
C THR E 126 59.88 -43.05 -37.06
N ASP E 127 61.01 -42.66 -36.46
CA ASP E 127 62.23 -43.44 -36.62
C ASP E 127 62.08 -44.82 -35.99
N GLU E 128 61.49 -44.89 -34.80
CA GLU E 128 61.27 -46.19 -34.19
C GLU E 128 60.36 -47.05 -35.05
N ILE E 129 59.30 -46.46 -35.59
CA ILE E 129 58.37 -47.23 -36.44
C ILE E 129 59.06 -47.69 -37.71
N LYS E 130 59.84 -46.81 -38.34
CA LYS E 130 60.55 -47.16 -39.56
C LYS E 130 61.58 -48.25 -39.30
N ARG E 131 62.24 -48.18 -38.15
CA ARG E 131 63.16 -49.26 -37.76
C ARG E 131 62.42 -50.58 -37.61
N ARG E 132 61.28 -50.57 -36.93
CA ARG E 132 60.52 -51.82 -36.76
C ARG E 132 60.00 -52.33 -38.09
N ILE E 133 59.73 -51.45 -39.05
CA ILE E 133 59.27 -51.89 -40.36
C ILE E 133 60.42 -52.52 -41.14
N LEU E 134 61.56 -51.85 -41.18
CA LEU E 134 62.70 -52.35 -41.94
C LEU E 134 63.33 -53.58 -41.30
N ALA E 135 63.12 -53.80 -40.01
CA ALA E 135 63.63 -55.01 -39.36
C ALA E 135 63.07 -56.27 -40.01
N MET E 136 61.86 -56.21 -40.53
CA MET E 136 61.28 -57.38 -41.20
C MET E 136 62.13 -57.81 -42.40
N ALA E 137 62.86 -56.88 -43.00
CA ALA E 137 63.65 -57.21 -44.18
C ALA E 137 64.93 -57.97 -43.85
N GLN E 138 65.35 -57.96 -42.58
CA GLN E 138 66.61 -58.61 -42.24
C GLN E 138 66.51 -60.12 -42.48
N PRO E 139 67.63 -60.77 -42.80
CA PRO E 139 67.59 -62.22 -43.01
C PRO E 139 67.09 -62.95 -41.78
N ASP E 140 66.28 -63.99 -42.01
CA ASP E 140 65.75 -64.80 -40.93
C ASP E 140 66.86 -65.62 -40.26
N ALA E 141 66.48 -66.45 -39.29
CA ALA E 141 67.47 -67.25 -38.57
C ALA E 141 68.21 -68.21 -39.48
N ASP E 142 67.65 -68.56 -40.63
CA ASP E 142 68.28 -69.48 -41.57
C ASP E 142 68.81 -68.79 -42.81
N GLY E 143 68.79 -67.46 -42.87
CA GLY E 143 69.35 -66.72 -43.97
C GLY E 143 68.43 -66.52 -45.14
N ASN E 144 67.17 -66.92 -45.05
CA ASN E 144 66.21 -66.70 -46.13
C ASN E 144 65.71 -65.27 -46.06
N ARG E 145 65.96 -64.51 -47.11
CA ARG E 145 65.63 -63.09 -47.11
C ARG E 145 64.32 -62.85 -47.83
N PRO E 146 63.32 -62.24 -47.17
CA PRO E 146 62.02 -62.08 -47.84
C PRO E 146 62.12 -61.20 -49.08
N ASP E 147 61.36 -61.57 -50.11
CA ASP E 147 61.37 -60.81 -51.35
C ASP E 147 60.41 -59.63 -51.28
N VAL E 148 59.28 -59.78 -50.60
CA VAL E 148 58.32 -58.70 -50.42
C VAL E 148 57.85 -58.72 -48.97
N VAL E 149 57.80 -57.55 -48.34
CA VAL E 149 57.21 -57.37 -47.02
C VAL E 149 55.88 -56.65 -47.22
N ILE E 150 54.79 -57.31 -46.86
CA ILE E 150 53.45 -56.73 -46.97
C ILE E 150 53.04 -56.24 -45.59
N THR E 151 52.89 -54.93 -45.43
CA THR E 151 52.58 -54.30 -44.16
C THR E 151 51.16 -53.75 -44.24
N GLU E 152 50.32 -54.14 -43.29
CA GLU E 152 48.94 -53.65 -43.20
C GLU E 152 48.88 -52.55 -42.15
N ILE E 153 48.44 -51.36 -42.57
CA ILE E 153 48.30 -50.23 -41.66
C ILE E 153 46.87 -50.23 -41.15
N GLY E 154 46.71 -50.57 -39.87
CA GLY E 154 45.38 -50.63 -39.29
C GLY E 154 44.75 -49.26 -39.14
N GLY E 155 43.44 -49.28 -38.93
CA GLY E 155 42.69 -48.04 -38.79
C GLY E 155 42.16 -47.53 -40.12
N THR E 156 41.98 -46.21 -40.18
CA THR E 156 41.44 -45.54 -41.35
C THR E 156 42.26 -44.29 -41.62
N VAL E 157 42.53 -44.02 -42.89
CA VAL E 157 43.30 -42.82 -43.25
C VAL E 157 42.55 -41.60 -42.76
N GLY E 158 43.21 -40.77 -41.97
CA GLY E 158 42.58 -39.62 -41.36
C GLY E 158 42.27 -39.77 -39.89
N ASP E 159 42.39 -40.98 -39.34
CA ASP E 159 42.36 -41.15 -37.90
C ASP E 159 43.58 -40.47 -37.29
N ILE E 160 43.39 -39.86 -36.11
CA ILE E 160 44.49 -39.20 -35.43
C ILE E 160 45.59 -40.19 -35.10
N GLU E 161 45.21 -41.41 -34.74
CA GLU E 161 46.18 -42.41 -34.28
C GLU E 161 47.03 -42.96 -35.43
N SER E 162 46.57 -42.85 -36.66
CA SER E 162 47.32 -43.38 -37.79
C SER E 162 48.40 -42.44 -38.28
N GLN E 163 48.41 -41.20 -37.81
CA GLN E 163 49.33 -40.21 -38.38
C GLN E 163 50.79 -40.62 -38.28
N PRO E 164 51.28 -41.18 -37.16
CA PRO E 164 52.69 -41.57 -37.13
C PRO E 164 53.02 -42.73 -38.05
N PHE E 165 52.11 -43.68 -38.22
CA PHE E 165 52.42 -44.85 -39.06
C PHE E 165 52.43 -44.47 -40.53
N LEU E 166 51.49 -43.65 -40.97
CA LEU E 166 51.51 -43.21 -42.36
C LEU E 166 52.71 -42.32 -42.64
N GLU E 167 53.13 -41.52 -41.66
CA GLU E 167 54.34 -40.73 -41.84
C GLU E 167 55.57 -41.63 -41.92
N ALA E 168 55.61 -42.70 -41.14
CA ALA E 168 56.71 -43.65 -41.25
C ALA E 168 56.73 -44.30 -42.63
N ALA E 169 55.56 -44.69 -43.13
CA ALA E 169 55.49 -45.26 -44.47
C ALA E 169 55.96 -44.26 -45.52
N ARG E 170 55.58 -43.00 -45.37
CA ARG E 170 56.05 -41.96 -46.29
C ARG E 170 57.57 -41.85 -46.26
N GLN E 171 58.15 -41.87 -45.05
CA GLN E 171 59.60 -41.78 -44.96
C GLN E 171 60.28 -43.00 -45.56
N VAL E 172 59.67 -44.18 -45.42
CA VAL E 172 60.20 -45.37 -46.09
C VAL E 172 60.18 -45.17 -47.60
N ARG E 173 59.08 -44.67 -48.15
CA ARG E 173 59.04 -44.39 -49.58
C ARG E 173 60.11 -43.39 -49.99
N HIS E 174 60.42 -42.43 -49.12
CA HIS E 174 61.46 -41.46 -49.44
C HIS E 174 62.84 -42.13 -49.44
N TYR E 175 63.10 -42.97 -48.44
CA TYR E 175 64.41 -43.61 -48.32
C TYR E 175 64.65 -44.60 -49.45
N LEU E 176 63.67 -45.47 -49.73
CA LEU E 176 63.85 -46.56 -50.68
C LEU E 176 63.45 -46.20 -52.11
N GLY E 177 62.70 -45.11 -52.31
CA GLY E 177 62.29 -44.71 -53.63
C GLY E 177 61.09 -45.47 -54.15
N ARG E 178 60.56 -44.99 -55.28
CA ARG E 178 59.31 -45.54 -55.81
C ARG E 178 59.49 -46.94 -56.37
N GLU E 179 60.71 -47.32 -56.75
CA GLU E 179 60.92 -48.63 -57.33
C GLU E 179 60.81 -49.75 -56.31
N ASP E 180 60.78 -49.43 -55.02
CA ASP E 180 60.73 -50.44 -53.98
C ASP E 180 59.49 -50.41 -53.11
N VAL E 181 58.71 -49.33 -53.16
CA VAL E 181 57.57 -49.15 -52.25
C VAL E 181 56.30 -48.97 -53.07
N PHE E 182 55.31 -49.79 -52.77
CA PHE E 182 54.02 -49.82 -53.47
C PHE E 182 52.91 -49.62 -52.44
N PHE E 183 51.97 -48.74 -52.75
CA PHE E 183 50.86 -48.43 -51.86
C PHE E 183 49.56 -48.97 -52.43
N LEU E 184 48.88 -49.82 -51.67
CA LEU E 184 47.57 -50.34 -52.04
C LEU E 184 46.54 -49.74 -51.09
N HIS E 185 45.50 -49.14 -51.64
CA HIS E 185 44.48 -48.45 -50.86
C HIS E 185 43.14 -49.13 -51.07
N VAL E 186 42.51 -49.52 -49.97
CA VAL E 186 41.22 -50.21 -50.00
C VAL E 186 40.14 -49.22 -49.60
N SER E 187 39.08 -49.13 -50.41
CA SER E 187 38.06 -48.12 -50.22
C SER E 187 36.68 -48.69 -50.53
N LEU E 188 35.66 -48.06 -49.97
CA LEU E 188 34.29 -48.55 -50.04
C LEU E 188 33.50 -47.77 -51.07
N VAL E 189 32.74 -48.49 -51.90
CA VAL E 189 31.81 -47.88 -52.85
C VAL E 189 30.39 -48.23 -52.40
N PRO E 190 29.72 -47.38 -51.64
CA PRO E 190 28.38 -47.72 -51.17
C PRO E 190 27.33 -47.63 -52.26
N TYR E 191 26.28 -48.43 -52.09
CA TYR E 191 25.13 -48.41 -52.98
C TYR E 191 23.95 -47.80 -52.25
N LEU E 192 23.34 -46.78 -52.85
CA LEU E 192 22.20 -46.09 -52.27
C LEU E 192 20.93 -46.60 -52.96
N ALA E 193 20.15 -47.40 -52.24
CA ALA E 193 18.97 -48.02 -52.83
C ALA E 193 17.96 -47.00 -53.33
N PRO E 194 17.64 -45.93 -52.61
CA PRO E 194 16.57 -45.02 -53.08
C PRO E 194 16.79 -44.46 -54.47
N SER E 195 18.02 -44.13 -54.83
CA SER E 195 18.31 -43.58 -56.16
C SER E 195 19.02 -44.58 -57.06
N GLY E 196 19.32 -45.78 -56.57
CA GLY E 196 19.83 -46.83 -57.45
C GLY E 196 21.14 -46.49 -58.12
N GLU E 197 22.11 -45.98 -57.38
CA GLU E 197 23.38 -45.55 -57.96
C GLU E 197 24.51 -45.90 -57.00
N LEU E 198 25.64 -46.33 -57.55
CA LEU E 198 26.86 -46.44 -56.78
C LEU E 198 27.53 -45.07 -56.70
N LYS E 199 28.07 -44.74 -55.54
CA LYS E 199 28.67 -43.43 -55.30
C LYS E 199 30.17 -43.57 -55.15
N THR E 200 30.92 -42.78 -55.93
CA THR E 200 32.37 -42.79 -55.84
C THR E 200 32.93 -41.69 -54.96
N LYS E 201 32.11 -40.76 -54.48
CA LYS E 201 32.61 -39.62 -53.73
C LYS E 201 33.36 -40.02 -52.47
N PRO E 202 32.91 -41.01 -51.67
CA PRO E 202 33.72 -41.41 -50.52
C PRO E 202 35.13 -41.81 -50.89
N THR E 203 35.31 -42.52 -52.00
CA THR E 203 36.64 -42.90 -52.44
C THR E 203 37.47 -41.67 -52.81
N GLN E 204 36.85 -40.71 -53.50
CA GLN E 204 37.58 -39.50 -53.87
C GLN E 204 38.05 -38.75 -52.64
N HIS E 205 37.17 -38.61 -51.64
CA HIS E 205 37.58 -37.92 -50.42
C HIS E 205 38.65 -38.70 -49.67
N SER E 206 38.57 -40.04 -49.66
CA SER E 206 39.60 -40.82 -48.99
C SER E 206 40.95 -40.67 -49.67
N VAL E 207 40.97 -40.71 -51.01
CA VAL E 207 42.23 -40.55 -51.72
C VAL E 207 42.77 -39.14 -51.53
N ALA E 208 41.88 -38.15 -51.45
CA ALA E 208 42.35 -36.79 -51.17
C ALA E 208 42.96 -36.70 -49.78
N ALA E 209 42.34 -37.35 -48.79
CA ALA E 209 42.92 -37.37 -47.45
C ALA E 209 44.28 -38.04 -47.47
N LEU E 210 44.42 -39.12 -48.25
CA LEU E 210 45.70 -39.81 -48.35
C LEU E 210 46.75 -38.93 -49.02
N ARG E 211 46.36 -38.21 -50.07
CA ARG E 211 47.29 -37.29 -50.73
C ARG E 211 47.68 -36.14 -49.82
N SER E 212 46.81 -35.77 -48.88
CA SER E 212 47.11 -34.67 -47.98
C SER E 212 48.22 -34.97 -46.98
N ILE E 213 48.65 -36.23 -46.88
CA ILE E 213 49.80 -36.57 -46.05
C ILE E 213 50.98 -37.03 -46.89
N GLY E 214 50.91 -36.89 -48.21
CA GLY E 214 52.06 -37.13 -49.06
C GLY E 214 52.18 -38.52 -49.61
N ILE E 215 51.10 -39.29 -49.64
CA ILE E 215 51.08 -40.65 -50.17
C ILE E 215 50.21 -40.67 -51.41
N THR E 216 50.74 -41.20 -52.51
CA THR E 216 49.96 -41.41 -53.72
C THR E 216 49.70 -42.90 -53.90
N PRO E 217 48.44 -43.36 -53.88
CA PRO E 217 48.19 -44.79 -54.05
C PRO E 217 48.58 -45.26 -55.43
N ASP E 218 49.10 -46.48 -55.51
CA ASP E 218 49.39 -47.09 -56.80
C ASP E 218 48.19 -47.85 -57.35
N ALA E 219 47.35 -48.39 -56.49
CA ALA E 219 46.16 -49.12 -56.93
C ALA E 219 45.05 -48.95 -55.91
N LEU E 220 43.81 -49.11 -56.37
CA LEU E 220 42.63 -49.00 -55.52
C LEU E 220 41.87 -50.32 -55.55
N ILE E 221 41.56 -50.84 -54.37
CA ILE E 221 40.67 -51.98 -54.21
C ILE E 221 39.30 -51.44 -53.86
N LEU E 222 38.37 -51.46 -54.80
CA LEU E 222 37.03 -50.93 -54.60
C LEU E 222 36.16 -52.01 -53.99
N ARG E 223 35.98 -51.96 -52.67
CA ARG E 223 35.09 -52.89 -52.01
C ARG E 223 33.64 -52.47 -52.24
N CYS E 224 32.79 -53.43 -52.59
CA CYS E 224 31.42 -53.14 -52.96
C CYS E 224 30.58 -54.39 -52.73
N ASP E 225 29.26 -54.20 -52.71
CA ASP E 225 28.35 -55.33 -52.64
C ASP E 225 28.03 -55.92 -54.00
N ARG E 226 28.36 -55.21 -55.09
CA ARG E 226 28.12 -55.68 -56.44
C ARG E 226 29.26 -55.23 -57.32
N ASP E 227 29.44 -55.92 -58.45
CA ASP E 227 30.57 -55.61 -59.32
C ASP E 227 30.43 -54.19 -59.85
N VAL E 228 31.51 -53.42 -59.72
CA VAL E 228 31.47 -51.99 -60.08
C VAL E 228 31.42 -51.85 -61.60
N PRO E 229 30.57 -50.98 -62.14
CA PRO E 229 30.57 -50.77 -63.59
C PRO E 229 31.90 -50.23 -64.07
N GLU E 230 32.19 -50.47 -65.34
CA GLU E 230 33.44 -50.01 -65.93
C GLU E 230 33.49 -48.50 -66.00
N ALA E 231 32.35 -47.85 -66.25
CA ALA E 231 32.35 -46.40 -66.31
C ALA E 231 32.75 -45.79 -64.97
N LEU E 232 32.33 -46.39 -63.86
CA LEU E 232 32.72 -45.86 -62.56
C LEU E 232 34.21 -46.06 -62.30
N LYS E 233 34.77 -47.20 -62.71
CA LYS E 233 36.21 -47.37 -62.57
C LYS E 233 36.96 -46.35 -63.40
N ASN E 234 36.48 -46.05 -64.61
CA ASN E 234 37.11 -45.02 -65.41
C ASN E 234 37.03 -43.66 -64.73
N LYS E 235 35.86 -43.32 -64.17
CA LYS E 235 35.72 -42.06 -63.46
C LYS E 235 36.68 -41.97 -62.29
N ILE E 236 36.79 -43.04 -61.51
CA ILE E 236 37.68 -43.04 -60.35
C ILE E 236 39.13 -42.88 -60.81
N ALA E 237 39.53 -43.61 -61.84
CA ALA E 237 40.89 -43.49 -62.33
C ALA E 237 41.19 -42.06 -62.77
N LEU E 238 40.24 -41.44 -63.48
CA LEU E 238 40.44 -40.07 -63.93
C LEU E 238 40.52 -39.10 -62.76
N MET E 239 39.60 -39.21 -61.80
CA MET E 239 39.52 -38.25 -60.71
C MET E 239 40.68 -38.39 -59.74
N CYS E 240 41.19 -39.60 -59.53
CA CYS E 240 42.17 -39.87 -58.49
C CYS E 240 43.61 -39.91 -59.00
N ASP E 241 43.84 -39.69 -60.29
CA ASP E 241 45.18 -39.79 -60.88
C ASP E 241 45.80 -41.15 -60.58
N VAL E 242 45.04 -42.20 -60.82
CA VAL E 242 45.46 -43.58 -60.63
C VAL E 242 45.41 -44.28 -61.97
N ASP E 243 46.40 -45.12 -62.24
CA ASP E 243 46.43 -45.86 -63.49
C ASP E 243 45.17 -46.72 -63.62
N ILE E 244 44.51 -46.63 -64.78
CA ILE E 244 43.27 -47.36 -64.98
C ILE E 244 43.48 -48.85 -64.81
N ASP E 245 44.72 -49.33 -64.97
CA ASP E 245 45.04 -50.72 -64.63
C ASP E 245 44.88 -50.99 -63.14
N GLY E 246 44.95 -49.95 -62.31
CA GLY E 246 45.03 -50.12 -60.88
C GLY E 246 43.74 -50.05 -60.10
N VAL E 247 42.60 -49.83 -60.77
CA VAL E 247 41.31 -49.82 -60.10
C VAL E 247 40.73 -51.23 -60.17
N ILE E 248 40.62 -51.88 -59.03
CA ILE E 248 40.32 -53.31 -58.95
C ILE E 248 38.97 -53.47 -58.26
N SER E 249 38.00 -54.00 -58.99
CA SER E 249 36.67 -54.27 -58.44
C SER E 249 36.71 -55.54 -57.61
N THR E 250 36.25 -55.45 -56.36
CA THR E 250 36.40 -56.53 -55.38
C THR E 250 35.09 -56.76 -54.66
N PRO E 251 34.09 -57.32 -55.35
CA PRO E 251 32.78 -57.50 -54.72
C PRO E 251 32.82 -58.56 -53.64
N ASP E 252 31.82 -58.50 -52.76
CA ASP E 252 31.74 -59.43 -51.64
C ASP E 252 31.62 -60.86 -52.15
N ALA E 253 32.68 -61.65 -51.98
CA ALA E 253 32.68 -63.02 -52.45
C ALA E 253 31.88 -63.91 -51.51
N PRO E 254 31.30 -64.99 -52.01
CA PRO E 254 30.50 -65.87 -51.14
C PRO E 254 31.31 -66.48 -50.01
N SER E 255 32.60 -66.73 -50.22
CA SER E 255 33.49 -67.17 -49.15
C SER E 255 34.83 -66.49 -49.31
N ILE E 256 35.55 -66.36 -48.19
CA ILE E 256 36.83 -65.68 -48.21
C ILE E 256 37.84 -66.37 -49.12
N TYR E 257 37.65 -67.66 -49.39
CA TYR E 257 38.61 -68.40 -50.19
C TYR E 257 38.46 -68.12 -51.68
N ASP E 258 37.37 -67.47 -52.10
CA ASP E 258 37.25 -67.03 -53.49
C ASP E 258 38.06 -65.78 -53.77
N ILE E 259 38.48 -65.04 -52.73
CA ILE E 259 39.11 -63.75 -52.94
C ILE E 259 40.38 -63.87 -53.77
N PRO E 260 41.26 -64.85 -53.56
CA PRO E 260 42.42 -64.98 -54.46
C PRO E 260 42.01 -65.09 -55.91
N LYS E 261 40.94 -65.84 -56.20
CA LYS E 261 40.47 -65.94 -57.58
C LYS E 261 39.99 -64.59 -58.09
N VAL E 262 39.28 -63.82 -57.27
CA VAL E 262 38.81 -62.51 -57.70
C VAL E 262 39.98 -61.60 -58.01
N LEU E 263 40.99 -61.58 -57.14
CA LEU E 263 42.12 -60.69 -57.35
C LEU E 263 42.95 -61.12 -58.54
N HIS E 264 43.11 -62.42 -58.77
CA HIS E 264 43.84 -62.88 -59.94
C HIS E 264 43.05 -62.58 -61.21
N ARG E 265 41.75 -62.80 -61.19
CA ARG E 265 40.91 -62.50 -62.34
C ARG E 265 41.01 -61.03 -62.73
N GLU E 266 41.11 -60.14 -61.74
CA GLU E 266 41.30 -58.72 -62.00
C GLU E 266 42.75 -58.36 -62.31
N GLU E 267 43.66 -59.33 -62.21
CA GLU E 267 45.07 -59.12 -62.55
C GLU E 267 45.74 -58.11 -61.62
N LEU E 268 45.38 -58.14 -60.34
CA LEU E 268 46.08 -57.32 -59.36
C LEU E 268 47.51 -57.80 -59.18
N ASP E 269 47.70 -59.11 -59.07
CA ASP E 269 49.04 -59.65 -58.85
C ASP E 269 49.96 -59.32 -60.02
N ALA E 270 49.44 -59.41 -61.24
CA ALA E 270 50.24 -59.02 -62.40
C ALA E 270 50.62 -57.54 -62.33
N PHE E 271 49.68 -56.69 -61.93
CA PHE E 271 49.96 -55.27 -61.83
C PHE E 271 51.05 -55.00 -60.80
N VAL E 272 50.94 -55.65 -59.63
CA VAL E 272 51.95 -55.47 -58.59
C VAL E 272 53.31 -55.96 -59.07
N VAL E 273 53.34 -57.13 -59.71
CA VAL E 273 54.61 -57.71 -60.16
C VAL E 273 55.25 -56.79 -61.20
N ARG E 274 54.47 -56.32 -62.17
CA ARG E 274 55.03 -55.42 -63.17
C ARG E 274 55.54 -54.15 -62.54
N ARG E 275 54.78 -53.57 -61.61
CA ARG E 275 55.14 -52.27 -61.06
C ARG E 275 56.37 -52.36 -60.16
N LEU E 276 56.50 -53.45 -59.40
CA LEU E 276 57.67 -53.66 -58.55
C LEU E 276 58.83 -54.32 -59.27
N ASN E 277 58.63 -54.73 -60.53
CA ASN E 277 59.69 -55.38 -61.31
C ASN E 277 60.21 -56.64 -60.63
N LEU E 278 59.30 -57.41 -60.04
CA LEU E 278 59.69 -58.64 -59.40
C LEU E 278 59.82 -59.78 -60.42
N PRO E 279 60.75 -60.71 -60.22
CA PRO E 279 60.77 -61.92 -61.06
C PRO E 279 59.69 -62.89 -60.61
N PHE E 280 59.07 -63.55 -61.58
CA PHE E 280 57.84 -64.28 -61.32
C PHE E 280 57.73 -65.51 -62.19
N ARG E 281 56.78 -66.37 -61.83
CA ARG E 281 56.30 -67.45 -62.68
C ARG E 281 54.79 -67.54 -62.50
N ASP E 282 54.14 -68.26 -63.40
CA ASP E 282 52.69 -68.35 -63.37
C ASP E 282 52.22 -69.08 -62.12
N VAL E 283 51.00 -68.74 -61.67
CA VAL E 283 50.42 -69.32 -60.47
C VAL E 283 50.02 -70.76 -60.76
N ASP E 284 50.45 -71.68 -59.89
CA ASP E 284 50.01 -73.07 -59.96
C ASP E 284 48.74 -73.20 -59.13
N TRP E 285 47.59 -73.22 -59.81
CA TRP E 285 46.29 -73.22 -59.15
C TRP E 285 45.86 -74.58 -58.64
N THR E 286 46.69 -75.61 -58.74
CA THR E 286 46.24 -76.97 -58.48
C THR E 286 45.66 -77.10 -57.06
N GLU E 287 46.44 -76.70 -56.06
CA GLU E 287 46.02 -76.88 -54.68
C GLU E 287 44.74 -76.08 -54.38
N TRP E 288 44.76 -74.80 -54.71
CA TRP E 288 43.61 -73.96 -54.36
C TRP E 288 42.39 -74.33 -55.17
N ASP E 289 42.58 -74.85 -56.39
CA ASP E 289 41.43 -75.37 -57.13
C ASP E 289 40.82 -76.56 -56.43
N ASP E 290 41.65 -77.44 -55.86
CA ASP E 290 41.09 -78.53 -55.07
C ASP E 290 40.34 -78.00 -53.86
N LEU E 291 40.90 -76.98 -53.20
CA LEU E 291 40.22 -76.38 -52.04
C LEU E 291 38.88 -75.79 -52.45
N LEU E 292 38.82 -75.09 -53.58
CA LEU E 292 37.57 -74.49 -54.01
C LEU E 292 36.58 -75.53 -54.51
N ARG E 293 37.04 -76.67 -54.99
CA ARG E 293 36.14 -77.79 -55.24
C ARG E 293 35.51 -78.26 -53.93
N ARG E 294 36.34 -78.42 -52.90
CA ARG E 294 35.80 -78.81 -51.60
C ARG E 294 34.83 -77.76 -51.07
N VAL E 295 35.05 -76.49 -51.41
CA VAL E 295 34.14 -75.43 -51.00
C VAL E 295 32.81 -75.54 -51.73
N HIS E 296 32.83 -75.46 -53.05
CA HIS E 296 31.62 -75.22 -53.84
C HIS E 296 30.86 -76.47 -54.23
N GLU E 297 31.47 -77.66 -54.17
CA GLU E 297 30.83 -78.89 -54.63
C GLU E 297 30.94 -79.97 -53.56
N PRO E 298 30.34 -79.74 -52.39
CA PRO E 298 30.31 -80.78 -51.36
C PRO E 298 29.30 -81.86 -51.68
N HIS E 299 29.53 -83.04 -51.10
CA HIS E 299 28.62 -84.15 -51.31
C HIS E 299 27.41 -84.10 -50.38
N GLU E 300 27.54 -83.45 -49.22
CA GLU E 300 26.46 -83.43 -48.24
C GLU E 300 26.55 -82.14 -47.45
N THR E 301 25.69 -82.01 -46.43
CA THR E 301 25.60 -80.80 -45.63
C THR E 301 25.24 -81.17 -44.20
N VAL E 302 25.69 -80.35 -43.26
CA VAL E 302 25.41 -80.57 -41.84
C VAL E 302 25.32 -79.22 -41.15
N ARG E 303 24.45 -79.14 -40.15
CA ARG E 303 24.21 -77.91 -39.40
C ARG E 303 24.83 -78.04 -38.01
N ILE E 304 25.59 -77.01 -37.60
CA ILE E 304 26.26 -76.97 -36.31
C ILE E 304 25.84 -75.71 -35.58
N ALA E 305 25.46 -75.85 -34.32
CA ALA E 305 25.15 -74.70 -33.48
C ALA E 305 26.43 -74.15 -32.86
N LEU E 306 26.57 -72.83 -32.92
CA LEU E 306 27.64 -72.10 -32.23
C LEU E 306 26.97 -71.34 -31.10
N VAL E 307 27.31 -71.69 -29.86
CA VAL E 307 26.66 -71.16 -28.68
C VAL E 307 27.62 -70.21 -27.97
N GLY E 308 27.22 -68.95 -27.84
CA GLY E 308 28.06 -67.96 -27.18
C GLY E 308 27.29 -66.70 -26.91
N LYS E 309 27.96 -65.76 -26.25
CA LYS E 309 27.38 -64.44 -25.98
C LYS E 309 27.60 -63.48 -27.13
N TYR E 310 28.80 -63.48 -27.72
CA TYR E 310 29.09 -62.56 -28.81
C TYR E 310 28.39 -62.94 -30.10
N VAL E 311 27.61 -64.02 -30.12
CA VAL E 311 26.99 -64.49 -31.34
C VAL E 311 25.98 -63.51 -31.92
N GLU E 312 25.69 -62.42 -31.22
CA GLU E 312 24.73 -61.44 -31.69
C GLU E 312 25.31 -60.64 -32.86
N LEU E 313 25.41 -61.29 -34.02
CA LEU E 313 25.84 -60.65 -35.26
C LEU E 313 27.23 -60.00 -35.09
N SER E 314 28.20 -60.84 -34.78
CA SER E 314 29.59 -60.40 -34.67
C SER E 314 30.51 -61.53 -35.08
N ASP E 315 31.67 -61.18 -35.62
CA ASP E 315 32.69 -62.16 -35.98
C ASP E 315 33.64 -62.42 -34.83
N ALA E 316 33.10 -62.68 -33.65
CA ALA E 316 33.92 -62.95 -32.47
C ALA E 316 34.50 -64.36 -32.46
N TYR E 317 34.05 -65.22 -33.38
CA TYR E 317 34.41 -66.63 -33.39
C TYR E 317 34.99 -67.04 -34.74
N LEU E 318 35.66 -66.10 -35.41
CA LEU E 318 36.01 -66.32 -36.81
C LEU E 318 36.91 -67.55 -36.98
N SER E 319 37.91 -67.70 -36.12
CA SER E 319 38.81 -68.84 -36.25
C SER E 319 38.06 -70.15 -36.07
N VAL E 320 37.13 -70.20 -35.11
CA VAL E 320 36.35 -71.41 -34.90
C VAL E 320 35.50 -71.72 -36.12
N ALA E 321 34.85 -70.71 -36.69
CA ALA E 321 34.02 -70.93 -37.87
C ALA E 321 34.85 -71.43 -39.04
N GLU E 322 36.06 -70.86 -39.21
CA GLU E 322 36.91 -71.30 -40.31
C GLU E 322 37.43 -72.71 -40.08
N ALA E 323 37.78 -73.07 -38.84
CA ALA E 323 38.19 -74.44 -38.57
C ALA E 323 37.04 -75.41 -38.81
N LEU E 324 35.82 -74.99 -38.48
CA LEU E 324 34.64 -75.79 -38.79
C LEU E 324 34.52 -76.01 -40.29
N ARG E 325 34.67 -74.94 -41.08
CA ARG E 325 34.56 -75.09 -42.53
C ARG E 325 35.67 -75.97 -43.07
N ALA E 326 36.88 -75.85 -42.52
CA ALA E 326 37.96 -76.74 -42.94
C ALA E 326 37.63 -78.19 -42.63
N GLY E 327 37.07 -78.44 -41.44
CA GLY E 327 36.63 -79.79 -41.13
C GLY E 327 35.62 -80.30 -42.13
N GLY E 328 34.65 -79.46 -42.49
CA GLY E 328 33.71 -79.84 -43.53
C GLY E 328 34.41 -80.16 -44.84
N PHE E 329 35.43 -79.36 -45.19
CA PHE E 329 36.15 -79.58 -46.43
C PHE E 329 36.88 -80.92 -46.42
N LYS E 330 37.39 -81.34 -45.26
CA LYS E 330 38.07 -82.63 -45.21
C LYS E 330 37.11 -83.77 -45.53
N HIS E 331 35.85 -83.66 -45.14
CA HIS E 331 34.83 -84.65 -45.45
C HIS E 331 34.03 -84.31 -46.70
N ARG E 332 34.34 -83.18 -47.35
CA ARG E 332 33.54 -82.70 -48.47
C ARG E 332 32.07 -82.55 -48.09
N ALA E 333 31.83 -81.99 -46.91
CA ALA E 333 30.50 -81.62 -46.46
C ALA E 333 30.43 -80.11 -46.27
N LYS E 334 29.33 -79.51 -46.69
CA LYS E 334 29.04 -78.13 -46.31
C LYS E 334 28.60 -78.09 -44.86
N VAL E 335 29.24 -77.24 -44.07
CA VAL E 335 28.84 -77.02 -42.69
C VAL E 335 28.11 -75.69 -42.62
N GLU E 336 26.85 -75.73 -42.18
CA GLU E 336 26.06 -74.53 -41.98
C GLU E 336 26.00 -74.24 -40.48
N ILE E 337 26.28 -72.99 -40.12
CA ILE E 337 26.40 -72.60 -38.73
C ILE E 337 25.12 -71.89 -38.30
N CYS E 338 24.50 -72.40 -37.23
CA CYS E 338 23.35 -71.76 -36.61
C CYS E 338 23.84 -71.01 -35.38
N TRP E 339 23.72 -69.68 -35.41
CA TRP E 339 24.23 -68.84 -34.33
C TRP E 339 23.20 -68.80 -33.22
N VAL E 340 23.54 -69.41 -32.08
CA VAL E 340 22.60 -69.62 -30.99
C VAL E 340 23.08 -68.81 -29.78
N ALA E 341 22.18 -68.00 -29.22
CA ALA E 341 22.49 -67.26 -28.01
C ALA E 341 22.56 -68.21 -26.82
N SER E 342 23.56 -68.00 -25.97
CA SER E 342 23.71 -68.84 -24.78
C SER E 342 22.52 -68.70 -23.85
N ASP E 343 21.98 -67.48 -23.70
CA ASP E 343 20.99 -67.20 -22.68
C ASP E 343 19.62 -67.79 -23.00
N GLY E 344 19.36 -68.13 -24.27
CA GLY E 344 18.14 -68.86 -24.59
C GLY E 344 18.19 -70.32 -24.22
N CYS E 345 19.36 -70.84 -23.87
CA CYS E 345 19.54 -72.25 -23.53
C CYS E 345 19.60 -72.49 -22.02
N GLU E 346 19.39 -71.45 -21.21
CA GLU E 346 19.42 -71.63 -19.76
C GLU E 346 18.27 -72.52 -19.29
N THR E 347 17.08 -72.31 -19.85
CA THR E 347 15.95 -73.18 -19.57
C THR E 347 15.96 -74.37 -20.54
N THR E 348 15.53 -75.53 -20.03
CA THR E 348 15.55 -76.73 -20.86
C THR E 348 14.64 -76.58 -22.08
N SER E 349 13.47 -75.94 -21.89
CA SER E 349 12.59 -75.69 -23.03
C SER E 349 13.23 -74.74 -24.03
N GLY E 350 13.88 -73.68 -23.54
CA GLY E 350 14.56 -72.77 -24.44
C GLY E 350 15.71 -73.45 -25.17
N ALA E 351 16.49 -74.27 -24.47
CA ALA E 351 17.56 -75.01 -25.12
C ALA E 351 17.01 -75.94 -26.19
N ALA E 352 15.91 -76.63 -25.89
CA ALA E 352 15.30 -77.52 -26.87
C ALA E 352 14.82 -76.72 -28.09
N ALA E 353 14.20 -75.57 -27.85
CA ALA E 353 13.72 -74.76 -28.97
C ALA E 353 14.87 -74.28 -29.84
N ALA E 354 15.99 -73.89 -29.21
CA ALA E 354 17.12 -73.39 -29.98
C ALA E 354 17.82 -74.51 -30.76
N LEU E 355 18.12 -75.63 -30.08
CA LEU E 355 19.06 -76.61 -30.60
C LEU E 355 18.39 -77.77 -31.33
N GLY E 356 17.09 -77.99 -31.14
CA GLY E 356 16.48 -79.23 -31.58
C GLY E 356 16.67 -79.55 -33.04
N ASP E 357 16.88 -78.54 -33.88
CA ASP E 357 16.99 -78.75 -35.32
C ASP E 357 18.43 -78.96 -35.80
N VAL E 358 19.43 -78.71 -34.96
CA VAL E 358 20.83 -78.78 -35.38
C VAL E 358 21.35 -80.20 -35.29
N HIS E 359 22.54 -80.43 -35.83
CA HIS E 359 23.20 -81.73 -35.79
C HIS E 359 24.45 -81.73 -34.93
N GLY E 360 24.80 -80.60 -34.33
CA GLY E 360 25.94 -80.55 -33.43
C GLY E 360 26.04 -79.18 -32.80
N VAL E 361 26.75 -79.13 -31.68
CA VAL E 361 26.88 -77.92 -30.87
C VAL E 361 28.36 -77.68 -30.57
N LEU E 362 28.77 -76.42 -30.64
CA LEU E 362 30.14 -76.02 -30.32
C LEU E 362 30.12 -74.95 -29.25
N ILE E 363 30.91 -75.15 -28.20
CA ILE E 363 31.00 -74.19 -27.09
C ILE E 363 32.39 -73.56 -27.12
N PRO E 364 32.55 -72.39 -27.72
CA PRO E 364 33.88 -71.76 -27.78
C PRO E 364 34.26 -71.05 -26.50
N GLY E 365 35.54 -70.74 -26.39
CA GLY E 365 36.06 -70.04 -25.23
C GLY E 365 35.80 -68.55 -25.30
N GLY E 366 36.17 -67.87 -24.22
CA GLY E 366 36.01 -66.44 -24.13
C GLY E 366 36.53 -65.93 -22.81
N PHE E 367 36.53 -64.59 -22.68
CA PHE E 367 36.96 -63.92 -21.47
C PHE E 367 36.00 -62.78 -21.17
N GLY E 368 35.92 -62.42 -19.89
CA GLY E 368 34.86 -61.52 -19.47
C GLY E 368 33.48 -62.07 -19.68
N ILE E 369 33.38 -63.39 -19.88
CA ILE E 369 32.12 -64.03 -20.22
C ILE E 369 31.27 -64.19 -18.97
N ARG E 370 29.96 -64.30 -19.17
CA ARG E 370 29.02 -64.52 -18.08
C ARG E 370 27.86 -65.37 -18.58
N GLY E 371 27.12 -65.93 -17.64
CA GLY E 371 25.92 -66.69 -17.98
C GLY E 371 26.17 -68.10 -18.45
N ILE E 372 27.26 -68.72 -18.01
CA ILE E 372 27.57 -70.07 -18.45
C ILE E 372 26.53 -71.07 -18.01
N GLU E 373 25.59 -70.66 -17.14
CA GLU E 373 24.46 -71.52 -16.84
C GLU E 373 23.74 -71.92 -18.13
N GLY E 374 23.60 -70.99 -19.07
CA GLY E 374 23.02 -71.33 -20.36
C GLY E 374 23.86 -72.31 -21.15
N LYS E 375 25.18 -72.13 -21.14
CA LYS E 375 26.06 -73.05 -21.84
C LYS E 375 25.92 -74.46 -21.27
N ILE E 376 26.02 -74.60 -19.95
CA ILE E 376 25.89 -75.91 -19.33
C ILE E 376 24.49 -76.48 -19.57
N GLY E 377 23.47 -75.61 -19.62
CA GLY E 377 22.14 -76.09 -19.94
C GLY E 377 22.08 -76.69 -21.33
N ALA E 378 22.74 -76.04 -22.29
CA ALA E 378 22.85 -76.60 -23.63
C ALA E 378 23.59 -77.94 -23.61
N ILE E 379 24.63 -78.06 -22.77
CA ILE E 379 25.32 -79.34 -22.67
C ILE E 379 24.38 -80.42 -22.16
N ALA E 380 23.64 -80.11 -21.09
CA ALA E 380 22.72 -81.08 -20.52
C ALA E 380 21.69 -81.53 -21.55
N TYR E 381 21.07 -80.56 -22.23
CA TYR E 381 20.11 -80.91 -23.25
C TYR E 381 20.73 -81.74 -24.36
N ALA E 382 21.91 -81.34 -24.85
CA ALA E 382 22.53 -82.04 -25.97
C ALA E 382 22.88 -83.47 -25.59
N ARG E 383 23.41 -83.68 -24.40
CA ARG E 383 23.73 -85.03 -23.95
C ARG E 383 22.47 -85.88 -23.90
N ALA E 384 21.38 -85.34 -23.38
CA ALA E 384 20.14 -86.11 -23.37
C ALA E 384 19.66 -86.41 -24.79
N ARG E 385 19.77 -85.43 -25.68
CA ARG E 385 19.27 -85.58 -27.06
C ARG E 385 20.20 -86.42 -27.92
N GLY E 386 21.48 -86.54 -27.56
CA GLY E 386 22.42 -87.32 -28.33
C GLY E 386 23.21 -86.54 -29.36
N LEU E 387 23.12 -85.22 -29.36
CA LEU E 387 23.89 -84.42 -30.32
C LEU E 387 25.36 -84.42 -29.93
N PRO E 388 26.27 -84.46 -30.91
CA PRO E 388 27.69 -84.34 -30.58
C PRO E 388 28.03 -82.91 -30.15
N VAL E 389 29.00 -82.80 -29.25
CA VAL E 389 29.40 -81.53 -28.66
C VAL E 389 30.92 -81.43 -28.67
N LEU E 390 31.43 -80.26 -29.05
CA LEU E 390 32.83 -79.92 -28.92
C LEU E 390 32.95 -78.67 -28.05
N GLY E 391 33.71 -78.77 -26.97
CA GLY E 391 33.87 -77.67 -26.05
C GLY E 391 35.31 -77.18 -25.99
N LEU E 392 35.53 -75.91 -26.31
CA LEU E 392 36.88 -75.36 -26.43
C LEU E 392 37.13 -74.44 -25.24
N CYS E 393 38.19 -74.74 -24.49
CA CYS E 393 38.55 -73.94 -23.31
C CYS E 393 37.36 -73.88 -22.34
N LEU E 394 36.65 -72.75 -22.35
CA LEU E 394 35.45 -72.65 -21.54
C LEU E 394 34.45 -73.75 -21.87
N GLY E 395 34.45 -74.25 -23.11
CA GLY E 395 33.61 -75.39 -23.43
C GLY E 395 33.98 -76.61 -22.61
N LEU E 396 35.29 -76.88 -22.47
CA LEU E 396 35.72 -77.95 -21.59
C LEU E 396 35.34 -77.67 -20.15
N GLN E 397 35.47 -76.43 -19.70
CA GLN E 397 35.11 -76.11 -18.32
C GLN E 397 33.63 -76.36 -18.08
N CYS E 398 32.77 -75.97 -19.02
CA CYS E 398 31.34 -76.25 -18.90
C CYS E 398 31.07 -77.74 -18.93
N ILE E 399 31.80 -78.50 -19.75
CA ILE E 399 31.63 -79.95 -19.77
C ILE E 399 31.94 -80.53 -18.40
N VAL E 400 33.05 -80.08 -17.80
CA VAL E 400 33.44 -80.60 -16.48
C VAL E 400 32.42 -80.18 -15.43
N ILE E 401 31.86 -78.98 -15.53
CA ILE E 401 30.84 -78.56 -14.57
C ILE E 401 29.57 -79.38 -14.75
N GLU E 402 29.21 -79.70 -15.99
CA GLU E 402 28.08 -80.57 -16.24
C GLU E 402 28.30 -81.93 -15.60
N ALA E 403 29.50 -82.49 -15.76
CA ALA E 403 29.80 -83.77 -15.13
C ALA E 403 29.75 -83.65 -13.61
N ALA E 404 30.23 -82.55 -13.06
CA ALA E 404 30.13 -82.32 -11.62
C ALA E 404 28.67 -82.36 -11.18
N ARG E 405 27.80 -81.67 -11.91
CA ARG E 405 26.38 -81.68 -11.63
C ARG E 405 25.70 -82.98 -12.02
N SER E 406 26.45 -83.94 -12.58
CA SER E 406 25.90 -85.24 -12.92
C SER E 406 26.14 -86.30 -11.84
N VAL E 407 27.01 -86.04 -10.87
CA VAL E 407 27.45 -87.07 -9.94
C VAL E 407 27.16 -86.72 -8.48
N GLY E 408 26.67 -85.52 -8.18
CA GLY E 408 26.41 -85.14 -6.81
C GLY E 408 26.74 -83.69 -6.51
N LEU E 409 27.46 -83.03 -7.42
CA LEU E 409 28.02 -81.72 -7.16
C LEU E 409 27.13 -80.63 -7.73
N THR E 410 25.89 -80.57 -7.25
CA THR E 410 24.88 -79.72 -7.88
C THR E 410 25.23 -78.24 -7.79
N ASN E 411 25.89 -77.82 -6.72
CA ASN E 411 26.29 -76.43 -6.55
C ASN E 411 27.70 -76.17 -7.07
N ALA E 412 28.32 -77.14 -7.75
CA ALA E 412 29.68 -76.97 -8.24
C ALA E 412 29.73 -75.90 -9.33
N ASN E 413 30.87 -75.23 -9.42
CA ASN E 413 31.08 -74.18 -10.40
C ASN E 413 32.57 -73.90 -10.49
N SER E 414 32.92 -72.94 -11.34
CA SER E 414 34.27 -72.38 -11.32
C SER E 414 34.35 -71.29 -10.26
N ALA E 415 35.51 -71.18 -9.63
CA ALA E 415 35.76 -70.06 -8.74
C ALA E 415 35.65 -68.73 -9.47
N GLU E 416 35.77 -68.74 -10.80
CA GLU E 416 35.56 -67.54 -11.59
C GLU E 416 34.09 -67.12 -11.58
N PHE E 417 33.18 -68.09 -11.61
CA PHE E 417 31.77 -67.81 -11.81
C PHE E 417 30.93 -67.92 -10.55
N ASP E 418 31.43 -68.56 -9.51
CA ASP E 418 30.84 -68.47 -8.16
C ASP E 418 31.98 -68.55 -7.16
N PRO E 419 32.57 -67.40 -6.80
CA PRO E 419 33.69 -67.43 -5.84
C PRO E 419 33.31 -68.04 -4.50
N ASP E 420 32.03 -68.13 -4.18
CA ASP E 420 31.56 -68.71 -2.93
C ASP E 420 31.05 -70.14 -3.08
N THR E 421 31.28 -70.77 -4.23
CA THR E 421 30.80 -72.12 -4.44
C THR E 421 31.41 -73.07 -3.41
N PRO E 422 30.63 -74.00 -2.84
CA PRO E 422 31.22 -74.99 -1.94
C PRO E 422 32.01 -76.08 -2.66
N ASP E 423 31.88 -76.19 -3.98
CA ASP E 423 32.58 -77.20 -4.77
C ASP E 423 33.24 -76.53 -5.97
N PRO E 424 34.38 -75.88 -5.76
CA PRO E 424 35.12 -75.27 -6.88
C PRO E 424 35.88 -76.31 -7.70
N VAL E 425 35.13 -77.04 -8.53
CA VAL E 425 35.73 -78.06 -9.37
C VAL E 425 36.68 -77.47 -10.40
N ILE E 426 36.48 -76.20 -10.78
CA ILE E 426 37.44 -75.43 -11.56
C ILE E 426 37.99 -74.34 -10.66
N ALA E 427 39.32 -74.27 -10.57
CA ALA E 427 39.96 -73.38 -9.61
C ALA E 427 41.34 -72.99 -10.13
N THR E 428 41.88 -71.92 -9.55
CA THR E 428 43.24 -71.51 -9.84
C THR E 428 44.20 -72.52 -9.22
N MET E 429 45.06 -73.11 -10.04
CA MET E 429 45.97 -74.16 -9.59
C MET E 429 46.99 -73.60 -8.60
N GLY E 443 46.22 -64.80 -9.09
CA GLY E 443 45.43 -65.25 -10.22
C GLY E 443 46.01 -66.47 -10.92
N GLY E 444 47.11 -66.98 -10.38
CA GLY E 444 47.76 -68.14 -10.97
C GLY E 444 48.51 -67.80 -12.24
N THR E 445 49.24 -68.77 -12.78
CA THR E 445 50.01 -68.57 -14.00
C THR E 445 49.09 -68.64 -15.20
N MET E 446 49.05 -67.57 -15.98
CA MET E 446 48.37 -67.59 -17.27
C MET E 446 49.21 -68.40 -18.26
N ARG E 447 48.70 -69.57 -18.65
CA ARG E 447 49.36 -70.37 -19.67
C ARG E 447 49.08 -69.76 -21.04
N LEU E 448 50.14 -69.39 -21.75
CA LEU E 448 50.03 -68.81 -23.08
C LEU E 448 50.97 -69.52 -24.04
N GLY E 449 50.48 -69.78 -25.24
CA GLY E 449 51.30 -70.36 -26.29
C GLY E 449 51.31 -71.87 -26.28
N SER E 450 52.33 -72.42 -26.94
CA SER E 450 52.42 -73.85 -27.16
C SER E 450 52.88 -74.56 -25.90
N TYR E 451 52.20 -75.66 -25.56
CA TYR E 451 52.62 -76.58 -24.51
C TYR E 451 52.48 -78.01 -25.02
N PRO E 452 53.36 -78.91 -24.59
CA PRO E 452 53.19 -80.32 -24.96
C PRO E 452 52.17 -81.01 -24.09
N ALA E 453 51.55 -82.05 -24.65
CA ALA E 453 50.58 -82.86 -23.92
C ALA E 453 50.70 -84.31 -24.35
N VAL E 454 50.29 -85.21 -23.45
CA VAL E 454 50.29 -86.64 -23.71
C VAL E 454 48.84 -87.13 -23.68
N LEU E 455 48.53 -88.07 -24.56
CA LEU E 455 47.17 -88.54 -24.77
C LEU E 455 47.04 -90.01 -24.36
N GLU E 456 45.86 -90.36 -23.87
CA GLU E 456 45.55 -91.75 -23.57
C GLU E 456 45.61 -92.57 -24.85
N PRO E 457 46.31 -93.70 -24.87
CA PRO E 457 46.35 -94.52 -26.09
C PRO E 457 44.95 -95.03 -26.43
N ASP E 458 44.60 -94.92 -27.72
CA ASP E 458 43.30 -95.32 -28.24
C ASP E 458 42.15 -94.54 -27.61
N SER E 459 42.44 -93.39 -27.02
CA SER E 459 41.38 -92.45 -26.69
C SER E 459 40.76 -91.91 -27.97
N VAL E 460 39.53 -91.42 -27.85
CA VAL E 460 38.89 -90.79 -29.00
C VAL E 460 39.77 -89.63 -29.51
N VAL E 461 40.38 -88.89 -28.59
CA VAL E 461 41.33 -87.86 -29.00
C VAL E 461 42.52 -88.48 -29.71
N ALA E 462 43.05 -89.57 -29.16
CA ALA E 462 44.18 -90.25 -29.80
C ALA E 462 43.76 -90.90 -31.12
N GLN E 463 42.54 -91.42 -31.17
CA GLN E 463 42.04 -91.96 -32.44
C GLN E 463 41.92 -90.88 -33.50
N ALA E 464 41.56 -89.66 -33.10
CA ALA E 464 41.51 -88.55 -34.03
C ALA E 464 42.90 -88.13 -34.48
N TYR E 465 43.75 -87.76 -33.52
CA TYR E 465 45.10 -87.31 -33.84
C TYR E 465 45.98 -88.43 -34.38
N GLN E 466 45.66 -89.68 -34.06
CA GLN E 466 46.49 -90.82 -34.45
C GLN E 466 47.92 -90.65 -33.93
N THR E 467 48.05 -90.16 -32.70
CA THR E 467 49.34 -90.05 -32.04
C THR E 467 49.12 -89.90 -30.55
N THR E 468 50.18 -90.20 -29.78
CA THR E 468 50.16 -90.03 -28.34
C THR E 468 50.73 -88.69 -27.88
N GLN E 469 51.34 -87.91 -28.78
CA GLN E 469 51.95 -86.64 -28.42
C GLN E 469 51.52 -85.54 -29.38
N VAL E 470 51.16 -84.40 -28.82
CA VAL E 470 50.67 -83.25 -29.58
C VAL E 470 51.16 -81.98 -28.89
N SER E 471 51.04 -80.86 -29.59
CA SER E 471 51.26 -79.54 -29.01
C SER E 471 50.15 -78.61 -29.48
N GLU E 472 49.66 -77.77 -28.57
CA GLU E 472 48.54 -76.89 -28.85
C GLU E 472 48.76 -75.53 -28.20
N ARG E 473 48.12 -74.53 -28.77
CA ARG E 473 48.20 -73.16 -28.27
C ARG E 473 47.17 -72.96 -27.15
N HIS E 474 47.63 -72.41 -26.02
CA HIS E 474 46.80 -72.27 -24.84
C HIS E 474 46.63 -70.80 -24.49
N ARG E 475 45.45 -70.47 -23.95
CA ARG E 475 45.22 -69.15 -23.38
C ARG E 475 44.17 -69.25 -22.27
N HIS E 476 44.61 -69.47 -21.03
CA HIS E 476 43.71 -69.59 -19.91
C HIS E 476 44.52 -69.63 -18.63
N ARG E 477 43.85 -69.40 -17.50
CA ARG E 477 44.49 -69.43 -16.20
C ARG E 477 43.79 -70.29 -15.17
N TYR E 478 42.52 -70.65 -15.38
CA TYR E 478 41.82 -71.59 -14.51
C TYR E 478 42.04 -73.02 -15.02
N GLU E 479 42.02 -73.97 -14.09
CA GLU E 479 42.27 -75.36 -14.41
C GLU E 479 41.29 -76.26 -13.68
N VAL E 480 41.23 -77.51 -14.13
CA VAL E 480 40.47 -78.53 -13.42
C VAL E 480 41.12 -78.78 -12.07
N ASN E 481 40.33 -78.72 -11.00
CA ASN E 481 40.83 -78.94 -9.66
C ASN E 481 41.14 -80.42 -9.48
N ASN E 482 42.41 -80.75 -9.26
CA ASN E 482 42.82 -82.15 -9.16
C ASN E 482 42.14 -82.88 -8.01
N ALA E 483 41.59 -82.15 -7.05
CA ALA E 483 40.91 -82.79 -5.92
C ALA E 483 39.65 -83.53 -6.32
N TYR E 484 39.10 -83.26 -7.51
CA TYR E 484 37.81 -83.80 -7.92
C TYR E 484 37.90 -84.81 -9.05
N ARG E 485 39.10 -85.22 -9.46
CA ARG E 485 39.21 -86.17 -10.57
C ARG E 485 38.46 -87.46 -10.26
N ASP E 486 38.76 -88.07 -9.11
CA ASP E 486 38.15 -89.36 -8.77
C ASP E 486 36.65 -89.23 -8.55
N LYS E 487 36.18 -88.08 -8.06
CA LYS E 487 34.75 -87.88 -7.88
C LYS E 487 34.04 -87.79 -9.22
N ILE E 488 34.56 -86.95 -10.13
CA ILE E 488 33.86 -86.72 -11.39
C ILE E 488 34.07 -87.86 -12.38
N ALA E 489 35.11 -88.69 -12.20
CA ALA E 489 35.27 -89.86 -13.05
C ALA E 489 34.06 -90.78 -12.96
N GLU E 490 33.34 -90.76 -11.84
CA GLU E 490 32.12 -91.55 -11.73
C GLU E 490 31.04 -91.09 -12.70
N SER E 491 31.18 -89.90 -13.29
CA SER E 491 30.31 -89.51 -14.38
C SER E 491 30.55 -90.36 -15.63
N GLY E 492 31.70 -91.03 -15.71
CA GLY E 492 32.14 -91.68 -16.92
C GLY E 492 33.17 -90.91 -17.70
N LEU E 493 33.44 -89.66 -17.30
CA LEU E 493 34.41 -88.83 -18.01
C LEU E 493 35.82 -89.39 -17.82
N ARG E 494 36.59 -89.42 -18.91
CA ARG E 494 37.98 -89.84 -18.89
C ARG E 494 38.88 -88.63 -19.09
N PHE E 495 39.92 -88.51 -18.26
CA PHE E 495 40.97 -87.53 -18.47
C PHE E 495 41.96 -88.09 -19.49
N SER E 496 41.47 -88.22 -20.73
CA SER E 496 42.18 -88.95 -21.77
C SER E 496 43.40 -88.22 -22.30
N GLY E 497 43.70 -87.01 -21.83
CA GLY E 497 44.93 -86.34 -22.20
C GLY E 497 45.36 -85.38 -21.11
N THR E 498 46.66 -85.29 -20.91
CA THR E 498 47.23 -84.52 -19.81
C THR E 498 48.53 -83.87 -20.23
N SER E 499 49.06 -83.04 -19.33
CA SER E 499 50.42 -82.55 -19.42
C SER E 499 51.38 -83.73 -19.30
N PRO E 500 52.62 -83.61 -19.76
CA PRO E 500 53.52 -84.78 -19.71
C PRO E 500 53.71 -85.31 -18.31
N ASP E 501 53.72 -84.45 -17.29
CA ASP E 501 53.78 -84.90 -15.91
C ASP E 501 52.43 -85.36 -15.39
N GLY E 502 51.36 -85.22 -16.18
CA GLY E 502 50.03 -85.59 -15.75
C GLY E 502 49.38 -84.63 -14.79
N HIS E 503 50.06 -83.54 -14.43
CA HIS E 503 49.54 -82.65 -13.40
C HIS E 503 48.31 -81.90 -13.87
N LEU E 504 48.24 -81.54 -15.16
CA LEU E 504 47.17 -80.73 -15.70
C LEU E 504 46.32 -81.55 -16.67
N VAL E 505 45.00 -81.45 -16.52
CA VAL E 505 44.08 -82.04 -17.48
C VAL E 505 44.02 -81.15 -18.72
N GLU E 506 44.24 -81.77 -19.89
CA GLU E 506 44.22 -81.05 -21.15
C GLU E 506 43.07 -81.44 -22.06
N PHE E 507 42.56 -82.67 -21.95
CA PHE E 507 41.44 -83.12 -22.77
C PHE E 507 40.52 -83.99 -21.93
N VAL E 508 39.23 -83.96 -22.26
CA VAL E 508 38.24 -84.82 -21.63
C VAL E 508 37.32 -85.37 -22.71
N GLU E 509 36.80 -86.57 -22.47
CA GLU E 509 35.89 -87.21 -23.40
C GLU E 509 35.05 -88.23 -22.67
N TYR E 510 33.89 -88.57 -23.26
CA TYR E 510 33.11 -89.72 -22.84
C TYR E 510 33.47 -90.92 -23.72
N PRO E 511 33.40 -92.14 -23.19
CA PRO E 511 33.61 -93.30 -24.03
C PRO E 511 32.58 -93.35 -25.14
N PRO E 512 32.94 -93.88 -26.31
CA PRO E 512 32.01 -93.84 -27.45
C PRO E 512 30.66 -94.47 -27.15
N ASP E 513 30.60 -95.49 -26.28
CA ASP E 513 29.32 -96.11 -25.96
C ASP E 513 28.48 -95.29 -24.99
N ARG E 514 29.09 -94.33 -24.29
CA ARG E 514 28.30 -93.40 -23.48
C ARG E 514 27.69 -92.31 -24.36
N HIS E 515 28.52 -91.66 -25.18
CA HIS E 515 28.05 -90.75 -26.22
C HIS E 515 28.99 -90.89 -27.41
N PRO E 516 28.47 -90.87 -28.64
CA PRO E 516 29.34 -91.12 -29.80
C PRO E 516 30.50 -90.15 -29.93
N PHE E 517 30.30 -88.86 -29.61
CA PHE E 517 31.42 -87.92 -29.61
C PHE E 517 31.04 -86.72 -28.74
N VAL E 518 31.70 -86.58 -27.60
CA VAL E 518 31.63 -85.38 -26.78
C VAL E 518 33.03 -85.15 -26.23
N VAL E 519 33.71 -84.12 -26.73
CA VAL E 519 35.11 -83.89 -26.42
C VAL E 519 35.30 -82.42 -26.07
N GLY E 520 36.23 -82.15 -25.16
CA GLY E 520 36.63 -80.80 -24.86
C GLY E 520 38.14 -80.70 -24.71
N THR E 521 38.67 -79.53 -25.06
CA THR E 521 40.08 -79.25 -24.87
C THR E 521 40.24 -77.82 -24.35
N GLN E 522 41.25 -77.64 -23.49
CA GLN E 522 41.56 -76.32 -22.97
C GLN E 522 42.21 -75.43 -24.02
N ALA E 523 42.78 -76.00 -25.07
CA ALA E 523 43.52 -75.23 -26.06
C ALA E 523 42.60 -74.70 -27.15
N HIS E 524 43.17 -73.90 -28.04
CA HIS E 524 42.47 -73.34 -29.18
C HIS E 524 42.99 -73.97 -30.46
N PRO E 525 42.59 -75.21 -30.77
CA PRO E 525 43.09 -75.85 -31.99
C PRO E 525 42.72 -75.12 -33.26
N GLU E 526 41.72 -74.24 -33.22
CA GLU E 526 41.35 -73.48 -34.41
C GLU E 526 42.46 -72.53 -34.85
N LEU E 527 43.44 -72.28 -34.00
CA LEU E 527 44.58 -71.43 -34.36
C LEU E 527 45.71 -72.19 -35.00
N LYS E 528 45.64 -73.51 -35.05
CA LYS E 528 46.58 -74.32 -35.82
C LYS E 528 45.98 -74.86 -37.11
N SER E 529 44.66 -74.75 -37.27
CA SER E 529 44.01 -75.17 -38.50
C SER E 529 44.39 -74.25 -39.65
N ARG E 530 44.43 -74.82 -40.84
CA ARG E 530 44.50 -74.07 -42.09
C ARG E 530 43.53 -74.72 -43.08
N PRO E 531 42.99 -73.94 -44.02
CA PRO E 531 42.03 -74.53 -44.96
C PRO E 531 42.61 -75.66 -45.78
N THR E 532 43.92 -75.65 -46.01
CA THR E 532 44.60 -76.71 -46.74
C THR E 532 45.29 -77.71 -45.81
N ARG E 533 45.01 -77.65 -44.52
CA ARG E 533 45.60 -78.55 -43.54
C ARG E 533 44.66 -78.65 -42.34
N PRO E 534 43.47 -79.21 -42.52
CA PRO E 534 42.47 -79.15 -41.46
C PRO E 534 42.96 -79.81 -40.18
N HIS E 535 42.44 -79.32 -39.07
CA HIS E 535 42.83 -79.81 -37.76
C HIS E 535 42.12 -81.13 -37.44
N PRO E 536 42.81 -82.11 -36.83
CA PRO E 536 42.18 -83.41 -36.60
C PRO E 536 40.87 -83.37 -35.83
N LEU E 537 40.77 -82.52 -34.80
CA LEU E 537 39.57 -82.54 -33.97
C LEU E 537 38.34 -82.08 -34.72
N PHE E 538 38.48 -81.09 -35.60
CA PHE E 538 37.31 -80.65 -36.37
C PHE E 538 36.93 -81.66 -37.43
N VAL E 539 37.90 -82.33 -38.03
CA VAL E 539 37.57 -83.45 -38.91
C VAL E 539 36.77 -84.50 -38.14
N ALA E 540 37.22 -84.83 -36.93
CA ALA E 540 36.52 -85.82 -36.13
C ALA E 540 35.12 -85.36 -35.77
N PHE E 541 34.98 -84.11 -35.32
CA PHE E 541 33.69 -83.60 -34.89
C PHE E 541 32.70 -83.55 -36.05
N VAL E 542 33.16 -83.09 -37.22
CA VAL E 542 32.27 -83.05 -38.38
C VAL E 542 31.92 -84.47 -38.83
N GLY E 543 32.86 -85.40 -38.74
CA GLY E 543 32.53 -86.78 -39.05
C GLY E 543 31.47 -87.35 -38.13
N ALA E 544 31.58 -87.04 -36.83
CA ALA E 544 30.57 -87.49 -35.87
C ALA E 544 29.22 -86.85 -36.16
N ALA E 545 29.21 -85.57 -36.50
CA ALA E 545 27.95 -84.90 -36.84
C ALA E 545 27.34 -85.52 -38.09
N ILE E 546 28.16 -85.82 -39.09
CA ILE E 546 27.67 -86.48 -40.29
C ILE E 546 27.08 -87.85 -39.95
N ASP E 547 27.77 -88.61 -39.10
CA ASP E 547 27.26 -89.91 -38.70
C ASP E 547 25.94 -89.79 -37.97
N TYR E 548 25.80 -88.77 -37.12
CA TYR E 548 24.52 -88.53 -36.46
C TYR E 548 23.43 -88.23 -37.48
N LYS E 549 23.69 -87.30 -38.39
CA LYS E 549 22.68 -86.95 -39.38
C LYS E 549 22.27 -88.16 -40.20
N ALA E 550 23.24 -88.99 -40.60
CA ALA E 550 22.93 -90.16 -41.40
C ALA E 550 22.15 -91.20 -40.59
N GLY E 551 22.51 -91.38 -39.32
CA GLY E 551 21.84 -92.37 -38.50
C GLY E 551 20.52 -91.90 -37.92
N GLU E 552 20.36 -90.60 -37.71
CA GLU E 552 19.14 -90.07 -37.11
C GLU E 552 17.95 -90.26 -38.03
N MET F 1 79.22 -28.47 -77.56
CA MET F 1 79.32 -27.28 -78.45
C MET F 1 78.07 -26.40 -78.30
N ARG F 2 78.08 -25.27 -79.02
CA ARG F 2 76.96 -24.34 -78.93
C ARG F 2 75.66 -24.95 -79.41
N LYS F 3 75.74 -25.96 -80.29
CA LYS F 3 74.57 -26.63 -80.83
C LYS F 3 74.35 -27.94 -80.11
N HIS F 4 73.14 -28.15 -79.60
CA HIS F 4 72.79 -29.30 -78.78
C HIS F 4 71.58 -30.02 -79.36
N PRO F 5 71.40 -31.30 -79.04
CA PRO F 5 70.19 -32.01 -79.46
C PRO F 5 68.93 -31.40 -78.84
N GLN F 6 67.80 -31.75 -79.43
CA GLN F 6 66.51 -31.31 -78.90
C GLN F 6 66.20 -32.03 -77.60
N THR F 7 65.58 -31.30 -76.67
CA THR F 7 65.07 -31.87 -75.44
C THR F 7 63.75 -31.18 -75.08
N ALA F 8 62.96 -31.83 -74.24
CA ALA F 8 61.66 -31.30 -73.88
C ALA F 8 61.82 -30.02 -73.08
N THR F 9 60.80 -29.16 -73.16
CA THR F 9 60.84 -27.88 -72.48
C THR F 9 60.65 -28.10 -70.98
N LYS F 10 61.59 -27.57 -70.19
CA LYS F 10 61.57 -27.77 -68.75
C LYS F 10 60.74 -26.68 -68.09
N HIS F 11 59.97 -27.06 -67.08
CA HIS F 11 59.15 -26.13 -66.31
C HIS F 11 59.76 -25.96 -64.93
N LEU F 12 59.96 -24.71 -64.54
CA LEU F 12 60.51 -24.37 -63.23
C LEU F 12 59.51 -23.46 -62.54
N PHE F 13 58.91 -23.96 -61.46
CA PHE F 13 57.89 -23.22 -60.71
C PHE F 13 58.52 -22.58 -59.49
N VAL F 14 58.24 -21.30 -59.28
CA VAL F 14 58.71 -20.57 -58.11
C VAL F 14 57.49 -20.19 -57.28
N SER F 15 57.50 -20.57 -56.01
CA SER F 15 56.40 -20.35 -55.10
C SER F 15 56.92 -19.70 -53.82
N GLY F 16 56.01 -19.06 -53.09
CA GLY F 16 56.40 -18.30 -51.93
C GLY F 16 55.66 -18.76 -50.69
N GLY F 17 56.33 -18.61 -49.54
CA GLY F 17 55.77 -19.01 -48.27
C GLY F 17 55.94 -17.92 -47.23
N VAL F 18 55.22 -18.10 -46.12
CA VAL F 18 55.28 -17.19 -44.99
C VAL F 18 54.63 -15.86 -45.32
N ALA F 19 55.12 -15.17 -46.35
CA ALA F 19 54.64 -13.84 -46.67
C ALA F 19 54.90 -13.53 -48.13
N SER F 20 54.32 -12.42 -48.59
CA SER F 20 54.64 -11.86 -49.89
C SER F 20 55.75 -10.83 -49.73
N SER F 21 56.21 -10.28 -50.85
CA SER F 21 57.33 -9.34 -50.87
C SER F 21 58.63 -9.96 -50.36
N LEU F 22 58.79 -11.26 -50.51
CA LEU F 22 60.03 -11.93 -50.14
C LEU F 22 61.10 -11.84 -51.20
N GLY F 23 60.84 -11.16 -52.31
CA GLY F 23 61.78 -11.17 -53.42
C GLY F 23 61.66 -12.41 -54.27
N LYS F 24 60.50 -13.06 -54.24
CA LYS F 24 60.29 -14.24 -55.07
C LYS F 24 60.45 -13.92 -56.54
N GLY F 25 59.85 -12.82 -57.00
CA GLY F 25 59.98 -12.44 -58.40
C GLY F 25 61.41 -12.07 -58.77
N LEU F 26 62.10 -11.35 -57.88
CA LEU F 26 63.49 -11.00 -58.14
C LEU F 26 64.38 -12.22 -58.19
N THR F 27 64.15 -13.20 -57.31
CA THR F 27 64.92 -14.44 -57.35
C THR F 27 64.66 -15.18 -58.66
N ALA F 28 63.40 -15.24 -59.09
CA ALA F 28 63.10 -15.88 -60.36
C ALA F 28 63.81 -15.17 -61.51
N SER F 29 63.78 -13.83 -61.51
CA SER F 29 64.45 -13.08 -62.56
C SER F 29 65.95 -13.33 -62.54
N SER F 30 66.55 -13.40 -61.35
CA SER F 30 68.00 -13.64 -61.28
C SER F 30 68.35 -15.02 -61.77
N LEU F 31 67.54 -16.03 -61.44
CA LEU F 31 67.78 -17.36 -61.96
C LEU F 31 67.61 -17.39 -63.47
N GLY F 32 66.62 -16.67 -63.99
CA GLY F 32 66.48 -16.56 -65.43
C GLY F 32 67.70 -15.92 -66.06
N GLN F 33 68.26 -14.92 -65.39
CA GLN F 33 69.46 -14.26 -65.91
C GLN F 33 70.63 -15.23 -65.96
N LEU F 34 70.84 -15.97 -64.88
CA LEU F 34 71.93 -16.95 -64.88
C LEU F 34 71.74 -17.98 -65.98
N LEU F 35 70.53 -18.53 -66.10
CA LEU F 35 70.29 -19.54 -67.12
C LEU F 35 70.43 -18.98 -68.52
N THR F 36 70.06 -17.72 -68.74
CA THR F 36 70.30 -17.09 -70.03
C THR F 36 71.79 -17.00 -70.32
N ALA F 37 72.57 -16.55 -69.32
CA ALA F 37 74.01 -16.44 -69.52
C ALA F 37 74.63 -17.80 -69.80
N ARG F 38 74.09 -18.87 -69.22
CA ARG F 38 74.54 -20.21 -69.53
C ARG F 38 74.03 -20.68 -70.89
N GLY F 39 73.35 -19.83 -71.64
CA GLY F 39 73.07 -20.07 -73.03
C GLY F 39 71.70 -20.63 -73.37
N LEU F 40 70.81 -20.77 -72.39
CA LEU F 40 69.51 -21.35 -72.61
C LEU F 40 68.48 -20.28 -72.95
N HIS F 41 67.54 -20.63 -73.82
CA HIS F 41 66.45 -19.71 -74.18
C HIS F 41 65.40 -19.78 -73.09
N VAL F 42 65.53 -18.90 -72.11
CA VAL F 42 64.59 -18.81 -71.00
C VAL F 42 63.40 -17.96 -71.40
N THR F 43 62.20 -18.40 -71.03
CA THR F 43 61.00 -17.57 -71.09
C THR F 43 60.34 -17.61 -69.73
N MET F 44 59.57 -16.56 -69.43
CA MET F 44 59.04 -16.35 -68.09
C MET F 44 57.56 -16.01 -68.14
N GLN F 45 56.87 -16.34 -67.04
CA GLN F 45 55.44 -16.14 -66.92
C GLN F 45 55.11 -15.94 -65.45
N LYS F 46 54.04 -15.20 -65.17
CA LYS F 46 53.54 -15.06 -63.82
C LYS F 46 52.05 -15.40 -63.77
N LEU F 47 51.66 -16.04 -62.67
CA LEU F 47 50.26 -16.33 -62.38
C LEU F 47 49.84 -15.51 -61.16
N ASP F 48 48.80 -14.70 -61.31
CA ASP F 48 48.32 -13.83 -60.23
C ASP F 48 47.05 -14.40 -59.64
N PRO F 49 46.99 -14.73 -58.35
CA PRO F 49 45.76 -15.31 -57.79
C PRO F 49 44.58 -14.34 -57.69
N TYR F 50 44.78 -13.03 -57.77
CA TYR F 50 43.67 -12.12 -57.53
C TYR F 50 42.68 -12.15 -58.69
N LEU F 51 41.44 -11.73 -58.40
CA LEU F 51 40.33 -11.82 -59.33
C LEU F 51 40.24 -10.65 -60.30
N ASN F 52 40.98 -9.57 -60.08
CA ASN F 52 41.00 -8.48 -61.05
C ASN F 52 41.47 -9.00 -62.39
N VAL F 53 40.71 -8.69 -63.46
CA VAL F 53 41.07 -9.18 -64.78
C VAL F 53 42.37 -8.56 -65.24
N ASP F 54 42.71 -7.39 -64.73
CA ASP F 54 44.04 -6.81 -64.88
C ASP F 54 44.22 -5.74 -63.82
N PRO F 55 45.47 -5.45 -63.43
CA PRO F 55 45.68 -4.55 -62.28
C PRO F 55 45.37 -3.08 -62.55
N GLY F 56 44.90 -2.73 -63.74
CA GLY F 56 44.62 -1.34 -64.02
C GLY F 56 43.63 -0.73 -63.05
N THR F 57 42.68 -1.54 -62.57
CA THR F 57 41.69 -1.05 -61.62
C THR F 57 42.28 -0.86 -60.22
N MET F 58 43.46 -1.41 -59.95
CA MET F 58 44.00 -1.40 -58.59
C MET F 58 44.57 -0.03 -58.23
N ASN F 59 44.95 0.09 -56.96
CA ASN F 59 45.58 1.26 -56.39
C ASN F 59 47.04 0.97 -56.09
N PRO F 60 47.97 1.84 -56.46
CA PRO F 60 49.40 1.52 -56.31
C PRO F 60 49.82 1.15 -54.88
N PHE F 61 48.99 1.39 -53.88
CA PHE F 61 49.33 0.92 -52.54
C PHE F 61 49.21 -0.60 -52.40
N GLN F 62 48.59 -1.28 -53.36
CA GLN F 62 48.40 -2.72 -53.24
C GLN F 62 49.68 -3.47 -53.56
N HIS F 63 50.20 -3.28 -54.77
CA HIS F 63 51.35 -4.07 -55.23
C HIS F 63 52.36 -3.23 -56.00
N GLY F 64 52.35 -1.91 -55.83
CA GLY F 64 53.23 -1.04 -56.59
C GLY F 64 52.65 -0.64 -57.94
N GLU F 65 53.53 -0.10 -58.76
CA GLU F 65 53.13 0.49 -60.04
C GLU F 65 52.66 -0.57 -61.03
N VAL F 66 51.91 -0.11 -62.02
CA VAL F 66 51.48 -0.98 -63.11
C VAL F 66 52.53 -0.95 -64.23
N PHE F 67 52.45 -1.96 -65.09
CA PHE F 67 53.40 -2.14 -66.19
C PHE F 67 52.62 -2.31 -67.48
N VAL F 68 53.29 -2.10 -68.62
CA VAL F 68 52.64 -2.15 -69.92
C VAL F 68 53.53 -2.88 -70.91
N THR F 69 52.91 -3.70 -71.76
CA THR F 69 53.62 -4.51 -72.74
C THR F 69 53.59 -3.85 -74.12
N GLU F 70 54.35 -4.43 -75.05
CA GLU F 70 54.41 -3.91 -76.40
C GLU F 70 53.16 -4.24 -77.20
N ASP F 71 52.57 -5.41 -76.99
CA ASP F 71 51.24 -5.66 -77.55
C ASP F 71 50.16 -4.92 -76.78
N GLY F 72 50.52 -4.16 -75.75
CA GLY F 72 49.62 -3.24 -75.10
C GLY F 72 48.85 -3.79 -73.92
N ALA F 73 49.17 -5.00 -73.46
CA ALA F 73 48.53 -5.51 -72.27
C ALA F 73 49.02 -4.76 -71.04
N GLU F 74 48.19 -4.74 -70.01
CA GLU F 74 48.50 -4.10 -68.74
C GLU F 74 48.72 -5.18 -67.69
N THR F 75 49.90 -5.19 -67.07
CA THR F 75 50.35 -6.36 -66.34
C THR F 75 50.96 -5.95 -65.01
N ASP F 76 51.25 -6.97 -64.20
CA ASP F 76 51.79 -6.75 -62.87
C ASP F 76 53.21 -6.21 -62.93
N LEU F 77 53.71 -5.78 -61.78
CA LEU F 77 55.05 -5.24 -61.68
C LEU F 77 56.12 -6.24 -62.07
N ASP F 78 55.93 -7.51 -61.71
CA ASP F 78 57.00 -8.50 -61.88
C ASP F 78 57.39 -8.68 -63.33
N VAL F 79 56.47 -8.42 -64.26
CA VAL F 79 56.85 -8.46 -65.67
C VAL F 79 57.95 -7.46 -65.94
N GLY F 80 57.99 -6.37 -65.15
CA GLY F 80 59.07 -5.42 -65.25
C GLY F 80 60.41 -5.97 -64.83
N HIS F 81 60.46 -6.75 -63.75
CA HIS F 81 61.69 -7.42 -63.39
C HIS F 81 62.12 -8.36 -64.51
N TYR F 82 61.16 -9.11 -65.07
CA TYR F 82 61.51 -10.06 -66.12
C TYR F 82 62.12 -9.35 -67.31
N GLU F 83 61.52 -8.25 -67.74
CA GLU F 83 62.10 -7.45 -68.81
C GLU F 83 63.49 -6.94 -68.43
N ARG F 84 63.61 -6.30 -67.27
CA ARG F 84 64.85 -5.64 -66.91
C ARG F 84 66.01 -6.62 -66.79
N PHE F 85 65.75 -7.87 -66.40
CA PHE F 85 66.84 -8.83 -66.23
C PHE F 85 67.07 -9.71 -67.44
N LEU F 86 66.03 -10.01 -68.22
CA LEU F 86 66.22 -10.74 -69.46
C LEU F 86 66.49 -9.84 -70.64
N ASP F 87 66.22 -8.54 -70.50
CA ASP F 87 66.29 -7.59 -71.62
C ASP F 87 65.47 -8.11 -72.80
N ARG F 88 64.17 -8.27 -72.56
CA ARG F 88 63.25 -8.81 -73.55
C ARG F 88 61.92 -8.06 -73.44
N ASN F 89 61.11 -8.20 -74.48
CA ASN F 89 59.73 -7.76 -74.46
C ASN F 89 58.83 -8.99 -74.37
N LEU F 90 57.90 -8.98 -73.42
CA LEU F 90 57.14 -10.17 -73.10
C LEU F 90 55.69 -10.03 -73.54
N PRO F 91 55.05 -11.12 -73.97
CA PRO F 91 53.65 -11.02 -74.42
C PRO F 91 52.71 -10.78 -73.25
N GLY F 92 51.50 -10.32 -73.60
CA GLY F 92 50.45 -10.21 -72.61
C GLY F 92 50.07 -11.56 -72.03
N SER F 93 50.34 -12.64 -72.76
CA SER F 93 50.10 -13.98 -72.25
C SER F 93 50.94 -14.28 -71.02
N ALA F 94 51.98 -13.47 -70.76
CA ALA F 94 52.87 -13.72 -69.64
C ALA F 94 52.26 -13.38 -68.29
N ASN F 95 51.01 -12.93 -68.22
CA ASN F 95 50.36 -12.64 -66.95
C ASN F 95 48.95 -13.22 -66.95
N VAL F 96 48.80 -14.42 -66.41
CA VAL F 96 47.48 -15.01 -66.18
C VAL F 96 46.97 -14.57 -64.82
N THR F 97 45.65 -14.52 -64.68
CA THR F 97 45.01 -14.18 -63.43
C THR F 97 43.77 -15.03 -63.25
N THR F 98 43.38 -15.24 -62.00
CA THR F 98 42.15 -15.96 -61.71
C THR F 98 40.96 -15.29 -62.39
N GLY F 99 40.96 -13.97 -62.45
CA GLY F 99 39.88 -13.28 -63.13
C GLY F 99 39.73 -13.73 -64.57
N GLN F 100 40.84 -13.78 -65.30
CA GLN F 100 40.80 -14.19 -66.69
C GLN F 100 40.35 -15.63 -66.82
N VAL F 101 40.85 -16.51 -65.96
CA VAL F 101 40.52 -17.93 -66.08
C VAL F 101 39.04 -18.17 -65.82
N TYR F 102 38.50 -17.58 -64.76
CA TYR F 102 37.09 -17.78 -64.46
C TYR F 102 36.21 -17.16 -65.52
N SER F 103 36.54 -15.95 -65.98
CA SER F 103 35.73 -15.35 -67.05
C SER F 103 35.76 -16.22 -68.30
N THR F 104 36.94 -16.75 -68.66
CA THR F 104 37.07 -17.60 -69.83
C THR F 104 36.20 -18.84 -69.70
N VAL F 105 36.27 -19.52 -68.54
CA VAL F 105 35.55 -20.77 -68.39
C VAL F 105 34.04 -20.52 -68.35
N ILE F 106 33.62 -19.43 -67.70
CA ILE F 106 32.19 -19.11 -67.67
C ILE F 106 31.68 -18.81 -69.07
N ALA F 107 32.46 -18.04 -69.84
CA ALA F 107 32.06 -17.76 -71.22
C ALA F 107 31.95 -19.05 -72.03
N LYS F 108 32.96 -19.92 -71.93
CA LYS F 108 32.89 -21.20 -72.63
C LYS F 108 31.67 -21.99 -72.20
N GLU F 109 31.30 -21.91 -70.91
CA GLU F 109 30.12 -22.63 -70.43
C GLU F 109 28.87 -22.08 -71.08
N ARG F 110 28.72 -20.76 -71.11
CA ARG F 110 27.53 -20.16 -71.71
C ARG F 110 27.36 -20.58 -73.16
N ARG F 111 28.46 -20.84 -73.86
CA ARG F 111 28.39 -21.29 -75.25
C ARG F 111 28.23 -22.79 -75.39
N GLY F 112 28.16 -23.52 -74.28
CA GLY F 112 27.90 -24.95 -74.32
C GLY F 112 29.05 -25.80 -74.78
N GLU F 113 30.28 -25.28 -74.77
CA GLU F 113 31.40 -26.00 -75.35
C GLU F 113 31.81 -27.23 -74.54
N TYR F 114 31.30 -27.41 -73.33
CA TYR F 114 31.59 -28.60 -72.53
C TYR F 114 30.56 -29.71 -72.72
N LEU F 115 29.66 -29.55 -73.69
CA LEU F 115 28.78 -30.64 -74.10
C LEU F 115 27.96 -31.18 -72.93
N GLY F 116 27.52 -30.28 -72.05
CA GLY F 116 26.60 -30.64 -71.00
C GLY F 116 27.21 -31.12 -69.71
N ASP F 117 28.54 -31.16 -69.59
CA ASP F 117 29.14 -31.57 -68.33
C ASP F 117 28.91 -30.51 -67.26
N THR F 118 29.04 -30.94 -66.01
CA THR F 118 29.07 -30.01 -64.90
C THR F 118 30.44 -29.34 -64.86
N VAL F 119 30.46 -28.01 -64.94
CA VAL F 119 31.71 -27.27 -64.89
C VAL F 119 32.16 -27.19 -63.44
N GLN F 120 33.42 -27.56 -63.19
CA GLN F 120 33.95 -27.72 -61.85
C GLN F 120 35.30 -27.02 -61.76
N VAL F 121 35.72 -26.76 -60.51
CA VAL F 121 37.05 -26.20 -60.31
C VAL F 121 38.11 -27.23 -60.69
N ILE F 122 37.82 -28.51 -60.48
CA ILE F 122 38.57 -29.61 -61.07
C ILE F 122 37.57 -30.48 -61.81
N PRO F 123 37.79 -30.79 -63.09
CA PRO F 123 38.97 -30.49 -63.90
C PRO F 123 39.01 -29.15 -64.61
N HIS F 124 37.88 -28.49 -64.86
CA HIS F 124 37.84 -27.49 -65.94
C HIS F 124 38.75 -26.28 -65.67
N ILE F 125 38.70 -25.73 -64.46
CA ILE F 125 39.52 -24.55 -64.18
C ILE F 125 41.00 -24.91 -64.20
N THR F 126 41.38 -26.03 -63.58
CA THR F 126 42.78 -26.44 -63.59
C THR F 126 43.23 -26.81 -65.00
N ASP F 127 42.33 -27.35 -65.82
CA ASP F 127 42.67 -27.63 -67.21
C ASP F 127 42.95 -26.34 -67.96
N GLU F 128 42.14 -25.31 -67.75
CA GLU F 128 42.40 -24.04 -68.42
C GLU F 128 43.74 -23.47 -67.98
N ILE F 129 44.04 -23.55 -66.69
CA ILE F 129 45.32 -23.03 -66.19
C ILE F 129 46.49 -23.82 -66.76
N LYS F 130 46.37 -25.15 -66.78
CA LYS F 130 47.44 -25.99 -67.31
C LYS F 130 47.63 -25.74 -68.80
N ARG F 131 46.54 -25.51 -69.53
CA ARG F 131 46.66 -25.15 -70.94
C ARG F 131 47.41 -23.83 -71.09
N ARG F 132 47.05 -22.82 -70.30
CA ARG F 132 47.75 -21.53 -70.40
C ARG F 132 49.21 -21.65 -69.99
N ILE F 133 49.54 -22.58 -69.10
CA ILE F 133 50.94 -22.77 -68.71
C ILE F 133 51.71 -23.44 -69.84
N LEU F 134 51.16 -24.52 -70.39
CA LEU F 134 51.86 -25.26 -71.44
C LEU F 134 51.91 -24.49 -72.75
N ALA F 135 51.02 -23.52 -72.96
CA ALA F 135 51.07 -22.70 -74.16
C ALA F 135 52.40 -21.96 -74.28
N MET F 136 53.01 -21.60 -73.15
CA MET F 136 54.30 -20.93 -73.20
C MET F 136 55.35 -21.79 -73.89
N ALA F 137 55.20 -23.11 -73.86
CA ALA F 137 56.20 -23.98 -74.44
C ALA F 137 56.12 -24.04 -75.96
N GLN F 138 55.01 -23.58 -76.55
CA GLN F 138 54.86 -23.68 -77.99
C GLN F 138 55.92 -22.83 -78.69
N PRO F 139 56.34 -23.22 -79.89
CA PRO F 139 57.33 -22.41 -80.62
C PRO F 139 56.83 -20.99 -80.88
N ASP F 140 57.75 -20.04 -80.75
CA ASP F 140 57.42 -18.63 -80.95
C ASP F 140 57.13 -18.36 -82.42
N ALA F 141 56.89 -17.09 -82.77
CA ALA F 141 56.57 -16.74 -84.14
C ALA F 141 57.72 -17.05 -85.11
N ASP F 142 58.94 -17.18 -84.62
CA ASP F 142 60.09 -17.48 -85.46
C ASP F 142 60.59 -18.91 -85.29
N GLY F 143 59.87 -19.74 -84.54
CA GLY F 143 60.23 -21.13 -84.36
C GLY F 143 61.24 -21.38 -83.27
N ASN F 144 61.60 -20.37 -82.48
CA ASN F 144 62.53 -20.56 -81.38
C ASN F 144 61.78 -21.13 -80.19
N ARG F 145 62.17 -22.32 -79.77
CA ARG F 145 61.45 -23.03 -78.72
C ARG F 145 62.14 -22.83 -77.38
N PRO F 146 61.47 -22.31 -76.36
CA PRO F 146 62.15 -22.05 -75.09
C PRO F 146 62.66 -23.33 -74.45
N ASP F 147 63.84 -23.24 -73.84
CA ASP F 147 64.43 -24.40 -73.18
C ASP F 147 63.89 -24.57 -71.76
N VAL F 148 63.63 -23.48 -71.06
CA VAL F 148 63.05 -23.51 -69.73
C VAL F 148 61.96 -22.45 -69.64
N VAL F 149 60.82 -22.81 -69.07
CA VAL F 149 59.76 -21.87 -68.74
C VAL F 149 59.76 -21.69 -67.23
N ILE F 150 60.02 -20.47 -66.77
CA ILE F 150 60.03 -20.15 -65.35
C ILE F 150 58.71 -19.47 -65.02
N THR F 151 57.88 -20.13 -64.22
CA THR F 151 56.57 -19.64 -63.86
C THR F 151 56.58 -19.23 -62.39
N GLU F 152 56.17 -18.00 -62.11
CA GLU F 152 56.07 -17.50 -60.74
C GLU F 152 54.62 -17.58 -60.29
N ILE F 153 54.39 -18.30 -59.20
CA ILE F 153 53.05 -18.42 -58.64
C ILE F 153 52.88 -17.35 -57.58
N GLY F 154 52.06 -16.35 -57.88
CA GLY F 154 51.86 -15.25 -56.96
C GLY F 154 51.09 -15.67 -55.72
N GLY F 155 51.17 -14.82 -54.71
CA GLY F 155 50.50 -15.09 -53.45
C GLY F 155 51.39 -15.85 -52.48
N THR F 156 50.74 -16.60 -51.58
CA THR F 156 51.42 -17.38 -50.55
C THR F 156 50.79 -18.76 -50.48
N VAL F 157 51.62 -19.78 -50.30
CA VAL F 157 51.12 -21.14 -50.19
C VAL F 157 50.18 -21.22 -49.00
N GLY F 158 48.95 -21.67 -49.24
CA GLY F 158 47.93 -21.71 -48.22
C GLY F 158 46.88 -20.62 -48.35
N ASP F 159 47.08 -19.63 -49.22
CA ASP F 159 46.01 -18.73 -49.56
C ASP F 159 44.91 -19.49 -50.30
N ILE F 160 43.66 -19.12 -50.04
CA ILE F 160 42.54 -19.77 -50.70
C ILE F 160 42.62 -19.57 -52.21
N GLU F 161 43.08 -18.40 -52.65
CA GLU F 161 43.09 -18.08 -54.06
C GLU F 161 44.17 -18.83 -54.84
N SER F 162 45.20 -19.32 -54.17
CA SER F 162 46.27 -20.02 -54.84
C SER F 162 45.95 -21.48 -55.10
N GLN F 163 44.88 -22.00 -54.52
CA GLN F 163 44.63 -23.45 -54.62
C GLN F 163 44.51 -23.94 -56.05
N PRO F 164 43.82 -23.25 -56.97
CA PRO F 164 43.76 -23.77 -58.35
C PRO F 164 45.10 -23.75 -59.06
N PHE F 165 45.92 -22.73 -58.82
CA PHE F 165 47.20 -22.64 -59.53
C PHE F 165 48.18 -23.69 -59.05
N LEU F 166 48.25 -23.92 -57.75
CA LEU F 166 49.13 -24.97 -57.25
C LEU F 166 48.65 -26.35 -57.68
N GLU F 167 47.32 -26.54 -57.77
CA GLU F 167 46.82 -27.80 -58.29
C GLU F 167 47.17 -27.98 -59.76
N ALA F 168 47.12 -26.89 -60.55
CA ALA F 168 47.55 -26.99 -61.93
C ALA F 168 49.02 -27.34 -62.03
N ALA F 169 49.85 -26.72 -61.20
CA ALA F 169 51.27 -27.06 -61.19
C ALA F 169 51.48 -28.53 -60.81
N ARG F 170 50.73 -29.02 -59.85
CA ARG F 170 50.81 -30.43 -59.48
C ARG F 170 50.45 -31.33 -60.65
N GLN F 171 49.38 -30.98 -61.38
CA GLN F 171 48.99 -31.79 -62.53
C GLN F 171 50.04 -31.73 -63.63
N VAL F 172 50.69 -30.59 -63.81
CA VAL F 172 51.80 -30.51 -64.76
C VAL F 172 52.91 -31.45 -64.34
N ARG F 173 53.28 -31.45 -63.06
CA ARG F 173 54.29 -32.39 -62.59
C ARG F 173 53.87 -33.83 -62.83
N HIS F 174 52.58 -34.13 -62.72
CA HIS F 174 52.12 -35.48 -62.98
C HIS F 174 52.25 -35.83 -64.46
N TYR F 175 51.85 -34.91 -65.33
CA TYR F 175 51.88 -35.16 -66.77
C TYR F 175 53.31 -35.30 -67.28
N LEU F 176 54.18 -34.37 -66.92
CA LEU F 176 55.53 -34.33 -67.47
C LEU F 176 56.57 -35.10 -66.66
N GLY F 177 56.25 -35.47 -65.42
CA GLY F 177 57.17 -36.23 -64.61
C GLY F 177 58.24 -35.37 -63.94
N ARG F 178 58.98 -36.00 -63.03
CA ARG F 178 59.94 -35.26 -62.22
C ARG F 178 61.14 -34.78 -63.02
N GLU F 179 61.44 -35.44 -64.15
CA GLU F 179 62.61 -35.06 -64.92
C GLU F 179 62.42 -33.73 -65.65
N ASP F 180 61.20 -33.20 -65.70
CA ASP F 180 60.92 -31.98 -66.43
C ASP F 180 60.42 -30.83 -65.57
N VAL F 181 60.00 -31.10 -64.33
CA VAL F 181 59.37 -30.07 -63.49
C VAL F 181 60.17 -29.93 -62.20
N PHE F 182 60.56 -28.70 -61.90
CA PHE F 182 61.37 -28.36 -60.74
C PHE F 182 60.62 -27.30 -59.93
N PHE F 183 60.56 -27.50 -58.61
CA PHE F 183 59.86 -26.58 -57.72
C PHE F 183 60.86 -25.84 -56.86
N LEU F 184 60.83 -24.51 -56.92
CA LEU F 184 61.66 -23.66 -56.07
C LEU F 184 60.74 -22.94 -55.09
N HIS F 185 61.04 -23.04 -53.81
CA HIS F 185 60.20 -22.47 -52.76
C HIS F 185 60.99 -21.42 -52.00
N VAL F 186 60.44 -20.22 -51.92
CA VAL F 186 61.07 -19.09 -51.24
C VAL F 186 60.40 -18.89 -49.90
N SER F 187 61.19 -18.80 -48.83
CA SER F 187 60.66 -18.76 -47.48
C SER F 187 61.47 -17.81 -46.62
N LEU F 188 60.85 -17.32 -45.55
CA LEU F 188 61.43 -16.30 -44.70
C LEU F 188 61.97 -16.91 -43.43
N VAL F 189 63.18 -16.49 -43.04
CA VAL F 189 63.78 -16.88 -41.76
C VAL F 189 63.87 -15.63 -40.89
N PRO F 190 62.90 -15.37 -40.03
CA PRO F 190 62.94 -14.15 -39.22
C PRO F 190 63.97 -14.23 -38.11
N TYR F 191 64.47 -13.06 -37.72
CA TYR F 191 65.39 -12.91 -36.61
C TYR F 191 64.66 -12.23 -35.45
N LEU F 192 64.69 -12.86 -34.29
CA LEU F 192 64.04 -12.34 -33.09
C LEU F 192 65.12 -11.69 -32.21
N ALA F 193 65.12 -10.37 -32.16
CA ALA F 193 66.15 -9.65 -31.43
C ALA F 193 66.17 -10.00 -29.94
N PRO F 194 65.05 -10.10 -29.24
CA PRO F 194 65.12 -10.31 -27.78
C PRO F 194 65.89 -11.55 -27.37
N SER F 195 65.79 -12.65 -28.12
CA SER F 195 66.50 -13.88 -27.79
C SER F 195 67.67 -14.15 -28.74
N GLY F 196 67.88 -13.30 -29.74
CA GLY F 196 69.09 -13.41 -30.56
C GLY F 196 69.22 -14.72 -31.30
N GLU F 197 68.15 -15.18 -31.95
CA GLU F 197 68.15 -16.46 -32.64
C GLU F 197 67.37 -16.35 -33.93
N LEU F 198 67.85 -17.01 -34.97
CA LEU F 198 67.06 -17.20 -36.18
C LEU F 198 66.12 -18.38 -35.98
N LYS F 199 64.89 -18.25 -36.47
CA LYS F 199 63.86 -19.26 -36.28
C LYS F 199 63.55 -19.92 -37.61
N THR F 200 63.61 -21.26 -37.63
CA THR F 200 63.28 -22.01 -38.83
C THR F 200 61.85 -22.52 -38.86
N LYS F 201 61.10 -22.38 -37.77
CA LYS F 201 59.76 -22.97 -37.70
C LYS F 201 58.83 -22.43 -38.77
N PRO F 202 58.81 -21.14 -39.11
CA PRO F 202 57.96 -20.69 -40.21
C PRO F 202 58.22 -21.43 -41.51
N THR F 203 59.49 -21.70 -41.82
CA THR F 203 59.81 -22.45 -43.02
C THR F 203 59.28 -23.88 -42.95
N GLN F 204 59.42 -24.52 -41.78
CA GLN F 204 58.92 -25.88 -41.63
C GLN F 204 57.42 -25.92 -41.85
N HIS F 205 56.69 -24.98 -41.26
CA HIS F 205 55.24 -24.96 -41.45
C HIS F 205 54.88 -24.66 -42.90
N SER F 206 55.62 -23.78 -43.57
CA SER F 206 55.33 -23.49 -44.96
C SER F 206 55.55 -24.71 -45.84
N VAL F 207 56.65 -25.42 -45.63
CA VAL F 207 56.92 -26.63 -46.41
C VAL F 207 55.88 -27.69 -46.11
N ALA F 208 55.42 -27.78 -44.86
CA ALA F 208 54.36 -28.73 -44.55
C ALA F 208 53.07 -28.36 -45.27
N ALA F 209 52.74 -27.07 -45.32
CA ALA F 209 51.57 -26.64 -46.07
C ALA F 209 51.71 -26.99 -47.54
N LEU F 210 52.91 -26.82 -48.09
CA LEU F 210 53.14 -27.16 -49.49
C LEU F 210 53.02 -28.66 -49.72
N ARG F 211 53.53 -29.47 -48.80
CA ARG F 211 53.39 -30.92 -48.92
C ARG F 211 51.95 -31.35 -48.79
N SER F 212 51.13 -30.58 -48.06
CA SER F 212 49.74 -30.95 -47.86
C SER F 212 48.90 -30.82 -49.13
N ILE F 213 49.44 -30.22 -50.20
CA ILE F 213 48.74 -30.19 -51.48
C ILE F 213 49.46 -31.02 -52.53
N GLY F 214 50.47 -31.80 -52.13
CA GLY F 214 51.09 -32.75 -53.03
C GLY F 214 52.29 -32.25 -53.79
N ILE F 215 52.93 -31.18 -53.33
CA ILE F 215 54.13 -30.63 -53.96
C ILE F 215 55.30 -30.81 -53.01
N THR F 216 56.39 -31.37 -53.53
CA THR F 216 57.63 -31.48 -52.77
C THR F 216 58.65 -30.50 -53.34
N PRO F 217 59.12 -29.51 -52.57
CA PRO F 217 60.09 -28.57 -53.13
C PRO F 217 61.41 -29.25 -53.43
N ASP F 218 62.06 -28.82 -54.50
CA ASP F 218 63.39 -29.31 -54.83
C ASP F 218 64.48 -28.48 -54.15
N ALA F 219 64.22 -27.19 -53.93
CA ALA F 219 65.20 -26.33 -53.29
C ALA F 219 64.48 -25.25 -52.49
N LEU F 220 65.16 -24.72 -51.49
CA LEU F 220 64.63 -23.67 -50.64
C LEU F 220 65.52 -22.44 -50.74
N ILE F 221 64.91 -21.29 -51.01
CA ILE F 221 65.58 -20.00 -50.95
C ILE F 221 65.23 -19.38 -49.60
N LEU F 222 66.17 -19.37 -48.67
CA LEU F 222 65.95 -18.84 -47.33
C LEU F 222 66.22 -17.35 -47.34
N ARG F 223 65.17 -16.56 -47.43
CA ARG F 223 65.29 -15.12 -47.35
C ARG F 223 65.51 -14.70 -45.90
N CYS F 224 66.48 -13.83 -45.66
CA CYS F 224 66.87 -13.44 -44.31
C CYS F 224 67.52 -12.08 -44.37
N ASP F 225 67.64 -11.45 -43.20
CA ASP F 225 68.38 -10.19 -43.10
C ASP F 225 69.87 -10.40 -42.89
N ARG F 226 70.29 -11.62 -42.56
CA ARG F 226 71.69 -11.93 -42.35
C ARG F 226 71.95 -13.34 -42.86
N ASP F 227 73.22 -13.62 -43.15
CA ASP F 227 73.56 -14.92 -43.72
C ASP F 227 73.22 -16.03 -42.74
N VAL F 228 72.50 -17.03 -43.21
CA VAL F 228 72.00 -18.09 -42.34
C VAL F 228 73.17 -19.00 -41.91
N PRO F 229 73.27 -19.37 -40.63
CA PRO F 229 74.33 -20.30 -40.24
C PRO F 229 74.19 -21.63 -40.92
N GLU F 230 75.31 -22.34 -41.04
CA GLU F 230 75.29 -23.64 -41.70
C GLU F 230 74.51 -24.67 -40.89
N ALA F 231 74.55 -24.58 -39.56
CA ALA F 231 73.79 -25.51 -38.74
C ALA F 231 72.29 -25.38 -38.99
N LEU F 232 71.80 -24.16 -39.20
CA LEU F 232 70.38 -23.99 -39.49
C LEU F 232 70.02 -24.55 -40.85
N LYS F 233 70.88 -24.38 -41.85
CA LYS F 233 70.61 -24.98 -43.14
C LYS F 233 70.57 -26.50 -43.03
N ASN F 234 71.47 -27.07 -42.24
CA ASN F 234 71.44 -28.51 -42.01
C ASN F 234 70.15 -28.94 -41.34
N LYS F 235 69.72 -28.20 -40.31
CA LYS F 235 68.46 -28.52 -39.64
C LYS F 235 67.29 -28.46 -40.61
N ILE F 236 67.24 -27.42 -41.44
CA ILE F 236 66.14 -27.28 -42.39
C ILE F 236 66.15 -28.44 -43.39
N ALA F 237 67.33 -28.78 -43.91
CA ALA F 237 67.40 -29.88 -44.85
C ALA F 237 66.93 -31.17 -44.22
N LEU F 238 67.32 -31.42 -42.98
CA LEU F 238 66.88 -32.64 -42.29
C LEU F 238 65.38 -32.65 -42.06
N MET F 239 64.84 -31.53 -41.55
CA MET F 239 63.43 -31.49 -41.18
C MET F 239 62.51 -31.52 -42.39
N CYS F 240 62.92 -30.93 -43.51
CA CYS F 240 62.05 -30.75 -44.66
C CYS F 240 62.23 -31.80 -45.74
N ASP F 241 63.12 -32.76 -45.56
CA ASP F 241 63.41 -33.77 -46.58
C ASP F 241 63.80 -33.10 -47.90
N VAL F 242 64.72 -32.16 -47.81
CA VAL F 242 65.25 -31.43 -48.95
C VAL F 242 66.75 -31.70 -49.02
N ASP F 243 67.25 -31.88 -50.24
CA ASP F 243 68.67 -32.12 -50.42
C ASP F 243 69.48 -30.95 -49.85
N ILE F 244 70.48 -31.28 -49.04
CA ILE F 244 71.28 -30.25 -48.40
C ILE F 244 71.94 -29.34 -49.42
N ASP F 245 72.10 -29.81 -50.66
CA ASP F 245 72.55 -28.94 -51.74
C ASP F 245 71.51 -27.87 -52.06
N GLY F 246 70.25 -28.09 -51.71
CA GLY F 246 69.16 -27.25 -52.14
C GLY F 246 68.74 -26.14 -51.21
N VAL F 247 69.35 -26.02 -50.04
CA VAL F 247 69.03 -24.94 -49.12
C VAL F 247 69.98 -23.78 -49.41
N ILE F 248 69.43 -22.68 -49.90
CA ILE F 248 70.22 -21.58 -50.46
C ILE F 248 70.00 -20.35 -49.58
N SER F 249 71.06 -19.87 -48.94
CA SER F 249 71.00 -18.67 -48.12
C SER F 249 71.02 -17.45 -49.02
N THR F 250 70.05 -16.56 -48.84
CA THR F 250 69.82 -15.44 -49.75
C THR F 250 69.61 -14.16 -48.95
N PRO F 251 70.65 -13.64 -48.31
CA PRO F 251 70.49 -12.45 -47.47
C PRO F 251 70.19 -11.21 -48.29
N ASP F 252 69.61 -10.22 -47.63
CA ASP F 252 69.24 -8.98 -48.30
C ASP F 252 70.46 -8.30 -48.89
N ALA F 253 70.57 -8.30 -50.21
CA ALA F 253 71.71 -7.70 -50.87
C ALA F 253 71.59 -6.18 -50.91
N PRO F 254 72.70 -5.46 -50.93
CA PRO F 254 72.62 -4.00 -50.93
C PRO F 254 71.90 -3.44 -52.15
N SER F 255 71.98 -4.12 -53.29
CA SER F 255 71.21 -3.75 -54.47
C SER F 255 70.71 -5.03 -55.15
N ILE F 256 69.60 -4.88 -55.88
CA ILE F 256 69.00 -6.04 -56.54
C ILE F 256 69.95 -6.65 -57.56
N TYR F 257 70.90 -5.89 -58.08
CA TYR F 257 71.81 -6.40 -59.10
C TYR F 257 72.89 -7.32 -58.53
N ASP F 258 73.06 -7.35 -57.20
CA ASP F 258 73.96 -8.31 -56.60
C ASP F 258 73.35 -9.70 -56.50
N ILE F 259 72.02 -9.82 -56.64
CA ILE F 259 71.36 -11.10 -56.40
C ILE F 259 71.88 -12.18 -57.33
N PRO F 260 72.09 -11.93 -58.63
CA PRO F 260 72.68 -13.00 -59.46
C PRO F 260 74.00 -13.50 -58.90
N LYS F 261 74.84 -12.61 -58.38
CA LYS F 261 76.10 -13.04 -57.79
C LYS F 261 75.86 -13.90 -56.57
N VAL F 262 74.89 -13.53 -55.73
CA VAL F 262 74.59 -14.32 -54.54
C VAL F 262 74.13 -15.71 -54.93
N LEU F 263 73.23 -15.80 -55.91
CA LEU F 263 72.69 -17.10 -56.29
C LEU F 263 73.76 -17.95 -56.97
N HIS F 264 74.63 -17.35 -57.77
CA HIS F 264 75.71 -18.12 -58.39
C HIS F 264 76.72 -18.58 -57.33
N ARG F 265 77.05 -17.69 -56.39
CA ARG F 265 77.96 -18.03 -55.31
C ARG F 265 77.45 -19.23 -54.52
N GLU F 266 76.14 -19.30 -54.30
CA GLU F 266 75.53 -20.43 -53.62
C GLU F 266 75.32 -21.63 -54.55
N GLU F 267 75.60 -21.48 -55.84
CA GLU F 267 75.52 -22.58 -56.81
C GLU F 267 74.09 -23.06 -56.97
N LEU F 268 73.12 -22.15 -56.94
CA LEU F 268 71.74 -22.51 -57.26
C LEU F 268 71.61 -22.90 -58.72
N ASP F 269 72.21 -22.13 -59.62
CA ASP F 269 72.10 -22.41 -61.04
C ASP F 269 72.70 -23.77 -61.37
N ALA F 270 73.83 -24.11 -60.76
CA ALA F 270 74.41 -25.44 -60.97
C ALA F 270 73.47 -26.52 -60.48
N PHE F 271 72.84 -26.31 -59.32
CA PHE F 271 71.91 -27.30 -58.79
C PHE F 271 70.74 -27.50 -59.73
N VAL F 272 70.16 -26.40 -60.23
CA VAL F 272 69.04 -26.49 -61.15
C VAL F 272 69.47 -27.21 -62.43
N VAL F 273 70.62 -26.85 -62.98
CA VAL F 273 71.08 -27.44 -64.24
C VAL F 273 71.29 -28.94 -64.05
N ARG F 274 71.96 -29.33 -62.97
CA ARG F 274 72.18 -30.75 -62.72
C ARG F 274 70.86 -31.49 -62.56
N ARG F 275 69.92 -30.91 -61.82
CA ARG F 275 68.68 -31.62 -61.50
C ARG F 275 67.79 -31.75 -62.72
N LEU F 276 67.76 -30.74 -63.57
CA LEU F 276 66.97 -30.78 -64.80
C LEU F 276 67.73 -31.41 -65.97
N ASN F 277 69.00 -31.74 -65.79
CA ASN F 277 69.81 -32.35 -66.85
C ASN F 277 69.86 -31.48 -68.10
N LEU F 278 69.97 -30.17 -67.90
CA LEU F 278 70.07 -29.27 -69.03
C LEU F 278 71.51 -29.19 -69.55
N PRO F 279 71.69 -29.01 -70.86
CA PRO F 279 73.03 -28.73 -71.37
C PRO F 279 73.40 -27.28 -71.12
N PHE F 280 74.68 -27.05 -70.78
CA PHE F 280 75.09 -25.77 -70.23
C PHE F 280 76.51 -25.42 -70.66
N ARG F 281 76.86 -24.16 -70.43
CA ARG F 281 78.23 -23.68 -70.46
C ARG F 281 78.40 -22.69 -69.32
N ASP F 282 79.66 -22.38 -69.01
CA ASP F 282 79.94 -21.50 -67.89
C ASP F 282 79.41 -20.09 -68.15
N VAL F 283 79.07 -19.39 -67.07
CA VAL F 283 78.53 -18.04 -67.16
C VAL F 283 79.63 -17.08 -67.57
N ASP F 284 79.37 -16.27 -68.59
CA ASP F 284 80.28 -15.19 -68.99
C ASP F 284 79.91 -13.95 -68.20
N TRP F 285 80.67 -13.68 -67.14
CA TRP F 285 80.37 -12.59 -66.21
C TRP F 285 80.79 -11.22 -66.71
N THR F 286 81.30 -11.10 -67.94
CA THR F 286 81.93 -9.85 -68.36
C THR F 286 80.96 -8.68 -68.26
N GLU F 287 79.77 -8.81 -68.86
CA GLU F 287 78.83 -7.70 -68.89
C GLU F 287 78.37 -7.32 -67.47
N TRP F 288 77.92 -8.31 -66.71
CA TRP F 288 77.38 -8.00 -65.39
C TRP F 288 78.47 -7.56 -64.44
N ASP F 289 79.71 -7.99 -64.64
CA ASP F 289 80.80 -7.45 -63.84
C ASP F 289 81.00 -5.97 -64.14
N ASP F 290 80.88 -5.57 -65.42
CA ASP F 290 80.94 -4.15 -65.72
C ASP F 290 79.80 -3.40 -65.05
N LEU F 291 78.60 -3.98 -65.08
CA LEU F 291 77.45 -3.35 -64.43
C LEU F 291 77.70 -3.19 -62.92
N LEU F 292 78.24 -4.22 -62.28
CA LEU F 292 78.48 -4.14 -60.84
C LEU F 292 79.64 -3.20 -60.51
N ARG F 293 80.59 -3.02 -61.43
CA ARG F 293 81.57 -1.95 -61.25
C ARG F 293 80.88 -0.60 -61.26
N ARG F 294 79.99 -0.38 -62.22
CA ARG F 294 79.24 0.88 -62.25
C ARG F 294 78.40 1.05 -60.99
N VAL F 295 77.94 -0.05 -60.40
CA VAL F 295 77.18 0.01 -59.16
C VAL F 295 78.08 0.42 -58.00
N HIS F 296 79.10 -0.38 -57.71
CA HIS F 296 79.82 -0.29 -56.45
C HIS F 296 80.97 0.72 -56.45
N GLU F 297 81.47 1.13 -57.60
CA GLU F 297 82.64 2.02 -57.67
C GLU F 297 82.34 3.22 -58.56
N PRO F 298 81.38 4.05 -58.18
CA PRO F 298 81.12 5.28 -58.94
C PRO F 298 82.16 6.35 -58.64
N HIS F 299 82.31 7.27 -59.59
CA HIS F 299 83.27 8.36 -59.42
C HIS F 299 82.71 9.50 -58.59
N GLU F 300 81.37 9.67 -58.57
CA GLU F 300 80.77 10.80 -57.87
C GLU F 300 79.39 10.37 -57.38
N THR F 301 78.65 11.33 -56.83
CA THR F 301 77.34 11.06 -56.23
C THR F 301 76.45 12.28 -56.44
N VAL F 302 75.15 12.04 -56.53
CA VAL F 302 74.17 13.11 -56.70
C VAL F 302 72.87 12.70 -56.03
N ARG F 303 72.16 13.68 -55.47
CA ARG F 303 70.92 13.47 -54.76
C ARG F 303 69.75 13.96 -55.61
N ILE F 304 68.73 13.12 -55.73
CA ILE F 304 67.53 13.43 -56.52
C ILE F 304 66.31 13.28 -55.63
N ALA F 305 65.43 14.28 -55.64
CA ALA F 305 64.17 14.20 -54.93
C ALA F 305 63.13 13.48 -55.77
N LEU F 306 62.42 12.54 -55.15
CA LEU F 306 61.26 11.88 -55.75
C LEU F 306 60.03 12.41 -55.02
N VAL F 307 59.17 13.11 -55.74
CA VAL F 307 58.02 13.80 -55.14
C VAL F 307 56.75 13.06 -55.54
N GLY F 308 56.01 12.57 -54.55
CA GLY F 308 54.79 11.85 -54.82
C GLY F 308 54.00 11.64 -53.55
N LYS F 309 52.81 11.04 -53.71
CA LYS F 309 51.97 10.70 -52.57
C LYS F 309 52.33 9.34 -51.99
N TYR F 310 52.58 8.35 -52.84
CA TYR F 310 52.91 7.01 -52.36
C TYR F 310 54.29 6.93 -51.74
N VAL F 311 55.05 8.02 -51.70
CA VAL F 311 56.42 7.99 -51.21
C VAL F 311 56.51 7.62 -49.74
N GLU F 312 55.38 7.49 -49.04
CA GLU F 312 55.40 7.16 -47.63
C GLU F 312 55.80 5.70 -47.42
N LEU F 313 57.09 5.40 -47.64
CA LEU F 313 57.65 4.07 -47.39
C LEU F 313 56.91 3.00 -48.19
N SER F 314 56.95 3.16 -49.51
CA SER F 314 56.37 2.16 -50.41
C SER F 314 57.17 2.14 -51.70
N ASP F 315 57.21 0.96 -52.33
CA ASP F 315 57.86 0.79 -53.63
C ASP F 315 56.90 1.07 -54.78
N ALA F 316 56.18 2.20 -54.72
CA ALA F 316 55.24 2.55 -55.77
C ALA F 316 55.92 3.11 -57.00
N TYR F 317 57.22 3.39 -56.94
CA TYR F 317 57.94 4.06 -58.00
C TYR F 317 59.15 3.25 -58.44
N LEU F 318 59.08 1.92 -58.33
CA LEU F 318 60.26 1.09 -58.47
C LEU F 318 60.91 1.27 -59.83
N SER F 319 60.12 1.29 -60.90
CA SER F 319 60.69 1.43 -62.23
C SER F 319 61.40 2.76 -62.38
N VAL F 320 60.82 3.84 -61.84
CA VAL F 320 61.46 5.14 -61.91
C VAL F 320 62.79 5.13 -61.16
N ALA F 321 62.79 4.55 -59.96
CA ALA F 321 64.03 4.50 -59.18
C ALA F 321 65.10 3.70 -59.90
N GLU F 322 64.72 2.59 -60.53
CA GLU F 322 65.69 1.78 -61.26
C GLU F 322 66.20 2.50 -62.50
N ALA F 323 65.32 3.21 -63.22
CA ALA F 323 65.79 3.98 -64.36
C ALA F 323 66.73 5.10 -63.91
N LEU F 324 66.44 5.70 -62.75
CA LEU F 324 67.36 6.68 -62.17
C LEU F 324 68.73 6.06 -61.90
N ARG F 325 68.74 4.88 -61.29
CA ARG F 325 70.01 4.24 -60.99
C ARG F 325 70.75 3.86 -62.27
N ALA F 326 70.03 3.43 -63.30
CA ALA F 326 70.67 3.14 -64.57
C ALA F 326 71.27 4.41 -65.18
N GLY F 327 70.55 5.53 -65.09
CA GLY F 327 71.12 6.79 -65.53
C GLY F 327 72.40 7.12 -64.79
N GLY F 328 72.40 6.94 -63.46
CA GLY F 328 73.63 7.12 -62.71
C GLY F 328 74.74 6.21 -63.20
N PHE F 329 74.40 4.96 -63.51
CA PHE F 329 75.41 4.01 -63.99
C PHE F 329 76.01 4.45 -65.31
N LYS F 330 75.20 5.07 -66.18
CA LYS F 330 75.76 5.53 -67.45
C LYS F 330 76.83 6.58 -67.23
N HIS F 331 76.67 7.43 -66.23
CA HIS F 331 77.67 8.45 -65.89
C HIS F 331 78.63 7.99 -64.80
N ARG F 332 78.48 6.76 -64.31
CA ARG F 332 79.27 6.28 -63.17
C ARG F 332 79.13 7.21 -61.97
N ALA F 333 77.92 7.65 -61.71
CA ALA F 333 77.59 8.40 -60.50
C ALA F 333 76.60 7.60 -59.66
N LYS F 334 76.81 7.61 -58.35
CA LYS F 334 75.79 7.11 -57.43
C LYS F 334 74.67 8.13 -57.33
N VAL F 335 73.44 7.68 -57.54
CA VAL F 335 72.26 8.52 -57.37
C VAL F 335 71.61 8.14 -56.05
N GLU F 336 71.50 9.10 -55.14
CA GLU F 336 70.80 8.92 -53.88
C GLU F 336 69.44 9.58 -53.97
N ILE F 337 68.40 8.86 -53.58
CA ILE F 337 67.03 9.31 -53.75
C ILE F 337 66.51 9.82 -52.41
N CYS F 338 66.03 11.06 -52.40
CA CYS F 338 65.39 11.65 -51.23
C CYS F 338 63.88 11.58 -51.46
N TRP F 339 63.20 10.80 -50.63
CA TRP F 339 61.76 10.59 -50.79
C TRP F 339 61.02 11.75 -50.14
N VAL F 340 60.37 12.57 -50.97
CA VAL F 340 59.76 13.82 -50.55
C VAL F 340 58.25 13.71 -50.73
N ALA F 341 57.52 14.01 -49.67
CA ALA F 341 56.07 14.04 -49.75
C ALA F 341 55.61 15.25 -50.56
N SER F 342 54.61 15.03 -51.42
CA SER F 342 54.09 16.13 -52.24
C SER F 342 53.48 17.22 -51.37
N ASP F 343 52.78 16.83 -50.30
CA ASP F 343 51.98 17.79 -49.54
C ASP F 343 52.82 18.73 -48.69
N GLY F 344 54.08 18.39 -48.41
CA GLY F 344 54.97 19.34 -47.77
C GLY F 344 55.48 20.43 -48.68
N CYS F 345 55.26 20.30 -49.99
CA CYS F 345 55.73 21.27 -50.97
C CYS F 345 54.63 22.21 -51.45
N GLU F 346 53.42 22.13 -50.86
CA GLU F 346 52.35 23.02 -51.28
C GLU F 346 52.67 24.46 -50.92
N THR F 347 53.23 24.70 -49.73
CA THR F 347 53.70 26.02 -49.35
C THR F 347 55.13 26.22 -49.83
N THR F 348 55.44 27.46 -50.21
CA THR F 348 56.78 27.74 -50.73
C THR F 348 57.84 27.49 -49.66
N SER F 349 57.55 27.84 -48.41
CA SER F 349 58.49 27.55 -47.34
C SER F 349 58.66 26.05 -47.14
N GLY F 350 57.56 25.30 -47.18
CA GLY F 350 57.66 23.86 -47.05
C GLY F 350 58.43 23.23 -48.20
N ALA F 351 58.17 23.70 -49.43
CA ALA F 351 58.91 23.21 -50.59
C ALA F 351 60.40 23.51 -50.43
N ALA F 352 60.73 24.72 -49.98
CA ALA F 352 62.13 25.07 -49.77
C ALA F 352 62.77 24.18 -48.71
N ALA F 353 62.06 23.93 -47.62
CA ALA F 353 62.59 23.07 -46.57
C ALA F 353 62.82 21.65 -47.07
N ALA F 354 61.90 21.14 -47.88
CA ALA F 354 62.04 19.77 -48.38
C ALA F 354 63.17 19.66 -49.41
N LEU F 355 63.19 20.55 -50.40
CA LEU F 355 64.00 20.36 -51.59
C LEU F 355 65.35 21.05 -51.55
N GLY F 356 65.55 22.01 -50.65
CA GLY F 356 66.70 22.89 -50.75
C GLY F 356 68.04 22.17 -50.78
N ASP F 357 68.11 20.96 -50.24
CA ASP F 357 69.37 20.24 -50.16
C ASP F 357 69.62 19.31 -51.35
N VAL F 358 68.62 19.06 -52.18
CA VAL F 358 68.74 18.09 -53.28
C VAL F 358 69.37 18.75 -54.51
N HIS F 359 69.73 17.92 -55.49
CA HIS F 359 70.29 18.39 -56.74
C HIS F 359 69.37 18.17 -57.93
N GLY F 360 68.20 17.60 -57.72
CA GLY F 360 67.23 17.42 -58.79
C GLY F 360 65.94 16.86 -58.24
N VAL F 361 64.87 17.05 -59.01
CA VAL F 361 63.53 16.67 -58.61
C VAL F 361 62.88 15.87 -59.74
N LEU F 362 62.15 14.82 -59.37
CA LEU F 362 61.44 13.98 -60.32
C LEU F 362 59.97 13.92 -59.91
N ILE F 363 59.09 14.18 -60.87
CA ILE F 363 57.65 14.14 -60.64
C ILE F 363 57.07 12.95 -61.42
N PRO F 364 56.87 11.81 -60.78
CA PRO F 364 56.34 10.64 -61.51
C PRO F 364 54.83 10.70 -61.67
N GLY F 365 54.35 9.85 -62.57
CA GLY F 365 52.92 9.75 -62.83
C GLY F 365 52.19 8.93 -61.78
N GLY F 366 50.87 8.90 -61.93
CA GLY F 366 50.03 8.14 -61.02
C GLY F 366 48.58 8.26 -61.43
N PHE F 367 47.74 7.51 -60.72
CA PHE F 367 46.30 7.51 -60.94
C PHE F 367 45.60 7.50 -59.60
N GLY F 368 44.37 8.03 -59.57
CA GLY F 368 43.72 8.29 -58.31
C GLY F 368 44.45 9.28 -57.45
N ILE F 369 45.35 10.06 -58.06
CA ILE F 369 46.21 10.96 -57.31
C ILE F 369 45.44 12.23 -56.96
N ARG F 370 45.90 12.91 -55.92
CA ARG F 370 45.31 14.17 -55.49
C ARG F 370 46.39 15.06 -54.91
N GLY F 371 46.08 16.35 -54.81
CA GLY F 371 46.98 17.29 -54.19
C GLY F 371 48.11 17.78 -55.07
N ILE F 372 47.90 17.80 -56.39
CA ILE F 372 48.95 18.23 -57.30
C ILE F 372 49.33 19.68 -57.08
N GLU F 373 48.57 20.42 -56.27
CA GLU F 373 49.01 21.75 -55.87
C GLU F 373 50.41 21.69 -55.26
N GLY F 374 50.68 20.66 -54.45
CA GLY F 374 52.02 20.50 -53.91
C GLY F 374 53.05 20.21 -54.98
N LYS F 375 52.70 19.37 -55.95
CA LYS F 375 53.63 19.07 -57.03
C LYS F 375 53.99 20.33 -57.80
N ILE F 376 52.96 21.09 -58.22
CA ILE F 376 53.20 22.34 -58.96
C ILE F 376 53.97 23.32 -58.09
N GLY F 377 53.71 23.33 -56.79
CA GLY F 377 54.48 24.19 -55.90
C GLY F 377 55.96 23.82 -55.90
N ALA F 378 56.25 22.52 -55.89
CA ALA F 378 57.63 22.08 -56.03
C ALA F 378 58.22 22.51 -57.37
N ILE F 379 57.44 22.47 -58.44
CA ILE F 379 57.94 22.94 -59.73
C ILE F 379 58.29 24.41 -59.66
N ALA F 380 57.38 25.22 -59.10
CA ALA F 380 57.62 26.66 -59.00
C ALA F 380 58.89 26.93 -58.21
N TYR F 381 59.03 26.29 -57.05
CA TYR F 381 60.23 26.50 -56.24
C TYR F 381 61.47 26.05 -57.00
N ALA F 382 61.42 24.88 -57.63
CA ALA F 382 62.61 24.35 -58.30
C ALA F 382 63.04 25.26 -59.45
N ARG F 383 62.08 25.75 -60.23
CA ARG F 383 62.43 26.66 -61.31
C ARG F 383 63.08 27.93 -60.78
N ALA F 384 62.55 28.48 -59.69
CA ALA F 384 63.19 29.66 -59.12
C ALA F 384 64.60 29.33 -58.61
N ARG F 385 64.77 28.16 -57.98
CA ARG F 385 66.05 27.78 -57.40
C ARG F 385 67.05 27.31 -58.44
N GLY F 386 66.59 26.88 -59.62
CA GLY F 386 67.48 26.41 -60.66
C GLY F 386 67.74 24.92 -60.67
N LEU F 387 67.02 24.14 -59.86
CA LEU F 387 67.22 22.70 -59.86
C LEU F 387 66.64 22.09 -61.14
N PRO F 388 67.29 21.07 -61.70
CA PRO F 388 66.70 20.38 -62.85
C PRO F 388 65.50 19.54 -62.42
N VAL F 389 64.53 19.43 -63.33
CA VAL F 389 63.28 18.74 -63.07
C VAL F 389 62.95 17.83 -64.25
N LEU F 390 62.52 16.61 -63.94
CA LEU F 390 61.97 15.69 -64.93
C LEU F 390 60.56 15.32 -64.50
N GLY F 391 59.60 15.55 -65.39
CA GLY F 391 58.21 15.27 -65.10
C GLY F 391 57.63 14.21 -66.01
N LEU F 392 57.16 13.12 -65.43
CA LEU F 392 56.69 11.96 -66.18
C LEU F 392 55.18 11.91 -66.12
N CYS F 393 54.53 11.91 -67.30
CA CYS F 393 53.08 11.87 -67.38
C CYS F 393 52.46 13.01 -66.58
N LEU F 394 51.98 12.71 -65.37
CA LEU F 394 51.48 13.76 -64.50
C LEU F 394 52.54 14.82 -64.23
N GLY F 395 53.82 14.44 -64.26
CA GLY F 395 54.86 15.45 -64.14
C GLY F 395 54.81 16.46 -65.28
N LEU F 396 54.61 15.98 -66.50
CA LEU F 396 54.41 16.87 -67.63
C LEU F 396 53.16 17.72 -67.44
N GLN F 397 52.08 17.11 -66.95
CA GLN F 397 50.85 17.87 -66.76
C GLN F 397 51.05 18.99 -65.73
N CYS F 398 51.76 18.70 -64.65
CA CYS F 398 52.07 19.73 -63.67
C CYS F 398 52.98 20.80 -64.26
N ILE F 399 53.93 20.41 -65.11
CA ILE F 399 54.79 21.41 -65.76
C ILE F 399 53.93 22.35 -66.61
N VAL F 400 53.00 21.79 -67.38
CA VAL F 400 52.16 22.61 -68.23
C VAL F 400 51.24 23.50 -67.40
N ILE F 401 50.76 23.00 -66.25
CA ILE F 401 49.94 23.83 -65.38
C ILE F 401 50.76 24.96 -64.77
N GLU F 402 52.01 24.66 -64.42
CA GLU F 402 52.91 25.70 -63.92
C GLU F 402 53.11 26.79 -64.98
N ALA F 403 53.33 26.38 -66.22
CA ALA F 403 53.47 27.36 -67.30
C ALA F 403 52.18 28.16 -67.49
N ALA F 404 51.03 27.49 -67.38
CA ALA F 404 49.76 28.20 -67.45
C ALA F 404 49.68 29.27 -66.38
N ARG F 405 50.06 28.92 -65.15
CA ARG F 405 50.07 29.88 -64.05
C ARG F 405 51.25 30.85 -64.14
N SER F 406 52.10 30.72 -65.16
CA SER F 406 53.20 31.66 -65.37
C SER F 406 52.87 32.77 -66.36
N VAL F 407 51.78 32.66 -67.11
CA VAL F 407 51.50 33.58 -68.22
C VAL F 407 50.19 34.32 -68.08
N GLY F 408 49.36 34.01 -67.07
CA GLY F 408 48.08 34.67 -66.93
C GLY F 408 46.98 33.74 -66.45
N LEU F 409 47.23 32.44 -66.50
CA LEU F 409 46.18 31.45 -66.28
C LEU F 409 46.20 30.95 -64.85
N THR F 410 46.00 31.87 -63.90
CA THR F 410 46.22 31.55 -62.49
C THR F 410 45.27 30.48 -61.98
N ASN F 411 44.03 30.44 -62.49
CA ASN F 411 43.06 29.44 -62.09
C ASN F 411 43.07 28.21 -62.99
N ALA F 412 44.05 28.11 -63.88
CA ALA F 412 44.12 26.97 -64.80
C ALA F 412 44.39 25.68 -64.04
N ASN F 413 43.89 24.57 -64.58
CA ASN F 413 44.07 23.26 -63.98
C ASN F 413 43.72 22.21 -65.02
N SER F 414 43.81 20.95 -64.61
CA SER F 414 43.24 19.86 -65.39
C SER F 414 41.77 19.73 -65.07
N ALA F 415 40.98 19.35 -66.08
CA ALA F 415 39.58 19.01 -65.84
C ALA F 415 39.46 17.84 -64.87
N GLU F 416 40.53 17.05 -64.72
CA GLU F 416 40.53 15.98 -63.72
C GLU F 416 40.55 16.55 -62.30
N PHE F 417 41.30 17.64 -62.09
CA PHE F 417 41.56 18.14 -60.75
C PHE F 417 40.74 19.37 -60.38
N ASP F 418 40.16 20.07 -61.35
CA ASP F 418 39.13 21.07 -61.09
C ASP F 418 38.15 21.04 -62.25
N PRO F 419 37.11 20.20 -62.17
CA PRO F 419 36.15 20.12 -63.28
C PRO F 419 35.46 21.44 -63.57
N ASP F 420 35.49 22.40 -62.65
CA ASP F 420 34.88 23.70 -62.83
C ASP F 420 35.89 24.80 -63.18
N THR F 421 37.13 24.43 -63.49
CA THR F 421 38.14 25.42 -63.80
C THR F 421 37.72 26.24 -65.02
N PRO F 422 37.92 27.56 -65.00
CA PRO F 422 37.63 28.36 -66.21
C PRO F 422 38.67 28.19 -67.30
N ASP F 423 39.84 27.61 -67.00
CA ASP F 423 40.92 27.41 -67.97
C ASP F 423 41.40 25.97 -67.90
N PRO F 424 40.65 25.04 -68.51
CA PRO F 424 41.09 23.64 -68.55
C PRO F 424 42.20 23.41 -69.58
N VAL F 425 43.42 23.83 -69.20
CA VAL F 425 44.56 23.67 -70.09
C VAL F 425 44.89 22.21 -70.33
N ILE F 426 44.53 21.32 -69.40
CA ILE F 426 44.57 19.89 -69.60
C ILE F 426 43.13 19.39 -69.63
N ALA F 427 42.78 18.66 -70.69
CA ALA F 427 41.39 18.28 -70.91
C ALA F 427 41.34 16.98 -71.71
N THR F 428 40.18 16.34 -71.67
CA THR F 428 39.95 15.16 -72.50
C THR F 428 39.82 15.59 -73.97
N MET F 429 40.67 15.03 -74.81
CA MET F 429 40.72 15.43 -76.22
C MET F 429 39.44 15.06 -76.94
N GLY F 443 35.07 9.73 -71.37
CA GLY F 443 36.38 9.82 -70.75
C GLY F 443 37.51 9.88 -71.76
N GLY F 444 37.17 9.88 -73.04
CA GLY F 444 38.17 9.92 -74.09
C GLY F 444 38.88 8.60 -74.26
N THR F 445 39.73 8.50 -75.28
CA THR F 445 40.47 7.27 -75.56
C THR F 445 41.65 7.17 -74.61
N MET F 446 41.70 6.09 -73.84
CA MET F 446 42.88 5.77 -73.04
C MET F 446 43.98 5.27 -73.97
N ARG F 447 45.04 6.06 -74.12
CA ARG F 447 46.20 5.64 -74.90
C ARG F 447 47.01 4.66 -74.06
N LEU F 448 47.20 3.45 -74.59
CA LEU F 448 47.97 2.42 -73.91
C LEU F 448 48.97 1.81 -74.88
N GLY F 449 50.19 1.58 -74.39
CA GLY F 449 51.20 0.90 -75.18
C GLY F 449 52.04 1.85 -76.02
N SER F 450 52.70 1.26 -77.01
CA SER F 450 53.65 1.99 -77.84
C SER F 450 52.94 2.87 -78.86
N TYR F 451 53.39 4.12 -78.96
CA TYR F 451 52.98 5.03 -80.02
C TYR F 451 54.20 5.72 -80.59
N PRO F 452 54.21 6.04 -81.87
CA PRO F 452 55.33 6.80 -82.45
C PRO F 452 55.18 8.29 -82.17
N ALA F 453 56.33 8.97 -82.12
CA ALA F 453 56.36 10.41 -81.92
C ALA F 453 57.50 11.01 -82.75
N VAL F 454 57.34 12.29 -83.07
CA VAL F 454 58.34 13.06 -83.81
C VAL F 454 58.86 14.16 -82.91
N LEU F 455 60.15 14.44 -83.01
CA LEU F 455 60.82 15.38 -82.12
C LEU F 455 61.33 16.59 -82.90
N GLU F 456 61.33 17.73 -82.23
CA GLU F 456 61.91 18.93 -82.81
C GLU F 456 63.40 18.71 -83.05
N PRO F 457 63.92 19.02 -84.23
CA PRO F 457 65.36 18.85 -84.48
C PRO F 457 66.17 19.75 -83.56
N ASP F 458 67.22 19.17 -82.97
CA ASP F 458 68.10 19.85 -82.03
C ASP F 458 67.36 20.35 -80.78
N SER F 459 66.19 19.80 -80.51
CA SER F 459 65.59 19.98 -79.20
C SER F 459 66.45 19.29 -78.14
N VAL F 460 66.29 19.72 -76.89
CA VAL F 460 66.99 19.05 -75.80
C VAL F 460 66.61 17.57 -75.78
N VAL F 461 65.34 17.27 -76.04
CA VAL F 461 64.93 15.87 -76.17
C VAL F 461 65.64 15.21 -77.34
N ALA F 462 65.70 15.90 -78.49
CA ALA F 462 66.39 15.34 -79.64
C ALA F 462 67.89 15.26 -79.39
N GLN F 463 68.46 16.23 -78.68
CA GLN F 463 69.87 16.15 -78.33
C GLN F 463 70.15 14.96 -77.43
N ALA F 464 69.22 14.62 -76.55
CA ALA F 464 69.37 13.44 -75.69
C ALA F 464 69.25 12.16 -76.52
N TYR F 465 68.10 11.98 -77.19
CA TYR F 465 67.87 10.77 -77.97
C TYR F 465 68.78 10.69 -79.19
N GLN F 466 69.28 11.82 -79.69
CA GLN F 466 70.07 11.85 -80.92
C GLN F 466 69.30 11.24 -82.09
N THR F 467 68.00 11.55 -82.15
CA THR F 467 67.18 11.12 -83.27
C THR F 467 65.92 11.97 -83.30
N THR F 468 65.27 11.98 -84.47
CA THR F 468 64.01 12.68 -84.64
C THR F 468 62.80 11.78 -84.47
N GLN F 469 62.98 10.47 -84.36
CA GLN F 469 61.88 9.53 -84.23
C GLN F 469 62.12 8.56 -83.08
N VAL F 470 61.08 8.36 -82.27
CA VAL F 470 61.15 7.50 -81.10
C VAL F 470 59.80 6.80 -80.94
N SER F 471 59.76 5.78 -80.08
CA SER F 471 58.52 5.17 -79.65
C SER F 471 58.58 4.93 -78.15
N GLU F 472 57.46 5.18 -77.47
CA GLU F 472 57.41 5.11 -76.02
C GLU F 472 56.09 4.50 -75.59
N ARG F 473 56.10 3.91 -74.39
CA ARG F 473 54.93 3.30 -73.80
C ARG F 473 54.09 4.36 -73.08
N HIS F 474 52.79 4.38 -73.37
CA HIS F 474 51.89 5.40 -72.86
C HIS F 474 50.83 4.77 -71.97
N ARG F 475 50.42 5.52 -70.94
CA ARG F 475 49.27 5.14 -70.14
C ARG F 475 48.61 6.39 -69.56
N HIS F 476 47.65 6.96 -70.28
CA HIS F 476 46.97 8.16 -69.84
C HIS F 476 45.81 8.45 -70.78
N ARG F 477 44.88 9.29 -70.32
CA ARG F 477 43.72 9.66 -71.11
C ARG F 477 43.49 11.17 -71.21
N TYR F 478 44.09 11.98 -70.34
CA TYR F 478 44.03 13.43 -70.47
C TYR F 478 45.20 13.92 -71.32
N GLU F 479 44.98 15.03 -72.02
CA GLU F 479 45.96 15.58 -72.93
C GLU F 479 46.05 17.09 -72.77
N VAL F 480 47.12 17.66 -73.32
CA VAL F 480 47.25 19.11 -73.40
C VAL F 480 46.17 19.64 -74.33
N ASN F 481 45.42 20.63 -73.86
CA ASN F 481 44.35 21.22 -74.66
C ASN F 481 44.98 22.08 -75.75
N ASN F 482 44.75 21.69 -77.02
CA ASN F 482 45.38 22.39 -78.13
C ASN F 482 44.97 23.85 -78.22
N ALA F 483 43.89 24.24 -77.55
CA ALA F 483 43.44 25.63 -77.58
C ALA F 483 44.42 26.58 -76.89
N TYR F 484 45.32 26.06 -76.06
CA TYR F 484 46.19 26.89 -75.22
C TYR F 484 47.65 26.85 -75.62
N ARG F 485 48.00 26.21 -76.74
CA ARG F 485 49.40 26.14 -77.14
C ARG F 485 50.01 27.53 -77.30
N ASP F 486 49.35 28.38 -78.11
CA ASP F 486 49.91 29.70 -78.38
C ASP F 486 49.93 30.58 -77.14
N LYS F 487 48.98 30.38 -76.23
CA LYS F 487 48.98 31.16 -74.99
C LYS F 487 50.14 30.76 -74.10
N ILE F 488 50.32 29.45 -73.89
CA ILE F 488 51.34 28.99 -72.94
C ILE F 488 52.74 29.05 -73.54
N ALA F 489 52.86 29.09 -74.87
CA ALA F 489 54.18 29.26 -75.48
C ALA F 489 54.84 30.56 -75.02
N GLU F 490 54.05 31.56 -74.64
CA GLU F 490 54.60 32.79 -74.12
C GLU F 490 55.34 32.57 -72.80
N SER F 491 55.12 31.43 -72.14
CA SER F 491 55.96 31.07 -71.00
C SER F 491 57.40 30.78 -71.42
N GLY F 492 57.63 30.51 -72.70
CA GLY F 492 58.90 30.02 -73.18
C GLY F 492 58.92 28.52 -73.44
N LEU F 493 57.85 27.82 -73.06
CA LEU F 493 57.79 26.38 -73.26
C LEU F 493 57.69 26.03 -74.74
N ARG F 494 58.46 25.03 -75.15
CA ARG F 494 58.42 24.53 -76.52
C ARG F 494 57.75 23.16 -76.55
N PHE F 495 56.83 22.97 -77.49
CA PHE F 495 56.26 21.65 -77.76
C PHE F 495 57.23 20.89 -78.68
N SER F 496 58.39 20.57 -78.11
CA SER F 496 59.52 20.06 -78.87
C SER F 496 59.32 18.63 -79.37
N GLY F 497 58.21 17.98 -79.03
CA GLY F 497 57.91 16.67 -79.59
C GLY F 497 56.43 16.42 -79.63
N THR F 498 55.98 15.75 -80.68
CA THR F 498 54.55 15.58 -80.93
C THR F 498 54.29 14.22 -81.55
N SER F 499 53.01 13.89 -81.69
CA SER F 499 52.56 12.78 -82.51
C SER F 499 52.94 13.06 -83.95
N PRO F 500 53.04 12.03 -84.81
CA PRO F 500 53.47 12.29 -86.19
C PRO F 500 52.60 13.29 -86.93
N ASP F 501 51.29 13.31 -86.66
CA ASP F 501 50.41 14.32 -87.22
C ASP F 501 50.49 15.65 -86.48
N GLY F 502 51.25 15.71 -85.38
CA GLY F 502 51.35 16.91 -84.59
C GLY F 502 50.15 17.21 -83.72
N HIS F 503 49.13 16.34 -83.75
CA HIS F 503 47.89 16.65 -83.03
C HIS F 503 48.09 16.61 -81.52
N LEU F 504 48.94 15.71 -81.03
CA LEU F 504 49.12 15.50 -79.60
C LEU F 504 50.51 15.94 -79.17
N VAL F 505 50.57 16.70 -78.07
CA VAL F 505 51.84 17.05 -77.46
C VAL F 505 52.37 15.85 -76.69
N GLU F 506 53.62 15.47 -76.97
CA GLU F 506 54.25 14.34 -76.31
C GLU F 506 55.41 14.72 -75.41
N PHE F 507 56.10 15.83 -75.69
CA PHE F 507 57.21 16.28 -74.88
C PHE F 507 57.18 17.80 -74.78
N VAL F 508 57.66 18.32 -73.65
CA VAL F 508 57.81 19.74 -73.43
C VAL F 508 59.16 20.01 -72.77
N GLU F 509 59.73 21.18 -73.07
CA GLU F 509 61.00 21.57 -72.49
C GLU F 509 61.12 23.08 -72.52
N TYR F 510 62.00 23.61 -71.64
CA TYR F 510 62.44 24.99 -71.73
C TYR F 510 63.75 25.06 -72.51
N PRO F 511 64.01 26.15 -73.22
CA PRO F 511 65.31 26.29 -73.87
C PRO F 511 66.42 26.28 -72.84
N PRO F 512 67.60 25.77 -73.20
CA PRO F 512 68.67 25.64 -72.20
C PRO F 512 69.01 26.94 -71.51
N ASP F 513 68.89 28.08 -72.19
CA ASP F 513 69.21 29.36 -71.56
C ASP F 513 68.11 29.84 -70.62
N ARG F 514 66.89 29.30 -70.72
CA ARG F 514 65.87 29.60 -69.72
C ARG F 514 66.09 28.78 -68.46
N HIS F 515 66.25 27.46 -68.61
CA HIS F 515 66.66 26.59 -67.53
C HIS F 515 67.54 25.49 -68.14
N PRO F 516 68.63 25.09 -67.46
CA PRO F 516 69.54 24.13 -68.08
C PRO F 516 68.90 22.81 -68.46
N PHE F 517 67.96 22.29 -67.65
CA PHE F 517 67.24 21.09 -68.04
C PHE F 517 65.94 21.03 -67.23
N VAL F 518 64.81 21.19 -67.92
CA VAL F 518 63.50 20.94 -67.35
C VAL F 518 62.67 20.32 -68.46
N VAL F 519 62.38 19.02 -68.36
CA VAL F 519 61.73 18.27 -69.43
C VAL F 519 60.61 17.44 -68.84
N GLY F 520 59.56 17.27 -69.63
CA GLY F 520 58.48 16.36 -69.27
C GLY F 520 58.04 15.55 -70.47
N THR F 521 57.58 14.33 -70.20
CA THR F 521 57.02 13.47 -71.22
C THR F 521 55.77 12.78 -70.68
N GLN F 522 54.79 12.58 -71.57
CA GLN F 522 53.58 11.87 -71.20
C GLN F 522 53.82 10.38 -71.03
N ALA F 523 54.88 9.84 -71.60
CA ALA F 523 55.13 8.40 -71.59
C ALA F 523 55.89 7.99 -70.34
N HIS F 524 56.05 6.67 -70.19
CA HIS F 524 56.81 6.09 -69.08
C HIS F 524 58.10 5.49 -69.60
N PRO F 525 59.11 6.32 -69.89
CA PRO F 525 60.37 5.77 -70.42
C PRO F 525 61.06 4.81 -69.46
N GLU F 526 60.71 4.86 -68.17
CA GLU F 526 61.32 3.94 -67.22
C GLU F 526 60.96 2.48 -67.51
N LEU F 527 59.95 2.25 -68.34
CA LEU F 527 59.57 0.89 -68.71
C LEU F 527 60.30 0.37 -69.93
N LYS F 528 61.09 1.21 -70.59
CA LYS F 528 62.00 0.76 -71.64
C LYS F 528 63.45 0.73 -71.19
N SER F 529 63.76 1.30 -70.04
CA SER F 529 65.10 1.25 -69.50
C SER F 529 65.46 -0.17 -69.07
N ARG F 530 66.74 -0.50 -69.19
CA ARG F 530 67.32 -1.69 -68.58
C ARG F 530 68.65 -1.29 -67.97
N PRO F 531 69.09 -1.99 -66.91
CA PRO F 531 70.34 -1.60 -66.28
C PRO F 531 71.54 -1.68 -67.21
N THR F 532 71.49 -2.54 -68.22
CA THR F 532 72.54 -2.66 -69.21
C THR F 532 72.22 -1.91 -70.50
N ARG F 533 71.18 -1.08 -70.49
CA ARG F 533 70.79 -0.30 -71.65
C ARG F 533 70.04 0.94 -71.18
N PRO F 534 70.71 1.85 -70.49
CA PRO F 534 69.99 2.96 -69.85
C PRO F 534 69.23 3.79 -70.86
N HIS F 535 68.15 4.39 -70.39
CA HIS F 535 67.29 5.20 -71.26
C HIS F 535 67.89 6.59 -71.46
N PRO F 536 67.82 7.15 -72.67
CA PRO F 536 68.46 8.44 -72.92
C PRO F 536 68.06 9.56 -71.99
N LEU F 537 66.78 9.67 -71.65
CA LEU F 537 66.32 10.79 -70.85
C LEU F 537 66.90 10.78 -69.44
N PHE F 538 67.04 9.60 -68.84
CA PHE F 538 67.62 9.56 -67.50
C PHE F 538 69.12 9.83 -67.54
N VAL F 539 69.81 9.37 -68.58
CA VAL F 539 71.20 9.76 -68.76
C VAL F 539 71.31 11.27 -68.83
N ALA F 540 70.44 11.90 -69.62
CA ALA F 540 70.45 13.35 -69.76
C ALA F 540 70.16 14.04 -68.43
N PHE F 541 69.12 13.59 -67.73
CA PHE F 541 68.72 14.23 -66.48
C PHE F 541 69.81 14.11 -65.42
N VAL F 542 70.42 12.92 -65.31
CA VAL F 542 71.49 12.75 -64.34
C VAL F 542 72.71 13.57 -64.74
N GLY F 543 73.00 13.70 -66.04
CA GLY F 543 74.08 14.56 -66.47
C GLY F 543 73.83 16.02 -66.09
N ALA F 544 72.59 16.47 -66.28
CA ALA F 544 72.24 17.84 -65.89
C ALA F 544 72.37 18.04 -64.39
N ALA F 545 71.93 17.06 -63.61
CA ALA F 545 72.06 17.16 -62.15
C ALA F 545 73.53 17.19 -61.74
N ILE F 546 74.36 16.37 -62.38
CA ILE F 546 75.80 16.39 -62.11
C ILE F 546 76.38 17.75 -62.45
N ASP F 547 75.98 18.32 -63.59
CA ASP F 547 76.48 19.63 -63.97
C ASP F 547 76.05 20.69 -62.98
N TYR F 548 74.82 20.60 -62.47
CA TYR F 548 74.38 21.52 -61.43
C TYR F 548 75.24 21.38 -60.18
N LYS F 549 75.41 20.16 -59.70
CA LYS F 549 76.20 19.95 -58.49
C LYS F 549 77.62 20.49 -58.66
N ALA F 550 78.22 20.25 -59.83
CA ALA F 550 79.58 20.71 -60.07
C ALA F 550 79.64 22.23 -60.16
N GLY F 551 78.64 22.85 -60.80
CA GLY F 551 78.65 24.29 -60.96
C GLY F 551 78.17 25.06 -59.75
N GLU F 552 77.30 24.44 -58.95
CA GLU F 552 76.73 25.12 -57.79
C GLU F 552 77.80 25.39 -56.74
N MET G 1 -1.41 -17.81 -28.76
CA MET G 1 -2.45 -17.45 -29.76
C MET G 1 -1.83 -17.23 -31.12
N ARG G 2 -2.66 -17.10 -32.15
CA ARG G 2 -2.15 -17.09 -33.52
C ARG G 2 -1.21 -15.92 -33.78
N LYS G 3 -1.36 -14.83 -33.03
CA LYS G 3 -0.55 -13.64 -33.22
C LYS G 3 0.55 -13.59 -32.15
N HIS G 4 1.79 -13.42 -32.61
CA HIS G 4 2.98 -13.42 -31.76
C HIS G 4 3.79 -12.16 -31.99
N PRO G 5 4.63 -11.78 -31.02
CA PRO G 5 5.53 -10.64 -31.23
C PRO G 5 6.52 -10.89 -32.36
N GLN G 6 7.15 -9.80 -32.80
CA GLN G 6 8.17 -9.89 -33.82
C GLN G 6 9.45 -10.50 -33.26
N THR G 7 10.14 -11.28 -34.10
CA THR G 7 11.46 -11.80 -33.78
C THR G 7 12.29 -11.82 -35.06
N ALA G 8 13.61 -11.88 -34.88
CA ALA G 8 14.49 -11.85 -36.03
C ALA G 8 14.31 -13.10 -36.89
N THR G 9 14.64 -12.97 -38.17
CA THR G 9 14.50 -14.08 -39.10
C THR G 9 15.59 -15.11 -38.83
N LYS G 10 15.17 -16.36 -38.61
CA LYS G 10 16.08 -17.44 -38.27
C LYS G 10 16.59 -18.12 -39.53
N HIS G 11 17.87 -18.44 -39.54
CA HIS G 11 18.52 -19.10 -40.67
C HIS G 11 18.85 -20.54 -40.27
N LEU G 12 18.44 -21.49 -41.11
CA LEU G 12 18.70 -22.90 -40.90
C LEU G 12 19.43 -23.43 -42.12
N PHE G 13 20.69 -23.84 -41.95
CA PHE G 13 21.53 -24.31 -43.05
C PHE G 13 21.55 -25.83 -43.06
N VAL G 14 21.31 -26.41 -44.23
CA VAL G 14 21.35 -27.85 -44.42
C VAL G 14 22.55 -28.18 -45.30
N SER G 15 23.41 -29.06 -44.80
CA SER G 15 24.63 -29.45 -45.49
C SER G 15 24.73 -30.96 -45.54
N GLY G 16 25.56 -31.46 -46.43
CA GLY G 16 25.64 -32.89 -46.67
C GLY G 16 27.06 -33.42 -46.50
N GLY G 17 27.14 -34.70 -46.16
CA GLY G 17 28.42 -35.35 -45.97
C GLY G 17 28.45 -36.72 -46.62
N VAL G 18 29.66 -37.25 -46.76
CA VAL G 18 29.90 -38.58 -47.33
C VAL G 18 29.61 -38.60 -48.82
N ALA G 19 28.37 -38.26 -49.21
CA ALA G 19 27.98 -38.38 -50.61
C ALA G 19 26.82 -37.43 -50.88
N SER G 20 26.53 -37.25 -52.17
CA SER G 20 25.32 -36.60 -52.60
C SER G 20 24.19 -37.63 -52.71
N SER G 21 23.02 -37.17 -53.11
CA SER G 21 21.83 -38.01 -53.23
C SER G 21 21.46 -38.66 -51.90
N LEU G 22 21.79 -38.03 -50.78
CA LEU G 22 21.40 -38.53 -49.47
C LEU G 22 19.98 -38.14 -49.09
N GLY G 23 19.26 -37.46 -49.96
CA GLY G 23 17.96 -36.92 -49.56
C GLY G 23 18.10 -35.69 -48.71
N LYS G 24 19.18 -34.94 -48.89
CA LYS G 24 19.35 -33.69 -48.18
C LYS G 24 18.25 -32.69 -48.54
N GLY G 25 17.95 -32.57 -49.83
CA GLY G 25 16.90 -31.64 -50.24
C GLY G 25 15.53 -32.08 -49.79
N LEU G 26 15.25 -33.37 -49.85
CA LEU G 26 13.97 -33.87 -49.36
C LEU G 26 13.83 -33.68 -47.86
N THR G 27 14.90 -33.88 -47.11
CA THR G 27 14.85 -33.61 -45.67
C THR G 27 14.60 -32.14 -45.39
N ALA G 28 15.26 -31.25 -46.13
CA ALA G 28 15.01 -29.83 -45.95
C ALA G 28 13.56 -29.49 -46.28
N SER G 29 13.02 -30.06 -47.36
CA SER G 29 11.63 -29.80 -47.72
C SER G 29 10.67 -30.33 -46.67
N SER G 30 10.94 -31.51 -46.11
CA SER G 30 10.07 -32.06 -45.08
C SER G 30 10.12 -31.22 -43.82
N LEU G 31 11.30 -30.74 -43.44
CA LEU G 31 11.39 -29.85 -42.29
C LEU G 31 10.65 -28.55 -42.55
N GLY G 32 10.73 -28.04 -43.78
CA GLY G 32 9.94 -26.88 -44.13
C GLY G 32 8.45 -27.15 -44.01
N GLN G 33 8.03 -28.35 -44.41
CA GLN G 33 6.63 -28.73 -44.25
C GLN G 33 6.21 -28.70 -42.80
N LEU G 34 7.00 -29.34 -41.93
CA LEU G 34 6.64 -29.39 -40.53
C LEU G 34 6.61 -28.00 -39.91
N LEU G 35 7.60 -27.17 -40.21
CA LEU G 35 7.62 -25.83 -39.65
C LEU G 35 6.48 -24.98 -40.19
N THR G 36 6.04 -25.22 -41.43
CA THR G 36 4.87 -24.53 -41.94
C THR G 36 3.62 -24.95 -41.17
N ALA G 37 3.45 -26.26 -40.95
CA ALA G 37 2.28 -26.72 -40.22
C ALA G 37 2.26 -26.20 -38.80
N ARG G 38 3.43 -26.00 -38.19
CA ARG G 38 3.48 -25.36 -36.88
C ARG G 38 3.24 -23.87 -36.95
N GLY G 39 2.95 -23.33 -38.14
CA GLY G 39 2.48 -21.96 -38.26
C GLY G 39 3.51 -20.93 -38.64
N LEU G 40 4.73 -21.34 -38.93
CA LEU G 40 5.80 -20.40 -39.28
C LEU G 40 5.83 -20.15 -40.77
N HIS G 41 6.21 -18.93 -41.16
CA HIS G 41 6.36 -18.58 -42.57
C HIS G 41 7.75 -19.00 -43.01
N VAL G 42 7.86 -20.24 -43.50
CA VAL G 42 9.11 -20.77 -44.00
C VAL G 42 9.32 -20.32 -45.43
N THR G 43 10.54 -19.91 -45.74
CA THR G 43 11.00 -19.72 -47.11
C THR G 43 12.27 -20.53 -47.29
N MET G 44 12.59 -20.86 -48.54
CA MET G 44 13.65 -21.80 -48.83
C MET G 44 14.55 -21.28 -49.95
N GLN G 45 15.76 -21.80 -49.99
CA GLN G 45 16.80 -21.36 -50.92
C GLN G 45 17.79 -22.51 -51.11
N LYS G 46 18.41 -22.56 -52.29
CA LYS G 46 19.48 -23.51 -52.54
C LYS G 46 20.72 -22.80 -53.06
N LEU G 47 21.88 -23.28 -52.65
CA LEU G 47 23.16 -22.81 -53.14
C LEU G 47 23.83 -23.95 -53.91
N ASP G 48 24.13 -23.71 -55.19
CA ASP G 48 24.71 -24.74 -56.04
C ASP G 48 26.19 -24.47 -56.26
N PRO G 49 27.09 -25.36 -55.83
CA PRO G 49 28.53 -25.09 -56.00
C PRO G 49 29.03 -25.10 -57.43
N TYR G 50 28.28 -25.62 -58.40
CA TYR G 50 28.82 -25.71 -59.74
C TYR G 50 28.88 -24.34 -60.40
N LEU G 51 29.75 -24.22 -61.40
CA LEU G 51 30.01 -22.95 -62.07
C LEU G 51 29.03 -22.64 -63.20
N ASN G 52 28.21 -23.60 -63.62
CA ASN G 52 27.20 -23.31 -64.64
C ASN G 52 26.30 -22.18 -64.14
N VAL G 53 26.12 -21.16 -64.98
CA VAL G 53 25.29 -20.03 -64.55
C VAL G 53 23.85 -20.47 -64.36
N ASP G 54 23.44 -21.55 -65.01
CA ASP G 54 22.17 -22.21 -64.74
C ASP G 54 22.21 -23.59 -65.35
N PRO G 55 21.47 -24.55 -64.79
CA PRO G 55 21.61 -25.94 -65.25
C PRO G 55 21.04 -26.20 -66.64
N GLY G 56 20.55 -25.19 -67.35
CA GLY G 56 20.00 -25.44 -68.67
C GLY G 56 21.00 -26.06 -69.62
N THR G 57 22.29 -25.78 -69.42
CA THR G 57 23.31 -26.34 -70.29
C THR G 57 23.63 -27.79 -69.95
N MET G 58 23.16 -28.30 -68.82
CA MET G 58 23.57 -29.62 -68.38
C MET G 58 22.79 -30.72 -69.11
N ASN G 59 23.19 -31.96 -68.83
CA ASN G 59 22.57 -33.15 -69.37
C ASN G 59 21.88 -33.91 -68.26
N PRO G 60 20.63 -34.35 -68.44
CA PRO G 60 19.90 -34.99 -67.33
C PRO G 60 20.61 -36.17 -66.69
N PHE G 61 21.69 -36.70 -67.29
CA PHE G 61 22.44 -37.75 -66.60
C PHE G 61 23.27 -37.20 -65.45
N GLN G 62 23.49 -35.88 -65.40
CA GLN G 62 24.32 -35.30 -64.34
C GLN G 62 23.59 -35.26 -63.01
N HIS G 63 22.45 -34.56 -62.97
CA HIS G 63 21.75 -34.32 -61.71
C HIS G 63 20.24 -34.44 -61.86
N GLY G 64 19.75 -35.14 -62.86
CA GLY G 64 18.33 -35.23 -63.09
C GLY G 64 17.76 -34.07 -63.89
N GLU G 65 16.44 -34.00 -63.89
CA GLU G 65 15.70 -33.08 -64.74
C GLU G 65 15.90 -31.63 -64.30
N VAL G 66 15.68 -30.72 -65.25
CA VAL G 66 15.68 -29.30 -64.96
C VAL G 66 14.28 -28.85 -64.54
N PHE G 67 14.22 -27.69 -63.89
CA PHE G 67 12.98 -27.12 -63.38
C PHE G 67 12.90 -25.67 -63.84
N VAL G 68 11.68 -25.12 -63.83
CA VAL G 68 11.44 -23.78 -64.35
C VAL G 68 10.53 -23.03 -63.40
N THR G 69 10.80 -21.74 -63.22
CA THR G 69 10.06 -20.88 -62.31
C THR G 69 9.08 -20.01 -63.08
N GLU G 70 8.24 -19.30 -62.32
CA GLU G 70 7.24 -18.42 -62.95
C GLU G 70 7.85 -17.14 -63.48
N ASP G 71 8.84 -16.57 -62.79
CA ASP G 71 9.60 -15.49 -63.40
C ASP G 71 10.53 -15.99 -64.50
N GLY G 72 10.55 -17.29 -64.76
CA GLY G 72 11.22 -17.84 -65.91
C GLY G 72 12.67 -18.24 -65.72
N ALA G 73 13.16 -18.25 -64.49
CA ALA G 73 14.51 -18.76 -64.25
C ALA G 73 14.53 -20.28 -64.37
N GLU G 74 15.71 -20.80 -64.70
CA GLU G 74 15.91 -22.22 -64.87
C GLU G 74 16.82 -22.72 -63.76
N THR G 75 16.33 -23.69 -62.97
CA THR G 75 16.90 -23.96 -61.66
C THR G 75 17.06 -25.45 -61.44
N ASP G 76 17.73 -25.78 -60.33
CA ASP G 76 18.02 -27.15 -59.97
C ASP G 76 16.74 -27.91 -59.64
N LEU G 77 16.88 -29.24 -59.54
CA LEU G 77 15.76 -30.11 -59.24
C LEU G 77 15.17 -29.86 -57.86
N ASP G 78 15.99 -29.42 -56.90
CA ASP G 78 15.54 -29.31 -55.52
C ASP G 78 14.46 -28.25 -55.33
N VAL G 79 14.48 -27.20 -56.15
CA VAL G 79 13.41 -26.21 -56.08
C VAL G 79 12.08 -26.88 -56.35
N GLY G 80 12.07 -27.98 -57.10
CA GLY G 80 10.84 -28.73 -57.29
C GLY G 80 10.34 -29.39 -56.02
N HIS G 81 11.25 -29.95 -55.22
CA HIS G 81 10.84 -30.46 -53.92
C HIS G 81 10.30 -29.34 -53.05
N TYR G 82 10.94 -28.18 -53.09
CA TYR G 82 10.46 -27.06 -52.28
C TYR G 82 9.04 -26.68 -52.67
N GLU G 83 8.78 -26.57 -53.98
CA GLU G 83 7.42 -26.30 -54.44
C GLU G 83 6.46 -27.40 -54.00
N ARG G 84 6.80 -28.66 -54.28
CA ARG G 84 5.85 -29.74 -54.04
C ARG G 84 5.50 -29.89 -52.57
N PHE G 85 6.41 -29.51 -51.65
CA PHE G 85 6.12 -29.68 -50.23
C PHE G 85 5.60 -28.42 -49.56
N LEU G 86 6.03 -27.23 -49.99
CA LEU G 86 5.47 -26.00 -49.46
C LEU G 86 4.24 -25.54 -50.23
N ASP G 87 3.96 -26.12 -51.39
CA ASP G 87 2.90 -25.66 -52.27
C ASP G 87 3.00 -24.15 -52.48
N ARG G 88 4.11 -23.74 -53.07
CA ARG G 88 4.38 -22.33 -53.32
C ARG G 88 5.08 -22.18 -54.66
N ASN G 89 5.05 -20.97 -55.19
CA ASN G 89 5.85 -20.60 -56.35
C ASN G 89 7.02 -19.76 -55.87
N LEU G 90 8.23 -20.15 -56.27
CA LEU G 90 9.43 -19.55 -55.72
C LEU G 90 10.13 -18.68 -56.75
N PRO G 91 10.78 -17.60 -56.33
CA PRO G 91 11.47 -16.74 -57.29
C PRO G 91 12.70 -17.42 -57.85
N GLY G 92 13.19 -16.89 -58.97
CA GLY G 92 14.46 -17.34 -59.51
C GLY G 92 15.60 -17.06 -58.56
N SER G 93 15.42 -16.11 -57.64
CA SER G 93 16.43 -15.82 -56.63
C SER G 93 16.66 -17.00 -55.69
N ALA G 94 15.77 -18.00 -55.71
CA ALA G 94 15.88 -19.13 -54.80
C ALA G 94 16.99 -20.10 -55.18
N ASN G 95 17.74 -19.86 -56.25
CA ASN G 95 18.84 -20.73 -56.66
C ASN G 95 20.06 -19.86 -57.00
N VAL G 96 21.01 -19.81 -56.07
CA VAL G 96 22.30 -19.17 -56.31
C VAL G 96 23.29 -20.20 -56.83
N THR G 97 24.26 -19.74 -57.61
CA THR G 97 25.31 -20.60 -58.13
C THR G 97 26.65 -19.86 -58.07
N THR G 98 27.73 -20.64 -58.02
CA THR G 98 29.06 -20.05 -58.09
C THR G 98 29.25 -19.30 -59.41
N GLY G 99 28.67 -19.80 -60.49
CA GLY G 99 28.76 -19.09 -61.75
C GLY G 99 28.22 -17.69 -61.65
N GLN G 100 27.03 -17.55 -61.07
CA GLN G 100 26.42 -16.22 -60.93
C GLN G 100 27.24 -15.34 -60.01
N VAL G 101 27.74 -15.87 -58.90
CA VAL G 101 28.47 -15.05 -57.94
C VAL G 101 29.76 -14.54 -58.57
N TYR G 102 30.52 -15.41 -59.23
CA TYR G 102 31.77 -14.98 -59.83
C TYR G 102 31.53 -14.01 -60.96
N SER G 103 30.54 -14.27 -61.82
CA SER G 103 30.24 -13.32 -62.88
C SER G 103 29.89 -11.96 -62.30
N THR G 104 29.06 -11.93 -61.26
CA THR G 104 28.66 -10.66 -60.66
C THR G 104 29.87 -9.91 -60.10
N VAL G 105 30.73 -10.61 -59.36
CA VAL G 105 31.85 -9.92 -58.74
C VAL G 105 32.86 -9.44 -59.78
N ILE G 106 33.10 -10.25 -60.81
CA ILE G 106 34.02 -9.84 -61.87
C ILE G 106 33.47 -8.62 -62.60
N ALA G 107 32.18 -8.63 -62.90
CA ALA G 107 31.57 -7.47 -63.55
C ALA G 107 31.72 -6.23 -62.67
N LYS G 108 31.37 -6.34 -61.39
CA LYS G 108 31.53 -5.21 -60.48
C LYS G 108 32.97 -4.73 -60.44
N GLU G 109 33.94 -5.64 -60.56
CA GLU G 109 35.35 -5.23 -60.57
C GLU G 109 35.67 -4.43 -61.84
N ARG G 110 35.21 -4.91 -62.99
CA ARG G 110 35.48 -4.20 -64.24
C ARG G 110 34.94 -2.79 -64.19
N ARG G 111 33.87 -2.57 -63.44
CA ARG G 111 33.29 -1.23 -63.29
C ARG G 111 33.95 -0.42 -62.19
N GLY G 112 34.95 -0.96 -61.52
CA GLY G 112 35.68 -0.22 -60.51
C GLY G 112 34.96 -0.03 -59.20
N GLU G 113 33.91 -0.81 -58.93
CA GLU G 113 33.07 -0.56 -57.78
C GLU G 113 33.75 -0.89 -56.45
N TYR G 114 34.92 -1.53 -56.47
CA TYR G 114 35.66 -1.80 -55.25
C TYR G 114 36.76 -0.78 -55.00
N LEU G 115 36.77 0.32 -55.76
CA LEU G 115 37.59 1.50 -55.44
C LEU G 115 39.06 1.13 -55.31
N GLY G 116 39.54 0.26 -56.20
CA GLY G 116 40.94 -0.04 -56.28
C GLY G 116 41.46 -1.11 -55.35
N ASP G 117 40.59 -1.73 -54.56
CA ASP G 117 41.04 -2.81 -53.70
C ASP G 117 41.40 -4.04 -54.52
N THR G 118 42.18 -4.92 -53.91
CA THR G 118 42.40 -6.24 -54.48
C THR G 118 41.16 -7.09 -54.25
N VAL G 119 40.57 -7.60 -55.33
CA VAL G 119 39.40 -8.46 -55.21
C VAL G 119 39.86 -9.86 -54.83
N GLN G 120 39.25 -10.41 -53.78
CA GLN G 120 39.70 -11.65 -53.17
C GLN G 120 38.50 -12.56 -52.97
N VAL G 121 38.78 -13.85 -52.78
CA VAL G 121 37.72 -14.80 -52.46
C VAL G 121 37.14 -14.49 -51.10
N ILE G 122 37.97 -14.05 -50.17
CA ILE G 122 37.53 -13.43 -48.92
C ILE G 122 38.15 -12.05 -48.88
N PRO G 123 37.38 -10.97 -48.66
CA PRO G 123 35.95 -10.90 -48.33
C PRO G 123 34.95 -10.83 -49.47
N HIS G 124 35.36 -10.55 -50.72
CA HIS G 124 34.39 -10.05 -51.69
C HIS G 124 33.41 -11.14 -52.14
N ILE G 125 33.89 -12.33 -52.47
CA ILE G 125 32.98 -13.37 -52.92
C ILE G 125 32.08 -13.83 -51.79
N THR G 126 32.65 -14.04 -50.60
CA THR G 126 31.84 -14.44 -49.46
C THR G 126 30.86 -13.34 -49.08
N ASP G 127 31.21 -12.08 -49.31
CA ASP G 127 30.29 -10.98 -49.05
C ASP G 127 29.12 -11.00 -50.04
N GLU G 128 29.41 -11.28 -51.31
CA GLU G 128 28.32 -11.39 -52.27
C GLU G 128 27.39 -12.55 -51.89
N ILE G 129 27.95 -13.68 -51.46
CA ILE G 129 27.11 -14.81 -51.09
C ILE G 129 26.31 -14.50 -49.83
N LYS G 130 26.93 -13.86 -48.84
CA LYS G 130 26.21 -13.49 -47.63
C LYS G 130 25.11 -12.49 -47.94
N ARG G 131 25.36 -11.56 -48.85
CA ARG G 131 24.33 -10.64 -49.31
C ARG G 131 23.17 -11.39 -49.94
N ARG G 132 23.47 -12.35 -50.81
CA ARG G 132 22.41 -13.12 -51.46
C ARG G 132 21.65 -13.98 -50.47
N ILE G 133 22.28 -14.43 -49.39
CA ILE G 133 21.58 -15.20 -48.37
C ILE G 133 20.66 -14.29 -47.55
N LEU G 134 21.19 -13.17 -47.08
CA LEU G 134 20.40 -12.26 -46.24
C LEU G 134 19.32 -11.53 -47.01
N ALA G 135 19.42 -11.46 -48.34
CA ALA G 135 18.35 -10.87 -49.13
C ALA G 135 17.06 -11.66 -49.00
N MET G 136 17.14 -12.96 -48.72
CA MET G 136 15.94 -13.76 -48.51
C MET G 136 15.16 -13.27 -47.29
N ALA G 137 15.83 -12.65 -46.32
CA ALA G 137 15.16 -12.23 -45.10
C ALA G 137 14.31 -10.97 -45.30
N GLN G 138 14.53 -10.23 -46.38
CA GLN G 138 13.83 -8.97 -46.56
C GLN G 138 12.33 -9.21 -46.71
N PRO G 139 11.49 -8.26 -46.30
CA PRO G 139 10.05 -8.43 -46.47
C PRO G 139 9.68 -8.60 -47.94
N ASP G 140 8.74 -9.51 -48.20
CA ASP G 140 8.30 -9.80 -49.56
C ASP G 140 7.55 -8.61 -50.14
N ALA G 141 7.03 -8.77 -51.37
CA ALA G 141 6.32 -7.68 -52.03
C ALA G 141 5.08 -7.24 -51.27
N ASP G 142 4.54 -8.09 -50.39
CA ASP G 142 3.37 -7.75 -49.60
C ASP G 142 3.71 -7.49 -48.14
N GLY G 143 5.00 -7.42 -47.81
CA GLY G 143 5.42 -7.15 -46.44
C GLY G 143 5.50 -8.35 -45.54
N ASN G 144 5.25 -9.55 -46.06
CA ASN G 144 5.31 -10.75 -45.25
C ASN G 144 6.77 -11.16 -45.09
N ARG G 145 7.24 -11.14 -43.87
CA ARG G 145 8.64 -11.39 -43.57
C ARG G 145 8.82 -12.83 -43.13
N PRO G 146 9.69 -13.61 -43.76
CA PRO G 146 9.80 -15.03 -43.40
C PRO G 146 10.26 -15.20 -41.96
N ASP G 147 9.71 -16.22 -41.31
CA ASP G 147 10.11 -16.52 -39.94
C ASP G 147 11.37 -17.36 -39.90
N VAL G 148 11.51 -18.29 -40.85
CA VAL G 148 12.70 -19.13 -40.96
C VAL G 148 13.09 -19.22 -42.42
N VAL G 149 14.38 -19.10 -42.70
CA VAL G 149 14.94 -19.30 -44.03
C VAL G 149 15.76 -20.59 -43.99
N ILE G 150 15.33 -21.60 -44.74
CA ILE G 150 16.06 -22.86 -44.82
C ILE G 150 16.90 -22.84 -46.08
N THR G 151 18.22 -22.87 -45.92
CA THR G 151 19.17 -22.79 -47.03
C THR G 151 19.86 -24.14 -47.17
N GLU G 152 19.80 -24.72 -48.37
CA GLU G 152 20.45 -25.99 -48.63
C GLU G 152 21.76 -25.73 -49.37
N ILE G 153 22.86 -26.20 -48.79
CA ILE G 153 24.18 -26.06 -49.40
C ILE G 153 24.44 -27.32 -50.22
N GLY G 154 24.39 -27.20 -51.53
CA GLY G 154 24.57 -28.35 -52.39
C GLY G 154 25.99 -28.87 -52.36
N GLY G 155 26.15 -30.09 -52.87
CA GLY G 155 27.45 -30.71 -52.89
C GLY G 155 27.71 -31.52 -51.63
N THR G 156 29.00 -31.62 -51.28
CA THR G 156 29.43 -32.37 -50.11
C THR G 156 30.45 -31.53 -49.35
N VAL G 157 30.47 -31.67 -48.02
CA VAL G 157 31.46 -30.97 -47.22
C VAL G 157 32.82 -31.53 -47.59
N GLY G 158 33.73 -30.64 -47.97
CA GLY G 158 35.04 -31.03 -48.43
C GLY G 158 35.25 -30.97 -49.92
N ASP G 159 34.20 -30.73 -50.70
CA ASP G 159 34.39 -30.38 -52.09
C ASP G 159 35.03 -29.01 -52.19
N ILE G 160 35.99 -28.86 -53.10
CA ILE G 160 36.69 -27.60 -53.27
C ILE G 160 35.70 -26.48 -53.58
N GLU G 161 34.65 -26.79 -54.32
CA GLU G 161 33.72 -25.77 -54.78
C GLU G 161 32.81 -25.25 -53.68
N SER G 162 32.63 -26.00 -52.61
CA SER G 162 31.75 -25.56 -51.52
C SER G 162 32.43 -24.58 -50.58
N GLN G 163 33.74 -24.40 -50.69
CA GLN G 163 34.46 -23.63 -49.68
C GLN G 163 33.94 -22.21 -49.50
N PRO G 164 33.59 -21.46 -50.56
CA PRO G 164 33.09 -20.10 -50.33
C PRO G 164 31.71 -20.09 -49.68
N PHE G 165 30.84 -21.04 -50.03
CA PHE G 165 29.50 -21.06 -49.44
C PHE G 165 29.55 -21.38 -47.96
N LEU G 166 30.38 -22.34 -47.56
CA LEU G 166 30.47 -22.67 -46.15
C LEU G 166 31.14 -21.56 -45.35
N GLU G 167 32.08 -20.85 -45.96
CA GLU G 167 32.66 -19.69 -45.28
C GLU G 167 31.62 -18.58 -45.12
N ALA G 168 30.78 -18.39 -46.12
CA ALA G 168 29.70 -17.42 -45.98
C ALA G 168 28.74 -17.82 -44.87
N ALA G 169 28.40 -19.11 -44.80
CA ALA G 169 27.53 -19.58 -43.72
C ALA G 169 28.17 -19.37 -42.36
N ARG G 170 29.47 -19.61 -42.26
CA ARG G 170 30.17 -19.35 -41.01
C ARG G 170 30.13 -17.88 -40.64
N GLN G 171 30.30 -17.00 -41.62
CA GLN G 171 30.23 -15.57 -41.33
C GLN G 171 28.82 -15.15 -40.94
N VAL G 172 27.80 -15.78 -41.51
CA VAL G 172 26.43 -15.50 -41.09
C VAL G 172 26.22 -15.91 -39.64
N ARG G 173 26.73 -17.08 -39.26
CA ARG G 173 26.64 -17.48 -37.86
C ARG G 173 27.39 -16.51 -36.96
N HIS G 174 28.50 -15.94 -37.44
CA HIS G 174 29.23 -14.98 -36.62
C HIS G 174 28.44 -13.68 -36.48
N TYR G 175 27.90 -13.17 -37.59
CA TYR G 175 27.18 -11.91 -37.58
C TYR G 175 25.91 -12.01 -36.72
N LEU G 176 25.08 -13.03 -36.96
CA LEU G 176 23.80 -13.14 -36.29
C LEU G 176 23.86 -13.86 -34.96
N GLY G 177 24.93 -14.59 -34.67
CA GLY G 177 25.05 -15.31 -33.42
C GLY G 177 24.28 -16.62 -33.45
N ARG G 178 24.53 -17.45 -32.43
CA ARG G 178 24.00 -18.81 -32.42
C ARG G 178 22.50 -18.84 -32.21
N GLU G 179 21.92 -17.81 -31.61
CA GLU G 179 20.48 -17.82 -31.36
C GLU G 179 19.67 -17.69 -32.64
N ASP G 180 20.30 -17.35 -33.77
CA ASP G 180 19.59 -17.21 -35.03
C ASP G 180 19.97 -18.24 -36.08
N VAL G 181 21.13 -18.88 -35.98
CA VAL G 181 21.67 -19.74 -37.03
C VAL G 181 21.80 -21.16 -36.51
N PHE G 182 21.22 -22.10 -37.23
CA PHE G 182 21.17 -23.51 -36.87
C PHE G 182 21.74 -24.32 -38.03
N PHE G 183 22.62 -25.27 -37.74
CA PHE G 183 23.25 -26.10 -38.76
C PHE G 183 22.75 -27.53 -38.65
N LEU G 184 22.15 -28.02 -39.72
CA LEU G 184 21.67 -29.40 -39.82
C LEU G 184 22.57 -30.14 -40.80
N HIS G 185 23.08 -31.30 -40.40
CA HIS G 185 24.06 -32.03 -41.18
C HIS G 185 23.51 -33.42 -41.50
N VAL G 186 23.50 -33.77 -42.78
CA VAL G 186 22.96 -35.05 -43.26
C VAL G 186 24.13 -35.94 -43.67
N SER G 187 24.15 -37.16 -43.15
CA SER G 187 25.30 -38.03 -43.32
C SER G 187 24.82 -39.46 -43.52
N LEU G 188 25.71 -40.30 -44.05
CA LEU G 188 25.39 -41.67 -44.45
C LEU G 188 25.97 -42.66 -43.45
N VAL G 189 25.17 -43.67 -43.10
CA VAL G 189 25.61 -44.78 -42.27
C VAL G 189 25.58 -46.05 -43.10
N PRO G 190 26.69 -46.50 -43.67
CA PRO G 190 26.66 -47.68 -44.52
C PRO G 190 26.59 -48.97 -43.74
N TYR G 191 25.98 -49.98 -44.36
CA TYR G 191 25.86 -51.31 -43.80
C TYR G 191 26.77 -52.26 -44.58
N LEU G 192 27.69 -52.92 -43.87
CA LEU G 192 28.61 -53.87 -44.47
C LEU G 192 28.07 -55.27 -44.25
N ALA G 193 27.55 -55.88 -45.32
CA ALA G 193 26.91 -57.18 -45.18
C ALA G 193 27.84 -58.26 -44.66
N PRO G 194 29.09 -58.38 -45.11
CA PRO G 194 29.93 -59.50 -44.65
C PRO G 194 30.11 -59.57 -43.14
N SER G 195 30.22 -58.44 -42.46
CA SER G 195 30.38 -58.43 -41.02
C SER G 195 29.12 -57.97 -40.28
N GLY G 196 28.06 -57.61 -41.01
CA GLY G 196 26.78 -57.34 -40.38
C GLY G 196 26.81 -56.22 -39.37
N GLU G 197 27.43 -55.09 -39.70
CA GLU G 197 27.55 -53.98 -38.77
C GLU G 197 27.37 -52.67 -39.51
N LEU G 198 26.70 -51.72 -38.85
CA LEU G 198 26.68 -50.35 -39.32
C LEU G 198 27.96 -49.65 -38.88
N LYS G 199 28.51 -48.81 -39.77
CA LYS G 199 29.77 -48.13 -39.51
C LYS G 199 29.52 -46.64 -39.35
N THR G 200 29.98 -46.10 -38.23
CA THR G 200 29.84 -44.67 -37.96
C THR G 200 31.06 -43.86 -38.37
N LYS G 201 32.15 -44.51 -38.76
CA LYS G 201 33.37 -43.77 -39.06
C LYS G 201 33.19 -42.74 -40.17
N PRO G 202 32.49 -43.04 -41.27
CA PRO G 202 32.27 -41.99 -42.28
C PRO G 202 31.61 -40.75 -41.71
N THR G 203 30.64 -40.93 -40.80
CA THR G 203 29.99 -39.79 -40.16
C THR G 203 30.97 -39.01 -39.30
N GLN G 204 31.81 -39.72 -38.54
CA GLN G 204 32.80 -39.04 -37.72
C GLN G 204 33.73 -38.22 -38.57
N HIS G 205 34.22 -38.79 -39.67
CA HIS G 205 35.12 -38.06 -40.55
C HIS G 205 34.43 -36.86 -41.18
N SER G 206 33.15 -37.00 -41.55
CA SER G 206 32.45 -35.86 -42.14
C SER G 206 32.25 -34.74 -41.13
N VAL G 207 31.89 -35.08 -39.89
CA VAL G 207 31.72 -34.06 -38.87
C VAL G 207 33.06 -33.39 -38.56
N ALA G 208 34.14 -34.16 -38.58
CA ALA G 208 35.46 -33.56 -38.37
C ALA G 208 35.82 -32.63 -39.51
N ALA G 209 35.50 -33.01 -40.74
CA ALA G 209 35.73 -32.14 -41.88
C ALA G 209 34.95 -30.85 -41.74
N LEU G 210 33.71 -30.96 -41.28
CA LEU G 210 32.88 -29.76 -41.07
C LEU G 210 33.47 -28.88 -39.98
N ARG G 211 33.93 -29.49 -38.88
CA ARG G 211 34.55 -28.71 -37.81
C ARG G 211 35.83 -28.03 -38.28
N SER G 212 36.52 -28.62 -39.25
CA SER G 212 37.78 -28.05 -39.71
C SER G 212 37.59 -26.73 -40.45
N ILE G 213 36.36 -26.35 -40.79
CA ILE G 213 36.08 -25.07 -41.41
C ILE G 213 35.30 -24.15 -40.50
N GLY G 214 35.12 -24.53 -39.23
CA GLY G 214 34.51 -23.64 -38.26
C GLY G 214 33.02 -23.80 -38.08
N ILE G 215 32.45 -24.93 -38.49
CA ILE G 215 31.01 -25.20 -38.33
C ILE G 215 30.85 -26.36 -37.37
N THR G 216 30.00 -26.18 -36.35
CA THR G 216 29.64 -27.25 -35.44
C THR G 216 28.20 -27.64 -35.70
N PRO G 217 27.90 -28.86 -36.16
CA PRO G 217 26.51 -29.22 -36.42
C PRO G 217 25.70 -29.22 -35.14
N ASP G 218 24.46 -28.76 -35.24
CA ASP G 218 23.54 -28.82 -34.10
C ASP G 218 22.79 -30.13 -34.07
N ALA G 219 22.55 -30.74 -35.23
CA ALA G 219 21.88 -32.03 -35.30
C ALA G 219 22.45 -32.83 -36.45
N LEU G 220 22.29 -34.15 -36.38
CA LEU G 220 22.73 -35.07 -37.42
C LEU G 220 21.54 -35.86 -37.93
N ILE G 221 21.38 -35.91 -39.25
CA ILE G 221 20.42 -36.80 -39.89
C ILE G 221 21.20 -38.01 -40.38
N LEU G 222 20.97 -39.16 -39.76
CA LEU G 222 21.70 -40.38 -40.11
C LEU G 222 20.90 -41.14 -41.15
N ARG G 223 21.25 -40.95 -42.41
CA ARG G 223 20.61 -41.70 -43.49
C ARG G 223 21.12 -43.13 -43.50
N CYS G 224 20.19 -44.08 -43.58
CA CYS G 224 20.53 -45.49 -43.48
C CYS G 224 19.45 -46.28 -44.21
N ASP G 225 19.76 -47.53 -44.52
CA ASP G 225 18.74 -48.40 -45.09
C ASP G 225 17.91 -49.12 -44.02
N ARG G 226 18.35 -49.08 -42.77
CA ARG G 226 17.62 -49.71 -41.67
C ARG G 226 17.75 -48.83 -40.43
N ASP G 227 16.82 -49.00 -39.51
CA ASP G 227 16.80 -48.15 -38.32
C ASP G 227 18.08 -48.33 -37.52
N VAL G 228 18.72 -47.21 -37.17
CA VAL G 228 20.01 -47.25 -36.49
C VAL G 228 19.80 -47.70 -35.04
N PRO G 229 20.60 -48.63 -34.52
CA PRO G 229 20.48 -48.97 -33.11
C PRO G 229 20.73 -47.77 -32.22
N GLU G 230 20.24 -47.84 -30.98
CA GLU G 230 20.43 -46.75 -30.03
C GLU G 230 21.87 -46.62 -29.59
N ALA G 231 22.58 -47.75 -29.46
CA ALA G 231 23.98 -47.70 -29.07
C ALA G 231 24.81 -46.92 -30.08
N LEU G 232 24.52 -47.08 -31.37
CA LEU G 232 25.27 -46.34 -32.38
C LEU G 232 24.96 -44.85 -32.30
N LYS G 233 23.70 -44.48 -32.08
CA LYS G 233 23.39 -43.07 -31.93
C LYS G 233 24.11 -42.48 -30.73
N ASN G 234 24.19 -43.22 -29.62
CA ASN G 234 24.94 -42.73 -28.47
C ASN G 234 26.42 -42.58 -28.81
N LYS G 235 26.99 -43.55 -29.52
CA LYS G 235 28.40 -43.44 -29.90
C LYS G 235 28.63 -42.21 -30.78
N ILE G 236 27.75 -41.98 -31.75
CA ILE G 236 27.90 -40.84 -32.64
C ILE G 236 27.79 -39.55 -31.85
N ALA G 237 26.80 -39.47 -30.96
CA ALA G 237 26.62 -38.26 -30.17
C ALA G 237 27.87 -37.98 -29.34
N LEU G 238 28.44 -39.02 -28.73
CA LEU G 238 29.63 -38.82 -27.90
C LEU G 238 30.81 -38.37 -28.74
N MET G 239 31.08 -39.05 -29.86
CA MET G 239 32.25 -38.74 -30.65
C MET G 239 32.14 -37.39 -31.35
N CYS G 240 30.93 -36.96 -31.69
CA CYS G 240 30.72 -35.77 -32.51
C CYS G 240 30.34 -34.53 -31.71
N ASP G 241 30.30 -34.61 -30.39
CA ASP G 241 29.90 -33.49 -29.55
C ASP G 241 28.57 -32.91 -30.00
N VAL G 242 27.60 -33.78 -30.20
CA VAL G 242 26.24 -33.39 -30.59
C VAL G 242 25.29 -33.89 -29.51
N ASP G 243 24.31 -33.07 -29.16
CA ASP G 243 23.32 -33.46 -28.18
C ASP G 243 22.60 -34.72 -28.64
N ILE G 244 22.45 -35.68 -27.72
CA ILE G 244 21.84 -36.96 -28.08
C ILE G 244 20.42 -36.77 -28.57
N ASP G 245 19.79 -35.64 -28.26
CA ASP G 245 18.52 -35.29 -28.89
C ASP G 245 18.67 -35.01 -30.37
N GLY G 246 19.87 -34.67 -30.82
CA GLY G 246 20.10 -34.21 -32.17
C GLY G 246 20.54 -35.25 -33.15
N VAL G 247 20.66 -36.51 -32.75
CA VAL G 247 20.98 -37.59 -33.67
C VAL G 247 19.67 -38.21 -34.12
N ILE G 248 19.34 -38.05 -35.40
CA ILE G 248 18.02 -38.38 -35.94
C ILE G 248 18.20 -39.51 -36.93
N SER G 249 17.61 -40.67 -36.63
CA SER G 249 17.68 -41.82 -37.52
C SER G 249 16.62 -41.69 -38.61
N THR G 250 17.03 -41.76 -39.88
CA THR G 250 16.17 -41.46 -41.02
C THR G 250 16.28 -42.58 -42.05
N PRO G 251 15.69 -43.73 -41.76
CA PRO G 251 15.79 -44.86 -42.69
C PRO G 251 15.01 -44.62 -43.97
N ASP G 252 15.38 -45.36 -45.01
CA ASP G 252 14.76 -45.22 -46.32
C ASP G 252 13.27 -45.53 -46.27
N ALA G 253 12.44 -44.52 -46.42
CA ALA G 253 10.99 -44.69 -46.36
C ALA G 253 10.46 -45.22 -47.68
N PRO G 254 9.35 -45.97 -47.66
CA PRO G 254 8.81 -46.51 -48.91
C PRO G 254 8.39 -45.44 -49.90
N SER G 255 7.96 -44.28 -49.44
CA SER G 255 7.68 -43.15 -50.31
C SER G 255 8.18 -41.87 -49.65
N ILE G 256 8.46 -40.87 -50.49
CA ILE G 256 9.00 -39.61 -49.98
C ILE G 256 8.02 -38.87 -49.09
N TYR G 257 6.72 -39.16 -49.22
CA TYR G 257 5.72 -38.47 -48.41
C TYR G 257 5.65 -38.97 -46.98
N ASP G 258 6.30 -40.10 -46.67
CA ASP G 258 6.39 -40.55 -45.28
C ASP G 258 7.46 -39.82 -44.50
N ILE G 259 8.33 -39.06 -45.17
CA ILE G 259 9.45 -38.43 -44.46
C ILE G 259 8.98 -37.44 -43.41
N PRO G 260 7.98 -36.59 -43.67
CA PRO G 260 7.51 -35.73 -42.58
C PRO G 260 7.10 -36.51 -41.34
N LYS G 261 6.46 -37.67 -41.51
CA LYS G 261 6.10 -38.48 -40.36
C LYS G 261 7.34 -39.02 -39.65
N VAL G 262 8.36 -39.43 -40.40
CA VAL G 262 9.58 -39.93 -39.79
C VAL G 262 10.24 -38.83 -38.96
N LEU G 263 10.35 -37.63 -39.53
CA LEU G 263 11.01 -36.55 -38.81
C LEU G 263 10.19 -36.10 -37.61
N HIS G 264 8.87 -36.09 -37.73
CA HIS G 264 8.03 -35.72 -36.58
C HIS G 264 8.15 -36.77 -35.48
N ARG G 265 8.12 -38.05 -35.85
CA ARG G 265 8.24 -39.12 -34.87
C ARG G 265 9.54 -39.03 -34.09
N GLU G 266 10.62 -38.62 -34.76
CA GLU G 266 11.91 -38.43 -34.09
C GLU G 266 12.01 -37.10 -33.37
N GLU G 267 11.01 -36.23 -33.52
CA GLU G 267 11.01 -34.93 -32.85
C GLU G 267 12.15 -34.04 -33.33
N LEU G 268 12.43 -34.08 -34.63
CA LEU G 268 13.38 -33.12 -35.19
C LEU G 268 12.81 -31.72 -35.19
N ASP G 269 11.55 -31.57 -35.58
CA ASP G 269 10.94 -30.25 -35.62
C ASP G 269 10.85 -29.64 -34.24
N ALA G 270 10.53 -30.46 -33.23
CA ALA G 270 10.54 -29.96 -31.86
C ALA G 270 11.92 -29.50 -31.44
N PHE G 271 12.95 -30.28 -31.79
CA PHE G 271 14.31 -29.91 -31.43
C PHE G 271 14.72 -28.59 -32.08
N VAL G 272 14.40 -28.44 -33.37
CA VAL G 272 14.73 -27.20 -34.07
C VAL G 272 13.99 -26.02 -33.47
N VAL G 273 12.70 -26.20 -33.16
CA VAL G 273 11.89 -25.11 -32.62
C VAL G 273 12.44 -24.69 -31.26
N ARG G 274 12.72 -25.65 -30.39
CA ARG G 274 13.30 -25.32 -29.09
C ARG G 274 14.62 -24.58 -29.25
N ARG G 275 15.51 -25.11 -30.10
CA ARG G 275 16.85 -24.55 -30.18
C ARG G 275 16.83 -23.14 -30.77
N LEU G 276 15.98 -22.88 -31.76
CA LEU G 276 15.87 -21.55 -32.34
C LEU G 276 14.93 -20.64 -31.56
N ASN G 277 14.25 -21.16 -30.54
CA ASN G 277 13.35 -20.34 -29.71
C ASN G 277 12.20 -19.75 -30.52
N LEU G 278 11.65 -20.54 -31.43
CA LEU G 278 10.55 -20.07 -32.26
C LEU G 278 9.21 -20.31 -31.57
N PRO G 279 8.22 -19.43 -31.79
CA PRO G 279 6.87 -19.70 -31.29
C PRO G 279 6.15 -20.69 -32.18
N PHE G 280 5.40 -21.60 -31.56
CA PHE G 280 4.89 -22.75 -32.28
C PHE G 280 3.48 -23.12 -31.80
N ARG G 281 2.87 -24.02 -32.57
CA ARG G 281 1.67 -24.75 -32.16
C ARG G 281 1.77 -26.15 -32.73
N ASP G 282 0.96 -27.06 -32.21
CA ASP G 282 1.05 -28.44 -32.66
C ASP G 282 0.69 -28.56 -34.13
N VAL G 283 1.26 -29.57 -34.77
CA VAL G 283 1.03 -29.83 -36.19
C VAL G 283 -0.37 -30.37 -36.38
N ASP G 284 -1.12 -29.76 -37.30
CA ASP G 284 -2.44 -30.27 -37.69
C ASP G 284 -2.24 -31.27 -38.83
N TRP G 285 -2.29 -32.56 -38.50
CA TRP G 285 -1.98 -33.62 -39.45
C TRP G 285 -3.14 -33.97 -40.39
N THR G 286 -4.22 -33.21 -40.40
CA THR G 286 -5.41 -33.65 -41.13
C THR G 286 -5.12 -33.85 -42.61
N GLU G 287 -4.57 -32.81 -43.26
CA GLU G 287 -4.35 -32.87 -44.70
C GLU G 287 -3.38 -34.00 -45.06
N TRP G 288 -2.21 -34.01 -44.41
CA TRP G 288 -1.19 -34.97 -44.79
C TRP G 288 -1.59 -36.39 -44.41
N ASP G 289 -2.41 -36.55 -43.38
CA ASP G 289 -2.95 -37.88 -43.09
C ASP G 289 -3.85 -38.35 -44.23
N ASP G 290 -4.66 -37.46 -44.78
CA ASP G 290 -5.46 -37.86 -45.94
C ASP G 290 -4.57 -38.24 -47.12
N LEU G 291 -3.52 -37.45 -47.36
CA LEU G 291 -2.61 -37.77 -48.45
C LEU G 291 -1.99 -39.15 -48.26
N LEU G 292 -1.54 -39.44 -47.04
CA LEU G 292 -0.89 -40.72 -46.79
C LEU G 292 -1.88 -41.88 -46.83
N ARG G 293 -3.16 -41.63 -46.54
CA ARG G 293 -4.16 -42.66 -46.81
C ARG G 293 -4.24 -42.94 -48.30
N ARG G 294 -4.29 -41.89 -49.12
CA ARG G 294 -4.33 -42.11 -50.57
C ARG G 294 -3.07 -42.82 -51.05
N VAL G 295 -1.94 -42.60 -50.39
CA VAL G 295 -0.69 -43.24 -50.77
C VAL G 295 -0.72 -44.73 -50.42
N HIS G 296 -0.93 -45.04 -49.14
CA HIS G 296 -0.68 -46.39 -48.64
C HIS G 296 -1.87 -47.33 -48.74
N GLU G 297 -3.08 -46.83 -48.92
CA GLU G 297 -4.28 -47.66 -48.93
C GLU G 297 -5.12 -47.37 -50.17
N PRO G 298 -4.57 -47.61 -51.36
CA PRO G 298 -5.35 -47.40 -52.59
C PRO G 298 -6.35 -48.52 -52.80
N HIS G 299 -7.40 -48.20 -53.57
CA HIS G 299 -8.43 -49.18 -53.86
C HIS G 299 -8.04 -50.10 -55.02
N GLU G 300 -7.18 -49.65 -55.92
CA GLU G 300 -6.85 -50.42 -57.11
C GLU G 300 -5.40 -50.11 -57.50
N THR G 301 -4.99 -50.65 -58.66
CA THR G 301 -3.62 -50.51 -59.13
C THR G 301 -3.63 -50.44 -60.65
N VAL G 302 -2.65 -49.74 -61.21
CA VAL G 302 -2.51 -49.62 -62.65
C VAL G 302 -1.04 -49.49 -63.00
N ARG G 303 -0.66 -50.03 -64.15
CA ARG G 303 0.71 -50.04 -64.61
C ARG G 303 0.87 -49.09 -65.79
N ILE G 304 1.88 -48.22 -65.72
CA ILE G 304 2.15 -47.23 -66.77
C ILE G 304 3.60 -47.41 -67.22
N ALA G 305 3.80 -47.45 -68.53
CA ALA G 305 5.15 -47.49 -69.08
C ALA G 305 5.71 -46.07 -69.19
N LEU G 306 6.93 -45.88 -68.72
CA LEU G 306 7.69 -44.65 -68.91
C LEU G 306 8.77 -44.95 -69.92
N VAL G 307 8.71 -44.30 -71.08
CA VAL G 307 9.59 -44.59 -72.20
C VAL G 307 10.56 -43.44 -72.37
N GLY G 308 11.86 -43.74 -72.29
CA GLY G 308 12.87 -42.71 -72.44
C GLY G 308 14.25 -43.31 -72.57
N LYS G 309 15.22 -42.43 -72.78
CA LYS G 309 16.63 -42.84 -72.85
C LYS G 309 17.28 -42.89 -71.47
N TYR G 310 16.99 -41.89 -70.63
CA TYR G 310 17.58 -41.82 -69.29
C TYR G 310 17.00 -42.85 -68.34
N VAL G 311 16.06 -43.68 -68.80
CA VAL G 311 15.39 -44.63 -67.93
C VAL G 311 16.30 -45.69 -67.35
N GLU G 312 17.57 -45.73 -67.76
CA GLU G 312 18.49 -46.73 -67.25
C GLU G 312 18.88 -46.43 -65.81
N LEU G 313 17.96 -46.64 -64.88
CA LEU G 313 18.21 -46.51 -63.45
C LEU G 313 18.73 -45.11 -63.11
N SER G 314 17.90 -44.11 -63.39
CA SER G 314 18.22 -42.74 -63.05
C SER G 314 16.93 -41.98 -62.75
N ASP G 315 17.02 -41.01 -61.84
CA ASP G 315 15.90 -40.14 -61.51
C ASP G 315 15.81 -38.96 -62.45
N ALA G 316 15.87 -39.19 -63.76
CA ALA G 316 15.76 -38.10 -64.72
C ALA G 316 14.31 -37.67 -64.92
N TYR G 317 13.35 -38.42 -64.39
CA TYR G 317 11.93 -38.17 -64.62
C TYR G 317 11.19 -38.01 -63.30
N LEU G 318 11.84 -37.45 -62.29
CA LEU G 318 11.26 -37.45 -60.95
C LEU G 318 9.92 -36.72 -60.93
N SER G 319 9.86 -35.54 -61.54
CA SER G 319 8.62 -34.77 -61.53
C SER G 319 7.52 -35.51 -62.26
N VAL G 320 7.83 -36.18 -63.36
CA VAL G 320 6.81 -36.91 -64.10
C VAL G 320 6.27 -38.06 -63.25
N ALA G 321 7.16 -38.82 -62.61
CA ALA G 321 6.72 -39.92 -61.78
C ALA G 321 5.86 -39.43 -60.61
N GLU G 322 6.24 -38.30 -60.01
CA GLU G 322 5.46 -37.78 -58.90
C GLU G 322 4.11 -37.24 -59.37
N ALA G 323 4.06 -36.61 -60.54
CA ALA G 323 2.78 -36.16 -61.07
C ALA G 323 1.88 -37.34 -61.39
N LEU G 324 2.47 -38.42 -61.92
CA LEU G 324 1.71 -39.65 -62.14
C LEU G 324 1.13 -40.16 -60.82
N ARG G 325 1.97 -40.21 -59.77
CA ARG G 325 1.48 -40.71 -58.50
C ARG G 325 0.42 -39.80 -57.91
N ALA G 326 0.54 -38.49 -58.10
CA ALA G 326 -0.51 -37.57 -57.66
C ALA G 326 -1.81 -37.81 -58.40
N GLY G 327 -1.72 -38.05 -59.71
CA GLY G 327 -2.91 -38.43 -60.46
C GLY G 327 -3.55 -39.69 -59.90
N GLY G 328 -2.72 -40.68 -59.57
CA GLY G 328 -3.25 -41.88 -58.93
C GLY G 328 -3.92 -41.56 -57.60
N PHE G 329 -3.34 -40.63 -56.85
CA PHE G 329 -3.89 -40.25 -55.56
C PHE G 329 -5.26 -39.62 -55.69
N LYS G 330 -5.46 -38.80 -56.72
CA LYS G 330 -6.78 -38.19 -56.90
C LYS G 330 -7.86 -39.27 -57.09
N HIS G 331 -7.53 -40.37 -57.73
CA HIS G 331 -8.46 -41.48 -57.93
C HIS G 331 -8.28 -42.60 -56.92
N ARG G 332 -7.37 -42.44 -55.97
CA ARG G 332 -7.05 -43.50 -55.01
C ARG G 332 -6.66 -44.79 -55.71
N ALA G 333 -5.87 -44.66 -56.77
CA ALA G 333 -5.28 -45.81 -57.45
C ALA G 333 -3.76 -45.77 -57.30
N LYS G 334 -3.17 -46.94 -57.07
CA LYS G 334 -1.73 -47.08 -57.15
C LYS G 334 -1.31 -47.13 -58.61
N VAL G 335 -0.37 -46.27 -59.00
CA VAL G 335 0.21 -46.31 -60.32
C VAL G 335 1.58 -46.95 -60.20
N GLU G 336 1.76 -48.09 -60.85
CA GLU G 336 3.04 -48.78 -60.92
C GLU G 336 3.70 -48.43 -62.24
N ILE G 337 4.96 -48.02 -62.18
CA ILE G 337 5.67 -47.52 -63.35
C ILE G 337 6.61 -48.61 -63.84
N CYS G 338 6.48 -48.97 -65.12
CA CYS G 338 7.38 -49.89 -65.79
C CYS G 338 8.35 -49.07 -66.62
N TRP G 339 9.63 -49.11 -66.25
CA TRP G 339 10.64 -48.29 -66.92
C TRP G 339 11.08 -49.01 -68.19
N VAL G 340 10.72 -48.45 -69.33
CA VAL G 340 10.89 -49.08 -70.64
C VAL G 340 11.89 -48.27 -71.44
N ALA G 341 12.92 -48.94 -71.97
CA ALA G 341 13.87 -48.29 -72.84
C ALA G 341 13.23 -47.97 -74.18
N SER G 342 13.52 -46.77 -74.69
CA SER G 342 12.96 -46.37 -75.98
C SER G 342 13.45 -47.29 -77.10
N ASP G 343 14.73 -47.69 -77.05
CA ASP G 343 15.35 -48.38 -78.16
C ASP G 343 14.87 -49.82 -78.32
N GLY G 344 14.29 -50.41 -77.28
CA GLY G 344 13.64 -51.69 -77.43
C GLY G 344 12.30 -51.64 -78.13
N CYS G 345 11.76 -50.43 -78.33
CA CYS G 345 10.47 -50.24 -78.97
C CYS G 345 10.58 -49.84 -80.43
N GLU G 346 11.80 -49.80 -80.98
CA GLU G 346 11.95 -49.42 -82.38
C GLU G 346 11.31 -50.45 -83.31
N THR G 347 11.48 -51.74 -83.01
CA THR G 347 10.80 -52.79 -83.76
C THR G 347 9.42 -53.04 -83.15
N THR G 348 8.46 -53.37 -84.03
CA THR G 348 7.10 -53.59 -83.56
C THR G 348 7.04 -54.77 -82.61
N SER G 349 7.80 -55.84 -82.89
CA SER G 349 7.85 -56.97 -81.97
C SER G 349 8.48 -56.58 -80.65
N GLY G 350 9.56 -55.81 -80.68
CA GLY G 350 10.16 -55.34 -79.44
C GLY G 350 9.23 -54.44 -78.65
N ALA G 351 8.52 -53.55 -79.35
CA ALA G 351 7.55 -52.69 -78.68
C ALA G 351 6.45 -53.52 -78.03
N ALA G 352 5.97 -54.55 -78.74
CA ALA G 352 4.94 -55.41 -78.17
C ALA G 352 5.47 -56.15 -76.94
N ALA G 353 6.70 -56.65 -77.02
CA ALA G 353 7.27 -57.36 -75.88
C ALA G 353 7.42 -56.45 -74.67
N ALA G 354 7.83 -55.20 -74.90
CA ALA G 354 8.02 -54.27 -73.79
C ALA G 354 6.69 -53.83 -73.20
N LEU G 355 5.74 -53.42 -74.04
CA LEU G 355 4.57 -52.69 -73.59
C LEU G 355 3.34 -53.57 -73.36
N GLY G 356 3.33 -54.80 -73.87
CA GLY G 356 2.10 -55.57 -73.92
C GLY G 356 1.44 -55.78 -72.58
N ASP G 357 2.19 -55.70 -71.48
CA ASP G 357 1.64 -55.95 -70.16
C ASP G 357 1.15 -54.69 -69.45
N VAL G 358 1.46 -53.50 -69.96
CA VAL G 358 1.13 -52.25 -69.27
C VAL G 358 -0.29 -51.81 -69.61
N HIS G 359 -0.78 -50.80 -68.88
CA HIS G 359 -2.10 -50.23 -69.11
C HIS G 359 -2.03 -48.82 -69.64
N GLY G 360 -0.84 -48.28 -69.88
CA GLY G 360 -0.70 -46.96 -70.47
C GLY G 360 0.76 -46.66 -70.70
N VAL G 361 1.00 -45.66 -71.55
CA VAL G 361 2.34 -45.28 -71.97
C VAL G 361 2.50 -43.79 -71.81
N LEU G 362 3.66 -43.36 -71.31
CA LEU G 362 3.95 -41.94 -71.14
C LEU G 362 5.23 -41.61 -71.90
N ILE G 363 5.16 -40.57 -72.72
CA ILE G 363 6.32 -40.10 -73.50
C ILE G 363 6.74 -38.74 -72.95
N PRO G 364 7.71 -38.68 -72.04
CA PRO G 364 8.12 -37.39 -71.48
C PRO G 364 9.05 -36.64 -72.42
N GLY G 365 9.24 -35.34 -72.10
CA GLY G 365 10.14 -34.51 -72.86
C GLY G 365 11.59 -34.71 -72.48
N GLY G 366 12.46 -34.03 -73.21
CA GLY G 366 13.89 -34.11 -72.95
C GLY G 366 14.66 -33.23 -73.91
N PHE G 367 15.97 -33.15 -73.65
CA PHE G 367 16.90 -32.39 -74.47
C PHE G 367 18.15 -33.19 -74.68
N GLY G 368 18.84 -32.93 -75.79
CA GLY G 368 19.94 -33.79 -76.19
C GLY G 368 19.51 -35.21 -76.49
N ILE G 369 18.23 -35.42 -76.73
CA ILE G 369 17.68 -36.76 -76.91
C ILE G 369 17.94 -37.24 -78.33
N ARG G 370 17.94 -38.55 -78.50
CA ARG G 370 18.11 -39.17 -79.81
C ARG G 370 17.33 -40.47 -79.85
N GLY G 371 17.11 -40.97 -81.08
CA GLY G 371 16.46 -42.25 -81.26
C GLY G 371 14.95 -42.21 -81.14
N ILE G 372 14.32 -41.09 -81.46
CA ILE G 372 12.88 -40.96 -81.33
C ILE G 372 12.14 -41.91 -82.26
N GLU G 373 12.84 -42.58 -83.17
CA GLU G 373 12.21 -43.64 -83.95
C GLU G 373 11.58 -44.67 -83.02
N GLY G 374 12.28 -45.02 -81.94
CA GLY G 374 11.70 -45.93 -80.96
C GLY G 374 10.50 -45.36 -80.25
N LYS G 375 10.56 -44.07 -79.91
CA LYS G 375 9.42 -43.43 -79.26
C LYS G 375 8.19 -43.47 -80.16
N ILE G 376 8.33 -43.04 -81.41
CA ILE G 376 7.22 -43.06 -82.35
C ILE G 376 6.75 -44.49 -82.60
N GLY G 377 7.68 -45.45 -82.58
CA GLY G 377 7.28 -46.84 -82.71
C GLY G 377 6.40 -47.28 -81.56
N ALA G 378 6.74 -46.85 -80.35
CA ALA G 378 5.89 -47.13 -79.19
C ALA G 378 4.53 -46.46 -79.35
N ILE G 379 4.49 -45.24 -79.90
CA ILE G 379 3.19 -44.59 -80.14
C ILE G 379 2.36 -45.41 -81.12
N ALA G 380 2.98 -45.83 -82.22
CA ALA G 380 2.27 -46.61 -83.23
C ALA G 380 1.71 -47.88 -82.63
N TYR G 381 2.55 -48.62 -81.88
CA TYR G 381 2.08 -49.85 -81.25
C TYR G 381 0.95 -49.57 -80.28
N ALA G 382 1.11 -48.54 -79.43
CA ALA G 382 0.11 -48.27 -78.41
C ALA G 382 -1.23 -47.91 -79.04
N ARG G 383 -1.19 -47.07 -80.09
CA ARG G 383 -2.44 -46.73 -80.77
C ARG G 383 -3.11 -47.96 -81.34
N ALA G 384 -2.34 -48.86 -81.97
CA ALA G 384 -2.96 -50.07 -82.49
C ALA G 384 -3.53 -50.93 -81.35
N ARG G 385 -2.80 -51.02 -80.24
CA ARG G 385 -3.21 -51.87 -79.12
C ARG G 385 -4.32 -51.24 -78.29
N GLY G 386 -4.50 -49.92 -78.37
CA GLY G 386 -5.52 -49.24 -77.61
C GLY G 386 -5.09 -48.73 -76.25
N LEU G 387 -3.79 -48.73 -75.96
CA LEU G 387 -3.32 -48.23 -74.68
C LEU G 387 -3.39 -46.70 -74.66
N PRO G 388 -3.72 -46.09 -73.53
CA PRO G 388 -3.68 -44.63 -73.44
C PRO G 388 -2.26 -44.11 -73.45
N VAL G 389 -2.10 -42.90 -74.00
CA VAL G 389 -0.80 -42.27 -74.14
C VAL G 389 -0.89 -40.83 -73.69
N LEU G 390 0.09 -40.38 -72.91
CA LEU G 390 0.29 -38.97 -72.61
C LEU G 390 1.67 -38.57 -73.06
N GLY G 391 1.74 -37.52 -73.86
CA GLY G 391 3.01 -37.06 -74.41
C GLY G 391 3.36 -35.66 -73.96
N LEU G 392 4.51 -35.49 -73.34
CA LEU G 392 4.92 -34.21 -72.78
C LEU G 392 6.06 -33.65 -73.63
N CYS G 393 5.84 -32.46 -74.19
CA CYS G 393 6.84 -31.82 -75.05
C CYS G 393 7.21 -32.72 -76.21
N LEU G 394 8.36 -33.40 -76.10
CA LEU G 394 8.77 -34.35 -77.13
C LEU G 394 7.71 -35.42 -77.35
N GLY G 395 6.92 -35.75 -76.32
CA GLY G 395 5.84 -36.69 -76.52
C GLY G 395 4.83 -36.18 -77.53
N LEU G 396 4.46 -34.90 -77.41
CA LEU G 396 3.58 -34.29 -78.41
C LEU G 396 4.25 -34.27 -79.77
N GLN G 397 5.55 -33.96 -79.82
CA GLN G 397 6.23 -33.91 -81.11
C GLN G 397 6.22 -35.28 -81.79
N CYS G 398 6.47 -36.34 -81.02
CA CYS G 398 6.41 -37.68 -81.57
C CYS G 398 5.00 -38.05 -81.99
N ILE G 399 3.99 -37.60 -81.22
CA ILE G 399 2.60 -37.85 -81.62
C ILE G 399 2.32 -37.21 -82.98
N VAL G 400 2.76 -35.97 -83.15
CA VAL G 400 2.52 -35.27 -84.41
C VAL G 400 3.29 -35.94 -85.54
N ILE G 401 4.49 -36.44 -85.28
CA ILE G 401 5.24 -37.14 -86.33
C ILE G 401 4.57 -38.47 -86.67
N GLU G 402 4.01 -39.15 -85.68
CA GLU G 402 3.26 -40.37 -85.94
C GLU G 402 2.06 -40.08 -86.83
N ALA G 403 1.33 -38.99 -86.52
CA ALA G 403 0.21 -38.61 -87.36
C ALA G 403 0.67 -38.24 -88.77
N ALA G 404 1.82 -37.56 -88.88
CA ALA G 404 2.37 -37.27 -90.20
C ALA G 404 2.61 -38.56 -90.99
N ARG G 405 3.21 -39.55 -90.33
CA ARG G 405 3.43 -40.85 -90.95
C ARG G 405 2.16 -41.67 -91.07
N SER G 406 1.02 -41.14 -90.61
CA SER G 406 -0.26 -41.82 -90.75
C SER G 406 -1.05 -41.36 -91.97
N VAL G 407 -0.67 -40.25 -92.61
CA VAL G 407 -1.49 -39.63 -93.64
C VAL G 407 -0.80 -39.53 -94.98
N GLY G 408 0.48 -39.88 -95.09
CA GLY G 408 1.20 -39.75 -96.34
C GLY G 408 2.63 -39.29 -96.17
N LEU G 409 2.96 -38.82 -94.98
CA LEU G 409 4.24 -38.14 -94.75
C LEU G 409 5.25 -39.09 -94.14
N THR G 410 5.55 -40.18 -94.85
CA THR G 410 6.33 -41.27 -94.27
C THR G 410 7.74 -40.83 -93.89
N ASN G 411 8.34 -39.90 -94.63
CA ASN G 411 9.67 -39.40 -94.32
C ASN G 411 9.64 -38.15 -93.44
N ALA G 412 8.47 -37.77 -92.93
CA ALA G 412 8.36 -36.59 -92.09
C ALA G 412 9.12 -36.77 -90.79
N ASN G 413 9.62 -35.66 -90.26
CA ASN G 413 10.37 -35.67 -89.02
C ASN G 413 10.47 -34.25 -88.50
N SER G 414 11.14 -34.09 -87.36
CA SER G 414 11.54 -32.77 -86.90
C SER G 414 12.85 -32.38 -87.59
N ALA G 415 12.99 -31.08 -87.86
CA ALA G 415 14.27 -30.57 -88.35
C ALA G 415 15.39 -30.82 -87.35
N GLU G 416 15.04 -31.05 -86.08
CA GLU G 416 16.05 -31.41 -85.09
C GLU G 416 16.60 -32.81 -85.34
N PHE G 417 15.74 -33.74 -85.77
CA PHE G 417 16.09 -35.15 -85.84
C PHE G 417 16.36 -35.66 -87.24
N ASP G 418 15.93 -34.94 -88.27
CA ASP G 418 16.39 -35.18 -89.63
C ASP G 418 16.45 -33.84 -90.35
N PRO G 419 17.59 -33.15 -90.28
CA PRO G 419 17.71 -31.84 -90.95
C PRO G 419 17.46 -31.91 -92.46
N ASP G 420 17.55 -33.10 -93.05
CA ASP G 420 17.34 -33.29 -94.48
C ASP G 420 15.96 -33.85 -94.80
N THR G 421 15.06 -33.90 -93.82
CA THR G 421 13.73 -34.46 -94.07
C THR G 421 13.02 -33.65 -95.15
N PRO G 422 12.34 -34.30 -96.10
CA PRO G 422 11.53 -33.54 -97.07
C PRO G 422 10.25 -32.97 -96.48
N ASP G 423 9.83 -33.42 -95.31
CA ASP G 423 8.60 -32.95 -94.66
C ASP G 423 8.91 -32.59 -93.21
N PRO G 424 9.48 -31.41 -92.97
CA PRO G 424 9.72 -30.96 -91.59
C PRO G 424 8.44 -30.48 -90.91
N VAL G 425 7.60 -31.45 -90.53
CA VAL G 425 6.34 -31.11 -89.88
C VAL G 425 6.57 -30.45 -88.53
N ILE G 426 7.72 -30.70 -87.89
CA ILE G 426 8.16 -29.96 -86.73
C ILE G 426 9.37 -29.14 -87.14
N ALA G 427 9.33 -27.83 -86.89
CA ALA G 427 10.35 -26.93 -87.37
C ALA G 427 10.46 -25.72 -86.45
N THR G 428 11.57 -25.03 -86.55
CA THR G 428 11.74 -23.76 -85.83
C THR G 428 10.82 -22.72 -86.43
N MET G 429 9.98 -22.12 -85.61
CA MET G 429 8.99 -21.16 -86.08
C MET G 429 9.66 -19.89 -86.58
N GLY G 443 18.13 -20.26 -84.15
CA GLY G 443 17.52 -21.33 -83.39
C GLY G 443 16.12 -21.00 -82.92
N GLY G 444 15.62 -19.83 -83.30
CA GLY G 444 14.29 -19.41 -82.90
C GLY G 444 14.23 -19.00 -81.44
N THR G 445 13.08 -18.47 -81.03
CA THR G 445 12.90 -18.04 -79.65
C THR G 445 12.63 -19.23 -78.76
N MET G 446 13.49 -19.42 -77.75
CA MET G 446 13.24 -20.42 -76.72
C MET G 446 12.13 -19.92 -75.82
N ARG G 447 10.97 -20.58 -75.88
CA ARG G 447 9.88 -20.28 -74.96
C ARG G 447 10.19 -20.91 -73.60
N LEU G 448 10.23 -20.09 -72.57
CA LEU G 448 10.52 -20.55 -71.21
C LEU G 448 9.48 -19.99 -70.25
N GLY G 449 9.01 -20.84 -69.35
CA GLY G 449 8.13 -20.40 -68.29
C GLY G 449 6.66 -20.46 -68.66
N SER G 450 5.87 -19.74 -67.86
CA SER G 450 4.43 -19.78 -67.99
C SER G 450 3.95 -18.96 -69.17
N TYR G 451 3.06 -19.54 -69.97
CA TYR G 451 2.37 -18.84 -71.04
C TYR G 451 0.89 -19.20 -71.00
N PRO G 452 0.01 -18.27 -71.37
CA PRO G 452 -1.41 -18.59 -71.45
C PRO G 452 -1.75 -19.31 -72.75
N ALA G 453 -2.80 -20.12 -72.69
CA ALA G 453 -3.28 -20.85 -73.86
C ALA G 453 -4.80 -20.94 -73.81
N VAL G 454 -5.40 -21.11 -74.99
CA VAL G 454 -6.84 -21.25 -75.14
C VAL G 454 -7.14 -22.65 -75.67
N LEU G 455 -8.22 -23.24 -75.19
CA LEU G 455 -8.55 -24.63 -75.48
C LEU G 455 -9.85 -24.72 -76.27
N GLU G 456 -9.93 -25.74 -77.11
CA GLU G 456 -11.18 -26.03 -77.81
C GLU G 456 -12.27 -26.36 -76.79
N PRO G 457 -13.45 -25.76 -76.91
CA PRO G 457 -14.53 -26.10 -75.97
C PRO G 457 -14.94 -27.55 -76.10
N ASP G 458 -15.10 -28.21 -74.96
CA ASP G 458 -15.45 -29.63 -74.88
C ASP G 458 -14.41 -30.52 -75.53
N SER G 459 -13.19 -30.03 -75.70
CA SER G 459 -12.07 -30.91 -76.00
C SER G 459 -11.79 -31.79 -74.79
N VAL G 460 -11.10 -32.91 -75.03
CA VAL G 460 -10.69 -33.77 -73.94
C VAL G 460 -9.82 -32.99 -72.96
N VAL G 461 -8.96 -32.11 -73.48
CA VAL G 461 -8.19 -31.22 -72.61
C VAL G 461 -9.14 -30.32 -71.82
N ALA G 462 -10.14 -29.74 -72.49
CA ALA G 462 -11.09 -28.89 -71.80
C ALA G 462 -11.96 -29.69 -70.84
N GLN G 463 -12.29 -30.93 -71.20
CA GLN G 463 -13.04 -31.79 -70.28
C GLN G 463 -12.23 -32.08 -69.03
N ALA G 464 -10.91 -32.23 -69.17
CA ALA G 464 -10.05 -32.44 -68.01
C ALA G 464 -9.96 -31.18 -67.16
N TYR G 465 -9.48 -30.09 -67.75
CA TYR G 465 -9.31 -28.84 -67.02
C TYR G 465 -10.63 -28.22 -66.60
N GLN G 466 -11.73 -28.55 -67.29
CA GLN G 466 -13.03 -27.92 -67.03
C GLN G 466 -12.93 -26.41 -67.15
N THR G 467 -12.18 -25.94 -68.15
CA THR G 467 -12.09 -24.52 -68.45
C THR G 467 -11.57 -24.36 -69.87
N THR G 468 -11.79 -23.17 -70.44
CA THR G 468 -11.29 -22.84 -71.76
C THR G 468 -9.96 -22.12 -71.74
N GLN G 469 -9.47 -21.71 -70.57
CA GLN G 469 -8.21 -20.97 -70.48
C GLN G 469 -7.33 -21.56 -69.39
N VAL G 470 -6.05 -21.71 -69.70
CA VAL G 470 -5.07 -22.32 -68.81
C VAL G 470 -3.73 -21.63 -69.04
N SER G 471 -2.80 -21.85 -68.11
CA SER G 471 -1.42 -21.45 -68.28
C SER G 471 -0.51 -22.60 -67.85
N GLU G 472 0.55 -22.83 -68.62
CA GLU G 472 1.46 -23.95 -68.37
C GLU G 472 2.89 -23.50 -68.58
N ARG G 473 3.81 -24.20 -67.93
CA ARG G 473 5.23 -23.90 -68.03
C ARG G 473 5.81 -24.57 -69.28
N HIS G 474 6.54 -23.80 -70.07
CA HIS G 474 7.09 -24.26 -71.34
C HIS G 474 8.61 -24.23 -71.30
N ARG G 475 9.22 -25.20 -71.99
CA ARG G 475 10.64 -25.18 -72.23
C ARG G 475 10.95 -25.89 -73.54
N HIS G 476 10.98 -25.15 -74.64
CA HIS G 476 11.22 -25.73 -75.95
C HIS G 476 11.38 -24.60 -76.96
N ARG G 477 11.96 -24.94 -78.11
CA ARG G 477 12.16 -23.98 -79.19
C ARG G 477 11.64 -24.45 -80.54
N TYR G 478 11.40 -25.75 -80.73
CA TYR G 478 10.76 -26.23 -81.95
C TYR G 478 9.25 -26.25 -81.77
N GLU G 479 8.53 -26.09 -82.89
CA GLU G 479 7.09 -25.99 -82.89
C GLU G 479 6.50 -26.82 -84.03
N VAL G 480 5.19 -27.06 -83.94
CA VAL G 480 4.47 -27.67 -85.04
C VAL G 480 4.49 -26.72 -86.23
N ASN G 481 4.88 -27.23 -87.39
CA ASN G 481 4.94 -26.42 -88.60
C ASN G 481 3.51 -26.16 -89.08
N ASN G 482 3.11 -24.88 -89.09
CA ASN G 482 1.74 -24.53 -89.44
C ASN G 482 1.39 -24.92 -90.87
N ALA G 483 2.39 -25.18 -91.72
CA ALA G 483 2.12 -25.57 -93.10
C ALA G 483 1.43 -26.93 -93.20
N TYR G 484 1.48 -27.76 -92.15
CA TYR G 484 1.00 -29.13 -92.22
C TYR G 484 -0.25 -29.39 -91.40
N ARG G 485 -0.88 -28.36 -90.83
CA ARG G 485 -2.07 -28.59 -90.01
C ARG G 485 -3.17 -29.28 -90.82
N ASP G 486 -3.51 -28.73 -91.98
CA ASP G 486 -4.60 -29.30 -92.76
C ASP G 486 -4.26 -30.68 -93.30
N LYS G 487 -2.98 -30.95 -93.56
CA LYS G 487 -2.59 -32.28 -94.02
C LYS G 487 -2.74 -33.30 -92.89
N ILE G 488 -2.22 -32.98 -91.71
CA ILE G 488 -2.20 -33.96 -90.63
C ILE G 488 -3.55 -34.08 -89.95
N ALA G 489 -4.42 -33.08 -90.07
CA ALA G 489 -5.77 -33.20 -89.54
C ALA G 489 -6.51 -34.38 -90.14
N GLU G 490 -6.14 -34.78 -91.37
CA GLU G 490 -6.75 -35.95 -91.98
C GLU G 490 -6.44 -37.22 -91.22
N SER G 491 -5.44 -37.21 -90.34
CA SER G 491 -5.24 -38.33 -89.42
C SER G 491 -6.39 -38.45 -88.43
N GLY G 492 -7.15 -37.39 -88.22
CA GLY G 492 -8.11 -37.30 -87.14
C GLY G 492 -7.62 -36.50 -85.96
N LEU G 493 -6.35 -36.09 -85.97
CA LEU G 493 -5.80 -35.31 -84.87
C LEU G 493 -6.41 -33.92 -84.83
N ARG G 494 -6.76 -33.47 -83.62
CA ARG G 494 -7.28 -32.13 -83.40
C ARG G 494 -6.23 -31.28 -82.72
N PHE G 495 -6.02 -30.06 -83.23
CA PHE G 495 -5.23 -29.05 -82.53
C PHE G 495 -6.13 -28.40 -81.48
N SER G 496 -6.43 -29.17 -80.43
CA SER G 496 -7.46 -28.83 -79.47
C SER G 496 -7.03 -27.75 -78.47
N GLY G 497 -5.79 -27.26 -78.53
CA GLY G 497 -5.40 -26.14 -77.70
C GLY G 497 -4.30 -25.35 -78.37
N THR G 498 -4.33 -24.03 -78.19
CA THR G 498 -3.43 -23.14 -78.89
C THR G 498 -3.08 -21.95 -78.01
N SER G 499 -2.12 -21.16 -78.50
CA SER G 499 -1.82 -19.85 -77.96
C SER G 499 -3.04 -18.95 -78.15
N PRO G 500 -3.17 -17.86 -77.39
CA PRO G 500 -4.39 -17.05 -77.52
C PRO G 500 -4.62 -16.53 -78.92
N ASP G 501 -3.57 -16.20 -79.67
CA ASP G 501 -3.71 -15.82 -81.05
C ASP G 501 -3.90 -17.01 -81.98
N GLY G 502 -3.81 -18.23 -81.45
CA GLY G 502 -3.93 -19.43 -82.25
C GLY G 502 -2.71 -19.76 -83.09
N HIS G 503 -1.64 -18.95 -83.00
CA HIS G 503 -0.50 -19.14 -83.88
C HIS G 503 0.26 -20.42 -83.55
N LEU G 504 0.32 -20.78 -82.27
CA LEU G 504 1.11 -21.91 -81.81
C LEU G 504 0.20 -23.02 -81.30
N VAL G 505 0.48 -24.25 -81.73
CA VAL G 505 -0.21 -25.42 -81.20
C VAL G 505 0.36 -25.76 -79.83
N GLU G 506 -0.54 -25.91 -78.84
CA GLU G 506 -0.14 -26.23 -77.48
C GLU G 506 -0.61 -27.59 -77.01
N PHE G 507 -1.67 -28.14 -77.60
CA PHE G 507 -2.19 -29.45 -77.24
C PHE G 507 -2.71 -30.15 -78.48
N VAL G 508 -2.61 -31.47 -78.49
CA VAL G 508 -3.19 -32.30 -79.53
C VAL G 508 -3.84 -33.51 -78.90
N GLU G 509 -4.90 -34.01 -79.53
CA GLU G 509 -5.61 -35.18 -79.02
C GLU G 509 -6.36 -35.85 -80.16
N TYR G 510 -6.68 -37.13 -79.95
CA TYR G 510 -7.61 -37.81 -80.83
C TYR G 510 -9.02 -37.75 -80.24
N PRO G 511 -10.07 -37.72 -81.05
CA PRO G 511 -11.41 -37.79 -80.50
C PRO G 511 -11.61 -39.09 -79.74
N PRO G 512 -12.44 -39.09 -78.70
CA PRO G 512 -12.58 -40.31 -77.88
C PRO G 512 -12.99 -41.53 -78.68
N ASP G 513 -13.76 -41.37 -79.76
CA ASP G 513 -14.17 -42.52 -80.56
C ASP G 513 -13.06 -43.05 -81.45
N ARG G 514 -12.03 -42.25 -81.73
CA ARG G 514 -10.87 -42.78 -82.44
C ARG G 514 -9.98 -43.58 -81.48
N HIS G 515 -9.63 -42.98 -80.35
CA HIS G 515 -8.98 -43.68 -79.25
C HIS G 515 -9.51 -43.06 -77.96
N PRO G 516 -9.77 -43.86 -76.92
CA PRO G 516 -10.40 -43.30 -75.73
C PRO G 516 -9.62 -42.16 -75.09
N PHE G 517 -8.29 -42.22 -75.08
CA PHE G 517 -7.50 -41.07 -74.63
C PHE G 517 -6.10 -41.20 -75.20
N VAL G 518 -5.73 -40.27 -76.08
CA VAL G 518 -4.35 -40.09 -76.52
C VAL G 518 -4.15 -38.60 -76.66
N VAL G 519 -3.36 -38.01 -75.76
CA VAL G 519 -3.19 -36.57 -75.68
C VAL G 519 -1.71 -36.23 -75.55
N GLY G 520 -1.32 -35.12 -76.15
CA GLY G 520 0.02 -34.58 -75.96
C GLY G 520 -0.05 -33.09 -75.71
N THR G 521 0.93 -32.60 -74.95
CA THR G 521 1.07 -31.17 -74.72
C THR G 521 2.54 -30.80 -74.77
N GLN G 522 2.82 -29.62 -75.33
CA GLN G 522 4.18 -29.13 -75.39
C GLN G 522 4.71 -28.72 -74.02
N ALA G 523 3.83 -28.44 -73.06
CA ALA G 523 4.24 -27.91 -71.78
C ALA G 523 4.60 -29.03 -70.81
N HIS G 524 5.11 -28.63 -69.65
CA HIS G 524 5.47 -29.55 -68.59
C HIS G 524 4.51 -29.39 -67.42
N PRO G 525 3.31 -29.95 -67.51
CA PRO G 525 2.34 -29.78 -66.41
C PRO G 525 2.81 -30.37 -65.10
N GLU G 526 3.78 -31.29 -65.13
CA GLU G 526 4.29 -31.87 -63.88
C GLU G 526 4.97 -30.84 -63.01
N LEU G 527 5.28 -29.66 -63.52
CA LEU G 527 5.90 -28.60 -62.74
C LEU G 527 4.88 -27.69 -62.05
N LYS G 528 3.59 -27.90 -62.30
CA LYS G 528 2.54 -27.22 -61.54
C LYS G 528 1.78 -28.16 -60.62
N SER G 529 1.99 -29.47 -60.75
CA SER G 529 1.35 -30.43 -59.86
C SER G 529 1.94 -30.34 -58.45
N ARG G 530 1.11 -30.66 -57.47
CA ARG G 530 1.52 -30.89 -56.09
C ARG G 530 0.79 -32.12 -55.60
N PRO G 531 1.37 -32.86 -54.65
CA PRO G 531 0.71 -34.08 -54.18
C PRO G 531 -0.66 -33.82 -53.58
N THR G 532 -0.88 -32.63 -53.02
CA THR G 532 -2.16 -32.25 -52.42
C THR G 532 -2.98 -31.39 -53.36
N ARG G 533 -2.61 -31.31 -54.63
CA ARG G 533 -3.30 -30.51 -55.63
C ARG G 533 -3.02 -31.10 -57.00
N PRO G 534 -3.43 -32.33 -57.27
CA PRO G 534 -2.98 -33.01 -58.50
C PRO G 534 -3.39 -32.25 -59.76
N HIS G 535 -2.56 -32.41 -60.79
CA HIS G 535 -2.76 -31.70 -62.04
C HIS G 535 -3.86 -32.39 -62.87
N PRO G 536 -4.75 -31.62 -63.51
CA PRO G 536 -5.86 -32.24 -64.24
C PRO G 536 -5.46 -33.27 -65.29
N LEU G 537 -4.42 -33.01 -66.07
CA LEU G 537 -4.09 -33.91 -67.18
C LEU G 537 -3.67 -35.28 -66.68
N PHE G 538 -2.92 -35.35 -65.58
CA PHE G 538 -2.50 -36.65 -65.08
C PHE G 538 -3.65 -37.38 -64.40
N VAL G 539 -4.55 -36.64 -63.75
CA VAL G 539 -5.79 -37.25 -63.29
C VAL G 539 -6.52 -37.90 -64.46
N ALA G 540 -6.63 -37.18 -65.58
CA ALA G 540 -7.31 -37.70 -66.76
C ALA G 540 -6.58 -38.92 -67.32
N PHE G 541 -5.26 -38.84 -67.43
CA PHE G 541 -4.49 -39.94 -68.01
C PHE G 541 -4.59 -41.20 -67.16
N VAL G 542 -4.48 -41.05 -65.84
CA VAL G 542 -4.62 -42.20 -64.96
C VAL G 542 -6.05 -42.73 -64.98
N GLY G 543 -7.04 -41.85 -65.10
CA GLY G 543 -8.41 -42.32 -65.23
C GLY G 543 -8.61 -43.12 -66.49
N ALA G 544 -8.01 -42.68 -67.60
CA ALA G 544 -8.08 -43.43 -68.84
C ALA G 544 -7.39 -44.78 -68.72
N ALA G 545 -6.24 -44.82 -68.05
CA ALA G 545 -5.56 -46.09 -67.83
C ALA G 545 -6.41 -47.02 -66.98
N ILE G 546 -7.08 -46.48 -65.96
CA ILE G 546 -7.98 -47.27 -65.14
C ILE G 546 -9.13 -47.81 -65.99
N ASP G 547 -9.69 -46.96 -66.85
CA ASP G 547 -10.79 -47.40 -67.72
C ASP G 547 -10.32 -48.51 -68.65
N TYR G 548 -9.11 -48.39 -69.18
CA TYR G 548 -8.57 -49.46 -70.02
C TYR G 548 -8.44 -50.75 -69.24
N LYS G 549 -7.83 -50.69 -68.05
CA LYS G 549 -7.65 -51.89 -67.24
C LYS G 549 -9.01 -52.53 -66.92
N ALA G 550 -9.99 -51.71 -66.57
CA ALA G 550 -11.30 -52.25 -66.22
C ALA G 550 -12.01 -52.84 -67.42
N GLY G 551 -11.89 -52.21 -68.59
CA GLY G 551 -12.56 -52.69 -69.77
C GLY G 551 -11.83 -53.82 -70.47
N GLU G 552 -10.51 -53.88 -70.33
CA GLU G 552 -9.71 -54.90 -71.00
C GLU G 552 -10.02 -56.29 -70.44
N MET H 1 33.48 -3.93 -3.00
CA MET H 1 34.29 -4.11 -1.76
C MET H 1 35.16 -5.36 -1.89
N ARG H 2 36.09 -5.54 -0.94
CA ARG H 2 37.09 -6.58 -1.07
C ARG H 2 36.48 -7.97 -1.15
N LYS H 3 35.29 -8.16 -0.57
CA LYS H 3 34.64 -9.46 -0.54
C LYS H 3 33.56 -9.52 -1.61
N HIS H 4 33.60 -10.56 -2.43
CA HIS H 4 32.70 -10.75 -3.55
C HIS H 4 32.03 -12.11 -3.48
N PRO H 5 30.88 -12.29 -4.15
CA PRO H 5 30.26 -13.62 -4.20
C PRO H 5 31.13 -14.63 -4.92
N GLN H 6 30.78 -15.91 -4.74
CA GLN H 6 31.48 -16.98 -5.41
C GLN H 6 31.13 -17.01 -6.90
N THR H 7 32.13 -17.36 -7.72
CA THR H 7 31.92 -17.59 -9.15
C THR H 7 32.81 -18.74 -9.57
N ALA H 8 32.47 -19.34 -10.72
CA ALA H 8 33.23 -20.48 -11.19
C ALA H 8 34.65 -20.08 -11.56
N THR H 9 35.56 -21.05 -11.51
CA THR H 9 36.96 -20.78 -11.82
C THR H 9 37.11 -20.59 -13.33
N LYS H 10 37.71 -19.46 -13.72
CA LYS H 10 37.86 -19.11 -15.12
C LYS H 10 39.17 -19.66 -15.66
N HIS H 11 39.13 -20.18 -16.88
CA HIS H 11 40.30 -20.75 -17.55
C HIS H 11 40.71 -19.82 -18.68
N LEU H 12 42.00 -19.46 -18.70
CA LEU H 12 42.56 -18.60 -19.74
C LEU H 12 43.72 -19.35 -20.38
N PHE H 13 43.58 -19.70 -21.66
CA PHE H 13 44.58 -20.48 -22.38
C PHE H 13 45.43 -19.55 -23.23
N VAL H 14 46.75 -19.69 -23.12
CA VAL H 14 47.69 -18.92 -23.91
C VAL H 14 48.38 -19.87 -24.89
N SER H 15 48.31 -19.53 -26.18
CA SER H 15 48.85 -20.34 -27.25
C SER H 15 49.72 -19.48 -28.15
N GLY H 16 50.57 -20.12 -28.93
CA GLY H 16 51.55 -19.39 -29.74
C GLY H 16 51.45 -19.77 -31.20
N GLY H 17 51.87 -18.83 -32.04
CA GLY H 17 51.85 -19.03 -33.48
C GLY H 17 53.13 -18.55 -34.13
N VAL H 18 53.32 -18.97 -35.37
CA VAL H 18 54.47 -18.59 -36.18
C VAL H 18 55.75 -19.23 -35.66
N ALA H 19 56.10 -18.97 -34.40
CA ALA H 19 57.37 -19.45 -33.86
C ALA H 19 57.28 -19.54 -32.36
N SER H 20 58.27 -20.20 -31.77
CA SER H 20 58.48 -20.18 -30.33
C SER H 20 59.35 -18.98 -29.97
N SER H 21 59.63 -18.82 -28.68
CA SER H 21 60.40 -17.70 -28.16
C SER H 21 59.75 -16.35 -28.48
N LEU H 22 58.43 -16.32 -28.62
CA LEU H 22 57.72 -15.07 -28.84
C LEU H 22 57.45 -14.31 -27.54
N GLY H 23 57.90 -14.82 -26.41
CA GLY H 23 57.52 -14.21 -25.15
C GLY H 23 56.12 -14.59 -24.74
N LYS H 24 55.65 -15.76 -25.17
CA LYS H 24 54.35 -16.24 -24.76
C LYS H 24 54.28 -16.45 -23.25
N GLY H 25 55.31 -17.07 -22.68
CA GLY H 25 55.33 -17.29 -21.25
C GLY H 25 55.45 -16.00 -20.46
N LEU H 26 56.27 -15.07 -20.93
CA LEU H 26 56.37 -13.79 -20.27
C LEU H 26 55.07 -13.00 -20.33
N THR H 27 54.38 -13.05 -21.46
CA THR H 27 53.08 -12.40 -21.56
C THR H 27 52.08 -13.03 -20.60
N ALA H 28 52.07 -14.36 -20.50
CA ALA H 28 51.18 -15.01 -19.55
C ALA H 28 51.51 -14.59 -18.13
N SER H 29 52.80 -14.54 -17.79
CA SER H 29 53.20 -14.12 -16.44
C SER H 29 52.81 -12.68 -16.17
N SER H 30 52.97 -11.79 -17.14
CA SER H 30 52.59 -10.39 -16.95
C SER H 30 51.09 -10.25 -16.76
N LEU H 31 50.31 -11.00 -17.54
CA LEU H 31 48.87 -10.97 -17.35
C LEU H 31 48.49 -11.52 -15.98
N GLY H 32 49.19 -12.56 -15.52
CA GLY H 32 48.97 -13.03 -14.17
C GLY H 32 49.29 -11.97 -13.14
N GLN H 33 50.34 -11.20 -13.38
CA GLN H 33 50.69 -10.10 -12.49
C GLN H 33 49.57 -9.09 -12.42
N LEU H 34 49.08 -8.66 -13.57
CA LEU H 34 48.03 -7.65 -13.59
C LEU H 34 46.78 -8.16 -12.91
N LEU H 35 46.37 -9.39 -13.22
CA LEU H 35 45.16 -9.93 -12.60
C LEU H 35 45.34 -10.12 -11.10
N THR H 36 46.56 -10.40 -10.63
CA THR H 36 46.80 -10.47 -9.19
C THR H 36 46.63 -9.09 -8.57
N ALA H 37 47.21 -8.07 -9.19
CA ALA H 37 47.09 -6.73 -8.64
C ALA H 37 45.65 -6.26 -8.62
N ARG H 38 44.83 -6.70 -9.57
CA ARG H 38 43.40 -6.40 -9.52
C ARG H 38 42.67 -7.24 -8.49
N GLY H 39 43.38 -8.06 -7.72
CA GLY H 39 42.82 -8.72 -6.57
C GLY H 39 42.36 -10.15 -6.77
N LEU H 40 42.61 -10.73 -7.93
CA LEU H 40 42.18 -12.10 -8.20
C LEU H 40 43.24 -13.09 -7.79
N HIS H 41 42.81 -14.28 -7.36
CA HIS H 41 43.74 -15.36 -7.02
C HIS H 41 44.09 -16.12 -8.29
N VAL H 42 45.14 -15.67 -8.96
CA VAL H 42 45.62 -16.31 -10.17
C VAL H 42 46.49 -17.49 -9.81
N THR H 43 46.29 -18.60 -10.52
CA THR H 43 47.22 -19.72 -10.51
C THR H 43 47.59 -20.02 -11.96
N MET H 44 48.73 -20.69 -12.15
CA MET H 44 49.29 -20.85 -13.47
C MET H 44 49.76 -22.28 -13.69
N GLN H 45 49.86 -22.66 -14.97
CA GLN H 45 50.18 -24.01 -15.37
C GLN H 45 50.79 -23.96 -16.77
N LYS H 46 51.67 -24.92 -17.07
CA LYS H 46 52.21 -25.06 -18.42
C LYS H 46 52.01 -26.48 -18.92
N LEU H 47 51.74 -26.59 -20.21
CA LEU H 47 51.65 -27.87 -20.89
C LEU H 47 52.78 -27.96 -21.92
N ASP H 48 53.64 -28.98 -21.77
CA ASP H 48 54.80 -29.12 -22.65
C ASP H 48 54.56 -30.23 -23.66
N PRO H 49 54.54 -29.94 -24.96
CA PRO H 49 54.27 -31.00 -25.95
C PRO H 49 55.34 -32.06 -26.07
N TYR H 50 56.55 -31.86 -25.57
CA TYR H 50 57.59 -32.84 -25.80
C TYR H 50 57.36 -34.09 -24.96
N LEU H 51 57.95 -35.20 -25.40
CA LEU H 51 57.74 -36.50 -24.78
C LEU H 51 58.66 -36.77 -23.59
N ASN H 52 59.68 -35.95 -23.37
CA ASN H 52 60.53 -36.13 -22.19
C ASN H 52 59.66 -36.06 -20.95
N VAL H 53 59.80 -37.06 -20.06
CA VAL H 53 58.98 -37.06 -18.87
C VAL H 53 59.33 -35.88 -17.97
N ASP H 54 60.54 -35.34 -18.11
CA ASP H 54 60.91 -34.08 -17.48
C ASP H 54 62.17 -33.58 -18.16
N PRO H 55 62.38 -32.26 -18.20
CA PRO H 55 63.51 -31.71 -18.98
C PRO H 55 64.88 -32.00 -18.39
N GLY H 56 64.98 -32.76 -17.30
CA GLY H 56 66.29 -33.03 -16.73
C GLY H 56 67.23 -33.70 -17.71
N THR H 57 66.68 -34.50 -18.63
CA THR H 57 67.51 -35.19 -19.61
C THR H 57 67.99 -34.27 -20.72
N MET H 58 67.44 -33.07 -20.84
CA MET H 58 67.74 -32.22 -21.98
C MET H 58 69.07 -31.50 -21.80
N ASN H 59 69.46 -30.81 -22.86
CA ASN H 59 70.68 -30.01 -22.92
C ASN H 59 70.32 -28.53 -22.98
N PRO H 60 70.95 -27.67 -22.18
CA PRO H 60 70.53 -26.26 -22.14
C PRO H 60 70.54 -25.56 -23.49
N PHE H 61 71.12 -26.15 -24.53
CA PHE H 61 71.02 -25.54 -25.86
C PHE H 61 69.62 -25.71 -26.46
N GLN H 62 68.82 -26.62 -25.92
CA GLN H 62 67.48 -26.87 -26.48
C GLN H 62 66.52 -25.75 -26.13
N HIS H 63 66.28 -25.54 -24.83
CA HIS H 63 65.26 -24.61 -24.39
C HIS H 63 65.72 -23.77 -23.19
N GLY H 64 67.01 -23.62 -22.98
CA GLY H 64 67.50 -22.90 -21.83
C GLY H 64 67.60 -23.75 -20.58
N GLU H 65 67.82 -23.06 -19.46
CA GLU H 65 68.12 -23.70 -18.20
C GLU H 65 66.93 -24.47 -17.65
N VAL H 66 67.22 -25.44 -16.79
CA VAL H 66 66.20 -26.18 -16.06
C VAL H 66 65.85 -25.44 -14.77
N PHE H 67 64.69 -25.77 -14.21
CA PHE H 67 64.18 -25.16 -12.99
C PHE H 67 63.76 -26.27 -12.04
N VAL H 68 63.67 -25.94 -10.75
CA VAL H 68 63.39 -26.92 -9.71
C VAL H 68 62.36 -26.36 -8.74
N THR H 69 61.44 -27.22 -8.30
CA THR H 69 60.37 -26.84 -7.40
C THR H 69 60.69 -27.27 -5.97
N GLU H 70 59.83 -26.82 -5.04
CA GLU H 70 60.03 -27.15 -3.64
C GLU H 70 59.63 -28.59 -3.33
N ASP H 71 58.58 -29.11 -3.95
CA ASP H 71 58.34 -30.54 -3.85
C ASP H 71 59.34 -31.36 -4.67
N GLY H 72 60.27 -30.70 -5.34
CA GLY H 72 61.40 -31.36 -5.96
C GLY H 72 61.20 -31.80 -7.39
N ALA H 73 60.12 -31.40 -8.04
CA ALA H 73 59.97 -31.70 -9.46
C ALA H 73 60.90 -30.83 -10.29
N GLU H 74 61.25 -31.34 -11.47
CA GLU H 74 62.16 -30.66 -12.38
C GLU H 74 61.36 -30.24 -13.61
N THR H 75 61.35 -28.93 -13.90
CA THR H 75 60.33 -28.36 -14.77
C THR H 75 60.96 -27.40 -15.77
N ASP H 76 60.11 -26.95 -16.71
CA ASP H 76 60.53 -26.06 -17.77
C ASP H 76 60.91 -24.69 -17.21
N LEU H 77 61.54 -23.89 -18.08
CA LEU H 77 61.98 -22.55 -17.70
C LEU H 77 60.82 -21.63 -17.36
N ASP H 78 59.66 -21.84 -17.97
CA ASP H 78 58.56 -20.89 -17.82
C ASP H 78 58.01 -20.85 -16.40
N VAL H 79 58.09 -21.97 -15.68
CA VAL H 79 57.68 -21.95 -14.28
C VAL H 79 58.50 -20.94 -13.51
N GLY H 80 59.73 -20.66 -13.96
CA GLY H 80 60.52 -19.61 -13.34
C GLY H 80 59.94 -18.23 -13.55
N HIS H 81 59.44 -17.94 -14.75
CA HIS H 81 58.74 -16.68 -14.95
C HIS H 81 57.51 -16.60 -14.06
N TYR H 82 56.78 -17.70 -13.94
CA TYR H 82 55.59 -17.69 -13.09
C TYR H 82 55.96 -17.35 -11.66
N GLU H 83 57.00 -18.00 -11.12
CA GLU H 83 57.47 -17.66 -9.79
C GLU H 83 57.90 -16.20 -9.69
N ARG H 84 58.76 -15.76 -10.61
CA ARG H 84 59.34 -14.42 -10.48
C ARG H 84 58.29 -13.33 -10.57
N PHE H 85 57.18 -13.57 -11.28
CA PHE H 85 56.16 -12.51 -11.41
C PHE H 85 55.02 -12.65 -10.43
N LEU H 86 54.63 -13.86 -10.04
CA LEU H 86 53.61 -14.03 -9.01
C LEU H 86 54.20 -14.06 -7.61
N ASP H 87 55.52 -14.17 -7.48
CA ASP H 87 56.17 -14.36 -6.19
C ASP H 87 55.48 -15.47 -5.40
N ARG H 88 55.53 -16.68 -5.95
CA ARG H 88 54.90 -17.84 -5.35
C ARG H 88 55.79 -19.05 -5.58
N ASN H 89 55.55 -20.09 -4.78
CA ASN H 89 56.14 -21.40 -5.00
C ASN H 89 55.08 -22.32 -5.58
N LEU H 90 55.40 -22.95 -6.70
CA LEU H 90 54.40 -23.69 -7.45
C LEU H 90 54.63 -25.20 -7.33
N PRO H 91 53.56 -25.99 -7.35
CA PRO H 91 53.74 -27.44 -7.25
C PRO H 91 54.35 -28.01 -8.52
N GLY H 92 54.88 -29.23 -8.39
CA GLY H 92 55.33 -29.96 -9.58
C GLY H 92 54.20 -30.24 -10.54
N SER H 93 52.95 -30.22 -10.05
CA SER H 93 51.80 -30.40 -10.91
C SER H 93 51.65 -29.28 -11.92
N ALA H 94 52.37 -28.17 -11.75
CA ALA H 94 52.26 -27.03 -12.64
C ALA H 94 52.90 -27.26 -14.00
N ASN H 95 53.51 -28.41 -14.26
CA ASN H 95 54.12 -28.70 -15.56
C ASN H 95 53.70 -30.10 -16.00
N VAL H 96 52.74 -30.16 -16.93
CA VAL H 96 52.35 -31.40 -17.57
C VAL H 96 53.17 -31.60 -18.84
N THR H 97 53.37 -32.86 -19.23
CA THR H 97 54.08 -33.19 -20.45
C THR H 97 53.38 -34.36 -21.14
N THR H 98 53.58 -34.45 -22.45
CA THR H 98 53.08 -35.59 -23.20
C THR H 98 53.68 -36.89 -22.68
N GLY H 99 54.95 -36.84 -22.27
CA GLY H 99 55.56 -38.04 -21.71
C GLY H 99 54.79 -38.56 -20.52
N GLN H 100 54.46 -37.66 -19.59
CA GLN H 100 53.73 -38.07 -18.39
C GLN H 100 52.34 -38.58 -18.75
N VAL H 101 51.64 -37.90 -19.67
CA VAL H 101 50.28 -38.30 -20.00
C VAL H 101 50.27 -39.68 -20.64
N TYR H 102 51.15 -39.92 -21.60
CA TYR H 102 51.18 -41.22 -22.27
C TYR H 102 51.60 -42.31 -21.31
N SER H 103 52.62 -42.07 -20.48
CA SER H 103 53.01 -43.08 -19.51
C SER H 103 51.84 -43.41 -18.59
N THR H 104 51.13 -42.40 -18.11
CA THR H 104 50.01 -42.64 -17.21
C THR H 104 48.92 -43.47 -17.88
N VAL H 105 48.56 -43.11 -19.11
CA VAL H 105 47.46 -43.81 -19.76
C VAL H 105 47.86 -45.24 -20.11
N ILE H 106 49.10 -45.44 -20.56
CA ILE H 106 49.57 -46.79 -20.87
C ILE H 106 49.58 -47.65 -19.61
N ALA H 107 50.07 -47.09 -18.50
CA ALA H 107 50.06 -47.83 -17.25
C ALA H 107 48.64 -48.20 -16.85
N LYS H 108 47.72 -47.24 -16.89
CA LYS H 108 46.33 -47.54 -16.58
C LYS H 108 45.77 -48.62 -17.49
N GLU H 109 46.20 -48.65 -18.75
CA GLU H 109 45.72 -49.70 -19.66
C GLU H 109 46.24 -51.06 -19.24
N ARG H 110 47.54 -51.15 -18.91
CA ARG H 110 48.11 -52.42 -18.49
C ARG H 110 47.38 -52.97 -17.27
N ARG H 111 46.83 -52.11 -16.43
CA ARG H 111 46.08 -52.53 -15.26
C ARG H 111 44.61 -52.80 -15.56
N GLY H 112 44.19 -52.66 -16.81
CA GLY H 112 42.82 -52.97 -17.19
C GLY H 112 41.79 -51.96 -16.75
N GLU H 113 42.19 -50.75 -16.39
CA GLU H 113 41.26 -49.80 -15.79
C GLU H 113 40.25 -49.25 -16.78
N TYR H 114 40.41 -49.51 -18.08
CA TYR H 114 39.44 -49.09 -19.08
C TYR H 114 38.48 -50.20 -19.45
N LEU H 115 38.48 -51.30 -18.71
CA LEU H 115 37.43 -52.32 -18.79
C LEU H 115 37.25 -52.83 -20.21
N GLY H 116 38.38 -53.05 -20.90
CA GLY H 116 38.35 -53.69 -22.20
C GLY H 116 38.09 -52.79 -23.39
N ASP H 117 37.95 -51.48 -23.18
CA ASP H 117 37.78 -50.58 -24.30
C ASP H 117 39.06 -50.47 -25.11
N THR H 118 38.91 -50.01 -26.34
CA THR H 118 40.06 -49.62 -27.15
C THR H 118 40.57 -48.27 -26.64
N VAL H 119 41.84 -48.23 -26.23
CA VAL H 119 42.43 -46.98 -25.78
C VAL H 119 42.82 -46.16 -27.00
N GLN H 120 42.38 -44.90 -27.02
CA GLN H 120 42.50 -44.03 -28.18
C GLN H 120 43.05 -42.69 -27.75
N VAL H 121 43.57 -41.93 -28.72
CA VAL H 121 44.02 -40.58 -28.45
C VAL H 121 42.85 -39.70 -28.07
N ILE H 122 41.70 -39.93 -28.68
CA ILE H 122 40.43 -39.38 -28.23
C ILE H 122 39.51 -40.57 -27.99
N PRO H 123 38.87 -40.69 -26.81
CA PRO H 123 38.82 -39.76 -25.69
C PRO H 123 39.89 -39.87 -24.61
N HIS H 124 40.67 -40.96 -24.54
CA HIS H 124 41.36 -41.27 -23.29
C HIS H 124 42.50 -40.29 -22.99
N ILE H 125 43.35 -40.00 -23.98
CA ILE H 125 44.46 -39.09 -23.73
C ILE H 125 43.96 -37.68 -23.46
N THR H 126 43.00 -37.21 -24.27
CA THR H 126 42.44 -35.89 -24.06
C THR H 126 41.70 -35.82 -22.74
N ASP H 127 41.11 -36.93 -22.29
CA ASP H 127 40.47 -36.96 -20.98
C ASP H 127 41.48 -36.84 -19.86
N GLU H 128 42.62 -37.53 -19.99
CA GLU H 128 43.67 -37.38 -18.98
C GLU H 128 44.17 -35.93 -18.94
N ILE H 129 44.35 -35.31 -20.09
CA ILE H 129 44.82 -33.93 -20.11
C ILE H 129 43.77 -32.99 -19.52
N LYS H 130 42.51 -33.19 -19.88
CA LYS H 130 41.45 -32.35 -19.33
C LYS H 130 41.34 -32.53 -17.82
N ARG H 131 41.52 -33.75 -17.34
CA ARG H 131 41.56 -34.00 -15.91
C ARG H 131 42.70 -33.23 -15.25
N ARG H 132 43.88 -33.28 -15.85
CA ARG H 132 45.03 -32.57 -15.29
C ARG H 132 44.85 -31.06 -15.34
N ILE H 133 44.09 -30.55 -16.31
CA ILE H 133 43.83 -29.11 -16.36
C ILE H 133 42.83 -28.72 -15.28
N LEU H 134 41.72 -29.45 -15.18
CA LEU H 134 40.68 -29.11 -14.21
C LEU H 134 41.10 -29.40 -12.77
N ALA H 135 42.12 -30.23 -12.56
CA ALA H 135 42.63 -30.43 -11.21
C ALA H 135 43.19 -29.14 -10.62
N MET H 136 43.67 -28.23 -11.46
CA MET H 136 44.15 -26.95 -10.97
C MET H 136 43.04 -26.15 -10.31
N ALA H 137 41.78 -26.38 -10.70
CA ALA H 137 40.69 -25.62 -10.16
C ALA H 137 40.30 -26.04 -8.75
N GLN H 138 40.73 -27.20 -8.31
CA GLN H 138 40.30 -27.70 -7.01
C GLN H 138 40.82 -26.81 -5.89
N PRO H 139 40.11 -26.70 -4.77
CA PRO H 139 40.60 -25.89 -3.65
C PRO H 139 41.96 -26.39 -3.16
N ASP H 140 42.83 -25.44 -2.84
CA ASP H 140 44.18 -25.77 -2.38
C ASP H 140 44.12 -26.42 -0.99
N ALA H 141 45.29 -26.72 -0.43
CA ALA H 141 45.34 -27.38 0.87
C ALA H 141 44.70 -26.54 1.97
N ASP H 142 44.58 -25.23 1.78
CA ASP H 142 43.97 -24.34 2.76
C ASP H 142 42.59 -23.87 2.34
N GLY H 143 42.05 -24.41 1.25
CA GLY H 143 40.72 -24.07 0.80
C GLY H 143 40.62 -22.86 -0.09
N ASN H 144 41.76 -22.24 -0.46
CA ASN H 144 41.72 -21.08 -1.33
C ASN H 144 41.57 -21.56 -2.76
N ARG H 145 40.49 -21.18 -3.38
CA ARG H 145 40.14 -21.64 -4.71
C ARG H 145 40.54 -20.59 -5.74
N PRO H 146 41.33 -20.95 -6.75
CA PRO H 146 41.81 -19.93 -7.68
C PRO H 146 40.66 -19.29 -8.44
N ASP H 147 40.79 -17.98 -8.70
CA ASP H 147 39.77 -17.28 -9.45
C ASP H 147 39.98 -17.44 -10.94
N VAL H 148 41.24 -17.45 -11.39
CA VAL H 148 41.60 -17.64 -12.79
C VAL H 148 42.76 -18.62 -12.86
N VAL H 149 42.68 -19.57 -13.78
CA VAL H 149 43.78 -20.48 -14.09
C VAL H 149 44.32 -20.11 -15.47
N ILE H 150 45.56 -19.66 -15.53
CA ILE H 150 46.20 -19.31 -16.80
C ILE H 150 47.07 -20.49 -17.22
N THR H 151 46.71 -21.12 -18.34
CA THR H 151 47.39 -22.30 -18.85
C THR H 151 48.13 -21.92 -20.13
N GLU H 152 49.44 -22.18 -20.16
CA GLU H 152 50.24 -21.90 -21.34
C GLU H 152 50.46 -23.20 -22.11
N ILE H 153 50.05 -23.20 -23.37
CA ILE H 153 50.23 -24.35 -24.24
C ILE H 153 51.55 -24.16 -24.99
N GLY H 154 52.56 -24.93 -24.62
CA GLY H 154 53.86 -24.79 -25.24
C GLY H 154 53.87 -25.24 -26.68
N GLY H 155 54.93 -24.85 -27.38
CA GLY H 155 55.06 -25.19 -28.78
C GLY H 155 54.44 -24.14 -29.69
N THR H 156 53.98 -24.59 -30.85
CA THR H 156 53.36 -23.73 -31.84
C THR H 156 52.10 -24.40 -32.36
N VAL H 157 51.10 -23.59 -32.71
CA VAL H 157 49.88 -24.12 -33.29
C VAL H 157 50.24 -24.75 -34.63
N GLY H 158 49.90 -26.02 -34.80
CA GLY H 158 50.25 -26.75 -35.99
C GLY H 158 51.38 -27.74 -35.83
N ASP H 159 52.08 -27.72 -34.70
CA ASP H 159 52.98 -28.81 -34.38
C ASP H 159 52.18 -30.08 -34.13
N ILE H 160 52.67 -31.20 -34.65
CA ILE H 160 51.98 -32.47 -34.49
C ILE H 160 51.78 -32.79 -33.01
N GLU H 161 52.74 -32.41 -32.18
CA GLU H 161 52.73 -32.79 -30.78
C GLU H 161 51.71 -32.01 -29.96
N SER H 162 51.28 -30.85 -30.45
CA SER H 162 50.32 -30.04 -29.70
C SER H 162 48.88 -30.50 -29.90
N GLN H 163 48.64 -31.41 -30.84
CA GLN H 163 47.26 -31.73 -31.20
C GLN H 163 46.43 -32.24 -30.04
N PRO H 164 46.92 -33.08 -29.14
CA PRO H 164 46.08 -33.52 -28.02
C PRO H 164 45.79 -32.42 -27.03
N PHE H 165 46.76 -31.53 -26.77
CA PHE H 165 46.53 -30.45 -25.81
C PHE H 165 45.50 -29.47 -26.32
N LEU H 166 45.55 -29.10 -27.60
CA LEU H 166 44.58 -28.17 -28.13
C LEU H 166 43.19 -28.80 -28.22
N GLU H 167 43.12 -30.10 -28.47
CA GLU H 167 41.82 -30.77 -28.44
C GLU H 167 41.26 -30.80 -27.02
N ALA H 168 42.12 -31.00 -26.03
CA ALA H 168 41.66 -30.92 -24.65
C ALA H 168 41.16 -29.52 -24.30
N ALA H 169 41.87 -28.50 -24.75
CA ALA H 169 41.42 -27.13 -24.52
C ALA H 169 40.08 -26.87 -25.19
N ARG H 170 39.90 -27.38 -26.40
CA ARG H 170 38.62 -27.25 -27.07
C ARG H 170 37.51 -27.94 -26.30
N GLN H 171 37.79 -29.13 -25.77
CA GLN H 171 36.77 -29.82 -24.98
C GLN H 171 36.47 -29.08 -23.68
N VAL H 172 37.46 -28.43 -23.09
CA VAL H 172 37.21 -27.62 -21.90
C VAL H 172 36.30 -26.45 -22.24
N ARG H 173 36.56 -25.79 -23.37
CA ARG H 173 35.65 -24.71 -23.80
C ARG H 173 34.24 -25.24 -24.06
N HIS H 174 34.12 -26.47 -24.55
CA HIS H 174 32.79 -27.04 -24.77
C HIS H 174 32.09 -27.33 -23.45
N TYR H 175 32.81 -27.95 -22.51
CA TYR H 175 32.23 -28.33 -21.23
C TYR H 175 31.82 -27.11 -20.42
N LEU H 176 32.73 -26.14 -20.26
CA LEU H 176 32.47 -24.99 -19.41
C LEU H 176 31.79 -23.83 -20.12
N GLY H 177 31.76 -23.82 -21.45
CA GLY H 177 31.13 -22.74 -22.19
C GLY H 177 32.02 -21.51 -22.28
N ARG H 178 31.61 -20.58 -23.14
CA ARG H 178 32.46 -19.43 -23.46
C ARG H 178 32.58 -18.46 -22.29
N GLU H 179 31.61 -18.46 -21.38
CA GLU H 179 31.68 -17.52 -20.26
C GLU H 179 32.79 -17.85 -19.28
N ASP H 180 33.40 -19.02 -19.38
CA ASP H 180 34.47 -19.42 -18.49
C ASP H 180 35.83 -19.56 -19.15
N VAL H 181 35.90 -19.75 -20.47
CA VAL H 181 37.13 -20.10 -21.16
C VAL H 181 37.46 -18.99 -22.15
N PHE H 182 38.68 -18.48 -22.05
CA PHE H 182 39.18 -17.39 -22.87
C PHE H 182 40.47 -17.84 -23.54
N PHE H 183 40.61 -17.57 -24.84
CA PHE H 183 41.78 -17.96 -25.61
C PHE H 183 42.58 -16.73 -26.01
N LEU H 184 43.83 -16.68 -25.58
CA LEU H 184 44.77 -15.61 -25.94
C LEU H 184 45.81 -16.19 -26.87
N HIS H 185 46.03 -15.53 -28.01
CA HIS H 185 46.90 -16.04 -29.05
C HIS H 185 48.03 -15.05 -29.31
N VAL H 186 49.27 -15.53 -29.24
CA VAL H 186 50.46 -14.69 -29.41
C VAL H 186 51.07 -15.01 -30.77
N SER H 187 51.33 -13.98 -31.56
CA SER H 187 51.75 -14.16 -32.93
C SER H 187 52.80 -13.11 -33.29
N LEU H 188 53.52 -13.38 -34.38
CA LEU H 188 54.67 -12.57 -34.78
C LEU H 188 54.31 -11.72 -36.00
N VAL H 189 54.72 -10.45 -35.97
CA VAL H 189 54.58 -9.55 -37.11
C VAL H 189 55.98 -9.20 -37.62
N PRO H 190 56.48 -9.85 -38.65
CA PRO H 190 57.84 -9.57 -39.11
C PRO H 190 57.93 -8.29 -39.92
N TYR H 191 59.11 -7.67 -39.85
CA TYR H 191 59.42 -6.46 -40.60
C TYR H 191 60.41 -6.80 -41.70
N LEU H 192 60.04 -6.51 -42.96
CA LEU H 192 60.88 -6.76 -44.11
C LEU H 192 61.58 -5.46 -44.48
N ALA H 193 62.88 -5.39 -44.19
CA ALA H 193 63.61 -4.14 -44.41
C ALA H 193 63.61 -3.70 -45.86
N PRO H 194 63.83 -4.56 -46.85
CA PRO H 194 63.92 -4.08 -48.24
C PRO H 194 62.71 -3.31 -48.72
N SER H 195 61.50 -3.70 -48.32
CA SER H 195 60.29 -3.00 -48.73
C SER H 195 59.67 -2.19 -47.60
N GLY H 196 60.25 -2.22 -46.40
CA GLY H 196 59.82 -1.33 -45.33
C GLY H 196 58.37 -1.49 -44.94
N GLU H 197 57.91 -2.72 -44.75
CA GLU H 197 56.51 -2.97 -44.43
C GLU H 197 56.42 -4.09 -43.41
N LEU H 198 55.47 -3.95 -42.48
CA LEU H 198 55.09 -5.05 -41.62
C LEU H 198 54.11 -5.96 -42.36
N LYS H 199 54.27 -7.27 -42.17
CA LYS H 199 53.46 -8.26 -42.87
C LYS H 199 52.55 -8.96 -41.88
N THR H 200 51.25 -8.94 -42.17
CA THR H 200 50.26 -9.60 -41.33
C THR H 200 49.93 -11.01 -41.79
N LYS H 201 50.41 -11.43 -42.96
CA LYS H 201 50.02 -12.74 -43.49
C LYS H 201 50.39 -13.88 -42.55
N PRO H 202 51.57 -13.91 -41.93
CA PRO H 202 51.85 -15.00 -40.98
C PRO H 202 50.82 -15.09 -39.87
N THR H 203 50.35 -13.94 -39.36
CA THR H 203 49.32 -13.94 -38.34
C THR H 203 48.01 -14.50 -38.87
N GLN H 204 47.63 -14.10 -40.09
CA GLN H 204 46.41 -14.62 -40.68
C GLN H 204 46.48 -16.12 -40.82
N HIS H 205 47.61 -16.64 -41.31
CA HIS H 205 47.74 -18.08 -41.47
C HIS H 205 47.71 -18.79 -40.12
N SER H 206 48.32 -18.20 -39.09
CA SER H 206 48.30 -18.84 -37.78
C SER H 206 46.89 -18.88 -37.20
N VAL H 207 46.14 -17.78 -37.34
CA VAL H 207 44.77 -17.77 -36.84
C VAL H 207 43.91 -18.75 -37.62
N ALA H 208 44.16 -18.88 -38.92
CA ALA H 208 43.42 -19.88 -39.70
C ALA H 208 43.76 -21.28 -39.25
N ALA H 209 45.03 -21.55 -38.96
CA ALA H 209 45.43 -22.85 -38.44
C ALA H 209 44.74 -23.13 -37.13
N LEU H 210 44.65 -22.13 -36.27
CA LEU H 210 43.96 -22.30 -34.98
C LEU H 210 42.48 -22.57 -35.19
N ARG H 211 41.84 -21.84 -36.11
CA ARG H 211 40.43 -22.09 -36.40
C ARG H 211 40.20 -23.48 -36.97
N SER H 212 41.19 -24.03 -37.67
CA SER H 212 41.02 -25.34 -38.28
C SER H 212 40.93 -26.47 -37.26
N ILE H 213 41.21 -26.20 -35.99
CA ILE H 213 41.06 -27.19 -34.93
C ILE H 213 39.95 -26.83 -33.97
N GLY H 214 39.16 -25.80 -34.29
CA GLY H 214 37.99 -25.47 -33.49
C GLY H 214 38.20 -24.44 -32.41
N ILE H 215 39.26 -23.65 -32.48
CA ILE H 215 39.54 -22.60 -31.50
C ILE H 215 39.43 -21.26 -32.20
N THR H 216 38.66 -20.33 -31.60
CA THR H 216 38.58 -18.97 -32.08
C THR H 216 39.27 -18.06 -31.07
N PRO H 217 40.37 -17.40 -31.41
CA PRO H 217 41.03 -16.54 -30.43
C PRO H 217 40.14 -15.38 -30.03
N ASP H 218 40.19 -15.04 -28.74
CA ASP H 218 39.47 -13.86 -28.26
C ASP H 218 40.30 -12.61 -28.37
N ALA H 219 41.62 -12.73 -28.29
CA ALA H 219 42.51 -11.59 -28.43
C ALA H 219 43.79 -12.05 -29.11
N LEU H 220 44.50 -11.09 -29.72
CA LEU H 220 45.77 -11.34 -30.38
C LEU H 220 46.84 -10.47 -29.74
N ILE H 221 47.97 -11.08 -29.39
CA ILE H 221 49.16 -10.34 -28.97
C ILE H 221 50.08 -10.28 -30.17
N LEU H 222 50.26 -9.10 -30.74
CA LEU H 222 51.09 -8.94 -31.94
C LEU H 222 52.50 -8.59 -31.50
N ARG H 223 53.36 -9.60 -31.43
CA ARG H 223 54.77 -9.37 -31.11
C ARG H 223 55.48 -8.76 -32.31
N CYS H 224 56.23 -7.71 -32.07
CA CYS H 224 56.88 -6.95 -33.13
C CYS H 224 58.10 -6.26 -32.54
N ASP H 225 58.99 -5.82 -33.43
CA ASP H 225 60.13 -5.03 -32.97
C ASP H 225 59.81 -3.54 -32.90
N ARG H 226 58.69 -3.11 -33.48
CA ARG H 226 58.28 -1.71 -33.45
C ARG H 226 56.77 -1.65 -33.32
N ASP H 227 56.27 -0.52 -32.85
CA ASP H 227 54.84 -0.39 -32.58
C ASP H 227 54.05 -0.55 -33.88
N VAL H 228 53.04 -1.40 -33.85
CA VAL H 228 52.27 -1.72 -35.05
C VAL H 228 51.39 -0.54 -35.41
N PRO H 229 51.34 -0.10 -36.68
CA PRO H 229 50.40 0.96 -37.06
C PRO H 229 48.97 0.55 -36.76
N GLU H 230 48.10 1.56 -36.64
CA GLU H 230 46.69 1.29 -36.38
C GLU H 230 45.99 0.65 -37.58
N ALA H 231 46.39 1.03 -38.79
CA ALA H 231 45.78 0.44 -39.98
C ALA H 231 46.03 -1.06 -40.03
N LEU H 232 47.21 -1.51 -39.63
CA LEU H 232 47.48 -2.94 -39.63
C LEU H 232 46.65 -3.67 -38.58
N LYS H 233 46.50 -3.07 -37.39
CA LYS H 233 45.65 -3.70 -36.39
C LYS H 233 44.21 -3.81 -36.89
N ASN H 234 43.71 -2.78 -37.58
CA ASN H 234 42.38 -2.87 -38.15
C ASN H 234 42.29 -3.97 -39.20
N LYS H 235 43.30 -4.08 -40.06
CA LYS H 235 43.30 -5.13 -41.06
C LYS H 235 43.28 -6.50 -40.40
N ILE H 236 44.11 -6.70 -39.38
CA ILE H 236 44.17 -7.99 -38.69
C ILE H 236 42.83 -8.29 -38.04
N ALA H 237 42.24 -7.31 -37.37
CA ALA H 237 40.96 -7.53 -36.72
C ALA H 237 39.90 -7.94 -37.74
N LEU H 238 39.89 -7.27 -38.89
CA LEU H 238 38.89 -7.59 -39.91
C LEU H 238 39.10 -9.00 -40.46
N MET H 239 40.35 -9.32 -40.83
CA MET H 239 40.60 -10.62 -41.46
C MET H 239 40.44 -11.78 -40.49
N CYS H 240 40.70 -11.57 -39.21
CA CYS H 240 40.74 -12.64 -38.22
C CYS H 240 39.47 -12.76 -37.38
N ASP H 241 38.45 -11.96 -37.66
CA ASP H 241 37.22 -11.98 -36.88
C ASP H 241 37.49 -11.86 -35.39
N VAL H 242 38.32 -10.88 -35.04
CA VAL H 242 38.66 -10.58 -33.65
C VAL H 242 38.23 -9.14 -33.37
N ASP H 243 37.67 -8.93 -32.19
CA ASP H 243 37.27 -7.59 -31.79
C ASP H 243 38.47 -6.66 -31.81
N ILE H 244 38.29 -5.47 -32.39
CA ILE H 244 39.40 -4.54 -32.53
C ILE H 244 39.95 -4.13 -31.18
N ASP H 245 39.19 -4.31 -30.11
CA ASP H 245 39.73 -4.17 -28.76
C ASP H 245 40.75 -5.25 -28.44
N GLY H 246 40.70 -6.37 -29.14
CA GLY H 246 41.51 -7.52 -28.80
C GLY H 246 42.81 -7.67 -29.55
N VAL H 247 43.16 -6.72 -30.41
CA VAL H 247 44.45 -6.74 -31.08
C VAL H 247 45.39 -5.86 -30.28
N ILE H 248 46.40 -6.48 -29.67
CA ILE H 248 47.25 -5.85 -28.67
C ILE H 248 48.66 -5.79 -29.24
N SER H 249 49.17 -4.57 -29.46
CA SER H 249 50.52 -4.38 -29.97
C SER H 249 51.51 -4.47 -28.83
N THR H 250 52.51 -5.35 -28.95
CA THR H 250 53.42 -5.69 -27.86
C THR H 250 54.86 -5.62 -28.35
N PRO H 251 55.38 -4.42 -28.57
CA PRO H 251 56.73 -4.28 -29.09
C PRO H 251 57.78 -4.70 -28.08
N ASP H 252 58.98 -5.02 -28.58
CA ASP H 252 60.07 -5.48 -27.74
C ASP H 252 60.47 -4.43 -26.72
N ALA H 253 60.18 -4.68 -25.45
CA ALA H 253 60.49 -3.74 -24.39
C ALA H 253 61.96 -3.84 -23.99
N PRO H 254 62.56 -2.75 -23.50
CA PRO H 254 63.97 -2.81 -23.12
C PRO H 254 64.25 -3.78 -22.00
N SER H 255 63.31 -4.01 -21.09
CA SER H 255 63.43 -5.04 -20.07
C SER H 255 62.10 -5.74 -19.91
N ILE H 256 62.17 -6.98 -19.42
CA ILE H 256 60.96 -7.79 -19.26
C ILE H 256 60.01 -7.21 -18.23
N TYR H 257 60.51 -6.38 -17.31
CA TYR H 257 59.64 -5.81 -16.28
C TYR H 257 58.78 -4.68 -16.79
N ASP H 258 59.03 -4.16 -17.99
CA ASP H 258 58.14 -3.17 -18.59
C ASP H 258 56.90 -3.79 -19.21
N ILE H 259 56.87 -5.11 -19.36
CA ILE H 259 55.75 -5.74 -20.07
C ILE H 259 54.43 -5.52 -19.34
N PRO H 260 54.34 -5.62 -18.02
CA PRO H 260 53.06 -5.31 -17.38
C PRO H 260 52.56 -3.92 -17.71
N LYS H 261 53.46 -2.93 -17.80
CA LYS H 261 53.05 -1.59 -18.18
C LYS H 261 52.55 -1.55 -19.62
N VAL H 262 53.20 -2.28 -20.53
CA VAL H 262 52.76 -2.31 -21.92
C VAL H 262 51.36 -2.90 -22.01
N LEU H 263 51.13 -4.03 -21.32
CA LEU H 263 49.83 -4.68 -21.40
C LEU H 263 48.76 -3.84 -20.73
N HIS H 264 49.08 -3.18 -19.62
CA HIS H 264 48.10 -2.31 -18.97
C HIS H 264 47.76 -1.11 -19.85
N ARG H 265 48.79 -0.50 -20.46
CA ARG H 265 48.56 0.64 -21.34
C ARG H 265 47.65 0.29 -22.50
N GLU H 266 47.76 -0.93 -23.03
CA GLU H 266 46.89 -1.40 -24.10
C GLU H 266 45.55 -1.90 -23.59
N GLU H 267 45.36 -1.96 -22.27
CA GLU H 267 44.10 -2.40 -21.69
C GLU H 267 43.79 -3.85 -22.03
N LEU H 268 44.81 -4.70 -22.03
CA LEU H 268 44.57 -6.14 -22.16
C LEU H 268 43.88 -6.69 -20.93
N ASP H 269 44.35 -6.29 -19.75
CA ASP H 269 43.76 -6.80 -18.51
C ASP H 269 42.31 -6.37 -18.39
N ALA H 270 42.00 -5.13 -18.77
CA ALA H 270 40.61 -4.69 -18.77
C ALA H 270 39.77 -5.52 -19.72
N PHE H 271 40.30 -5.80 -20.92
CA PHE H 271 39.56 -6.58 -21.89
C PHE H 271 39.28 -7.99 -21.36
N VAL H 272 40.30 -8.62 -20.77
CA VAL H 272 40.12 -9.96 -20.21
C VAL H 272 39.10 -9.95 -19.09
N VAL H 273 39.20 -8.95 -18.20
CA VAL H 273 38.29 -8.89 -17.05
C VAL H 273 36.86 -8.70 -17.53
N ARG H 274 36.63 -7.79 -18.46
CA ARG H 274 35.29 -7.60 -19.00
C ARG H 274 34.78 -8.88 -19.63
N ARG H 275 35.58 -9.52 -20.48
CA ARG H 275 35.11 -10.65 -21.24
C ARG H 275 34.80 -11.85 -20.34
N LEU H 276 35.61 -12.08 -19.32
CA LEU H 276 35.37 -13.16 -18.37
C LEU H 276 34.40 -12.78 -17.27
N ASN H 277 33.98 -11.52 -17.20
CA ASN H 277 33.02 -11.07 -16.19
C ASN H 277 33.55 -11.25 -14.77
N LEU H 278 34.83 -10.95 -14.57
CA LEU H 278 35.45 -11.09 -13.26
C LEU H 278 35.25 -9.82 -12.44
N PRO H 279 35.13 -9.94 -11.11
CA PRO H 279 35.11 -8.74 -10.26
C PRO H 279 36.51 -8.21 -10.04
N PHE H 280 36.65 -6.89 -10.05
CA PHE H 280 37.97 -6.28 -10.13
C PHE H 280 38.04 -5.01 -9.29
N ARG H 281 39.26 -4.52 -9.13
CA ARG H 281 39.55 -3.18 -8.65
C ARG H 281 40.78 -2.68 -9.39
N ASP H 282 41.01 -1.37 -9.33
CA ASP H 282 42.13 -0.80 -10.07
C ASP H 282 43.45 -1.35 -9.56
N VAL H 283 44.44 -1.37 -10.46
CA VAL H 283 45.77 -1.87 -10.12
C VAL H 283 46.48 -0.86 -9.24
N ASP H 284 47.02 -1.33 -8.12
CA ASP H 284 47.85 -0.50 -7.25
C ASP H 284 49.30 -0.61 -7.74
N TRP H 285 49.75 0.40 -8.47
CA TRP H 285 51.06 0.36 -9.12
C TRP H 285 52.22 0.71 -8.20
N THR H 286 52.01 0.84 -6.88
CA THR H 286 53.06 1.37 -6.01
C THR H 286 54.32 0.50 -6.08
N GLU H 287 54.17 -0.79 -5.83
CA GLU H 287 55.34 -1.67 -5.76
C GLU H 287 56.08 -1.71 -7.09
N TRP H 288 55.35 -1.98 -8.17
CA TRP H 288 56.01 -2.17 -9.46
C TRP H 288 56.56 -0.85 -9.99
N ASP H 289 55.95 0.28 -9.62
CA ASP H 289 56.56 1.56 -9.96
C ASP H 289 57.90 1.73 -9.27
N ASP H 290 58.01 1.32 -8.02
CA ASP H 290 59.31 1.38 -7.36
C ASP H 290 60.32 0.46 -8.07
N LEU H 291 59.89 -0.74 -8.43
CA LEU H 291 60.79 -1.65 -9.14
C LEU H 291 61.28 -1.03 -10.44
N LEU H 292 60.37 -0.42 -11.20
CA LEU H 292 60.77 0.16 -12.47
C LEU H 292 61.62 1.40 -12.30
N ARG H 293 61.47 2.12 -11.18
CA ARG H 293 62.44 3.17 -10.88
C ARG H 293 63.83 2.57 -10.69
N ARG H 294 63.92 1.49 -9.91
CA ARG H 294 65.22 0.85 -9.72
C ARG H 294 65.79 0.33 -11.03
N VAL H 295 64.91 -0.07 -11.96
CA VAL H 295 65.37 -0.57 -13.26
C VAL H 295 65.91 0.57 -14.11
N HIS H 296 65.08 1.59 -14.35
CA HIS H 296 65.37 2.57 -15.40
C HIS H 296 66.19 3.76 -14.92
N GLU H 297 66.28 4.01 -13.63
CA GLU H 297 66.97 5.20 -13.11
C GLU H 297 67.96 4.78 -12.02
N PRO H 298 68.97 3.98 -12.37
CA PRO H 298 69.98 3.61 -11.39
C PRO H 298 70.96 4.75 -11.15
N HIS H 299 71.60 4.69 -9.98
CA HIS H 299 72.57 5.72 -9.61
C HIS H 299 73.95 5.44 -10.20
N GLU H 300 74.27 4.19 -10.49
CA GLU H 300 75.60 3.84 -10.95
C GLU H 300 75.50 2.62 -11.88
N THR H 301 76.65 2.09 -12.27
CA THR H 301 76.72 0.99 -13.22
C THR H 301 77.91 0.12 -12.87
N VAL H 302 77.81 -1.17 -13.18
CA VAL H 302 78.88 -2.12 -12.93
C VAL H 302 78.83 -3.20 -14.00
N ARG H 303 80.00 -3.72 -14.37
CA ARG H 303 80.13 -4.73 -15.40
C ARG H 303 80.53 -6.05 -14.77
N ILE H 304 79.81 -7.12 -15.13
CA ILE H 304 80.06 -8.46 -14.61
C ILE H 304 80.27 -9.40 -15.79
N ALA H 305 81.31 -10.21 -15.71
CA ALA H 305 81.54 -11.24 -16.72
C ALA H 305 80.75 -12.49 -16.36
N LEU H 306 80.04 -13.03 -17.35
CA LEU H 306 79.37 -14.32 -17.24
C LEU H 306 80.16 -15.30 -18.09
N VAL H 307 80.75 -16.31 -17.46
CA VAL H 307 81.66 -17.23 -18.11
C VAL H 307 80.97 -18.59 -18.24
N GLY H 308 80.85 -19.07 -19.47
CA GLY H 308 80.22 -20.37 -19.69
C GLY H 308 80.41 -20.82 -21.12
N LYS H 309 79.91 -22.03 -21.39
CA LYS H 309 79.94 -22.59 -22.73
C LYS H 309 78.73 -22.16 -23.55
N TYR H 310 77.55 -22.15 -22.94
CA TYR H 310 76.32 -21.80 -23.63
C TYR H 310 76.22 -20.31 -23.92
N VAL H 311 77.23 -19.52 -23.53
CA VAL H 311 77.16 -18.07 -23.66
C VAL H 311 77.12 -17.60 -25.11
N GLU H 312 77.24 -18.51 -26.07
CA GLU H 312 77.23 -18.11 -27.47
C GLU H 312 75.83 -17.73 -27.91
N LEU H 313 75.36 -16.57 -27.46
CA LEU H 313 74.07 -16.00 -27.88
C LEU H 313 72.93 -16.98 -27.60
N SER H 314 72.74 -17.30 -26.32
CA SER H 314 71.64 -18.13 -25.90
C SER H 314 71.21 -17.73 -24.50
N ASP H 315 69.92 -17.91 -24.21
CA ASP H 315 69.37 -17.64 -22.88
C ASP H 315 69.49 -18.84 -21.97
N ALA H 316 70.67 -19.45 -21.90
CA ALA H 316 70.87 -20.59 -21.02
C ALA H 316 71.06 -20.18 -19.57
N TYR H 317 71.21 -18.88 -19.30
CA TYR H 317 71.52 -18.36 -17.98
C TYR H 317 70.50 -17.32 -17.54
N LEU H 318 69.25 -17.48 -17.96
CA LEU H 318 68.26 -16.42 -17.75
C LEU H 318 68.08 -16.12 -16.27
N SER H 319 67.93 -17.16 -15.45
CA SER H 319 67.72 -16.95 -14.03
C SER H 319 68.91 -16.27 -13.39
N VAL H 320 70.13 -16.64 -13.79
CA VAL H 320 71.32 -16.01 -13.22
C VAL H 320 71.36 -14.54 -13.59
N ALA H 321 71.10 -14.21 -14.85
CA ALA H 321 71.13 -12.81 -15.26
C ALA H 321 70.06 -12.01 -14.53
N GLU H 322 68.88 -12.58 -14.34
CA GLU H 322 67.82 -11.85 -13.64
C GLU H 322 68.15 -11.71 -12.16
N ALA H 323 68.76 -12.72 -11.53
CA ALA H 323 69.17 -12.58 -10.14
C ALA H 323 70.24 -11.53 -10.00
N LEU H 324 71.17 -11.47 -10.96
CA LEU H 324 72.16 -10.40 -10.97
C LEU H 324 71.49 -9.04 -11.05
N ARG H 325 70.52 -8.89 -11.96
CA ARG H 325 69.85 -7.61 -12.10
C ARG H 325 69.05 -7.26 -10.85
N ALA H 326 68.46 -8.25 -10.19
CA ALA H 326 67.77 -7.99 -8.92
C ALA H 326 68.75 -7.53 -7.85
N GLY H 327 69.92 -8.15 -7.80
CA GLY H 327 70.95 -7.66 -6.89
C GLY H 327 71.33 -6.22 -7.19
N GLY H 328 71.46 -5.88 -8.47
CA GLY H 328 71.69 -4.49 -8.82
C GLY H 328 70.56 -3.59 -8.36
N PHE H 329 69.32 -4.08 -8.46
CA PHE H 329 68.16 -3.29 -8.07
C PHE H 329 68.17 -3.00 -6.58
N LYS H 330 68.60 -3.96 -5.76
CA LYS H 330 68.64 -3.70 -4.32
C LYS H 330 69.57 -2.54 -4.00
N HIS H 331 70.66 -2.39 -4.75
CA HIS H 331 71.60 -1.29 -4.57
C HIS H 331 71.37 -0.13 -5.53
N ARG H 332 70.35 -0.21 -6.37
CA ARG H 332 70.09 0.79 -7.40
C ARG H 332 71.31 1.00 -8.29
N ALA H 333 71.97 -0.11 -8.65
CA ALA H 333 73.05 -0.09 -9.62
C ALA H 333 72.63 -0.88 -10.86
N LYS H 334 72.99 -0.35 -12.03
CA LYS H 334 72.87 -1.11 -13.26
C LYS H 334 74.01 -2.11 -13.35
N VAL H 335 73.67 -3.38 -13.56
CA VAL H 335 74.66 -4.42 -13.79
C VAL H 335 74.67 -4.71 -15.28
N GLU H 336 75.81 -4.45 -15.92
CA GLU H 336 76.01 -4.77 -17.32
C GLU H 336 76.77 -6.09 -17.41
N ILE H 337 76.27 -7.01 -18.21
CA ILE H 337 76.81 -8.36 -18.29
C ILE H 337 77.65 -8.48 -19.55
N CYS H 338 78.91 -8.88 -19.38
CA CYS H 338 79.80 -9.17 -20.51
C CYS H 338 79.85 -10.68 -20.68
N TRP H 339 79.32 -11.17 -21.80
CA TRP H 339 79.24 -12.60 -22.04
C TRP H 339 80.59 -13.10 -22.55
N VAL H 340 81.27 -13.87 -21.71
CA VAL H 340 82.64 -14.30 -21.95
C VAL H 340 82.67 -15.81 -22.16
N ALA H 341 83.28 -16.24 -23.26
CA ALA H 341 83.45 -17.66 -23.50
C ALA H 341 84.48 -18.24 -22.53
N SER H 342 84.19 -19.42 -22.01
CA SER H 342 85.12 -20.08 -21.09
C SER H 342 86.44 -20.40 -21.78
N ASP H 343 86.39 -20.83 -23.04
CA ASP H 343 87.57 -21.35 -23.71
C ASP H 343 88.57 -20.28 -24.08
N GLY H 344 88.16 -19.01 -24.14
CA GLY H 344 89.11 -17.93 -24.28
C GLY H 344 89.89 -17.61 -23.03
N CYS H 345 89.49 -18.16 -21.88
CA CYS H 345 90.13 -17.91 -20.60
C CYS H 345 91.08 -19.04 -20.19
N GLU H 346 91.28 -20.04 -21.05
CA GLU H 346 92.18 -21.13 -20.70
C GLU H 346 93.63 -20.64 -20.55
N THR H 347 94.07 -19.77 -21.46
CA THR H 347 95.37 -19.14 -21.34
C THR H 347 95.28 -17.90 -20.48
N THR H 348 96.34 -17.64 -19.71
CA THR H 348 96.33 -16.48 -18.81
C THR H 348 96.22 -15.18 -19.61
N SER H 349 96.90 -15.10 -20.75
CA SER H 349 96.79 -13.91 -21.59
C SER H 349 95.38 -13.77 -22.15
N GLY H 350 94.78 -14.88 -22.59
CA GLY H 350 93.40 -14.81 -23.07
C GLY H 350 92.43 -14.43 -21.97
N ALA H 351 92.62 -14.97 -20.77
CA ALA H 351 91.79 -14.59 -19.64
C ALA H 351 91.92 -13.11 -19.34
N ALA H 352 93.15 -12.60 -19.36
CA ALA H 352 93.35 -11.18 -19.12
C ALA H 352 92.68 -10.34 -20.18
N ALA H 353 92.79 -10.75 -21.45
CA ALA H 353 92.16 -10.00 -22.53
C ALA H 353 90.64 -9.99 -22.39
N ALA H 354 90.06 -11.12 -21.98
CA ALA H 354 88.61 -11.19 -21.84
C ALA H 354 88.12 -10.41 -20.64
N LEU H 355 88.75 -10.60 -19.48
CA LEU H 355 88.19 -10.15 -18.21
C LEU H 355 88.70 -8.79 -17.76
N GLY H 356 89.81 -8.29 -18.32
CA GLY H 356 90.49 -7.16 -17.73
C GLY H 356 89.63 -5.92 -17.56
N ASP H 357 88.56 -5.79 -18.34
CA ASP H 357 87.73 -4.60 -18.29
C ASP H 357 86.54 -4.72 -17.34
N VAL H 358 86.24 -5.91 -16.83
CA VAL H 358 85.05 -6.12 -16.01
C VAL H 358 85.34 -5.80 -14.55
N HIS H 359 84.27 -5.75 -13.75
CA HIS H 359 84.38 -5.51 -12.32
C HIS H 359 84.02 -6.73 -11.48
N GLY H 360 83.70 -7.85 -12.12
CA GLY H 360 83.42 -9.07 -11.39
C GLY H 360 83.19 -10.20 -12.37
N VAL H 361 83.27 -11.42 -11.86
CA VAL H 361 83.16 -12.63 -12.66
C VAL H 361 82.17 -13.57 -11.99
N LEU H 362 81.32 -14.20 -12.80
CA LEU H 362 80.34 -15.17 -12.29
C LEU H 362 80.55 -16.50 -13.00
N ILE H 363 80.64 -17.56 -12.21
CA ILE H 363 80.81 -18.91 -12.74
C ILE H 363 79.53 -19.69 -12.44
N PRO H 364 78.58 -19.78 -13.37
CA PRO H 364 77.34 -20.50 -13.11
C PRO H 364 77.51 -22.01 -13.26
N GLY H 365 76.51 -22.73 -12.76
CA GLY H 365 76.50 -24.17 -12.89
C GLY H 365 76.03 -24.65 -14.26
N GLY H 366 76.10 -25.97 -14.44
CA GLY H 366 75.67 -26.56 -15.70
C GLY H 366 75.82 -28.06 -15.65
N PHE H 367 75.33 -28.69 -16.72
CA PHE H 367 75.41 -30.14 -16.88
C PHE H 367 75.80 -30.45 -18.32
N GLY H 368 76.43 -31.60 -18.51
CA GLY H 368 77.03 -31.90 -19.80
C GLY H 368 78.13 -30.95 -20.17
N ILE H 369 78.68 -30.23 -19.20
CA ILE H 369 79.67 -29.20 -19.46
C ILE H 369 81.05 -29.82 -19.64
N ARG H 370 81.92 -29.10 -20.35
CA ARG H 370 83.30 -29.52 -20.56
C ARG H 370 84.20 -28.31 -20.63
N GLY H 371 85.49 -28.55 -20.49
CA GLY H 371 86.47 -27.49 -20.63
C GLY H 371 86.64 -26.62 -19.41
N ILE H 372 86.38 -27.14 -18.22
CA ILE H 372 86.47 -26.35 -17.00
C ILE H 372 87.87 -25.85 -16.74
N GLU H 373 88.86 -26.32 -17.50
CA GLU H 373 90.20 -25.74 -17.42
C GLU H 373 90.13 -24.24 -17.66
N GLY H 374 89.32 -23.82 -18.63
CA GLY H 374 89.15 -22.39 -18.85
C GLY H 374 88.46 -21.69 -17.70
N LYS H 375 87.46 -22.34 -17.11
CA LYS H 375 86.78 -21.75 -15.95
C LYS H 375 87.76 -21.53 -14.80
N ILE H 376 88.51 -22.58 -14.45
CA ILE H 376 89.48 -22.46 -13.37
C ILE H 376 90.56 -21.44 -13.72
N GLY H 377 90.92 -21.35 -15.01
CA GLY H 377 91.86 -20.33 -15.42
C GLY H 377 91.33 -18.93 -15.17
N ALA H 378 90.05 -18.72 -15.46
CA ALA H 378 89.42 -17.44 -15.14
C ALA H 378 89.43 -17.19 -13.64
N ILE H 379 89.21 -18.23 -12.82
CA ILE H 379 89.27 -18.05 -11.37
C ILE H 379 90.67 -17.61 -10.95
N ALA H 380 91.69 -18.30 -11.47
CA ALA H 380 93.07 -17.98 -11.12
C ALA H 380 93.38 -16.54 -11.49
N TYR H 381 93.04 -16.14 -12.73
CA TYR H 381 93.29 -14.77 -13.14
C TYR H 381 92.54 -13.78 -12.26
N ALA H 382 91.26 -14.04 -12.00
CA ALA H 382 90.46 -13.09 -11.23
C ALA H 382 91.02 -12.93 -9.82
N ARG H 383 91.40 -14.03 -9.18
CA ARG H 383 91.98 -13.94 -7.85
C ARG H 383 93.25 -13.10 -7.87
N ALA H 384 94.13 -13.32 -8.85
CA ALA H 384 95.33 -12.50 -8.93
C ALA H 384 94.98 -11.03 -9.17
N ARG H 385 94.00 -10.76 -10.03
CA ARG H 385 93.63 -9.39 -10.37
C ARG H 385 92.81 -8.71 -9.29
N GLY H 386 92.18 -9.48 -8.41
CA GLY H 386 91.36 -8.91 -7.35
C GLY H 386 89.89 -8.73 -7.68
N LEU H 387 89.43 -9.28 -8.80
CA LEU H 387 88.02 -9.15 -9.14
C LEU H 387 87.17 -10.06 -8.25
N PRO H 388 85.97 -9.64 -7.87
CA PRO H 388 85.08 -10.51 -7.11
C PRO H 388 84.53 -11.64 -7.98
N VAL H 389 84.29 -12.77 -7.34
CA VAL H 389 83.81 -13.97 -8.02
C VAL H 389 82.66 -14.57 -7.24
N LEU H 390 81.61 -14.97 -7.94
CA LEU H 390 80.54 -15.78 -7.38
C LEU H 390 80.44 -17.05 -8.20
N GLY H 391 80.49 -18.19 -7.53
CA GLY H 391 80.45 -19.48 -8.20
C GLY H 391 79.25 -20.31 -7.79
N LEU H 392 78.44 -20.71 -8.76
CA LEU H 392 77.20 -21.43 -8.50
C LEU H 392 77.37 -22.87 -8.95
N CYS H 393 77.21 -23.81 -8.01
CA CYS H 393 77.37 -25.23 -8.29
C CYS H 393 78.75 -25.51 -8.87
N LEU H 394 78.82 -25.66 -10.19
CA LEU H 394 80.11 -25.88 -10.84
C LEU H 394 81.08 -24.74 -10.53
N GLY H 395 80.57 -23.53 -10.28
CA GLY H 395 81.46 -22.45 -9.88
C GLY H 395 82.17 -22.76 -8.57
N LEU H 396 81.44 -23.29 -7.59
CA LEU H 396 82.07 -23.73 -6.36
C LEU H 396 83.04 -24.87 -6.62
N GLN H 397 82.66 -25.81 -7.49
CA GLN H 397 83.56 -26.93 -7.76
C GLN H 397 84.87 -26.44 -8.37
N CYS H 398 84.80 -25.50 -9.32
CA CYS H 398 86.00 -24.92 -9.90
C CYS H 398 86.79 -24.14 -8.86
N ILE H 399 86.11 -23.44 -7.96
CA ILE H 399 86.82 -22.73 -6.89
C ILE H 399 87.62 -23.71 -6.04
N VAL H 400 87.00 -24.83 -5.67
CA VAL H 400 87.66 -25.83 -4.85
C VAL H 400 88.83 -26.45 -5.61
N ILE H 401 88.67 -26.68 -6.93
CA ILE H 401 89.77 -27.23 -7.71
C ILE H 401 90.92 -26.23 -7.82
N GLU H 402 90.59 -24.94 -7.95
CA GLU H 402 91.60 -23.90 -7.96
C GLU H 402 92.38 -23.91 -6.65
N ALA H 403 91.66 -24.01 -5.53
CA ALA H 403 92.34 -24.09 -4.24
C ALA H 403 93.19 -25.35 -4.13
N ALA H 404 92.70 -26.47 -4.67
CA ALA H 404 93.51 -27.69 -4.69
C ALA H 404 94.82 -27.45 -5.44
N ARG H 405 94.73 -26.81 -6.60
CA ARG H 405 95.91 -26.46 -7.38
C ARG H 405 96.69 -25.31 -6.76
N SER H 406 96.23 -24.74 -5.65
CA SER H 406 96.96 -23.69 -4.95
C SER H 406 97.83 -24.21 -3.81
N VAL H 407 97.67 -25.47 -3.40
CA VAL H 407 98.31 -25.96 -2.18
C VAL H 407 99.22 -27.15 -2.43
N GLY H 408 99.26 -27.70 -3.64
CA GLY H 408 100.08 -28.87 -3.90
C GLY H 408 99.44 -29.86 -4.85
N LEU H 409 98.13 -29.68 -5.09
CA LEU H 409 97.35 -30.69 -5.80
C LEU H 409 97.20 -30.32 -7.26
N THR H 410 98.33 -30.20 -7.97
CA THR H 410 98.32 -29.63 -9.31
C THR H 410 97.51 -30.47 -10.29
N ASN H 411 97.49 -31.79 -10.11
CA ASN H 411 96.72 -32.68 -10.98
C ASN H 411 95.32 -32.96 -10.44
N ALA H 412 94.91 -32.25 -9.39
CA ALA H 412 93.59 -32.48 -8.81
C ALA H 412 92.49 -32.06 -9.78
N ASN H 413 91.36 -32.74 -9.69
CA ASN H 413 90.22 -32.47 -10.55
C ASN H 413 88.99 -33.13 -9.94
N SER H 414 87.85 -32.98 -10.61
CA SER H 414 86.68 -33.77 -10.32
C SER H 414 86.78 -35.12 -11.02
N ALA H 415 86.26 -36.16 -10.37
CA ALA H 415 86.14 -37.45 -11.04
C ALA H 415 85.26 -37.36 -12.27
N GLU H 416 84.43 -36.34 -12.37
CA GLU H 416 83.64 -36.13 -13.58
C GLU H 416 84.52 -35.70 -14.74
N PHE H 417 85.54 -34.88 -14.47
CA PHE H 417 86.30 -34.23 -15.52
C PHE H 417 87.69 -34.84 -15.75
N ASP H 418 88.20 -35.61 -14.80
CA ASP H 418 89.36 -36.47 -15.04
C ASP H 418 89.18 -37.74 -14.21
N PRO H 419 88.54 -38.76 -14.77
CA PRO H 419 88.34 -40.00 -14.01
C PRO H 419 89.64 -40.65 -13.57
N ASP H 420 90.77 -40.30 -14.17
CA ASP H 420 92.06 -40.84 -13.81
C ASP H 420 92.89 -39.90 -12.94
N THR H 421 92.29 -38.83 -12.43
CA THR H 421 93.04 -37.88 -11.62
C THR H 421 93.59 -38.59 -10.38
N PRO H 422 94.85 -38.32 -10.00
CA PRO H 422 95.36 -38.88 -8.73
C PRO H 422 94.80 -38.21 -7.50
N ASP H 423 94.16 -37.04 -7.63
CA ASP H 423 93.61 -36.29 -6.50
C ASP H 423 92.17 -35.89 -6.83
N PRO H 424 91.22 -36.83 -6.71
CA PRO H 424 89.80 -36.47 -6.92
C PRO H 424 89.23 -35.69 -5.75
N VAL H 425 89.61 -34.41 -5.68
CA VAL H 425 89.12 -33.56 -4.59
C VAL H 425 87.61 -33.35 -4.69
N ILE H 426 87.04 -33.48 -5.88
CA ILE H 426 85.59 -33.55 -6.07
C ILE H 426 85.25 -34.96 -6.52
N ALA H 427 84.32 -35.60 -5.80
CA ALA H 427 84.03 -37.01 -6.04
C ALA H 427 82.60 -37.30 -5.65
N THR H 428 82.08 -38.41 -6.15
CA THR H 428 80.77 -38.90 -5.74
C THR H 428 80.85 -39.39 -4.30
N MET H 429 79.99 -38.83 -3.45
CA MET H 429 80.03 -39.14 -2.02
C MET H 429 79.60 -40.58 -1.78
N GLY H 443 76.33 -43.71 -9.32
CA GLY H 443 76.41 -42.29 -9.56
C GLY H 443 76.09 -41.45 -8.34
N GLY H 444 75.85 -42.12 -7.21
CA GLY H 444 75.52 -41.42 -5.99
C GLY H 444 74.13 -40.84 -5.99
N THR H 445 73.70 -40.31 -4.85
CA THR H 445 72.37 -39.72 -4.73
C THR H 445 72.36 -38.34 -5.35
N MET H 446 71.49 -38.14 -6.35
CA MET H 446 71.26 -36.82 -6.90
C MET H 446 70.44 -36.01 -5.90
N ARG H 447 71.06 -35.00 -5.30
CA ARG H 447 70.35 -34.07 -4.43
C ARG H 447 69.55 -33.11 -5.30
N LEU H 448 68.23 -33.08 -5.08
CA LEU H 448 67.35 -32.20 -5.84
C LEU H 448 66.43 -31.44 -4.88
N GLY H 449 66.26 -30.16 -5.15
CA GLY H 449 65.31 -29.36 -4.40
C GLY H 449 65.91 -28.71 -3.17
N SER H 450 65.01 -28.28 -2.29
CA SER H 450 65.38 -27.51 -1.11
C SER H 450 65.98 -28.42 -0.04
N TYR H 451 67.11 -28.00 0.52
CA TYR H 451 67.72 -28.63 1.68
C TYR H 451 68.14 -27.57 2.67
N PRO H 452 68.09 -27.87 3.97
CA PRO H 452 68.60 -26.92 4.97
C PRO H 452 70.11 -26.99 5.09
N ALA H 453 70.69 -25.87 5.50
CA ALA H 453 72.13 -25.79 5.71
C ALA H 453 72.42 -24.86 6.88
N VAL H 454 73.58 -25.07 7.50
CA VAL H 454 74.04 -24.27 8.64
C VAL H 454 75.30 -23.52 8.20
N LEU H 455 75.42 -22.28 8.66
CA LEU H 455 76.49 -21.39 8.23
C LEU H 455 77.42 -21.05 9.39
N GLU H 456 78.68 -20.82 9.06
CA GLU H 456 79.64 -20.35 10.05
C GLU H 456 79.20 -18.98 10.56
N PRO H 457 79.17 -18.75 11.88
CA PRO H 457 78.79 -17.43 12.39
C PRO H 457 79.78 -16.37 11.94
N ASP H 458 79.25 -15.24 11.48
CA ASP H 458 80.04 -14.12 10.97
C ASP H 458 80.88 -14.50 9.76
N SER H 459 80.52 -15.58 9.07
CA SER H 459 81.05 -15.81 7.74
C SER H 459 80.51 -14.76 6.78
N VAL H 460 81.20 -14.58 5.66
CA VAL H 460 80.71 -13.67 4.64
C VAL H 460 79.33 -14.10 4.16
N VAL H 461 79.11 -15.41 4.05
CA VAL H 461 77.77 -15.91 3.75
C VAL H 461 76.80 -15.52 4.86
N ALA H 462 77.20 -15.69 6.12
CA ALA H 462 76.34 -15.31 7.23
C ALA H 462 76.16 -13.80 7.30
N GLN H 463 77.21 -13.04 6.96
CA GLN H 463 77.08 -11.59 6.92
C GLN H 463 76.07 -11.16 5.85
N ALA H 464 76.03 -11.88 4.74
CA ALA H 464 75.04 -11.58 3.70
C ALA H 464 73.64 -11.95 4.14
N TYR H 465 73.43 -13.23 4.47
CA TYR H 465 72.12 -13.70 4.87
C TYR H 465 71.66 -13.12 6.21
N GLN H 466 72.60 -12.69 7.05
CA GLN H 466 72.27 -12.21 8.40
C GLN H 466 71.50 -13.28 9.17
N THR H 467 71.93 -14.53 9.02
CA THR H 467 71.36 -15.63 9.79
C THR H 467 72.34 -16.80 9.73
N THR H 468 72.17 -17.73 10.68
CA THR H 468 72.97 -18.94 10.71
C THR H 468 72.31 -20.13 10.02
N GLN H 469 71.05 -20.01 9.62
CA GLN H 469 70.33 -21.11 8.99
C GLN H 469 69.62 -20.62 7.74
N VAL H 470 69.74 -21.42 6.67
CA VAL H 470 69.17 -21.10 5.37
C VAL H 470 68.74 -22.40 4.70
N SER H 471 67.94 -22.27 3.64
CA SER H 471 67.61 -23.38 2.77
C SER H 471 67.72 -22.93 1.32
N GLU H 472 68.29 -23.79 0.48
CA GLU H 472 68.55 -23.47 -0.91
C GLU H 472 68.20 -24.67 -1.78
N ARG H 473 67.91 -24.38 -3.05
CA ARG H 473 67.56 -25.42 -4.01
C ARG H 473 68.85 -26.00 -4.61
N HIS H 474 68.93 -27.33 -4.63
CA HIS H 474 70.11 -28.03 -5.08
C HIS H 474 69.80 -28.88 -6.30
N ARG H 475 70.78 -28.99 -7.19
CA ARG H 475 70.71 -29.93 -8.29
C ARG H 475 72.12 -30.37 -8.67
N HIS H 476 72.59 -31.46 -8.07
CA HIS H 476 73.94 -31.95 -8.34
C HIS H 476 74.11 -33.30 -7.64
N ARG H 477 75.13 -34.05 -8.07
CA ARG H 477 75.43 -35.34 -7.49
C ARG H 477 76.89 -35.51 -7.07
N TYR H 478 77.80 -34.67 -7.54
CA TYR H 478 79.17 -34.68 -7.06
C TYR H 478 79.32 -33.74 -5.87
N GLU H 479 80.26 -34.06 -4.99
CA GLU H 479 80.46 -33.31 -3.76
C GLU H 479 81.96 -33.10 -3.51
N VAL H 480 82.25 -32.17 -2.61
CA VAL H 480 83.62 -31.99 -2.13
C VAL H 480 84.05 -33.25 -1.39
N ASN H 481 85.20 -33.79 -1.77
CA ASN H 481 85.73 -34.99 -1.12
C ASN H 481 86.23 -34.63 0.27
N ASN H 482 85.59 -35.20 1.30
CA ASN H 482 85.93 -34.86 2.68
C ASN H 482 87.37 -35.21 3.02
N ALA H 483 88.02 -36.07 2.24
CA ALA H 483 89.41 -36.43 2.51
C ALA H 483 90.36 -35.26 2.34
N TYR H 484 89.97 -34.19 1.64
CA TYR H 484 90.88 -33.11 1.29
C TYR H 484 90.57 -31.79 2.00
N ARG H 485 89.66 -31.78 2.97
CA ARG H 485 89.34 -30.53 3.64
C ARG H 485 90.57 -29.92 4.31
N ASP H 486 91.27 -30.71 5.12
CA ASP H 486 92.42 -30.20 5.85
C ASP H 486 93.56 -29.81 4.92
N LYS H 487 93.69 -30.51 3.78
CA LYS H 487 94.73 -30.14 2.82
C LYS H 487 94.42 -28.80 2.16
N ILE H 488 93.18 -28.64 1.67
CA ILE H 488 92.84 -27.44 0.91
C ILE H 488 92.59 -26.24 1.81
N ALA H 489 92.30 -26.46 3.09
CA ALA H 489 92.17 -25.33 4.02
C ALA H 489 93.46 -24.53 4.09
N GLU H 490 94.60 -25.15 3.81
CA GLU H 490 95.86 -24.42 3.79
C GLU H 490 95.90 -23.38 2.68
N SER H 491 95.00 -23.46 1.70
CA SER H 491 94.84 -22.36 0.75
C SER H 491 94.31 -21.11 1.41
N GLY H 492 93.69 -21.23 2.59
CA GLY H 492 92.94 -20.16 3.19
C GLY H 492 91.44 -20.28 3.01
N LEU H 493 90.99 -21.25 2.20
CA LEU H 493 89.57 -21.44 1.96
C LEU H 493 88.88 -21.94 3.21
N ARG H 494 87.71 -21.37 3.50
CA ARG H 494 86.88 -21.79 4.63
C ARG H 494 85.66 -22.54 4.11
N PHE H 495 85.36 -23.69 4.71
CA PHE H 495 84.09 -24.37 4.48
C PHE H 495 83.03 -23.70 5.36
N SER H 496 82.66 -22.48 4.97
CA SER H 496 81.87 -21.60 5.80
C SER H 496 80.39 -21.96 5.85
N GLY H 497 79.95 -22.97 5.13
CA GLY H 497 78.58 -23.44 5.26
C GLY H 497 78.49 -24.91 4.94
N THR H 498 77.61 -25.61 5.65
CA THR H 498 77.53 -27.06 5.55
C THR H 498 76.08 -27.52 5.75
N SER H 499 75.87 -28.80 5.51
CA SER H 499 74.64 -29.49 5.88
C SER H 499 74.52 -29.47 7.40
N PRO H 500 73.32 -29.65 7.95
CA PRO H 500 73.18 -29.56 9.41
C PRO H 500 74.07 -30.53 10.18
N ASP H 501 74.30 -31.72 9.64
CA ASP H 501 75.25 -32.65 10.25
C ASP H 501 76.70 -32.30 9.92
N GLY H 502 76.93 -31.31 9.07
CA GLY H 502 78.27 -30.93 8.67
C GLY H 502 78.91 -31.87 7.67
N HIS H 503 78.20 -32.92 7.23
CA HIS H 503 78.82 -33.92 6.37
C HIS H 503 79.12 -33.36 4.98
N LEU H 504 78.27 -32.46 4.48
CA LEU H 504 78.38 -31.94 3.13
C LEU H 504 78.74 -30.46 3.15
N VAL H 505 79.73 -30.08 2.33
CA VAL H 505 80.07 -28.67 2.16
C VAL H 505 79.04 -28.03 1.24
N GLU H 506 78.49 -26.90 1.68
CA GLU H 506 77.49 -26.17 0.91
C GLU H 506 77.95 -24.79 0.46
N PHE H 507 78.93 -24.20 1.14
CA PHE H 507 79.45 -22.89 0.76
C PHE H 507 80.95 -22.86 1.04
N VAL H 508 81.67 -22.08 0.24
CA VAL H 508 83.09 -21.83 0.46
C VAL H 508 83.36 -20.35 0.19
N GLU H 509 84.34 -19.80 0.89
CA GLU H 509 84.70 -18.40 0.74
C GLU H 509 86.14 -18.20 1.19
N TYR H 510 86.74 -17.10 0.71
CA TYR H 510 87.99 -16.65 1.28
C TYR H 510 87.74 -15.57 2.32
N PRO H 511 88.56 -15.46 3.36
CA PRO H 511 88.39 -14.36 4.30
C PRO H 511 88.55 -13.03 3.60
N PRO H 512 87.84 -12.00 4.07
CA PRO H 512 87.88 -10.72 3.36
C PRO H 512 89.28 -10.15 3.17
N ASP H 513 90.21 -10.42 4.10
CA ASP H 513 91.56 -9.92 3.96
C ASP H 513 92.39 -10.70 2.94
N ARG H 514 91.99 -11.92 2.61
CA ARG H 514 92.65 -12.62 1.51
C ARG H 514 92.16 -12.09 0.16
N HIS H 515 90.84 -12.03 -0.02
CA HIS H 515 90.22 -11.35 -1.14
C HIS H 515 88.92 -10.73 -0.63
N PRO H 516 88.58 -9.52 -1.06
CA PRO H 516 87.40 -8.86 -0.47
C PRO H 516 86.11 -9.65 -0.61
N PHE H 517 85.90 -10.35 -1.72
CA PHE H 517 84.76 -11.26 -1.82
C PHE H 517 85.04 -12.27 -2.92
N VAL H 518 85.16 -13.54 -2.54
CA VAL H 518 85.18 -14.66 -3.47
C VAL H 518 84.43 -15.79 -2.80
N VAL H 519 83.24 -16.10 -3.29
CA VAL H 519 82.33 -17.04 -2.64
C VAL H 519 81.78 -18.00 -3.68
N GLY H 520 81.58 -19.24 -3.27
CA GLY H 520 80.89 -20.22 -4.08
C GLY H 520 79.86 -20.97 -3.27
N THR H 521 78.81 -21.40 -3.94
CA THR H 521 77.79 -22.24 -3.32
C THR H 521 77.36 -23.32 -4.29
N GLN H 522 77.11 -24.51 -3.76
CA GLN H 522 76.63 -25.61 -4.58
C GLN H 522 75.20 -25.41 -5.06
N ALA H 523 74.43 -24.57 -4.38
CA ALA H 523 73.02 -24.42 -4.68
C ALA H 523 72.79 -23.39 -5.77
N HIS H 524 71.53 -23.29 -6.20
CA HIS H 524 71.11 -22.33 -7.21
C HIS H 524 70.25 -21.26 -6.58
N PRO H 525 70.85 -20.29 -5.88
CA PRO H 525 70.04 -19.25 -5.23
C PRO H 525 69.22 -18.42 -6.20
N GLU H 526 69.57 -18.41 -7.48
CA GLU H 526 68.79 -17.64 -8.45
C GLU H 526 67.39 -18.18 -8.61
N LEU H 527 67.09 -19.38 -8.12
CA LEU H 527 65.76 -19.95 -8.18
C LEU H 527 64.88 -19.57 -7.00
N LYS H 528 65.42 -18.86 -6.01
CA LYS H 528 64.63 -18.28 -4.94
C LYS H 528 64.53 -16.76 -5.02
N SER H 529 65.33 -16.14 -5.88
CA SER H 529 65.25 -14.70 -6.07
C SER H 529 63.95 -14.30 -6.76
N ARG H 530 63.49 -13.11 -6.46
CA ARG H 530 62.42 -12.43 -7.20
C ARG H 530 62.84 -10.99 -7.38
N PRO H 531 62.37 -10.33 -8.44
CA PRO H 531 62.80 -8.93 -8.66
C PRO H 531 62.41 -8.01 -7.53
N THR H 532 61.33 -8.32 -6.81
CA THR H 532 60.86 -7.52 -5.68
C THR H 532 61.29 -8.13 -4.35
N ARG H 533 62.22 -9.07 -4.36
CA ARG H 533 62.71 -9.73 -3.17
C ARG H 533 64.10 -10.28 -3.45
N PRO H 534 65.08 -9.43 -3.74
CA PRO H 534 66.37 -9.92 -4.23
C PRO H 534 67.04 -10.88 -3.25
N HIS H 535 67.82 -11.80 -3.80
CA HIS H 535 68.48 -12.82 -2.99
C HIS H 535 69.73 -12.23 -2.32
N PRO H 536 69.98 -12.58 -1.05
CA PRO H 536 71.13 -11.97 -0.34
C PRO H 536 72.47 -12.12 -1.03
N LEU H 537 72.78 -13.30 -1.58
CA LEU H 537 74.11 -13.53 -2.13
C LEU H 537 74.39 -12.63 -3.32
N PHE H 538 73.41 -12.41 -4.19
CA PHE H 538 73.65 -11.54 -5.34
C PHE H 538 73.70 -10.08 -4.94
N VAL H 539 72.94 -9.68 -3.92
CA VAL H 539 73.12 -8.35 -3.35
C VAL H 539 74.56 -8.20 -2.88
N ALA H 540 75.08 -9.20 -2.17
CA ALA H 540 76.46 -9.15 -1.68
C ALA H 540 77.45 -9.09 -2.83
N PHE H 541 77.27 -9.94 -3.84
CA PHE H 541 78.20 -10.00 -4.95
C PHE H 541 78.23 -8.68 -5.73
N VAL H 542 77.06 -8.11 -6.00
CA VAL H 542 77.01 -6.84 -6.70
C VAL H 542 77.58 -5.73 -5.83
N GLY H 543 77.36 -5.78 -4.51
CA GLY H 543 77.98 -4.81 -3.63
C GLY H 543 79.49 -4.90 -3.66
N ALA H 544 80.03 -6.11 -3.69
CA ALA H 544 81.47 -6.29 -3.79
C ALA H 544 82.00 -5.77 -5.12
N ALA H 545 81.26 -6.01 -6.20
CA ALA H 545 81.67 -5.47 -7.51
C ALA H 545 81.65 -3.95 -7.49
N ILE H 546 80.65 -3.36 -6.86
CA ILE H 546 80.59 -1.91 -6.71
C ILE H 546 81.78 -1.40 -5.91
N ASP H 547 82.11 -2.10 -4.82
CA ASP H 547 83.25 -1.69 -4.01
C ASP H 547 84.54 -1.77 -4.81
N TYR H 548 84.70 -2.81 -5.63
CA TYR H 548 85.86 -2.92 -6.50
C TYR H 548 85.92 -1.75 -7.46
N LYS H 549 84.81 -1.47 -8.14
CA LYS H 549 84.80 -0.36 -9.10
C LYS H 549 85.14 0.95 -8.43
N ALA H 550 84.58 1.19 -7.24
CA ALA H 550 84.82 2.45 -6.54
C ALA H 550 86.27 2.55 -6.06
N GLY H 551 86.83 1.43 -5.57
CA GLY H 551 88.19 1.46 -5.07
C GLY H 551 89.25 1.36 -6.15
N GLU H 552 88.92 0.76 -7.28
CA GLU H 552 89.89 0.59 -8.36
C GLU H 552 90.27 1.93 -8.98
N MET I 1 14.33 -36.77 -29.34
CA MET I 1 13.77 -38.11 -29.01
C MET I 1 13.30 -38.17 -27.56
N ARG I 2 12.75 -39.32 -27.17
CA ARG I 2 12.11 -39.44 -25.87
C ARG I 2 13.06 -39.14 -24.71
N LYS I 3 14.36 -39.37 -24.90
CA LYS I 3 15.34 -39.17 -23.85
C LYS I 3 16.06 -37.85 -24.06
N HIS I 4 16.07 -37.01 -23.03
CA HIS I 4 16.64 -35.67 -23.07
C HIS I 4 17.70 -35.50 -21.99
N PRO I 5 18.60 -34.53 -22.15
CA PRO I 5 19.54 -34.22 -21.06
C PRO I 5 18.82 -33.71 -19.82
N GLN I 6 19.52 -33.77 -18.69
CA GLN I 6 18.98 -33.25 -17.44
C GLN I 6 18.88 -31.73 -17.49
N THR I 7 17.81 -31.21 -16.89
CA THR I 7 17.62 -29.78 -16.71
C THR I 7 16.99 -29.56 -15.35
N ALA I 8 17.14 -28.33 -14.83
CA ALA I 8 16.65 -28.03 -13.50
C ALA I 8 15.13 -28.11 -13.43
N THR I 9 14.61 -28.40 -12.24
CA THR I 9 13.18 -28.52 -12.04
C THR I 9 12.54 -27.14 -12.09
N LYS I 10 11.55 -26.99 -12.96
CA LYS I 10 10.87 -25.71 -13.16
C LYS I 10 9.72 -25.58 -12.17
N HIS I 11 9.52 -24.37 -11.68
CA HIS I 11 8.46 -24.06 -10.73
C HIS I 11 7.43 -23.17 -11.41
N LEU I 12 6.17 -23.59 -11.35
CA LEU I 12 5.05 -22.84 -11.94
C LEU I 12 4.06 -22.55 -10.83
N PHE I 13 3.85 -21.27 -10.55
CA PHE I 13 2.95 -20.83 -9.49
C PHE I 13 1.66 -20.33 -10.09
N VAL I 14 0.53 -20.82 -9.58
CA VAL I 14 -0.80 -20.40 -10.03
C VAL I 14 -1.45 -19.61 -8.91
N SER I 15 -1.84 -18.37 -9.21
CA SER I 15 -2.39 -17.46 -8.23
C SER I 15 -3.70 -16.89 -8.75
N GLY I 16 -4.53 -16.40 -7.84
CA GLY I 16 -5.87 -15.96 -8.19
C GLY I 16 -6.11 -14.53 -7.78
N GLY I 17 -6.98 -13.86 -8.55
CA GLY I 17 -7.32 -12.48 -8.29
C GLY I 17 -8.82 -12.26 -8.32
N VAL I 18 -9.23 -11.11 -7.81
CA VAL I 18 -10.64 -10.71 -7.77
C VAL I 18 -11.41 -11.57 -6.78
N ALA I 19 -11.44 -12.89 -7.00
CA ALA I 19 -12.27 -13.75 -6.17
C ALA I 19 -11.71 -15.17 -6.21
N SER I 20 -12.19 -16.00 -5.29
CA SER I 20 -11.92 -17.42 -5.34
C SER I 20 -12.98 -18.12 -6.18
N SER I 21 -12.86 -19.44 -6.29
CA SER I 21 -13.75 -20.26 -7.12
C SER I 21 -13.74 -19.80 -8.58
N LEU I 22 -12.63 -19.26 -9.05
CA LEU I 22 -12.48 -18.89 -10.45
C LEU I 22 -12.06 -20.06 -11.32
N GLY I 23 -11.91 -21.26 -10.76
CA GLY I 23 -11.35 -22.35 -11.51
C GLY I 23 -9.84 -22.32 -11.58
N LYS I 24 -9.21 -21.69 -10.58
CA LYS I 24 -7.75 -21.66 -10.51
C LYS I 24 -7.18 -23.07 -10.36
N GLY I 25 -7.76 -23.88 -9.49
CA GLY I 25 -7.29 -25.24 -9.33
C GLY I 25 -7.54 -26.10 -10.55
N LEU I 26 -8.70 -25.94 -11.17
CA LEU I 26 -8.99 -26.68 -12.39
C LEU I 26 -8.08 -26.27 -13.53
N THR I 27 -7.74 -24.98 -13.63
CA THR I 27 -6.78 -24.53 -14.62
C THR I 27 -5.40 -25.12 -14.37
N ALA I 28 -4.98 -25.14 -13.11
CA ALA I 28 -3.69 -25.76 -12.80
C ALA I 28 -3.69 -27.24 -13.17
N SER I 29 -4.78 -27.94 -12.85
CA SER I 29 -4.87 -29.36 -13.20
C SER I 29 -4.85 -29.55 -14.71
N SER I 30 -5.55 -28.71 -15.46
CA SER I 30 -5.56 -28.84 -16.91
C SER I 30 -4.19 -28.59 -17.51
N LEU I 31 -3.47 -27.59 -17.00
CA LEU I 31 -2.12 -27.35 -17.47
C LEU I 31 -1.21 -28.52 -17.12
N GLY I 32 -1.39 -29.10 -15.94
CA GLY I 32 -0.65 -30.31 -15.61
C GLY I 32 -0.95 -31.44 -16.57
N GLN I 33 -2.21 -31.60 -16.95
CA GLN I 33 -2.59 -32.65 -17.89
C GLN I 33 -1.91 -32.44 -19.24
N LEU I 34 -1.94 -31.20 -19.74
CA LEU I 34 -1.30 -30.92 -21.03
C LEU I 34 0.19 -31.16 -20.96
N LEU I 35 0.85 -30.66 -19.91
CA LEU I 35 2.30 -30.86 -19.80
C LEU I 35 2.65 -32.33 -19.64
N THR I 36 1.78 -33.13 -19.02
CA THR I 36 2.01 -34.56 -18.94
C THR I 36 1.88 -35.20 -20.32
N ALA I 37 0.88 -34.80 -21.09
CA ALA I 37 0.72 -35.37 -22.42
C ALA I 37 1.87 -34.98 -23.35
N ARG I 38 2.47 -33.80 -23.13
CA ARG I 38 3.68 -33.45 -23.86
C ARG I 38 4.91 -34.16 -23.31
N GLY I 39 4.74 -35.09 -22.38
CA GLY I 39 5.81 -35.99 -21.98
C GLY I 39 6.57 -35.62 -20.73
N LEU I 40 6.16 -34.58 -20.02
CA LEU I 40 6.90 -34.11 -18.85
C LEU I 40 6.36 -34.74 -17.58
N HIS I 41 7.26 -34.97 -16.63
CA HIS I 41 6.89 -35.52 -15.32
C HIS I 41 6.44 -34.38 -14.42
N VAL I 42 5.15 -34.08 -14.48
CA VAL I 42 4.55 -33.02 -13.68
C VAL I 42 4.24 -33.54 -12.28
N THR I 43 4.51 -32.71 -11.27
CA THR I 43 4.03 -32.92 -9.92
C THR I 43 3.33 -31.65 -9.46
N MET I 44 2.45 -31.78 -8.48
CA MET I 44 1.56 -30.68 -8.11
C MET I 44 1.48 -30.54 -6.59
N GLN I 45 1.12 -29.33 -6.16
CA GLN I 45 1.10 -28.96 -4.75
C GLN I 45 0.10 -27.82 -4.57
N LYS I 46 -0.48 -27.73 -3.37
CA LYS I 46 -1.33 -26.59 -3.01
C LYS I 46 -0.92 -25.99 -1.67
N LEU I 47 -0.96 -24.67 -1.60
CA LEU I 47 -0.70 -23.92 -0.37
C LEU I 47 -2.01 -23.26 0.06
N ASP I 48 -2.48 -23.60 1.27
CA ASP I 48 -3.74 -23.09 1.77
C ASP I 48 -3.48 -21.99 2.78
N PRO I 49 -3.95 -20.75 2.57
CA PRO I 49 -3.69 -19.70 3.54
C PRO I 49 -4.40 -19.87 4.87
N TYR I 50 -5.42 -20.71 4.99
CA TYR I 50 -6.16 -20.76 6.24
C TYR I 50 -5.35 -21.45 7.33
N LEU I 51 -5.70 -21.15 8.58
CA LEU I 51 -4.94 -21.62 9.73
C LEU I 51 -5.34 -23.02 10.19
N ASN I 52 -6.45 -23.56 9.72
CA ASN I 52 -6.82 -24.93 10.12
C ASN I 52 -5.70 -25.89 9.74
N VAL I 53 -5.27 -26.70 10.71
CA VAL I 53 -4.17 -27.61 10.45
C VAL I 53 -4.56 -28.65 9.40
N ASP I 54 -5.87 -28.93 9.27
CA ASP I 54 -6.39 -29.70 8.15
C ASP I 54 -7.87 -29.42 8.03
N PRO I 55 -8.46 -29.63 6.86
CA PRO I 55 -9.88 -29.26 6.66
C PRO I 55 -10.87 -30.20 7.32
N GLY I 56 -10.43 -31.20 8.07
CA GLY I 56 -11.38 -32.11 8.68
C GLY I 56 -12.33 -31.42 9.64
N THR I 57 -11.89 -30.31 10.22
CA THR I 57 -12.72 -29.57 11.17
C THR I 57 -13.75 -28.69 10.46
N MET I 58 -13.62 -28.46 9.17
CA MET I 58 -14.47 -27.50 8.50
C MET I 58 -15.86 -28.07 8.24
N ASN I 59 -16.73 -27.20 7.73
CA ASN I 59 -18.09 -27.52 7.36
C ASN I 59 -18.23 -27.44 5.85
N PRO I 60 -18.84 -28.43 5.19
CA PRO I 60 -18.84 -28.44 3.73
C PRO I 60 -19.45 -27.19 3.08
N PHE I 61 -20.09 -26.31 3.85
CA PHE I 61 -20.51 -25.04 3.28
C PHE I 61 -19.34 -24.08 3.07
N GLN I 62 -18.19 -24.36 3.67
CA GLN I 62 -17.05 -23.46 3.54
C GLN I 62 -16.39 -23.60 2.17
N HIS I 63 -15.90 -24.81 1.85
CA HIS I 63 -15.12 -25.00 0.64
C HIS I 63 -15.44 -26.30 -0.07
N GLY I 64 -16.60 -26.88 0.16
CA GLY I 64 -16.92 -28.17 -0.42
C GLY I 64 -16.35 -29.33 0.38
N GLU I 65 -16.43 -30.50 -0.23
CA GLU I 65 -16.11 -31.74 0.46
C GLU I 65 -14.63 -31.82 0.83
N VAL I 66 -14.35 -32.67 1.81
CA VAL I 66 -12.97 -32.99 2.16
C VAL I 66 -12.49 -34.18 1.33
N PHE I 67 -11.17 -34.34 1.26
CA PHE I 67 -10.51 -35.36 0.46
C PHE I 67 -9.51 -36.09 1.34
N VAL I 68 -9.14 -37.31 0.94
CA VAL I 68 -8.28 -38.17 1.75
C VAL I 68 -7.23 -38.80 0.87
N THR I 69 -6.01 -38.94 1.40
CA THR I 69 -4.88 -39.52 0.68
C THR I 69 -4.62 -40.95 1.15
N GLU I 70 -3.76 -41.64 0.41
CA GLU I 70 -3.44 -43.03 0.72
C GLU I 70 -2.58 -43.15 1.96
N ASP I 71 -1.64 -42.23 2.18
CA ASP I 71 -0.96 -42.21 3.47
C ASP I 71 -1.86 -41.67 4.58
N GLY I 72 -3.12 -41.37 4.27
CA GLY I 72 -4.11 -41.07 5.29
C GLY I 72 -4.22 -39.63 5.70
N ALA I 73 -3.50 -38.71 5.04
CA ALA I 73 -3.68 -37.30 5.33
C ALA I 73 -5.04 -36.84 4.81
N GLU I 74 -5.54 -35.77 5.42
CA GLU I 74 -6.81 -35.17 5.05
C GLU I 74 -6.53 -33.80 4.44
N THR I 75 -7.00 -33.59 3.21
CA THR I 75 -6.50 -32.49 2.39
C THR I 75 -7.64 -31.75 1.73
N ASP I 76 -7.29 -30.62 1.12
CA ASP I 76 -8.26 -29.76 0.45
C ASP I 76 -8.88 -30.48 -0.76
N LEU I 77 -9.92 -29.84 -1.30
CA LEU I 77 -10.63 -30.40 -2.44
C LEU I 77 -9.78 -30.43 -3.70
N ASP I 78 -8.88 -29.47 -3.87
CA ASP I 78 -8.14 -29.34 -5.11
C ASP I 78 -7.23 -30.54 -5.36
N VAL I 79 -6.74 -31.19 -4.30
CA VAL I 79 -5.96 -32.39 -4.48
C VAL I 79 -6.76 -33.44 -5.24
N GLY I 80 -8.10 -33.39 -5.11
CA GLY I 80 -8.94 -34.27 -5.90
C GLY I 80 -8.88 -33.98 -7.38
N HIS I 81 -8.88 -32.70 -7.75
CA HIS I 81 -8.68 -32.37 -9.16
C HIS I 81 -7.32 -32.86 -9.65
N TYR I 82 -6.29 -32.70 -8.82
CA TYR I 82 -4.97 -33.13 -9.24
C TYR I 82 -4.95 -34.62 -9.50
N GLU I 83 -5.52 -35.42 -8.60
CA GLU I 83 -5.64 -36.85 -8.86
C GLU I 83 -6.44 -37.12 -10.13
N ARG I 84 -7.63 -36.52 -10.24
CA ARG I 84 -8.52 -36.87 -11.34
C ARG I 84 -7.92 -36.52 -12.70
N PHE I 85 -7.10 -35.48 -12.78
CA PHE I 85 -6.55 -35.09 -14.09
C PHE I 85 -5.18 -35.69 -14.36
N LEU I 86 -4.33 -35.86 -13.34
CA LEU I 86 -3.06 -36.53 -13.54
C LEU I 86 -3.16 -38.04 -13.39
N ASP I 87 -4.25 -38.56 -12.83
CA ASP I 87 -4.39 -39.97 -12.52
C ASP I 87 -3.18 -40.46 -11.73
N ARG I 88 -3.01 -39.88 -10.54
CA ARG I 88 -1.88 -40.20 -9.68
C ARG I 88 -2.36 -40.20 -8.23
N ASN I 89 -1.57 -40.83 -7.37
CA ASN I 89 -1.76 -40.74 -5.93
C ASN I 89 -0.70 -39.81 -5.35
N LEU I 90 -1.13 -38.84 -4.57
CA LEU I 90 -0.26 -37.77 -4.13
C LEU I 90 0.03 -37.86 -2.63
N PRO I 91 1.23 -37.48 -2.19
CA PRO I 91 1.53 -37.54 -0.76
C PRO I 91 0.74 -36.51 0.03
N GLY I 92 0.73 -36.70 1.34
CA GLY I 92 0.15 -35.70 2.22
C GLY I 92 0.92 -34.39 2.19
N SER I 93 2.18 -34.43 1.76
CA SER I 93 2.96 -33.22 1.60
C SER I 93 2.39 -32.30 0.53
N ALA I 94 1.44 -32.79 -0.26
CA ALA I 94 0.86 -31.99 -1.34
C ALA I 94 -0.11 -30.94 -0.86
N ASN I 95 -0.28 -30.74 0.45
CA ASN I 95 -1.15 -29.70 0.98
C ASN I 95 -0.47 -29.06 2.19
N VAL I 96 0.14 -27.90 1.98
CA VAL I 96 0.67 -27.10 3.07
C VAL I 96 -0.40 -26.12 3.53
N THR I 97 -0.37 -25.76 4.82
CA THR I 97 -1.28 -24.78 5.37
C THR I 97 -0.53 -23.90 6.36
N THR I 98 -1.03 -22.68 6.53
CA THR I 98 -0.45 -21.77 7.52
C THR I 98 -0.45 -22.39 8.91
N GLY I 99 -1.49 -23.17 9.22
CA GLY I 99 -1.51 -23.84 10.51
C GLY I 99 -0.30 -24.71 10.73
N GLN I 100 0.03 -25.55 9.74
CA GLN I 100 1.19 -26.42 9.87
C GLN I 100 2.47 -25.63 9.97
N VAL I 101 2.61 -24.57 9.17
CA VAL I 101 3.86 -23.82 9.14
C VAL I 101 4.10 -23.12 10.47
N TYR I 102 3.08 -22.45 11.00
CA TYR I 102 3.25 -21.75 12.27
C TYR I 102 3.48 -22.73 13.41
N SER I 103 2.74 -23.84 13.43
CA SER I 103 2.98 -24.84 14.46
C SER I 103 4.42 -25.36 14.39
N THR I 104 4.90 -25.64 13.18
CA THR I 104 6.26 -26.14 13.02
C THR I 104 7.29 -25.14 13.54
N VAL I 105 7.15 -23.88 13.16
CA VAL I 105 8.15 -22.89 13.54
C VAL I 105 8.11 -22.63 15.04
N ILE I 106 6.91 -22.57 15.62
CA ILE I 106 6.81 -22.36 17.06
C ILE I 106 7.45 -23.52 17.81
N ALA I 107 7.15 -24.75 17.40
CA ALA I 107 7.77 -25.91 18.03
C ALA I 107 9.29 -25.83 17.95
N LYS I 108 9.81 -25.57 16.76
CA LYS I 108 11.26 -25.44 16.61
C LYS I 108 11.81 -24.35 17.52
N GLU I 109 11.08 -23.24 17.69
CA GLU I 109 11.56 -22.16 18.53
C GLU I 109 11.66 -22.61 19.99
N ARG I 110 10.63 -23.29 20.48
CA ARG I 110 10.66 -23.75 21.86
C ARG I 110 11.85 -24.66 22.13
N ARG I 111 12.31 -25.39 21.12
CA ARG I 111 13.47 -26.26 21.27
C ARG I 111 14.78 -25.54 21.02
N GLY I 112 14.76 -24.24 20.76
CA GLY I 112 15.98 -23.47 20.60
C GLY I 112 16.69 -23.65 19.28
N GLU I 113 16.02 -24.20 18.27
CA GLU I 113 16.70 -24.56 17.04
C GLU I 113 17.14 -23.35 16.23
N TYR I 114 16.72 -22.13 16.59
CA TYR I 114 17.13 -20.92 15.90
C TYR I 114 18.27 -20.21 16.62
N LEU I 115 18.90 -20.87 17.59
CA LEU I 115 20.17 -20.41 18.17
C LEU I 115 20.08 -18.97 18.67
N GLY I 116 18.95 -18.63 19.27
CA GLY I 116 18.81 -17.37 19.96
C GLY I 116 18.38 -16.19 19.11
N ASP I 117 18.10 -16.38 17.83
CA ASP I 117 17.62 -15.28 17.01
C ASP I 117 16.20 -14.90 17.39
N THR I 118 15.82 -13.69 17.01
CA THR I 118 14.42 -13.28 17.08
C THR I 118 13.65 -13.95 15.95
N VAL I 119 12.66 -14.77 16.28
CA VAL I 119 11.88 -15.45 15.27
C VAL I 119 10.91 -14.44 14.65
N GLN I 120 10.88 -14.39 13.32
CA GLN I 120 10.15 -13.38 12.58
C GLN I 120 9.34 -14.04 11.47
N VAL I 121 8.39 -13.28 10.92
CA VAL I 121 7.65 -13.76 9.75
C VAL I 121 8.56 -13.78 8.54
N ILE I 122 9.50 -12.85 8.46
CA ILE I 122 10.62 -12.93 7.53
C ILE I 122 11.89 -12.82 8.37
N PRO I 123 12.85 -13.75 8.23
CA PRO I 123 12.89 -14.85 7.27
C PRO I 123 12.16 -16.13 7.65
N HIS I 124 11.99 -16.45 8.93
CA HIS I 124 11.81 -17.83 9.34
C HIS I 124 10.57 -18.49 8.74
N ILE I 125 9.42 -17.81 8.76
CA ILE I 125 8.20 -18.43 8.24
C ILE I 125 8.30 -18.60 6.73
N THR I 126 8.76 -17.57 6.02
CA THR I 126 8.93 -17.68 4.58
C THR I 126 9.98 -18.73 4.23
N ASP I 127 11.00 -18.89 5.07
CA ASP I 127 11.98 -19.95 4.86
C ASP I 127 11.35 -21.33 5.00
N GLU I 128 10.50 -21.52 6.00
CA GLU I 128 9.84 -22.81 6.14
C GLU I 128 8.95 -23.10 4.93
N ILE I 129 8.24 -22.09 4.44
CA ILE I 129 7.38 -22.30 3.26
C ILE I 129 8.23 -22.59 2.03
N LYS I 130 9.31 -21.83 1.83
CA LYS I 130 10.18 -22.07 0.69
C LYS I 130 10.82 -23.45 0.76
N ARG I 131 11.17 -23.89 1.96
CA ARG I 131 11.70 -25.24 2.13
C ARG I 131 10.66 -26.28 1.73
N ARG I 132 9.41 -26.11 2.17
CA ARG I 132 8.37 -27.04 1.79
C ARG I 132 8.06 -27.00 0.30
N ILE I 133 8.29 -25.86 -0.36
CA ILE I 133 8.10 -25.79 -1.80
C ILE I 133 9.21 -26.53 -2.52
N LEU I 134 10.46 -26.26 -2.16
CA LEU I 134 11.59 -26.86 -2.84
C LEU I 134 11.75 -28.34 -2.51
N ALA I 135 11.13 -28.82 -1.43
CA ALA I 135 11.17 -30.25 -1.14
C ALA I 135 10.45 -31.06 -2.21
N MET I 136 9.48 -30.46 -2.90
CA MET I 136 8.80 -31.19 -3.98
C MET I 136 9.74 -31.52 -5.12
N ALA I 137 10.82 -30.76 -5.28
CA ALA I 137 11.74 -30.99 -6.38
C ALA I 137 12.65 -32.19 -6.15
N GLN I 138 12.75 -32.69 -4.92
CA GLN I 138 13.69 -33.76 -4.63
C GLN I 138 13.30 -35.04 -5.36
N PRO I 139 14.26 -35.89 -5.70
CA PRO I 139 13.94 -37.15 -6.38
C PRO I 139 13.01 -38.01 -5.54
N ASP I 140 12.05 -38.65 -6.22
CA ASP I 140 11.08 -39.51 -5.56
C ASP I 140 11.75 -40.78 -5.02
N ALA I 141 10.95 -41.67 -4.44
CA ALA I 141 11.51 -42.90 -3.88
C ALA I 141 12.19 -43.77 -4.91
N ASP I 142 11.87 -43.61 -6.20
CA ASP I 142 12.47 -44.39 -7.27
C ASP I 142 13.47 -43.59 -8.08
N GLY I 143 13.81 -42.38 -7.65
CA GLY I 143 14.77 -41.56 -8.35
C GLY I 143 14.21 -40.74 -9.49
N ASN I 144 12.89 -40.75 -9.69
CA ASN I 144 12.28 -39.99 -10.76
C ASN I 144 12.11 -38.54 -10.29
N ARG I 145 12.75 -37.65 -10.96
CA ARG I 145 12.81 -36.25 -10.57
C ARG I 145 11.82 -35.43 -11.37
N PRO I 146 10.90 -34.70 -10.73
CA PRO I 146 9.86 -33.99 -11.49
C PRO I 146 10.47 -32.95 -12.42
N ASP I 147 9.85 -32.79 -13.59
CA ASP I 147 10.31 -31.80 -14.54
C ASP I 147 9.70 -30.43 -14.28
N VAL I 148 8.43 -30.41 -13.85
CA VAL I 148 7.74 -29.17 -13.50
C VAL I 148 6.96 -29.41 -12.22
N VAL I 149 7.08 -28.47 -11.28
CA VAL I 149 6.27 -28.44 -10.07
C VAL I 149 5.25 -27.32 -10.23
N ILE I 150 3.97 -27.66 -10.25
CA ILE I 150 2.90 -26.68 -10.35
C ILE I 150 2.33 -26.46 -8.96
N THR I 151 2.48 -25.24 -8.44
CA THR I 151 2.04 -24.88 -7.10
C THR I 151 0.85 -23.94 -7.21
N GLU I 152 -0.25 -24.28 -6.54
CA GLU I 152 -1.44 -23.44 -6.52
C GLU I 152 -1.48 -22.69 -5.19
N ILE I 153 -1.49 -21.37 -5.27
CA ILE I 153 -1.58 -20.52 -4.10
C ILE I 153 -3.06 -20.23 -3.87
N GLY I 154 -3.63 -20.85 -2.85
CA GLY I 154 -5.04 -20.67 -2.55
C GLY I 154 -5.35 -19.28 -2.06
N GLY I 155 -6.63 -18.92 -2.17
CA GLY I 155 -7.07 -17.61 -1.73
C GLY I 155 -7.05 -16.58 -2.85
N THR I 156 -6.83 -15.33 -2.48
CA THR I 156 -6.80 -14.23 -3.42
C THR I 156 -5.64 -13.30 -3.08
N VAL I 157 -5.05 -12.69 -4.11
CA VAL I 157 -3.98 -11.74 -3.90
C VAL I 157 -4.54 -10.53 -3.15
N GLY I 158 -3.92 -10.20 -2.02
CA GLY I 158 -4.41 -9.14 -1.18
C GLY I 158 -5.15 -9.60 0.06
N ASP I 159 -5.36 -10.90 0.22
CA ASP I 159 -5.77 -11.42 1.51
C ASP I 159 -4.58 -11.37 2.48
N ILE I 160 -4.85 -11.01 3.73
CA ILE I 160 -3.78 -10.95 4.73
C ILE I 160 -3.07 -12.28 4.85
N GLU I 161 -3.81 -13.38 4.70
CA GLU I 161 -3.25 -14.70 4.93
C GLU I 161 -2.34 -15.16 3.81
N SER I 162 -2.46 -14.58 2.62
CA SER I 162 -1.62 -14.98 1.50
C SER I 162 -0.26 -14.32 1.51
N GLN I 163 -0.05 -13.32 2.35
CA GLN I 163 1.20 -12.56 2.28
C GLN I 163 2.44 -13.41 2.47
N PRO I 164 2.50 -14.37 3.39
CA PRO I 164 3.73 -15.16 3.52
C PRO I 164 3.98 -16.08 2.34
N PHE I 165 2.93 -16.66 1.76
CA PHE I 165 3.12 -17.57 0.64
C PHE I 165 3.60 -16.83 -0.60
N LEU I 166 3.06 -15.65 -0.87
CA LEU I 166 3.52 -14.89 -2.02
C LEU I 166 4.93 -14.35 -1.81
N GLU I 167 5.30 -14.03 -0.57
CA GLU I 167 6.68 -13.65 -0.30
C GLU I 167 7.63 -14.83 -0.50
N ALA I 168 7.19 -16.04 -0.13
CA ALA I 168 8.00 -17.22 -0.40
C ALA I 168 8.14 -17.46 -1.90
N ALA I 169 7.06 -17.26 -2.65
CA ALA I 169 7.14 -17.39 -4.10
C ALA I 169 8.10 -16.37 -4.70
N ARG I 170 8.07 -15.14 -4.20
CA ARG I 170 9.00 -14.12 -4.66
C ARG I 170 10.44 -14.53 -4.35
N GLN I 171 10.68 -15.07 -3.17
CA GLN I 171 12.03 -15.52 -2.84
C GLN I 171 12.47 -16.67 -3.72
N VAL I 172 11.55 -17.58 -4.05
CA VAL I 172 11.89 -18.66 -4.97
C VAL I 172 12.27 -18.11 -6.34
N ARG I 173 11.52 -17.12 -6.83
CA ARG I 173 11.90 -16.50 -8.10
C ARG I 173 13.26 -15.83 -8.00
N HIS I 174 13.59 -15.27 -6.85
CA HIS I 174 14.91 -14.65 -6.69
C HIS I 174 16.01 -15.71 -6.71
N TYR I 175 15.82 -16.78 -5.95
CA TYR I 175 16.83 -17.84 -5.84
C TYR I 175 17.07 -18.53 -7.17
N LEU I 176 16.01 -18.99 -7.84
CA LEU I 176 16.16 -19.77 -9.06
C LEU I 176 16.21 -18.93 -10.32
N GLY I 177 15.85 -17.65 -10.27
CA GLY I 177 15.86 -16.80 -11.44
C GLY I 177 14.66 -17.01 -12.33
N ARG I 178 14.52 -16.14 -13.33
CA ARG I 178 13.33 -16.14 -14.17
C ARG I 178 13.31 -17.31 -15.14
N GLU I 179 14.44 -17.90 -15.47
CA GLU I 179 14.44 -19.01 -16.41
C GLU I 179 13.79 -20.26 -15.84
N ASP I 180 13.54 -20.31 -14.52
CA ASP I 180 12.97 -21.48 -13.88
C ASP I 180 11.59 -21.27 -13.29
N VAL I 181 11.16 -20.02 -13.07
CA VAL I 181 9.93 -19.75 -12.34
C VAL I 181 8.99 -18.96 -13.23
N PHE I 182 7.75 -19.43 -13.34
CA PHE I 182 6.72 -18.88 -14.21
C PHE I 182 5.48 -18.61 -13.36
N PHE I 183 4.90 -17.42 -13.50
CA PHE I 183 3.73 -17.01 -12.72
C PHE I 183 2.51 -16.95 -13.61
N LEU I 184 1.51 -17.76 -13.30
CA LEU I 184 0.23 -17.76 -14.02
C LEU I 184 -0.82 -17.15 -13.10
N HIS I 185 -1.51 -16.12 -13.57
CA HIS I 185 -2.46 -15.37 -12.76
C HIS I 185 -3.85 -15.52 -13.36
N VAL I 186 -4.80 -15.93 -12.53
CA VAL I 186 -6.19 -16.15 -12.96
C VAL I 186 -7.04 -15.02 -12.42
N SER I 187 -7.84 -14.41 -13.28
CA SER I 187 -8.58 -13.21 -12.93
C SER I 187 -9.94 -13.22 -13.61
N LEU I 188 -10.87 -12.44 -13.07
CA LEU I 188 -12.26 -12.44 -13.50
C LEU I 188 -12.55 -11.21 -14.36
N VAL I 189 -13.30 -11.41 -15.44
CA VAL I 189 -13.78 -10.32 -16.27
C VAL I 189 -15.30 -10.28 -16.19
N PRO I 190 -15.89 -9.44 -15.35
CA PRO I 190 -17.35 -9.46 -15.20
C PRO I 190 -18.06 -8.78 -16.34
N TYR I 191 -19.27 -9.26 -16.61
CA TYR I 191 -20.16 -8.68 -17.61
C TYR I 191 -21.27 -7.92 -16.90
N LEU I 192 -21.43 -6.65 -17.24
CA LEU I 192 -22.46 -5.80 -16.65
C LEU I 192 -23.62 -5.69 -17.63
N ALA I 193 -24.74 -6.35 -17.30
CA ALA I 193 -25.85 -6.41 -18.23
C ALA I 193 -26.43 -5.05 -18.60
N PRO I 194 -26.62 -4.11 -17.67
CA PRO I 194 -27.29 -2.85 -18.04
C PRO I 194 -26.61 -2.09 -19.17
N SER I 195 -25.28 -2.08 -19.21
CA SER I 195 -24.56 -1.37 -20.25
C SER I 195 -23.91 -2.30 -21.27
N GLY I 196 -24.04 -3.62 -21.10
CA GLY I 196 -23.60 -4.55 -22.11
C GLY I 196 -22.14 -4.48 -22.45
N GLU I 197 -21.27 -4.44 -21.43
CA GLU I 197 -19.84 -4.31 -21.65
C GLU I 197 -19.09 -5.18 -20.66
N LEU I 198 -18.03 -5.83 -21.13
CA LEU I 198 -17.10 -6.51 -20.23
C LEU I 198 -16.16 -5.48 -19.63
N LYS I 199 -15.82 -5.66 -18.36
CA LYS I 199 -15.01 -4.71 -17.62
C LYS I 199 -13.67 -5.32 -17.29
N THR I 200 -12.58 -4.65 -17.67
CA THR I 200 -11.23 -5.12 -17.39
C THR I 200 -10.65 -4.53 -16.11
N LYS I 201 -11.29 -3.54 -15.51
CA LYS I 201 -10.70 -2.87 -14.36
C LYS I 201 -10.39 -3.81 -13.21
N PRO I 202 -11.26 -4.77 -12.85
CA PRO I 202 -10.87 -5.70 -11.79
C PRO I 202 -9.57 -6.42 -12.07
N THR I 203 -9.33 -6.81 -13.32
CA THR I 203 -8.06 -7.45 -13.67
C THR I 203 -6.90 -6.49 -13.51
N GLN I 204 -7.07 -5.24 -13.94
CA GLN I 204 -5.98 -4.27 -13.80
C GLN I 204 -5.63 -4.08 -12.34
N HIS I 205 -6.64 -3.91 -11.49
CA HIS I 205 -6.37 -3.73 -10.07
C HIS I 205 -5.74 -4.96 -9.46
N SER I 206 -6.14 -6.16 -9.89
CA SER I 206 -5.53 -7.36 -9.33
C SER I 206 -4.07 -7.49 -9.75
N VAL I 207 -3.76 -7.20 -11.02
CA VAL I 207 -2.38 -7.27 -11.47
C VAL I 207 -1.54 -6.21 -10.77
N ALA I 208 -2.11 -5.03 -10.54
CA ALA I 208 -1.39 -4.00 -9.80
C ALA I 208 -1.13 -4.43 -8.37
N ALA I 209 -2.13 -5.06 -7.74
CA ALA I 209 -1.94 -5.58 -6.39
C ALA I 209 -0.84 -6.62 -6.35
N LEU I 210 -0.79 -7.47 -7.37
CA LEU I 210 0.26 -8.49 -7.44
C LEU I 210 1.63 -7.84 -7.63
N ARG I 211 1.72 -6.84 -8.51
CA ARG I 211 2.99 -6.15 -8.71
C ARG I 211 3.43 -5.41 -7.46
N SER I 212 2.50 -5.00 -6.61
CA SER I 212 2.86 -4.26 -5.41
C SER I 212 3.58 -5.11 -4.38
N ILE I 213 3.65 -6.43 -4.57
CA ILE I 213 4.43 -7.31 -3.72
C ILE I 213 5.62 -7.91 -4.45
N GLY I 214 5.86 -7.49 -5.68
CA GLY I 214 7.05 -7.90 -6.40
C GLY I 214 6.91 -9.06 -7.34
N ILE I 215 5.70 -9.39 -7.79
CA ILE I 215 5.46 -10.48 -8.72
C ILE I 215 4.90 -9.88 -10.00
N THR I 216 5.51 -10.23 -11.14
CA THR I 216 5.00 -9.85 -12.45
C THR I 216 4.44 -11.08 -13.14
N PRO I 217 3.14 -11.15 -13.41
CA PRO I 217 2.60 -12.34 -14.06
C PRO I 217 3.16 -12.53 -15.46
N ASP I 218 3.38 -13.80 -15.82
CA ASP I 218 3.81 -14.11 -17.18
C ASP I 218 2.62 -14.31 -18.10
N ALA I 219 1.49 -14.77 -17.57
CA ALA I 219 0.29 -14.97 -18.36
C ALA I 219 -0.93 -14.69 -17.50
N LEU I 220 -2.03 -14.33 -18.16
CA LEU I 220 -3.30 -14.07 -17.49
C LEU I 220 -4.35 -15.03 -18.05
N ILE I 221 -5.06 -15.70 -17.15
CA ILE I 221 -6.22 -16.50 -17.52
C ILE I 221 -7.46 -15.65 -17.24
N LEU I 222 -8.12 -15.17 -18.29
CA LEU I 222 -9.28 -14.31 -18.15
C LEU I 222 -10.52 -15.18 -18.08
N ARG I 223 -10.99 -15.45 -16.86
CA ARG I 223 -12.22 -16.18 -16.67
C ARG I 223 -13.41 -15.29 -17.00
N CYS I 224 -14.35 -15.81 -17.79
CA CYS I 224 -15.47 -15.02 -18.27
C CYS I 224 -16.63 -15.97 -18.54
N ASP I 225 -17.82 -15.39 -18.66
CA ASP I 225 -18.98 -16.16 -19.06
C ASP I 225 -19.14 -16.25 -20.58
N ARG I 226 -18.41 -15.41 -21.32
CA ARG I 226 -18.45 -15.41 -22.78
C ARG I 226 -17.05 -15.17 -23.29
N ASP I 227 -16.81 -15.55 -24.54
CA ASP I 227 -15.47 -15.39 -25.11
C ASP I 227 -15.10 -13.92 -25.17
N VAL I 228 -13.91 -13.60 -24.66
CA VAL I 228 -13.49 -12.20 -24.53
C VAL I 228 -13.16 -11.64 -25.91
N PRO I 229 -13.65 -10.46 -26.27
CA PRO I 229 -13.23 -9.86 -27.55
C PRO I 229 -11.72 -9.64 -27.59
N GLU I 230 -11.18 -9.54 -28.81
CA GLU I 230 -9.75 -9.35 -28.98
C GLU I 230 -9.31 -7.96 -28.53
N ALA I 231 -10.15 -6.94 -28.72
CA ALA I 231 -9.78 -5.60 -28.32
C ALA I 231 -9.55 -5.52 -26.82
N LEU I 232 -10.35 -6.24 -26.03
CA LEU I 232 -10.14 -6.25 -24.60
C LEU I 232 -8.82 -6.93 -24.23
N LYS I 233 -8.48 -8.02 -24.92
CA LYS I 233 -7.20 -8.66 -24.66
C LYS I 233 -6.05 -7.73 -24.99
N ASN I 234 -6.15 -6.97 -26.08
CA ASN I 234 -5.12 -6.00 -26.40
C ASN I 234 -5.01 -4.93 -25.31
N LYS I 235 -6.15 -4.42 -24.85
CA LYS I 235 -6.14 -3.42 -23.78
C LYS I 235 -5.48 -3.98 -22.53
N ILE I 236 -5.84 -5.20 -22.16
CA ILE I 236 -5.31 -5.81 -20.95
C ILE I 236 -3.81 -6.01 -21.08
N ALA I 237 -3.37 -6.52 -22.22
CA ALA I 237 -1.93 -6.72 -22.44
C ALA I 237 -1.19 -5.40 -22.31
N LEU I 238 -1.73 -4.34 -22.91
CA LEU I 238 -1.05 -3.05 -22.86
C LEU I 238 -1.00 -2.52 -21.42
N MET I 239 -2.14 -2.51 -20.73
CA MET I 239 -2.20 -1.91 -19.40
C MET I 239 -1.43 -2.73 -18.38
N CYS I 240 -1.35 -4.05 -18.54
CA CYS I 240 -0.82 -4.94 -17.53
C CYS I 240 0.61 -5.38 -17.78
N ASP I 241 1.24 -4.93 -18.88
CA ASP I 241 2.60 -5.32 -19.22
C ASP I 241 2.75 -6.84 -19.26
N VAL I 242 1.83 -7.48 -19.99
CA VAL I 242 1.86 -8.91 -20.22
C VAL I 242 1.95 -9.13 -21.72
N ASP I 243 2.78 -10.09 -22.14
CA ASP I 243 2.90 -10.43 -23.54
C ASP I 243 1.53 -10.81 -24.10
N ILE I 244 1.19 -10.24 -25.27
CA ILE I 244 -0.13 -10.51 -25.84
C ILE I 244 -0.35 -11.99 -26.10
N ASP I 245 0.73 -12.76 -26.23
CA ASP I 245 0.59 -14.21 -26.28
C ASP I 245 0.06 -14.77 -24.97
N GLY I 246 0.25 -14.06 -23.87
CA GLY I 246 -0.04 -14.58 -22.55
C GLY I 246 -1.39 -14.24 -21.98
N VAL I 247 -2.25 -13.55 -22.72
CA VAL I 247 -3.61 -13.27 -22.27
C VAL I 247 -4.52 -14.33 -22.86
N ILE I 248 -5.07 -15.19 -21.99
CA ILE I 248 -5.76 -16.41 -22.40
C ILE I 248 -7.22 -16.27 -22.00
N SER I 249 -8.10 -16.30 -23.01
CA SER I 249 -9.54 -16.23 -22.77
C SER I 249 -10.07 -17.61 -22.43
N THR I 250 -10.73 -17.73 -21.28
CA THR I 250 -11.11 -19.03 -20.71
C THR I 250 -12.58 -19.02 -20.30
N PRO I 251 -13.49 -19.03 -21.27
CA PRO I 251 -14.92 -18.96 -20.93
C PRO I 251 -15.41 -20.22 -20.25
N ASP I 252 -16.55 -20.09 -19.58
CA ASP I 252 -17.16 -21.18 -18.83
C ASP I 252 -17.53 -22.33 -19.75
N ALA I 253 -16.81 -23.44 -19.66
CA ALA I 253 -17.04 -24.57 -20.53
C ALA I 253 -18.24 -25.39 -20.05
N PRO I 254 -18.96 -26.03 -20.96
CA PRO I 254 -20.13 -26.82 -20.55
C PRO I 254 -19.79 -27.94 -19.60
N SER I 255 -18.58 -28.50 -19.69
CA SER I 255 -18.10 -29.47 -18.71
C SER I 255 -16.64 -29.18 -18.42
N ILE I 256 -16.20 -29.61 -17.24
CA ILE I 256 -14.82 -29.33 -16.83
C ILE I 256 -13.81 -30.04 -17.72
N TYR I 257 -14.21 -31.11 -18.40
CA TYR I 257 -13.26 -31.86 -19.21
C TYR I 257 -12.95 -31.18 -20.53
N ASP I 258 -13.70 -30.15 -20.92
CA ASP I 258 -13.33 -29.37 -22.10
C ASP I 258 -12.18 -28.43 -21.84
N ILE I 259 -11.84 -28.18 -20.57
CA ILE I 259 -10.85 -27.15 -20.26
C ILE I 259 -9.51 -27.45 -20.88
N PRO I 260 -8.99 -28.67 -20.86
CA PRO I 260 -7.72 -28.93 -21.57
C PRO I 260 -7.78 -28.52 -23.03
N LYS I 261 -8.89 -28.77 -23.70
CA LYS I 261 -9.03 -28.35 -25.09
C LYS I 261 -9.03 -26.83 -25.21
N VAL I 262 -9.69 -26.13 -24.29
CA VAL I 262 -9.71 -24.68 -24.34
C VAL I 262 -8.30 -24.13 -24.18
N LEU I 263 -7.56 -24.64 -23.19
CA LEU I 263 -6.22 -24.14 -22.95
C LEU I 263 -5.29 -24.47 -24.11
N HIS I 264 -5.40 -25.66 -24.68
CA HIS I 264 -4.58 -26.02 -25.82
C HIS I 264 -4.91 -25.16 -27.04
N ARG I 265 -6.20 -24.96 -27.31
CA ARG I 265 -6.61 -24.14 -28.43
C ARG I 265 -6.07 -22.72 -28.33
N GLU I 266 -6.00 -22.19 -27.11
CA GLU I 266 -5.41 -20.88 -26.89
C GLU I 266 -3.89 -20.91 -26.81
N GLU I 267 -3.29 -22.11 -26.86
CA GLU I 267 -1.85 -22.26 -26.86
C GLU I 267 -1.23 -21.78 -25.55
N LEU I 268 -1.88 -22.04 -24.42
CA LEU I 268 -1.26 -21.78 -23.13
C LEU I 268 -0.10 -22.72 -22.88
N ASP I 269 -0.28 -24.01 -23.17
CA ASP I 269 0.77 -24.98 -22.93
C ASP I 269 1.99 -24.68 -23.79
N ALA I 270 1.77 -24.30 -25.05
CA ALA I 270 2.88 -23.91 -25.91
C ALA I 270 3.62 -22.72 -25.33
N PHE I 271 2.88 -21.72 -24.85
CA PHE I 271 3.50 -20.53 -24.26
C PHE I 271 4.34 -20.89 -23.04
N VAL I 272 3.79 -21.72 -22.16
CA VAL I 272 4.52 -22.13 -20.97
C VAL I 272 5.79 -22.89 -21.35
N VAL I 273 5.67 -23.83 -22.30
CA VAL I 273 6.82 -24.64 -22.69
C VAL I 273 7.90 -23.78 -23.29
N ARG I 274 7.54 -22.87 -24.20
CA ARG I 274 8.53 -21.95 -24.76
C ARG I 274 9.19 -21.14 -23.67
N ARG I 275 8.39 -20.55 -22.78
CA ARG I 275 8.92 -19.60 -21.82
C ARG I 275 9.84 -20.28 -20.80
N LEU I 276 9.51 -21.50 -20.39
CA LEU I 276 10.37 -22.25 -19.48
C LEU I 276 11.46 -23.03 -20.19
N ASN I 277 11.47 -23.03 -21.53
CA ASN I 277 12.50 -23.72 -22.30
C ASN I 277 12.51 -25.21 -21.99
N LEU I 278 11.33 -25.82 -21.90
CA LEU I 278 11.24 -27.25 -21.65
C LEU I 278 11.29 -28.03 -22.95
N PRO I 279 11.84 -29.24 -22.93
CA PRO I 279 11.74 -30.12 -24.09
C PRO I 279 10.37 -30.78 -24.16
N PHE I 280 9.84 -30.91 -25.36
CA PHE I 280 8.44 -31.28 -25.53
C PHE I 280 8.25 -32.20 -26.73
N ARG I 281 7.02 -32.72 -26.82
CA ARG I 281 6.51 -33.35 -28.03
C ARG I 281 5.01 -33.06 -28.09
N ASP I 282 4.43 -33.26 -29.27
CA ASP I 282 3.03 -32.93 -29.46
C ASP I 282 2.13 -33.79 -28.58
N VAL I 283 0.98 -33.23 -28.21
CA VAL I 283 0.02 -33.91 -27.37
C VAL I 283 -0.64 -35.04 -28.14
N ASP I 284 -0.66 -36.24 -27.58
CA ASP I 284 -1.39 -37.37 -28.14
C ASP I 284 -2.82 -37.33 -27.59
N TRP I 285 -3.74 -36.83 -28.40
CA TRP I 285 -5.12 -36.60 -27.97
C TRP I 285 -5.99 -37.84 -27.98
N THR I 286 -5.45 -39.03 -28.23
CA THR I 286 -6.28 -40.21 -28.44
C THR I 286 -7.20 -40.47 -27.25
N GLU I 287 -6.61 -40.58 -26.06
CA GLU I 287 -7.37 -40.93 -24.87
C GLU I 287 -8.42 -39.88 -24.55
N TRP I 288 -8.00 -38.62 -24.49
CA TRP I 288 -8.94 -37.58 -24.06
C TRP I 288 -9.99 -37.30 -25.12
N ASP I 289 -9.67 -37.53 -26.39
CA ASP I 289 -10.70 -37.45 -27.41
C ASP I 289 -11.76 -38.53 -27.22
N ASP I 290 -11.34 -39.74 -26.83
CA ASP I 290 -12.34 -40.76 -26.51
C ASP I 290 -13.18 -40.35 -25.31
N LEU I 291 -12.55 -39.79 -24.29
CA LEU I 291 -13.30 -39.32 -23.13
C LEU I 291 -14.33 -38.27 -23.52
N LEU I 292 -13.92 -37.32 -24.36
CA LEU I 292 -14.83 -36.25 -24.74
C LEU I 292 -15.90 -36.72 -25.70
N ARG I 293 -15.67 -37.80 -26.44
CA ARG I 293 -16.76 -38.45 -27.15
C ARG I 293 -17.79 -39.00 -26.17
N ARG I 294 -17.31 -39.70 -25.13
CA ARG I 294 -18.25 -40.22 -24.15
C ARG I 294 -19.00 -39.10 -23.45
N VAL I 295 -18.37 -37.93 -23.31
CA VAL I 295 -19.02 -36.77 -22.70
C VAL I 295 -20.09 -36.21 -23.63
N HIS I 296 -19.70 -35.76 -24.81
CA HIS I 296 -20.57 -34.94 -25.64
C HIS I 296 -21.50 -35.72 -26.56
N GLU I 297 -21.27 -37.01 -26.78
CA GLU I 297 -22.08 -37.79 -27.71
C GLU I 297 -22.52 -39.10 -27.06
N PRO I 298 -23.32 -39.02 -26.00
CA PRO I 298 -23.83 -40.24 -25.37
C PRO I 298 -24.98 -40.84 -26.17
N HIS I 299 -25.20 -42.14 -25.98
CA HIS I 299 -26.27 -42.83 -26.67
C HIS I 299 -27.62 -42.67 -25.97
N GLU I 300 -27.63 -42.44 -24.66
CA GLU I 300 -28.88 -42.37 -23.92
C GLU I 300 -28.71 -41.40 -22.75
N THR I 301 -29.72 -41.35 -21.88
CA THR I 301 -29.74 -40.41 -20.77
C THR I 301 -30.49 -41.03 -19.60
N VAL I 302 -30.11 -40.65 -18.38
CA VAL I 302 -30.76 -41.14 -17.18
C VAL I 302 -30.67 -40.05 -16.11
N ARG I 303 -31.72 -39.94 -15.30
CA ARG I 303 -31.82 -38.92 -14.26
C ARG I 303 -31.64 -39.57 -12.90
N ILE I 304 -30.75 -39.00 -12.09
CA ILE I 304 -30.43 -39.50 -10.76
C ILE I 304 -30.64 -38.38 -9.75
N ALA I 305 -31.36 -38.68 -8.67
CA ALA I 305 -31.52 -37.73 -7.58
C ALA I 305 -30.33 -37.79 -6.64
N LEU I 306 -29.83 -36.62 -6.26
CA LEU I 306 -28.81 -36.47 -5.23
C LEU I 306 -29.50 -35.87 -4.01
N VAL I 307 -29.56 -36.62 -2.92
CA VAL I 307 -30.30 -36.23 -1.73
C VAL I 307 -29.31 -35.86 -0.63
N GLY I 308 -29.38 -34.62 -0.16
CA GLY I 308 -28.49 -34.16 0.90
C GLY I 308 -28.97 -32.83 1.45
N LYS I 309 -28.25 -32.36 2.48
CA LYS I 309 -28.53 -31.06 3.06
C LYS I 309 -27.83 -29.93 2.33
N TYR I 310 -26.55 -30.13 1.97
CA TYR I 310 -25.80 -29.07 1.30
C TYR I 310 -26.20 -28.89 -0.15
N VAL I 311 -27.19 -29.64 -0.63
CA VAL I 311 -27.60 -29.55 -2.03
C VAL I 311 -28.16 -28.19 -2.39
N GLU I 312 -28.34 -27.30 -1.43
CA GLU I 312 -28.90 -25.99 -1.72
C GLU I 312 -27.87 -25.13 -2.43
N LEU I 313 -27.63 -25.45 -3.71
CA LEU I 313 -26.74 -24.67 -4.57
C LEU I 313 -25.34 -24.57 -3.98
N SER I 314 -24.71 -25.72 -3.79
CA SER I 314 -23.33 -25.78 -3.34
C SER I 314 -22.65 -27.01 -3.92
N ASP I 315 -21.35 -26.89 -4.16
CA ASP I 315 -20.53 -28.00 -4.67
C ASP I 315 -19.99 -28.85 -3.54
N ALA I 316 -20.83 -29.26 -2.60
CA ALA I 316 -20.39 -30.10 -1.49
C ALA I 316 -20.23 -31.55 -1.88
N TYR I 317 -20.64 -31.92 -3.11
CA TYR I 317 -20.67 -33.30 -3.55
C TYR I 317 -19.94 -33.48 -4.86
N LEU I 318 -18.87 -32.69 -5.08
CA LEU I 318 -18.25 -32.65 -6.40
C LEU I 318 -17.72 -34.02 -6.81
N SER I 319 -17.01 -34.70 -5.91
CA SER I 319 -16.45 -36.00 -6.26
C SER I 319 -17.56 -37.00 -6.59
N VAL I 320 -18.66 -36.97 -5.85
CA VAL I 320 -19.76 -37.91 -6.11
C VAL I 320 -20.40 -37.61 -7.46
N ALA I 321 -20.65 -36.34 -7.76
CA ALA I 321 -21.26 -36.00 -9.04
C ALA I 321 -20.35 -36.41 -10.20
N GLU I 322 -19.04 -36.17 -10.05
CA GLU I 322 -18.11 -36.56 -11.10
C GLU I 322 -18.00 -38.08 -11.23
N ALA I 323 -18.05 -38.81 -10.11
CA ALA I 323 -18.02 -40.27 -10.20
C ALA I 323 -19.27 -40.80 -10.87
N LEU I 324 -20.43 -40.18 -10.58
CA LEU I 324 -21.65 -40.55 -11.30
C LEU I 324 -21.48 -40.33 -12.79
N ARG I 325 -20.95 -39.18 -13.19
CA ARG I 325 -20.81 -38.91 -14.61
C ARG I 325 -19.76 -39.84 -15.24
N ALA I 326 -18.73 -40.22 -14.49
CA ALA I 326 -17.77 -41.19 -15.01
C ALA I 326 -18.42 -42.54 -15.22
N GLY I 327 -19.26 -42.96 -14.28
CA GLY I 327 -20.04 -44.17 -14.50
C GLY I 327 -20.88 -44.08 -15.76
N GLY I 328 -21.52 -42.93 -15.97
CA GLY I 328 -22.25 -42.73 -17.21
C GLY I 328 -21.37 -42.85 -18.43
N PHE I 329 -20.14 -42.33 -18.33
CA PHE I 329 -19.21 -42.39 -19.45
C PHE I 329 -18.82 -43.82 -19.77
N LYS I 330 -18.68 -44.67 -18.76
CA LYS I 330 -18.36 -46.07 -19.03
C LYS I 330 -19.43 -46.73 -19.89
N HIS I 331 -20.69 -46.36 -19.70
CA HIS I 331 -21.80 -46.90 -20.49
C HIS I 331 -22.20 -46.01 -21.66
N ARG I 332 -21.52 -44.89 -21.86
CA ARG I 332 -21.92 -43.91 -22.87
C ARG I 332 -23.37 -43.47 -22.67
N ALA I 333 -23.72 -43.18 -21.42
CA ALA I 333 -24.99 -42.55 -21.09
C ALA I 333 -24.74 -41.18 -20.47
N LYS I 334 -25.59 -40.22 -20.80
CA LYS I 334 -25.61 -38.96 -20.09
C LYS I 334 -26.32 -39.15 -18.76
N VAL I 335 -25.67 -38.75 -17.67
CA VAL I 335 -26.29 -38.78 -16.35
C VAL I 335 -26.67 -37.35 -15.99
N GLU I 336 -27.96 -37.13 -15.77
CA GLU I 336 -28.48 -35.84 -15.33
C GLU I 336 -28.77 -35.92 -13.83
N ILE I 337 -28.30 -34.94 -13.08
CA ILE I 337 -28.39 -34.94 -11.63
C ILE I 337 -29.52 -34.01 -11.22
N CYS I 338 -30.47 -34.54 -10.45
CA CYS I 338 -31.55 -33.76 -9.85
C CYS I 338 -31.19 -33.54 -8.39
N TRP I 339 -30.96 -32.29 -8.02
CA TRP I 339 -30.54 -31.97 -6.67
C TRP I 339 -31.77 -31.89 -5.77
N VAL I 340 -31.88 -32.86 -4.86
CA VAL I 340 -33.07 -33.04 -4.04
C VAL I 340 -32.71 -32.79 -2.59
N ALA I 341 -33.47 -31.91 -1.94
CA ALA I 341 -33.27 -31.66 -0.52
C ALA I 341 -33.73 -32.86 0.30
N SER I 342 -32.93 -33.23 1.31
CA SER I 342 -33.30 -34.35 2.16
C SER I 342 -34.60 -34.08 2.91
N ASP I 343 -34.80 -32.84 3.36
CA ASP I 343 -35.91 -32.54 4.26
C ASP I 343 -37.27 -32.54 3.56
N GLY I 344 -37.29 -32.44 2.23
CA GLY I 344 -38.54 -32.65 1.51
C GLY I 344 -38.94 -34.10 1.40
N CYS I 345 -38.07 -35.03 1.76
CA CYS I 345 -38.33 -36.46 1.68
C CYS I 345 -38.71 -37.07 3.02
N GLU I 346 -38.85 -36.24 4.07
CA GLU I 346 -39.22 -36.77 5.38
C GLU I 346 -40.61 -37.35 5.37
N THR I 347 -41.56 -36.68 4.72
CA THR I 347 -42.90 -37.22 4.53
C THR I 347 -42.94 -38.07 3.27
N THR I 348 -43.75 -39.13 3.33
CA THR I 348 -43.83 -40.04 2.19
C THR I 348 -44.37 -39.32 0.96
N SER I 349 -45.35 -38.43 1.14
CA SER I 349 -45.83 -37.63 0.02
C SER I 349 -44.75 -36.70 -0.51
N GLY I 350 -43.99 -36.08 0.38
CA GLY I 350 -42.89 -35.23 -0.06
C GLY I 350 -41.82 -36.02 -0.78
N ALA I 351 -41.49 -37.21 -0.27
CA ALA I 351 -40.52 -38.06 -0.95
C ALA I 351 -41.02 -38.43 -2.33
N ALA I 352 -42.31 -38.78 -2.45
CA ALA I 352 -42.85 -39.12 -3.75
C ALA I 352 -42.80 -37.92 -4.70
N ALA I 353 -43.12 -36.73 -4.19
CA ALA I 353 -43.07 -35.54 -5.03
C ALA I 353 -41.67 -35.25 -5.52
N ALA I 354 -40.67 -35.44 -4.64
CA ALA I 354 -39.29 -35.17 -5.03
C ALA I 354 -38.76 -36.21 -6.01
N LEU I 355 -38.94 -37.49 -5.69
CA LEU I 355 -38.21 -38.56 -6.36
C LEU I 355 -38.94 -39.18 -7.54
N GLY I 356 -40.26 -38.99 -7.64
CA GLY I 356 -41.06 -39.80 -8.54
C GLY I 356 -40.60 -39.78 -9.99
N ASP I 357 -39.92 -38.73 -10.42
CA ASP I 357 -39.53 -38.60 -11.82
C ASP I 357 -38.15 -39.19 -12.13
N VAL I 358 -37.35 -39.52 -11.12
CA VAL I 358 -35.97 -39.96 -11.34
C VAL I 358 -35.90 -41.45 -11.63
N HIS I 359 -34.71 -41.90 -12.05
CA HIS I 359 -34.44 -43.31 -12.29
C HIS I 359 -33.48 -43.92 -11.28
N GLY I 360 -33.06 -43.16 -10.27
CA GLY I 360 -32.21 -43.70 -9.23
C GLY I 360 -31.94 -42.62 -8.19
N VAL I 361 -31.53 -43.07 -7.01
CA VAL I 361 -31.33 -42.19 -5.87
C VAL I 361 -29.97 -42.46 -5.27
N LEU I 362 -29.27 -41.40 -4.89
CA LEU I 362 -27.96 -41.48 -4.26
C LEU I 362 -28.00 -40.77 -2.92
N ILE I 363 -27.56 -41.46 -1.88
CA ILE I 363 -27.46 -40.87 -0.54
C ILE I 363 -25.99 -40.74 -0.20
N PRO I 364 -25.39 -39.57 -0.39
CA PRO I 364 -23.96 -39.41 -0.11
C PRO I 364 -23.69 -39.16 1.37
N GLY I 365 -22.43 -39.33 1.74
CA GLY I 365 -22.01 -39.12 3.11
C GLY I 365 -21.83 -37.66 3.44
N GLY I 366 -21.55 -37.41 4.72
CA GLY I 366 -21.33 -36.06 5.20
C GLY I 366 -21.01 -36.09 6.68
N PHE I 367 -20.69 -34.91 7.21
CA PHE I 367 -20.35 -34.73 8.61
C PHE I 367 -21.01 -33.46 9.13
N GLY I 368 -21.29 -33.44 10.42
CA GLY I 368 -22.13 -32.39 10.97
C GLY I 368 -23.54 -32.43 10.43
N ILE I 369 -23.94 -33.55 9.85
CA ILE I 369 -25.23 -33.65 9.19
C ILE I 369 -26.34 -33.88 10.22
N ARG I 370 -27.56 -33.53 9.83
CA ARG I 370 -28.73 -33.73 10.68
C ARG I 370 -29.94 -33.99 9.79
N GLY I 371 -30.99 -34.52 10.40
CA GLY I 371 -32.23 -34.75 9.70
C GLY I 371 -32.24 -35.99 8.84
N ILE I 372 -31.47 -37.01 9.21
CA ILE I 372 -31.40 -38.23 8.41
C ILE I 372 -32.74 -38.94 8.34
N GLU I 373 -33.73 -38.50 9.11
CA GLU I 373 -35.07 -39.02 8.93
C GLU I 373 -35.53 -38.84 7.49
N GLY I 374 -35.20 -37.68 6.89
CA GLY I 374 -35.53 -37.47 5.50
C GLY I 374 -34.77 -38.39 4.57
N LYS I 375 -33.49 -38.61 4.84
CA LYS I 375 -32.70 -39.53 4.03
C LYS I 375 -33.31 -40.93 4.06
N ILE I 376 -33.55 -41.46 5.26
CA ILE I 376 -34.15 -42.78 5.39
C ILE I 376 -35.54 -42.81 4.76
N GLY I 377 -36.26 -41.69 4.83
CA GLY I 377 -37.56 -41.64 4.18
C GLY I 377 -37.44 -41.79 2.68
N ALA I 378 -36.43 -41.15 2.09
CA ALA I 378 -36.17 -41.33 0.67
C ALA I 378 -35.80 -42.78 0.37
N ILE I 379 -35.02 -43.42 1.25
CA ILE I 379 -34.70 -44.84 1.04
C ILE I 379 -35.98 -45.68 1.06
N ALA I 380 -36.82 -45.46 2.06
CA ALA I 380 -38.05 -46.24 2.19
C ALA I 380 -38.92 -46.07 0.96
N TYR I 381 -39.12 -44.82 0.52
CA TYR I 381 -39.92 -44.58 -0.66
C TYR I 381 -39.31 -45.25 -1.89
N ALA I 382 -37.99 -45.10 -2.07
CA ALA I 382 -37.35 -45.64 -3.26
C ALA I 382 -37.47 -47.17 -3.29
N ARG I 383 -37.27 -47.81 -2.14
CA ARG I 383 -37.41 -49.26 -2.08
C ARG I 383 -38.82 -49.69 -2.46
N ALA I 384 -39.83 -48.99 -1.93
CA ALA I 384 -41.20 -49.34 -2.31
C ALA I 384 -41.44 -49.11 -3.80
N ARG I 385 -40.90 -48.03 -4.34
CA ARG I 385 -41.12 -47.68 -5.75
C ARG I 385 -40.28 -48.53 -6.70
N GLY I 386 -39.20 -49.14 -6.20
CA GLY I 386 -38.34 -49.95 -7.04
C GLY I 386 -37.16 -49.23 -7.66
N LEU I 387 -36.91 -47.99 -7.28
CA LEU I 387 -35.77 -47.26 -7.83
C LEU I 387 -34.47 -47.79 -7.25
N PRO I 388 -33.40 -47.87 -8.05
CA PRO I 388 -32.11 -48.29 -7.50
C PRO I 388 -31.53 -47.20 -6.59
N VAL I 389 -30.78 -47.64 -5.60
CA VAL I 389 -30.21 -46.75 -4.59
C VAL I 389 -28.75 -47.12 -4.35
N LEU I 390 -27.89 -46.11 -4.30
CA LEU I 390 -26.52 -46.26 -3.86
C LEU I 390 -26.30 -45.35 -2.66
N GLY I 391 -25.79 -45.93 -1.58
CA GLY I 391 -25.60 -45.18 -0.35
C GLY I 391 -24.15 -45.13 0.07
N LEU I 392 -23.62 -43.92 0.25
CA LEU I 392 -22.21 -43.73 0.52
C LEU I 392 -22.04 -43.27 1.96
N CYS I 393 -21.31 -44.06 2.75
CA CYS I 393 -21.08 -43.75 4.16
C CYS I 393 -22.40 -43.62 4.91
N LEU I 394 -22.83 -42.37 5.12
CA LEU I 394 -24.14 -42.15 5.73
C LEU I 394 -25.25 -42.83 4.93
N GLY I 395 -25.06 -43.00 3.63
CA GLY I 395 -26.04 -43.74 2.86
C GLY I 395 -26.16 -45.18 3.32
N LEU I 396 -25.02 -45.83 3.59
CA LEU I 396 -25.05 -47.16 4.15
C LEU I 396 -25.69 -47.16 5.54
N GLN I 397 -25.35 -46.17 6.37
CA GLN I 397 -25.92 -46.11 7.71
C GLN I 397 -27.44 -45.98 7.63
N CYS I 398 -27.94 -45.12 6.74
CA CYS I 398 -29.37 -44.98 6.55
C CYS I 398 -29.99 -46.26 6.02
N ILE I 399 -29.30 -46.97 5.12
CA ILE I 399 -29.83 -48.24 4.62
C ILE I 399 -30.00 -49.22 5.78
N VAL I 400 -28.99 -49.31 6.64
CA VAL I 400 -29.06 -50.24 7.78
C VAL I 400 -30.16 -49.82 8.75
N ILE I 401 -30.34 -48.51 8.94
CA ILE I 401 -31.41 -48.05 9.83
C ILE I 401 -32.78 -48.33 9.23
N GLU I 402 -32.90 -48.18 7.91
CA GLU I 402 -34.15 -48.54 7.23
C GLU I 402 -34.46 -50.02 7.43
N ALA I 403 -33.44 -50.87 7.27
CA ALA I 403 -33.64 -52.30 7.51
C ALA I 403 -34.02 -52.57 8.95
N ALA I 404 -33.40 -51.86 9.90
CA ALA I 404 -33.77 -52.00 11.30
C ALA I 404 -35.25 -51.68 11.49
N ARG I 405 -35.71 -50.58 10.90
CA ARG I 405 -37.11 -50.21 10.98
C ARG I 405 -38.00 -51.07 10.09
N SER I 406 -37.42 -52.02 9.36
CA SER I 406 -38.20 -52.95 8.55
C SER I 406 -38.51 -54.27 9.26
N VAL I 407 -37.86 -54.56 10.38
CA VAL I 407 -37.94 -55.89 10.99
C VAL I 407 -38.48 -55.87 12.42
N GLY I 408 -38.70 -54.70 13.00
CA GLY I 408 -39.16 -54.63 14.38
C GLY I 408 -38.55 -53.50 15.17
N LEU I 409 -37.50 -52.89 14.63
CA LEU I 409 -36.69 -51.95 15.39
C LEU I 409 -37.09 -50.51 15.06
N THR I 410 -38.34 -50.16 15.37
CA THR I 410 -38.91 -48.90 14.90
C THR I 410 -38.21 -47.69 15.51
N ASN I 411 -37.71 -47.81 16.73
CA ASN I 411 -37.01 -46.72 17.39
C ASN I 411 -35.50 -46.79 17.20
N ALA I 412 -35.02 -47.69 16.34
CA ALA I 412 -33.59 -47.83 16.12
C ALA I 412 -33.02 -46.58 15.44
N ASN I 413 -31.76 -46.31 15.74
CA ASN I 413 -31.07 -45.15 15.18
C ASN I 413 -29.58 -45.32 15.41
N SER I 414 -28.81 -44.34 14.95
CA SER I 414 -27.42 -44.23 15.34
C SER I 414 -27.31 -43.53 16.69
N ALA I 415 -26.33 -43.95 17.48
CA ALA I 415 -26.03 -43.23 18.72
C ALA I 415 -25.63 -41.79 18.44
N GLU I 416 -25.21 -41.48 17.22
CA GLU I 416 -24.94 -40.10 16.85
C GLU I 416 -26.22 -39.27 16.76
N PHE I 417 -27.30 -39.88 16.28
CA PHE I 417 -28.51 -39.14 15.94
C PHE I 417 -29.64 -39.32 16.94
N ASP I 418 -29.59 -40.34 17.80
CA ASP I 418 -30.45 -40.41 18.97
C ASP I 418 -29.65 -41.09 20.09
N PRO I 419 -28.94 -40.31 20.90
CA PRO I 419 -28.15 -40.91 21.98
C PRO I 419 -28.99 -41.70 22.97
N ASP I 420 -30.31 -41.49 22.99
CA ASP I 420 -31.20 -42.20 23.90
C ASP I 420 -31.97 -43.31 23.21
N THR I 421 -31.60 -43.67 21.98
CA THR I 421 -32.33 -44.72 21.27
C THR I 421 -32.22 -46.04 22.04
N PRO I 422 -33.31 -46.80 22.14
CA PRO I 422 -33.22 -48.13 22.77
C PRO I 422 -32.54 -49.17 21.89
N ASP I 423 -32.37 -48.91 20.60
CA ASP I 423 -31.75 -49.84 19.66
C ASP I 423 -30.67 -49.11 18.87
N PRO I 424 -29.50 -48.89 19.45
CA PRO I 424 -28.40 -48.28 18.70
C PRO I 424 -27.74 -49.27 17.73
N VAL I 425 -28.44 -49.52 16.62
CA VAL I 425 -27.93 -50.44 15.62
C VAL I 425 -26.66 -49.92 14.97
N ILE I 426 -26.45 -48.60 14.97
CA ILE I 426 -25.18 -47.98 14.62
C ILE I 426 -24.59 -47.39 15.88
N ALA I 427 -23.34 -47.75 16.19
CA ALA I 427 -22.74 -47.37 17.45
C ALA I 427 -21.23 -47.31 17.29
N THR I 428 -20.60 -46.62 18.23
CA THR I 428 -19.14 -46.59 18.29
C THR I 428 -18.62 -47.96 18.70
N MET I 429 -17.77 -48.55 17.87
CA MET I 429 -17.29 -49.90 18.10
C MET I 429 -16.40 -49.96 19.34
N GLY I 443 -15.06 -41.53 21.56
CA GLY I 443 -15.64 -41.43 20.23
C GLY I 443 -15.20 -42.55 19.31
N GLY I 444 -14.39 -43.47 19.83
CA GLY I 444 -13.90 -44.58 19.03
C GLY I 444 -12.81 -44.16 18.06
N THR I 445 -12.21 -45.13 17.40
CA THR I 445 -11.14 -44.86 16.44
C THR I 445 -11.75 -44.37 15.13
N MET I 446 -11.36 -43.18 14.71
CA MET I 446 -11.70 -42.69 13.38
C MET I 446 -10.86 -43.44 12.36
N ARG I 447 -11.51 -44.26 11.54
CA ARG I 447 -10.84 -44.92 10.43
C ARG I 447 -10.67 -43.91 9.30
N LEU I 448 -9.42 -43.66 8.90
CA LEU I 448 -9.12 -42.71 7.84
C LEU I 448 -8.19 -43.36 6.83
N GLY I 449 -8.45 -43.09 5.55
CA GLY I 449 -7.58 -43.56 4.49
C GLY I 449 -7.93 -44.95 4.02
N SER I 450 -6.99 -45.53 3.27
CA SER I 450 -7.23 -46.81 2.62
C SER I 450 -7.18 -47.95 3.64
N TYR I 451 -8.17 -48.83 3.57
CA TYR I 451 -8.20 -50.07 4.33
C TYR I 451 -8.61 -51.22 3.41
N PRO I 452 -8.11 -52.42 3.67
CA PRO I 452 -8.53 -53.58 2.86
C PRO I 452 -9.86 -54.15 3.35
N ALA I 453 -10.58 -54.76 2.42
CA ALA I 453 -11.84 -55.42 2.72
C ALA I 453 -11.97 -56.68 1.88
N VAL I 454 -12.78 -57.62 2.37
CA VAL I 454 -13.07 -58.87 1.69
C VAL I 454 -14.55 -58.89 1.34
N LEU I 455 -14.85 -59.45 0.16
CA LEU I 455 -16.20 -59.40 -0.40
C LEU I 455 -16.80 -60.80 -0.49
N GLU I 456 -18.11 -60.86 -0.32
CA GLU I 456 -18.84 -62.10 -0.52
C GLU I 456 -18.68 -62.56 -1.97
N PRO I 457 -18.33 -63.81 -2.23
CA PRO I 457 -18.22 -64.27 -3.62
C PRO I 457 -19.57 -64.22 -4.32
N ASP I 458 -19.57 -63.68 -5.54
CA ASP I 458 -20.77 -63.52 -6.36
C ASP I 458 -21.80 -62.62 -5.70
N SER I 459 -21.39 -61.80 -4.73
CA SER I 459 -22.24 -60.70 -4.29
C SER I 459 -22.39 -59.68 -5.41
N VAL I 460 -23.44 -58.87 -5.33
CA VAL I 460 -23.60 -57.78 -6.29
C VAL I 460 -22.38 -56.87 -6.25
N VAL I 461 -21.85 -56.61 -5.05
CA VAL I 461 -20.61 -55.86 -4.94
C VAL I 461 -19.47 -56.61 -5.63
N ALA I 462 -19.38 -57.91 -5.40
CA ALA I 462 -18.33 -58.69 -6.06
C ALA I 462 -18.59 -58.80 -7.56
N GLN I 463 -19.86 -58.85 -7.97
CA GLN I 463 -20.16 -58.84 -9.40
C GLN I 463 -19.70 -57.55 -10.05
N ALA I 464 -19.85 -56.42 -9.34
CA ALA I 464 -19.35 -55.14 -9.85
C ALA I 464 -17.82 -55.15 -9.90
N TYR I 465 -17.17 -55.34 -8.75
CA TYR I 465 -15.73 -55.32 -8.69
C TYR I 465 -15.09 -56.48 -9.44
N GLN I 466 -15.81 -57.58 -9.62
CA GLN I 466 -15.26 -58.78 -10.23
C GLN I 466 -14.01 -59.26 -9.49
N THR I 467 -14.07 -59.20 -8.16
CA THR I 467 -12.99 -59.72 -7.33
C THR I 467 -13.52 -59.93 -5.93
N THR I 468 -12.77 -60.71 -5.15
CA THR I 468 -13.10 -60.95 -3.74
C THR I 468 -12.33 -60.04 -2.80
N GLN I 469 -11.35 -59.27 -3.28
CA GLN I 469 -10.56 -58.39 -2.44
C GLN I 469 -10.48 -57.00 -3.06
N VAL I 470 -10.64 -55.99 -2.21
CA VAL I 470 -10.65 -54.60 -2.62
C VAL I 470 -10.01 -53.76 -1.53
N SER I 471 -9.68 -52.52 -1.85
CA SER I 471 -9.28 -51.52 -0.86
C SER I 471 -9.98 -50.21 -1.18
N GLU I 472 -10.44 -49.52 -0.13
CA GLU I 472 -11.21 -48.30 -0.29
C GLU I 472 -10.77 -47.28 0.75
N ARG I 473 -10.99 -46.01 0.42
CA ARG I 473 -10.67 -44.90 1.32
C ARG I 473 -11.83 -44.67 2.27
N HIS I 474 -11.52 -44.60 3.57
CA HIS I 474 -12.54 -44.50 4.60
C HIS I 474 -12.41 -43.19 5.35
N ARG I 475 -13.56 -42.67 5.79
CA ARG I 475 -13.58 -41.54 6.70
C ARG I 475 -14.84 -41.59 7.57
N HIS I 476 -14.75 -42.25 8.72
CA HIS I 476 -15.89 -42.38 9.61
C HIS I 476 -15.41 -43.01 10.91
N ARG I 477 -16.25 -42.88 11.94
CA ARG I 477 -15.94 -43.46 13.25
C ARG I 477 -17.06 -44.31 13.83
N TYR I 478 -18.29 -44.20 13.33
CA TYR I 478 -19.37 -45.09 13.74
C TYR I 478 -19.42 -46.31 12.83
N GLU I 479 -19.88 -47.43 13.40
CA GLU I 479 -19.92 -48.69 12.69
C GLU I 479 -21.24 -49.39 12.95
N VAL I 480 -21.52 -50.40 12.11
CA VAL I 480 -22.66 -51.28 12.36
C VAL I 480 -22.43 -52.04 13.66
N ASN I 481 -23.41 -51.99 14.56
CA ASN I 481 -23.30 -52.70 15.83
C ASN I 481 -23.45 -54.20 15.57
N ASN I 482 -22.39 -54.96 15.88
CA ASN I 482 -22.38 -56.38 15.59
C ASN I 482 -23.47 -57.14 16.33
N ALA I 483 -24.05 -56.55 17.38
CA ALA I 483 -25.12 -57.20 18.12
C ALA I 483 -26.39 -57.38 17.30
N TYR I 484 -26.55 -56.64 16.21
CA TYR I 484 -27.81 -56.62 15.46
C TYR I 484 -27.73 -57.27 14.09
N ARG I 485 -26.61 -57.92 13.75
CA ARG I 485 -26.49 -58.52 12.43
C ARG I 485 -27.60 -59.55 12.18
N ASP I 486 -27.75 -60.50 13.11
CA ASP I 486 -28.73 -61.56 12.91
C ASP I 486 -30.15 -61.02 12.94
N LYS I 487 -30.41 -59.96 13.70
CA LYS I 487 -31.75 -59.38 13.70
C LYS I 487 -32.07 -58.71 12.37
N ILE I 488 -31.15 -57.88 11.88
CA ILE I 488 -31.45 -57.11 10.67
C ILE I 488 -31.30 -57.95 9.40
N ALA I 489 -30.56 -59.06 9.46
CA ALA I 489 -30.49 -59.95 8.31
C ALA I 489 -31.87 -60.47 7.92
N GLU I 490 -32.80 -60.54 8.88
CA GLU I 490 -34.15 -60.96 8.57
C GLU I 490 -34.87 -59.98 7.63
N SER I 491 -34.33 -58.76 7.48
CA SER I 491 -34.84 -57.87 6.45
C SER I 491 -34.56 -58.40 5.04
N GLY I 492 -33.60 -59.31 4.90
CA GLY I 492 -33.08 -59.71 3.62
C GLY I 492 -31.76 -59.06 3.26
N LEU I 493 -31.29 -58.11 4.06
CA LEU I 493 -30.03 -57.44 3.80
C LEU I 493 -28.86 -58.39 3.98
N ARG I 494 -27.91 -58.34 3.06
CA ARG I 494 -26.69 -59.13 3.13
C ARG I 494 -25.51 -58.23 3.49
N PHE I 495 -24.72 -58.66 4.47
CA PHE I 495 -23.44 -58.02 4.78
C PHE I 495 -22.39 -58.58 3.81
N SER I 496 -22.51 -58.18 2.55
CA SER I 496 -21.78 -58.80 1.46
C SER I 496 -20.33 -58.39 1.38
N GLY I 497 -19.83 -57.54 2.28
CA GLY I 497 -18.41 -57.25 2.34
C GLY I 497 -17.99 -56.85 3.73
N THR I 498 -16.78 -57.26 4.11
CA THR I 498 -16.32 -57.07 5.48
C THR I 498 -14.81 -56.82 5.49
N SER I 499 -14.31 -56.47 6.67
CA SER I 499 -12.88 -56.43 6.95
C SER I 499 -12.32 -57.83 6.82
N PRO I 500 -11.01 -57.99 6.63
CA PRO I 500 -10.46 -59.35 6.45
C PRO I 500 -10.77 -60.28 7.61
N ASP I 501 -10.79 -59.76 8.84
CA ASP I 501 -11.19 -60.55 10.00
C ASP I 501 -12.70 -60.67 10.11
N GLY I 502 -13.46 -59.98 9.25
CA GLY I 502 -14.90 -60.01 9.31
C GLY I 502 -15.50 -59.14 10.41
N HIS I 503 -14.66 -58.46 11.20
CA HIS I 503 -15.16 -57.73 12.35
C HIS I 503 -16.03 -56.54 11.94
N LEU I 504 -15.67 -55.88 10.84
CA LEU I 504 -16.34 -54.66 10.42
C LEU I 504 -17.10 -54.89 9.12
N VAL I 505 -18.36 -54.42 9.09
CA VAL I 505 -19.14 -54.43 7.86
C VAL I 505 -18.68 -53.29 6.96
N GLU I 506 -18.38 -53.61 5.70
CA GLU I 506 -17.92 -52.62 4.73
C GLU I 506 -18.89 -52.39 3.58
N PHE I 507 -19.72 -53.38 3.25
CA PHE I 507 -20.70 -53.25 2.19
C PHE I 507 -21.96 -53.98 2.59
N VAL I 508 -23.11 -53.46 2.15
CA VAL I 508 -24.39 -54.13 2.34
C VAL I 508 -25.16 -54.07 1.02
N GLU I 509 -26.01 -55.08 0.81
CA GLU I 509 -26.81 -55.14 -0.41
C GLU I 509 -28.03 -56.02 -0.15
N TYR I 510 -29.06 -55.82 -0.99
CA TYR I 510 -30.17 -56.75 -1.05
C TYR I 510 -29.97 -57.73 -2.21
N PRO I 511 -30.45 -58.97 -2.09
CA PRO I 511 -30.37 -59.87 -3.23
C PRO I 511 -31.11 -59.31 -4.42
N PRO I 512 -30.66 -59.60 -5.64
CA PRO I 512 -31.30 -58.98 -6.82
C PRO I 512 -32.79 -59.23 -6.91
N ASP I 513 -33.28 -60.36 -6.41
CA ASP I 513 -34.71 -60.64 -6.48
C ASP I 513 -35.51 -59.88 -5.43
N ARG I 514 -34.86 -59.37 -4.37
CA ARG I 514 -35.55 -58.48 -3.44
C ARG I 514 -35.65 -57.08 -4.02
N HIS I 515 -34.53 -56.51 -4.44
CA HIS I 515 -34.50 -55.27 -5.21
C HIS I 515 -33.36 -55.40 -6.21
N PRO I 516 -33.55 -54.93 -7.45
CA PRO I 516 -32.52 -55.14 -8.47
C PRO I 516 -31.15 -54.60 -8.09
N PHE I 517 -31.09 -53.45 -7.43
CA PHE I 517 -29.81 -52.96 -6.92
C PHE I 517 -30.09 -51.95 -5.81
N VAL I 518 -29.71 -52.28 -4.59
CA VAL I 518 -29.69 -51.34 -3.48
C VAL I 518 -28.45 -51.68 -2.66
N VAL I 519 -27.43 -50.82 -2.71
CA VAL I 519 -26.14 -51.09 -2.10
C VAL I 519 -25.70 -49.87 -1.32
N GLY I 520 -24.93 -50.12 -0.26
CA GLY I 520 -24.27 -49.06 0.46
C GLY I 520 -22.87 -49.46 0.85
N THR I 521 -22.00 -48.46 0.98
CA THR I 521 -20.64 -48.70 1.44
C THR I 521 -20.22 -47.58 2.38
N GLN I 522 -19.45 -47.96 3.41
CA GLN I 522 -18.92 -46.97 4.34
C GLN I 522 -17.83 -46.12 3.72
N ALA I 523 -17.23 -46.58 2.63
CA ALA I 523 -16.09 -45.89 2.03
C ALA I 523 -16.53 -44.90 0.97
N HIS I 524 -15.57 -44.14 0.48
CA HIS I 524 -15.80 -43.12 -0.53
C HIS I 524 -15.19 -43.55 -1.87
N PRO I 525 -15.85 -44.46 -2.59
CA PRO I 525 -15.29 -44.91 -3.87
C PRO I 525 -15.15 -43.79 -4.89
N GLU I 526 -15.83 -42.66 -4.69
CA GLU I 526 -15.66 -41.54 -5.61
C GLU I 526 -14.28 -40.91 -5.52
N LEU I 527 -13.49 -41.26 -4.50
CA LEU I 527 -12.13 -40.76 -4.39
C LEU I 527 -11.10 -41.67 -5.04
N LYS I 528 -11.51 -42.82 -5.57
CA LYS I 528 -10.64 -43.65 -6.38
C LYS I 528 -11.02 -43.64 -7.85
N SER I 529 -12.18 -43.07 -8.19
CA SER I 529 -12.58 -42.94 -9.57
C SER I 529 -11.75 -41.87 -10.28
N ARG I 530 -11.55 -42.08 -11.58
CA ARG I 530 -11.00 -41.07 -12.47
C ARG I 530 -11.82 -41.08 -13.75
N PRO I 531 -11.91 -39.95 -14.44
CA PRO I 531 -12.76 -39.92 -15.65
C PRO I 531 -12.31 -40.90 -16.71
N THR I 532 -11.04 -41.28 -16.72
CA THR I 532 -10.51 -42.25 -17.66
C THR I 532 -10.33 -43.63 -17.04
N ARG I 533 -10.92 -43.87 -15.87
CA ARG I 533 -10.80 -45.14 -15.18
C ARG I 533 -11.97 -45.30 -14.20
N PRO I 534 -13.20 -45.37 -14.71
CA PRO I 534 -14.36 -45.32 -13.80
C PRO I 534 -14.35 -46.44 -12.77
N HIS I 535 -14.96 -46.16 -11.63
CA HIS I 535 -14.98 -47.10 -10.52
C HIS I 535 -16.08 -48.14 -10.72
N PRO I 536 -15.83 -49.40 -10.35
CA PRO I 536 -16.83 -50.45 -10.62
C PRO I 536 -18.22 -50.18 -10.06
N LEU I 537 -18.33 -49.66 -8.84
CA LEU I 537 -19.65 -49.52 -8.21
C LEU I 537 -20.52 -48.52 -8.96
N PHE I 538 -19.94 -47.41 -9.42
CA PHE I 538 -20.77 -46.44 -10.14
C PHE I 538 -21.13 -46.94 -11.53
N VAL I 539 -20.24 -47.69 -12.17
CA VAL I 539 -20.62 -48.35 -13.42
C VAL I 539 -21.82 -49.25 -13.18
N ALA I 540 -21.77 -50.05 -12.11
CA ALA I 540 -22.87 -50.93 -11.79
C ALA I 540 -24.15 -50.16 -11.51
N PHE I 541 -24.05 -49.10 -10.69
CA PHE I 541 -25.23 -48.33 -10.31
C PHE I 541 -25.88 -47.68 -11.53
N VAL I 542 -25.07 -47.10 -12.41
CA VAL I 542 -25.61 -46.47 -13.60
C VAL I 542 -26.19 -47.51 -14.54
N GLY I 543 -25.57 -48.69 -14.64
CA GLY I 543 -26.16 -49.76 -15.45
C GLY I 543 -27.51 -50.21 -14.91
N ALA I 544 -27.62 -50.32 -13.59
CA ALA I 544 -28.90 -50.68 -12.98
C ALA I 544 -29.94 -49.60 -13.21
N ALA I 545 -29.55 -48.33 -13.10
CA ALA I 545 -30.48 -47.24 -13.37
C ALA I 545 -30.94 -47.26 -14.82
N ILE I 546 -30.02 -47.53 -15.74
CA ILE I 546 -30.38 -47.67 -17.15
C ILE I 546 -31.35 -48.81 -17.34
N ASP I 547 -31.09 -49.95 -16.69
CA ASP I 547 -32.00 -51.09 -16.80
C ASP I 547 -33.38 -50.77 -16.26
N TYR I 548 -33.43 -50.03 -15.15
CA TYR I 548 -34.72 -49.58 -14.63
C TYR I 548 -35.43 -48.69 -15.64
N LYS I 549 -34.74 -47.68 -16.16
CA LYS I 549 -35.36 -46.79 -17.13
C LYS I 549 -35.88 -47.55 -18.34
N ALA I 550 -35.11 -48.52 -18.82
CA ALA I 550 -35.51 -49.29 -19.98
C ALA I 550 -36.71 -50.19 -19.67
N GLY I 551 -36.71 -50.79 -18.48
CA GLY I 551 -37.79 -51.69 -18.12
C GLY I 551 -39.04 -50.98 -17.62
N GLU I 552 -38.89 -49.79 -17.06
CA GLU I 552 -40.03 -49.06 -16.51
C GLU I 552 -40.97 -48.61 -17.63
N MET J 1 41.68 -1.16 -26.07
CA MET J 1 42.27 0.16 -26.43
C MET J 1 41.20 1.26 -26.37
N ARG J 2 41.62 2.51 -26.64
CA ARG J 2 40.74 3.65 -26.43
C ARG J 2 39.48 3.56 -27.27
N LYS J 3 39.52 2.88 -28.40
CA LYS J 3 38.38 2.78 -29.31
C LYS J 3 37.69 1.43 -29.12
N HIS J 4 36.38 1.48 -28.86
CA HIS J 4 35.57 0.29 -28.58
C HIS J 4 34.41 0.20 -29.56
N PRO J 5 33.83 -0.99 -29.73
CA PRO J 5 32.61 -1.12 -30.53
C PRO J 5 31.45 -0.36 -29.90
N GLN J 6 30.44 -0.08 -30.73
CA GLN J 6 29.24 0.59 -30.26
C GLN J 6 28.45 -0.32 -29.33
N THR J 7 27.86 0.27 -28.30
CA THR J 7 26.94 -0.41 -27.40
C THR J 7 25.83 0.54 -27.02
N ALA J 8 24.70 -0.01 -26.58
CA ALA J 8 23.54 0.81 -26.28
C ALA J 8 23.80 1.73 -25.11
N THR J 9 23.10 2.84 -25.07
CA THR J 9 23.25 3.84 -24.02
C THR J 9 22.64 3.30 -22.72
N LYS J 10 23.45 3.28 -21.67
CA LYS J 10 23.02 2.76 -20.37
C LYS J 10 22.34 3.85 -19.57
N HIS J 11 21.31 3.48 -18.83
CA HIS J 11 20.56 4.40 -17.99
C HIS J 11 20.80 4.05 -16.53
N LEU J 12 21.21 5.04 -15.74
CA LEU J 12 21.48 4.87 -14.32
C LEU J 12 20.59 5.85 -13.57
N PHE J 13 19.69 5.32 -12.74
CA PHE J 13 18.74 6.13 -11.98
C PHE J 13 19.19 6.20 -10.54
N VAL J 14 19.24 7.42 -9.99
CA VAL J 14 19.62 7.65 -8.60
C VAL J 14 18.39 8.13 -7.86
N SER J 15 18.01 7.41 -6.80
CA SER J 15 16.81 7.70 -6.04
C SER J 15 17.16 7.78 -4.57
N GLY J 16 16.29 8.43 -3.80
CA GLY J 16 16.57 8.71 -2.40
C GLY J 16 15.49 8.18 -1.50
N GLY J 17 15.89 7.82 -0.27
CA GLY J 17 14.98 7.29 0.71
C GLY J 17 15.16 7.97 2.05
N VAL J 18 14.17 7.76 2.92
CA VAL J 18 14.17 8.32 4.27
C VAL J 18 13.99 9.83 4.23
N ALA J 19 14.90 10.55 3.58
CA ALA J 19 14.86 11.99 3.60
C ALA J 19 15.58 12.55 2.39
N SER J 20 15.38 13.84 2.14
CA SER J 20 16.15 14.57 1.14
C SER J 20 17.42 15.12 1.78
N SER J 21 18.23 15.80 0.98
CA SER J 21 19.51 16.35 1.42
C SER J 21 20.44 15.27 1.95
N LEU J 22 20.32 14.05 1.44
CA LEU J 22 21.23 12.97 1.80
C LEU J 22 22.50 12.98 0.98
N GLY J 23 22.69 13.95 0.09
CA GLY J 23 23.81 13.91 -0.83
C GLY J 23 23.57 13.02 -2.01
N LYS J 24 22.30 12.83 -2.37
CA LYS J 24 21.97 12.03 -3.55
C LYS J 24 22.52 12.67 -4.82
N GLY J 25 22.37 13.99 -4.97
CA GLY J 25 22.91 14.66 -6.13
C GLY J 25 24.42 14.66 -6.16
N LEU J 26 25.04 14.87 -5.00
CA LEU J 26 26.50 14.82 -4.94
C LEU J 26 27.03 13.42 -5.24
N THR J 27 26.34 12.38 -4.77
CA THR J 27 26.72 11.02 -5.11
C THR J 27 26.60 10.77 -6.61
N ALA J 28 25.51 11.23 -7.21
CA ALA J 28 25.37 11.07 -8.66
C ALA J 28 26.49 11.79 -9.40
N SER J 29 26.82 13.00 -8.97
CA SER J 29 27.91 13.75 -9.60
C SER J 29 29.24 13.04 -9.43
N SER J 30 29.51 12.48 -8.25
CA SER J 30 30.76 11.78 -8.02
C SER J 30 30.86 10.54 -8.88
N LEU J 31 29.77 9.79 -9.02
CA LEU J 31 29.77 8.63 -9.89
C LEU J 31 29.99 9.06 -11.34
N GLY J 32 29.43 10.20 -11.73
CA GLY J 32 29.70 10.73 -13.06
C GLY J 32 31.16 11.08 -13.27
N GLN J 33 31.77 11.71 -12.27
CA GLN J 33 33.20 12.02 -12.34
C GLN J 33 34.02 10.76 -12.51
N LEU J 34 33.73 9.72 -11.71
CA LEU J 34 34.48 8.47 -11.82
C LEU J 34 34.29 7.84 -13.19
N LEU J 35 33.05 7.71 -13.64
CA LEU J 35 32.81 7.08 -14.94
C LEU J 35 33.43 7.88 -16.07
N THR J 36 33.54 9.20 -15.92
CA THR J 36 34.23 10.01 -16.93
C THR J 36 35.73 9.73 -16.91
N ALA J 37 36.31 9.62 -15.71
CA ALA J 37 37.73 9.32 -15.63
C ALA J 37 38.06 7.93 -16.17
N ARG J 38 37.13 6.99 -16.05
CA ARG J 38 37.29 5.70 -16.69
C ARG J 38 37.02 5.75 -18.19
N GLY J 39 36.81 6.94 -18.75
CA GLY J 39 36.80 7.13 -20.19
C GLY J 39 35.44 7.16 -20.85
N LEU J 40 34.36 7.13 -20.08
CA LEU J 40 33.02 7.07 -20.66
C LEU J 40 32.43 8.46 -20.82
N HIS J 41 31.62 8.63 -21.86
CA HIS J 41 30.93 9.90 -22.11
C HIS J 41 29.65 9.93 -21.30
N VAL J 42 29.76 10.43 -20.07
CA VAL J 42 28.63 10.53 -19.16
C VAL J 42 27.84 11.80 -19.47
N THR J 43 26.52 11.69 -19.44
CA THR J 43 25.62 12.84 -19.42
C THR J 43 24.67 12.69 -18.25
N MET J 44 24.10 13.80 -17.79
CA MET J 44 23.35 13.81 -16.55
C MET J 44 22.05 14.60 -16.70
N GLN J 45 21.09 14.28 -15.82
CA GLN J 45 19.75 14.84 -15.88
C GLN J 45 19.15 14.78 -14.48
N LYS J 46 18.22 15.70 -14.20
CA LYS J 46 17.46 15.67 -12.95
C LYS J 46 15.97 15.80 -13.22
N LEU J 47 15.18 15.03 -12.48
CA LEU J 47 13.72 15.10 -12.51
C LEU J 47 13.24 15.66 -11.17
N ASP J 48 12.53 16.79 -11.22
CA ASP J 48 12.06 17.45 -10.01
C ASP J 48 10.59 17.18 -9.81
N PRO J 49 10.16 16.55 -8.71
CA PRO J 49 8.74 16.28 -8.53
C PRO J 49 7.88 17.51 -8.32
N TYR J 50 8.43 18.67 -7.98
CA TYR J 50 7.58 19.80 -7.64
C TYR J 50 6.93 20.38 -8.90
N LEU J 51 5.81 21.07 -8.69
CA LEU J 51 5.00 21.58 -9.79
C LEU J 51 5.48 22.93 -10.33
N ASN J 52 6.36 23.63 -9.63
CA ASN J 52 6.86 24.89 -10.16
C ASN J 52 7.51 24.67 -11.52
N VAL J 53 7.09 25.47 -12.51
CA VAL J 53 7.61 25.28 -13.85
C VAL J 53 9.11 25.58 -13.90
N ASP J 54 9.60 26.40 -12.97
CA ASP J 54 11.04 26.55 -12.75
C ASP J 54 11.24 27.14 -11.37
N PRO J 55 12.42 26.95 -10.78
CA PRO J 55 12.63 27.40 -9.38
C PRO J 55 12.79 28.89 -9.22
N GLY J 56 12.66 29.69 -10.28
CA GLY J 56 12.85 31.12 -10.13
C GLY J 56 11.85 31.74 -9.17
N THR J 57 10.68 31.12 -9.02
CA THR J 57 9.66 31.65 -8.13
C THR J 57 9.92 31.29 -6.67
N MET J 58 10.83 30.36 -6.40
CA MET J 58 10.99 29.86 -5.04
C MET J 58 11.76 30.85 -4.18
N ASN J 59 11.85 30.51 -2.89
CA ASN J 59 12.57 31.25 -1.88
C ASN J 59 13.78 30.45 -1.43
N PRO J 60 14.97 31.05 -1.36
CA PRO J 60 16.17 30.24 -1.05
C PRO J 60 16.10 29.45 0.24
N PHE J 61 15.10 29.67 1.10
CA PHE J 61 14.93 28.80 2.25
C PHE J 61 14.37 27.43 1.86
N GLN J 62 13.82 27.30 0.66
CA GLN J 62 13.23 26.04 0.23
C GLN J 62 14.30 25.01 -0.11
N HIS J 63 15.14 25.31 -1.09
CA HIS J 63 16.08 24.33 -1.61
C HIS J 63 17.45 24.93 -1.93
N GLY J 64 17.79 26.08 -1.34
CA GLY J 64 19.03 26.74 -1.66
C GLY J 64 18.92 27.58 -2.92
N GLU J 65 20.09 28.02 -3.39
CA GLU J 65 20.16 29.00 -4.47
C GLU J 65 19.64 28.43 -5.78
N VAL J 66 19.26 29.34 -6.68
CA VAL J 66 18.91 28.97 -8.04
C VAL J 66 20.16 28.99 -8.92
N PHE J 67 20.06 28.31 -10.06
CA PHE J 67 21.16 28.14 -11.00
C PHE J 67 20.68 28.53 -12.39
N VAL J 68 21.61 28.86 -13.28
CA VAL J 68 21.27 29.37 -14.61
C VAL J 68 22.16 28.69 -15.64
N THR J 69 21.58 28.39 -16.80
CA THR J 69 22.28 27.74 -17.90
C THR J 69 22.64 28.74 -18.99
N GLU J 70 23.48 28.28 -19.93
CA GLU J 70 23.94 29.14 -21.00
C GLU J 70 22.84 29.42 -22.02
N ASP J 71 21.98 28.46 -22.32
CA ASP J 71 20.80 28.77 -23.11
C ASP J 71 19.77 29.54 -22.30
N GLY J 72 20.08 29.88 -21.05
CA GLY J 72 19.27 30.81 -20.28
C GLY J 72 18.14 30.19 -19.48
N ALA J 73 18.04 28.86 -19.43
CA ALA J 73 17.06 28.25 -18.57
C ALA J 73 17.47 28.42 -17.11
N GLU J 74 16.47 28.36 -16.23
CA GLU J 74 16.66 28.49 -14.80
C GLU J 74 16.34 27.15 -14.15
N THR J 75 17.32 26.60 -13.42
CA THR J 75 17.28 25.18 -13.06
C THR J 75 17.60 24.99 -11.59
N ASP J 76 17.41 23.75 -11.14
CA ASP J 76 17.66 23.40 -9.75
C ASP J 76 19.14 23.52 -9.41
N LEU J 77 19.42 23.41 -8.10
CA LEU J 77 20.78 23.53 -7.60
C LEU J 77 21.67 22.38 -8.06
N ASP J 78 21.11 21.19 -8.24
CA ASP J 78 21.92 20.01 -8.52
C ASP J 78 22.62 20.12 -9.88
N VAL J 79 22.03 20.83 -10.83
CA VAL J 79 22.71 21.04 -12.09
C VAL J 79 24.05 21.72 -11.87
N GLY J 80 24.16 22.51 -10.78
CA GLY J 80 25.43 23.09 -10.43
C GLY J 80 26.46 22.06 -10.02
N HIS J 81 26.06 21.06 -9.25
CA HIS J 81 26.98 19.97 -8.95
C HIS J 81 27.40 19.25 -10.23
N TYR J 82 26.46 19.04 -11.14
CA TYR J 82 26.81 18.34 -12.37
C TYR J 82 27.84 19.11 -13.16
N GLU J 83 27.66 20.42 -13.31
CA GLU J 83 28.68 21.24 -13.95
C GLU J 83 30.01 21.15 -13.19
N ARG J 84 29.98 21.38 -11.87
CA ARG J 84 31.23 21.49 -11.13
C ARG J 84 32.03 20.18 -11.15
N PHE J 85 31.36 19.04 -11.24
CA PHE J 85 32.10 17.78 -11.21
C PHE J 85 32.41 17.23 -12.60
N LEU J 86 31.52 17.44 -13.58
CA LEU J 86 31.84 17.05 -14.95
C LEU J 86 32.57 18.12 -15.73
N ASP J 87 32.60 19.35 -15.22
CA ASP J 87 33.16 20.48 -15.96
C ASP J 87 32.57 20.55 -17.37
N ARG J 88 31.25 20.76 -17.42
CA ARG J 88 30.53 20.80 -18.67
C ARG J 88 29.44 21.86 -18.57
N ASN J 89 28.95 22.28 -19.73
CA ASN J 89 27.76 23.13 -19.81
C ASN J 89 26.59 22.27 -20.27
N LEU J 90 25.48 22.34 -19.53
CA LEU J 90 24.38 21.42 -19.75
C LEU J 90 23.17 22.14 -20.33
N PRO J 91 22.38 21.49 -21.17
CA PRO J 91 21.20 22.14 -21.74
C PRO J 91 20.13 22.37 -20.69
N GLY J 92 19.16 23.21 -21.04
CA GLY J 92 18.00 23.39 -20.19
C GLY J 92 17.15 22.13 -20.09
N SER J 93 17.31 21.22 -21.05
CA SER J 93 16.61 19.95 -20.99
C SER J 93 17.09 19.10 -19.81
N ALA J 94 18.17 19.50 -19.14
CA ALA J 94 18.71 18.73 -18.03
C ALA J 94 17.91 18.88 -16.76
N ASN J 95 16.77 19.58 -16.77
CA ASN J 95 15.91 19.70 -15.59
C ASN J 95 14.46 19.59 -16.03
N VAL J 96 13.87 18.41 -15.84
CA VAL J 96 12.44 18.21 -16.05
C VAL J 96 11.71 18.46 -14.73
N THR J 97 10.48 18.93 -14.82
CA THR J 97 9.64 19.12 -13.64
C THR J 97 8.21 18.69 -13.96
N THR J 98 7.48 18.31 -12.92
CA THR J 98 6.07 17.96 -13.09
C THR J 98 5.29 19.11 -13.70
N GLY J 99 5.66 20.35 -13.35
CA GLY J 99 4.99 21.49 -13.95
C GLY J 99 5.07 21.47 -15.45
N GLN J 100 6.28 21.27 -15.99
CA GLN J 100 6.46 21.24 -17.43
C GLN J 100 5.71 20.09 -18.06
N VAL J 101 5.74 18.91 -17.43
CA VAL J 101 5.13 17.74 -18.03
C VAL J 101 3.61 17.90 -18.10
N TYR J 102 2.99 18.34 -17.01
CA TYR J 102 1.54 18.51 -17.01
C TYR J 102 1.12 19.62 -17.96
N SER J 103 1.85 20.73 -17.98
CA SER J 103 1.54 21.79 -18.93
C SER J 103 1.61 21.27 -20.36
N THR J 104 2.66 20.51 -20.67
CA THR J 104 2.83 19.98 -22.02
C THR J 104 1.66 19.08 -22.40
N VAL J 105 1.30 18.15 -21.52
CA VAL J 105 0.26 17.19 -21.86
C VAL J 105 -1.09 17.88 -21.98
N ILE J 106 -1.38 18.83 -21.09
CA ILE J 106 -2.65 19.54 -21.18
C ILE J 106 -2.72 20.32 -22.49
N ALA J 107 -1.66 21.03 -22.83
CA ALA J 107 -1.63 21.76 -24.10
C ALA J 107 -1.89 20.81 -25.27
N LYS J 108 -1.14 19.71 -25.32
CA LYS J 108 -1.37 18.74 -26.39
C LYS J 108 -2.81 18.24 -26.42
N GLU J 109 -3.43 18.07 -25.25
CA GLU J 109 -4.81 17.59 -25.21
C GLU J 109 -5.75 18.61 -25.83
N ARG J 110 -5.59 19.88 -25.47
CA ARG J 110 -6.47 20.91 -26.01
C ARG J 110 -6.39 20.97 -27.53
N ARG J 111 -5.26 20.61 -28.10
CA ARG J 111 -5.09 20.59 -29.55
C ARG J 111 -5.53 19.26 -30.18
N GLY J 112 -6.04 18.33 -29.39
CA GLY J 112 -6.56 17.09 -29.93
C GLY J 112 -5.51 16.08 -30.35
N GLU J 113 -4.27 16.24 -29.91
CA GLU J 113 -3.19 15.41 -30.41
C GLU J 113 -3.29 13.95 -29.94
N TYR J 114 -4.19 13.63 -29.01
CA TYR J 114 -4.37 12.27 -28.54
C TYR J 114 -5.55 11.58 -29.22
N LEU J 115 -6.09 12.18 -30.28
CA LEU J 115 -7.03 11.51 -31.17
C LEU J 115 -8.22 10.94 -30.40
N GLY J 116 -8.70 11.69 -29.41
CA GLY J 116 -9.94 11.35 -28.74
C GLY J 116 -9.82 10.39 -27.57
N ASP J 117 -8.62 9.96 -27.20
CA ASP J 117 -8.48 9.09 -26.05
C ASP J 117 -8.75 9.85 -24.77
N THR J 118 -9.04 9.10 -23.71
CA THR J 118 -9.07 9.66 -22.37
C THR J 118 -7.65 9.88 -21.89
N VAL J 119 -7.29 11.12 -21.60
CA VAL J 119 -5.95 11.43 -21.14
C VAL J 119 -5.83 11.00 -19.68
N GLN J 120 -4.77 10.26 -19.36
CA GLN J 120 -4.60 9.63 -18.07
C GLN J 120 -3.19 9.87 -17.56
N VAL J 121 -2.99 9.62 -16.26
CA VAL J 121 -1.65 9.69 -15.70
C VAL J 121 -0.80 8.54 -16.21
N ILE J 122 -1.42 7.39 -16.44
CA ILE J 122 -0.84 6.30 -17.21
C ILE J 122 -1.80 5.99 -18.35
N PRO J 123 -1.35 5.96 -19.61
CA PRO J 123 0.03 6.09 -20.06
C PRO J 123 0.57 7.51 -20.25
N HIS J 124 -0.27 8.51 -20.53
CA HIS J 124 0.21 9.69 -21.24
C HIS J 124 1.28 10.46 -20.46
N ILE J 125 1.09 10.69 -19.17
CA ILE J 125 2.08 11.47 -18.41
C ILE J 125 3.38 10.69 -18.28
N THR J 126 3.30 9.40 -17.96
CA THR J 126 4.50 8.58 -17.88
C THR J 126 5.18 8.46 -19.24
N ASP J 127 4.41 8.46 -20.32
CA ASP J 127 4.99 8.46 -21.65
C ASP J 127 5.75 9.74 -21.93
N GLU J 128 5.20 10.88 -21.53
CA GLU J 128 5.92 12.14 -21.73
C GLU J 128 7.22 12.14 -20.93
N ILE J 129 7.19 11.64 -19.71
CA ILE J 129 8.42 11.60 -18.90
C ILE J 129 9.43 10.63 -19.50
N LYS J 130 8.97 9.45 -19.92
CA LYS J 130 9.87 8.48 -20.54
C LYS J 130 10.46 9.03 -21.83
N ARG J 131 9.68 9.77 -22.59
CA ARG J 131 10.19 10.41 -23.79
C ARG J 131 11.28 11.41 -23.44
N ARG J 132 11.05 12.24 -22.43
CA ARG J 132 12.07 13.20 -22.02
C ARG J 132 13.31 12.52 -21.45
N ILE J 133 13.17 11.32 -20.88
CA ILE J 133 14.33 10.59 -20.40
C ILE J 133 15.13 10.04 -21.57
N LEU J 134 14.46 9.37 -22.51
CA LEU J 134 15.15 8.75 -23.62
C LEU J 134 15.68 9.77 -24.62
N ALA J 135 15.17 11.00 -24.60
CA ALA J 135 15.73 12.03 -25.47
C ALA J 135 17.17 12.35 -25.13
N MET J 136 17.58 12.13 -23.88
CA MET J 136 18.97 12.37 -23.50
C MET J 136 19.92 11.42 -24.23
N ALA J 137 19.43 10.27 -24.66
CA ALA J 137 20.28 9.30 -25.33
C ALA J 137 20.60 9.66 -26.77
N GLN J 138 19.87 10.60 -27.36
CA GLN J 138 20.06 10.90 -28.77
C GLN J 138 21.44 11.51 -29.01
N PRO J 139 22.01 11.32 -30.19
CA PRO J 139 23.32 11.91 -30.49
C PRO J 139 23.29 13.43 -30.37
N ASP J 140 24.36 13.98 -29.81
CA ASP J 140 24.48 15.43 -29.63
C ASP J 140 24.63 16.13 -30.96
N ALA J 141 24.80 17.46 -30.93
CA ALA J 141 24.92 18.23 -32.17
C ALA J 141 26.14 17.82 -33.00
N ASP J 142 27.14 17.19 -32.38
CA ASP J 142 28.33 16.76 -33.10
C ASP J 142 28.36 15.25 -33.31
N GLY J 143 27.28 14.55 -33.01
CA GLY J 143 27.21 13.11 -33.20
C GLY J 143 27.79 12.29 -32.07
N ASN J 144 28.20 12.92 -30.97
CA ASN J 144 28.74 12.19 -29.83
C ASN J 144 27.59 11.65 -29.00
N ARG J 145 27.53 10.36 -28.90
CA ARG J 145 26.42 9.68 -28.26
C ARG J 145 26.79 9.27 -26.84
N PRO J 146 26.03 9.68 -25.83
CA PRO J 146 26.44 9.39 -24.44
C PRO J 146 26.51 7.90 -24.17
N ASP J 147 27.48 7.50 -23.35
CA ASP J 147 27.62 6.10 -23.00
C ASP J 147 26.75 5.74 -21.80
N VAL J 148 26.62 6.66 -20.84
CA VAL J 148 25.78 6.47 -19.66
C VAL J 148 25.01 7.75 -19.42
N VAL J 149 23.70 7.62 -19.19
CA VAL J 149 22.85 8.71 -18.75
C VAL J 149 22.54 8.49 -17.27
N ILE J 150 22.98 9.41 -16.42
CA ILE J 150 22.70 9.33 -14.99
C ILE J 150 21.55 10.28 -14.68
N THR J 151 20.44 9.72 -14.23
CA THR J 151 19.22 10.48 -13.94
C THR J 151 19.00 10.49 -12.44
N GLU J 152 18.84 11.68 -11.86
CA GLU J 152 18.57 11.84 -10.44
C GLU J 152 17.09 12.12 -10.25
N ILE J 153 16.42 11.25 -9.51
CA ILE J 153 15.01 11.42 -9.18
C ILE J 153 14.93 12.19 -7.88
N GLY J 154 14.56 13.45 -7.96
CA GLY J 154 14.47 14.28 -6.77
C GLY J 154 13.34 13.86 -5.85
N GLY J 155 13.47 14.29 -4.59
CA GLY J 155 12.46 13.96 -3.60
C GLY J 155 12.80 12.69 -2.83
N THR J 156 11.76 11.99 -2.39
CA THR J 156 11.91 10.77 -1.63
C THR J 156 10.90 9.73 -2.13
N VAL J 157 11.30 8.46 -2.07
CA VAL J 157 10.40 7.39 -2.46
C VAL J 157 9.23 7.36 -1.49
N GLY J 158 8.02 7.43 -2.03
CA GLY J 158 6.82 7.50 -1.22
C GLY J 158 6.21 8.88 -1.11
N ASP J 159 6.84 9.89 -1.69
CA ASP J 159 6.15 11.15 -1.90
C ASP J 159 5.13 11.00 -3.02
N ILE J 160 3.96 11.62 -2.86
CA ILE J 160 2.92 11.53 -3.88
C ILE J 160 3.44 12.03 -5.21
N GLU J 161 4.30 13.05 -5.19
CA GLU J 161 4.75 13.69 -6.41
C GLU J 161 5.75 12.85 -7.19
N SER J 162 6.41 11.90 -6.54
CA SER J 162 7.40 11.06 -7.21
C SER J 162 6.78 9.90 -7.96
N GLN J 163 5.50 9.63 -7.75
CA GLN J 163 4.91 8.42 -8.33
C GLN J 163 5.01 8.36 -9.84
N PRO J 164 4.78 9.43 -10.60
CA PRO J 164 4.90 9.31 -12.06
C PRO J 164 6.32 9.11 -12.53
N PHE J 165 7.30 9.73 -11.88
CA PHE J 165 8.68 9.57 -12.32
C PHE J 165 9.19 8.17 -12.06
N LEU J 166 8.85 7.58 -10.91
CA LEU J 166 9.28 6.22 -10.65
C LEU J 166 8.56 5.21 -11.53
N GLU J 167 7.30 5.50 -11.91
CA GLU J 167 6.62 4.64 -12.87
C GLU J 167 7.28 4.74 -14.25
N ALA J 168 7.72 5.93 -14.63
CA ALA J 168 8.45 6.07 -15.88
C ALA J 168 9.78 5.32 -15.83
N ALA J 169 10.47 5.38 -14.70
CA ALA J 169 11.71 4.62 -14.55
C ALA J 169 11.45 3.12 -14.66
N ARG J 170 10.37 2.65 -14.05
CA ARG J 170 10.01 1.24 -14.16
C ARG J 170 9.73 0.86 -15.61
N GLN J 171 9.02 1.72 -16.34
CA GLN J 171 8.77 1.43 -17.74
C GLN J 171 10.05 1.43 -18.56
N VAL J 172 10.98 2.31 -18.25
CA VAL J 172 12.27 2.30 -18.94
C VAL J 172 13.00 0.99 -18.67
N ARG J 173 12.99 0.52 -17.43
CA ARG J 173 13.60 -0.78 -17.14
C ARG J 173 12.91 -1.90 -17.89
N HIS J 174 11.60 -1.80 -18.08
CA HIS J 174 10.90 -2.83 -18.84
C HIS J 174 11.29 -2.79 -20.31
N TYR J 175 11.32 -1.60 -20.90
CA TYR J 175 11.62 -1.45 -22.32
C TYR J 175 13.05 -1.89 -22.63
N LEU J 176 14.03 -1.37 -21.89
CA LEU J 176 15.44 -1.64 -22.19
C LEU J 176 15.99 -2.89 -21.53
N GLY J 177 15.30 -3.46 -20.55
CA GLY J 177 15.78 -4.64 -19.85
C GLY J 177 16.83 -4.31 -18.82
N ARG J 178 17.17 -5.33 -18.03
CA ARG J 178 18.08 -5.14 -16.90
C ARG J 178 19.52 -4.92 -17.33
N GLU J 179 19.91 -5.36 -18.52
CA GLU J 179 21.29 -5.19 -18.94
C GLU J 179 21.63 -3.74 -19.22
N ASP J 180 20.64 -2.85 -19.29
CA ASP J 180 20.87 -1.46 -19.61
C ASP J 180 20.53 -0.49 -18.50
N VAL J 181 19.73 -0.90 -17.50
CA VAL J 181 19.20 0.01 -16.50
C VAL J 181 19.65 -0.45 -15.11
N PHE J 182 20.23 0.48 -14.36
CA PHE J 182 20.81 0.23 -13.05
C PHE J 182 20.20 1.21 -12.06
N PHE J 183 19.76 0.71 -10.90
CA PHE J 183 19.11 1.54 -9.89
C PHE J 183 20.01 1.68 -8.68
N LEU J 184 20.40 2.91 -8.37
CA LEU J 184 21.20 3.23 -7.19
C LEU J 184 20.30 3.94 -6.20
N HIS J 185 20.24 3.42 -4.97
CA HIS J 185 19.34 3.93 -3.94
C HIS J 185 20.16 4.47 -2.78
N VAL J 186 19.90 5.71 -2.39
CA VAL J 186 20.60 6.38 -1.31
C VAL J 186 19.69 6.45 -0.10
N SER J 187 20.20 6.04 1.05
CA SER J 187 19.38 5.89 2.25
C SER J 187 20.18 6.28 3.47
N LEU J 188 19.48 6.61 4.55
CA LEU J 188 20.08 7.14 5.76
C LEU J 188 20.14 6.07 6.84
N VAL J 189 21.26 6.01 7.56
CA VAL J 189 21.42 5.14 8.71
C VAL J 189 21.61 6.01 9.95
N PRO J 190 20.56 6.28 10.73
CA PRO J 190 20.71 7.18 11.87
C PRO J 190 21.39 6.52 13.05
N TYR J 191 22.10 7.34 13.82
CA TYR J 191 22.74 6.93 15.06
C TYR J 191 21.95 7.47 16.23
N LEU J 192 21.54 6.58 17.13
CA LEU J 192 20.77 6.94 18.32
C LEU J 192 21.72 6.98 19.51
N ALA J 193 22.02 8.19 19.99
CA ALA J 193 23.01 8.33 21.04
C ALA J 193 22.66 7.60 22.33
N PRO J 194 21.42 7.64 22.82
CA PRO J 194 21.14 7.02 24.13
C PRO J 194 21.50 5.54 24.21
N SER J 195 21.29 4.77 23.15
CA SER J 195 21.62 3.36 23.16
C SER J 195 22.85 3.03 22.33
N GLY J 196 23.45 4.01 21.68
CA GLY J 196 24.73 3.79 21.00
C GLY J 196 24.69 2.74 19.92
N GLU J 197 23.69 2.80 19.04
CA GLU J 197 23.54 1.81 17.99
C GLU J 197 23.09 2.48 16.71
N LEU J 198 23.63 2.03 15.58
CA LEU J 198 23.11 2.43 14.28
C LEU J 198 21.88 1.60 13.97
N LYS J 199 20.89 2.23 13.34
CA LYS J 199 19.62 1.59 13.06
C LYS J 199 19.45 1.41 11.56
N THR J 200 19.19 0.17 11.13
CA THR J 200 18.98 -0.13 9.72
C THR J 200 17.51 -0.12 9.32
N LYS J 201 16.59 -0.05 10.27
CA LYS J 201 15.18 -0.17 9.93
C LYS J 201 14.71 0.89 8.94
N PRO J 202 15.11 2.16 9.04
CA PRO J 202 14.70 3.11 8.00
C PRO J 202 15.08 2.68 6.61
N THR J 203 16.28 2.10 6.44
CA THR J 203 16.69 1.60 5.13
C THR J 203 15.81 0.45 4.69
N GLN J 204 15.51 -0.48 5.59
CA GLN J 204 14.66 -1.60 5.21
C GLN J 204 13.30 -1.12 4.75
N HIS J 205 12.70 -0.19 5.50
CA HIS J 205 11.40 0.32 5.10
C HIS J 205 11.47 1.08 3.79
N SER J 206 12.55 1.82 3.54
CA SER J 206 12.66 2.53 2.28
C SER J 206 12.81 1.57 1.11
N VAL J 207 13.62 0.52 1.26
CA VAL J 207 13.78 -0.46 0.18
C VAL J 207 12.47 -1.20 -0.05
N ALA J 208 11.73 -1.48 1.02
CA ALA J 208 10.43 -2.12 0.86
C ALA J 208 9.46 -1.21 0.13
N ALA J 209 9.48 0.09 0.46
CA ALA J 209 8.63 1.04 -0.24
C ALA J 209 8.98 1.10 -1.71
N LEU J 210 10.28 1.05 -2.02
CA LEU J 210 10.71 1.05 -3.42
C LEU J 210 10.25 -0.21 -4.13
N ARG J 211 10.40 -1.37 -3.49
CA ARG J 211 9.94 -2.62 -4.09
C ARG J 211 8.44 -2.63 -4.29
N SER J 212 7.69 -1.90 -3.48
CA SER J 212 6.24 -1.91 -3.60
C SER J 212 5.76 -1.22 -4.87
N ILE J 213 6.63 -0.53 -5.60
CA ILE J 213 6.28 0.05 -6.89
C ILE J 213 7.00 -0.63 -8.04
N GLY J 214 7.72 -1.71 -7.76
CA GLY J 214 8.31 -2.51 -8.81
C GLY J 214 9.75 -2.22 -9.15
N ILE J 215 10.51 -1.60 -8.26
CA ILE J 215 11.91 -1.30 -8.48
C ILE J 215 12.73 -2.07 -7.45
N THR J 216 13.74 -2.80 -7.91
CA THR J 216 14.68 -3.48 -7.03
C THR J 216 16.02 -2.78 -7.11
N PRO J 217 16.52 -2.17 -6.04
CA PRO J 217 17.80 -1.48 -6.13
C PRO J 217 18.94 -2.44 -6.42
N ASP J 218 19.90 -1.97 -7.22
CA ASP J 218 21.10 -2.77 -7.47
C ASP J 218 22.18 -2.48 -6.43
N ALA J 219 22.21 -1.27 -5.88
CA ALA J 219 23.17 -0.92 -4.86
C ALA J 219 22.53 0.05 -3.88
N LEU J 220 23.06 0.08 -2.66
CA LEU J 220 22.61 0.99 -1.62
C LEU J 220 23.78 1.86 -1.19
N ILE J 221 23.56 3.17 -1.15
CA ILE J 221 24.51 4.11 -0.58
C ILE J 221 24.03 4.43 0.84
N LEU J 222 24.74 3.91 1.84
CA LEU J 222 24.35 4.10 3.23
C LEU J 222 25.00 5.37 3.75
N ARG J 223 24.25 6.47 3.75
CA ARG J 223 24.73 7.72 4.31
C ARG J 223 24.71 7.64 5.83
N CYS J 224 25.81 8.05 6.45
CA CYS J 224 25.95 7.92 7.89
C CYS J 224 26.91 8.99 8.37
N ASP J 225 26.90 9.23 9.68
CA ASP J 225 27.87 10.14 10.27
C ASP J 225 29.17 9.44 10.65
N ARG J 226 29.18 8.12 10.66
CA ARG J 226 30.37 7.33 10.98
C ARG J 226 30.40 6.12 10.08
N ASP J 227 31.58 5.54 9.92
CA ASP J 227 31.72 4.38 9.03
C ASP J 227 30.88 3.23 9.55
N VAL J 228 30.07 2.65 8.66
CA VAL J 228 29.12 1.61 9.07
C VAL J 228 29.87 0.32 9.37
N PRO J 229 29.60 -0.35 10.49
CA PRO J 229 30.22 -1.65 10.73
C PRO J 229 29.86 -2.65 9.63
N GLU J 230 30.70 -3.68 9.49
CA GLU J 230 30.47 -4.69 8.47
C GLU J 230 29.26 -5.55 8.79
N ALA J 231 29.00 -5.83 10.06
CA ALA J 231 27.86 -6.65 10.42
C ALA J 231 26.56 -6.00 9.99
N LEU J 232 26.47 -4.67 10.08
CA LEU J 232 25.26 -3.99 9.63
C LEU J 232 25.11 -4.10 8.11
N LYS J 233 26.21 -3.99 7.37
CA LYS J 233 26.12 -4.16 5.93
C LYS J 233 25.67 -5.56 5.57
N ASN J 234 26.15 -6.57 6.28
CA ASN J 234 25.69 -7.93 6.05
C ASN J 234 24.19 -8.06 6.33
N LYS J 235 23.74 -7.49 7.45
CA LYS J 235 22.32 -7.54 7.77
C LYS J 235 21.49 -6.86 6.69
N ILE J 236 21.93 -5.68 6.23
CA ILE J 236 21.19 -4.95 5.23
C ILE J 236 21.13 -5.73 3.93
N ALA J 237 22.27 -6.28 3.51
CA ALA J 237 22.29 -7.08 2.29
C ALA J 237 21.32 -8.24 2.39
N LEU J 238 21.32 -8.94 3.52
CA LEU J 238 20.42 -10.08 3.67
C LEU J 238 18.96 -9.65 3.64
N MET J 239 18.61 -8.65 4.43
CA MET J 239 17.21 -8.25 4.55
C MET J 239 16.68 -7.61 3.28
N CYS J 240 17.54 -6.93 2.51
CA CYS J 240 17.11 -6.11 1.39
C CYS J 240 17.32 -6.77 0.04
N ASP J 241 17.84 -7.99 -0.01
CA ASP J 241 18.09 -8.70 -1.26
C ASP J 241 18.94 -7.85 -2.21
N VAL J 242 20.05 -7.35 -1.67
CA VAL J 242 21.03 -6.59 -2.44
C VAL J 242 22.36 -7.33 -2.33
N ASP J 243 23.08 -7.43 -3.45
CA ASP J 243 24.38 -8.05 -3.46
C ASP J 243 25.30 -7.37 -2.45
N ILE J 244 25.99 -8.17 -1.63
CA ILE J 244 26.84 -7.59 -0.59
C ILE J 244 27.91 -6.69 -1.17
N ASP J 245 28.25 -6.88 -2.45
CA ASP J 245 29.12 -5.92 -3.13
C ASP J 245 28.46 -4.55 -3.26
N GLY J 246 27.14 -4.50 -3.24
CA GLY J 246 26.41 -3.29 -3.55
C GLY J 246 26.00 -2.44 -2.38
N VAL J 247 26.38 -2.79 -1.16
CA VAL J 247 26.10 -1.96 0.01
C VAL J 247 27.32 -1.12 0.28
N ILE J 248 27.20 0.19 0.09
CA ILE J 248 28.34 1.11 0.06
C ILE J 248 28.20 2.05 1.25
N SER J 249 29.19 2.00 2.14
CA SER J 249 29.23 2.89 3.30
C SER J 249 29.80 4.24 2.90
N THR J 250 29.06 5.32 3.14
CA THR J 250 29.38 6.65 2.63
C THR J 250 29.31 7.69 3.75
N PRO J 251 30.26 7.67 4.66
CA PRO J 251 30.21 8.60 5.80
C PRO J 251 30.45 10.04 5.37
N ASP J 252 30.04 10.95 6.24
CA ASP J 252 30.14 12.39 5.98
C ASP J 252 31.59 12.81 5.83
N ALA J 253 32.00 13.14 4.61
CA ALA J 253 33.38 13.50 4.36
C ALA J 253 33.66 14.93 4.78
N PRO J 254 34.89 15.23 5.21
CA PRO J 254 35.20 16.60 5.64
C PRO J 254 35.00 17.64 4.55
N SER J 255 35.16 17.27 3.28
CA SER J 255 34.81 18.15 2.17
C SER J 255 34.16 17.31 1.09
N ILE J 256 33.36 17.98 0.26
CA ILE J 256 32.62 17.27 -0.79
C ILE J 256 33.55 16.66 -1.83
N TYR J 257 34.78 17.18 -1.96
CA TYR J 257 35.69 16.67 -2.98
C TYR J 257 36.32 15.35 -2.60
N ASP J 258 36.20 14.91 -1.35
CA ASP J 258 36.65 13.57 -0.98
C ASP J 258 35.71 12.48 -1.46
N ILE J 259 34.48 12.84 -1.84
CA ILE J 259 33.48 11.82 -2.14
C ILE J 259 33.91 10.91 -3.27
N PRO J 260 34.48 11.40 -4.37
CA PRO J 260 34.97 10.46 -5.40
C PRO J 260 35.94 9.44 -4.84
N LYS J 261 36.82 9.84 -3.94
CA LYS J 261 37.74 8.89 -3.33
C LYS J 261 37.00 7.88 -2.47
N VAL J 262 35.98 8.32 -1.73
CA VAL J 262 35.22 7.40 -0.91
C VAL J 262 34.52 6.36 -1.78
N LEU J 263 33.88 6.81 -2.85
CA LEU J 263 33.16 5.88 -3.72
C LEU J 263 34.11 4.94 -4.42
N HIS J 264 35.27 5.43 -4.88
CA HIS J 264 36.25 4.57 -5.52
C HIS J 264 36.81 3.55 -4.54
N ARG J 265 37.15 3.99 -3.33
CA ARG J 265 37.69 3.09 -2.31
C ARG J 265 36.71 1.96 -2.00
N GLU J 266 35.42 2.26 -2.00
CA GLU J 266 34.40 1.24 -1.81
C GLU J 266 34.09 0.46 -3.07
N GLU J 267 34.68 0.85 -4.21
CA GLU J 267 34.50 0.14 -5.47
C GLU J 267 33.06 0.22 -5.96
N LEU J 268 32.42 1.37 -5.79
CA LEU J 268 31.10 1.56 -6.40
C LEU J 268 31.22 1.64 -7.92
N ASP J 269 32.20 2.39 -8.42
CA ASP J 269 32.36 2.54 -9.86
C ASP J 269 32.67 1.20 -10.51
N ALA J 270 33.52 0.39 -9.88
CA ALA J 270 33.80 -0.93 -10.40
C ALA J 270 32.53 -1.77 -10.45
N PHE J 271 31.72 -1.72 -9.40
CA PHE J 271 30.48 -2.48 -9.36
C PHE J 271 29.53 -2.06 -10.48
N VAL J 272 29.37 -0.75 -10.67
CA VAL J 272 28.51 -0.24 -11.72
C VAL J 272 29.01 -0.68 -13.09
N VAL J 273 30.32 -0.55 -13.32
CA VAL J 273 30.89 -0.90 -14.62
C VAL J 273 30.70 -2.38 -14.91
N ARG J 274 31.00 -3.24 -13.93
CA ARG J 274 30.76 -4.67 -14.13
C ARG J 274 29.31 -4.95 -14.43
N ARG J 275 28.40 -4.37 -13.64
CA ARG J 275 26.98 -4.73 -13.73
C ARG J 275 26.39 -4.26 -15.05
N LEU J 276 26.78 -3.09 -15.53
CA LEU J 276 26.31 -2.60 -16.82
C LEU J 276 27.12 -3.12 -17.99
N ASN J 277 28.21 -3.85 -17.74
CA ASN J 277 29.03 -4.42 -18.81
C ASN J 277 29.61 -3.32 -19.70
N LEU J 278 30.09 -2.24 -19.09
CA LEU J 278 30.69 -1.16 -19.85
C LEU J 278 32.18 -1.41 -20.07
N PRO J 279 32.73 -0.95 -21.18
CA PRO J 279 34.18 -0.99 -21.36
C PRO J 279 34.85 0.15 -20.60
N PHE J 280 36.00 -0.14 -20.00
CA PHE J 280 36.59 0.78 -19.04
C PHE J 280 38.10 0.79 -19.14
N ARG J 281 38.69 1.75 -18.43
CA ARG J 281 40.11 1.77 -18.11
C ARG J 281 40.27 2.38 -16.73
N ASP J 282 41.44 2.19 -16.14
CA ASP J 282 41.66 2.65 -14.78
C ASP J 282 41.59 4.17 -14.69
N VAL J 283 41.19 4.66 -13.52
CA VAL J 283 41.05 6.09 -13.28
C VAL J 283 42.44 6.72 -13.22
N ASP J 284 42.64 7.80 -13.97
CA ASP J 284 43.85 8.60 -13.89
C ASP J 284 43.64 9.67 -12.82
N TRP J 285 44.20 9.43 -11.63
CA TRP J 285 43.96 10.28 -10.48
C TRP J 285 44.82 11.54 -10.45
N THR J 286 45.58 11.84 -11.49
CA THR J 286 46.55 12.93 -11.41
C THR J 286 45.90 14.26 -11.05
N GLU J 287 44.89 14.64 -11.83
CA GLU J 287 44.26 15.95 -11.63
C GLU J 287 43.60 16.05 -10.26
N TRP J 288 42.77 15.07 -9.92
CA TRP J 288 42.02 15.17 -8.68
C TRP J 288 42.92 15.01 -7.47
N ASP J 289 44.01 14.27 -7.59
CA ASP J 289 44.98 14.24 -6.52
C ASP J 289 45.61 15.60 -6.30
N ASP J 290 45.90 16.33 -7.37
CA ASP J 290 46.38 17.70 -7.19
C ASP J 290 45.33 18.57 -6.51
N LEU J 291 44.07 18.43 -6.92
CA LEU J 291 43.00 19.20 -6.28
C LEU J 291 42.94 18.89 -4.79
N LEU J 292 43.01 17.61 -4.43
CA LEU J 292 42.88 17.23 -3.03
C LEU J 292 44.12 17.60 -2.23
N ARG J 293 45.27 17.74 -2.87
CA ARG J 293 46.41 18.36 -2.20
C ARG J 293 46.10 19.81 -1.86
N ARG J 294 45.57 20.56 -2.83
CA ARG J 294 45.21 21.94 -2.55
C ARG J 294 44.15 22.04 -1.46
N VAL J 295 43.28 21.03 -1.36
CA VAL J 295 42.27 21.02 -0.31
C VAL J 295 42.91 20.76 1.05
N HIS J 296 43.55 19.60 1.21
CA HIS J 296 43.92 19.12 2.53
C HIS J 296 45.27 19.62 3.04
N GLU J 297 46.12 20.16 2.18
CA GLU J 297 47.46 20.60 2.60
C GLU J 297 47.73 22.01 2.09
N PRO J 298 46.98 23.00 2.59
CA PRO J 298 47.24 24.39 2.21
C PRO J 298 48.42 24.96 2.98
N HIS J 299 49.02 25.99 2.39
CA HIS J 299 50.16 26.65 3.02
C HIS J 299 49.74 27.68 4.07
N GLU J 300 48.56 28.26 3.94
CA GLU J 300 48.14 29.32 4.85
C GLU J 300 46.63 29.26 5.03
N THR J 301 46.06 30.27 5.69
CA THR J 301 44.65 30.30 6.01
C THR J 301 44.18 31.75 6.05
N VAL J 302 42.92 31.96 5.71
CA VAL J 302 42.32 33.29 5.72
C VAL J 302 40.84 33.15 6.05
N ARG J 303 40.31 34.11 6.80
CA ARG J 303 38.92 34.11 7.24
C ARG J 303 38.14 35.15 6.46
N ILE J 304 37.00 34.76 5.90
CA ILE J 304 36.15 35.63 5.10
C ILE J 304 34.74 35.59 5.68
N ALA J 305 34.16 36.77 5.89
CA ALA J 305 32.78 36.88 6.33
C ALA J 305 31.84 36.77 5.14
N LEU J 306 30.79 35.97 5.31
CA LEU J 306 29.69 35.88 4.35
C LEU J 306 28.49 36.56 5.01
N VAL J 307 28.02 37.65 4.42
CA VAL J 307 26.98 38.49 5.01
C VAL J 307 25.70 38.30 4.19
N GLY J 308 24.65 37.82 4.84
CA GLY J 308 23.38 37.62 4.17
C GLY J 308 22.27 37.36 5.17
N LYS J 309 21.06 37.25 4.65
CA LYS J 309 19.91 36.91 5.48
C LYS J 309 19.74 35.41 5.67
N TYR J 310 19.91 34.63 4.60
CA TYR J 310 19.73 33.19 4.70
C TYR J 310 20.89 32.50 5.41
N VAL J 311 21.88 33.25 5.88
CA VAL J 311 23.03 32.64 6.53
C VAL J 311 22.69 31.91 7.80
N GLU J 312 21.44 31.99 8.26
CA GLU J 312 21.04 31.32 9.48
C GLU J 312 20.97 29.81 9.27
N LEU J 313 22.13 29.17 9.15
CA LEU J 313 22.24 27.72 9.03
C LEU J 313 21.44 27.20 7.83
N SER J 314 21.82 27.68 6.65
CA SER J 314 21.23 27.19 5.41
C SER J 314 22.26 27.26 4.30
N ASP J 315 22.16 26.33 3.36
CA ASP J 315 23.03 26.30 2.18
C ASP J 315 22.49 27.14 1.05
N ALA J 316 22.12 28.39 1.33
CA ALA J 316 21.61 29.28 0.29
C ALA J 316 22.70 29.88 -0.55
N TYR J 317 23.97 29.66 -0.19
CA TYR J 317 25.10 30.30 -0.84
C TYR J 317 26.13 29.27 -1.26
N LEU J 318 25.68 28.08 -1.66
CA LEU J 318 26.62 26.98 -1.89
C LEU J 318 27.61 27.31 -2.98
N SER J 319 27.14 27.84 -4.11
CA SER J 319 28.04 28.15 -5.21
C SER J 319 29.07 29.20 -4.80
N VAL J 320 28.64 30.21 -4.02
CA VAL J 320 29.57 31.26 -3.60
C VAL J 320 30.63 30.68 -2.66
N ALA J 321 30.20 29.87 -1.69
CA ALA J 321 31.17 29.29 -0.77
C ALA J 321 32.16 28.40 -1.50
N GLU J 322 31.68 27.61 -2.46
CA GLU J 322 32.58 26.76 -3.22
C GLU J 322 33.51 27.57 -4.12
N ALA J 323 33.02 28.67 -4.70
CA ALA J 323 33.89 29.51 -5.52
C ALA J 323 34.96 30.18 -4.66
N LEU J 324 34.59 30.59 -3.43
CA LEU J 324 35.59 31.10 -2.51
C LEU J 324 36.66 30.05 -2.23
N ARG J 325 36.24 28.81 -1.94
CA ARG J 325 37.22 27.78 -1.63
C ARG J 325 38.06 27.44 -2.87
N ALA J 326 37.47 27.52 -4.07
CA ALA J 326 38.26 27.30 -5.27
C ALA J 326 39.31 28.39 -5.45
N GLY J 327 38.93 29.63 -5.18
CA GLY J 327 39.91 30.71 -5.17
C GLY J 327 41.04 30.42 -4.19
N GLY J 328 40.68 29.94 -3.00
CA GLY J 328 41.71 29.56 -2.05
C GLY J 328 42.61 28.46 -2.60
N PHE J 329 42.02 27.51 -3.33
CA PHE J 329 42.79 26.41 -3.90
C PHE J 329 43.78 26.91 -4.93
N LYS J 330 43.41 27.92 -5.72
CA LYS J 330 44.35 28.46 -6.69
C LYS J 330 45.61 28.99 -6.01
N HIS J 331 45.47 29.57 -4.82
CA HIS J 331 46.60 30.11 -4.06
C HIS J 331 47.14 29.12 -3.03
N ARG J 332 46.56 27.93 -2.92
CA ARG J 332 46.91 27.00 -1.86
C ARG J 332 46.77 27.64 -0.48
N ALA J 333 45.64 28.33 -0.28
CA ALA J 333 45.26 28.82 1.03
C ALA J 333 43.94 28.18 1.45
N LYS J 334 43.84 27.87 2.74
CA LYS J 334 42.55 27.48 3.31
C LYS J 334 41.71 28.73 3.52
N VAL J 335 40.49 28.72 3.00
CA VAL J 335 39.54 29.81 3.22
C VAL J 335 38.53 29.32 4.25
N GLU J 336 38.45 30.03 5.38
CA GLU J 336 37.48 29.75 6.41
C GLU J 336 36.36 30.78 6.32
N ILE J 337 35.12 30.31 6.33
CA ILE J 337 33.96 31.17 6.11
C ILE J 337 33.30 31.45 7.46
N CYS J 338 33.17 32.73 7.80
CA CYS J 338 32.44 33.17 8.97
C CYS J 338 31.06 33.64 8.52
N TRP J 339 30.02 32.93 8.95
CA TRP J 339 28.66 33.23 8.52
C TRP J 339 28.11 34.36 9.38
N VAL J 340 27.93 35.53 8.76
CA VAL J 340 27.59 36.77 9.47
C VAL J 340 26.20 37.20 9.03
N ALA J 341 25.32 37.43 10.00
CA ALA J 341 23.99 37.94 9.68
C ALA J 341 24.09 39.40 9.24
N SER J 342 23.31 39.74 8.20
CA SER J 342 23.31 41.11 7.72
C SER J 342 22.79 42.08 8.77
N ASP J 343 21.78 41.66 9.53
CA ASP J 343 21.08 42.58 10.42
C ASP J 343 21.90 42.95 11.66
N GLY J 344 22.92 42.17 11.99
CA GLY J 344 23.85 42.60 13.03
C GLY J 344 24.81 43.68 12.58
N CYS J 345 24.88 43.97 11.28
CA CYS J 345 25.78 44.96 10.73
C CYS J 345 25.09 46.28 10.44
N GLU J 346 23.81 46.42 10.79
CA GLU J 346 23.11 47.67 10.55
C GLU J 346 23.69 48.81 11.37
N THR J 347 24.02 48.55 12.63
CA THR J 347 24.71 49.53 13.46
C THR J 347 26.21 49.40 13.26
N THR J 348 26.90 50.55 13.33
CA THR J 348 28.34 50.54 13.12
C THR J 348 29.04 49.71 14.19
N SER J 349 28.58 49.80 15.43
CA SER J 349 29.14 48.96 16.49
C SER J 349 28.85 47.49 16.23
N GLY J 350 27.64 47.17 15.78
CA GLY J 350 27.34 45.78 15.44
C GLY J 350 28.16 45.28 14.27
N ALA J 351 28.35 46.12 13.25
CA ALA J 351 29.20 45.74 12.13
C ALA J 351 30.63 45.48 12.60
N ALA J 352 31.14 46.35 13.48
CA ALA J 352 32.49 46.15 14.01
C ALA J 352 32.59 44.86 14.80
N ALA J 353 31.57 44.57 15.61
CA ALA J 353 31.58 43.34 16.40
C ALA J 353 31.55 42.11 15.51
N ALA J 354 30.78 42.15 14.43
CA ALA J 354 30.69 41.00 13.53
C ALA J 354 31.97 40.82 12.73
N LEU J 355 32.45 41.90 12.09
CA LEU J 355 33.46 41.78 11.05
C LEU J 355 34.89 41.94 11.53
N GLY J 356 35.10 42.48 12.73
CA GLY J 356 36.43 42.95 13.11
C GLY J 356 37.51 41.89 13.03
N ASP J 357 37.15 40.61 13.14
CA ASP J 357 38.15 39.54 13.17
C ASP J 357 38.48 38.96 11.80
N VAL J 358 37.70 39.29 10.76
CA VAL J 358 37.86 38.67 9.46
C VAL J 358 38.92 39.39 8.63
N HIS J 359 39.30 38.79 7.50
CA HIS J 359 40.23 39.37 6.55
C HIS J 359 39.58 39.79 5.25
N GLY J 360 38.27 39.63 5.12
CA GLY J 360 37.56 40.06 3.94
C GLY J 360 36.08 39.80 4.10
N VAL J 361 35.30 40.52 3.29
CA VAL J 361 33.84 40.49 3.38
C VAL J 361 33.26 40.22 2.00
N LEU J 362 32.23 39.38 1.95
CA LEU J 362 31.54 39.06 0.72
C LEU J 362 30.06 39.37 0.88
N ILE J 363 29.51 40.14 -0.07
CA ILE J 363 28.09 40.45 -0.08
C ILE J 363 27.47 39.73 -1.27
N PRO J 364 26.86 38.56 -1.08
CA PRO J 364 26.30 37.83 -2.21
C PRO J 364 24.91 38.34 -2.57
N GLY J 365 24.48 37.95 -3.77
CA GLY J 365 23.17 38.34 -4.25
C GLY J 365 22.05 37.50 -3.67
N GLY J 366 20.83 37.90 -4.01
CA GLY J 366 19.64 37.20 -3.54
C GLY J 366 18.40 37.85 -4.11
N PHE J 367 17.27 37.22 -3.82
CA PHE J 367 15.97 37.70 -4.27
C PHE J 367 14.97 37.56 -3.14
N GLY J 368 13.94 38.42 -3.15
CA GLY J 368 13.07 38.53 -2.01
C GLY J 368 13.78 39.04 -0.77
N ILE J 369 14.94 39.65 -0.95
CA ILE J 369 15.78 40.07 0.16
C ILE J 369 15.26 41.39 0.74
N ARG J 370 15.59 41.63 2.00
CA ARG J 370 15.23 42.87 2.66
C ARG J 370 16.32 43.22 3.69
N GLY J 371 16.29 44.47 4.12
CA GLY J 371 17.22 44.91 5.15
C GLY J 371 18.61 45.22 4.65
N ILE J 372 18.74 45.64 3.39
CA ILE J 372 20.05 45.91 2.82
C ILE J 372 20.75 47.05 3.53
N GLU J 373 20.06 47.76 4.43
CA GLU J 373 20.74 48.74 5.27
C GLU J 373 21.89 48.07 6.02
N GLY J 374 21.67 46.85 6.51
CA GLY J 374 22.76 46.12 7.16
C GLY J 374 23.89 45.77 6.21
N LYS J 375 23.54 45.34 4.98
CA LYS J 375 24.57 45.04 4.00
C LYS J 375 25.43 46.27 3.72
N ILE J 376 24.80 47.39 3.40
CA ILE J 376 25.54 48.62 3.13
C ILE J 376 26.31 49.06 4.36
N GLY J 377 25.76 48.81 5.55
CA GLY J 377 26.50 49.13 6.77
C GLY J 377 27.78 48.34 6.88
N ALA J 378 27.71 47.04 6.53
CA ALA J 378 28.93 46.25 6.49
C ALA J 378 29.91 46.76 5.45
N ILE J 379 29.41 47.22 4.29
CA ILE J 379 30.31 47.81 3.30
C ILE J 379 30.99 49.05 3.86
N ALA J 380 30.20 49.94 4.47
CA ALA J 380 30.76 51.17 5.01
C ALA J 380 31.83 50.88 6.06
N TYR J 381 31.52 49.97 6.99
CA TYR J 381 32.50 49.61 8.01
C TYR J 381 33.75 49.02 7.38
N ALA J 382 33.57 48.09 6.43
CA ALA J 382 34.72 47.42 5.84
C ALA J 382 35.61 48.42 5.12
N ARG J 383 35.01 49.34 4.36
CA ARG J 383 35.80 50.35 3.67
C ARG J 383 36.59 51.20 4.66
N ALA J 384 35.96 51.62 5.75
CA ALA J 384 36.69 52.39 6.75
C ALA J 384 37.82 51.56 7.36
N ARG J 385 37.57 50.29 7.64
CA ARG J 385 38.55 49.42 8.27
C ARG J 385 39.64 48.96 7.32
N GLY J 386 39.39 49.01 6.02
CA GLY J 386 40.37 48.58 5.03
C GLY J 386 40.26 47.14 4.59
N LEU J 387 39.21 46.43 4.99
CA LEU J 387 39.05 45.05 4.58
C LEU J 387 38.64 44.97 3.12
N PRO J 388 39.14 44.00 2.36
CA PRO J 388 38.68 43.84 0.98
C PRO J 388 37.25 43.33 0.92
N VAL J 389 36.54 43.74 -0.13
CA VAL J 389 35.13 43.42 -0.28
C VAL J 389 34.88 42.96 -1.72
N LEU J 390 34.12 41.89 -1.86
CA LEU J 390 33.59 41.45 -3.15
C LEU J 390 32.08 41.43 -3.07
N GLY J 391 31.42 42.11 -4.01
CA GLY J 391 29.98 42.21 -4.01
C GLY J 391 29.35 41.60 -5.23
N LEU J 392 28.45 40.66 -5.03
CA LEU J 392 27.85 39.89 -6.12
C LEU J 392 26.40 40.31 -6.30
N CYS J 393 26.07 40.84 -7.48
CA CYS J 393 24.72 41.29 -7.78
C CYS J 393 24.28 42.35 -6.78
N LEU J 394 23.49 41.94 -5.78
CA LEU J 394 23.10 42.85 -4.72
C LEU J 394 24.32 43.45 -4.03
N GLY J 395 25.44 42.73 -4.01
CA GLY J 395 26.66 43.32 -3.48
C GLY J 395 27.10 44.54 -4.27
N LEU J 396 27.04 44.45 -5.60
CA LEU J 396 27.32 45.62 -6.42
C LEU J 396 26.31 46.73 -6.18
N GLN J 397 25.03 46.38 -6.06
CA GLN J 397 24.02 47.40 -5.82
C GLN J 397 24.27 48.12 -4.51
N CYS J 398 24.63 47.37 -3.46
CA CYS J 398 24.95 47.97 -2.18
C CYS J 398 26.21 48.83 -2.27
N ILE J 399 27.20 48.39 -3.05
CA ILE J 399 28.40 49.21 -3.23
C ILE J 399 28.04 50.54 -3.85
N VAL J 400 27.21 50.51 -4.89
CA VAL J 400 26.81 51.75 -5.56
C VAL J 400 25.99 52.63 -4.63
N ILE J 401 25.15 52.03 -3.80
CA ILE J 401 24.36 52.82 -2.86
C ILE J 401 25.26 53.42 -1.78
N GLU J 402 26.27 52.68 -1.34
CA GLU J 402 27.24 53.22 -0.40
C GLU J 402 27.95 54.43 -0.99
N ALA J 403 28.37 54.31 -2.26
CA ALA J 403 29.01 55.44 -2.92
C ALA J 403 28.05 56.62 -3.06
N ALA J 404 26.77 56.34 -3.35
CA ALA J 404 25.78 57.40 -3.40
C ALA J 404 25.72 58.13 -2.06
N ARG J 405 25.66 57.38 -0.97
CA ARG J 405 25.65 57.96 0.37
C ARG J 405 27.01 58.50 0.77
N SER J 406 28.03 58.38 -0.08
CA SER J 406 29.34 58.95 0.20
C SER J 406 29.56 60.33 -0.40
N VAL J 407 28.69 60.77 -1.31
CA VAL J 407 28.94 61.98 -2.09
C VAL J 407 27.88 63.05 -1.92
N GLY J 408 26.78 62.77 -1.21
CA GLY J 408 25.71 63.74 -1.06
C GLY J 408 24.32 63.13 -1.09
N LEU J 409 24.23 61.87 -1.50
CA LEU J 409 22.95 61.25 -1.79
C LEU J 409 22.50 60.40 -0.61
N THR J 410 22.27 61.05 0.54
CA THR J 410 22.05 60.32 1.79
C THR J 410 20.76 59.52 1.76
N ASN J 411 19.75 59.98 1.05
CA ASN J 411 18.47 59.27 0.94
C ASN J 411 18.40 58.37 -0.29
N ALA J 412 19.51 58.19 -0.99
CA ALA J 412 19.52 57.37 -2.19
C ALA J 412 19.28 55.91 -1.84
N ASN J 413 18.66 55.19 -2.76
CA ASN J 413 18.35 53.78 -2.58
C ASN J 413 18.00 53.18 -3.93
N SER J 414 17.69 51.88 -3.92
CA SER J 414 17.06 51.25 -5.08
C SER J 414 15.56 51.51 -5.05
N ALA J 415 14.97 51.65 -6.23
CA ALA J 415 13.52 51.73 -6.33
C ALA J 415 12.87 50.44 -5.81
N GLU J 416 13.62 49.35 -5.73
CA GLU J 416 13.10 48.13 -5.13
C GLU J 416 12.93 48.28 -3.62
N PHE J 417 13.85 48.99 -2.97
CA PHE J 417 13.93 49.02 -1.52
C PHE J 417 13.41 50.31 -0.89
N ASP J 418 13.28 51.38 -1.66
CA ASP J 418 12.52 52.56 -1.24
C ASP J 418 11.85 53.14 -2.48
N PRO J 419 10.63 52.70 -2.80
CA PRO J 419 9.95 53.24 -3.98
C PRO J 419 9.74 54.74 -3.93
N ASP J 420 9.82 55.35 -2.75
CA ASP J 420 9.64 56.79 -2.58
C ASP J 420 10.97 57.53 -2.43
N THR J 421 12.09 56.88 -2.68
CA THR J 421 13.38 57.54 -2.53
C THR J 421 13.47 58.73 -3.49
N PRO J 422 14.01 59.87 -3.05
CA PRO J 422 14.22 60.99 -3.98
C PRO J 422 15.38 60.78 -4.92
N ASP J 423 16.26 59.81 -4.66
CA ASP J 423 17.43 59.54 -5.51
C ASP J 423 17.48 58.05 -5.81
N PRO J 424 16.67 57.59 -6.76
CA PRO J 424 16.75 56.16 -7.17
C PRO J 424 17.97 55.90 -8.05
N VAL J 425 19.13 55.83 -7.40
CA VAL J 425 20.37 55.58 -8.13
C VAL J 425 20.37 54.18 -8.75
N ILE J 426 19.62 53.25 -8.19
CA ILE J 426 19.34 51.96 -8.81
C ILE J 426 17.86 51.96 -9.21
N ALA J 427 17.61 51.65 -10.48
CA ALA J 427 16.25 51.78 -11.02
C ALA J 427 16.08 50.81 -12.17
N THR J 428 14.82 50.54 -12.50
CA THR J 428 14.51 49.74 -13.67
C THR J 428 14.84 50.54 -14.93
N MET J 429 15.69 49.98 -15.78
CA MET J 429 16.16 50.68 -16.97
C MET J 429 15.02 50.90 -17.95
N GLY J 443 8.28 46.12 -14.84
CA GLY J 443 9.41 45.66 -14.06
C GLY J 443 10.70 45.59 -14.85
N GLY J 444 10.64 46.01 -16.12
CA GLY J 444 11.81 45.98 -16.96
C GLY J 444 12.18 44.60 -17.43
N THR J 445 13.16 44.50 -18.33
CA THR J 445 13.58 43.21 -18.85
C THR J 445 14.49 42.52 -17.84
N MET J 446 14.09 41.32 -17.41
CA MET J 446 14.96 40.47 -16.61
C MET J 446 16.06 39.91 -17.49
N ARG J 447 17.29 40.34 -17.27
CA ARG J 447 18.43 39.76 -17.96
C ARG J 447 18.76 38.42 -17.31
N LEU J 448 18.73 37.36 -18.11
CA LEU J 448 19.01 36.01 -17.62
C LEU J 448 20.02 35.33 -18.53
N GLY J 449 20.95 34.61 -17.94
CA GLY J 449 21.92 33.84 -18.69
C GLY J 449 23.13 34.65 -19.09
N SER J 450 23.89 34.07 -20.01
CA SER J 450 25.18 34.64 -20.39
C SER J 450 24.98 35.89 -21.26
N TYR J 451 25.71 36.95 -20.93
CA TYR J 451 25.79 38.15 -21.74
C TYR J 451 27.24 38.60 -21.85
N PRO J 452 27.61 39.21 -22.98
CA PRO J 452 28.98 39.73 -23.10
C PRO J 452 29.14 41.08 -22.43
N ALA J 453 30.37 41.35 -22.01
CA ALA J 453 30.72 42.62 -21.39
C ALA J 453 32.12 43.03 -21.82
N VAL J 454 32.39 44.33 -21.77
CA VAL J 454 33.69 44.90 -22.10
C VAL J 454 34.26 45.54 -20.85
N LEU J 455 35.57 45.40 -20.66
CA LEU J 455 36.25 45.81 -19.44
C LEU J 455 37.19 46.96 -19.70
N GLU J 456 37.34 47.83 -18.69
CA GLU J 456 38.32 48.90 -18.76
C GLU J 456 39.72 48.29 -18.85
N PRO J 457 40.56 48.75 -19.77
CA PRO J 457 41.93 48.21 -19.84
C PRO J 457 42.71 48.55 -18.58
N ASP J 458 43.41 47.53 -18.05
CA ASP J 458 44.20 47.65 -16.83
C ASP J 458 43.35 48.02 -15.62
N SER J 459 42.03 47.81 -15.69
CA SER J 459 41.22 47.84 -14.50
C SER J 459 41.59 46.67 -13.59
N VAL J 460 41.24 46.80 -12.31
CA VAL J 460 41.45 45.68 -11.39
C VAL J 460 40.69 44.46 -11.87
N VAL J 461 39.49 44.66 -12.41
CA VAL J 461 38.75 43.55 -13.02
C VAL J 461 39.52 43.01 -14.21
N ALA J 462 40.05 43.90 -15.06
CA ALA J 462 40.83 43.45 -16.21
C ALA J 462 42.16 42.84 -15.77
N GLN J 463 42.74 43.34 -14.68
CA GLN J 463 43.94 42.72 -14.14
C GLN J 463 43.67 41.30 -13.67
N ALA J 464 42.49 41.07 -13.09
CA ALA J 464 42.11 39.71 -12.69
C ALA J 464 41.88 38.83 -13.91
N TYR J 465 40.94 39.24 -14.77
CA TYR J 465 40.61 38.45 -15.95
C TYR J 465 41.76 38.41 -16.96
N GLN J 466 42.65 39.39 -16.94
CA GLN J 466 43.72 39.50 -17.94
C GLN J 466 43.14 39.52 -19.35
N THR J 467 42.04 40.24 -19.54
CA THR J 467 41.46 40.43 -20.85
C THR J 467 40.54 41.63 -20.81
N THR J 468 40.21 42.13 -21.99
CA THR J 468 39.25 43.23 -22.13
C THR J 468 37.84 42.77 -22.44
N GLN J 469 37.64 41.47 -22.72
CA GLN J 469 36.32 40.96 -23.05
C GLN J 469 36.03 39.70 -22.23
N VAL J 470 34.80 39.62 -21.71
CA VAL J 470 34.36 38.52 -20.86
C VAL J 470 32.90 38.25 -21.13
N SER J 471 32.41 37.11 -20.65
CA SER J 471 30.99 36.80 -20.62
C SER J 471 30.64 36.20 -19.27
N GLU J 472 29.50 36.61 -18.73
CA GLU J 472 29.08 36.19 -17.40
C GLU J 472 27.59 35.88 -17.39
N ARG J 473 27.19 35.03 -16.46
CA ARG J 473 25.79 34.65 -16.29
C ARG J 473 25.10 35.68 -15.40
N HIS J 474 23.96 36.18 -15.87
CA HIS J 474 23.24 37.25 -15.20
C HIS J 474 21.88 36.79 -14.73
N ARG J 475 21.44 37.32 -13.60
CA ARG J 475 20.07 37.13 -13.13
C ARG J 475 19.64 38.35 -12.32
N HIS J 476 19.04 39.33 -12.98
CA HIS J 476 18.60 40.54 -12.30
C HIS J 476 17.80 41.38 -13.28
N ARG J 477 17.05 42.34 -12.74
CA ARG J 477 16.25 43.25 -13.56
C ARG J 477 16.46 44.72 -13.23
N TYR J 478 17.03 45.06 -12.08
CA TYR J 478 17.38 46.43 -11.78
C TYR J 478 18.81 46.73 -12.24
N GLU J 479 19.05 47.99 -12.58
CA GLU J 479 20.34 48.42 -13.11
C GLU J 479 20.75 49.72 -12.47
N VAL J 480 22.03 50.06 -12.63
CA VAL J 480 22.52 51.37 -12.23
C VAL J 480 21.85 52.42 -13.09
N ASN J 481 21.29 53.44 -12.45
CA ASN J 481 20.62 54.52 -13.17
C ASN J 481 21.68 55.39 -13.83
N ASN J 482 21.67 55.45 -15.16
CA ASN J 482 22.69 56.17 -15.90
C ASN J 482 22.71 57.66 -15.57
N ALA J 483 21.63 58.18 -14.99
CA ALA J 483 21.59 59.60 -14.64
C ALA J 483 22.57 59.96 -13.53
N TYR J 484 23.09 58.99 -12.78
CA TYR J 484 23.90 59.26 -11.60
C TYR J 484 25.36 58.87 -11.75
N ARG J 485 25.80 58.47 -12.94
CA ARG J 485 27.19 58.06 -13.12
C ARG J 485 28.15 59.17 -12.74
N ASP J 486 27.95 60.36 -13.31
CA ASP J 486 28.89 61.46 -13.07
C ASP J 486 28.82 61.92 -11.62
N LYS J 487 27.66 61.83 -10.97
CA LYS J 487 27.57 62.21 -9.56
C LYS J 487 28.34 61.23 -8.68
N ILE J 488 28.12 59.93 -8.87
CA ILE J 488 28.72 58.95 -7.97
C ILE J 488 30.18 58.70 -8.31
N ALA J 489 30.63 59.02 -9.53
CA ALA J 489 32.04 58.90 -9.84
C ALA J 489 32.90 59.77 -8.93
N GLU J 490 32.32 60.85 -8.41
CA GLU J 490 33.05 61.70 -7.48
C GLU J 490 33.39 60.97 -6.18
N SER J 491 32.75 59.83 -5.91
CA SER J 491 33.18 58.99 -4.81
C SER J 491 34.56 58.39 -5.05
N GLY J 492 35.00 58.35 -6.31
CA GLY J 492 36.18 57.60 -6.68
C GLY J 492 35.87 56.26 -7.34
N LEU J 493 34.60 55.85 -7.35
CA LEU J 493 34.22 54.59 -7.96
C LEU J 493 34.39 54.63 -9.47
N ARG J 494 34.95 53.56 -10.02
CA ARG J 494 35.11 53.42 -11.47
C ARG J 494 34.11 52.40 -12.00
N PHE J 495 33.42 52.77 -13.07
CA PHE J 495 32.58 51.82 -13.82
C PHE J 495 33.49 51.06 -14.79
N SER J 496 34.31 50.18 -14.21
CA SER J 496 35.41 49.56 -14.93
C SER J 496 34.98 48.45 -15.88
N GLY J 497 33.69 48.15 -15.99
CA GLY J 497 33.24 47.20 -17.00
C GLY J 497 31.80 47.50 -17.38
N THR J 498 31.50 47.29 -18.66
CA THR J 498 30.20 47.66 -19.21
C THR J 498 29.79 46.67 -20.29
N SER J 499 28.53 46.83 -20.74
CA SER J 499 28.03 46.17 -21.93
C SER J 499 28.81 46.67 -23.14
N PRO J 500 28.81 45.93 -24.25
CA PRO J 500 29.62 46.38 -25.40
C PRO J 500 29.25 47.77 -25.89
N ASP J 501 27.97 48.13 -25.84
CA ASP J 501 27.55 49.49 -26.16
C ASP J 501 27.79 50.46 -25.02
N GLY J 502 28.24 49.98 -23.87
CA GLY J 502 28.46 50.83 -22.72
C GLY J 502 27.21 51.22 -21.97
N HIS J 503 26.04 50.77 -22.43
CA HIS J 503 24.78 51.24 -21.84
C HIS J 503 24.61 50.75 -20.42
N LEU J 504 25.07 49.53 -20.12
CA LEU J 504 24.86 48.91 -18.82
C LEU J 504 26.17 48.76 -18.07
N VAL J 505 26.18 49.15 -16.80
CA VAL J 505 27.31 48.91 -15.93
C VAL J 505 27.31 47.45 -15.50
N GLU J 506 28.46 46.78 -15.67
CA GLU J 506 28.61 45.38 -15.31
C GLU J 506 29.60 45.14 -14.18
N PHE J 507 30.56 46.03 -13.99
CA PHE J 507 31.53 45.91 -12.90
C PHE J 507 31.83 47.30 -12.36
N VAL J 508 32.12 47.37 -11.06
CA VAL J 508 32.57 48.59 -10.42
C VAL J 508 33.74 48.26 -9.51
N GLU J 509 34.63 49.24 -9.33
CA GLU J 509 35.78 49.06 -8.47
C GLU J 509 36.28 50.43 -8.01
N TYR J 510 37.04 50.41 -6.91
CA TYR J 510 37.80 51.58 -6.51
C TYR J 510 39.25 51.44 -6.98
N PRO J 511 39.93 52.54 -7.29
CA PRO J 511 41.35 52.43 -7.63
C PRO J 511 42.13 51.85 -6.48
N PRO J 512 43.21 51.11 -6.77
CA PRO J 512 43.93 50.42 -5.68
C PRO J 512 44.40 51.35 -4.58
N ASP J 513 44.72 52.61 -4.90
CA ASP J 513 45.18 53.55 -3.88
C ASP J 513 44.05 54.08 -3.02
N ARG J 514 42.79 53.99 -3.48
CA ARG J 514 41.67 54.33 -2.61
C ARG J 514 41.37 53.19 -1.65
N HIS J 515 41.19 51.98 -2.16
CA HIS J 515 41.12 50.78 -1.36
C HIS J 515 41.80 49.67 -2.15
N PRO J 516 42.58 48.80 -1.48
CA PRO J 516 43.35 47.80 -2.25
C PRO J 516 42.50 46.90 -3.13
N PHE J 517 41.30 46.52 -2.69
CA PHE J 517 40.39 45.78 -3.56
C PHE J 517 38.98 45.91 -2.99
N VAL J 518 38.10 46.58 -3.73
CA VAL J 518 36.68 46.60 -3.45
C VAL J 518 35.97 46.57 -4.80
N VAL J 519 35.36 45.44 -5.14
CA VAL J 519 34.78 45.23 -6.46
C VAL J 519 33.39 44.65 -6.31
N GLY J 520 32.54 44.97 -7.28
CA GLY J 520 31.23 44.34 -7.37
C GLY J 520 30.90 44.02 -8.82
N THR J 521 30.09 42.99 -8.99
CA THR J 521 29.59 42.64 -10.32
C THR J 521 28.13 42.23 -10.23
N GLN J 522 27.37 42.59 -11.26
CA GLN J 522 25.97 42.20 -11.33
C GLN J 522 25.81 40.71 -11.63
N ALA J 523 26.85 40.06 -12.14
CA ALA J 523 26.74 38.68 -12.57
C ALA J 523 27.12 37.72 -11.46
N HIS J 524 26.94 36.43 -11.73
CA HIS J 524 27.23 35.38 -10.78
C HIS J 524 28.44 34.58 -11.24
N PRO J 525 29.65 35.10 -11.08
CA PRO J 525 30.84 34.37 -11.53
C PRO J 525 31.03 33.04 -10.83
N GLU J 526 30.36 32.82 -9.69
CA GLU J 526 30.45 31.53 -9.02
C GLU J 526 29.78 30.41 -9.82
N LEU J 527 29.01 30.75 -10.85
CA LEU J 527 28.39 29.74 -11.70
C LEU J 527 29.23 29.38 -12.91
N LYS J 528 30.38 30.04 -13.11
CA LYS J 528 31.34 29.62 -14.12
C LYS J 528 32.60 29.02 -13.51
N SER J 529 32.77 29.13 -12.20
CA SER J 529 33.89 28.50 -11.52
C SER J 529 33.72 27.00 -11.46
N ARG J 530 34.85 26.30 -11.48
CA ARG J 530 34.92 24.86 -11.20
C ARG J 530 36.10 24.63 -10.29
N PRO J 531 36.07 23.59 -9.46
CA PRO J 531 37.18 23.38 -8.52
C PRO J 531 38.50 23.15 -9.21
N THR J 532 38.50 22.68 -10.45
CA THR J 532 39.70 22.47 -11.23
C THR J 532 39.93 23.58 -12.26
N ARG J 533 39.23 24.70 -12.14
CA ARG J 533 39.34 25.81 -13.07
C ARG J 533 38.85 27.09 -12.40
N PRO J 534 39.51 27.55 -11.34
CA PRO J 534 38.96 28.65 -10.55
C PRO J 534 38.75 29.90 -11.38
N HIS J 535 37.79 30.70 -10.96
CA HIS J 535 37.40 31.91 -11.67
C HIS J 535 38.35 33.06 -11.32
N PRO J 536 38.69 33.92 -12.28
CA PRO J 536 39.68 34.98 -12.00
C PRO J 536 39.33 35.89 -10.83
N LEU J 537 38.07 36.30 -10.70
CA LEU J 537 37.72 37.28 -9.67
C LEU J 537 37.92 36.73 -8.26
N PHE J 538 37.58 35.46 -8.03
CA PHE J 538 37.77 34.92 -6.69
C PHE J 538 39.24 34.67 -6.39
N VAL J 539 40.02 34.29 -7.41
CA VAL J 539 41.47 34.23 -7.21
C VAL J 539 41.99 35.59 -6.79
N ALA J 540 41.55 36.64 -7.47
CA ALA J 540 41.98 37.99 -7.13
C ALA J 540 41.55 38.37 -5.72
N PHE J 541 40.29 38.11 -5.38
CA PHE J 541 39.76 38.49 -4.07
C PHE J 541 40.50 37.78 -2.95
N VAL J 542 40.75 36.48 -3.12
CA VAL J 542 41.47 35.74 -2.10
C VAL J 542 42.92 36.19 -2.01
N GLY J 543 43.54 36.53 -3.15
CA GLY J 543 44.88 37.08 -3.10
C GLY J 543 44.93 38.40 -2.36
N ALA J 544 43.95 39.26 -2.59
CA ALA J 544 43.88 40.53 -1.86
C ALA J 544 43.66 40.31 -0.38
N ALA J 545 42.79 39.35 -0.03
CA ALA J 545 42.58 39.05 1.38
C ALA J 545 43.85 38.52 2.04
N ILE J 546 44.59 37.67 1.32
CA ILE J 546 45.87 37.18 1.81
C ILE J 546 46.84 38.33 2.01
N ASP J 547 46.88 39.26 1.05
CA ASP J 547 47.78 40.41 1.17
C ASP J 547 47.40 41.26 2.36
N TYR J 548 46.11 41.45 2.60
CA TYR J 548 45.66 42.17 3.78
C TYR J 548 46.12 41.46 5.06
N LYS J 549 45.87 40.16 5.15
CA LYS J 549 46.26 39.41 6.34
C LYS J 549 47.76 39.51 6.57
N ALA J 550 48.54 39.42 5.50
CA ALA J 550 50.00 39.48 5.64
C ALA J 550 50.45 40.88 6.05
N GLY J 551 49.82 41.91 5.50
CA GLY J 551 50.23 43.28 5.81
C GLY J 551 49.65 43.80 7.11
N GLU J 552 48.51 43.27 7.53
CA GLU J 552 47.85 43.75 8.75
C GLU J 552 48.69 43.39 9.98
N MET K 1 -42.81 21.57 10.96
CA MET K 1 -43.51 22.25 9.84
C MET K 1 -42.53 22.57 8.72
N ARG K 2 -43.04 23.16 7.64
CA ARG K 2 -42.24 23.35 6.43
C ARG K 2 -41.02 24.22 6.69
N LYS K 3 -41.08 25.11 7.67
CA LYS K 3 -39.98 26.03 7.98
C LYS K 3 -39.18 25.51 9.17
N HIS K 4 -37.88 25.37 8.99
CA HIS K 4 -36.98 24.82 9.98
C HIS K 4 -35.86 25.81 10.31
N PRO K 5 -35.21 25.66 11.46
CA PRO K 5 -34.03 26.48 11.75
C PRO K 5 -32.89 26.19 10.77
N GLN K 6 -31.95 27.13 10.71
CA GLN K 6 -30.77 26.96 9.87
C GLN K 6 -29.87 25.86 10.42
N THR K 7 -29.28 25.09 9.51
CA THR K 7 -28.27 24.10 9.85
C THR K 7 -27.20 24.10 8.77
N ALA K 8 -26.02 23.60 9.11
CA ALA K 8 -24.90 23.63 8.18
C ALA K 8 -25.17 22.76 6.97
N THR K 9 -24.54 23.11 5.85
CA THR K 9 -24.72 22.37 4.61
C THR K 9 -24.00 21.03 4.70
N LYS K 10 -24.74 19.95 4.47
CA LYS K 10 -24.21 18.61 4.55
C LYS K 10 -23.57 18.20 3.24
N HIS K 11 -22.48 17.45 3.32
CA HIS K 11 -21.76 16.97 2.16
C HIS K 11 -21.89 15.46 2.08
N LEU K 12 -22.33 14.97 0.93
CA LEU K 12 -22.51 13.54 0.70
C LEU K 12 -21.65 13.16 -0.51
N PHE K 13 -20.67 12.29 -0.30
CA PHE K 13 -19.75 11.87 -1.34
C PHE K 13 -20.12 10.48 -1.81
N VAL K 14 -20.24 10.31 -3.13
CA VAL K 14 -20.56 9.02 -3.73
C VAL K 14 -19.32 8.53 -4.48
N SER K 15 -18.84 7.35 -4.12
CA SER K 15 -17.62 6.79 -4.68
C SER K 15 -17.89 5.37 -5.17
N GLY K 16 -17.04 4.90 -6.06
CA GLY K 16 -17.26 3.62 -6.73
C GLY K 16 -16.09 2.68 -6.54
N GLY K 17 -16.41 1.38 -6.54
CA GLY K 17 -15.41 0.35 -6.37
C GLY K 17 -15.56 -0.74 -7.40
N VAL K 18 -14.52 -1.56 -7.51
CA VAL K 18 -14.49 -2.69 -8.43
C VAL K 18 -14.41 -2.20 -9.88
N ALA K 19 -15.41 -1.44 -10.32
CA ALA K 19 -15.46 -1.05 -11.72
C ALA K 19 -16.29 0.23 -11.85
N SER K 20 -16.20 0.85 -13.02
CA SER K 20 -17.08 1.95 -13.37
C SER K 20 -18.34 1.41 -14.02
N SER K 21 -19.24 2.32 -14.41
CA SER K 21 -20.53 1.97 -14.99
C SER K 21 -21.35 1.09 -14.06
N LEU K 22 -21.17 1.22 -12.75
CA LEU K 22 -21.98 0.51 -11.77
C LEU K 22 -23.30 1.20 -11.48
N GLY K 23 -23.60 2.31 -12.14
CA GLY K 23 -24.76 3.10 -11.77
C GLY K 23 -24.52 3.99 -10.58
N LYS K 24 -23.26 4.37 -10.35
CA LYS K 24 -22.94 5.29 -9.28
C LYS K 24 -23.60 6.64 -9.49
N GLY K 25 -23.55 7.18 -10.70
CA GLY K 25 -24.20 8.45 -10.98
C GLY K 25 -25.71 8.36 -10.90
N LEU K 26 -26.28 7.27 -11.39
CA LEU K 26 -27.72 7.09 -11.29
C LEU K 26 -28.16 6.93 -9.85
N THR K 27 -27.38 6.24 -9.02
CA THR K 27 -27.68 6.14 -7.60
C THR K 27 -27.62 7.51 -6.93
N ALA K 28 -26.60 8.29 -7.25
CA ALA K 28 -26.53 9.64 -6.68
C ALA K 28 -27.73 10.47 -7.10
N SER K 29 -28.12 10.39 -8.36
CA SER K 29 -29.30 11.13 -8.83
C SER K 29 -30.56 10.66 -8.13
N SER K 30 -30.72 9.35 -7.93
CA SER K 30 -31.90 8.85 -7.25
C SER K 30 -31.96 9.30 -5.81
N LEU K 31 -30.82 9.29 -5.12
CA LEU K 31 -30.79 9.79 -3.76
C LEU K 31 -31.10 11.28 -3.72
N GLY K 32 -30.61 12.03 -4.70
CA GLY K 32 -30.98 13.43 -4.79
C GLY K 32 -32.47 13.62 -4.98
N GLN K 33 -33.09 12.78 -5.82
CA GLN K 33 -34.53 12.86 -6.04
C GLN K 33 -35.29 12.60 -4.75
N LEU K 34 -34.90 11.55 -4.02
CA LEU K 34 -35.58 11.24 -2.76
C LEU K 34 -35.42 12.38 -1.77
N LEU K 35 -34.19 12.87 -1.59
CA LEU K 35 -33.98 13.96 -0.63
C LEU K 35 -34.72 15.22 -1.04
N THR K 36 -34.91 15.45 -2.34
CA THR K 36 -35.70 16.59 -2.79
C THR K 36 -37.17 16.38 -2.44
N ALA K 37 -37.68 15.16 -2.65
CA ALA K 37 -39.08 14.91 -2.32
C ALA K 37 -39.33 14.99 -0.82
N ARG K 38 -38.33 14.67 0.01
CA ARG K 38 -38.44 14.90 1.43
C ARG K 38 -38.25 16.37 1.80
N GLY K 39 -38.16 17.26 0.83
CA GLY K 39 -38.24 18.69 1.06
C GLY K 39 -36.92 19.43 1.15
N LEU K 40 -35.81 18.77 0.90
CA LEU K 40 -34.49 19.39 1.06
C LEU K 40 -34.02 19.99 -0.25
N HIS K 41 -33.28 21.09 -0.15
CA HIS K 41 -32.70 21.75 -1.33
C HIS K 41 -31.38 21.07 -1.66
N VAL K 42 -31.46 20.04 -2.50
CA VAL K 42 -30.29 19.28 -2.92
C VAL K 42 -29.61 20.00 -4.08
N THR K 43 -28.29 20.03 -4.06
CA THR K 43 -27.48 20.41 -5.20
C THR K 43 -26.45 19.31 -5.45
N MET K 44 -25.95 19.24 -6.68
CA MET K 44 -25.13 18.11 -7.10
C MET K 44 -23.91 18.58 -7.87
N GLN K 45 -22.88 17.72 -7.87
CA GLN K 45 -21.59 18.03 -8.46
C GLN K 45 -20.91 16.72 -8.85
N LYS K 46 -20.03 16.78 -9.86
CA LYS K 46 -19.20 15.64 -10.24
C LYS K 46 -17.74 16.04 -10.36
N LEU K 47 -16.87 15.17 -9.89
CA LEU K 47 -15.42 15.32 -10.02
C LEU K 47 -14.91 14.24 -10.97
N ASP K 48 -14.29 14.66 -12.08
CA ASP K 48 -13.80 13.73 -13.09
C ASP K 48 -12.30 13.57 -12.96
N PRO K 49 -11.77 12.37 -12.70
CA PRO K 49 -10.33 12.22 -12.58
C PRO K 49 -9.55 12.43 -13.86
N TYR K 50 -10.17 12.40 -15.03
CA TYR K 50 -9.38 12.47 -16.26
C TYR K 50 -8.84 13.88 -16.48
N LEU K 51 -7.77 13.96 -17.26
CA LEU K 51 -7.06 15.22 -17.47
C LEU K 51 -7.65 16.09 -18.57
N ASN K 52 -8.55 15.56 -19.40
CA ASN K 52 -9.17 16.40 -20.42
C ASN K 52 -9.86 17.59 -19.78
N VAL K 53 -9.56 18.79 -20.28
CA VAL K 53 -10.14 19.98 -19.67
C VAL K 53 -11.66 20.00 -19.86
N ASP K 54 -12.15 19.31 -20.89
CA ASP K 54 -13.58 19.05 -21.03
C ASP K 54 -13.75 17.88 -21.98
N PRO K 55 -14.88 17.18 -21.92
CA PRO K 55 -15.05 15.97 -22.74
C PRO K 55 -15.31 16.22 -24.20
N GLY K 56 -15.30 17.48 -24.66
CA GLY K 56 -15.58 17.73 -26.06
C GLY K 56 -14.58 17.06 -26.99
N THR K 57 -13.36 16.84 -26.50
CA THR K 57 -12.33 16.21 -27.32
C THR K 57 -12.49 14.69 -27.39
N MET K 58 -13.31 14.11 -26.52
CA MET K 58 -13.36 12.65 -26.43
C MET K 58 -14.16 12.06 -27.59
N ASN K 59 -14.15 10.72 -27.63
CA ASN K 59 -14.87 9.92 -28.61
C ASN K 59 -15.98 9.17 -27.92
N PRO K 60 -17.22 9.19 -28.44
CA PRO K 60 -18.33 8.58 -27.70
C PRO K 60 -18.14 7.12 -27.33
N PHE K 61 -17.11 6.44 -27.84
CA PHE K 61 -16.82 5.10 -27.35
C PHE K 61 -16.18 5.12 -25.97
N GLN K 62 -15.69 6.27 -25.52
CA GLN K 62 -15.03 6.35 -24.22
C GLN K 62 -16.05 6.30 -23.08
N HIS K 63 -16.96 7.27 -23.03
CA HIS K 63 -17.86 7.41 -21.90
C HIS K 63 -19.28 7.77 -22.31
N GLY K 64 -19.67 7.52 -23.55
CA GLY K 64 -20.96 7.94 -24.03
C GLY K 64 -20.98 9.39 -24.47
N GLU K 65 -22.20 9.88 -24.68
CA GLU K 65 -22.40 11.19 -25.30
C GLU K 65 -21.91 12.32 -24.40
N VAL K 66 -21.65 13.46 -25.03
CA VAL K 66 -21.35 14.68 -24.30
C VAL K 66 -22.64 15.44 -23.99
N PHE K 67 -22.55 16.34 -23.01
CA PHE K 67 -23.69 17.11 -22.51
C PHE K 67 -23.31 18.58 -22.50
N VAL K 68 -24.30 19.45 -22.51
CA VAL K 68 -24.07 20.89 -22.62
C VAL K 68 -24.96 21.63 -21.63
N THR K 69 -24.43 22.69 -21.04
CA THR K 69 -25.14 23.50 -20.05
C THR K 69 -25.63 24.80 -20.67
N GLU K 70 -26.48 25.50 -19.91
CA GLU K 70 -27.06 26.75 -20.40
C GLU K 70 -26.04 27.88 -20.42
N ASP K 71 -25.13 27.95 -19.46
CA ASP K 71 -24.02 28.87 -19.60
C ASP K 71 -23.00 28.40 -20.63
N GLY K 72 -23.28 27.29 -21.31
CA GLY K 72 -22.50 26.87 -22.45
C GLY K 72 -21.29 26.01 -22.16
N ALA K 73 -21.09 25.60 -20.92
CA ALA K 73 -20.02 24.66 -20.63
C ALA K 73 -20.35 23.29 -21.20
N GLU K 74 -19.31 22.51 -21.45
CA GLU K 74 -19.43 21.16 -21.97
C GLU K 74 -18.99 20.18 -20.91
N THR K 75 -19.87 19.25 -20.53
CA THR K 75 -19.71 18.50 -19.30
C THR K 75 -19.95 17.01 -19.52
N ASP K 76 -19.65 16.24 -18.48
CA ASP K 76 -19.79 14.80 -18.54
C ASP K 76 -21.25 14.39 -18.68
N LEU K 77 -21.46 13.10 -18.94
CA LEU K 77 -22.79 12.56 -19.13
C LEU K 77 -23.62 12.61 -17.85
N ASP K 78 -22.99 12.47 -16.69
CA ASP K 78 -23.73 12.34 -15.44
C ASP K 78 -24.50 13.62 -15.11
N VAL K 79 -24.02 14.78 -15.54
CA VAL K 79 -24.78 16.00 -15.34
C VAL K 79 -26.15 15.88 -15.98
N GLY K 80 -26.25 15.06 -17.05
CA GLY K 80 -27.55 14.80 -17.64
C GLY K 80 -28.48 14.04 -16.72
N HIS K 81 -27.96 13.05 -16.00
CA HIS K 81 -28.79 12.38 -15.01
C HIS K 81 -29.22 13.36 -13.92
N TYR K 82 -28.32 14.23 -13.50
CA TYR K 82 -28.68 15.18 -12.46
C TYR K 82 -29.81 16.08 -12.91
N GLU K 83 -29.73 16.62 -14.13
CA GLU K 83 -30.83 17.39 -14.67
C GLU K 83 -32.11 16.55 -14.73
N ARG K 84 -32.03 15.36 -15.34
CA ARG K 84 -33.24 14.59 -15.59
C ARG K 84 -33.94 14.18 -14.31
N PHE K 85 -33.21 13.97 -13.21
CA PHE K 85 -33.85 13.53 -11.98
C PHE K 85 -34.20 14.68 -11.04
N LEU K 86 -33.38 15.73 -10.99
CA LEU K 86 -33.73 16.90 -10.19
C LEU K 86 -34.58 17.90 -10.95
N ASP K 87 -34.67 17.78 -12.28
CA ASP K 87 -35.35 18.77 -13.11
C ASP K 87 -34.84 20.18 -12.80
N ARG K 88 -33.55 20.37 -13.04
CA ARG K 88 -32.89 21.64 -12.76
C ARG K 88 -31.89 21.93 -13.85
N ASN K 89 -31.48 23.19 -13.95
CA ASN K 89 -30.37 23.60 -14.79
C ASN K 89 -29.16 23.88 -13.90
N LEU K 90 -28.03 23.27 -14.25
CA LEU K 90 -26.88 23.29 -13.37
C LEU K 90 -25.75 24.14 -13.95
N PRO K 91 -24.96 24.81 -13.12
CA PRO K 91 -23.86 25.63 -13.64
C PRO K 91 -22.76 24.77 -14.23
N GLY K 92 -21.88 25.42 -14.98
CA GLY K 92 -20.68 24.74 -15.47
C GLY K 92 -19.75 24.34 -14.34
N SER K 93 -19.89 24.99 -13.19
CA SER K 93 -19.11 24.60 -12.02
C SER K 93 -19.45 23.20 -11.53
N ALA K 94 -20.52 22.61 -12.05
CA ALA K 94 -20.94 21.28 -11.60
C ALA K 94 -20.09 20.17 -12.16
N ASN K 95 -19.00 20.46 -12.88
CA ASN K 95 -18.10 19.43 -13.39
C ASN K 95 -16.66 19.92 -13.24
N VAL K 96 -15.98 19.45 -12.20
CA VAL K 96 -14.56 19.69 -12.03
C VAL K 96 -13.78 18.56 -12.69
N THR K 97 -12.58 18.86 -13.16
CA THR K 97 -11.70 17.86 -13.74
C THR K 97 -10.27 18.14 -13.32
N THR K 98 -9.46 17.08 -13.29
CA THR K 98 -8.03 17.25 -12.99
C THR K 98 -7.37 18.22 -13.95
N GLY K 99 -7.82 18.22 -15.21
CA GLY K 99 -7.26 19.17 -16.16
C GLY K 99 -7.42 20.59 -15.70
N GLN K 100 -8.64 20.96 -15.29
CA GLN K 100 -8.89 22.32 -14.83
C GLN K 100 -8.09 22.64 -13.58
N VAL K 101 -8.01 21.70 -12.65
CA VAL K 101 -7.34 21.97 -11.38
C VAL K 101 -5.85 22.19 -11.60
N TYR K 102 -5.20 21.32 -12.36
CA TYR K 102 -3.77 21.47 -12.60
C TYR K 102 -3.48 22.73 -13.41
N SER K 103 -4.29 23.02 -14.43
CA SER K 103 -4.10 24.25 -15.17
C SER K 103 -4.22 25.47 -14.26
N THR K 104 -5.23 25.47 -13.39
CA THR K 104 -5.42 26.59 -12.48
C THR K 104 -4.22 26.78 -11.56
N VAL K 105 -3.75 25.70 -10.96
CA VAL K 105 -2.66 25.82 -9.99
C VAL K 105 -1.37 26.23 -10.68
N ILE K 106 -1.10 25.68 -11.87
CA ILE K 106 0.11 26.05 -12.60
C ILE K 106 0.05 27.53 -12.95
N ALA K 107 -1.08 27.99 -13.47
CA ALA K 107 -1.22 29.41 -13.80
C ALA K 107 -0.96 30.27 -12.57
N LYS K 108 -1.62 29.95 -11.45
CA LYS K 108 -1.39 30.71 -10.23
C LYS K 108 0.08 30.70 -9.84
N GLU K 109 0.77 29.58 -10.03
CA GLU K 109 2.18 29.50 -9.66
C GLU K 109 3.01 30.45 -10.51
N ARG K 110 2.78 30.46 -11.82
CA ARG K 110 3.56 31.33 -12.69
C ARG K 110 3.39 32.80 -12.30
N ARG K 111 2.25 33.17 -11.72
CA ARG K 111 2.02 34.53 -11.27
C ARG K 111 2.51 34.77 -9.85
N GLY K 112 3.13 33.79 -9.21
CA GLY K 112 3.71 33.98 -7.90
C GLY K 112 2.72 34.01 -6.76
N GLU K 113 1.49 33.55 -6.97
CA GLU K 113 0.45 33.71 -5.97
C GLU K 113 0.68 32.86 -4.73
N TYR K 114 1.64 31.93 -4.75
CA TYR K 114 1.94 31.11 -3.59
C TYR K 114 3.13 31.63 -2.80
N LEU K 115 3.57 32.87 -3.09
CA LEU K 115 4.51 33.58 -2.24
C LEU K 115 5.78 32.77 -1.98
N GLY K 116 6.26 32.08 -3.01
CA GLY K 116 7.55 31.43 -2.95
C GLY K 116 7.56 30.03 -2.37
N ASP K 117 6.42 29.48 -2.01
CA ASP K 117 6.41 28.11 -1.50
C ASP K 117 6.69 27.12 -2.62
N THR K 118 7.09 25.92 -2.23
CA THR K 118 7.15 24.80 -3.15
C THR K 118 5.74 24.31 -3.42
N VAL K 119 5.31 24.36 -4.68
CA VAL K 119 3.98 23.91 -5.04
C VAL K 119 3.96 22.38 -5.05
N GLN K 120 2.98 21.79 -4.37
CA GLN K 120 2.93 20.36 -4.14
C GLN K 120 1.53 19.83 -4.45
N VAL K 121 1.43 18.52 -4.59
CA VAL K 121 0.11 17.90 -4.75
C VAL K 121 -0.67 17.99 -3.44
N ILE K 122 0.01 17.94 -2.31
CA ILE K 122 -0.53 18.31 -1.02
C ILE K 122 0.39 19.38 -0.44
N PRO K 123 -0.13 20.55 -0.02
CA PRO K 123 -1.54 20.92 0.06
C PRO K 123 -2.18 21.47 -1.21
N HIS K 124 -1.44 22.08 -2.12
CA HIS K 124 -2.03 23.06 -3.03
C HIS K 124 -3.12 22.47 -3.93
N ILE K 125 -2.88 21.31 -4.53
CA ILE K 125 -3.88 20.74 -5.44
C ILE K 125 -5.11 20.30 -4.67
N THR K 126 -4.92 19.63 -3.54
CA THR K 126 -6.05 19.22 -2.72
C THR K 126 -6.79 20.44 -2.17
N ASP K 127 -6.08 21.53 -1.89
CA ASP K 127 -6.73 22.75 -1.47
C ASP K 127 -7.60 23.34 -2.57
N GLU K 128 -7.11 23.33 -3.81
CA GLU K 128 -7.93 23.83 -4.91
C GLU K 128 -9.18 22.97 -5.07
N ILE K 129 -9.05 21.66 -4.96
CA ILE K 129 -10.22 20.79 -5.09
C ILE K 129 -11.19 21.02 -3.93
N LYS K 130 -10.67 21.10 -2.71
CA LYS K 130 -11.54 21.35 -1.56
C LYS K 130 -12.23 22.70 -1.67
N ARG K 131 -11.54 23.69 -2.19
CA ARG K 131 -12.17 24.99 -2.43
C ARG K 131 -13.30 24.87 -3.43
N ARG K 132 -13.08 24.15 -4.53
CA ARG K 132 -14.14 23.97 -5.51
C ARG K 132 -15.30 23.14 -4.96
N ILE K 133 -15.04 22.26 -3.99
CA ILE K 133 -16.13 21.51 -3.37
C ILE K 133 -16.94 22.41 -2.46
N LEU K 134 -16.28 23.16 -1.59
CA LEU K 134 -16.97 24.00 -0.62
C LEU K 134 -17.62 25.21 -1.27
N ALA K 135 -17.21 25.58 -2.48
CA ALA K 135 -17.89 26.67 -3.19
C ALA K 135 -19.33 26.33 -3.52
N MET K 136 -19.65 25.04 -3.65
CA MET K 136 -21.04 24.66 -3.91
C MET K 136 -21.95 25.01 -2.75
N ALA K 137 -21.41 25.12 -1.54
CA ALA K 137 -22.22 25.40 -0.38
C ALA K 137 -22.64 26.87 -0.29
N GLN K 138 -22.01 27.76 -1.03
CA GLN K 138 -22.29 29.18 -0.91
C GLN K 138 -23.72 29.48 -1.35
N PRO K 139 -24.34 30.52 -0.80
CA PRO K 139 -25.71 30.87 -1.21
C PRO K 139 -25.78 31.20 -2.69
N ASP K 140 -26.85 30.74 -3.33
CA ASP K 140 -27.06 30.97 -4.75
C ASP K 140 -27.33 32.45 -5.03
N ALA K 141 -27.59 32.79 -6.30
CA ALA K 141 -27.83 34.18 -6.67
C ALA K 141 -29.06 34.77 -5.97
N ASP K 142 -29.98 33.93 -5.50
CA ASP K 142 -31.18 34.41 -4.82
C ASP K 142 -31.12 34.17 -3.31
N GLY K 143 -29.97 33.75 -2.78
CA GLY K 143 -29.82 33.53 -1.37
C GLY K 143 -30.27 32.17 -0.88
N ASN K 144 -30.66 31.27 -1.78
CA ASN K 144 -31.09 29.94 -1.38
C ASN K 144 -29.86 29.06 -1.17
N ARG K 145 -29.69 28.60 0.03
CA ARG K 145 -28.51 27.88 0.43
C ARG K 145 -28.78 26.38 0.43
N PRO K 146 -28.00 25.58 -0.29
CA PRO K 146 -28.31 24.15 -0.40
C PRO K 146 -28.26 23.46 0.95
N ASP K 147 -29.16 22.50 1.14
CA ASP K 147 -29.17 21.74 2.38
C ASP K 147 -28.22 20.55 2.32
N VAL K 148 -28.11 19.91 1.16
CA VAL K 148 -27.19 18.80 0.95
C VAL K 148 -26.50 18.98 -0.38
N VAL K 149 -25.18 18.82 -0.39
CA VAL K 149 -24.38 18.78 -1.61
C VAL K 149 -23.98 17.33 -1.85
N ILE K 150 -24.44 16.74 -2.95
CA ILE K 150 -24.08 15.38 -3.31
C ILE K 150 -22.99 15.43 -4.36
N THR K 151 -21.81 14.92 -4.02
CA THR K 151 -20.64 14.95 -4.90
C THR K 151 -20.34 13.54 -5.36
N GLU K 152 -20.25 13.35 -6.67
CA GLU K 152 -19.91 12.05 -7.25
C GLU K 152 -18.44 12.06 -7.65
N ILE K 153 -17.67 11.15 -7.08
CA ILE K 153 -16.27 11.00 -7.41
C ILE K 153 -16.17 9.97 -8.53
N GLY K 154 -15.89 10.44 -9.74
CA GLY K 154 -15.80 9.55 -10.88
C GLY K 154 -14.60 8.63 -10.81
N GLY K 155 -14.68 7.55 -11.57
CA GLY K 155 -13.61 6.58 -11.60
C GLY K 155 -13.81 5.46 -10.60
N THR K 156 -12.71 4.90 -10.12
CA THR K 156 -12.72 3.81 -9.17
C THR K 156 -11.67 4.06 -8.09
N VAL K 157 -11.97 3.61 -6.87
CA VAL K 157 -11.02 3.73 -5.77
C VAL K 157 -9.80 2.88 -6.10
N GLY K 158 -8.63 3.51 -6.07
CA GLY K 158 -7.40 2.84 -6.44
C GLY K 158 -6.88 3.18 -7.82
N ASP K 159 -7.62 3.98 -8.59
CA ASP K 159 -7.03 4.59 -9.77
C ASP K 159 -6.06 5.70 -9.34
N ILE K 160 -4.94 5.79 -10.04
CA ILE K 160 -3.95 6.82 -9.71
C ILE K 160 -4.57 8.20 -9.77
N GLU K 161 -5.50 8.41 -10.70
CA GLU K 161 -6.06 9.74 -10.94
C GLU K 161 -7.04 10.16 -9.85
N SER K 162 -7.59 9.22 -9.10
CA SER K 162 -8.55 9.55 -8.05
C SER K 162 -7.89 9.98 -6.75
N GLN K 163 -6.58 9.79 -6.62
CA GLN K 163 -5.94 10.03 -5.34
C GLN K 163 -6.11 11.45 -4.83
N PRO K 164 -6.00 12.50 -5.64
CA PRO K 164 -6.19 13.85 -5.10
C PRO K 164 -7.61 14.13 -4.68
N PHE K 165 -8.61 13.63 -5.42
CA PHE K 165 -9.99 13.90 -5.06
C PHE K 165 -10.38 13.22 -3.77
N LEU K 166 -9.94 11.98 -3.57
CA LEU K 166 -10.26 11.30 -2.32
C LEU K 166 -9.51 11.90 -1.14
N GLU K 167 -8.31 12.43 -1.37
CA GLU K 167 -7.62 13.15 -0.30
C GLU K 167 -8.35 14.45 0.04
N ALA K 168 -8.90 15.13 -0.97
CA ALA K 168 -9.70 16.31 -0.69
C ALA K 168 -10.96 15.95 0.08
N ALA K 169 -11.60 14.84 -0.27
CA ALA K 169 -12.77 14.39 0.48
C ALA K 169 -12.41 14.07 1.92
N ARG K 170 -11.27 13.44 2.14
CA ARG K 170 -10.82 13.16 3.50
C ARG K 170 -10.58 14.46 4.27
N GLN K 171 -9.98 15.45 3.63
CA GLN K 171 -9.78 16.73 4.30
C GLN K 171 -11.09 17.41 4.61
N VAL K 172 -12.08 17.30 3.73
CA VAL K 172 -13.40 17.87 4.01
C VAL K 172 -14.02 17.18 5.21
N ARG K 173 -13.90 15.86 5.30
CA ARG K 173 -14.40 15.16 6.49
C ARG K 173 -13.67 15.61 7.74
N HIS K 174 -12.39 15.91 7.63
CA HIS K 174 -11.65 16.40 8.80
C HIS K 174 -12.13 17.78 9.21
N TYR K 175 -12.27 18.69 8.25
CA TYR K 175 -12.66 20.07 8.53
C TYR K 175 -14.06 20.14 9.12
N LEU K 176 -15.05 19.51 8.46
CA LEU K 176 -16.44 19.62 8.89
C LEU K 176 -16.86 18.59 9.91
N GLY K 177 -16.08 17.53 10.13
CA GLY K 177 -16.43 16.51 11.07
C GLY K 177 -17.45 15.52 10.53
N ARG K 178 -17.68 14.46 11.29
CA ARG K 178 -18.53 13.37 10.82
C ARG K 178 -20.00 13.73 10.82
N GLU K 179 -20.42 14.72 11.62
CA GLU K 179 -21.84 15.07 11.64
C GLU K 179 -22.30 15.72 10.35
N ASP K 180 -21.38 16.12 9.48
CA ASP K 180 -21.73 16.81 8.24
C ASP K 180 -21.39 16.04 6.98
N VAL K 181 -20.52 15.04 7.05
CA VAL K 181 -20.01 14.38 5.84
C VAL K 181 -20.35 12.90 5.91
N PHE K 182 -20.95 12.39 4.83
CA PHE K 182 -21.44 11.03 4.71
C PHE K 182 -20.85 10.41 3.45
N PHE K 183 -20.31 9.20 3.56
CA PHE K 183 -19.67 8.51 2.45
C PHE K 183 -20.52 7.34 2.00
N LEU K 184 -20.98 7.38 0.76
CA LEU K 184 -21.74 6.29 0.15
C LEU K 184 -20.84 5.59 -0.87
N HIS K 185 -20.67 4.28 -0.73
CA HIS K 185 -19.76 3.51 -1.57
C HIS K 185 -20.55 2.50 -2.37
N VAL K 186 -20.36 2.51 -3.69
CA VAL K 186 -21.06 1.63 -4.61
C VAL K 186 -20.09 0.55 -5.08
N SER K 187 -20.50 -0.71 -5.00
CA SER K 187 -19.61 -1.82 -5.26
C SER K 187 -20.37 -2.95 -5.93
N LEU K 188 -19.63 -3.83 -6.61
CA LEU K 188 -20.21 -4.88 -7.44
C LEU K 188 -20.13 -6.23 -6.72
N VAL K 189 -21.21 -7.00 -6.82
CA VAL K 189 -21.24 -8.36 -6.31
C VAL K 189 -21.43 -9.31 -7.50
N PRO K 190 -20.37 -9.90 -8.03
CA PRO K 190 -20.51 -10.74 -9.22
C PRO K 190 -21.08 -12.11 -8.90
N TYR K 191 -21.80 -12.65 -9.88
CA TYR K 191 -22.35 -14.00 -9.81
C TYR K 191 -21.53 -14.91 -10.71
N LEU K 192 -21.02 -16.00 -10.14
CA LEU K 192 -20.22 -16.97 -10.88
C LEU K 192 -21.10 -18.17 -11.22
N ALA K 193 -21.46 -18.30 -12.49
CA ALA K 193 -22.41 -19.33 -12.89
C ALA K 193 -21.93 -20.75 -12.59
N PRO K 194 -20.67 -21.12 -12.83
CA PRO K 194 -20.29 -22.52 -12.63
C PRO K 194 -20.54 -23.06 -11.24
N SER K 195 -20.33 -22.25 -10.19
CA SER K 195 -20.55 -22.69 -8.83
C SER K 195 -21.79 -22.08 -8.20
N GLY K 196 -22.51 -21.22 -8.92
CA GLY K 196 -23.79 -20.73 -8.45
C GLY K 196 -23.74 -20.00 -7.13
N GLU K 197 -22.79 -19.06 -6.98
CA GLU K 197 -22.62 -18.34 -5.74
C GLU K 197 -22.29 -16.89 -6.03
N LEU K 198 -22.86 -15.98 -5.24
CA LEU K 198 -22.44 -14.58 -5.27
C LEU K 198 -21.17 -14.44 -4.45
N LYS K 199 -20.26 -13.59 -4.92
CA LYS K 199 -18.96 -13.42 -4.29
C LYS K 199 -18.86 -12.02 -3.69
N THR K 200 -18.54 -11.95 -2.40
CA THR K 200 -18.38 -10.68 -1.71
C THR K 200 -16.94 -10.19 -1.68
N LYS K 201 -15.98 -11.01 -2.07
CA LYS K 201 -14.58 -10.62 -1.94
C LYS K 201 -14.24 -9.33 -2.68
N PRO K 202 -14.72 -9.09 -3.90
CA PRO K 202 -14.44 -7.80 -4.53
C PRO K 202 -14.87 -6.61 -3.69
N THR K 203 -16.02 -6.71 -3.03
CA THR K 203 -16.47 -5.64 -2.15
C THR K 203 -15.54 -5.48 -0.96
N GLN K 204 -15.12 -6.58 -0.35
CA GLN K 204 -14.21 -6.49 0.79
C GLN K 204 -12.91 -5.81 0.39
N HIS K 205 -12.34 -6.22 -0.75
CA HIS K 205 -11.10 -5.59 -1.19
C HIS K 205 -11.30 -4.13 -1.53
N SER K 206 -12.45 -3.76 -2.10
CA SER K 206 -12.67 -2.35 -2.40
C SER K 206 -12.81 -1.52 -1.14
N VAL K 207 -13.54 -2.03 -0.14
CA VAL K 207 -13.68 -1.30 1.11
C VAL K 207 -12.34 -1.19 1.82
N ALA K 208 -11.52 -2.24 1.74
CA ALA K 208 -10.19 -2.18 2.34
C ALA K 208 -9.32 -1.15 1.62
N ALA K 209 -9.42 -1.10 0.29
CA ALA K 209 -8.69 -0.09 -0.46
C ALA K 209 -9.12 1.31 -0.07
N LEU K 210 -10.42 1.49 0.14
CA LEU K 210 -10.93 2.80 0.57
C LEU K 210 -10.42 3.15 1.96
N ARG K 211 -10.45 2.19 2.89
CA ARG K 211 -9.94 2.44 4.23
C ARG K 211 -8.45 2.73 4.22
N SER K 212 -7.71 2.22 3.25
CA SER K 212 -6.27 2.44 3.21
C SER K 212 -5.91 3.88 2.89
N ILE K 213 -6.86 4.72 2.51
CA ILE K 213 -6.63 6.15 2.30
C ILE K 213 -7.36 7.00 3.34
N GLY K 214 -7.98 6.36 4.33
CA GLY K 214 -8.57 7.09 5.42
C GLY K 214 -10.04 7.40 5.32
N ILE K 215 -10.80 6.67 4.50
CA ILE K 215 -12.23 6.87 4.36
C ILE K 215 -12.93 5.60 4.83
N THR K 216 -13.90 5.76 5.73
CA THR K 216 -14.75 4.66 6.17
C THR K 216 -16.14 4.84 5.59
N PRO K 217 -16.62 3.95 4.72
CA PRO K 217 -17.95 4.15 4.16
C PRO K 217 -19.04 4.07 5.22
N ASP K 218 -20.06 4.90 5.07
CA ASP K 218 -21.22 4.83 5.95
C ASP K 218 -22.25 3.85 5.44
N ALA K 219 -22.33 3.65 4.12
CA ALA K 219 -23.28 2.71 3.54
C ALA K 219 -22.66 2.10 2.29
N LEU K 220 -23.12 0.91 1.93
CA LEU K 220 -22.68 0.21 0.73
C LEU K 220 -23.89 -0.03 -0.16
N ILE K 221 -23.75 0.33 -1.44
CA ILE K 221 -24.74 -0.02 -2.45
C ILE K 221 -24.21 -1.24 -3.19
N LEU K 222 -24.83 -2.40 -2.96
CA LEU K 222 -24.38 -3.65 -3.56
C LEU K 222 -25.09 -3.81 -4.89
N ARG K 223 -24.42 -3.45 -5.98
CA ARG K 223 -24.95 -3.65 -7.31
C ARG K 223 -24.85 -5.13 -7.68
N CYS K 224 -25.94 -5.68 -8.19
CA CYS K 224 -26.00 -7.10 -8.49
C CYS K 224 -27.01 -7.31 -9.61
N ASP K 225 -26.94 -8.50 -10.22
CA ASP K 225 -27.94 -8.87 -11.21
C ASP K 225 -29.17 -9.53 -10.58
N ARG K 226 -29.08 -9.93 -9.31
CA ARG K 226 -30.20 -10.54 -8.60
C ARG K 226 -30.19 -10.03 -7.17
N ASP K 227 -31.33 -10.13 -6.51
CA ASP K 227 -31.43 -9.63 -5.14
C ASP K 227 -30.48 -10.40 -4.23
N VAL K 228 -29.69 -9.66 -3.46
CA VAL K 228 -28.64 -10.28 -2.64
C VAL K 228 -29.28 -11.00 -1.46
N PRO K 229 -28.89 -12.24 -1.17
CA PRO K 229 -29.41 -12.89 0.05
C PRO K 229 -29.04 -12.11 1.29
N GLU K 230 -29.82 -12.33 2.36
CA GLU K 230 -29.57 -11.63 3.62
C GLU K 230 -28.28 -12.09 4.29
N ALA K 231 -27.95 -13.37 4.16
CA ALA K 231 -26.72 -13.87 4.78
C ALA K 231 -25.49 -13.17 4.22
N LEU K 232 -25.49 -12.87 2.92
CA LEU K 232 -24.37 -12.16 2.34
C LEU K 232 -24.29 -10.73 2.88
N LYS K 233 -25.43 -10.07 3.05
CA LYS K 233 -25.41 -8.73 3.63
C LYS K 233 -24.87 -8.77 5.05
N ASN K 234 -25.25 -9.78 5.83
CA ASN K 234 -24.69 -9.90 7.17
C ASN K 234 -23.19 -10.11 7.13
N LYS K 235 -22.71 -10.98 6.24
CA LYS K 235 -21.28 -11.19 6.11
C LYS K 235 -20.56 -9.91 5.74
N ILE K 236 -21.11 -9.18 4.77
CA ILE K 236 -20.47 -7.94 4.32
C ILE K 236 -20.44 -6.92 5.44
N ALA K 237 -21.54 -6.77 6.16
CA ALA K 237 -21.59 -5.83 7.27
C ALA K 237 -20.52 -6.19 8.31
N LEU K 238 -20.41 -7.47 8.64
CA LEU K 238 -19.44 -7.88 9.64
C LEU K 238 -18.01 -7.61 9.17
N MET K 239 -17.69 -8.07 7.95
CA MET K 239 -16.31 -7.96 7.47
C MET K 239 -15.91 -6.52 7.21
N CYS K 240 -16.84 -5.67 6.82
CA CYS K 240 -16.54 -4.33 6.34
C CYS K 240 -16.76 -3.23 7.37
N ASP K 241 -17.20 -3.58 8.58
CA ASP K 241 -17.46 -2.60 9.64
C ASP K 241 -18.42 -1.52 9.16
N VAL K 242 -19.53 -1.96 8.57
CA VAL K 242 -20.61 -1.08 8.13
C VAL K 242 -21.87 -1.49 8.88
N ASP K 243 -22.64 -0.50 9.32
CA ASP K 243 -23.89 -0.77 10.00
C ASP K 243 -24.80 -1.60 9.10
N ILE K 244 -25.39 -2.66 9.65
CA ILE K 244 -26.22 -3.55 8.85
C ILE K 244 -27.38 -2.80 8.21
N ASP K 245 -27.78 -1.67 8.78
CA ASP K 245 -28.75 -0.81 8.12
C ASP K 245 -28.21 -0.24 6.82
N GLY K 246 -26.89 -0.15 6.69
CA GLY K 246 -26.26 0.54 5.59
C GLY K 246 -25.85 -0.29 4.41
N VAL K 247 -26.14 -1.59 4.41
CA VAL K 247 -25.85 -2.45 3.26
C VAL K 247 -27.13 -2.56 2.44
N ILE K 248 -27.10 -1.98 1.24
CA ILE K 248 -28.30 -1.77 0.43
C ILE K 248 -28.17 -2.63 -0.82
N SER K 249 -29.11 -3.56 -0.98
CA SER K 249 -29.15 -4.42 -2.17
C SER K 249 -29.84 -3.68 -3.31
N THR K 250 -29.16 -3.55 -4.45
CA THR K 250 -29.61 -2.70 -5.55
C THR K 250 -29.55 -3.46 -6.87
N PRO K 251 -30.45 -4.41 -7.07
CA PRO K 251 -30.40 -5.22 -8.30
C PRO K 251 -30.76 -4.42 -9.53
N ASP K 252 -30.37 -4.95 -10.68
CA ASP K 252 -30.60 -4.30 -11.97
C ASP K 252 -32.08 -4.14 -12.25
N ALA K 253 -32.58 -2.91 -12.19
CA ALA K 253 -33.98 -2.66 -12.38
C ALA K 253 -34.35 -2.67 -13.87
N PRO K 254 -35.57 -3.07 -14.21
CA PRO K 254 -35.96 -3.10 -15.63
C PRO K 254 -35.88 -1.76 -16.31
N SER K 255 -36.09 -0.67 -15.58
CA SER K 255 -35.86 0.67 -16.10
C SER K 255 -35.21 1.51 -15.02
N ILE K 256 -34.50 2.55 -15.46
CA ILE K 256 -33.78 3.40 -14.52
C ILE K 256 -34.72 4.15 -13.58
N TYR K 257 -35.98 4.33 -13.97
CA TYR K 257 -36.90 5.09 -13.14
C TYR K 257 -37.42 4.31 -11.95
N ASP K 258 -37.20 2.99 -11.91
CA ASP K 258 -37.54 2.23 -10.72
C ASP K 258 -36.54 2.44 -9.58
N ILE K 259 -35.37 2.99 -9.88
CA ILE K 259 -34.30 3.05 -8.87
C ILE K 259 -34.73 3.85 -7.65
N PRO K 260 -35.40 4.99 -7.77
CA PRO K 260 -35.87 5.67 -6.54
C PRO K 260 -36.73 4.77 -5.68
N LYS K 261 -37.59 3.97 -6.28
CA LYS K 261 -38.41 3.04 -5.51
C LYS K 261 -37.55 1.98 -4.83
N VAL K 262 -36.53 1.47 -5.52
CA VAL K 262 -35.66 0.47 -4.92
C VAL K 262 -34.94 1.06 -3.71
N LEU K 263 -34.38 2.26 -3.86
CA LEU K 263 -33.65 2.87 -2.76
C LEU K 263 -34.57 3.20 -1.60
N HIS K 264 -35.78 3.70 -1.88
CA HIS K 264 -36.73 3.99 -0.81
C HIS K 264 -37.16 2.72 -0.10
N ARG K 265 -37.47 1.66 -0.85
CA ARG K 265 -37.89 0.39 -0.27
C ARG K 265 -36.81 -0.16 0.67
N GLU K 266 -35.55 0.02 0.32
CA GLU K 266 -34.44 -0.39 1.17
C GLU K 266 -34.15 0.62 2.28
N GLU K 267 -34.82 1.78 2.28
CA GLU K 267 -34.67 2.78 3.30
C GLU K 267 -33.27 3.38 3.30
N LEU K 268 -32.70 3.60 2.12
CA LEU K 268 -31.43 4.33 2.04
C LEU K 268 -31.63 5.79 2.42
N ASP K 269 -32.69 6.41 1.90
CA ASP K 269 -32.94 7.82 2.19
C ASP K 269 -33.19 8.04 3.68
N ALA K 270 -33.95 7.14 4.30
CA ALA K 270 -34.15 7.23 5.74
C ALA K 270 -32.84 7.13 6.49
N PHE K 271 -31.97 6.20 6.08
CA PHE K 271 -30.68 6.03 6.74
C PHE K 271 -29.83 7.29 6.61
N VAL K 272 -29.77 7.86 5.40
CA VAL K 272 -29.00 9.07 5.18
C VAL K 272 -29.54 10.22 6.03
N VAL K 273 -30.87 10.38 6.05
CA VAL K 273 -31.48 11.48 6.79
C VAL K 273 -31.20 11.34 8.27
N ARG K 274 -31.39 10.14 8.82
CA ARG K 274 -31.06 9.93 10.23
C ARG K 274 -29.60 10.25 10.51
N ARG K 275 -28.70 9.72 9.68
CA ARG K 275 -27.28 9.80 9.97
C ARG K 275 -26.78 11.25 9.88
N LEU K 276 -27.29 12.02 8.92
CA LEU K 276 -26.92 13.42 8.81
C LEU K 276 -27.75 14.33 9.69
N ASN K 277 -28.77 13.80 10.37
CA ASN K 277 -29.60 14.60 11.27
C ASN K 277 -30.30 15.73 10.51
N LEU K 278 -30.82 15.42 9.33
CA LEU K 278 -31.54 16.41 8.55
C LEU K 278 -33.02 16.44 8.94
N PRO K 279 -33.66 17.60 8.85
CA PRO K 279 -35.11 17.66 9.02
C PRO K 279 -35.82 17.21 7.75
N PHE K 280 -36.91 16.47 7.91
CA PHE K 280 -37.51 15.78 6.78
C PHE K 280 -39.03 15.77 6.87
N ARG K 281 -39.64 15.31 5.78
CA ARG K 281 -41.04 14.92 5.75
C ARG K 281 -41.18 13.77 4.77
N ASP K 282 -42.30 13.06 4.85
CA ASP K 282 -42.48 11.88 4.02
C ASP K 282 -42.51 12.24 2.54
N VAL K 283 -42.08 11.30 1.71
CA VAL K 283 -42.04 11.49 0.26
C VAL K 283 -43.46 11.52 -0.29
N ASP K 284 -43.77 12.53 -1.08
CA ASP K 284 -45.04 12.60 -1.80
C ASP K 284 -44.85 11.90 -3.15
N TRP K 285 -45.32 10.66 -3.24
CA TRP K 285 -45.08 9.82 -4.41
C TRP K 285 -46.03 10.09 -5.57
N THR K 286 -46.86 11.12 -5.51
CA THR K 286 -47.91 11.28 -6.51
C THR K 286 -47.33 11.37 -7.92
N GLU K 287 -46.39 12.30 -8.13
CA GLU K 287 -45.85 12.53 -9.46
C GLU K 287 -45.13 11.31 -9.99
N TRP K 288 -44.21 10.75 -9.20
CA TRP K 288 -43.40 9.65 -9.70
C TRP K 288 -44.22 8.39 -9.85
N ASP K 289 -45.28 8.21 -9.05
CA ASP K 289 -46.18 7.10 -9.27
C ASP K 289 -46.88 7.24 -10.62
N ASP K 290 -47.28 8.46 -10.99
CA ASP K 290 -47.86 8.64 -12.31
C ASP K 290 -46.83 8.31 -13.40
N LEU K 291 -45.60 8.77 -13.22
CA LEU K 291 -44.55 8.46 -14.19
C LEU K 291 -44.38 6.95 -14.34
N LEU K 292 -44.34 6.23 -13.23
CA LEU K 292 -44.12 4.79 -13.28
C LEU K 292 -45.33 4.04 -13.80
N ARG K 293 -46.53 4.61 -13.68
CA ARG K 293 -47.66 4.06 -14.41
C ARG K 293 -47.45 4.19 -15.91
N ARG K 294 -47.02 5.38 -16.36
CA ARG K 294 -46.76 5.53 -17.79
C ARG K 294 -45.65 4.59 -18.26
N VAL K 295 -44.70 4.27 -17.37
CA VAL K 295 -43.64 3.35 -17.73
C VAL K 295 -44.17 1.91 -17.84
N HIS K 296 -44.73 1.39 -16.74
CA HIS K 296 -44.99 -0.05 -16.65
C HIS K 296 -46.32 -0.48 -17.21
N GLU K 297 -47.27 0.42 -17.44
CA GLU K 297 -48.61 0.06 -17.89
C GLU K 297 -49.01 0.91 -19.09
N PRO K 298 -48.30 0.79 -20.21
CA PRO K 298 -48.68 1.53 -21.42
C PRO K 298 -49.86 0.86 -22.12
N HIS K 299 -50.57 1.68 -22.91
CA HIS K 299 -51.71 1.17 -23.65
C HIS K 299 -51.32 0.51 -24.96
N GLU K 300 -50.19 0.89 -25.55
CA GLU K 300 -49.79 0.36 -26.85
C GLU K 300 -48.27 0.29 -26.92
N THR K 301 -47.75 -0.02 -28.11
CA THR K 301 -46.33 -0.21 -28.31
C THR K 301 -45.96 0.21 -29.73
N VAL K 302 -44.74 0.69 -29.89
CA VAL K 302 -44.24 1.11 -31.20
C VAL K 302 -42.73 0.87 -31.24
N ARG K 303 -42.24 0.46 -32.41
CA ARG K 303 -40.82 0.15 -32.60
C ARG K 303 -40.16 1.25 -33.43
N ILE K 304 -39.04 1.75 -32.94
CA ILE K 304 -38.30 2.82 -33.58
C ILE K 304 -36.85 2.36 -33.80
N ALA K 305 -36.35 2.55 -35.02
CA ALA K 305 -34.97 2.26 -35.32
C ALA K 305 -34.07 3.42 -34.92
N LEU K 306 -32.96 3.11 -34.26
CA LEU K 306 -31.91 4.07 -33.96
C LEU K 306 -30.73 3.72 -34.85
N VAL K 307 -30.38 4.63 -35.76
CA VAL K 307 -29.37 4.39 -36.78
C VAL K 307 -28.12 5.21 -36.43
N GLY K 308 -27.01 4.53 -36.22
CA GLY K 308 -25.76 5.21 -35.90
C GLY K 308 -24.60 4.25 -36.00
N LYS K 309 -23.40 4.80 -35.81
CA LYS K 309 -22.18 3.99 -35.79
C LYS K 309 -21.91 3.40 -34.41
N TYR K 310 -22.07 4.18 -33.35
CA TYR K 310 -21.79 3.68 -32.00
C TYR K 310 -22.85 2.73 -31.49
N VAL K 311 -23.86 2.41 -32.30
CA VAL K 311 -24.94 1.55 -31.86
C VAL K 311 -24.47 0.13 -31.53
N GLU K 312 -23.21 -0.18 -31.81
CA GLU K 312 -22.71 -1.53 -31.55
C GLU K 312 -22.54 -1.74 -30.05
N LEU K 313 -23.67 -1.90 -29.35
CA LEU K 313 -23.67 -2.22 -27.92
C LEU K 313 -22.92 -1.17 -27.11
N SER K 314 -23.38 0.08 -27.21
CA SER K 314 -22.83 1.16 -26.41
C SER K 314 -23.91 2.17 -26.10
N ASP K 315 -23.80 2.81 -24.94
CA ASP K 315 -24.72 3.86 -24.51
C ASP K 315 -24.30 5.23 -25.02
N ALA K 316 -24.00 5.34 -26.31
CA ALA K 316 -23.61 6.62 -26.88
C ALA K 316 -24.79 7.53 -27.15
N TYR K 317 -26.01 7.02 -26.99
CA TYR K 317 -27.22 7.75 -27.35
C TYR K 317 -28.20 7.79 -26.19
N LEU K 318 -27.69 7.85 -24.95
CA LEU K 318 -28.55 7.69 -23.78
C LEU K 318 -29.63 8.75 -23.72
N SER K 319 -29.25 10.02 -23.93
CA SER K 319 -30.23 11.09 -23.85
C SER K 319 -31.31 10.93 -24.92
N VAL K 320 -30.92 10.51 -26.13
CA VAL K 320 -31.90 10.35 -27.20
C VAL K 320 -32.85 9.20 -26.88
N ALA K 321 -32.32 8.07 -26.41
CA ALA K 321 -33.19 6.95 -26.07
C ALA K 321 -34.15 7.32 -24.97
N GLU K 322 -33.67 8.05 -23.95
CA GLU K 322 -34.55 8.46 -22.86
C GLU K 322 -35.57 9.48 -23.34
N ALA K 323 -35.20 10.40 -24.23
CA ALA K 323 -36.17 11.35 -24.74
C ALA K 323 -37.23 10.65 -25.59
N LEU K 324 -36.84 9.63 -26.35
CA LEU K 324 -37.81 8.81 -27.06
C LEU K 324 -38.79 8.17 -26.08
N ARG K 325 -38.27 7.57 -25.01
CA ARG K 325 -39.16 6.91 -24.06
C ARG K 325 -40.03 7.93 -23.33
N ALA K 326 -39.52 9.13 -23.08
CA ALA K 326 -40.35 10.17 -22.48
C ALA K 326 -41.48 10.58 -23.41
N GLY K 327 -41.18 10.70 -24.71
CA GLY K 327 -42.24 10.93 -25.67
C GLY K 327 -43.28 9.84 -25.64
N GLY K 328 -42.84 8.58 -25.55
CA GLY K 328 -43.78 7.49 -25.39
C GLY K 328 -44.62 7.64 -24.14
N PHE K 329 -44.00 8.09 -23.05
CA PHE K 329 -44.73 8.27 -21.79
C PHE K 329 -45.80 9.33 -21.91
N LYS K 330 -45.54 10.39 -22.67
CA LYS K 330 -46.57 11.42 -22.85
C LYS K 330 -47.83 10.83 -23.49
N HIS K 331 -47.67 9.87 -24.39
CA HIS K 331 -48.80 9.22 -25.05
C HIS K 331 -49.21 7.91 -24.39
N ARG K 332 -48.53 7.51 -23.33
CA ARG K 332 -48.76 6.19 -22.72
C ARG K 332 -48.59 5.07 -23.75
N ALA K 333 -47.52 5.16 -24.53
CA ALA K 333 -47.09 4.08 -25.41
C ALA K 333 -45.72 3.59 -24.98
N LYS K 334 -45.52 2.28 -25.06
CA LYS K 334 -44.18 1.72 -24.94
C LYS K 334 -43.42 1.94 -26.24
N VAL K 335 -42.23 2.52 -26.14
CA VAL K 335 -41.36 2.69 -27.29
C VAL K 335 -40.26 1.65 -27.19
N GLU K 336 -40.17 0.78 -28.20
CA GLU K 336 -39.12 -0.22 -28.29
C GLU K 336 -38.09 0.25 -29.31
N ILE K 337 -36.82 0.20 -28.93
CA ILE K 337 -35.74 0.72 -29.75
C ILE K 337 -35.04 -0.44 -30.44
N CYS K 338 -34.96 -0.37 -31.77
CA CYS K 338 -34.22 -1.31 -32.58
C CYS K 338 -32.91 -0.65 -32.96
N TRP K 339 -31.80 -1.19 -32.48
CA TRP K 339 -30.48 -0.60 -32.70
C TRP K 339 -29.97 -1.04 -34.06
N VAL K 340 -29.90 -0.12 -35.00
CA VAL K 340 -29.61 -0.40 -36.41
C VAL K 340 -28.29 0.24 -36.77
N ALA K 341 -27.37 -0.56 -37.32
CA ALA K 341 -26.10 -0.03 -37.79
C ALA K 341 -26.32 0.82 -39.04
N SER K 342 -25.64 1.96 -39.11
CA SER K 342 -25.75 2.83 -40.27
C SER K 342 -25.25 2.13 -41.53
N ASP K 343 -24.16 1.37 -41.41
CA ASP K 343 -23.49 0.83 -42.58
C ASP K 343 -24.26 -0.30 -43.26
N GLY K 344 -25.21 -0.93 -42.55
CA GLY K 344 -26.10 -1.85 -43.22
C GLY K 344 -27.17 -1.20 -44.07
N CYS K 345 -27.32 0.12 -43.95
CA CYS K 345 -28.32 0.86 -44.70
C CYS K 345 -27.75 1.58 -45.91
N GLU K 346 -26.46 1.36 -46.22
CA GLU K 346 -25.86 2.01 -47.38
C GLU K 346 -26.49 1.52 -48.68
N THR K 347 -26.73 0.22 -48.78
CA THR K 347 -27.45 -0.34 -49.93
C THR K 347 -28.95 -0.29 -49.66
N THR K 348 -29.72 -0.08 -50.73
CA THR K 348 -31.16 0.01 -50.58
C THR K 348 -31.74 -1.30 -50.06
N SER K 349 -31.21 -2.43 -50.54
CA SER K 349 -31.65 -3.71 -50.02
C SER K 349 -31.29 -3.88 -48.55
N GLY K 350 -30.08 -3.45 -48.17
CA GLY K 350 -29.70 -3.50 -46.77
C GLY K 350 -30.55 -2.60 -45.90
N ALA K 351 -30.85 -1.39 -46.39
CA ALA K 351 -31.74 -0.50 -45.67
C ALA K 351 -33.11 -1.12 -45.49
N ALA K 352 -33.64 -1.75 -46.54
CA ALA K 352 -34.93 -2.40 -46.44
C ALA K 352 -34.88 -3.55 -45.43
N ALA K 353 -33.82 -4.33 -45.44
CA ALA K 353 -33.70 -5.44 -44.51
C ALA K 353 -33.63 -4.94 -43.07
N ALA K 354 -32.92 -3.84 -42.84
CA ALA K 354 -32.79 -3.32 -41.48
C ALA K 354 -34.10 -2.69 -41.00
N LEU K 355 -34.69 -1.80 -41.81
CA LEU K 355 -35.74 -0.90 -41.34
C LEU K 355 -37.15 -1.43 -41.56
N GLY K 356 -37.34 -2.43 -42.42
CA GLY K 356 -38.68 -2.74 -42.90
C GLY K 356 -39.69 -3.05 -41.81
N ASP K 357 -39.24 -3.50 -40.64
CA ASP K 357 -40.14 -3.91 -39.57
C ASP K 357 -40.50 -2.78 -38.61
N VAL K 358 -39.80 -1.65 -38.65
CA VAL K 358 -40.00 -0.59 -37.67
C VAL K 358 -41.13 0.34 -38.07
N HIS K 359 -41.53 1.21 -37.14
CA HIS K 359 -42.56 2.21 -37.36
C HIS K 359 -42.00 3.63 -37.41
N GLY K 360 -40.69 3.80 -37.30
CA GLY K 360 -40.08 5.12 -37.40
C GLY K 360 -38.58 4.99 -37.28
N VAL K 361 -37.89 6.03 -37.77
CA VAL K 361 -36.44 6.03 -37.85
C VAL K 361 -35.92 7.31 -37.22
N LEU K 362 -34.84 7.19 -36.45
CA LEU K 362 -34.18 8.33 -35.83
C LEU K 362 -32.73 8.37 -36.25
N ILE K 363 -32.28 9.53 -36.72
CA ILE K 363 -30.89 9.74 -37.10
C ILE K 363 -30.28 10.71 -36.10
N PRO K 364 -29.59 10.23 -35.07
CA PRO K 364 -29.03 11.14 -34.07
C PRO K 364 -27.70 11.73 -34.51
N GLY K 365 -27.31 12.79 -33.82
CA GLY K 365 -26.06 13.46 -34.12
C GLY K 365 -24.85 12.74 -33.55
N GLY K 366 -23.68 13.27 -33.90
CA GLY K 366 -22.43 12.70 -33.43
C GLY K 366 -21.27 13.52 -33.96
N PHE K 367 -20.07 13.14 -33.51
CA PHE K 367 -18.84 13.81 -33.91
C PHE K 367 -17.77 12.75 -34.16
N GLY K 368 -16.82 13.09 -35.03
CA GLY K 368 -15.90 12.08 -35.51
C GLY K 368 -16.58 11.00 -36.33
N ILE K 369 -17.79 11.27 -36.79
CA ILE K 369 -18.59 10.27 -37.48
C ILE K 369 -18.14 10.14 -38.93
N ARG K 370 -18.42 8.98 -39.52
CA ARG K 370 -18.12 8.72 -40.91
C ARG K 370 -19.16 7.79 -41.49
N GLY K 371 -19.21 7.72 -42.82
CA GLY K 371 -20.11 6.80 -43.49
C GLY K 371 -21.54 7.28 -43.56
N ILE K 372 -21.76 8.59 -43.58
CA ILE K 372 -23.12 9.12 -43.61
C ILE K 372 -23.87 8.72 -44.87
N GLU K 373 -23.18 8.13 -45.84
CA GLU K 373 -23.87 7.55 -46.99
C GLU K 373 -24.93 6.56 -46.51
N GLY K 374 -24.61 5.75 -45.50
CA GLY K 374 -25.60 4.84 -44.95
C GLY K 374 -26.74 5.56 -44.26
N LYS K 375 -26.44 6.62 -43.52
CA LYS K 375 -27.49 7.40 -42.88
C LYS K 375 -28.45 7.96 -43.91
N ILE K 376 -27.92 8.65 -44.93
CA ILE K 376 -28.76 9.21 -45.98
C ILE K 376 -29.50 8.11 -46.72
N GLY K 377 -28.87 6.94 -46.87
CA GLY K 377 -29.56 5.82 -47.50
C GLY K 377 -30.77 5.39 -46.70
N ALA K 378 -30.63 5.35 -45.37
CA ALA K 378 -31.78 5.06 -44.52
C ALA K 378 -32.85 6.14 -44.67
N ILE K 379 -32.46 7.41 -44.79
CA ILE K 379 -33.44 8.47 -45.01
C ILE K 379 -34.19 8.24 -46.32
N ALA K 380 -33.43 7.98 -47.39
CA ALA K 380 -34.05 7.77 -48.69
C ALA K 380 -35.03 6.61 -48.66
N TYR K 381 -34.62 5.49 -48.08
CA TYR K 381 -35.51 4.34 -47.99
C TYR K 381 -36.74 4.67 -47.16
N ALA K 382 -36.55 5.32 -46.01
CA ALA K 382 -37.68 5.61 -45.14
C ALA K 382 -38.68 6.53 -45.84
N ARG K 383 -38.18 7.56 -46.52
CA ARG K 383 -39.08 8.46 -47.24
C ARG K 383 -39.87 7.70 -48.30
N ALA K 384 -39.21 6.83 -49.06
CA ALA K 384 -39.96 6.05 -50.04
C ALA K 384 -40.99 5.14 -49.38
N ARG K 385 -40.62 4.53 -48.26
CA ARG K 385 -41.51 3.60 -47.57
C ARG K 385 -42.60 4.29 -46.78
N GLY K 386 -42.43 5.57 -46.46
CA GLY K 386 -43.42 6.32 -45.71
C GLY K 386 -43.24 6.33 -44.21
N LEU K 387 -42.12 5.81 -43.71
CA LEU K 387 -41.87 5.81 -42.28
C LEU K 387 -41.55 7.23 -41.79
N PRO K 388 -42.01 7.63 -40.61
CA PRO K 388 -41.62 8.93 -40.09
C PRO K 388 -40.17 8.94 -39.66
N VAL K 389 -39.55 10.11 -39.78
CA VAL K 389 -38.12 10.29 -39.50
C VAL K 389 -37.93 11.54 -38.66
N LEU K 390 -37.09 11.43 -37.63
CA LEU K 390 -36.62 12.57 -36.86
C LEU K 390 -35.10 12.59 -36.95
N GLY K 391 -34.55 13.73 -37.35
CA GLY K 391 -33.12 13.86 -37.54
C GLY K 391 -32.51 14.90 -36.62
N LEU K 392 -31.53 14.50 -35.83
CA LEU K 392 -30.94 15.36 -34.82
C LEU K 392 -29.53 15.75 -35.24
N CYS K 393 -29.31 17.05 -35.41
CA CYS K 393 -28.00 17.56 -35.83
C CYS K 393 -27.58 16.94 -37.16
N LEU K 394 -26.72 15.93 -37.09
CA LEU K 394 -26.34 15.21 -38.30
C LEU K 394 -27.57 14.64 -39.00
N GLY K 395 -28.64 14.33 -38.26
CA GLY K 395 -29.86 13.91 -38.91
C GLY K 395 -30.42 14.98 -39.83
N LEU K 396 -30.42 16.23 -39.37
CA LEU K 396 -30.84 17.34 -40.23
C LEU K 396 -29.89 17.49 -41.41
N GLN K 397 -28.59 17.37 -41.17
CA GLN K 397 -27.63 17.51 -42.27
C GLN K 397 -27.87 16.44 -43.32
N CYS K 398 -28.11 15.21 -42.89
CA CYS K 398 -28.41 14.13 -43.83
C CYS K 398 -29.73 14.37 -44.55
N ILE K 399 -30.73 14.93 -43.86
CA ILE K 399 -32.00 15.24 -44.52
C ILE K 399 -31.76 16.25 -45.64
N VAL K 400 -30.99 17.29 -45.35
CA VAL K 400 -30.72 18.32 -46.36
C VAL K 400 -29.92 17.74 -47.51
N ILE K 401 -28.98 16.84 -47.23
CA ILE K 401 -28.19 16.22 -48.29
C ILE K 401 -29.08 15.31 -49.14
N GLU K 402 -30.01 14.59 -48.51
CA GLU K 402 -30.96 13.78 -49.24
C GLU K 402 -31.80 14.65 -50.18
N ALA K 403 -32.26 15.79 -49.68
CA ALA K 403 -33.02 16.70 -50.53
C ALA K 403 -32.16 17.24 -51.67
N ALA K 404 -30.88 17.53 -51.38
CA ALA K 404 -29.97 17.96 -52.44
C ALA K 404 -29.89 16.90 -53.53
N ARG K 405 -29.72 15.63 -53.13
CA ARG K 405 -29.68 14.53 -54.08
C ARG K 405 -31.05 14.19 -54.64
N SER K 406 -32.09 14.89 -54.23
CA SER K 406 -33.43 14.70 -54.78
C SER K 406 -33.78 15.66 -55.92
N VAL K 407 -33.00 16.72 -56.12
CA VAL K 407 -33.38 17.79 -57.04
C VAL K 407 -32.38 18.01 -58.15
N GLY K 408 -31.23 17.33 -58.15
CA GLY K 408 -30.24 17.55 -59.18
C GLY K 408 -28.81 17.51 -58.67
N LEU K 409 -28.65 17.54 -57.34
CA LEU K 409 -27.35 17.72 -56.74
C LEU K 409 -26.76 16.39 -56.29
N THR K 410 -26.52 15.50 -57.26
CA THR K 410 -26.19 14.11 -56.94
C THR K 410 -24.85 14.00 -56.24
N ASN K 411 -23.90 14.89 -56.54
CA ASN K 411 -22.60 14.88 -55.89
C ASN K 411 -22.53 15.79 -54.68
N ALA K 412 -23.66 16.34 -54.24
CA ALA K 412 -23.66 17.24 -53.09
C ALA K 412 -23.30 16.50 -51.82
N ASN K 413 -22.68 17.22 -50.89
CA ASN K 413 -22.26 16.65 -49.62
C ASN K 413 -21.95 17.80 -48.67
N SER K 414 -21.54 17.44 -47.45
CA SER K 414 -20.93 18.40 -46.55
C SER K 414 -19.45 18.55 -46.88
N ALA K 415 -18.93 19.77 -46.70
CA ALA K 415 -17.50 19.98 -46.81
C ALA K 415 -16.73 19.16 -45.79
N GLU K 416 -17.40 18.71 -44.73
CA GLU K 416 -16.76 17.82 -43.77
C GLU K 416 -16.53 16.44 -44.36
N PHE K 417 -17.47 15.97 -45.19
CA PHE K 417 -17.46 14.58 -45.64
C PHE K 417 -17.01 14.39 -47.08
N ASP K 418 -16.99 15.46 -47.88
CA ASP K 418 -16.30 15.44 -49.17
C ASP K 418 -15.75 16.84 -49.40
N PRO K 419 -14.51 17.10 -48.96
CA PRO K 419 -13.94 18.43 -49.16
C PRO K 419 -13.83 18.83 -50.62
N ASP K 420 -13.90 17.88 -51.54
CA ASP K 420 -13.83 18.15 -52.98
C ASP K 420 -15.19 18.13 -53.66
N THR K 421 -16.28 18.10 -52.89
CA THR K 421 -17.60 18.05 -53.50
C THR K 421 -17.82 19.30 -54.35
N PRO K 422 -18.42 19.17 -55.54
CA PRO K 422 -18.76 20.37 -56.32
C PRO K 422 -19.96 21.13 -55.78
N ASP K 423 -20.75 20.54 -54.88
CA ASP K 423 -21.93 21.17 -54.32
C ASP K 423 -21.90 21.03 -52.80
N PRO K 424 -21.10 21.86 -52.12
CA PRO K 424 -21.10 21.84 -50.64
C PRO K 424 -22.34 22.51 -50.06
N VAL K 425 -23.47 21.79 -50.12
CA VAL K 425 -24.71 22.32 -49.60
C VAL K 425 -24.65 22.52 -48.10
N ILE K 426 -23.80 21.77 -47.41
CA ILE K 426 -23.46 22.01 -46.01
C ILE K 426 -22.02 22.49 -45.97
N ALA K 427 -21.79 23.63 -45.32
CA ALA K 427 -20.49 24.28 -45.35
C ALA K 427 -20.31 25.11 -44.10
N THR K 428 -19.05 25.43 -43.81
CA THR K 428 -18.74 26.34 -42.72
C THR K 428 -19.19 27.75 -43.10
N MET K 429 -20.04 28.34 -42.26
CA MET K 429 -20.63 29.64 -42.56
C MET K 429 -19.56 30.73 -42.54
N GLY K 443 -12.35 26.88 -39.26
CA GLY K 443 -13.39 25.92 -38.99
C GLY K 443 -14.73 26.56 -38.63
N GLY K 444 -14.76 27.89 -38.66
CA GLY K 444 -15.98 28.61 -38.32
C GLY K 444 -16.25 28.63 -36.84
N THR K 445 -17.27 29.39 -36.43
CA THR K 445 -17.64 29.49 -35.02
C THR K 445 -18.43 28.26 -34.61
N MET K 446 -17.92 27.54 -33.61
CA MET K 446 -18.68 26.46 -33.00
C MET K 446 -19.79 27.08 -32.13
N ARG K 447 -21.03 26.89 -32.55
CA ARG K 447 -22.18 27.29 -31.73
C ARG K 447 -22.37 26.27 -30.62
N LEU K 448 -22.29 26.73 -29.38
CA LEU K 448 -22.45 25.86 -28.21
C LEU K 448 -23.46 26.47 -27.25
N GLY K 449 -24.29 25.61 -26.68
CA GLY K 449 -25.25 26.03 -25.68
C GLY K 449 -26.55 26.56 -26.27
N SER K 450 -27.31 27.23 -25.41
CA SER K 450 -28.64 27.67 -25.78
C SER K 450 -28.58 28.86 -26.71
N TYR K 451 -29.37 28.80 -27.79
CA TYR K 451 -29.57 29.91 -28.70
C TYR K 451 -31.06 30.05 -29.01
N PRO K 452 -31.54 31.27 -29.24
CA PRO K 452 -32.95 31.44 -29.62
C PRO K 452 -33.17 31.18 -31.10
N ALA K 453 -34.39 30.76 -31.43
CA ALA K 453 -34.79 30.52 -32.80
C ALA K 453 -36.24 30.94 -32.98
N VAL K 454 -36.59 31.25 -34.23
CA VAL K 454 -37.95 31.64 -34.60
C VAL K 454 -38.49 30.58 -35.55
N LEU K 455 -39.79 30.27 -35.41
CA LEU K 455 -40.42 29.18 -36.12
C LEU K 455 -41.46 29.69 -37.11
N GLU K 456 -41.61 28.97 -38.21
CA GLU K 456 -42.67 29.27 -39.16
C GLU K 456 -44.03 29.08 -38.49
N PRO K 457 -44.95 30.03 -38.61
CA PRO K 457 -46.27 29.84 -38.00
C PRO K 457 -47.01 28.67 -38.64
N ASP K 458 -47.60 27.83 -37.80
CA ASP K 458 -48.33 26.65 -38.22
C ASP K 458 -47.45 25.65 -38.97
N SER K 459 -46.12 25.76 -38.83
CA SER K 459 -45.25 24.68 -39.24
C SER K 459 -45.49 23.46 -38.37
N VAL K 460 -45.09 22.29 -38.88
CA VAL K 460 -45.18 21.08 -38.07
C VAL K 460 -44.35 21.24 -36.80
N VAL K 461 -43.20 21.89 -36.90
CA VAL K 461 -42.42 22.22 -35.71
C VAL K 461 -43.22 23.15 -34.80
N ALA K 462 -43.85 24.17 -35.38
CA ALA K 462 -44.65 25.08 -34.57
C ALA K 462 -45.91 24.39 -34.05
N GLN K 463 -46.47 23.45 -34.80
CA GLN K 463 -47.60 22.67 -34.31
C GLN K 463 -47.19 21.83 -33.10
N ALA K 464 -45.97 21.30 -33.11
CA ALA K 464 -45.47 20.56 -31.96
C ALA K 464 -45.24 21.48 -30.78
N TYR K 465 -44.38 22.48 -30.95
CA TYR K 465 -44.06 23.42 -29.87
C TYR K 465 -45.25 24.28 -29.48
N GLN K 466 -46.20 24.48 -30.38
CA GLN K 466 -47.33 25.38 -30.15
C GLN K 466 -46.84 26.78 -29.78
N THR K 467 -45.82 27.24 -30.48
CA THR K 467 -45.31 28.60 -30.30
C THR K 467 -44.47 28.97 -31.51
N THR K 468 -44.24 30.26 -31.66
CA THR K 468 -43.38 30.78 -32.72
C THR K 468 -41.95 31.04 -32.25
N GLN K 469 -41.67 30.95 -30.96
CA GLN K 469 -40.34 31.21 -30.42
C GLN K 469 -39.92 30.09 -29.48
N VAL K 470 -38.66 29.65 -29.63
CA VAL K 470 -38.11 28.55 -28.85
C VAL K 470 -36.64 28.84 -28.60
N SER K 471 -36.06 28.09 -27.66
CA SER K 471 -34.62 28.08 -27.46
C SER K 471 -34.15 26.64 -27.30
N GLU K 472 -33.01 26.33 -27.91
CA GLU K 472 -32.49 24.97 -27.92
C GLU K 472 -30.98 24.99 -27.70
N ARG K 473 -30.47 23.87 -27.18
CA ARG K 473 -29.04 23.70 -26.95
C ARG K 473 -28.38 23.21 -28.23
N HIS K 474 -27.29 23.88 -28.63
CA HIS K 474 -26.62 23.60 -29.89
C HIS K 474 -25.21 23.11 -29.65
N ARG K 475 -24.75 22.21 -30.52
CA ARG K 475 -23.36 21.82 -30.54
C ARG K 475 -22.96 21.42 -31.95
N HIS K 476 -22.48 22.37 -32.75
CA HIS K 476 -22.08 22.10 -34.12
C HIS K 476 -21.40 23.34 -34.67
N ARG K 477 -20.70 23.16 -35.79
CA ARG K 477 -20.01 24.24 -36.46
C ARG K 477 -20.31 24.35 -37.95
N TYR K 478 -20.83 23.31 -38.59
CA TYR K 478 -21.27 23.38 -39.97
C TYR K 478 -22.73 23.81 -40.04
N GLU K 479 -23.09 24.48 -41.12
CA GLU K 479 -24.43 25.02 -41.31
C GLU K 479 -24.89 24.75 -42.74
N VAL K 480 -26.21 24.91 -42.93
CA VAL K 480 -26.77 24.88 -44.28
C VAL K 480 -26.22 26.06 -45.07
N ASN K 481 -25.69 25.77 -46.25
CA ASN K 481 -25.15 26.82 -47.11
C ASN K 481 -26.30 27.63 -47.69
N ASN K 482 -26.35 28.91 -47.36
CA ASN K 482 -27.48 29.75 -47.78
C ASN K 482 -27.58 29.87 -49.30
N ALA K 483 -26.51 29.53 -50.03
CA ALA K 483 -26.55 29.61 -51.47
C ALA K 483 -27.50 28.60 -52.10
N TYR K 484 -27.89 27.55 -51.36
CA TYR K 484 -28.67 26.46 -51.93
C TYR K 484 -30.10 26.38 -51.43
N ARG K 485 -30.58 27.38 -50.67
CA ARG K 485 -31.94 27.31 -50.15
C ARG K 485 -32.95 27.21 -51.28
N ASP K 486 -32.88 28.11 -52.26
CA ASP K 486 -33.87 28.13 -53.33
C ASP K 486 -33.77 26.89 -54.21
N LYS K 487 -32.57 26.32 -54.36
CA LYS K 487 -32.43 25.10 -55.14
C LYS K 487 -33.07 23.92 -54.42
N ILE K 488 -32.78 23.74 -53.13
CA ILE K 488 -33.25 22.56 -52.43
C ILE K 488 -34.72 22.70 -52.01
N ALA K 489 -35.24 23.92 -51.93
CA ALA K 489 -36.67 24.09 -51.66
C ALA K 489 -37.52 23.42 -52.71
N GLU K 490 -37.00 23.26 -53.93
CA GLU K 490 -37.75 22.57 -54.97
C GLU K 490 -37.96 21.09 -54.63
N SER K 491 -37.22 20.55 -53.66
CA SER K 491 -37.53 19.22 -53.14
C SER K 491 -38.87 19.19 -52.43
N GLY K 492 -39.38 20.33 -51.99
CA GLY K 492 -40.52 20.40 -51.11
C GLY K 492 -40.15 20.67 -49.66
N LEU K 493 -38.86 20.66 -49.33
CA LEU K 493 -38.43 20.89 -47.96
C LEU K 493 -38.67 22.33 -47.56
N ARG K 494 -39.18 22.52 -46.34
CA ARG K 494 -39.42 23.85 -45.78
C ARG K 494 -38.38 24.14 -44.71
N PHE K 495 -37.76 25.31 -44.78
CA PHE K 495 -36.91 25.82 -43.71
C PHE K 495 -37.80 26.47 -42.65
N SER K 496 -38.53 25.60 -41.93
CA SER K 496 -39.62 26.03 -41.07
C SER K 496 -39.17 26.64 -39.76
N GLY K 497 -37.87 26.75 -39.50
CA GLY K 497 -37.40 27.47 -38.33
C GLY K 497 -36.01 28.03 -38.56
N THR K 498 -35.76 29.22 -38.01
CA THR K 498 -34.53 29.93 -38.27
C THR K 498 -34.10 30.71 -37.04
N SER K 499 -32.89 31.27 -37.12
CA SER K 499 -32.40 32.26 -36.16
C SER K 499 -33.28 33.50 -36.25
N PRO K 500 -33.30 34.35 -35.22
CA PRO K 500 -34.18 35.52 -35.27
C PRO K 500 -33.94 36.41 -36.48
N ASP K 501 -32.68 36.55 -36.91
CA ASP K 501 -32.38 37.28 -38.13
C ASP K 501 -32.62 36.47 -39.38
N GLY K 502 -32.98 35.19 -39.24
CA GLY K 502 -33.20 34.32 -40.37
C GLY K 502 -31.94 33.81 -41.03
N HIS K 503 -30.76 34.20 -40.53
CA HIS K 503 -29.52 33.87 -41.20
C HIS K 503 -29.24 32.37 -41.17
N LEU K 504 -29.59 31.70 -40.07
CA LEU K 504 -29.26 30.30 -39.87
C LEU K 504 -30.53 29.45 -39.88
N VAL K 505 -30.48 28.34 -40.62
CA VAL K 505 -31.56 27.36 -40.59
C VAL K 505 -31.44 26.53 -39.32
N GLU K 506 -32.54 26.42 -38.57
CA GLU K 506 -32.57 25.66 -37.33
C GLU K 506 -33.47 24.43 -37.38
N PHE K 507 -34.49 24.44 -38.24
CA PHE K 507 -35.38 23.30 -38.40
C PHE K 507 -35.77 23.16 -39.85
N VAL K 508 -35.98 21.92 -40.28
CA VAL K 508 -36.48 21.62 -41.62
C VAL K 508 -37.57 20.58 -41.50
N GLU K 509 -38.51 20.62 -42.45
CA GLU K 509 -39.61 19.67 -42.47
C GLU K 509 -40.18 19.59 -43.88
N TYR K 510 -40.88 18.48 -44.15
CA TYR K 510 -41.70 18.38 -45.34
C TYR K 510 -43.15 18.69 -45.00
N PRO K 511 -43.92 19.24 -45.92
CA PRO K 511 -45.34 19.44 -45.64
C PRO K 511 -46.02 18.11 -45.37
N PRO K 512 -47.05 18.10 -44.53
CA PRO K 512 -47.67 16.82 -44.15
C PRO K 512 -48.15 16.00 -45.34
N ASP K 513 -48.58 16.64 -46.42
CA ASP K 513 -49.05 15.91 -47.58
C ASP K 513 -47.91 15.33 -48.42
N ARG K 514 -46.68 15.83 -48.26
CA ARG K 514 -45.54 15.18 -48.90
C ARG K 514 -45.11 13.94 -48.11
N HIS K 515 -44.88 14.11 -46.81
CA HIS K 515 -44.68 13.00 -45.89
C HIS K 515 -45.33 13.39 -44.58
N PRO K 516 -46.00 12.45 -43.89
CA PRO K 516 -46.74 12.83 -42.68
C PRO K 516 -45.87 13.48 -41.61
N PHE K 517 -44.64 13.03 -41.44
CA PHE K 517 -43.71 13.71 -40.53
C PHE K 517 -42.29 13.31 -40.89
N VAL K 518 -41.51 14.28 -41.36
CA VAL K 518 -40.07 14.12 -41.53
C VAL K 518 -39.44 15.45 -41.14
N VAL K 519 -38.77 15.48 -40.00
CA VAL K 519 -38.25 16.73 -39.44
C VAL K 519 -36.81 16.52 -39.01
N GLY K 520 -36.03 17.59 -39.07
CA GLY K 520 -34.70 17.59 -38.52
C GLY K 520 -34.42 18.90 -37.80
N THR K 521 -33.54 18.84 -36.81
CA THR K 521 -33.09 20.03 -36.11
C THR K 521 -31.61 19.93 -35.83
N GLN K 522 -30.93 21.07 -35.92
CA GLN K 522 -29.51 21.13 -35.60
C GLN K 522 -29.26 21.00 -34.10
N ALA K 523 -30.27 21.23 -33.27
CA ALA K 523 -30.07 21.25 -31.83
C ALA K 523 -30.34 19.88 -31.22
N HIS K 524 -30.07 19.78 -29.92
CA HIS K 524 -30.23 18.55 -29.17
C HIS K 524 -31.41 18.69 -28.21
N PRO K 525 -32.65 18.58 -28.70
CA PRO K 525 -33.80 18.71 -27.80
C PRO K 525 -33.85 17.65 -26.72
N GLU K 526 -33.11 16.55 -26.88
CA GLU K 526 -33.08 15.53 -25.84
C GLU K 526 -32.37 16.03 -24.58
N LEU K 527 -31.69 17.16 -24.63
CA LEU K 527 -31.04 17.73 -23.46
C LEU K 527 -31.92 18.71 -22.71
N LYS K 528 -33.11 19.01 -23.22
CA LYS K 528 -34.11 19.78 -22.48
C LYS K 528 -35.28 18.94 -22.01
N SER K 529 -35.38 17.70 -22.49
CA SER K 529 -36.42 16.79 -22.04
C SER K 529 -36.14 16.33 -20.61
N ARG K 530 -37.21 16.06 -19.89
CA ARG K 530 -37.17 15.37 -18.60
C ARG K 530 -38.28 14.34 -18.57
N PRO K 531 -38.12 13.26 -17.83
CA PRO K 531 -39.16 12.22 -17.84
C PRO K 531 -40.50 12.71 -17.36
N THR K 532 -40.53 13.76 -16.54
CA THR K 532 -41.76 14.36 -16.05
C THR K 532 -42.12 15.65 -16.79
N ARG K 533 -41.49 15.90 -17.94
CA ARG K 533 -41.73 17.11 -18.72
C ARG K 533 -41.30 16.87 -20.16
N PRO K 534 -41.94 15.94 -20.87
CA PRO K 534 -41.43 15.55 -22.19
C PRO K 534 -41.35 16.72 -23.15
N HIS K 535 -40.42 16.61 -24.09
CA HIS K 535 -40.16 17.67 -25.06
C HIS K 535 -41.17 17.59 -26.21
N PRO K 536 -41.63 18.74 -26.72
CA PRO K 536 -42.67 18.70 -27.77
C PRO K 536 -42.32 17.87 -29.00
N LEU K 537 -41.09 17.95 -29.50
CA LEU K 537 -40.75 17.28 -30.75
C LEU K 537 -40.85 15.77 -30.63
N PHE K 538 -40.40 15.20 -29.51
CA PHE K 538 -40.49 13.75 -29.36
C PHE K 538 -41.91 13.30 -29.14
N VAL K 539 -42.73 14.09 -28.43
CA VAL K 539 -44.15 13.79 -28.35
C VAL K 539 -44.74 13.74 -29.75
N ALA K 540 -44.42 14.73 -30.58
CA ALA K 540 -44.93 14.75 -31.95
C ALA K 540 -44.45 13.56 -32.74
N PHE K 541 -43.15 13.24 -32.65
CA PHE K 541 -42.59 12.15 -33.43
C PHE K 541 -43.21 10.81 -33.04
N VAL K 542 -43.38 10.58 -31.74
CA VAL K 542 -43.99 9.33 -31.30
C VAL K 542 -45.45 9.28 -31.67
N GLY K 543 -46.16 10.43 -31.64
CA GLY K 543 -47.54 10.44 -32.11
C GLY K 543 -47.65 10.11 -33.57
N ALA K 544 -46.74 10.65 -34.39
CA ALA K 544 -46.72 10.33 -35.81
C ALA K 544 -46.40 8.86 -36.04
N ALA K 545 -45.46 8.30 -35.28
CA ALA K 545 -45.14 6.89 -35.41
C ALA K 545 -46.34 6.03 -35.02
N ILE K 546 -47.05 6.41 -33.96
CA ILE K 546 -48.26 5.71 -33.58
C ILE K 546 -49.30 5.78 -34.69
N ASP K 547 -49.47 6.96 -35.29
CA ASP K 547 -50.43 7.12 -36.37
C ASP K 547 -50.06 6.25 -37.56
N TYR K 548 -48.77 6.17 -37.87
CA TYR K 548 -48.32 5.28 -38.94
C TYR K 548 -48.66 3.82 -38.60
N LYS K 549 -48.30 3.38 -37.40
CA LYS K 549 -48.57 2.00 -37.01
C LYS K 549 -50.06 1.70 -37.10
N ALA K 550 -50.90 2.63 -36.66
CA ALA K 550 -52.34 2.42 -36.69
C ALA K 550 -52.87 2.40 -38.12
N GLY K 551 -52.34 3.28 -38.98
CA GLY K 551 -52.82 3.34 -40.34
C GLY K 551 -52.22 2.28 -41.25
N GLU K 552 -51.01 1.82 -40.93
CA GLU K 552 -50.34 0.84 -41.78
C GLU K 552 -51.07 -0.50 -41.75
N MET L 1 -13.19 16.37 44.45
CA MET L 1 -12.53 15.72 45.62
C MET L 1 -11.98 14.34 45.22
N ARG L 2 -11.33 13.68 46.17
CA ARG L 2 -10.60 12.45 45.87
C ARG L 2 -11.53 11.36 45.30
N LYS L 3 -12.81 11.39 45.65
CA LYS L 3 -13.75 10.38 45.20
C LYS L 3 -14.57 10.91 44.04
N HIS L 4 -14.59 10.17 42.93
CA HIS L 4 -15.25 10.56 41.70
C HIS L 4 -16.26 9.49 41.28
N PRO L 5 -17.23 9.85 40.44
CA PRO L 5 -18.13 8.84 39.87
C PRO L 5 -17.38 7.85 38.98
N GLN L 6 -18.02 6.71 38.75
CA GLN L 6 -17.46 5.70 37.87
C GLN L 6 -17.46 6.18 36.42
N THR L 7 -16.39 5.84 35.70
CA THR L 7 -16.30 6.09 34.27
C THR L 7 -15.62 4.90 33.62
N ALA L 8 -15.83 4.75 32.31
CA ALA L 8 -15.29 3.60 31.60
C ALA L 8 -13.77 3.62 31.57
N THR L 9 -13.18 2.44 31.48
CA THR L 9 -11.72 2.32 31.46
C THR L 9 -11.19 2.81 30.12
N LYS L 10 -10.26 3.76 30.18
CA LYS L 10 -9.68 4.36 28.98
C LYS L 10 -8.50 3.54 28.50
N HIS L 11 -8.35 3.43 27.19
CA HIS L 11 -7.27 2.69 26.57
C HIS L 11 -6.34 3.67 25.86
N LEU L 12 -5.05 3.59 26.18
CA LEU L 12 -4.03 4.45 25.58
C LEU L 12 -3.00 3.54 24.92
N PHE L 13 -2.87 3.66 23.60
CA PHE L 13 -1.95 2.83 22.82
C PHE L 13 -0.72 3.65 22.45
N VAL L 14 0.46 3.09 22.71
CA VAL L 14 1.72 3.74 22.38
C VAL L 14 2.37 2.95 21.26
N SER L 15 2.66 3.62 20.14
CA SER L 15 3.20 2.98 18.96
C SER L 15 4.43 3.75 18.50
N GLY L 16 5.27 3.08 17.72
CA GLY L 16 6.55 3.63 17.33
C GLY L 16 6.72 3.67 15.82
N GLY L 17 7.49 4.66 15.36
CA GLY L 17 7.75 4.84 13.95
C GLY L 17 9.22 5.04 13.68
N VAL L 18 9.58 4.91 12.41
CA VAL L 18 10.95 5.09 11.93
C VAL L 18 11.84 3.96 12.42
N ALA L 19 11.95 3.79 13.75
CA ALA L 19 12.87 2.80 14.28
C ALA L 19 12.42 2.39 15.68
N SER L 20 13.01 1.31 16.18
CA SER L 20 12.84 0.92 17.57
C SER L 20 13.90 1.61 18.43
N SER L 21 13.87 1.32 19.72
CA SER L 21 14.76 1.94 20.69
C SER L 21 14.65 3.45 20.69
N LEU L 22 13.47 3.99 20.37
CA LEU L 22 13.23 5.42 20.43
C LEU L 22 12.84 5.88 21.83
N GLY L 23 12.81 4.99 22.81
CA GLY L 23 12.28 5.36 24.12
C GLY L 23 10.78 5.32 24.17
N LYS L 24 10.17 4.50 23.32
CA LYS L 24 8.72 4.34 23.35
C LYS L 24 8.25 3.75 24.68
N GLY L 25 8.94 2.73 25.17
CA GLY L 25 8.57 2.14 26.45
C GLY L 25 8.82 3.08 27.61
N LEU L 26 9.93 3.80 27.57
CA LEU L 26 10.21 4.77 28.63
C LEU L 26 9.21 5.91 28.61
N THR L 27 8.78 6.36 27.43
CA THR L 27 7.74 7.37 27.34
C THR L 27 6.42 6.85 27.91
N ALA L 28 6.06 5.62 27.58
CA ALA L 28 4.84 5.05 28.15
C ALA L 28 4.92 4.98 29.67
N SER L 29 6.07 4.55 30.19
CA SER L 29 6.26 4.48 31.64
C SER L 29 6.16 5.86 32.28
N SER L 30 6.76 6.88 31.65
CA SER L 30 6.72 8.22 32.20
C SER L 30 5.30 8.76 32.21
N LEU L 31 4.54 8.52 31.15
CA LEU L 31 3.15 8.94 31.13
C LEU L 31 2.35 8.20 32.21
N GLY L 32 2.68 6.93 32.45
CA GLY L 32 2.04 6.22 33.55
C GLY L 32 2.36 6.81 34.90
N GLN L 33 3.62 7.17 35.11
CA GLN L 33 4.02 7.84 36.35
C GLN L 33 3.24 9.13 36.55
N LEU L 34 3.14 9.96 35.51
CA LEU L 34 2.41 11.22 35.63
C LEU L 34 0.94 10.97 35.92
N LEU L 35 0.30 10.09 35.16
CA LEU L 35 -1.12 9.83 35.39
C LEU L 35 -1.37 9.23 36.76
N THR L 36 -0.41 8.48 37.29
CA THR L 36 -0.54 7.97 38.67
C THR L 36 -0.44 9.10 39.68
N ALA L 37 0.50 10.03 39.46
CA ALA L 37 0.62 11.15 40.38
C ALA L 37 -0.60 12.05 40.34
N ARG L 38 -1.27 12.14 39.19
CA ARG L 38 -2.54 12.85 39.12
C ARG L 38 -3.68 12.04 39.70
N GLY L 39 -3.40 10.90 40.31
CA GLY L 39 -4.38 10.18 41.11
C GLY L 39 -5.09 9.03 40.43
N LEU L 40 -4.73 8.68 39.20
CA LEU L 40 -5.43 7.66 38.46
C LEU L 40 -4.78 6.29 38.66
N HIS L 41 -5.60 5.26 38.65
CA HIS L 41 -5.13 3.88 38.76
C HIS L 41 -4.70 3.39 37.38
N VAL L 42 -3.45 3.62 37.04
CA VAL L 42 -2.88 3.20 35.77
C VAL L 42 -2.47 1.73 35.84
N THR L 43 -2.75 0.99 34.78
CA THR L 43 -2.18 -0.32 34.55
C THR L 43 -1.55 -0.34 33.17
N MET L 44 -0.60 -1.25 32.96
CA MET L 44 0.22 -1.23 31.75
C MET L 44 0.36 -2.63 31.17
N GLN L 45 0.66 -2.67 29.87
CA GLN L 45 0.73 -3.90 29.10
C GLN L 45 1.66 -3.68 27.91
N LYS L 46 2.28 -4.75 27.43
CA LYS L 46 3.07 -4.71 26.21
C LYS L 46 2.69 -5.84 25.26
N LEU L 47 2.64 -5.52 23.98
CA LEU L 47 2.39 -6.50 22.92
C LEU L 47 3.67 -6.63 22.09
N ASP L 48 4.22 -7.84 22.04
CA ASP L 48 5.48 -8.09 21.33
C ASP L 48 5.19 -8.75 20.00
N PRO L 49 5.55 -8.15 18.86
CA PRO L 49 5.28 -8.80 17.58
C PRO L 49 6.06 -10.07 17.31
N TYR L 50 7.14 -10.35 18.03
CA TYR L 50 7.95 -11.51 17.67
C TYR L 50 7.25 -12.81 18.05
N LEU L 51 7.65 -13.88 17.38
CA LEU L 51 7.00 -15.17 17.54
C LEU L 51 7.51 -15.99 18.71
N ASN L 52 8.63 -15.62 19.31
CA ASN L 52 9.11 -16.36 20.48
C ASN L 52 8.06 -16.36 21.57
N VAL L 53 7.74 -17.56 22.08
CA VAL L 53 6.69 -17.64 23.09
C VAL L 53 7.10 -16.92 24.36
N ASP L 54 8.41 -16.77 24.60
CA ASP L 54 8.93 -15.89 25.63
C ASP L 54 10.38 -15.60 25.32
N PRO L 55 10.92 -14.50 25.84
CA PRO L 55 12.29 -14.10 25.46
C PRO L 55 13.38 -14.93 26.11
N GLY L 56 13.05 -15.96 26.88
CA GLY L 56 14.10 -16.74 27.52
C GLY L 56 15.04 -17.39 26.52
N THR L 57 14.56 -17.65 25.31
CA THR L 57 15.38 -18.27 24.29
C THR L 57 16.31 -17.29 23.60
N MET L 58 16.08 -15.98 23.77
CA MET L 58 16.83 -15.01 22.99
C MET L 58 18.25 -14.83 23.54
N ASN L 59 19.02 -14.02 22.82
CA ASN L 59 20.38 -13.67 23.15
C ASN L 59 20.44 -12.19 23.51
N PRO L 60 21.09 -11.80 24.61
CA PRO L 60 21.02 -10.40 25.04
C PRO L 60 21.50 -9.39 24.01
N PHE L 61 22.11 -9.82 22.90
CA PHE L 61 22.40 -8.88 21.82
C PHE L 61 21.15 -8.49 21.06
N GLN L 62 20.06 -9.23 21.20
CA GLN L 62 18.84 -8.93 20.45
C GLN L 62 18.12 -7.71 21.02
N HIS L 63 17.71 -7.78 22.28
CA HIS L 63 16.87 -6.75 22.87
C HIS L 63 17.26 -6.41 24.31
N GLY L 64 18.48 -6.72 24.72
CA GLY L 64 18.86 -6.52 26.11
C GLY L 64 18.42 -7.66 27.01
N GLU L 65 18.54 -7.40 28.31
CA GLU L 65 18.35 -8.44 29.30
C GLU L 65 16.90 -8.93 29.36
N VAL L 66 16.73 -10.13 29.90
CA VAL L 66 15.40 -10.66 30.18
C VAL L 66 14.97 -10.24 31.58
N PHE L 67 13.66 -10.31 31.81
CA PHE L 67 13.04 -9.89 33.06
C PHE L 67 12.14 -11.01 33.56
N VAL L 68 11.84 -11.01 34.85
CA VAL L 68 11.08 -12.10 35.48
C VAL L 68 10.03 -11.51 36.41
N THR L 69 8.86 -12.15 36.44
CA THR L 69 7.75 -11.71 37.27
C THR L 69 7.61 -12.60 38.50
N GLU L 70 6.77 -12.14 39.44
CA GLU L 70 6.56 -12.86 40.68
C GLU L 70 5.79 -14.16 40.49
N ASP L 71 4.79 -14.17 39.59
CA ASP L 71 4.19 -15.44 39.23
C ASP L 71 5.10 -16.28 38.35
N GLY L 72 6.32 -15.81 38.09
CA GLY L 72 7.34 -16.61 37.45
C GLY L 72 7.36 -16.58 35.94
N ALA L 73 6.55 -15.74 35.30
CA ALA L 73 6.64 -15.59 33.86
C ALA L 73 7.93 -14.87 33.49
N GLU L 74 8.38 -15.10 32.27
CA GLU L 74 9.58 -14.48 31.73
C GLU L 74 9.18 -13.52 30.62
N THR L 75 9.55 -12.25 30.75
CA THR L 75 8.93 -11.20 29.97
C THR L 75 9.99 -10.26 29.39
N ASP L 76 9.52 -9.37 28.52
CA ASP L 76 10.39 -8.42 27.84
C ASP L 76 10.99 -7.44 28.84
N LEU L 77 11.94 -6.64 28.34
CA LEU L 77 12.65 -5.68 29.17
C LEU L 77 11.73 -4.54 29.63
N ASP L 78 10.75 -4.18 28.80
CA ASP L 78 9.94 -3.00 29.08
C ASP L 78 9.11 -3.18 30.35
N VAL L 79 8.73 -4.42 30.68
CA VAL L 79 8.02 -4.64 31.92
C VAL L 79 8.86 -4.16 33.10
N GLY L 80 10.19 -4.18 32.94
CA GLY L 80 11.05 -3.62 33.97
C GLY L 80 10.89 -2.13 34.13
N HIS L 81 10.77 -1.40 33.02
CA HIS L 81 10.48 0.02 33.13
C HIS L 81 9.14 0.25 33.80
N TYR L 82 8.15 -0.56 33.47
CA TYR L 82 6.83 -0.39 34.07
C TYR L 82 6.90 -0.57 35.58
N GLU L 83 7.58 -1.61 36.04
CA GLU L 83 7.79 -1.78 37.47
C GLU L 83 8.54 -0.58 38.06
N ARG L 84 9.68 -0.21 37.46
CA ARG L 84 10.53 0.80 38.07
C ARG L 84 9.84 2.16 38.16
N PHE L 85 8.93 2.47 37.24
CA PHE L 85 8.29 3.78 37.27
C PHE L 85 6.95 3.77 38.00
N LEU L 86 6.18 2.69 37.91
CA LEU L 86 4.95 2.59 38.69
C LEU L 86 5.16 2.02 40.08
N ASP L 87 6.32 1.42 40.34
CA ASP L 87 6.58 0.72 41.59
C ASP L 87 5.44 -0.26 41.90
N ARG L 88 5.30 -1.24 41.00
CA ARG L 88 4.25 -2.24 41.11
C ARG L 88 4.80 -3.58 40.66
N ASN L 89 4.10 -4.64 41.05
CA ASN L 89 4.36 -5.98 40.54
C ASN L 89 3.26 -6.33 39.54
N LEU L 90 3.68 -6.78 38.35
CA LEU L 90 2.74 -6.94 37.25
C LEU L 90 2.54 -8.42 36.93
N PRO L 91 1.36 -8.82 36.49
CA PRO L 91 1.13 -10.22 36.14
C PRO L 91 1.88 -10.62 34.90
N GLY L 92 1.97 -11.94 34.67
CA GLY L 92 2.53 -12.43 33.43
C GLY L 92 1.67 -12.09 32.24
N SER L 93 0.39 -11.79 32.48
CA SER L 93 -0.49 -11.34 31.40
C SER L 93 -0.04 -10.00 30.81
N ALA L 94 0.91 -9.32 31.46
CA ALA L 94 1.36 -8.03 30.98
C ALA L 94 2.28 -8.11 29.78
N ASN L 95 2.50 -9.29 29.21
CA ASN L 95 3.33 -9.42 28.01
C ASN L 95 2.67 -10.45 27.08
N VAL L 96 1.97 -9.95 26.07
CA VAL L 96 1.44 -10.81 25.01
C VAL L 96 2.47 -10.89 23.88
N THR L 97 2.48 -12.02 23.18
CA THR L 97 3.35 -12.19 22.02
C THR L 97 2.58 -12.93 20.93
N THR L 98 3.00 -12.71 19.69
CA THR L 98 2.41 -13.44 18.56
C THR L 98 2.53 -14.94 18.75
N GLY L 99 3.63 -15.38 19.36
CA GLY L 99 3.78 -16.80 19.61
C GLY L 99 2.64 -17.35 20.43
N GLN L 100 2.32 -16.68 21.54
CA GLN L 100 1.24 -17.13 22.40
C GLN L 100 -0.10 -17.09 21.69
N VAL L 101 -0.35 -16.03 20.93
CA VAL L 101 -1.65 -15.88 20.28
C VAL L 101 -1.87 -16.97 19.23
N TYR L 102 -0.87 -17.21 18.38
CA TYR L 102 -1.03 -18.22 17.35
C TYR L 102 -1.12 -19.62 17.96
N SER L 103 -0.31 -19.90 18.98
CA SER L 103 -0.43 -21.20 19.65
C SER L 103 -1.82 -21.38 20.23
N THR L 104 -2.34 -20.34 20.88
CA THR L 104 -3.67 -20.43 21.48
C THR L 104 -4.73 -20.71 20.43
N VAL L 105 -4.71 -19.97 19.33
CA VAL L 105 -5.76 -20.12 18.33
C VAL L 105 -5.66 -21.47 17.63
N ILE L 106 -4.43 -21.93 17.35
CA ILE L 106 -4.27 -23.23 16.72
C ILE L 106 -4.79 -24.33 17.65
N ALA L 107 -4.43 -24.26 18.92
CA ALA L 107 -4.92 -25.25 19.88
C ALA L 107 -6.44 -25.26 19.90
N LYS L 108 -7.06 -24.08 20.04
CA LYS L 108 -8.51 -24.00 20.03
C LYS L 108 -9.09 -24.60 18.75
N GLU L 109 -8.43 -24.38 17.61
CA GLU L 109 -8.93 -24.92 16.35
C GLU L 109 -8.93 -26.44 16.37
N ARG L 110 -7.83 -27.04 16.82
CA ARG L 110 -7.75 -28.49 16.84
C ARG L 110 -8.85 -29.10 17.70
N ARG L 111 -9.31 -28.37 18.72
CA ARG L 111 -10.40 -28.85 19.57
C ARG L 111 -11.77 -28.51 19.03
N GLY L 112 -11.86 -27.88 17.85
CA GLY L 112 -13.14 -27.59 17.23
C GLY L 112 -13.90 -26.44 17.83
N GLU L 113 -13.25 -25.58 18.61
CA GLU L 113 -13.96 -24.55 19.35
C GLU L 113 -14.54 -23.47 18.45
N TYR L 114 -14.18 -23.44 17.17
CA TYR L 114 -14.72 -22.45 16.24
C TYR L 114 -15.87 -23.01 15.42
N LEU L 115 -16.40 -24.18 15.78
CA LEU L 115 -17.65 -24.68 15.25
C LEU L 115 -17.65 -24.75 13.72
N GLY L 116 -16.51 -25.15 13.16
CA GLY L 116 -16.43 -25.42 11.74
C GLY L 116 -16.12 -24.24 10.85
N ASP L 117 -15.91 -23.05 11.40
CA ASP L 117 -15.55 -21.91 10.55
C ASP L 117 -14.15 -22.07 10.00
N THR L 118 -13.87 -21.32 8.93
CA THR L 118 -12.51 -21.18 8.46
C THR L 118 -11.76 -20.23 9.38
N VAL L 119 -10.70 -20.72 10.00
CA VAL L 119 -9.91 -19.89 10.91
C VAL L 119 -9.06 -18.94 10.08
N GLN L 120 -9.09 -17.65 10.42
CA GLN L 120 -8.48 -16.60 9.63
C GLN L 120 -7.69 -15.66 10.54
N VAL L 121 -6.83 -14.86 9.94
CA VAL L 121 -6.12 -13.83 10.69
C VAL L 121 -7.08 -12.74 11.13
N ILE L 122 -8.10 -12.46 10.31
CA ILE L 122 -9.26 -11.68 10.71
C ILE L 122 -10.48 -12.54 10.43
N PRO L 123 -11.38 -12.75 11.41
CA PRO L 123 -11.40 -12.16 12.75
C PRO L 123 -10.55 -12.84 13.82
N HIS L 124 -10.28 -14.14 13.73
CA HIS L 124 -9.99 -14.92 14.93
C HIS L 124 -8.73 -14.44 15.66
N ILE L 125 -7.64 -14.18 14.94
CA ILE L 125 -6.41 -13.77 15.63
C ILE L 125 -6.57 -12.39 16.23
N THR L 126 -7.15 -11.45 15.48
CA THR L 126 -7.39 -10.12 16.02
C THR L 126 -8.37 -10.16 17.18
N ASP L 127 -9.33 -11.09 17.15
CA ASP L 127 -10.25 -11.26 18.26
C ASP L 127 -9.51 -11.74 19.51
N GLU L 128 -8.60 -12.69 19.35
CA GLU L 128 -7.83 -13.16 20.50
C GLU L 128 -7.00 -12.01 21.09
N ILE L 129 -6.38 -11.20 20.23
CA ILE L 129 -5.58 -10.08 20.73
C ILE L 129 -6.47 -9.05 21.42
N LYS L 130 -7.61 -8.72 20.80
CA LYS L 130 -8.52 -7.76 21.41
C LYS L 130 -9.06 -8.27 22.74
N ARG L 131 -9.31 -9.57 22.83
CA ARG L 131 -9.73 -10.16 24.09
C ARG L 131 -8.64 -10.01 25.15
N ARG L 132 -7.39 -10.29 24.79
CA ARG L 132 -6.30 -10.12 25.74
C ARG L 132 -6.08 -8.66 26.12
N ILE L 133 -6.42 -7.72 25.24
CA ILE L 133 -6.32 -6.30 25.58
C ILE L 133 -7.41 -5.91 26.56
N LEU L 134 -8.65 -6.27 26.26
CA LEU L 134 -9.77 -5.87 27.10
C LEU L 134 -9.79 -6.62 28.42
N ALA L 135 -9.10 -7.75 28.53
CA ALA L 135 -9.01 -8.44 29.81
C ALA L 135 -8.30 -7.61 30.86
N MET L 136 -7.41 -6.70 30.44
CA MET L 136 -6.73 -5.84 31.40
C MET L 136 -7.71 -4.91 32.11
N ALA L 137 -8.85 -4.62 31.49
CA ALA L 137 -9.81 -3.70 32.08
C ALA L 137 -10.62 -4.33 33.21
N GLN L 138 -10.61 -5.65 33.33
CA GLN L 138 -11.46 -6.31 34.32
C GLN L 138 -11.01 -5.94 35.74
N PRO L 139 -11.93 -5.94 36.70
CA PRO L 139 -11.54 -5.63 38.08
C PRO L 139 -10.52 -6.61 38.62
N ASP L 140 -9.55 -6.08 39.36
CA ASP L 140 -8.48 -6.89 39.93
C ASP L 140 -9.02 -7.81 41.03
N ALA L 141 -8.13 -8.57 41.67
CA ALA L 141 -8.56 -9.51 42.71
C ALA L 141 -9.23 -8.82 43.88
N ASP L 142 -8.99 -7.52 44.08
CA ASP L 142 -9.59 -6.77 45.17
C ASP L 142 -10.69 -5.83 44.71
N GLY L 143 -11.09 -5.92 43.44
CA GLY L 143 -12.16 -5.09 42.91
C GLY L 143 -11.71 -3.72 42.44
N ASN L 144 -10.41 -3.44 42.44
CA ASN L 144 -9.92 -2.15 41.98
C ASN L 144 -9.83 -2.17 40.45
N ARG L 145 -10.58 -1.32 39.83
CA ARG L 145 -10.71 -1.31 38.39
C ARG L 145 -9.83 -0.23 37.78
N PRO L 146 -8.93 -0.56 36.85
CA PRO L 146 -8.00 0.45 36.34
C PRO L 146 -8.72 1.59 35.65
N ASP L 147 -8.18 2.80 35.82
CA ASP L 147 -8.76 3.96 35.17
C ASP L 147 -8.22 4.15 33.75
N VAL L 148 -6.95 3.84 33.54
CA VAL L 148 -6.33 3.92 32.21
C VAL L 148 -5.47 2.68 32.02
N VAL L 149 -5.61 2.04 30.87
CA VAL L 149 -4.74 0.96 30.44
C VAL L 149 -3.82 1.50 29.36
N ILE L 150 -2.52 1.51 29.62
CA ILE L 150 -1.53 1.97 28.65
C ILE L 150 -0.90 0.74 28.01
N THR L 151 -1.10 0.59 26.69
CA THR L 151 -0.62 -0.55 25.94
C THR L 151 0.49 -0.09 25.01
N GLU L 152 1.64 -0.75 25.08
CA GLU L 152 2.77 -0.44 24.22
C GLU L 152 2.83 -1.48 23.11
N ILE L 153 2.73 -1.03 21.87
CA ILE L 153 2.84 -1.90 20.70
C ILE L 153 4.29 -1.92 20.29
N GLY L 154 4.96 -3.03 20.55
CA GLY L 154 6.37 -3.17 20.22
C GLY L 154 6.60 -3.22 18.72
N GLY L 155 7.85 -2.91 18.35
CA GLY L 155 8.21 -2.92 16.94
C GLY L 155 8.06 -1.55 16.30
N THR L 156 7.77 -1.57 15.01
CA THR L 156 7.61 -0.35 14.23
C THR L 156 6.41 -0.49 13.30
N VAL L 157 5.72 0.62 13.06
CA VAL L 157 4.59 0.62 12.14
C VAL L 157 5.11 0.29 10.74
N GLY L 158 4.53 -0.73 10.13
CA GLY L 158 4.98 -1.20 8.84
C GLY L 158 5.81 -2.46 8.87
N ASP L 159 6.13 -2.97 10.06
CA ASP L 159 6.63 -4.33 10.16
C ASP L 159 5.51 -5.32 9.89
N ILE L 160 5.82 -6.39 9.17
CA ILE L 160 4.80 -7.40 8.87
C ILE L 160 4.19 -7.95 10.14
N GLU L 161 5.00 -8.07 11.20
CA GLU L 161 4.56 -8.72 12.42
C GLU L 161 3.61 -7.84 13.24
N SER L 162 3.63 -6.53 13.02
CA SER L 162 2.78 -5.63 13.78
C SER L 162 1.36 -5.56 13.22
N GLN L 163 1.12 -6.09 12.03
CA GLN L 163 -0.17 -5.89 11.39
C GLN L 163 -1.34 -6.40 12.21
N PRO L 164 -1.28 -7.56 12.86
CA PRO L 164 -2.45 -8.00 13.65
C PRO L 164 -2.69 -7.16 14.88
N PHE L 165 -1.63 -6.70 15.55
CA PHE L 165 -1.82 -5.90 16.76
C PHE L 165 -2.41 -4.55 16.44
N LEU L 166 -1.97 -3.90 15.36
CA LEU L 166 -2.55 -2.62 15.00
C LEU L 166 -3.98 -2.76 14.49
N GLU L 167 -4.30 -3.89 13.85
CA GLU L 167 -5.69 -4.14 13.48
C GLU L 167 -6.56 -4.35 14.72
N ALA L 168 -6.02 -5.02 15.74
CA ALA L 168 -6.76 -5.16 16.98
C ALA L 168 -6.96 -3.81 17.66
N ALA L 169 -5.94 -2.96 17.63
CA ALA L 169 -6.08 -1.62 18.19
C ALA L 169 -7.15 -0.81 17.43
N ARG L 170 -7.18 -0.94 16.12
CA ARG L 170 -8.20 -0.27 15.33
C ARG L 170 -9.59 -0.79 15.70
N GLN L 171 -9.73 -2.09 15.89
CA GLN L 171 -11.02 -2.63 16.29
C GLN L 171 -11.42 -2.16 17.67
N VAL L 172 -10.47 -2.03 18.59
CA VAL L 172 -10.77 -1.49 19.92
C VAL L 172 -11.26 -0.06 19.80
N ARG L 173 -10.61 0.75 18.97
CA ARG L 173 -11.10 2.11 18.76
C ARG L 173 -12.50 2.12 18.16
N HIS L 174 -12.81 1.16 17.31
CA HIS L 174 -14.16 1.09 16.74
C HIS L 174 -15.18 0.72 17.82
N TYR L 175 -14.87 -0.30 18.61
CA TYR L 175 -15.80 -0.78 19.64
C TYR L 175 -16.06 0.27 20.70
N LEU L 176 -15.01 0.85 21.27
CA LEU L 176 -15.16 1.79 22.39
C LEU L 176 -15.34 3.23 21.96
N GLY L 177 -15.07 3.57 20.71
CA GLY L 177 -15.20 4.94 20.23
C GLY L 177 -14.03 5.81 20.63
N ARG L 178 -14.02 7.02 20.09
CA ARG L 178 -12.88 7.92 20.26
C ARG L 178 -12.82 8.51 21.67
N GLU L 179 -13.93 8.56 22.39
CA GLU L 179 -13.90 9.14 23.73
C GLU L 179 -13.12 8.28 24.71
N ASP L 180 -12.81 7.04 24.36
CA ASP L 180 -12.12 6.12 25.27
C ASP L 180 -10.73 5.73 24.81
N VAL L 181 -10.38 5.90 23.54
CA VAL L 181 -9.13 5.37 23.00
C VAL L 181 -8.29 6.51 22.45
N PHE L 182 -7.03 6.57 22.87
CA PHE L 182 -6.09 7.63 22.55
C PHE L 182 -4.83 6.99 21.97
N PHE L 183 -4.35 7.50 20.85
CA PHE L 183 -3.17 6.96 20.16
C PHE L 183 -2.01 7.92 20.30
N LEU L 184 -0.93 7.47 20.93
CA LEU L 184 0.29 8.24 21.07
C LEU L 184 1.34 7.61 20.16
N HIS L 185 1.93 8.41 19.28
CA HIS L 185 2.88 7.93 18.28
C HIS L 185 4.24 8.55 18.52
N VAL L 186 5.26 7.71 18.62
CA VAL L 186 6.63 8.15 18.88
C VAL L 186 7.43 8.03 17.61
N SER L 187 8.14 9.08 17.23
CA SER L 187 8.81 9.15 15.94
C SER L 187 10.12 9.89 16.08
N LEU L 188 11.02 9.67 15.13
CA LEU L 188 12.38 10.18 15.18
C LEU L 188 12.54 11.37 14.24
N VAL L 189 13.24 12.40 14.70
CA VAL L 189 13.60 13.55 13.89
C VAL L 189 15.11 13.58 13.75
N PRO L 190 15.69 13.07 12.66
CA PRO L 190 17.15 13.03 12.56
C PRO L 190 17.75 14.36 12.20
N TYR L 191 18.97 14.57 12.68
CA TYR L 191 19.76 15.75 12.38
C TYR L 191 20.85 15.38 11.38
N LEU L 192 20.90 16.08 10.26
CA LEU L 192 21.90 15.83 9.21
C LEU L 192 22.99 16.88 9.34
N ALA L 193 24.17 16.46 9.81
CA ALA L 193 25.23 17.41 10.09
C ALA L 193 25.69 18.20 8.86
N PRO L 194 25.87 17.60 7.69
CA PRO L 194 26.43 18.36 6.56
C PRO L 194 25.63 19.61 6.20
N SER L 195 24.30 19.56 6.26
CA SER L 195 23.47 20.70 5.93
C SER L 195 22.84 21.36 7.15
N GLY L 196 23.08 20.82 8.35
CA GLY L 196 22.66 21.49 9.57
C GLY L 196 21.17 21.74 9.67
N GLU L 197 20.36 20.71 9.39
CA GLU L 197 18.92 20.85 9.41
C GLU L 197 18.29 19.60 9.98
N LEU L 198 17.25 19.78 10.80
CA LEU L 198 16.42 18.66 11.23
C LEU L 198 15.44 18.32 10.12
N LYS L 199 15.19 17.03 9.94
CA LYS L 199 14.35 16.54 8.86
C LYS L 199 13.07 15.95 9.43
N THR L 200 11.92 16.43 8.94
CA THR L 200 10.63 15.93 9.39
C THR L 200 10.07 14.84 8.48
N LYS L 201 10.67 14.60 7.32
CA LYS L 201 10.09 13.66 6.38
C LYS L 201 9.92 12.26 6.95
N PRO L 202 10.87 11.71 7.72
CA PRO L 202 10.60 10.39 8.32
C PRO L 202 9.34 10.36 9.16
N THR L 203 9.07 11.42 9.91
CA THR L 203 7.83 11.48 10.69
C THR L 203 6.62 11.52 9.79
N GLN L 204 6.67 12.31 8.71
CA GLN L 204 5.53 12.37 7.80
C GLN L 204 5.24 11.01 7.21
N HIS L 205 6.28 10.32 6.75
CA HIS L 205 6.07 9.00 6.18
C HIS L 205 5.57 8.01 7.20
N SER L 206 6.03 8.10 8.45
CA SER L 206 5.54 7.19 9.47
C SER L 206 4.07 7.44 9.79
N VAL L 207 3.67 8.71 9.90
CA VAL L 207 2.28 9.02 10.17
C VAL L 207 1.40 8.60 9.00
N ALA L 208 1.90 8.76 7.78
CA ALA L 208 1.15 8.30 6.62
C ALA L 208 1.01 6.79 6.61
N ALA L 209 2.07 6.08 6.99
CA ALA L 209 1.99 4.63 7.10
C ALA L 209 0.97 4.21 8.13
N LEU L 210 0.93 4.93 9.26
CA LEU L 210 -0.05 4.63 10.29
C LEU L 210 -1.47 4.90 9.81
N ARG L 211 -1.68 6.03 9.12
CA ARG L 211 -3.00 6.32 8.58
C ARG L 211 -3.43 5.31 7.53
N SER L 212 -2.48 4.68 6.85
CA SER L 212 -2.84 3.73 5.80
C SER L 212 -3.44 2.45 6.36
N ILE L 213 -3.42 2.24 7.68
CA ILE L 213 -4.09 1.12 8.31
C ILE L 213 -5.27 1.56 9.16
N GLY L 214 -5.61 2.85 9.13
CA GLY L 214 -6.80 3.32 9.79
C GLY L 214 -6.62 3.90 11.17
N ILE L 215 -5.42 4.32 11.55
CA ILE L 215 -5.15 4.91 12.85
C ILE L 215 -4.71 6.35 12.62
N THR L 216 -5.35 7.28 13.33
CA THR L 216 -4.94 8.68 13.32
C THR L 216 -4.33 9.03 14.67
N PRO L 217 -3.04 9.37 14.74
CA PRO L 217 -2.45 9.68 16.04
C PRO L 217 -3.07 10.91 16.66
N ASP L 218 -3.23 10.87 17.98
CA ASP L 218 -3.70 12.06 18.70
C ASP L 218 -2.55 12.96 19.10
N ALA L 219 -1.36 12.40 19.33
CA ALA L 219 -0.19 13.19 19.69
C ALA L 219 1.05 12.54 19.10
N LEU L 220 2.08 13.34 18.90
CA LEU L 220 3.36 12.87 18.38
C LEU L 220 4.44 13.20 19.41
N ILE L 221 5.26 12.20 19.74
CA ILE L 221 6.45 12.41 20.56
C ILE L 221 7.63 12.47 19.59
N LEU L 222 8.21 13.67 19.42
CA LEU L 222 9.30 13.86 18.49
C LEU L 222 10.60 13.63 19.23
N ARG L 223 11.16 12.43 19.10
CA ARG L 223 12.46 12.13 19.69
C ARG L 223 13.55 12.78 18.86
N CYS L 224 14.48 13.45 19.54
CA CYS L 224 15.51 14.22 18.87
C CYS L 224 16.72 14.29 19.78
N ASP L 225 17.86 14.66 19.20
CA ASP L 225 19.05 14.90 20.01
C ASP L 225 19.13 16.34 20.52
N ARG L 226 18.31 17.23 19.98
CA ARG L 226 18.27 18.62 20.40
C ARG L 226 16.83 19.09 20.40
N ASP L 227 16.55 20.15 21.14
CA ASP L 227 15.18 20.65 21.23
C ASP L 227 14.70 21.09 19.85
N VAL L 228 13.52 20.62 19.46
CA VAL L 228 13.01 20.87 18.11
C VAL L 228 12.57 22.33 18.01
N PRO L 229 12.94 23.05 16.96
CA PRO L 229 12.41 24.41 16.78
C PRO L 229 10.89 24.40 16.67
N GLU L 230 10.29 25.55 16.95
CA GLU L 230 8.84 25.67 16.90
C GLU L 230 8.32 25.61 15.46
N ALA L 231 9.07 26.15 14.51
CA ALA L 231 8.63 26.12 13.12
C ALA L 231 8.48 24.70 12.62
N LEU L 232 9.37 23.80 13.04
CA LEU L 232 9.24 22.41 12.63
C LEU L 232 7.99 21.77 13.25
N LYS L 233 7.69 22.09 14.51
CA LYS L 233 6.48 21.56 15.11
C LYS L 233 5.25 22.06 14.37
N ASN L 234 5.24 23.33 13.97
CA ASN L 234 4.12 23.84 13.19
C ASN L 234 4.00 23.11 11.86
N LYS L 235 5.12 22.90 11.17
CA LYS L 235 5.08 22.16 9.91
C LYS L 235 4.55 20.76 10.11
N ILE L 236 5.02 20.08 11.15
CA ILE L 236 4.59 18.70 11.40
C ILE L 236 3.10 18.67 11.71
N ALA L 237 2.63 19.58 12.56
CA ALA L 237 1.21 19.63 12.88
C ALA L 237 0.39 19.83 11.62
N LEU L 238 0.81 20.75 10.76
CA LEU L 238 0.05 21.02 9.55
C LEU L 238 0.03 19.79 8.62
N MET L 239 1.21 19.23 8.36
CA MET L 239 1.30 18.13 7.39
C MET L 239 0.64 16.86 7.91
N CYS L 240 0.64 16.63 9.22
CA CYS L 240 0.24 15.37 9.80
C CYS L 240 -1.17 15.38 10.38
N ASP L 241 -1.88 16.51 10.31
CA ASP L 241 -3.23 16.63 10.85
C ASP L 241 -3.27 16.22 12.32
N VAL L 242 -2.36 16.79 13.09
CA VAL L 242 -2.30 16.60 14.53
C VAL L 242 -2.44 17.97 15.19
N ASP L 243 -3.22 18.01 16.26
CA ASP L 243 -3.39 19.26 17.00
C ASP L 243 -2.04 19.78 17.46
N ILE L 244 -1.79 21.07 17.25
CA ILE L 244 -0.50 21.65 17.59
C ILE L 244 -0.19 21.47 19.06
N ASP L 245 -1.21 21.31 19.91
CA ASP L 245 -0.97 20.94 21.30
C ASP L 245 -0.33 19.56 21.42
N GLY L 246 -0.51 18.70 20.42
CA GLY L 246 -0.12 17.31 20.52
C GLY L 246 1.24 16.97 19.95
N VAL L 247 2.01 17.93 19.47
CA VAL L 247 3.36 17.69 19.00
C VAL L 247 4.32 18.00 20.14
N ILE L 248 4.97 16.97 20.67
CA ILE L 248 5.73 17.06 21.91
C ILE L 248 7.20 16.84 21.60
N SER L 249 8.02 17.84 21.86
CA SER L 249 9.46 17.75 21.66
C SER L 249 10.10 17.05 22.85
N THR L 250 10.83 15.97 22.59
CA THR L 250 11.33 15.08 23.64
C THR L 250 12.82 14.80 23.43
N PRO L 251 13.67 15.77 23.68
CA PRO L 251 15.10 15.59 23.43
C PRO L 251 15.72 14.60 24.42
N ASP L 252 16.89 14.09 24.04
CA ASP L 252 17.61 13.10 24.83
C ASP L 252 18.01 13.67 26.17
N ALA L 253 17.37 13.21 27.24
CA ALA L 253 17.65 13.73 28.56
C ALA L 253 18.92 13.13 29.14
N PRO L 254 19.64 13.86 29.98
CA PRO L 254 20.88 13.32 30.55
C PRO L 254 20.67 12.07 31.37
N SER L 255 19.51 11.90 31.99
CA SER L 255 19.15 10.65 32.65
C SER L 255 17.69 10.35 32.37
N ILE L 256 17.34 9.07 32.45
CA ILE L 256 15.97 8.67 32.14
C ILE L 256 14.96 9.23 33.13
N TYR L 257 15.41 9.60 34.34
CA TYR L 257 14.47 10.10 35.34
C TYR L 257 14.04 11.53 35.09
N ASP L 258 14.69 12.25 34.19
CA ASP L 258 14.21 13.57 33.80
C ASP L 258 13.00 13.52 32.89
N ILE L 259 12.72 12.35 32.30
CA ILE L 259 11.68 12.28 31.27
C ILE L 259 10.33 12.70 31.82
N PRO L 260 9.90 12.28 33.01
CA PRO L 260 8.61 12.79 33.52
C PRO L 260 8.56 14.31 33.56
N LYS L 261 9.66 14.96 33.93
CA LYS L 261 9.69 16.42 33.93
C LYS L 261 9.57 16.97 32.52
N VAL L 262 10.23 16.34 31.55
CA VAL L 262 10.14 16.81 30.17
C VAL L 262 8.71 16.71 29.67
N LEU L 263 8.06 15.57 29.91
CA LEU L 263 6.70 15.39 29.43
C LEU L 263 5.74 16.33 30.14
N HIS L 264 5.91 16.54 31.45
CA HIS L 264 5.05 17.47 32.17
C HIS L 264 5.25 18.90 31.68
N ARG L 265 6.51 19.31 31.50
CA ARG L 265 6.81 20.66 31.02
C ARG L 265 6.16 20.92 29.66
N GLU L 266 6.12 19.91 28.80
CA GLU L 266 5.45 20.03 27.52
C GLU L 266 3.95 19.84 27.62
N GLU L 267 3.43 19.49 28.80
CA GLU L 267 2.01 19.34 29.02
C GLU L 267 1.42 18.19 28.21
N LEU L 268 2.15 17.09 28.10
CA LEU L 268 1.59 15.89 27.50
C LEU L 268 0.51 15.29 28.39
N ASP L 269 0.77 15.21 29.69
CA ASP L 269 -0.20 14.63 30.61
C ASP L 269 -1.48 15.44 30.64
N ALA L 270 -1.35 16.78 30.64
CA ALA L 270 -2.53 17.62 30.57
C ALA L 270 -3.32 17.36 29.30
N PHE L 271 -2.63 17.25 28.17
CA PHE L 271 -3.30 16.99 26.90
C PHE L 271 -4.05 15.66 26.93
N VAL L 272 -3.40 14.61 27.43
CA VAL L 272 -4.03 13.30 27.51
C VAL L 272 -5.26 13.36 28.42
N VAL L 273 -5.12 14.00 29.58
CA VAL L 273 -6.23 14.06 30.53
C VAL L 273 -7.41 14.81 29.94
N ARG L 274 -7.15 15.97 29.32
CA ARG L 274 -8.24 16.69 28.66
C ARG L 274 -8.90 15.84 27.60
N ARG L 275 -8.10 15.21 26.74
CA ARG L 275 -8.64 14.53 25.57
C ARG L 275 -9.46 13.31 25.97
N LEU L 276 -9.01 12.57 27.00
CA LEU L 276 -9.76 11.43 27.49
C LEU L 276 -10.84 11.81 28.50
N ASN L 277 -10.91 13.08 28.90
CA ASN L 277 -11.94 13.54 29.84
C ASN L 277 -11.82 12.82 31.18
N LEU L 278 -10.60 12.67 31.67
CA LEU L 278 -10.39 12.00 32.95
C LEU L 278 -10.45 13.01 34.09
N PRO L 279 -10.92 12.60 35.27
CA PRO L 279 -10.82 13.46 36.44
C PRO L 279 -9.41 13.43 37.02
N PHE L 280 -8.93 14.59 37.46
CA PHE L 280 -7.53 14.73 37.79
C PHE L 280 -7.33 15.63 39.00
N ARG L 281 -6.08 15.66 39.47
CA ARG L 281 -5.58 16.66 40.40
C ARG L 281 -4.11 16.91 40.06
N ASP L 282 -3.58 18.02 40.57
CA ASP L 282 -2.22 18.40 40.23
C ASP L 282 -1.22 17.38 40.74
N VAL L 283 -0.10 17.27 40.04
CA VAL L 283 0.96 16.34 40.39
C VAL L 283 1.65 16.81 41.67
N ASP L 284 1.79 15.91 42.64
CA ASP L 284 2.56 16.18 43.84
C ASP L 284 4.02 15.77 43.57
N TRP L 285 4.86 16.75 43.29
CA TRP L 285 6.23 16.50 42.86
C TRP L 285 7.19 16.22 44.01
N THR L 286 6.72 16.07 45.24
CA THR L 286 7.63 16.00 46.38
C THR L 286 8.63 14.85 46.23
N GLU L 287 8.11 13.64 46.02
CA GLU L 287 8.96 12.46 45.97
C GLU L 287 9.95 12.52 44.81
N TRP L 288 9.45 12.80 43.61
CA TRP L 288 10.32 12.76 42.45
C TRP L 288 11.29 13.92 42.45
N ASP L 289 10.92 15.06 43.05
CA ASP L 289 11.89 16.13 43.21
C ASP L 289 13.03 15.70 44.12
N ASP L 290 12.73 14.95 45.19
CA ASP L 290 13.80 14.43 46.02
C ASP L 290 14.69 13.47 45.23
N LEU L 291 14.07 12.60 44.44
CA LEU L 291 14.83 11.68 43.60
C LEU L 291 15.76 12.44 42.66
N LEU L 292 15.25 13.48 42.02
CA LEU L 292 16.05 14.22 41.06
C LEU L 292 17.11 15.08 41.73
N ARG L 293 16.92 15.45 43.00
CA ARG L 293 18.01 16.03 43.76
C ARG L 293 19.13 15.01 43.94
N ARG L 294 18.76 13.78 44.33
CA ARG L 294 19.78 12.75 44.49
C ARG L 294 20.48 12.47 43.17
N VAL L 295 19.77 12.62 42.05
CA VAL L 295 20.38 12.42 40.74
C VAL L 295 21.36 13.54 40.42
N HIS L 296 20.86 14.78 40.36
CA HIS L 296 21.63 15.87 39.76
C HIS L 296 22.57 16.58 40.72
N GLU L 297 22.41 16.42 42.02
CA GLU L 297 23.24 17.14 43.00
C GLU L 297 23.80 16.17 44.04
N PRO L 298 24.65 15.24 43.61
CA PRO L 298 25.29 14.33 44.56
C PRO L 298 26.44 15.00 45.29
N HIS L 299 26.76 14.45 46.46
CA HIS L 299 27.85 14.99 47.27
C HIS L 299 29.21 14.47 46.83
N GLU L 300 29.27 13.28 46.24
CA GLU L 300 30.56 12.68 45.88
C GLU L 300 30.37 11.85 44.62
N THR L 301 31.41 11.10 44.26
CA THR L 301 31.43 10.30 43.04
C THR L 301 32.28 9.07 43.26
N VAL L 302 31.93 7.98 42.56
CA VAL L 302 32.67 6.74 42.64
C VAL L 302 32.57 6.03 41.30
N ARG L 303 33.65 5.37 40.90
CA ARG L 303 33.74 4.66 39.63
C ARG L 303 33.67 3.16 39.86
N ILE L 304 32.79 2.49 39.12
CA ILE L 304 32.59 1.05 39.25
C ILE L 304 32.76 0.42 37.86
N ALA L 305 33.55 -0.64 37.80
CA ALA L 305 33.71 -1.40 36.57
C ALA L 305 32.57 -2.40 36.40
N LEU L 306 32.02 -2.46 35.21
CA LEU L 306 31.04 -3.48 34.82
C LEU L 306 31.75 -4.41 33.85
N VAL L 307 31.92 -5.67 34.24
CA VAL L 307 32.69 -6.64 33.48
C VAL L 307 31.72 -7.64 32.85
N GLY L 308 31.74 -7.73 31.53
CA GLY L 308 30.88 -8.67 30.83
C GLY L 308 31.28 -8.77 29.38
N LYS L 309 30.60 -9.67 28.67
CA LYS L 309 30.82 -9.83 27.24
C LYS L 309 29.99 -8.86 26.41
N TYR L 310 28.72 -8.66 26.78
CA TYR L 310 27.85 -7.78 25.99
C TYR L 310 28.17 -6.31 26.23
N VAL L 311 29.17 -5.99 27.04
CA VAL L 311 29.49 -4.60 27.35
C VAL L 311 29.93 -3.81 26.12
N GLU L 312 30.11 -4.47 24.98
CA GLU L 312 30.55 -3.78 23.78
C GLU L 312 29.42 -2.92 23.22
N LEU L 313 29.14 -1.80 23.91
CA LEU L 313 28.15 -0.82 23.47
C LEU L 313 26.78 -1.47 23.27
N SER L 314 26.24 -2.02 24.35
CA SER L 314 24.90 -2.57 24.34
C SER L 314 24.29 -2.41 25.72
N ASP L 315 22.97 -2.25 25.76
CA ASP L 315 22.20 -2.15 27.00
C ASP L 315 21.78 -3.50 27.52
N ALA L 316 22.71 -4.46 27.58
CA ALA L 316 22.39 -5.79 28.08
C ALA L 316 22.32 -5.84 29.60
N TYR L 317 22.69 -4.77 30.28
CA TYR L 317 22.79 -4.74 31.74
C TYR L 317 22.00 -3.58 32.32
N LEU L 318 20.87 -3.23 31.70
CA LEU L 318 20.18 -2.01 32.08
C LEU L 318 19.73 -2.04 33.53
N SER L 319 19.13 -3.16 33.95
CA SER L 319 18.64 -3.24 35.33
C SER L 319 19.79 -3.12 36.32
N VAL L 320 20.93 -3.75 36.01
CA VAL L 320 22.08 -3.69 36.92
C VAL L 320 22.62 -2.27 37.01
N ALA L 321 22.76 -1.60 35.87
CA ALA L 321 23.27 -0.23 35.89
C ALA L 321 22.33 0.69 36.66
N GLU L 322 21.03 0.52 36.47
CA GLU L 322 20.07 1.34 37.20
C GLU L 322 20.07 1.02 38.68
N ALA L 323 20.22 -0.25 39.05
CA ALA L 323 20.29 -0.59 40.47
C ALA L 323 21.55 -0.03 41.11
N LEU L 324 22.67 -0.03 40.38
CA LEU L 324 23.87 0.63 40.86
C LEU L 324 23.61 2.11 41.11
N ARG L 325 22.98 2.79 40.14
CA ARG L 325 22.74 4.21 40.32
C ARG L 325 21.73 4.47 41.45
N ALA L 326 20.77 3.57 41.64
CA ALA L 326 19.86 3.71 42.77
C ALA L 326 20.59 3.58 44.09
N GLY L 327 21.50 2.62 44.17
CA GLY L 327 22.36 2.53 45.35
C GLY L 327 23.13 3.81 45.58
N GLY L 328 23.66 4.40 44.52
CA GLY L 328 24.32 5.69 44.65
C GLY L 328 23.37 6.76 45.17
N PHE L 329 22.13 6.73 44.70
CA PHE L 329 21.14 7.71 45.14
C PHE L 329 20.84 7.58 46.62
N LYS L 330 20.81 6.35 47.15
CA LYS L 330 20.58 6.19 48.58
C LYS L 330 21.65 6.90 49.41
N HIS L 331 22.89 6.91 48.93
CA HIS L 331 23.99 7.58 49.62
C HIS L 331 24.26 8.98 49.10
N ARG L 332 23.49 9.46 48.11
CA ARG L 332 23.77 10.73 47.46
C ARG L 332 25.19 10.77 46.91
N ALA L 333 25.59 9.69 46.24
CA ALA L 333 26.82 9.64 45.47
C ALA L 333 26.51 9.43 44.00
N LYS L 334 27.27 10.09 43.13
CA LYS L 334 27.24 9.76 41.71
C LYS L 334 28.03 8.49 41.47
N VAL L 335 27.41 7.52 40.81
CA VAL L 335 28.10 6.29 40.42
C VAL L 335 28.39 6.39 38.93
N GLU L 336 29.68 6.33 38.58
CA GLU L 336 30.12 6.32 37.20
C GLU L 336 30.50 4.90 36.82
N ILE L 337 29.99 4.43 35.68
CA ILE L 337 30.17 3.04 35.25
C ILE L 337 31.25 3.00 34.18
N CYS L 338 32.28 2.19 34.43
CA CYS L 338 33.33 1.92 33.45
C CYS L 338 33.03 0.56 32.83
N TRP L 339 32.74 0.56 31.53
CA TRP L 339 32.35 -0.67 30.85
C TRP L 339 33.62 -1.42 30.45
N VAL L 340 33.86 -2.56 31.10
CA VAL L 340 35.10 -3.31 30.97
C VAL L 340 34.80 -4.65 30.32
N ALA L 341 35.52 -4.95 29.25
CA ALA L 341 35.38 -6.26 28.61
C ALA L 341 35.97 -7.35 29.48
N SER L 342 35.26 -8.47 29.58
CA SER L 342 35.75 -9.59 30.39
C SER L 342 37.06 -10.13 29.83
N ASP L 343 37.21 -10.19 28.51
CA ASP L 343 38.33 -10.88 27.90
C ASP L 343 39.64 -10.11 28.03
N GLY L 344 39.59 -8.82 28.32
CA GLY L 344 40.80 -8.09 28.67
C GLY L 344 41.31 -8.38 30.06
N CYS L 345 40.52 -9.05 30.89
CA CYS L 345 40.90 -9.37 32.26
C CYS L 345 41.38 -10.81 32.43
N GLU L 346 41.52 -11.56 31.32
CA GLU L 346 41.99 -12.94 31.42
C GLU L 346 43.44 -12.99 31.92
N THR L 347 44.28 -12.11 31.42
CA THR L 347 45.65 -11.98 31.90
C THR L 347 45.68 -11.03 33.10
N THR L 348 46.57 -11.32 34.05
CA THR L 348 46.66 -10.49 35.25
C THR L 348 47.07 -9.06 34.89
N SER L 349 47.98 -8.91 33.93
CA SER L 349 48.36 -7.58 33.48
C SER L 349 47.18 -6.88 32.80
N GLY L 350 46.43 -7.60 31.99
CA GLY L 350 45.25 -7.02 31.36
C GLY L 350 44.20 -6.64 32.38
N ALA L 351 43.98 -7.49 33.38
CA ALA L 351 43.05 -7.16 34.45
C ALA L 351 43.49 -5.91 35.20
N ALA L 352 44.79 -5.81 35.49
CA ALA L 352 45.30 -4.62 36.17
C ALA L 352 45.10 -3.38 35.30
N ALA L 353 45.36 -3.49 34.00
CA ALA L 353 45.19 -2.34 33.11
C ALA L 353 43.74 -1.90 33.05
N ALA L 354 42.81 -2.86 33.03
CA ALA L 354 41.40 -2.52 32.95
C ALA L 354 40.88 -1.92 34.27
N LEU L 355 41.17 -2.59 35.39
CA LEU L 355 40.48 -2.30 36.64
C LEU L 355 41.20 -1.31 37.54
N GLY L 356 42.49 -1.06 37.31
CA GLY L 356 43.29 -0.37 38.31
C GLY L 356 42.76 0.98 38.75
N ASP L 357 41.97 1.65 37.91
CA ASP L 357 41.50 2.99 38.22
C ASP L 357 40.15 3.01 38.94
N VAL L 358 39.44 1.90 39.00
CA VAL L 358 38.08 1.88 39.55
C VAL L 358 38.10 1.72 41.06
N HIS L 359 36.94 1.91 41.68
CA HIS L 359 36.76 1.71 43.12
C HIS L 359 35.90 0.50 43.44
N GLY L 360 35.48 -0.27 42.45
CA GLY L 360 34.73 -1.49 42.70
C GLY L 360 34.43 -2.18 41.39
N VAL L 361 34.12 -3.46 41.49
CA VAL L 361 33.92 -4.32 40.33
C VAL L 361 32.61 -5.07 40.49
N LEU L 362 31.86 -5.17 39.39
CA LEU L 362 30.60 -5.91 39.37
C LEU L 362 30.66 -6.97 38.30
N ILE L 363 30.32 -8.20 38.67
CA ILE L 363 30.26 -9.31 37.72
C ILE L 363 28.80 -9.71 37.56
N PRO L 364 28.10 -9.22 36.54
CA PRO L 364 26.68 -9.55 36.39
C PRO L 364 26.49 -10.91 35.73
N GLY L 365 25.25 -11.40 35.85
CA GLY L 365 24.90 -12.69 35.27
C GLY L 365 24.63 -12.60 33.78
N GLY L 366 24.40 -13.76 33.20
CA GLY L 366 24.12 -13.85 31.77
C GLY L 366 23.88 -15.29 31.38
N PHE L 367 23.51 -15.47 30.12
CA PHE L 367 23.24 -16.79 29.55
C PHE L 367 23.84 -16.85 28.16
N GLY L 368 24.18 -18.08 27.74
CA GLY L 368 24.97 -18.23 26.53
C GLY L 368 26.34 -17.62 26.65
N ILE L 369 26.80 -17.37 27.88
CA ILE L 369 28.05 -16.67 28.10
C ILE L 369 29.22 -17.65 27.95
N ARG L 370 30.40 -17.08 27.66
CA ARG L 370 31.62 -17.87 27.55
C ARG L 370 32.80 -17.02 27.99
N GLY L 371 33.92 -17.68 28.25
CA GLY L 371 35.13 -16.98 28.61
C GLY L 371 35.19 -16.52 30.04
N ILE L 372 34.52 -17.23 30.96
CA ILE L 372 34.49 -16.82 32.35
C ILE L 372 35.86 -16.85 32.98
N GLU L 373 36.86 -17.39 32.29
CA GLU L 373 38.23 -17.27 32.77
C GLU L 373 38.59 -15.81 32.98
N GLY L 374 38.16 -14.93 32.08
CA GLY L 374 38.39 -13.51 32.27
C GLY L 374 37.64 -12.94 33.46
N LYS L 375 36.39 -13.36 33.66
CA LYS L 375 35.63 -12.91 34.82
C LYS L 375 36.33 -13.30 36.12
N ILE L 376 36.68 -14.58 36.25
CA ILE L 376 37.38 -15.05 37.45
C ILE L 376 38.73 -14.36 37.59
N GLY L 377 39.38 -14.05 36.46
CA GLY L 377 40.63 -13.32 36.52
C GLY L 377 40.44 -11.93 37.12
N ALA L 378 39.36 -11.26 36.72
CA ALA L 378 39.04 -9.98 37.34
C ALA L 378 38.76 -10.13 38.82
N ILE L 379 38.08 -11.21 39.22
CA ILE L 379 37.84 -11.44 40.65
C ILE L 379 39.17 -11.61 41.38
N ALA L 380 40.05 -12.45 40.83
CA ALA L 380 41.34 -12.71 41.48
C ALA L 380 42.13 -11.42 41.63
N TYR L 381 42.21 -10.63 40.56
CA TYR L 381 42.94 -9.37 40.64
C TYR L 381 42.30 -8.44 41.66
N ALA L 382 40.97 -8.32 41.64
CA ALA L 382 40.32 -7.38 42.55
C ALA L 382 40.54 -7.78 44.00
N ARG L 383 40.45 -9.08 44.30
CA ARG L 383 40.70 -9.55 45.65
C ARG L 383 42.11 -9.21 46.10
N ALA L 384 43.10 -9.45 45.22
CA ALA L 384 44.46 -9.09 45.58
C ALA L 384 44.60 -7.58 45.79
N ARG L 385 43.97 -6.77 44.94
CA ARG L 385 44.08 -5.33 45.01
C ARG L 385 43.25 -4.73 46.15
N GLY L 386 42.24 -5.44 46.63
CA GLY L 386 41.41 -4.96 47.71
C GLY L 386 40.15 -4.23 47.27
N LEU L 387 39.83 -4.26 45.98
CA LEU L 387 38.62 -3.60 45.51
C LEU L 387 37.38 -4.40 45.91
N PRO L 388 36.28 -3.75 46.28
CA PRO L 388 35.06 -4.48 46.59
C PRO L 388 34.45 -5.06 45.33
N VAL L 389 33.78 -6.21 45.48
CA VAL L 389 33.20 -6.95 44.37
C VAL L 389 31.79 -7.38 44.73
N LEU L 390 30.87 -7.21 43.79
CA LEU L 390 29.52 -7.76 43.89
C LEU L 390 29.31 -8.67 42.68
N GLY L 391 28.90 -9.90 42.94
CA GLY L 391 28.72 -10.88 41.88
C GLY L 391 27.30 -11.36 41.78
N LEU L 392 26.70 -11.22 40.61
CA LEU L 392 25.29 -11.53 40.41
C LEU L 392 25.16 -12.78 39.56
N CYS L 393 24.54 -13.82 40.13
CA CYS L 393 24.36 -15.09 39.43
C CYS L 393 25.71 -15.67 39.01
N LEU L 394 26.06 -15.49 37.74
CA LEU L 394 27.38 -15.90 37.27
C LEU L 394 28.48 -15.25 38.09
N GLY L 395 28.24 -14.07 38.64
CA GLY L 395 29.23 -13.48 39.54
C GLY L 395 29.48 -14.33 40.76
N LEU L 396 28.41 -14.86 41.36
CA LEU L 396 28.57 -15.79 42.47
C LEU L 396 29.27 -17.06 42.03
N GLN L 397 28.91 -17.58 40.85
CA GLN L 397 29.55 -18.80 40.38
C GLN L 397 31.05 -18.59 40.19
N CYS L 398 31.43 -17.45 39.61
CA CYS L 398 32.84 -17.12 39.45
C CYS L 398 33.53 -16.93 40.80
N ILE L 399 32.83 -16.34 41.77
CA ILE L 399 33.42 -16.20 43.11
C ILE L 399 33.73 -17.58 43.69
N VAL L 400 32.77 -18.50 43.58
CA VAL L 400 32.97 -19.84 44.12
C VAL L 400 34.09 -20.57 43.38
N ILE L 401 34.19 -20.36 42.06
CA ILE L 401 35.27 -21.00 41.31
C ILE L 401 36.62 -20.40 41.69
N GLU L 402 36.66 -19.09 41.92
CA GLU L 402 37.89 -18.46 42.40
C GLU L 402 38.31 -19.05 43.73
N ALA L 403 37.36 -19.22 44.64
CA ALA L 403 37.68 -19.84 45.93
C ALA L 403 38.15 -21.28 45.74
N ALA L 404 37.52 -22.02 44.82
CA ALA L 404 37.98 -23.37 44.51
C ALA L 404 39.44 -23.35 44.08
N ARG L 405 39.79 -22.45 43.17
CA ARG L 405 41.16 -22.30 42.72
C ARG L 405 42.06 -21.64 43.76
N SER L 406 41.52 -21.26 44.91
CA SER L 406 42.32 -20.70 46.00
C SER L 406 42.76 -21.73 47.03
N VAL L 407 42.20 -22.93 47.02
CA VAL L 407 42.41 -23.90 48.10
C VAL L 407 43.01 -25.20 47.63
N GLY L 408 43.19 -25.42 46.33
CA GLY L 408 43.72 -26.68 45.84
C GLY L 408 43.06 -27.15 44.56
N LEU L 409 41.94 -26.54 44.19
CA LEU L 409 41.11 -27.05 43.11
C LEU L 409 41.40 -26.29 41.82
N THR L 410 42.63 -26.39 41.33
CA THR L 410 43.08 -25.55 40.24
C THR L 410 42.33 -25.82 38.94
N ASN L 411 41.91 -27.07 38.72
CA ASN L 411 41.15 -27.43 37.53
C ASN L 411 39.65 -27.37 37.74
N ALA L 412 39.19 -26.85 38.87
CA ALA L 412 37.76 -26.78 39.14
C ALA L 412 37.07 -25.82 38.19
N ASN L 413 35.81 -26.11 37.90
CA ASN L 413 35.02 -25.29 37.00
C ASN L 413 33.55 -25.67 37.17
N SER L 414 32.70 -25.00 36.41
CA SER L 414 31.31 -25.44 36.27
C SER L 414 31.23 -26.53 35.22
N ALA L 415 30.32 -27.49 35.43
CA ALA L 415 30.04 -28.48 34.40
C ALA L 415 29.53 -27.83 33.13
N GLU L 416 29.03 -26.60 33.22
CA GLU L 416 28.63 -25.87 32.01
C GLU L 416 29.84 -25.46 31.19
N PHE L 417 30.94 -25.09 31.84
CA PHE L 417 32.07 -24.47 31.18
C PHE L 417 33.27 -25.40 30.98
N ASP L 418 33.33 -26.51 31.71
CA ASP L 418 34.25 -27.60 31.40
C ASP L 418 33.57 -28.91 31.76
N PRO L 419 32.84 -29.51 30.82
CA PRO L 419 32.16 -30.78 31.13
C PRO L 419 33.10 -31.89 31.55
N ASP L 420 34.41 -31.76 31.26
CA ASP L 420 35.39 -32.76 31.63
C ASP L 420 36.22 -32.36 32.85
N THR L 421 35.81 -31.31 33.57
CA THR L 421 36.56 -30.89 34.75
C THR L 421 36.60 -32.01 35.78
N PRO L 422 37.74 -32.25 36.42
CA PRO L 422 37.78 -33.23 37.51
C PRO L 422 37.13 -32.75 38.79
N ASP L 423 36.87 -31.45 38.94
CA ASP L 423 36.27 -30.87 40.14
C ASP L 423 35.11 -29.98 39.73
N PRO L 424 33.96 -30.56 39.41
CA PRO L 424 32.77 -29.74 39.11
C PRO L 424 32.15 -29.15 40.37
N VAL L 425 32.79 -28.11 40.89
CA VAL L 425 32.31 -27.46 42.10
C VAL L 425 30.96 -26.79 41.86
N ILE L 426 30.66 -26.41 40.61
CA ILE L 426 29.33 -25.98 40.19
C ILE L 426 28.77 -27.06 39.28
N ALA L 427 27.57 -27.55 39.60
CA ALA L 427 27.01 -28.70 38.90
C ALA L 427 25.49 -28.63 38.97
N THR L 428 24.85 -29.36 38.07
CA THR L 428 23.40 -29.52 38.10
C THR L 428 23.01 -30.35 39.31
N MET L 429 22.16 -29.78 40.16
CA MET L 429 21.78 -30.44 41.41
C MET L 429 20.98 -31.71 41.13
N GLY L 443 19.16 -31.49 32.54
CA GLY L 443 19.65 -30.14 32.80
C GLY L 443 19.24 -29.62 34.16
N GLY L 444 18.53 -30.45 34.93
CA GLY L 444 18.08 -30.04 36.25
C GLY L 444 16.91 -29.08 36.19
N THR L 445 16.33 -28.76 37.35
CA THR L 445 15.20 -27.85 37.42
C THR L 445 15.70 -26.42 37.30
N MET L 446 15.20 -25.70 36.31
CA MET L 446 15.43 -24.27 36.21
C MET L 446 14.59 -23.56 37.27
N ARG L 447 15.25 -22.97 38.27
CA ARG L 447 14.56 -22.16 39.25
C ARG L 447 14.27 -20.79 38.63
N LEU L 448 12.99 -20.43 38.57
CA LEU L 448 12.57 -19.16 38.00
C LEU L 448 11.62 -18.45 38.95
N GLY L 449 11.80 -17.14 39.05
CA GLY L 449 10.91 -16.32 39.85
C GLY L 449 11.33 -16.26 41.31
N SER L 450 10.40 -15.76 42.13
CA SER L 450 10.70 -15.50 43.52
C SER L 450 10.78 -16.79 44.32
N TYR L 451 11.83 -16.92 45.13
CA TYR L 451 11.97 -17.99 46.10
C TYR L 451 12.42 -17.42 47.44
N PRO L 452 12.02 -18.04 48.55
CA PRO L 452 12.49 -17.58 49.85
C PRO L 452 13.88 -18.12 50.19
N ALA L 453 14.59 -17.35 51.01
CA ALA L 453 15.91 -17.73 51.48
C ALA L 453 16.09 -17.30 52.91
N VAL L 454 16.98 -17.97 53.62
CA VAL L 454 17.32 -17.67 55.01
C VAL L 454 18.79 -17.23 55.06
N LEU L 455 19.07 -16.25 55.91
CA LEU L 455 20.37 -15.60 55.95
C LEU L 455 21.07 -15.88 57.28
N GLU L 456 22.39 -15.96 57.22
CA GLU L 456 23.19 -16.08 58.42
C GLU L 456 23.00 -14.84 59.29
N PRO L 457 22.73 -14.98 60.59
CA PRO L 457 22.58 -13.80 61.44
C PRO L 457 23.88 -13.01 61.52
N ASP L 458 23.78 -11.70 61.37
CA ASP L 458 24.92 -10.79 61.39
C ASP L 458 25.92 -11.07 60.28
N SER L 459 25.50 -11.79 59.24
CA SER L 459 26.28 -11.83 58.02
C SER L 459 26.30 -10.45 57.36
N VAL L 460 27.28 -10.23 56.50
CA VAL L 460 27.32 -8.99 55.74
C VAL L 460 26.05 -8.84 54.92
N VAL L 461 25.56 -9.96 54.36
CA VAL L 461 24.28 -9.93 53.67
C VAL L 461 23.16 -9.57 54.64
N ALA L 462 23.17 -10.17 55.83
CA ALA L 462 22.15 -9.85 56.83
C ALA L 462 22.33 -8.43 57.37
N GLN L 463 23.58 -7.95 57.45
CA GLN L 463 23.81 -6.57 57.84
C GLN L 463 23.22 -5.61 56.82
N ALA L 464 23.32 -5.95 55.53
CA ALA L 464 22.70 -5.13 54.49
C ALA L 464 21.18 -5.19 54.59
N TYR L 465 20.62 -6.38 54.47
CA TYR L 465 19.17 -6.55 54.51
C TYR L 465 18.58 -6.22 55.88
N GLN L 466 19.37 -6.30 56.94
CA GLN L 466 18.87 -6.11 58.31
C GLN L 466 17.71 -7.04 58.60
N THR L 467 17.84 -8.29 58.16
CA THR L 467 16.84 -9.31 58.46
C THR L 467 17.46 -10.68 58.23
N THR L 468 16.82 -11.70 58.79
CA THR L 468 17.23 -13.07 58.58
C THR L 468 16.46 -13.78 57.48
N GLN L 469 15.40 -13.16 56.94
CA GLN L 469 14.59 -13.77 55.90
C GLN L 469 14.38 -12.79 54.75
N VAL L 470 14.51 -13.30 53.53
CA VAL L 470 14.40 -12.50 52.31
C VAL L 470 13.76 -13.36 51.23
N SER L 471 13.33 -12.70 50.16
CA SER L 471 12.90 -13.38 48.94
C SER L 471 13.49 -12.67 47.74
N GLU L 472 13.95 -13.43 46.76
CA GLU L 472 14.63 -12.88 45.60
C GLU L 472 14.17 -13.61 44.34
N ARG L 473 14.28 -12.90 43.21
CA ARG L 473 13.93 -13.46 41.91
C ARG L 473 15.12 -14.23 41.35
N HIS L 474 14.88 -15.47 40.91
CA HIS L 474 15.94 -16.36 40.47
C HIS L 474 15.76 -16.71 39.00
N ARG L 475 16.88 -16.88 38.32
CA ARG L 475 16.87 -17.42 36.96
C ARG L 475 18.17 -18.17 36.70
N HIS L 476 18.20 -19.46 36.98
CA HIS L 476 19.39 -20.28 36.79
C HIS L 476 19.03 -21.73 37.04
N ARG L 477 19.91 -22.62 36.58
CA ARG L 477 19.72 -24.06 36.76
C ARG L 477 20.92 -24.77 37.35
N TYR L 478 22.11 -24.18 37.32
CA TYR L 478 23.27 -24.74 37.99
C TYR L 478 23.35 -24.23 39.42
N GLU L 479 23.93 -25.05 40.30
CA GLU L 479 24.02 -24.74 41.71
C GLU L 479 25.41 -25.10 42.23
N VAL L 480 25.71 -24.58 43.42
CA VAL L 480 26.93 -24.99 44.12
C VAL L 480 26.82 -26.46 44.48
N ASN L 481 27.84 -27.23 44.12
CA ASN L 481 27.85 -28.66 44.43
C ASN L 481 28.09 -28.84 45.93
N ASN L 482 27.12 -29.42 46.61
CA ASN L 482 27.19 -29.55 48.06
C ASN L 482 28.38 -30.40 48.51
N ALA L 483 28.96 -31.19 47.60
CA ALA L 483 30.11 -32.02 47.97
C ALA L 483 31.35 -31.19 48.29
N TYR L 484 31.40 -29.92 47.90
CA TYR L 484 32.61 -29.11 48.03
C TYR L 484 32.50 -28.00 49.06
N ARG L 485 31.41 -27.94 49.84
CA ARG L 485 31.27 -26.87 50.81
C ARG L 485 32.44 -26.84 51.80
N ASP L 486 32.71 -27.99 52.43
CA ASP L 486 33.75 -28.04 53.45
C ASP L 486 35.13 -27.80 52.86
N LYS L 487 35.35 -28.20 51.60
CA LYS L 487 36.64 -27.94 50.97
C LYS L 487 36.83 -26.46 50.71
N ILE L 488 35.83 -25.80 50.10
CA ILE L 488 36.00 -24.41 49.72
C ILE L 488 35.85 -23.46 50.88
N ALA L 489 35.21 -23.88 51.97
CA ALA L 489 35.13 -23.05 53.17
C ALA L 489 36.53 -22.73 53.70
N GLU L 490 37.50 -23.59 53.44
CA GLU L 490 38.86 -23.31 53.86
C GLU L 490 39.46 -22.11 53.15
N SER L 491 38.84 -21.64 52.07
CA SER L 491 39.22 -20.35 51.49
C SER L 491 38.89 -19.19 52.42
N GLY L 492 37.99 -19.38 53.38
CA GLY L 492 37.43 -18.31 54.16
C GLY L 492 36.05 -17.88 53.72
N LEU L 493 35.57 -18.41 52.60
CA LEU L 493 34.24 -18.06 52.10
C LEU L 493 33.16 -18.59 53.03
N ARG L 494 32.15 -17.76 53.30
CA ARG L 494 31.01 -18.14 54.10
C ARG L 494 29.79 -18.31 53.21
N PHE L 495 29.08 -19.43 53.37
CA PHE L 495 27.78 -19.63 52.74
C PHE L 495 26.72 -18.95 53.62
N SER L 496 26.75 -17.62 53.59
CA SER L 496 26.01 -16.81 54.55
C SER L 496 24.52 -16.72 54.26
N GLY L 497 24.02 -17.37 53.21
CA GLY L 497 22.59 -17.43 53.00
C GLY L 497 22.22 -18.67 52.23
N THR L 498 21.07 -19.25 52.56
CA THR L 498 20.65 -20.53 52.01
C THR L 498 19.14 -20.57 51.85
N SER L 499 18.68 -21.63 51.18
CA SER L 499 17.27 -21.99 51.14
C SER L 499 16.81 -22.33 52.56
N PRO L 500 15.49 -22.27 52.83
CA PRO L 500 15.05 -22.54 54.21
C PRO L 500 15.48 -23.89 54.74
N ASP L 501 15.52 -24.92 53.89
CA ASP L 501 16.05 -26.22 54.28
C ASP L 501 17.57 -26.26 54.27
N GLY L 502 18.23 -25.19 53.84
CA GLY L 502 19.67 -25.15 53.75
C GLY L 502 20.25 -25.90 52.59
N HIS L 503 19.42 -26.52 51.74
CA HIS L 503 19.93 -27.37 50.68
C HIS L 503 20.68 -26.57 49.62
N LEU L 504 20.22 -25.36 49.33
CA LEU L 504 20.78 -24.55 48.25
C LEU L 504 21.49 -23.32 48.82
N VAL L 505 22.70 -23.07 48.32
CA VAL L 505 23.42 -21.84 48.65
C VAL L 505 22.83 -20.69 47.84
N GLU L 506 22.48 -19.61 48.53
CA GLU L 506 21.89 -18.42 47.89
C GLU L 506 22.77 -17.19 47.96
N PHE L 507 23.66 -17.10 48.96
CA PHE L 507 24.57 -15.98 49.08
C PHE L 507 25.91 -16.48 49.61
N VAL L 508 26.98 -15.83 49.19
CA VAL L 508 28.32 -16.10 49.69
C VAL L 508 29.01 -14.78 49.99
N GLU L 509 29.91 -14.81 50.95
CA GLU L 509 30.66 -13.61 51.33
C GLU L 509 31.95 -14.02 52.02
N TYR L 510 32.91 -13.10 52.03
CA TYR L 510 34.08 -13.22 52.88
C TYR L 510 33.88 -12.42 54.16
N PRO L 511 34.46 -12.85 55.28
CA PRO L 511 34.40 -12.04 56.49
C PRO L 511 35.03 -10.68 56.25
N PRO L 512 34.53 -9.63 56.92
CA PRO L 512 35.05 -8.29 56.63
C PRO L 512 36.57 -8.16 56.81
N ASP L 513 37.17 -8.92 57.72
CA ASP L 513 38.60 -8.85 57.94
C ASP L 513 39.39 -9.57 56.85
N ARG L 514 38.77 -10.47 56.10
CA ARG L 514 39.45 -11.06 54.94
C ARG L 514 39.41 -10.09 53.76
N HIS L 515 38.22 -9.61 53.40
CA HIS L 515 38.06 -8.52 52.45
C HIS L 515 36.88 -7.68 52.93
N PRO L 516 36.98 -6.34 52.83
CA PRO L 516 35.90 -5.51 53.40
C PRO L 516 34.53 -5.81 52.85
N PHE L 517 34.41 -6.12 51.55
CA PHE L 517 33.13 -6.55 51.00
C PHE L 517 33.39 -7.29 49.70
N VAL L 518 33.10 -8.59 49.69
CA VAL L 518 33.07 -9.37 48.46
C VAL L 518 31.91 -10.35 48.60
N VAL L 519 30.83 -10.11 47.85
CA VAL L 519 29.60 -10.87 48.00
C VAL L 519 29.11 -11.30 46.63
N GLY L 520 28.42 -12.43 46.60
CA GLY L 520 27.72 -12.88 45.41
C GLY L 520 26.37 -13.45 45.76
N THR L 521 25.44 -13.36 44.81
CA THR L 521 24.14 -13.96 44.97
C THR L 521 23.69 -14.58 43.65
N GLN L 522 23.00 -15.71 43.75
CA GLN L 522 22.46 -16.36 42.57
C GLN L 522 21.27 -15.60 41.99
N ALA L 523 20.66 -14.73 42.77
CA ALA L 523 19.44 -14.05 42.36
C ALA L 523 19.75 -12.71 41.69
N HIS L 524 18.70 -12.09 41.17
CA HIS L 524 18.81 -10.81 40.48
C HIS L 524 18.16 -9.71 41.32
N PRO L 525 18.84 -9.23 42.35
CA PRO L 525 18.25 -8.18 43.19
C PRO L 525 17.97 -6.90 42.44
N GLU L 526 18.58 -6.71 41.26
CA GLU L 526 18.29 -5.52 40.47
C GLU L 526 16.87 -5.53 39.92
N LEU L 527 16.16 -6.64 40.00
CA LEU L 527 14.77 -6.71 39.56
C LEU L 527 13.78 -6.42 40.66
N LYS L 528 14.25 -6.23 41.90
CA LYS L 528 13.39 -5.74 42.98
C LYS L 528 13.69 -4.31 43.37
N SER L 529 14.79 -3.74 42.88
CA SER L 529 15.11 -2.35 43.13
C SER L 529 14.17 -1.43 42.36
N ARG L 530 13.91 -0.26 42.94
CA ARG L 530 13.24 0.84 42.28
C ARG L 530 13.99 2.11 42.61
N PRO L 531 13.97 3.12 41.74
CA PRO L 531 14.74 4.33 42.02
C PRO L 531 14.31 5.03 43.28
N THR L 532 13.08 4.84 43.72
CA THR L 532 12.56 5.42 44.95
C THR L 532 12.52 4.42 46.09
N ARG L 533 13.19 3.28 45.95
CA ARG L 533 13.19 2.24 46.96
C ARG L 533 14.42 1.35 46.76
N PRO L 534 15.62 1.89 46.92
CA PRO L 534 16.82 1.13 46.55
C PRO L 534 16.94 -0.18 47.32
N HIS L 535 17.59 -1.15 46.69
CA HIS L 535 17.74 -2.48 47.25
C HIS L 535 18.90 -2.50 48.24
N PRO L 536 18.77 -3.25 49.35
CA PRO L 536 19.82 -3.22 50.38
C PRO L 536 21.22 -3.57 49.89
N LEU L 537 21.35 -4.58 49.03
CA LEU L 537 22.69 -5.04 48.64
C LEU L 537 23.44 -3.98 47.86
N PHE L 538 22.76 -3.26 46.96
CA PHE L 538 23.47 -2.23 46.20
C PHE L 538 23.80 -1.03 47.07
N VAL L 539 22.94 -0.69 48.03
CA VAL L 539 23.29 0.33 49.00
C VAL L 539 24.56 -0.07 49.72
N ALA L 540 24.63 -1.32 50.17
CA ALA L 540 25.81 -1.80 50.87
C ALA L 540 27.05 -1.76 49.98
N PHE L 541 26.92 -2.24 48.74
CA PHE L 541 28.05 -2.30 47.82
C PHE L 541 28.58 -0.90 47.52
N VAL L 542 27.69 0.05 47.27
CA VAL L 542 28.12 1.41 46.99
C VAL L 542 28.73 2.05 48.23
N GLY L 543 28.19 1.76 49.42
CA GLY L 543 28.81 2.25 50.64
C GLY L 543 30.21 1.71 50.84
N ALA L 544 30.40 0.42 50.55
CA ALA L 544 31.73 -0.17 50.65
C ALA L 544 32.67 0.45 49.62
N ALA L 545 32.20 0.68 48.40
CA ALA L 545 33.04 1.31 47.40
C ALA L 545 33.42 2.73 47.82
N ILE L 546 32.47 3.46 48.39
CA ILE L 546 32.76 4.79 48.92
C ILE L 546 33.82 4.72 50.02
N ASP L 547 33.67 3.74 50.91
CA ASP L 547 34.64 3.59 52.00
C ASP L 547 36.02 3.26 51.46
N TYR L 548 36.08 2.43 50.42
CA TYR L 548 37.36 2.15 49.77
C TYR L 548 37.96 3.42 49.19
N LYS L 549 37.17 4.16 48.42
CA LYS L 549 37.66 5.40 47.80
C LYS L 549 38.17 6.36 48.86
N ALA L 550 37.44 6.48 49.98
CA ALA L 550 37.84 7.41 51.03
C ALA L 550 39.11 6.93 51.73
N GLY L 551 39.23 5.62 51.95
CA GLY L 551 40.39 5.09 52.65
C GLY L 551 41.60 4.92 51.75
N GLU L 552 41.40 4.71 50.46
CA GLU L 552 42.51 4.48 49.54
C GLU L 552 43.35 5.74 49.39
#